data_3VKH
#
_entry.id   3VKH
#
_cell.length_a   195.726
_cell.length_b   228.955
_cell.length_c   201.168
_cell.angle_alpha   90.00
_cell.angle_beta   90.00
_cell.angle_gamma   90.00
#
_symmetry.space_group_name_H-M   'P 21 21 21'
#
loop_
_entity.id
_entity.type
_entity.pdbx_description
1 polymer 'Dynein heavy chain, cytoplasmic'
2 non-polymer "ADENOSINE-5'-DIPHOSPHATE"
#
_entity_poly.entity_id   1
_entity_poly.type   'polypeptide(L)'
_entity_poly.pdbx_seq_one_letter_code
;MTRHHHHHHGGGDYKDDDDKGGGKVPVEEEIQDLKAVWVELSNTWQEIDSLKETAWSAIIPRKVRKSLEDTLQKLKNLPN
RIRQYSAFDHAQNLIKIYLKGNAIITDLHSEAIKDRHWKILKKRLNTNWIITELTLGSIWDSDLARNENIYREVITAAQG
EIALEEFLKGVREFWTTLELDLVNYQRKCKLVRGWDDLFNKLAEHLNSISAMKMSPYYKVFEEEANHWDDRLNKVRSLLD
VWIDVQRRWVYLEGIFSGSGDINQLLPAESTRFKSINSEFIAILKKVSGAPLILEVLAIERIQQTMERLSDLLGKVQKAL
GEYLERQRSAFARFYFVGDEDLLEIIGNSKDIIKIQKHFRKMFAGLANLTLDDEKTTIIGMSSAEGETVTFKKPISIANG
PKIHEWLTMVESEMKSTLATLLSESLQHFNQVDVNDHSKYSEWVDNYPTQLVLLTSQIVWSTQVDQALGGGTLQQSKIQE
QLQSIEQTTQMILNNLADSVLQDLSAQKRKKFEHLITELVHQRDVVRQLQKCKNLTGNKDFDWLYHMRYYYDATQENVLH
KLVIHMANATFYYGFEYLGIGERLVQTPLTDRCYLTLTQALESRMGGNPFGPAGTGKTETVKALGSQLGRFVLVFCCDEG
FDLQAMSRIFVGLCQCGAWGCFDEFNRLEERILSAVSQQIQTIQVALKENSKEVELLGGKNISLHQDMGIFVTMNPGYAG
RSNLPDNLKKLFRSMAMIKPDREMIAQVMLYSQGFKTAEVLAGKIVPLFKLCQEQLSAQSHYDFGLRALKSVLVSAGGIK
RKCQPPQLPPITDAESKTKADQIYCQYEIGVLLNSINDTMIPKLVADDIPLIQSLLLDVFPGSQLQPIQMDQLRKKIQEI
AKQRHLVTKQEWVEKILQLHQILNINHGVMMVGPSGGGKTTSWEVYLEAIEQVDNIKSEAHVMDPKAITKDQLFGSLDLT
TREWTDGLFTATLRRIIDNVRGESTKRHWIIFDGDVDPEWVENLNSLLDDNKLLTLPNGERLALPNNVRVMFEVQDLKYA
TLATISRCGMVWFSEEILTTQMIFQNYLDTLSNEPFDPQEKEQQKRNENAQLQQQQQTTITSPILTSPPTTSSSSRSTTS
TTSMIPAGLKVQKECAAIISQYFEPGGLVHKVLEDAGQRPHIMDFTRLRVLNSFFSLMNRSIVNVIEYNQLHSDFPMSPE
NQSNYITNRLLYSLMWGLGGSMGLVERENFSKFIQTIAITPVPANTIPLLDYSVSIDDANWSLWKNKVPSVEVETHKVAS
PDVVIPTVDTTRHVDVLHAWLSEHRPLILCGPPGSGKTMTLTSTLRAFPDFEVVSLNFSSATTPELLLKTFDHHCEYKRT
PSGETVLRPTQLGKWLVVFCDEINLPSTDKYGTQRVITFIRQMVEKGGFWRTSDHTWIKLDKIQFVGACNPPTDAGRVQL
THRFLRHAPILLVDFPSTSSLTQIYGTFNRALMKLLPNLRSFADNLTDAMVEFYSESQKRFTPDIQAHYIYSPRELSRWD
RALLEAIQTMDGCTLEGLVRLWAHEALRLFQDRLVETEEKEWTDKKIDEVALKHFPSVNLDALKRPILYSNWLTKDYQPV
NRSDLREYVKARLKVFYEEELDVPLVLFNEVLDHILRIDRVFRQPQGHALLIGVSGGGKSVLSRFVAWMNGLSIYTIKVN
NNYKSSDFDDDLRMLLKRAGCKEEKICFIFDESNVLESSFLERMNTLLAGGEVPGLFEGEEFTALMHACKETAQRNGLIL
DSEEELYKYFTSQVRRNLHVVFTMNPASPDFHNRSATSPALFNRCVLDWFGEWSPEALFQVGSEFTRNLDLENPQYIAPP
VFIQEAEIMGNNLMAIPPSHRDAVVSSLVYIHQTIGEANIRLLKRQGRQNYVTPRHYLDFINQVVLLINEKRDQLEEEQL
HLNIGLKKLRDTEAQVKDLQVSLAQKNRELDVKNEQANQKLKQMVQDQQAAEIKQKDARELQVQLDVRNKEIAVQKVKAY
ADLEKAEPAIIEAQEAVSTIKKKHLDEIKSLPKPPTPVKLAMEAVCLMLGGKKLEWADIRKKIMEPNFITSIINYDTKKM
MTPKIREAITKGYLEDPGFDYETVNRASKACGPLVKWATAQTYYSEILDRIKPLREEVEQLENAANELKLKQDEIVATIT
ALEKSIATYKEEYATLIRETEQIKTESSKVKNKVDRSIALLDNLNSERGRWEQQSENFNTQMSTVVGDVVLASAFLAYIG
FFDQNFRTDLMRKWMIRLDSVGIKFKSDLSVPSFLSKPEERLNWHANSLPSDELCIENAIMLKRFNRYPLVIDPSGQAME
FLMNQYADKKITKTSFLDSSFMKNLESALRFGCPLLVQDVENIDPVLNPVLNKEIRKKGGRILIRLGDQDVDFSPSFMIF
LFTRDPTAHFTPDLCSRVTFVNFTVTPSSLQSQCLHEALKTERPDTHKKRSDLLKIQGEFQVKLRILEKSLLNALSQASG
NILDDDSVISTLETLKKETTEIALKVEETETVMQEISEVSALYNPMALSCSRVYFAMEELSQFHLYQFSLRAFLDIFYNL
LNNNPNLVDKKDPNERLVYLSKDIFSMTFNRVTRTLLNDDKLTFALQLTIISVKGTSNEIEESEWDFLLKGGDNLTSIKE
TIPQLDSLLSTTQQKWLICLRQQVPSFSKLVDHIQQNSSDWKQFFGKDQVGEPIIPESWIVAQAQLSNQQSTIVSNFRKI
LLMKAFHSDRVLQYSHSFVCSVFGEDFLNTQELDMANIVEKEVKSSSPLLLCSVPGYDASSKVDDLALQLHKQYKSFAIG
SPEGFELAEKSIYAAAKSGTWVLLKNIHLAPQWLVQLEKKLHSLSPHPSFRLFMTSEIHPALPANLLRMSNVFSYENPPG
VKANLLHTFIGIPATRMDKQPAERSRIYFLLAWFHAIIQERLRYIPLGWTKFFEFNDADLRGALDSIDYWVDLYSKGRSN
IDPDKIPWIAVRTILGSTIYGGRIDNEFDMRLLYSFLEQLFTPSAFNPDFPLVPSIGLSVPEGTTRAHFMKWIEALPEIS
TPIWLGLPENAESLLLSNKARKMINDLQKMQSSEEDGEDDQVSGSSKKESSSSSSEDKGKAKLRATITEWTKLLPKPLKQ
LKRTTQNIKDPLFRCFEREISTGGKLVKKITNDLANLLELISGNIKSTNYLRSLTTSISKGIVPKEWKWYSVPETISLSV
WISDFSKRMQQLSEISESSDYSSIQVWLGGLLNPEAYITATRQSASQLNGWSLENLRLHASSLGKISSEGGASFNVKGMA
LEGAVWNNDQLTPTDILSTPISIATLTWKDKDDPIFNNSSSKLSVPVYLNETRSELLFSIDLPYDQSTSKQNWYQRSVSI
SSWKSDI
;
_entity_poly.pdbx_strand_id   A,B
#
loop_
_chem_comp.id
_chem_comp.type
_chem_comp.name
_chem_comp.formula
ADP non-polymer ADENOSINE-5'-DIPHOSPHATE 'C10 H15 N5 O10 P2'
#
# COMPACT_ATOMS: atom_id res chain seq x y z
N ASN A 149 -46.56 -44.34 -2.43
CA ASN A 149 -46.42 -44.59 -3.89
C ASN A 149 -47.65 -44.11 -4.65
N ILE A 150 -48.67 -44.94 -4.68
CA ILE A 150 -49.91 -44.62 -5.39
C ILE A 150 -50.69 -43.51 -4.66
N TYR A 151 -50.46 -43.39 -3.36
CA TYR A 151 -51.14 -42.38 -2.56
C TYR A 151 -50.71 -40.95 -2.88
N ARG A 152 -49.70 -40.79 -3.72
CA ARG A 152 -49.22 -39.46 -4.08
C ARG A 152 -49.59 -39.08 -5.50
N GLU A 153 -49.90 -40.07 -6.33
CA GLU A 153 -50.26 -39.83 -7.72
C GLU A 153 -51.73 -39.38 -7.80
N VAL A 154 -52.52 -39.72 -6.79
CA VAL A 154 -53.92 -39.34 -6.74
C VAL A 154 -54.08 -37.99 -6.08
N ILE A 155 -53.38 -37.80 -4.95
CA ILE A 155 -53.44 -36.54 -4.21
C ILE A 155 -53.08 -35.38 -5.14
N THR A 156 -52.00 -35.54 -5.90
CA THR A 156 -51.55 -34.51 -6.83
C THR A 156 -52.54 -34.38 -7.99
N ALA A 157 -53.10 -35.51 -8.39
CA ALA A 157 -54.06 -35.53 -9.49
C ALA A 157 -55.34 -34.80 -9.09
N ALA A 158 -55.74 -34.97 -7.84
CA ALA A 158 -56.94 -34.32 -7.33
C ALA A 158 -56.75 -32.81 -7.27
N GLN A 159 -55.53 -32.39 -6.95
CA GLN A 159 -55.21 -30.97 -6.86
C GLN A 159 -55.00 -30.38 -8.25
N GLY A 160 -54.48 -31.21 -9.16
CA GLY A 160 -54.23 -30.75 -10.51
C GLY A 160 -55.52 -30.57 -11.30
N GLU A 161 -56.57 -31.26 -10.87
CA GLU A 161 -57.87 -31.17 -11.55
C GLU A 161 -58.68 -29.99 -11.03
N ILE A 162 -58.70 -29.81 -9.71
CA ILE A 162 -59.45 -28.71 -9.12
C ILE A 162 -58.94 -27.37 -9.62
N ALA A 163 -57.74 -27.37 -10.18
CA ALA A 163 -57.15 -26.16 -10.73
C ALA A 163 -57.91 -25.82 -12.00
N LEU A 164 -58.12 -26.82 -12.84
CA LEU A 164 -58.86 -26.65 -14.08
C LEU A 164 -60.28 -26.27 -13.73
N GLU A 165 -60.78 -26.87 -12.65
CA GLU A 165 -62.13 -26.60 -12.16
C GLU A 165 -62.21 -25.13 -11.72
N GLU A 166 -61.27 -24.73 -10.86
CA GLU A 166 -61.22 -23.37 -10.37
C GLU A 166 -61.14 -22.37 -11.51
N PHE A 167 -60.33 -22.70 -12.51
CA PHE A 167 -60.16 -21.85 -13.68
C PHE A 167 -61.49 -21.56 -14.36
N LEU A 168 -62.23 -22.63 -14.67
CA LEU A 168 -63.52 -22.51 -15.31
C LEU A 168 -64.52 -21.70 -14.48
N LYS A 169 -64.34 -21.73 -13.16
CA LYS A 169 -65.23 -21.00 -12.27
C LYS A 169 -65.22 -19.50 -12.57
N GLY A 170 -64.03 -18.94 -12.72
CA GLY A 170 -63.89 -17.52 -13.01
C GLY A 170 -64.41 -17.17 -14.39
N VAL A 171 -64.36 -18.13 -15.30
CA VAL A 171 -64.81 -17.91 -16.68
C VAL A 171 -66.33 -18.04 -16.76
N ARG A 172 -66.86 -19.02 -16.03
CA ARG A 172 -68.30 -19.28 -16.01
C ARG A 172 -69.05 -18.23 -15.22
N GLU A 173 -68.34 -17.54 -14.32
CA GLU A 173 -68.95 -16.50 -13.49
C GLU A 173 -68.68 -15.11 -14.06
N PHE A 174 -67.73 -15.02 -14.98
CA PHE A 174 -67.39 -13.73 -15.58
C PHE A 174 -68.18 -13.42 -16.84
N TRP A 175 -68.56 -14.46 -17.59
CA TRP A 175 -69.31 -14.26 -18.82
C TRP A 175 -70.81 -14.47 -18.73
N THR A 176 -71.26 -15.20 -17.72
CA THR A 176 -72.69 -15.44 -17.56
C THR A 176 -73.36 -14.29 -16.81
N THR A 177 -72.60 -13.22 -16.61
CA THR A 177 -73.11 -12.05 -15.89
C THR A 177 -72.57 -10.73 -16.44
N LEU A 178 -71.33 -10.74 -16.91
CA LEU A 178 -70.71 -9.53 -17.46
C LEU A 178 -71.64 -8.84 -18.44
N GLU A 179 -71.94 -7.58 -18.17
CA GLU A 179 -72.81 -6.79 -19.03
C GLU A 179 -72.01 -5.78 -19.84
N LEU A 180 -72.39 -5.59 -21.10
CA LEU A 180 -71.71 -4.64 -21.97
C LEU A 180 -71.75 -3.26 -21.33
N ASP A 181 -70.58 -2.65 -21.16
CA ASP A 181 -70.50 -1.32 -20.55
C ASP A 181 -70.90 -0.26 -21.57
N LEU A 182 -72.19 0.05 -21.62
CA LEU A 182 -72.71 1.04 -22.54
C LEU A 182 -72.54 2.48 -22.05
N VAL A 183 -72.71 3.42 -22.96
CA VAL A 183 -72.59 4.85 -22.64
C VAL A 183 -73.55 5.63 -23.54
N ASN A 184 -74.27 6.58 -22.95
CA ASN A 184 -75.23 7.38 -23.70
C ASN A 184 -74.54 8.15 -24.82
N TYR A 185 -75.21 8.26 -25.96
CA TYR A 185 -74.65 8.96 -27.12
C TYR A 185 -75.55 10.12 -27.53
N GLN A 186 -75.20 11.32 -27.04
CA GLN A 186 -75.94 12.54 -27.32
C GLN A 186 -77.46 12.36 -27.36
N ARG A 187 -77.97 11.50 -26.48
CA ARG A 187 -79.40 11.22 -26.39
C ARG A 187 -80.01 10.65 -27.67
N LYS A 188 -79.23 9.87 -28.40
CA LYS A 188 -79.71 9.25 -29.64
C LYS A 188 -79.60 7.73 -29.55
N CYS A 189 -78.62 7.26 -28.79
CA CYS A 189 -78.41 5.83 -28.60
C CYS A 189 -77.32 5.60 -27.56
N LYS A 190 -76.77 4.40 -27.53
CA LYS A 190 -75.71 4.06 -26.58
C LYS A 190 -74.74 3.06 -27.21
N LEU A 191 -73.49 3.47 -27.37
CA LEU A 191 -72.45 2.62 -27.96
C LEU A 191 -71.83 1.72 -26.92
N VAL A 192 -70.91 0.87 -27.35
CA VAL A 192 -70.22 -0.05 -26.46
C VAL A 192 -68.80 0.47 -26.21
N ARG A 193 -68.42 0.55 -24.94
CA ARG A 193 -67.09 1.04 -24.58
C ARG A 193 -66.26 -0.04 -23.91
N GLY A 194 -64.97 0.20 -23.79
CA GLY A 194 -64.07 -0.76 -23.18
C GLY A 194 -63.86 -1.97 -24.06
N TRP A 195 -63.44 -1.73 -25.30
CA TRP A 195 -63.19 -2.81 -26.25
C TRP A 195 -61.95 -3.60 -25.90
N ASP A 196 -60.80 -2.93 -25.93
CA ASP A 196 -59.52 -3.56 -25.61
C ASP A 196 -59.62 -4.38 -24.33
N ASP A 197 -60.47 -3.93 -23.41
CA ASP A 197 -60.64 -4.61 -22.14
C ASP A 197 -61.39 -5.93 -22.34
N LEU A 198 -62.43 -5.90 -23.16
CA LEU A 198 -63.21 -7.10 -23.44
C LEU A 198 -62.38 -8.10 -24.25
N PHE A 199 -61.61 -7.57 -25.20
CA PHE A 199 -60.76 -8.40 -26.04
C PHE A 199 -59.64 -9.08 -25.25
N ASN A 200 -59.00 -8.32 -24.37
CA ASN A 200 -57.91 -8.87 -23.56
C ASN A 200 -58.40 -10.02 -22.68
N LYS A 201 -59.60 -9.88 -22.13
CA LYS A 201 -60.17 -10.92 -21.28
C LYS A 201 -60.60 -12.13 -22.10
N LEU A 202 -61.10 -11.87 -23.30
CA LEU A 202 -61.53 -12.94 -24.19
C LEU A 202 -60.31 -13.72 -24.69
N ALA A 203 -59.27 -13.00 -25.05
CA ALA A 203 -58.04 -13.62 -25.55
C ALA A 203 -57.35 -14.42 -24.45
N GLU A 204 -57.31 -13.85 -23.24
CA GLU A 204 -56.68 -14.51 -22.11
C GLU A 204 -57.33 -15.87 -21.81
N HIS A 205 -58.62 -15.84 -21.51
CA HIS A 205 -59.36 -17.06 -21.21
C HIS A 205 -59.31 -18.07 -22.35
N LEU A 206 -59.47 -17.60 -23.58
CA LEU A 206 -59.45 -18.49 -24.75
C LEU A 206 -58.09 -19.14 -24.94
N ASN A 207 -57.04 -18.48 -24.46
CA ASN A 207 -55.68 -19.01 -24.60
C ASN A 207 -55.43 -20.07 -23.54
N SER A 208 -56.00 -19.88 -22.35
CA SER A 208 -55.84 -20.83 -21.26
C SER A 208 -56.73 -22.05 -21.46
N ILE A 209 -57.80 -21.88 -22.22
CA ILE A 209 -58.74 -22.96 -22.50
C ILE A 209 -58.19 -23.87 -23.61
N SER A 210 -57.48 -23.27 -24.55
CA SER A 210 -56.90 -24.02 -25.66
C SER A 210 -55.64 -24.78 -25.24
N ALA A 211 -54.94 -24.23 -24.25
CA ALA A 211 -53.71 -24.86 -23.75
C ALA A 211 -53.97 -25.92 -22.69
N MET A 212 -54.98 -25.71 -21.86
CA MET A 212 -55.31 -26.66 -20.81
C MET A 212 -55.84 -27.98 -21.37
N LYS A 213 -55.78 -28.14 -22.69
CA LYS A 213 -56.26 -29.36 -23.33
C LYS A 213 -55.16 -30.39 -23.47
N MET A 214 -53.94 -30.02 -23.07
CA MET A 214 -52.80 -30.92 -23.15
C MET A 214 -52.41 -31.37 -21.74
N SER A 215 -53.30 -31.11 -20.79
CA SER A 215 -53.07 -31.48 -19.39
C SER A 215 -53.64 -32.86 -19.08
N PRO A 216 -52.93 -33.64 -18.25
CA PRO A 216 -53.36 -34.99 -17.87
C PRO A 216 -54.68 -34.99 -17.10
N TYR A 217 -55.29 -33.82 -16.95
CA TYR A 217 -56.56 -33.70 -16.23
C TYR A 217 -57.61 -32.99 -17.09
N TYR A 218 -57.27 -32.74 -18.35
CA TYR A 218 -58.18 -32.05 -19.26
C TYR A 218 -59.40 -32.89 -19.66
N LYS A 219 -59.18 -34.18 -19.85
CA LYS A 219 -60.25 -35.09 -20.24
C LYS A 219 -61.57 -34.88 -19.49
N VAL A 220 -61.47 -34.56 -18.21
CA VAL A 220 -62.66 -34.35 -17.38
C VAL A 220 -63.50 -33.17 -17.85
N PHE A 221 -62.97 -31.96 -17.66
CA PHE A 221 -63.67 -30.73 -18.04
C PHE A 221 -63.47 -30.41 -19.52
N GLU A 222 -63.43 -31.46 -20.35
CA GLU A 222 -63.23 -31.28 -21.78
C GLU A 222 -64.47 -30.74 -22.48
N GLU A 223 -65.64 -31.16 -22.01
CA GLU A 223 -66.90 -30.72 -22.60
C GLU A 223 -67.15 -29.24 -22.36
N GLU A 224 -66.92 -28.79 -21.12
CA GLU A 224 -67.13 -27.41 -20.75
C GLU A 224 -66.02 -26.52 -21.31
N ALA A 225 -64.85 -27.10 -21.53
CA ALA A 225 -63.71 -26.36 -22.07
C ALA A 225 -63.96 -26.01 -23.53
N ASN A 226 -64.46 -26.98 -24.29
CA ASN A 226 -64.75 -26.77 -25.71
C ASN A 226 -66.00 -25.91 -25.90
N HIS A 227 -66.91 -25.97 -24.94
CA HIS A 227 -68.13 -25.18 -25.01
C HIS A 227 -67.76 -23.70 -24.99
N TRP A 228 -66.99 -23.32 -23.97
CA TRP A 228 -66.55 -21.94 -23.82
C TRP A 228 -65.76 -21.50 -25.05
N ASP A 229 -64.96 -22.41 -25.58
CA ASP A 229 -64.15 -22.12 -26.77
C ASP A 229 -65.08 -21.63 -27.88
N ASP A 230 -66.27 -22.22 -27.96
CA ASP A 230 -67.25 -21.84 -28.97
C ASP A 230 -67.90 -20.51 -28.62
N ARG A 231 -68.45 -20.45 -27.40
CA ARG A 231 -69.13 -19.25 -26.92
C ARG A 231 -68.22 -18.03 -27.00
N LEU A 232 -67.11 -18.07 -26.26
CA LEU A 232 -66.15 -16.97 -26.23
C LEU A 232 -65.69 -16.56 -27.62
N ASN A 233 -65.57 -17.53 -28.52
CA ASN A 233 -65.14 -17.24 -29.89
C ASN A 233 -66.19 -16.43 -30.65
N LYS A 234 -67.44 -16.89 -30.58
CA LYS A 234 -68.54 -16.19 -31.26
C LYS A 234 -68.63 -14.77 -30.73
N VAL A 235 -68.27 -14.60 -29.45
CA VAL A 235 -68.31 -13.30 -28.81
C VAL A 235 -67.28 -12.35 -29.41
N ARG A 236 -66.07 -12.86 -29.61
CA ARG A 236 -64.99 -12.05 -30.19
C ARG A 236 -65.27 -11.72 -31.66
N SER A 237 -65.92 -12.64 -32.36
CA SER A 237 -66.25 -12.44 -33.76
C SER A 237 -67.33 -11.39 -33.92
N LEU A 238 -68.32 -11.42 -33.03
CA LEU A 238 -69.42 -10.47 -33.07
C LEU A 238 -68.94 -9.06 -32.77
N LEU A 239 -68.10 -8.93 -31.75
CA LEU A 239 -67.56 -7.64 -31.35
C LEU A 239 -66.73 -6.98 -32.45
N ASP A 240 -65.98 -7.79 -33.20
CA ASP A 240 -65.15 -7.28 -34.28
C ASP A 240 -65.99 -6.57 -35.34
N VAL A 241 -67.06 -7.23 -35.78
CA VAL A 241 -67.94 -6.67 -36.79
C VAL A 241 -68.78 -5.56 -36.19
N TRP A 242 -68.95 -5.59 -34.86
CA TRP A 242 -69.74 -4.59 -34.17
C TRP A 242 -68.96 -3.28 -34.02
N ILE A 243 -67.70 -3.37 -33.63
CA ILE A 243 -66.86 -2.19 -33.46
C ILE A 243 -66.70 -1.49 -34.81
N ASP A 244 -66.97 -2.21 -35.89
CA ASP A 244 -66.88 -1.65 -37.23
C ASP A 244 -68.18 -0.91 -37.51
N VAL A 245 -69.30 -1.55 -37.15
CA VAL A 245 -70.62 -0.96 -37.34
C VAL A 245 -70.76 0.26 -36.43
N GLN A 246 -70.24 0.13 -35.22
CA GLN A 246 -70.30 1.20 -34.24
C GLN A 246 -69.63 2.45 -34.80
N ARG A 247 -68.48 2.26 -35.44
CA ARG A 247 -67.74 3.37 -36.03
C ARG A 247 -68.38 3.82 -37.34
N ARG A 248 -68.53 2.88 -38.27
CA ARG A 248 -69.12 3.16 -39.57
C ARG A 248 -70.42 3.94 -39.44
N TRP A 249 -71.14 3.71 -38.35
CA TRP A 249 -72.40 4.39 -38.11
C TRP A 249 -72.16 5.80 -37.60
N VAL A 250 -71.38 5.91 -36.52
CA VAL A 250 -71.08 7.20 -35.91
C VAL A 250 -70.68 8.24 -36.96
N TYR A 251 -69.77 7.88 -37.85
CA TYR A 251 -69.32 8.78 -38.89
C TYR A 251 -70.48 9.22 -39.76
N LEU A 252 -71.09 8.26 -40.46
CA LEU A 252 -72.21 8.54 -41.34
C LEU A 252 -73.38 9.19 -40.61
N GLU A 253 -73.40 9.04 -39.29
CA GLU A 253 -74.47 9.61 -38.46
C GLU A 253 -74.45 11.13 -38.52
N GLY A 254 -73.29 11.72 -38.25
CA GLY A 254 -73.17 13.17 -38.26
C GLY A 254 -73.28 13.78 -39.65
N ILE A 255 -73.66 12.96 -40.63
CA ILE A 255 -73.81 13.43 -42.01
C ILE A 255 -75.26 13.35 -42.45
N PHE A 256 -75.80 12.14 -42.51
CA PHE A 256 -77.18 11.92 -42.93
C PHE A 256 -78.14 12.06 -41.75
N ILE A 262 -78.28 18.28 -47.51
CA ILE A 262 -77.31 17.24 -47.84
C ILE A 262 -77.99 15.94 -48.22
N ASN A 263 -78.77 15.38 -47.29
CA ASN A 263 -79.48 14.14 -47.53
C ASN A 263 -80.28 14.21 -48.82
N GLN A 264 -80.85 15.37 -49.09
CA GLN A 264 -81.66 15.60 -50.28
C GLN A 264 -80.81 15.66 -51.54
N LEU A 265 -79.49 15.51 -51.38
CA LEU A 265 -78.59 15.55 -52.52
C LEU A 265 -78.10 14.15 -52.85
N LEU A 266 -78.09 13.27 -51.86
CA LEU A 266 -77.64 11.90 -52.04
C LEU A 266 -78.69 10.91 -51.51
N PRO A 267 -79.90 10.93 -52.09
CA PRO A 267 -80.98 10.03 -51.68
C PRO A 267 -80.62 8.55 -51.82
N ALA A 268 -80.06 8.19 -52.96
CA ALA A 268 -79.67 6.81 -53.25
C ALA A 268 -78.92 6.17 -52.08
N GLU A 269 -78.28 7.00 -51.26
CA GLU A 269 -77.53 6.50 -50.12
C GLU A 269 -78.14 6.98 -48.80
N SER A 270 -78.83 8.12 -48.85
CA SER A 270 -79.46 8.67 -47.66
C SER A 270 -80.62 7.78 -47.23
N THR A 271 -81.15 7.01 -48.18
CA THR A 271 -82.26 6.10 -47.91
C THR A 271 -81.72 4.75 -47.45
N ARG A 272 -80.62 4.32 -48.07
CA ARG A 272 -80.00 3.05 -47.74
C ARG A 272 -79.47 3.07 -46.31
N PHE A 273 -79.28 4.27 -45.77
CA PHE A 273 -78.79 4.43 -44.41
C PHE A 273 -79.92 4.33 -43.40
N LYS A 274 -81.08 4.86 -43.77
CA LYS A 274 -82.25 4.84 -42.90
C LYS A 274 -82.66 3.41 -42.52
N SER A 275 -82.51 2.49 -43.46
CA SER A 275 -82.85 1.09 -43.21
C SER A 275 -81.89 0.51 -42.19
N ILE A 276 -80.62 0.92 -42.29
CA ILE A 276 -79.58 0.46 -41.38
C ILE A 276 -79.76 1.11 -40.02
N ASN A 277 -80.02 2.41 -40.03
CA ASN A 277 -80.22 3.18 -38.81
C ASN A 277 -81.48 2.74 -38.06
N SER A 278 -82.45 2.22 -38.81
CA SER A 278 -83.70 1.76 -38.23
C SER A 278 -83.48 0.57 -37.31
N GLU A 279 -83.12 -0.56 -37.90
CA GLU A 279 -82.88 -1.79 -37.15
C GLU A 279 -81.76 -1.64 -36.12
N PHE A 280 -80.78 -0.80 -36.40
CA PHE A 280 -79.67 -0.59 -35.49
C PHE A 280 -80.18 -0.08 -34.14
N ILE A 281 -80.90 1.04 -34.17
CA ILE A 281 -81.45 1.62 -32.94
C ILE A 281 -82.46 0.68 -32.31
N ALA A 282 -83.02 -0.22 -33.13
CA ALA A 282 -84.00 -1.19 -32.66
C ALA A 282 -83.31 -2.36 -31.98
N ILE A 283 -82.19 -2.80 -32.54
CA ILE A 283 -81.42 -3.91 -31.99
C ILE A 283 -80.65 -3.47 -30.75
N LEU A 284 -80.12 -2.25 -30.79
CA LEU A 284 -79.36 -1.73 -29.67
C LEU A 284 -80.22 -1.65 -28.41
N LYS A 285 -81.54 -1.67 -28.61
CA LYS A 285 -82.47 -1.61 -27.49
C LYS A 285 -82.54 -2.97 -26.80
N LYS A 286 -82.51 -4.03 -27.61
CA LYS A 286 -82.55 -5.39 -27.08
C LYS A 286 -81.21 -5.69 -26.42
N VAL A 287 -80.25 -4.79 -26.63
CA VAL A 287 -78.91 -4.94 -26.07
C VAL A 287 -78.80 -4.10 -24.79
N SER A 288 -79.28 -2.86 -24.86
CA SER A 288 -79.23 -1.97 -23.71
C SER A 288 -80.07 -2.54 -22.56
N GLY A 289 -81.11 -3.30 -22.91
CA GLY A 289 -81.96 -3.89 -21.90
C GLY A 289 -81.29 -5.09 -21.26
N ALA A 290 -80.81 -6.00 -22.09
CA ALA A 290 -80.13 -7.20 -21.60
C ALA A 290 -78.66 -7.12 -22.02
N PRO A 291 -77.86 -6.31 -21.30
CA PRO A 291 -76.43 -6.14 -21.58
C PRO A 291 -75.60 -7.41 -21.43
N LEU A 292 -76.22 -8.47 -20.94
CA LEU A 292 -75.51 -9.74 -20.77
C LEU A 292 -74.89 -10.13 -22.11
N ILE A 293 -73.58 -10.00 -22.20
CA ILE A 293 -72.86 -10.32 -23.43
C ILE A 293 -73.24 -11.69 -24.00
N LEU A 294 -73.59 -12.62 -23.13
CA LEU A 294 -73.98 -13.96 -23.58
C LEU A 294 -75.45 -13.99 -23.99
N GLU A 295 -76.21 -12.99 -23.57
CA GLU A 295 -77.62 -12.90 -23.92
C GLU A 295 -77.78 -12.23 -25.27
N VAL A 296 -77.04 -11.14 -25.48
CA VAL A 296 -77.10 -10.41 -26.74
C VAL A 296 -76.63 -11.32 -27.86
N LEU A 297 -75.66 -12.17 -27.57
CA LEU A 297 -75.12 -13.11 -28.55
C LEU A 297 -76.18 -14.15 -28.89
N ALA A 298 -77.29 -14.10 -28.16
CA ALA A 298 -78.39 -15.05 -28.36
C ALA A 298 -79.50 -14.51 -29.25
N ILE A 299 -79.37 -13.26 -29.67
CA ILE A 299 -80.38 -12.64 -30.53
C ILE A 299 -80.45 -13.43 -31.85
N GLU A 300 -81.58 -13.31 -32.54
CA GLU A 300 -81.77 -14.01 -33.81
C GLU A 300 -80.68 -13.73 -34.82
N ARG A 301 -79.70 -14.63 -34.89
CA ARG A 301 -78.59 -14.50 -35.82
C ARG A 301 -78.02 -13.09 -35.89
N ILE A 302 -77.62 -12.55 -34.75
CA ILE A 302 -77.06 -11.21 -34.70
C ILE A 302 -75.81 -11.11 -35.57
N GLN A 303 -75.03 -12.19 -35.62
CA GLN A 303 -73.82 -12.22 -36.41
C GLN A 303 -74.15 -11.91 -37.87
N GLN A 304 -75.11 -12.65 -38.43
CA GLN A 304 -75.53 -12.46 -39.80
C GLN A 304 -76.22 -11.11 -39.97
N THR A 305 -76.62 -10.52 -38.84
CA THR A 305 -77.30 -9.23 -38.85
C THR A 305 -76.30 -8.07 -38.80
N MET A 306 -75.35 -8.15 -37.88
CA MET A 306 -74.35 -7.10 -37.74
C MET A 306 -73.38 -7.10 -38.91
N GLU A 307 -73.09 -8.27 -39.45
CA GLU A 307 -72.19 -8.38 -40.60
C GLU A 307 -72.84 -7.67 -41.77
N ARG A 308 -74.18 -7.69 -41.81
CA ARG A 308 -74.92 -7.05 -42.87
C ARG A 308 -74.84 -5.53 -42.70
N LEU A 309 -74.96 -5.08 -41.45
CA LEU A 309 -74.89 -3.65 -41.18
C LEU A 309 -73.49 -3.17 -41.54
N SER A 310 -72.49 -4.01 -41.27
CA SER A 310 -71.10 -3.67 -41.58
C SER A 310 -71.00 -3.42 -43.09
N ASP A 311 -71.33 -4.46 -43.85
CA ASP A 311 -71.28 -4.38 -45.32
C ASP A 311 -72.07 -3.17 -45.81
N LEU A 312 -73.35 -3.10 -45.42
CA LEU A 312 -74.20 -1.99 -45.82
C LEU A 312 -73.59 -0.64 -45.48
N LEU A 313 -73.30 -0.42 -44.20
CA LEU A 313 -72.70 0.84 -43.76
C LEU A 313 -71.44 1.13 -44.55
N GLY A 314 -70.71 0.07 -44.89
CA GLY A 314 -69.48 0.25 -45.66
C GLY A 314 -69.77 0.66 -47.09
N LYS A 315 -70.81 0.06 -47.67
CA LYS A 315 -71.19 0.38 -49.04
C LYS A 315 -71.63 1.83 -49.16
N VAL A 316 -72.06 2.42 -48.05
CA VAL A 316 -72.50 3.80 -48.04
C VAL A 316 -71.32 4.76 -48.03
N GLN A 317 -70.41 4.58 -47.07
CA GLN A 317 -69.24 5.43 -46.95
C GLN A 317 -68.42 5.41 -48.24
N LYS A 318 -68.42 4.26 -48.91
CA LYS A 318 -67.67 4.13 -50.16
C LYS A 318 -68.25 5.07 -51.21
N ALA A 319 -69.58 5.13 -51.26
CA ALA A 319 -70.26 6.00 -52.21
C ALA A 319 -69.98 7.46 -51.89
N LEU A 320 -69.88 7.77 -50.61
CA LEU A 320 -69.59 9.13 -50.17
C LEU A 320 -68.27 9.61 -50.76
N GLY A 321 -67.21 8.84 -50.55
CA GLY A 321 -65.92 9.21 -51.08
C GLY A 321 -65.96 9.37 -52.58
N GLU A 322 -66.87 8.63 -53.23
CA GLU A 322 -67.01 8.70 -54.67
C GLU A 322 -67.72 10.00 -55.06
N TYR A 323 -68.58 10.48 -54.17
CA TYR A 323 -69.31 11.72 -54.41
C TYR A 323 -68.40 12.92 -54.13
N LEU A 324 -67.79 12.92 -52.95
CA LEU A 324 -66.89 14.00 -52.57
C LEU A 324 -65.77 14.11 -53.60
N GLU A 325 -65.34 12.96 -54.12
CA GLU A 325 -64.28 12.91 -55.12
C GLU A 325 -64.75 13.60 -56.38
N ARG A 326 -66.05 13.51 -56.65
CA ARG A 326 -66.62 14.15 -57.84
C ARG A 326 -66.74 15.65 -57.63
N GLN A 327 -67.27 16.05 -56.48
CA GLN A 327 -67.43 17.46 -56.15
C GLN A 327 -66.12 18.21 -56.33
N ARG A 328 -65.01 17.53 -56.07
CA ARG A 328 -63.69 18.12 -56.21
C ARG A 328 -63.24 18.18 -57.67
N SER A 329 -63.41 17.07 -58.39
CA SER A 329 -63.03 17.02 -59.79
C SER A 329 -63.91 17.97 -60.61
N ALA A 330 -64.98 18.45 -59.98
CA ALA A 330 -65.89 19.37 -60.64
C ALA A 330 -65.46 20.81 -60.36
N PHE A 331 -64.80 21.01 -59.22
CA PHE A 331 -64.32 22.33 -58.83
C PHE A 331 -62.94 22.18 -58.20
N ALA A 332 -61.93 22.11 -59.06
CA ALA A 332 -60.53 21.96 -58.66
C ALA A 332 -60.20 22.47 -57.26
N ARG A 333 -60.46 23.75 -57.02
CA ARG A 333 -60.18 24.40 -55.74
C ARG A 333 -60.53 23.49 -54.56
N PHE A 334 -61.70 22.85 -54.64
CA PHE A 334 -62.19 21.96 -53.59
C PHE A 334 -61.19 20.97 -53.01
N TYR A 335 -60.08 20.73 -53.70
CA TYR A 335 -59.07 19.80 -53.21
C TYR A 335 -58.24 20.40 -52.09
N PHE A 336 -58.44 21.69 -51.86
CA PHE A 336 -57.70 22.41 -50.82
C PHE A 336 -58.41 22.34 -49.47
N VAL A 337 -59.71 22.10 -49.51
CA VAL A 337 -60.51 22.00 -48.28
C VAL A 337 -60.65 20.54 -47.86
N GLY A 338 -60.26 20.25 -46.63
CA GLY A 338 -60.35 18.89 -46.12
C GLY A 338 -61.77 18.36 -46.15
N ASP A 339 -61.91 17.04 -46.25
CA ASP A 339 -63.23 16.41 -46.27
C ASP A 339 -64.17 17.06 -45.26
N GLU A 340 -63.61 17.43 -44.12
CA GLU A 340 -64.39 18.06 -43.04
C GLU A 340 -65.15 19.28 -43.57
N ASP A 341 -64.41 20.38 -43.74
CA ASP A 341 -64.98 21.63 -44.22
C ASP A 341 -65.76 21.47 -45.53
N LEU A 342 -65.38 20.48 -46.33
CA LEU A 342 -66.05 20.24 -47.60
C LEU A 342 -67.51 19.86 -47.40
N LEU A 343 -67.75 18.83 -46.59
CA LEU A 343 -69.10 18.38 -46.32
C LEU A 343 -69.96 19.54 -45.83
N GLU A 344 -69.32 20.48 -45.12
CA GLU A 344 -70.02 21.65 -44.60
C GLU A 344 -70.32 22.63 -45.74
N ILE A 345 -69.36 22.77 -46.66
CA ILE A 345 -69.53 23.66 -47.80
C ILE A 345 -70.57 23.12 -48.77
N ILE A 346 -70.72 21.79 -48.79
CA ILE A 346 -71.68 21.14 -49.67
C ILE A 346 -73.10 21.31 -49.15
N GLY A 347 -73.27 21.25 -47.83
CA GLY A 347 -74.59 21.38 -47.24
C GLY A 347 -75.11 22.81 -47.25
N ASN A 348 -74.19 23.77 -47.15
CA ASN A 348 -74.56 25.18 -47.14
C ASN A 348 -74.53 25.79 -48.55
N SER A 349 -74.98 25.02 -49.53
CA SER A 349 -75.00 25.49 -50.91
C SER A 349 -75.79 26.79 -51.03
N LYS A 350 -76.78 26.96 -50.18
CA LYS A 350 -77.61 28.16 -50.18
C LYS A 350 -77.05 29.23 -49.25
N ASP A 351 -77.08 28.96 -47.95
CA ASP A 351 -76.58 29.89 -46.96
C ASP A 351 -75.12 30.25 -47.22
N ILE A 352 -74.89 31.12 -48.19
CA ILE A 352 -73.55 31.56 -48.55
C ILE A 352 -72.80 32.06 -47.32
N ILE A 353 -73.56 32.58 -46.36
CA ILE A 353 -72.99 33.11 -45.12
C ILE A 353 -72.13 32.05 -44.43
N LYS A 354 -72.66 30.83 -44.38
CA LYS A 354 -71.96 29.72 -43.72
C LYS A 354 -70.85 29.15 -44.59
N ILE A 355 -70.45 29.90 -45.62
CA ILE A 355 -69.38 29.47 -46.52
C ILE A 355 -68.31 30.56 -46.64
N GLN A 356 -68.73 31.80 -46.42
CA GLN A 356 -67.84 32.95 -46.50
C GLN A 356 -66.49 32.69 -45.84
N LYS A 357 -66.52 32.05 -44.68
CA LYS A 357 -65.31 31.75 -43.92
C LYS A 357 -64.36 30.74 -44.57
N HIS A 358 -64.81 30.05 -45.62
CA HIS A 358 -63.98 29.05 -46.28
C HIS A 358 -63.29 29.50 -47.56
N PHE A 359 -63.78 30.58 -48.16
CA PHE A 359 -63.22 31.09 -49.41
C PHE A 359 -61.70 31.29 -49.40
N ARG A 360 -61.17 31.89 -48.34
CA ARG A 360 -59.73 32.14 -48.24
C ARG A 360 -58.85 30.93 -48.52
N LYS A 361 -59.43 29.73 -48.49
CA LYS A 361 -58.66 28.52 -48.73
C LYS A 361 -58.90 27.92 -50.11
N MET A 362 -59.38 28.75 -51.03
CA MET A 362 -59.65 28.30 -52.39
C MET A 362 -59.17 29.34 -53.40
N PHE A 363 -59.36 30.61 -53.06
CA PHE A 363 -58.95 31.71 -53.92
C PHE A 363 -57.84 32.50 -53.26
N ALA A 364 -56.96 33.10 -54.07
CA ALA A 364 -55.84 33.88 -53.57
C ALA A 364 -56.29 35.06 -52.70
N GLY A 365 -56.70 36.14 -53.35
CA GLY A 365 -57.14 37.31 -52.62
C GLY A 365 -58.61 37.31 -52.24
N LEU A 366 -59.43 36.68 -53.07
CA LEU A 366 -60.87 36.61 -52.80
C LEU A 366 -61.12 36.08 -51.40
N ALA A 367 -61.66 36.93 -50.54
CA ALA A 367 -61.94 36.57 -49.16
C ALA A 367 -63.43 36.50 -48.85
N ASN A 368 -64.21 37.43 -49.41
CA ASN A 368 -65.65 37.45 -49.17
C ASN A 368 -66.43 37.90 -50.39
N LEU A 369 -67.51 37.17 -50.69
CA LEU A 369 -68.35 37.49 -51.84
C LEU A 369 -69.36 38.58 -51.50
N THR A 370 -69.73 39.36 -52.51
CA THR A 370 -70.69 40.44 -52.34
C THR A 370 -72.08 40.03 -52.82
N LEU A 371 -73.09 40.33 -52.01
CA LEU A 371 -74.47 40.01 -52.35
C LEU A 371 -75.27 41.29 -52.54
N ASP A 372 -76.32 41.22 -53.36
CA ASP A 372 -77.16 42.37 -53.63
C ASP A 372 -78.07 42.67 -52.44
N ASP A 373 -78.80 43.78 -52.53
CA ASP A 373 -79.70 44.19 -51.46
C ASP A 373 -80.71 43.08 -51.17
N GLU A 374 -80.93 42.21 -52.14
CA GLU A 374 -81.85 41.09 -52.00
C GLU A 374 -81.23 39.95 -51.20
N LYS A 375 -79.90 39.89 -51.22
CA LYS A 375 -79.16 38.86 -50.51
C LYS A 375 -79.47 37.49 -51.09
N THR A 376 -79.44 37.39 -52.42
CA THR A 376 -79.73 36.14 -53.11
C THR A 376 -78.83 36.00 -54.35
N THR A 377 -78.45 37.13 -54.92
CA THR A 377 -77.61 37.13 -56.11
C THR A 377 -76.23 37.73 -55.83
N ILE A 378 -75.23 37.23 -56.55
CA ILE A 378 -73.85 37.71 -56.39
C ILE A 378 -73.62 38.96 -57.24
N ILE A 379 -72.88 39.92 -56.69
CA ILE A 379 -72.58 41.15 -57.41
C ILE A 379 -71.08 41.27 -57.67
N GLY A 380 -70.29 41.14 -56.61
CA GLY A 380 -68.84 41.24 -56.75
C GLY A 380 -68.09 40.41 -55.73
N MET A 381 -66.82 40.73 -55.54
CA MET A 381 -65.98 40.01 -54.59
C MET A 381 -65.16 41.01 -53.78
N SER A 382 -64.92 40.68 -52.52
CA SER A 382 -64.14 41.54 -51.63
C SER A 382 -62.89 40.84 -51.15
N SER A 383 -61.76 41.54 -51.21
CA SER A 383 -60.49 40.97 -50.77
C SER A 383 -60.28 41.21 -49.28
N ALA A 384 -59.52 40.31 -48.65
CA ALA A 384 -59.25 40.40 -47.22
C ALA A 384 -58.83 41.80 -46.80
N GLU A 385 -58.02 42.46 -47.62
CA GLU A 385 -57.54 43.80 -47.32
C GLU A 385 -58.69 44.78 -47.16
N GLY A 386 -59.88 44.38 -47.62
CA GLY A 386 -61.04 45.25 -47.52
C GLY A 386 -61.36 45.89 -48.85
N GLU A 387 -60.73 45.41 -49.91
CA GLU A 387 -60.94 45.93 -51.26
C GLU A 387 -62.14 45.25 -51.90
N THR A 388 -62.86 45.99 -52.74
CA THR A 388 -64.03 45.44 -53.42
C THR A 388 -63.96 45.64 -54.93
N VAL A 389 -64.51 44.69 -55.66
CA VAL A 389 -64.51 44.74 -57.13
C VAL A 389 -65.76 44.05 -57.69
N THR A 390 -66.84 44.82 -57.84
CA THR A 390 -68.08 44.27 -58.38
C THR A 390 -67.84 43.56 -59.71
N PHE A 391 -68.41 42.37 -59.84
CA PHE A 391 -68.26 41.58 -61.07
C PHE A 391 -68.91 42.28 -62.26
N LYS A 392 -68.68 41.74 -63.44
CA LYS A 392 -69.24 42.31 -64.67
C LYS A 392 -70.48 41.50 -65.06
N LYS A 393 -70.72 40.41 -64.34
CA LYS A 393 -71.87 39.56 -64.59
C LYS A 393 -72.34 38.90 -63.29
N PRO A 394 -73.45 39.39 -62.72
CA PRO A 394 -74.01 38.84 -61.48
C PRO A 394 -74.28 37.35 -61.62
N ILE A 395 -74.17 36.61 -60.51
CA ILE A 395 -74.40 35.18 -60.52
C ILE A 395 -75.49 34.79 -59.53
N SER A 396 -76.75 35.00 -59.93
CA SER A 396 -77.89 34.69 -59.10
C SER A 396 -77.87 33.23 -58.63
N ILE A 397 -77.70 33.03 -57.32
CA ILE A 397 -77.68 31.68 -56.77
C ILE A 397 -79.11 31.23 -56.54
N ALA A 398 -80.05 32.16 -56.71
CA ALA A 398 -81.46 31.88 -56.53
C ALA A 398 -82.01 30.94 -57.60
N ASN A 399 -81.56 31.12 -58.84
CA ASN A 399 -82.01 30.29 -59.95
C ASN A 399 -82.05 28.82 -59.57
N GLY A 400 -81.16 28.43 -58.66
CA GLY A 400 -81.12 27.04 -58.22
C GLY A 400 -79.79 26.33 -58.46
N PRO A 401 -78.69 27.05 -58.71
CA PRO A 401 -77.42 26.36 -58.93
C PRO A 401 -77.00 25.50 -57.75
N LYS A 402 -76.48 24.31 -58.04
CA LYS A 402 -76.02 23.40 -57.00
C LYS A 402 -74.85 24.02 -56.25
N ILE A 403 -74.33 23.31 -55.26
CA ILE A 403 -73.21 23.82 -54.47
C ILE A 403 -72.01 24.25 -55.32
N HIS A 404 -71.54 23.38 -56.20
CA HIS A 404 -70.40 23.70 -57.04
C HIS A 404 -70.84 24.42 -58.31
N GLU A 405 -72.14 24.37 -58.60
CA GLU A 405 -72.68 25.01 -59.79
C GLU A 405 -72.32 26.48 -59.86
N TRP A 406 -72.77 27.27 -58.89
CA TRP A 406 -72.49 28.69 -58.86
C TRP A 406 -71.04 28.98 -58.47
N LEU A 407 -70.41 28.05 -57.76
CA LEU A 407 -69.03 28.22 -57.35
C LEU A 407 -68.09 28.28 -58.55
N THR A 408 -68.23 27.33 -59.47
CA THR A 408 -67.38 27.29 -60.65
C THR A 408 -67.61 28.55 -61.48
N MET A 409 -68.75 29.20 -61.26
CA MET A 409 -69.08 30.42 -62.00
C MET A 409 -68.27 31.62 -61.54
N VAL A 410 -68.19 31.82 -60.23
CA VAL A 410 -67.43 32.95 -59.69
C VAL A 410 -65.99 32.91 -60.18
N GLU A 411 -65.42 31.72 -60.26
CA GLU A 411 -64.05 31.56 -60.73
C GLU A 411 -63.95 32.03 -62.18
N SER A 412 -64.94 31.65 -62.99
CA SER A 412 -64.96 32.04 -64.39
C SER A 412 -65.14 33.54 -64.51
N GLU A 413 -66.06 34.09 -63.74
CA GLU A 413 -66.33 35.53 -63.75
C GLU A 413 -65.17 36.32 -63.13
N MET A 414 -64.63 35.79 -62.05
CA MET A 414 -63.52 36.46 -61.37
C MET A 414 -62.44 36.80 -62.39
N LYS A 415 -62.13 35.83 -63.24
CA LYS A 415 -61.13 35.99 -64.28
C LYS A 415 -61.67 36.87 -65.40
N SER A 416 -62.97 36.76 -65.65
CA SER A 416 -63.63 37.56 -66.68
C SER A 416 -63.56 39.03 -66.30
N THR A 417 -64.03 39.33 -65.09
CA THR A 417 -64.05 40.69 -64.59
C THR A 417 -62.66 41.32 -64.71
N LEU A 418 -61.69 40.71 -64.06
CA LEU A 418 -60.31 41.19 -64.10
C LEU A 418 -59.80 41.30 -65.52
N ALA A 419 -60.22 40.36 -66.36
CA ALA A 419 -59.80 40.35 -67.77
C ALA A 419 -60.24 41.62 -68.47
N THR A 420 -61.52 41.97 -68.34
CA THR A 420 -62.06 43.16 -68.96
C THR A 420 -61.52 44.42 -68.30
N LEU A 421 -61.57 44.47 -66.97
CA LEU A 421 -61.08 45.63 -66.22
C LEU A 421 -59.68 46.03 -66.64
N LEU A 422 -58.80 45.03 -66.81
CA LEU A 422 -57.42 45.29 -67.20
C LEU A 422 -57.39 46.06 -68.52
N SER A 423 -58.25 45.66 -69.45
CA SER A 423 -58.33 46.32 -70.75
C SER A 423 -58.84 47.75 -70.62
N GLU A 424 -59.94 47.89 -69.89
CA GLU A 424 -60.54 49.21 -69.68
C GLU A 424 -59.58 50.15 -68.96
N SER A 425 -58.77 49.60 -68.06
CA SER A 425 -57.80 50.42 -67.34
C SER A 425 -56.77 50.93 -68.34
N LEU A 426 -56.36 50.06 -69.25
CA LEU A 426 -55.39 50.42 -70.27
C LEU A 426 -55.97 51.50 -71.17
N GLN A 427 -57.26 51.42 -71.43
CA GLN A 427 -57.95 52.40 -72.26
C GLN A 427 -58.05 53.74 -71.53
N HIS A 428 -58.38 53.68 -70.25
CA HIS A 428 -58.52 54.88 -69.44
C HIS A 428 -57.17 55.61 -69.33
N PHE A 429 -56.18 54.91 -68.80
CA PHE A 429 -54.83 55.47 -68.65
C PHE A 429 -54.33 56.01 -69.98
N ASN A 430 -54.51 55.23 -71.04
CA ASN A 430 -54.06 55.61 -72.37
C ASN A 430 -54.82 56.81 -72.93
N GLN A 431 -55.71 57.39 -72.11
CA GLN A 431 -56.48 58.55 -72.52
C GLN A 431 -56.44 59.63 -71.45
N VAL A 432 -55.40 59.61 -70.64
CA VAL A 432 -55.23 60.58 -69.57
C VAL A 432 -53.81 61.15 -69.55
N ASP A 433 -53.69 62.39 -69.10
CA ASP A 433 -52.39 63.05 -69.02
C ASP A 433 -51.53 62.46 -67.91
N VAL A 434 -50.22 62.43 -68.13
CA VAL A 434 -49.29 61.89 -67.14
C VAL A 434 -48.92 62.99 -66.14
N ASN A 435 -48.60 64.17 -66.66
CA ASN A 435 -48.23 65.31 -65.83
C ASN A 435 -49.43 65.66 -64.94
N ASP A 436 -50.60 65.73 -65.56
CA ASP A 436 -51.84 66.03 -64.84
C ASP A 436 -52.10 64.93 -63.83
N HIS A 437 -51.50 65.06 -62.64
CA HIS A 437 -51.67 64.06 -61.59
C HIS A 437 -53.06 64.16 -60.97
N SER A 438 -53.83 65.15 -61.40
CA SER A 438 -55.19 65.33 -60.88
C SER A 438 -56.05 64.17 -61.33
N LYS A 439 -55.94 63.80 -62.60
CA LYS A 439 -56.71 62.70 -63.16
C LYS A 439 -56.04 61.37 -62.83
N TYR A 440 -54.71 61.38 -62.82
CA TYR A 440 -53.94 60.18 -62.51
C TYR A 440 -54.38 59.64 -61.15
N SER A 441 -54.46 60.53 -60.17
CA SER A 441 -54.88 60.12 -58.82
C SER A 441 -56.29 59.57 -58.85
N GLU A 442 -57.01 59.84 -59.93
CA GLU A 442 -58.38 59.37 -60.08
C GLU A 442 -58.39 58.02 -60.78
N TRP A 443 -57.44 57.83 -61.70
CA TRP A 443 -57.31 56.59 -62.45
C TRP A 443 -57.00 55.43 -61.51
N VAL A 444 -56.12 55.68 -60.55
CA VAL A 444 -55.71 54.66 -59.59
C VAL A 444 -56.86 54.21 -58.70
N ASP A 445 -57.69 55.17 -58.27
CA ASP A 445 -58.81 54.87 -57.40
C ASP A 445 -60.03 54.37 -58.17
N ASN A 446 -59.80 53.89 -59.39
CA ASN A 446 -60.88 53.37 -60.23
C ASN A 446 -60.79 51.86 -60.43
N TYR A 447 -59.57 51.32 -60.32
CA TYR A 447 -59.35 49.90 -60.51
C TYR A 447 -58.63 49.26 -59.32
N PRO A 448 -58.73 47.93 -59.20
CA PRO A 448 -58.09 47.18 -58.11
C PRO A 448 -56.57 47.30 -58.15
N THR A 449 -55.96 47.40 -56.97
CA THR A 449 -54.50 47.53 -56.88
C THR A 449 -53.81 46.50 -57.78
N GLN A 450 -54.34 45.29 -57.79
CA GLN A 450 -53.78 44.21 -58.60
C GLN A 450 -53.66 44.65 -60.06
N LEU A 451 -54.72 45.22 -60.59
CA LEU A 451 -54.75 45.69 -61.97
C LEU A 451 -54.04 47.03 -62.13
N VAL A 452 -54.29 47.94 -61.20
CA VAL A 452 -53.69 49.27 -61.23
C VAL A 452 -52.19 49.20 -61.55
N LEU A 453 -51.53 48.17 -61.02
CA LEU A 453 -50.11 47.99 -61.25
C LEU A 453 -49.82 47.43 -62.62
N LEU A 454 -50.51 46.34 -63.00
CA LEU A 454 -50.31 45.73 -64.30
C LEU A 454 -50.30 46.75 -65.42
N THR A 455 -51.29 47.64 -65.41
CA THR A 455 -51.40 48.68 -66.43
C THR A 455 -50.09 49.45 -66.53
N SER A 456 -49.60 49.94 -65.39
CA SER A 456 -48.36 50.69 -65.34
C SER A 456 -47.20 49.84 -65.87
N GLN A 457 -47.32 48.53 -65.69
CA GLN A 457 -46.30 47.60 -66.15
C GLN A 457 -46.41 47.38 -67.65
N ILE A 458 -47.64 47.18 -68.12
CA ILE A 458 -47.89 46.96 -69.54
C ILE A 458 -47.53 48.21 -70.33
N VAL A 459 -47.83 49.37 -69.76
CA VAL A 459 -47.53 50.65 -70.40
C VAL A 459 -46.02 50.84 -70.47
N TRP A 460 -45.35 50.54 -69.37
CA TRP A 460 -43.90 50.68 -69.28
C TRP A 460 -43.19 49.80 -70.31
N SER A 461 -43.70 48.60 -70.49
CA SER A 461 -43.12 47.64 -71.43
C SER A 461 -43.07 48.14 -72.87
N THR A 462 -44.24 48.41 -73.44
CA THR A 462 -44.33 48.88 -74.82
C THR A 462 -43.51 50.14 -75.08
N GLN A 463 -43.62 51.11 -74.18
CA GLN A 463 -42.88 52.37 -74.31
C GLN A 463 -41.38 52.20 -74.45
N VAL A 464 -40.82 51.25 -73.70
CA VAL A 464 -39.37 51.01 -73.75
C VAL A 464 -38.95 50.42 -75.09
N ASP A 465 -39.88 49.76 -75.78
CA ASP A 465 -39.59 49.15 -77.07
C ASP A 465 -39.54 50.17 -78.20
N GLN A 466 -40.62 50.95 -78.32
CA GLN A 466 -40.69 51.98 -79.35
C GLN A 466 -39.55 52.96 -79.16
N ALA A 467 -38.90 52.85 -78.00
CA ALA A 467 -37.77 53.72 -77.66
C ALA A 467 -36.45 53.05 -77.99
N LEU A 468 -36.51 51.79 -78.41
CA LEU A 468 -35.32 51.03 -78.76
C LEU A 468 -35.30 50.67 -80.24
N GLY A 469 -36.46 50.68 -80.87
CA GLY A 469 -36.54 50.35 -82.29
C GLY A 469 -36.16 48.91 -82.56
N GLY A 470 -35.43 48.69 -83.64
CA GLY A 470 -35.01 47.35 -84.00
C GLY A 470 -33.64 47.32 -84.66
N GLY A 471 -32.63 47.75 -83.93
CA GLY A 471 -31.29 47.77 -84.47
C GLY A 471 -31.02 49.02 -85.28
N THR A 472 -32.07 49.80 -85.52
CA THR A 472 -31.95 51.04 -86.28
C THR A 472 -32.47 52.23 -85.49
N LEU A 473 -31.57 53.15 -85.18
CA LEU A 473 -31.89 54.36 -84.42
C LEU A 473 -30.61 54.85 -83.75
N GLN A 474 -30.01 55.90 -84.30
CA GLN A 474 -28.78 56.47 -83.76
C GLN A 474 -28.78 56.43 -82.23
N GLN A 475 -27.59 56.30 -81.64
CA GLN A 475 -27.45 56.26 -80.19
C GLN A 475 -28.34 57.31 -79.53
N SER A 476 -28.39 58.50 -80.13
CA SER A 476 -29.20 59.59 -79.60
C SER A 476 -30.69 59.25 -79.68
N LYS A 477 -31.10 58.67 -80.80
CA LYS A 477 -32.50 58.30 -81.00
C LYS A 477 -33.03 57.51 -79.80
N ILE A 478 -32.52 56.31 -79.61
CA ILE A 478 -32.94 55.45 -78.51
C ILE A 478 -32.70 56.09 -77.15
N GLN A 479 -31.53 56.69 -76.98
CA GLN A 479 -31.19 57.34 -75.71
C GLN A 479 -32.12 58.49 -75.40
N GLU A 480 -32.61 59.17 -76.43
CA GLU A 480 -33.52 60.29 -76.26
C GLU A 480 -34.90 59.76 -75.92
N GLN A 481 -35.34 58.74 -76.67
CA GLN A 481 -36.63 58.12 -76.44
C GLN A 481 -36.70 57.56 -75.03
N LEU A 482 -35.57 57.03 -74.55
CA LEU A 482 -35.50 56.46 -73.22
C LEU A 482 -35.40 57.52 -72.13
N GLN A 483 -34.59 58.54 -72.36
CA GLN A 483 -34.42 59.63 -71.39
C GLN A 483 -35.77 60.14 -70.93
N SER A 484 -36.72 60.21 -71.86
CA SER A 484 -38.07 60.68 -71.56
C SER A 484 -38.74 59.78 -70.53
N ILE A 485 -38.88 58.50 -70.87
CA ILE A 485 -39.52 57.54 -69.98
C ILE A 485 -38.86 57.53 -68.60
N GLU A 486 -37.54 57.69 -68.58
CA GLU A 486 -36.79 57.70 -67.34
C GLU A 486 -37.22 58.93 -66.52
N GLN A 487 -37.55 60.01 -67.21
CA GLN A 487 -37.98 61.24 -66.56
C GLN A 487 -39.47 61.31 -66.30
N THR A 488 -40.28 60.93 -67.29
CA THR A 488 -41.73 60.97 -67.16
C THR A 488 -42.17 60.20 -65.92
N THR A 489 -41.74 58.96 -65.81
CA THR A 489 -42.09 58.13 -64.66
C THR A 489 -41.50 58.73 -63.40
N GLN A 490 -40.30 59.30 -63.53
CA GLN A 490 -39.62 59.92 -62.41
C GLN A 490 -40.45 61.06 -61.84
N MET A 491 -41.11 61.81 -62.73
CA MET A 491 -41.95 62.92 -62.31
C MET A 491 -43.14 62.39 -61.51
N ILE A 492 -43.69 61.27 -61.98
CA ILE A 492 -44.84 60.65 -61.34
C ILE A 492 -44.52 60.22 -59.91
N LEU A 493 -43.35 59.63 -59.73
CA LEU A 493 -42.92 59.17 -58.40
C LEU A 493 -43.05 60.28 -57.36
N ASN A 494 -42.62 61.48 -57.73
CA ASN A 494 -42.69 62.63 -56.85
C ASN A 494 -44.13 63.03 -56.55
N ASN A 495 -44.96 63.04 -57.57
CA ASN A 495 -46.37 63.40 -57.41
C ASN A 495 -47.04 62.49 -56.38
N LEU A 496 -46.68 61.21 -56.42
CA LEU A 496 -47.22 60.22 -55.50
C LEU A 496 -46.49 60.29 -54.15
N ALA A 497 -45.19 60.58 -54.21
CA ALA A 497 -44.37 60.68 -53.01
C ALA A 497 -44.94 61.70 -52.04
N ASP A 498 -45.57 62.74 -52.59
CA ASP A 498 -46.17 63.79 -51.77
C ASP A 498 -47.62 63.44 -51.44
N SER A 499 -48.24 62.68 -52.33
CA SER A 499 -49.63 62.26 -52.14
C SER A 499 -49.74 61.19 -51.06
N VAL A 500 -48.65 60.46 -50.85
CA VAL A 500 -48.62 59.41 -49.84
C VAL A 500 -48.38 60.02 -48.47
N LEU A 501 -47.68 61.15 -48.45
CA LEU A 501 -47.37 61.84 -47.21
C LEU A 501 -48.58 62.60 -46.67
N GLN A 502 -49.71 62.49 -47.37
CA GLN A 502 -50.93 63.17 -46.94
C GLN A 502 -51.89 62.19 -46.28
N ASP A 503 -53.07 62.69 -45.94
CA ASP A 503 -54.09 61.88 -45.28
C ASP A 503 -54.81 60.94 -46.25
N LEU A 504 -54.90 59.67 -45.87
CA LEU A 504 -55.57 58.66 -46.67
C LEU A 504 -55.53 57.30 -45.96
N SER A 505 -56.63 56.56 -46.06
CA SER A 505 -56.75 55.25 -45.41
C SER A 505 -55.59 54.31 -45.73
N ALA A 506 -55.55 53.17 -45.04
CA ALA A 506 -54.51 52.18 -45.23
C ALA A 506 -54.71 51.41 -46.52
N GLN A 507 -55.91 50.88 -46.71
CA GLN A 507 -56.24 50.13 -47.92
C GLN A 507 -55.90 50.94 -49.16
N LYS A 508 -56.33 52.20 -49.17
CA LYS A 508 -56.08 53.09 -50.28
C LYS A 508 -54.59 53.47 -50.34
N ARG A 509 -53.93 53.39 -49.18
CA ARG A 509 -52.51 53.73 -49.10
C ARG A 509 -51.64 52.66 -49.74
N LYS A 510 -51.78 51.42 -49.28
CA LYS A 510 -51.00 50.32 -49.81
C LYS A 510 -50.95 50.33 -51.34
N LYS A 511 -52.07 50.72 -51.95
CA LYS A 511 -52.14 50.80 -53.40
C LYS A 511 -51.09 51.78 -53.91
N PHE A 512 -51.03 52.95 -53.29
CA PHE A 512 -50.05 53.96 -53.66
C PHE A 512 -48.65 53.49 -53.29
N GLU A 513 -48.53 52.90 -52.10
CA GLU A 513 -47.23 52.41 -51.65
C GLU A 513 -46.71 51.34 -52.59
N HIS A 514 -47.63 50.60 -53.20
CA HIS A 514 -47.27 49.55 -54.15
C HIS A 514 -46.86 50.17 -55.47
N LEU A 515 -47.67 51.10 -55.97
CA LEU A 515 -47.38 51.78 -57.22
C LEU A 515 -45.99 52.40 -57.12
N ILE A 516 -45.75 53.10 -56.01
CA ILE A 516 -44.45 53.73 -55.78
C ILE A 516 -43.36 52.71 -56.05
N THR A 517 -43.40 51.62 -55.29
CA THR A 517 -42.41 50.54 -55.42
C THR A 517 -42.25 50.11 -56.87
N GLU A 518 -43.37 50.02 -57.59
CA GLU A 518 -43.34 49.60 -58.99
C GLU A 518 -42.65 50.62 -59.89
N LEU A 519 -43.11 51.87 -59.86
CA LEU A 519 -42.51 52.90 -60.70
C LEU A 519 -41.02 53.05 -60.43
N VAL A 520 -40.61 52.75 -59.20
CA VAL A 520 -39.20 52.85 -58.83
C VAL A 520 -38.41 51.81 -59.62
N HIS A 521 -39.04 50.65 -59.82
CA HIS A 521 -38.41 49.57 -60.57
C HIS A 521 -38.26 49.98 -62.04
N GLN A 522 -39.30 50.57 -62.60
CA GLN A 522 -39.29 51.01 -63.98
C GLN A 522 -38.16 52.01 -64.26
N ARG A 523 -38.15 53.12 -63.53
CA ARG A 523 -37.13 54.14 -63.71
C ARG A 523 -35.73 53.55 -63.52
N ASP A 524 -35.56 52.74 -62.48
CA ASP A 524 -34.27 52.13 -62.21
C ASP A 524 -33.81 51.25 -63.36
N VAL A 525 -34.71 50.37 -63.81
CA VAL A 525 -34.40 49.48 -64.92
C VAL A 525 -34.03 50.29 -66.16
N VAL A 526 -34.87 51.28 -66.48
CA VAL A 526 -34.63 52.13 -67.64
C VAL A 526 -33.27 52.80 -67.57
N ARG A 527 -32.87 53.24 -66.38
CA ARG A 527 -31.58 53.89 -66.20
C ARG A 527 -30.45 52.93 -66.57
N GLN A 528 -30.58 51.69 -66.15
CA GLN A 528 -29.57 50.67 -66.44
C GLN A 528 -29.35 50.57 -67.94
N LEU A 529 -30.40 50.85 -68.71
CA LEU A 529 -30.32 50.80 -70.16
C LEU A 529 -29.55 52.01 -70.69
N GLN A 530 -29.83 53.18 -70.12
CA GLN A 530 -29.18 54.43 -70.51
C GLN A 530 -27.70 54.42 -70.14
N LYS A 531 -27.19 53.26 -69.75
CA LYS A 531 -25.78 53.14 -69.38
C LYS A 531 -25.06 52.28 -70.41
N CYS A 532 -25.83 51.71 -71.33
CA CYS A 532 -25.28 50.88 -72.39
C CYS A 532 -25.05 51.74 -73.62
N LYS A 533 -23.81 52.11 -73.86
CA LYS A 533 -23.45 52.96 -75.00
C LYS A 533 -24.03 52.47 -76.33
N ASN A 534 -23.80 51.20 -76.64
CA ASN A 534 -24.28 50.62 -77.89
C ASN A 534 -25.43 49.64 -77.69
N LEU A 535 -26.66 50.08 -77.95
CA LEU A 535 -27.82 49.22 -77.82
C LEU A 535 -28.28 48.73 -79.18
N THR A 536 -28.98 47.61 -79.19
CA THR A 536 -29.49 47.03 -80.43
C THR A 536 -30.88 47.58 -80.73
N GLY A 537 -31.89 46.96 -80.15
CA GLY A 537 -33.26 47.39 -80.37
C GLY A 537 -34.22 46.78 -79.37
N ASN A 538 -35.50 46.72 -79.74
CA ASN A 538 -36.52 46.15 -78.87
C ASN A 538 -36.40 44.63 -78.85
N LYS A 539 -35.18 44.14 -78.74
CA LYS A 539 -34.92 42.70 -78.70
C LYS A 539 -33.58 42.43 -78.05
N ASP A 540 -32.86 43.49 -77.70
CA ASP A 540 -31.55 43.37 -77.06
C ASP A 540 -31.76 42.66 -75.72
N PHE A 541 -30.81 41.81 -75.33
CA PHE A 541 -30.94 41.08 -74.08
C PHE A 541 -30.88 42.02 -72.88
N ASP A 542 -30.18 43.14 -73.02
CA ASP A 542 -30.08 44.12 -71.94
C ASP A 542 -31.48 44.63 -71.61
N TRP A 543 -32.45 44.19 -72.40
CA TRP A 543 -33.85 44.56 -72.22
C TRP A 543 -34.69 43.31 -71.98
N LEU A 544 -34.34 42.23 -72.67
CA LEU A 544 -35.06 40.98 -72.54
C LEU A 544 -34.75 40.29 -71.21
N TYR A 545 -33.66 40.70 -70.57
CA TYR A 545 -33.27 40.13 -69.29
C TYR A 545 -34.40 40.29 -68.27
N HIS A 546 -34.98 41.48 -68.25
CA HIS A 546 -36.07 41.78 -67.32
C HIS A 546 -37.37 41.15 -67.76
N MET A 547 -38.39 41.27 -66.91
CA MET A 547 -39.71 40.71 -67.18
C MET A 547 -40.65 41.77 -67.75
N ARG A 548 -40.85 41.75 -69.06
CA ARG A 548 -41.72 42.71 -69.71
C ARG A 548 -43.14 42.16 -69.85
N TYR A 549 -44.10 43.06 -69.94
CA TYR A 549 -45.50 42.68 -70.07
C TYR A 549 -46.08 43.25 -71.35
N TYR A 550 -46.68 42.39 -72.17
CA TYR A 550 -47.25 42.85 -73.44
C TYR A 550 -48.73 42.50 -73.56
N TYR A 551 -49.51 43.47 -74.01
CA TYR A 551 -50.95 43.29 -74.17
C TYR A 551 -51.28 43.22 -75.66
N ASP A 552 -52.43 42.63 -75.98
CA ASP A 552 -52.86 42.50 -77.37
C ASP A 552 -54.37 42.39 -77.46
N ALA A 553 -55.04 43.54 -77.40
CA ALA A 553 -56.50 43.58 -77.47
C ALA A 553 -57.01 43.04 -78.80
N THR A 554 -56.10 42.81 -79.74
CA THR A 554 -56.47 42.30 -81.05
C THR A 554 -56.68 40.78 -80.96
N GLN A 555 -56.36 40.23 -79.80
CA GLN A 555 -56.51 38.79 -79.56
C GLN A 555 -57.98 38.41 -79.43
N GLU A 556 -58.32 37.21 -79.89
CA GLU A 556 -59.69 36.72 -79.82
C GLU A 556 -60.14 36.53 -78.38
N ASN A 557 -59.32 35.84 -77.60
CA ASN A 557 -59.63 35.58 -76.19
C ASN A 557 -59.54 36.88 -75.41
N VAL A 558 -60.08 36.87 -74.19
CA VAL A 558 -60.04 38.05 -73.33
C VAL A 558 -58.95 37.89 -72.27
N LEU A 559 -58.68 36.64 -71.91
CA LEU A 559 -57.65 36.32 -70.93
C LEU A 559 -56.28 36.43 -71.57
N HIS A 560 -56.06 35.57 -72.57
CA HIS A 560 -54.80 35.50 -73.30
C HIS A 560 -54.30 36.81 -73.91
N LYS A 561 -55.04 37.90 -73.73
CA LYS A 561 -54.62 39.18 -74.29
C LYS A 561 -53.27 39.61 -73.74
N LEU A 562 -53.06 39.41 -72.44
CA LEU A 562 -51.81 39.80 -71.80
C LEU A 562 -50.81 38.66 -71.78
N VAL A 563 -49.62 38.91 -72.33
CA VAL A 563 -48.56 37.90 -72.40
C VAL A 563 -47.29 38.40 -71.72
N ILE A 564 -46.97 37.80 -70.58
CA ILE A 564 -45.77 38.17 -69.83
C ILE A 564 -44.52 37.54 -70.45
N HIS A 565 -43.45 38.31 -70.51
CA HIS A 565 -42.20 37.83 -71.09
C HIS A 565 -41.00 38.15 -70.19
N MET A 566 -39.99 37.30 -70.23
CA MET A 566 -38.79 37.50 -69.43
C MET A 566 -37.79 36.49 -69.96
N ALA A 567 -36.71 36.99 -70.53
CA ALA A 567 -35.69 36.15 -71.15
C ALA A 567 -36.46 35.50 -72.29
N ASN A 568 -36.28 34.20 -72.48
CA ASN A 568 -36.99 33.54 -73.54
C ASN A 568 -38.27 32.90 -73.06
N ALA A 569 -38.60 33.08 -71.79
CA ALA A 569 -39.80 32.45 -71.25
C ALA A 569 -41.04 33.31 -71.37
N THR A 570 -42.18 32.68 -71.62
CA THR A 570 -43.45 33.39 -71.76
C THR A 570 -44.56 32.69 -70.99
N PHE A 571 -45.24 33.44 -70.13
CA PHE A 571 -46.33 32.90 -69.33
C PHE A 571 -47.62 33.69 -69.54
N TYR A 572 -48.71 33.18 -68.95
CA TYR A 572 -50.00 33.84 -69.07
C TYR A 572 -50.53 34.26 -67.69
N TYR A 573 -50.96 35.51 -67.59
CA TYR A 573 -51.49 36.03 -66.33
C TYR A 573 -52.73 35.22 -65.94
N GLY A 574 -52.62 34.49 -64.84
CA GLY A 574 -53.74 33.67 -64.39
C GLY A 574 -54.99 34.43 -64.03
N PHE A 575 -54.88 35.75 -63.88
CA PHE A 575 -56.03 36.58 -63.52
C PHE A 575 -56.68 36.07 -62.25
N GLU A 576 -55.85 35.82 -61.24
CA GLU A 576 -56.30 35.33 -59.94
C GLU A 576 -56.36 36.50 -58.98
N TYR A 577 -57.58 36.97 -58.69
CA TYR A 577 -57.77 38.11 -57.79
C TYR A 577 -56.87 38.00 -56.56
N LEU A 578 -56.00 39.00 -56.39
CA LEU A 578 -55.08 39.03 -55.26
C LEU A 578 -55.43 40.16 -54.30
N GLY A 579 -56.38 41.01 -54.71
CA GLY A 579 -56.78 42.12 -53.87
C GLY A 579 -55.68 43.18 -53.84
N ILE A 580 -55.27 43.56 -52.63
CA ILE A 580 -54.23 44.56 -52.47
C ILE A 580 -52.90 43.85 -52.22
N GLY A 581 -52.98 42.76 -51.47
CA GLY A 581 -51.81 41.95 -51.16
C GLY A 581 -50.51 42.68 -50.84
N GLU A 582 -49.39 41.98 -51.06
CA GLU A 582 -48.07 42.54 -50.80
C GLU A 582 -47.17 42.42 -52.03
N ARG A 583 -46.30 43.41 -52.22
CA ARG A 583 -45.38 43.42 -53.34
C ARG A 583 -43.97 43.77 -52.86
N LEU A 584 -43.03 42.87 -53.09
CA LEU A 584 -41.65 43.09 -52.68
C LEU A 584 -41.00 44.19 -53.51
N VAL A 585 -39.75 44.50 -53.19
CA VAL A 585 -39.02 45.54 -53.91
C VAL A 585 -38.09 44.86 -54.92
N GLN A 586 -38.33 45.15 -56.20
CA GLN A 586 -37.52 44.55 -57.27
C GLN A 586 -36.04 44.92 -57.14
N THR A 587 -35.35 44.25 -56.22
CA THR A 587 -33.93 44.49 -56.00
C THR A 587 -33.15 43.78 -57.08
N PRO A 588 -31.86 44.12 -57.24
CA PRO A 588 -31.05 43.46 -58.27
C PRO A 588 -30.99 41.95 -58.06
N LEU A 589 -31.32 41.51 -56.85
CA LEU A 589 -31.34 40.09 -56.51
C LEU A 589 -32.68 39.49 -56.89
N THR A 590 -33.75 40.22 -56.57
CA THR A 590 -35.11 39.76 -56.85
C THR A 590 -35.26 39.43 -58.34
N ASP A 591 -34.53 40.16 -59.18
CA ASP A 591 -34.57 39.95 -60.62
C ASP A 591 -33.72 38.75 -61.00
N ARG A 592 -32.45 38.76 -60.60
CA ARG A 592 -31.54 37.66 -60.90
C ARG A 592 -32.17 36.36 -60.43
N CYS A 593 -33.10 36.47 -59.48
CA CYS A 593 -33.80 35.31 -58.94
C CYS A 593 -35.02 35.05 -59.80
N TYR A 594 -35.69 36.13 -60.22
CA TYR A 594 -36.87 36.02 -61.07
C TYR A 594 -36.52 35.30 -62.36
N LEU A 595 -35.30 35.48 -62.83
CA LEU A 595 -34.85 34.85 -64.06
C LEU A 595 -34.57 33.37 -63.85
N THR A 596 -33.76 33.06 -62.84
CA THR A 596 -33.42 31.67 -62.54
C THR A 596 -34.68 30.81 -62.42
N LEU A 597 -35.74 31.36 -61.85
CA LEU A 597 -36.98 30.62 -61.69
C LEU A 597 -37.77 30.51 -62.99
N THR A 598 -38.08 31.65 -63.60
CA THR A 598 -38.82 31.65 -64.86
C THR A 598 -38.11 30.80 -65.91
N GLN A 599 -36.84 31.12 -66.15
CA GLN A 599 -36.02 30.40 -67.12
C GLN A 599 -35.96 28.92 -66.79
N ALA A 600 -35.96 28.61 -65.50
CA ALA A 600 -35.91 27.22 -65.04
C ALA A 600 -37.29 26.59 -64.97
N LEU A 601 -38.29 27.42 -64.71
CA LEU A 601 -39.68 26.94 -64.63
C LEU A 601 -40.13 26.62 -66.06
N GLU A 602 -39.53 27.32 -67.02
CA GLU A 602 -39.83 27.13 -68.43
C GLU A 602 -39.21 25.81 -68.87
N SER A 603 -38.24 25.34 -68.10
CA SER A 603 -37.55 24.08 -68.39
C SER A 603 -38.28 22.91 -67.75
N ARG A 604 -39.53 23.14 -67.36
CA ARG A 604 -40.37 22.12 -66.74
C ARG A 604 -39.65 21.53 -65.51
N MET A 605 -39.18 22.41 -64.64
CA MET A 605 -38.48 21.99 -63.43
C MET A 605 -38.80 22.95 -62.29
N GLY A 606 -38.98 22.39 -61.08
CA GLY A 606 -39.29 23.21 -59.93
C GLY A 606 -38.12 24.07 -59.48
N GLY A 607 -38.43 25.16 -58.79
CA GLY A 607 -37.39 26.06 -58.31
C GLY A 607 -36.98 25.77 -56.88
N ASN A 608 -35.69 25.94 -56.59
CA ASN A 608 -35.16 25.70 -55.26
C ASN A 608 -34.16 26.78 -54.83
N PRO A 609 -34.65 27.82 -54.14
CA PRO A 609 -33.76 28.90 -53.68
C PRO A 609 -33.23 28.67 -52.27
N PHE A 610 -31.94 28.35 -52.16
CA PHE A 610 -31.36 28.12 -50.84
C PHE A 610 -30.64 29.35 -50.31
N GLY A 611 -30.23 29.29 -49.04
CA GLY A 611 -29.54 30.42 -48.43
C GLY A 611 -29.95 30.61 -46.99
N PRO A 612 -29.23 31.47 -46.24
CA PRO A 612 -29.56 31.71 -44.83
C PRO A 612 -30.96 32.30 -44.66
N ALA A 613 -31.79 31.62 -43.87
CA ALA A 613 -33.16 32.07 -43.61
C ALA A 613 -33.21 33.57 -43.35
N GLY A 614 -34.12 34.24 -44.06
CA GLY A 614 -34.26 35.68 -43.90
C GLY A 614 -33.63 36.42 -45.06
N THR A 615 -34.05 36.10 -46.27
CA THR A 615 -33.50 36.75 -47.47
C THR A 615 -34.55 37.00 -48.54
N GLY A 616 -35.51 36.09 -48.66
CA GLY A 616 -36.56 36.25 -49.66
C GLY A 616 -36.98 34.93 -50.27
N LYS A 617 -36.20 33.89 -50.01
CA LYS A 617 -36.47 32.55 -50.52
C LYS A 617 -37.95 32.28 -50.75
N THR A 618 -38.76 32.54 -49.72
CA THR A 618 -40.20 32.33 -49.79
C THR A 618 -40.93 33.53 -50.40
N GLU A 619 -40.73 34.70 -49.80
CA GLU A 619 -41.37 35.92 -50.27
C GLU A 619 -41.20 36.12 -51.77
N THR A 620 -39.95 36.07 -52.23
CA THR A 620 -39.67 36.25 -53.65
C THR A 620 -40.49 35.28 -54.50
N VAL A 621 -40.51 34.02 -54.09
CA VAL A 621 -41.26 33.00 -54.81
C VAL A 621 -42.74 33.37 -54.86
N LYS A 622 -43.25 33.87 -53.74
CA LYS A 622 -44.65 34.28 -53.65
C LYS A 622 -44.89 35.51 -54.52
N ALA A 623 -43.90 36.40 -54.55
CA ALA A 623 -43.99 37.63 -55.35
C ALA A 623 -44.05 37.31 -56.84
N LEU A 624 -43.30 36.30 -57.26
CA LEU A 624 -43.27 35.91 -58.66
C LEU A 624 -44.65 35.41 -59.09
N GLY A 625 -45.24 34.51 -58.31
CA GLY A 625 -46.55 33.99 -58.64
C GLY A 625 -47.59 35.09 -58.66
N SER A 626 -47.62 35.89 -57.61
CA SER A 626 -48.57 36.99 -57.51
C SER A 626 -48.34 37.96 -58.66
N GLN A 627 -47.15 37.92 -59.23
CA GLN A 627 -46.79 38.79 -60.35
C GLN A 627 -47.33 38.22 -61.66
N LEU A 628 -47.59 36.92 -61.67
CA LEU A 628 -48.12 36.26 -62.86
C LEU A 628 -49.57 35.82 -62.66
N GLY A 629 -50.25 36.48 -61.74
CA GLY A 629 -51.64 36.16 -61.46
C GLY A 629 -51.87 34.70 -61.12
N ARG A 630 -50.91 34.09 -60.43
CA ARG A 630 -51.02 32.69 -60.05
C ARG A 630 -51.50 32.55 -58.60
N PHE A 631 -51.87 31.33 -58.22
CA PHE A 631 -52.36 31.06 -56.88
C PHE A 631 -51.32 30.28 -56.08
N VAL A 632 -50.26 30.98 -55.68
CA VAL A 632 -49.17 30.38 -54.91
C VAL A 632 -49.64 29.90 -53.55
N LEU A 633 -49.08 28.78 -53.09
CA LEU A 633 -49.42 28.22 -51.79
C LEU A 633 -48.17 27.96 -50.96
N VAL A 634 -48.17 28.43 -49.72
CA VAL A 634 -47.05 28.24 -48.81
C VAL A 634 -47.32 27.07 -47.89
N PHE A 635 -46.61 25.97 -48.10
CA PHE A 635 -46.78 24.78 -47.27
C PHE A 635 -45.75 24.77 -46.15
N CYS A 636 -46.16 25.26 -44.98
CA CYS A 636 -45.29 25.33 -43.82
C CYS A 636 -44.85 23.94 -43.37
N CYS A 637 -43.53 23.75 -43.31
CA CYS A 637 -42.95 22.48 -42.89
C CYS A 637 -42.55 22.60 -41.43
N ASP A 638 -41.36 22.10 -41.10
CA ASP A 638 -40.84 22.15 -39.73
C ASP A 638 -41.93 22.17 -38.67
N GLU A 639 -42.92 21.30 -38.81
CA GLU A 639 -44.02 21.24 -37.85
C GLU A 639 -44.69 19.87 -37.87
N GLY A 640 -46.02 19.87 -37.99
CA GLY A 640 -46.75 18.62 -38.02
C GLY A 640 -47.12 18.22 -39.43
N PHE A 641 -46.55 18.92 -40.41
CA PHE A 641 -46.80 18.67 -41.83
C PHE A 641 -47.58 17.38 -42.09
N ASP A 642 -48.89 17.52 -42.28
CA ASP A 642 -49.77 16.38 -42.54
C ASP A 642 -49.42 15.77 -43.88
N LEU A 643 -49.34 14.44 -43.93
CA LEU A 643 -49.02 13.75 -45.16
C LEU A 643 -50.32 13.42 -45.90
N GLN A 644 -51.28 12.88 -45.16
CA GLN A 644 -52.58 12.52 -45.72
C GLN A 644 -53.23 13.73 -46.41
N ALA A 645 -52.82 14.93 -45.99
CA ALA A 645 -53.35 16.16 -46.55
C ALA A 645 -52.55 16.57 -47.78
N MET A 646 -51.23 16.53 -47.66
CA MET A 646 -50.35 16.89 -48.76
C MET A 646 -50.68 16.10 -50.03
N SER A 647 -50.69 14.77 -49.90
CA SER A 647 -50.99 13.89 -51.02
C SER A 647 -52.19 14.42 -51.80
N ARG A 648 -53.21 14.87 -51.07
CA ARG A 648 -54.42 15.40 -51.67
C ARG A 648 -54.17 16.74 -52.38
N ILE A 649 -53.84 17.76 -51.60
CA ILE A 649 -53.57 19.09 -52.11
C ILE A 649 -52.85 19.10 -53.46
N PHE A 650 -51.90 18.17 -53.63
CA PHE A 650 -51.16 18.08 -54.88
C PHE A 650 -52.09 17.94 -56.07
N VAL A 651 -53.17 17.18 -55.89
CA VAL A 651 -54.15 16.98 -56.96
C VAL A 651 -54.66 18.35 -57.38
N GLY A 652 -54.87 19.22 -56.40
CA GLY A 652 -55.35 20.56 -56.68
C GLY A 652 -54.35 21.38 -57.45
N LEU A 653 -53.09 21.36 -57.02
CA LEU A 653 -52.04 22.11 -57.70
C LEU A 653 -51.95 21.69 -59.16
N CYS A 654 -51.89 20.38 -59.38
CA CYS A 654 -51.80 19.83 -60.73
C CYS A 654 -52.97 20.27 -61.60
N GLN A 655 -54.17 20.27 -61.03
CA GLN A 655 -55.36 20.67 -61.78
C GLN A 655 -55.51 22.19 -61.87
N CYS A 656 -55.82 22.82 -60.74
CA CYS A 656 -55.99 24.27 -60.71
C CYS A 656 -54.83 24.96 -61.44
N GLY A 657 -53.65 24.39 -61.30
CA GLY A 657 -52.47 24.95 -61.93
C GLY A 657 -51.84 25.95 -60.99
N ALA A 658 -52.02 25.72 -59.70
CA ALA A 658 -51.47 26.60 -58.66
C ALA A 658 -49.99 26.34 -58.43
N TRP A 659 -49.41 27.12 -57.52
CA TRP A 659 -48.00 27.00 -57.17
C TRP A 659 -47.82 26.47 -55.76
N GLY A 660 -47.00 25.43 -55.63
CA GLY A 660 -46.76 24.84 -54.32
C GLY A 660 -45.39 25.21 -53.79
N CYS A 661 -45.36 26.07 -52.77
CA CYS A 661 -44.11 26.51 -52.18
C CYS A 661 -43.90 25.93 -50.79
N PHE A 662 -42.86 25.11 -50.64
CA PHE A 662 -42.55 24.49 -49.36
C PHE A 662 -41.53 25.33 -48.61
N ASP A 663 -41.98 26.04 -47.57
CA ASP A 663 -41.12 26.88 -46.78
C ASP A 663 -40.27 26.02 -45.84
N GLU A 664 -38.96 26.10 -45.99
CA GLU A 664 -38.04 25.33 -45.15
C GLU A 664 -38.28 23.83 -45.39
N PHE A 665 -38.45 23.47 -46.66
CA PHE A 665 -38.71 22.10 -47.06
C PHE A 665 -37.72 21.06 -46.53
N ASN A 666 -36.55 21.51 -46.08
CA ASN A 666 -35.55 20.60 -45.56
C ASN A 666 -35.82 20.26 -44.09
N ARG A 667 -36.76 20.97 -43.49
CA ARG A 667 -37.11 20.76 -42.10
C ARG A 667 -38.01 19.56 -41.82
N LEU A 668 -38.52 18.93 -42.88
CA LEU A 668 -39.39 17.76 -42.70
C LEU A 668 -38.61 16.57 -42.15
N GLU A 669 -39.24 15.83 -41.26
CA GLU A 669 -38.62 14.65 -40.67
C GLU A 669 -38.18 13.73 -41.81
N GLU A 670 -37.03 13.07 -41.65
CA GLU A 670 -36.53 12.19 -42.69
C GLU A 670 -37.61 11.27 -43.24
N ARG A 671 -38.46 10.76 -42.36
CA ARG A 671 -39.55 9.87 -42.77
C ARG A 671 -40.50 10.61 -43.71
N ILE A 672 -41.09 11.69 -43.22
CA ILE A 672 -42.02 12.49 -44.02
C ILE A 672 -41.31 13.13 -45.20
N LEU A 673 -40.12 13.68 -44.94
CA LEU A 673 -39.34 14.32 -45.98
C LEU A 673 -39.12 13.39 -47.16
N SER A 674 -38.97 12.10 -46.86
CA SER A 674 -38.76 11.09 -47.90
C SER A 674 -40.09 10.81 -48.59
N ALA A 675 -41.18 10.95 -47.85
CA ALA A 675 -42.52 10.72 -48.38
C ALA A 675 -42.85 11.72 -49.48
N VAL A 676 -42.85 13.01 -49.12
CA VAL A 676 -43.15 14.06 -50.07
C VAL A 676 -42.18 14.06 -51.24
N SER A 677 -40.89 14.03 -50.94
CA SER A 677 -39.85 14.02 -51.96
C SER A 677 -40.22 13.04 -53.08
N GLN A 678 -40.59 11.83 -52.69
CA GLN A 678 -40.97 10.80 -53.65
C GLN A 678 -42.11 11.27 -54.54
N GLN A 679 -43.06 11.99 -53.95
CA GLN A 679 -44.21 12.50 -54.70
C GLN A 679 -43.80 13.56 -55.70
N ILE A 680 -43.10 14.59 -55.23
CA ILE A 680 -42.65 15.67 -56.10
C ILE A 680 -41.85 15.08 -57.26
N GLN A 681 -41.13 14.00 -56.98
CA GLN A 681 -40.34 13.33 -57.99
C GLN A 681 -41.27 12.86 -59.10
N THR A 682 -42.41 12.31 -58.70
CA THR A 682 -43.41 11.80 -59.64
C THR A 682 -43.96 12.91 -60.53
N ILE A 683 -44.48 13.96 -59.91
CA ILE A 683 -45.07 15.08 -60.64
C ILE A 683 -44.07 15.80 -61.54
N GLN A 684 -42.96 16.24 -60.97
CA GLN A 684 -41.94 16.97 -61.72
C GLN A 684 -41.36 16.19 -62.90
N VAL A 685 -41.06 14.91 -62.69
CA VAL A 685 -40.50 14.08 -63.75
C VAL A 685 -41.45 14.00 -64.94
N ALA A 686 -42.69 13.58 -64.68
CA ALA A 686 -43.69 13.45 -65.73
C ALA A 686 -44.05 14.79 -66.34
N LEU A 687 -43.84 15.87 -65.58
CA LEU A 687 -44.16 17.20 -66.05
C LEU A 687 -43.14 17.73 -67.06
N LYS A 688 -41.94 17.16 -67.04
CA LYS A 688 -40.89 17.58 -67.96
C LYS A 688 -41.08 16.95 -69.34
N GLU A 689 -41.99 15.99 -69.42
CA GLU A 689 -42.27 15.29 -70.68
C GLU A 689 -43.55 15.81 -71.32
N ASN A 690 -44.10 16.87 -70.73
CA ASN A 690 -45.34 17.47 -71.24
C ASN A 690 -46.58 16.70 -70.78
N SER A 691 -46.38 15.47 -70.34
CA SER A 691 -47.49 14.63 -69.88
C SER A 691 -48.67 15.49 -69.46
N LYS A 692 -49.79 15.30 -70.16
CA LYS A 692 -51.01 16.06 -69.87
C LYS A 692 -51.59 15.66 -68.51
N GLU A 693 -51.33 14.41 -68.10
CA GLU A 693 -51.83 13.91 -66.83
C GLU A 693 -50.75 13.10 -66.09
N VAL A 694 -50.61 13.37 -64.80
CA VAL A 694 -49.64 12.65 -63.98
C VAL A 694 -50.30 11.39 -63.43
N GLU A 695 -49.51 10.52 -62.82
CA GLU A 695 -50.06 9.28 -62.25
C GLU A 695 -49.85 9.26 -60.74
N LEU A 696 -49.74 10.45 -60.15
CA LEU A 696 -49.54 10.59 -58.71
C LEU A 696 -50.54 9.76 -57.92
N LEU A 697 -50.18 9.42 -56.68
CA LEU A 697 -51.03 8.63 -55.80
C LEU A 697 -51.71 7.49 -56.53
N ASN A 701 -54.45 8.38 -61.89
CA ASN A 701 -54.04 9.37 -62.89
C ASN A 701 -54.83 10.66 -62.72
N ILE A 702 -54.11 11.76 -62.54
CA ILE A 702 -54.74 13.07 -62.37
C ILE A 702 -54.32 14.00 -63.50
N SER A 703 -55.07 15.10 -63.67
CA SER A 703 -54.76 16.07 -64.71
C SER A 703 -53.59 16.94 -64.27
N LEU A 704 -52.66 17.19 -65.20
CA LEU A 704 -51.49 18.00 -64.90
C LEU A 704 -51.51 19.29 -65.73
N HIS A 705 -51.70 20.42 -65.06
CA HIS A 705 -51.75 21.72 -65.73
C HIS A 705 -50.34 22.28 -65.93
N GLN A 706 -50.12 22.91 -67.06
CA GLN A 706 -48.82 23.50 -67.39
C GLN A 706 -48.39 24.61 -66.45
N ASP A 707 -49.33 25.49 -66.10
CA ASP A 707 -49.03 26.60 -65.21
C ASP A 707 -48.70 26.20 -63.78
N MET A 708 -48.95 24.95 -63.43
CA MET A 708 -48.66 24.49 -62.07
C MET A 708 -47.15 24.52 -61.84
N GLY A 709 -46.76 24.79 -60.59
CA GLY A 709 -45.34 24.83 -60.28
C GLY A 709 -45.04 24.49 -58.83
N ILE A 710 -43.96 23.76 -58.62
CA ILE A 710 -43.55 23.36 -57.28
C ILE A 710 -42.24 24.05 -56.91
N PHE A 711 -42.22 24.66 -55.73
CA PHE A 711 -41.05 25.36 -55.25
C PHE A 711 -40.63 24.92 -53.85
N VAL A 712 -39.35 24.64 -53.70
CA VAL A 712 -38.80 24.19 -52.42
C VAL A 712 -37.66 25.08 -51.94
N THR A 713 -37.88 25.76 -50.82
CA THR A 713 -36.88 26.64 -50.24
C THR A 713 -36.14 25.88 -49.14
N MET A 714 -35.00 26.40 -48.71
CA MET A 714 -34.21 25.78 -47.67
C MET A 714 -32.89 26.52 -47.43
N ASN A 715 -32.10 26.00 -46.51
CA ASN A 715 -30.81 26.60 -46.19
C ASN A 715 -29.75 26.03 -47.14
N PRO A 716 -28.63 26.74 -47.30
CA PRO A 716 -27.59 26.24 -48.20
C PRO A 716 -27.08 24.89 -47.69
N GLY A 717 -26.74 24.00 -48.62
CA GLY A 717 -26.25 22.68 -48.23
C GLY A 717 -24.96 22.74 -47.44
N TYR A 718 -24.00 21.90 -47.81
CA TYR A 718 -22.73 21.85 -47.12
C TYR A 718 -21.56 21.92 -48.09
N ALA A 719 -20.87 23.06 -48.09
CA ALA A 719 -19.72 23.30 -48.95
C ALA A 719 -20.08 23.35 -50.44
N GLY A 720 -21.28 23.83 -50.74
CA GLY A 720 -21.69 23.92 -52.13
C GLY A 720 -22.75 22.92 -52.58
N ARG A 721 -22.82 21.78 -51.90
CA ARG A 721 -23.79 20.75 -52.25
C ARG A 721 -25.17 21.16 -51.77
N SER A 722 -26.19 20.85 -52.57
CA SER A 722 -27.57 21.21 -52.23
C SER A 722 -28.18 20.23 -51.23
N ASN A 723 -29.18 20.68 -50.49
CA ASN A 723 -29.86 19.85 -49.49
C ASN A 723 -30.98 19.02 -50.08
N LEU A 724 -31.48 19.41 -51.25
CA LEU A 724 -32.56 18.68 -51.90
C LEU A 724 -32.27 17.19 -51.87
N PRO A 725 -33.31 16.35 -51.69
CA PRO A 725 -33.08 14.92 -51.64
C PRO A 725 -32.30 14.47 -52.88
N ASP A 726 -31.46 13.44 -52.70
CA ASP A 726 -30.65 12.93 -53.80
C ASP A 726 -31.47 12.52 -55.01
N ASN A 727 -32.79 12.71 -54.93
CA ASN A 727 -33.69 12.36 -56.02
C ASN A 727 -34.48 13.57 -56.51
N LEU A 728 -33.89 14.76 -56.37
CA LEU A 728 -34.55 15.99 -56.79
C LEU A 728 -33.57 17.08 -57.22
N LYS A 729 -32.28 16.85 -57.00
CA LYS A 729 -31.25 17.82 -57.37
C LYS A 729 -31.04 17.84 -58.88
N LYS A 730 -31.97 17.24 -59.61
CA LYS A 730 -31.88 17.20 -61.06
C LYS A 730 -33.23 17.50 -61.69
N LEU A 731 -34.24 17.70 -60.83
CA LEU A 731 -35.59 18.03 -61.27
C LEU A 731 -35.85 19.48 -60.92
N PHE A 732 -35.06 20.01 -60.00
CA PHE A 732 -35.17 21.40 -59.56
C PHE A 732 -33.98 22.21 -60.04
N ARG A 733 -34.08 23.54 -59.90
CA ARG A 733 -33.02 24.45 -60.30
C ARG A 733 -32.65 25.32 -59.11
N SER A 734 -31.48 25.06 -58.53
CA SER A 734 -31.00 25.79 -57.37
C SER A 734 -30.66 27.25 -57.65
N MET A 735 -31.09 28.13 -56.74
CA MET A 735 -30.84 29.56 -56.84
C MET A 735 -30.31 30.07 -55.50
N ALA A 736 -29.08 30.59 -55.51
CA ALA A 736 -28.46 31.09 -54.30
C ALA A 736 -28.99 32.47 -53.87
N MET A 737 -29.45 32.54 -52.63
CA MET A 737 -29.96 33.79 -52.06
C MET A 737 -29.30 34.02 -50.71
N ILE A 738 -27.98 34.08 -50.71
CA ILE A 738 -27.20 34.29 -49.50
C ILE A 738 -27.54 35.61 -48.84
N LYS A 739 -26.91 36.69 -49.30
CA LYS A 739 -27.16 38.02 -48.76
C LYS A 739 -28.08 38.81 -49.69
N PRO A 740 -29.11 39.44 -49.13
CA PRO A 740 -30.07 40.23 -49.90
C PRO A 740 -29.52 41.62 -50.25
N ASP A 741 -30.42 42.51 -50.65
CA ASP A 741 -30.05 43.88 -51.00
C ASP A 741 -30.79 44.86 -50.12
N ARG A 742 -30.31 45.03 -48.89
CA ARG A 742 -30.93 45.94 -47.94
C ARG A 742 -30.99 47.37 -48.47
N GLU A 743 -29.85 47.87 -48.94
CA GLU A 743 -29.77 49.22 -49.49
C GLU A 743 -30.97 49.53 -50.38
N MET A 744 -31.16 48.69 -51.39
CA MET A 744 -32.28 48.86 -52.33
C MET A 744 -33.61 48.80 -51.58
N ILE A 745 -33.83 47.70 -50.88
CA ILE A 745 -35.06 47.49 -50.11
C ILE A 745 -35.39 48.71 -49.26
N ALA A 746 -34.38 49.28 -48.61
CA ALA A 746 -34.56 50.44 -47.75
C ALA A 746 -34.87 51.70 -48.56
N GLN A 747 -34.08 51.95 -49.60
CA GLN A 747 -34.27 53.13 -50.43
C GLN A 747 -35.71 53.26 -50.91
N VAL A 748 -36.22 52.20 -51.54
CA VAL A 748 -37.58 52.19 -52.05
C VAL A 748 -38.59 52.16 -50.90
N MET A 749 -38.22 51.47 -49.82
CA MET A 749 -39.08 51.35 -48.65
C MET A 749 -39.49 52.73 -48.16
N LEU A 750 -38.51 53.63 -48.11
CA LEU A 750 -38.75 55.00 -47.65
C LEU A 750 -39.57 55.82 -48.66
N TYR A 751 -39.33 55.58 -49.95
CA TYR A 751 -40.05 56.28 -51.00
C TYR A 751 -41.56 56.15 -50.85
N SER A 752 -42.01 54.95 -50.49
CA SER A 752 -43.42 54.68 -50.32
C SER A 752 -44.00 55.41 -49.12
N GLN A 753 -43.13 55.96 -48.28
CA GLN A 753 -43.57 56.68 -47.09
C GLN A 753 -43.71 58.17 -47.35
N GLY A 754 -42.92 58.67 -48.30
CA GLY A 754 -42.97 60.09 -48.63
C GLY A 754 -41.63 60.79 -48.45
N PHE A 755 -40.61 60.02 -48.09
CA PHE A 755 -39.28 60.56 -47.89
C PHE A 755 -38.60 60.87 -49.23
N LYS A 756 -38.29 62.14 -49.45
CA LYS A 756 -37.65 62.57 -50.70
C LYS A 756 -36.15 62.32 -50.65
N THR A 757 -35.63 62.10 -49.45
CA THR A 757 -34.19 61.84 -49.27
C THR A 757 -33.88 60.36 -49.37
N ALA A 758 -34.83 59.53 -48.95
CA ALA A 758 -34.66 58.08 -48.99
C ALA A 758 -33.28 57.71 -49.52
N GLU A 759 -33.14 57.62 -50.83
CA GLU A 759 -31.87 57.27 -51.45
C GLU A 759 -30.70 57.56 -50.52
N VAL A 760 -30.44 58.83 -50.28
CA VAL A 760 -29.35 59.25 -49.41
C VAL A 760 -29.49 58.59 -48.03
N LEU A 761 -30.68 58.68 -47.46
CA LEU A 761 -30.95 58.09 -46.15
C LEU A 761 -30.52 56.65 -46.03
N ALA A 762 -31.17 55.78 -46.80
CA ALA A 762 -30.88 54.35 -46.79
C ALA A 762 -29.40 54.03 -46.63
N GLY A 763 -28.55 54.75 -47.35
CA GLY A 763 -27.13 54.52 -47.26
C GLY A 763 -26.53 54.76 -45.88
N LYS A 764 -27.40 55.07 -44.91
CA LYS A 764 -26.94 55.33 -43.56
C LYS A 764 -27.69 54.45 -42.55
N ILE A 765 -29.00 54.30 -42.75
CA ILE A 765 -29.82 53.49 -41.87
C ILE A 765 -29.30 52.05 -41.85
N VAL A 766 -28.98 51.52 -43.03
CA VAL A 766 -28.46 50.17 -43.14
C VAL A 766 -27.12 50.02 -42.42
N PRO A 767 -26.16 50.91 -42.72
CA PRO A 767 -24.85 50.85 -42.06
C PRO A 767 -24.96 50.82 -40.54
N LEU A 768 -25.86 51.63 -40.01
CA LEU A 768 -26.07 51.71 -38.56
C LEU A 768 -26.43 50.33 -38.02
N PHE A 769 -27.35 49.66 -38.69
CA PHE A 769 -27.79 48.32 -38.29
C PHE A 769 -26.64 47.32 -38.29
N LYS A 770 -25.90 47.28 -39.38
CA LYS A 770 -24.77 46.36 -39.52
C LYS A 770 -23.83 46.53 -38.33
N LEU A 771 -23.71 47.76 -37.83
CA LEU A 771 -22.84 48.04 -36.71
C LEU A 771 -23.46 47.64 -35.36
N CYS A 772 -24.66 48.14 -35.11
CA CYS A 772 -25.37 47.83 -33.86
C CYS A 772 -25.37 46.34 -33.53
N GLN A 773 -25.20 45.51 -34.55
CA GLN A 773 -25.19 44.06 -34.36
C GLN A 773 -23.83 43.53 -33.93
N GLU A 774 -22.76 44.27 -34.26
CA GLU A 774 -21.42 43.85 -33.90
C GLU A 774 -20.68 44.87 -33.03
N GLN A 775 -21.36 45.96 -32.67
CA GLN A 775 -20.75 46.98 -31.84
C GLN A 775 -21.58 47.38 -30.63
N LEU A 776 -22.57 46.57 -30.30
CA LEU A 776 -23.43 46.82 -29.15
C LEU A 776 -23.58 45.51 -28.39
N SER A 777 -23.23 45.54 -27.10
CA SER A 777 -23.32 44.36 -26.24
C SER A 777 -24.26 43.31 -26.80
N ALA A 778 -23.71 42.16 -27.16
CA ALA A 778 -24.49 41.07 -27.73
C ALA A 778 -25.48 40.47 -26.75
N GLN A 779 -26.69 41.01 -26.73
CA GLN A 779 -27.74 40.52 -25.85
C GLN A 779 -28.59 39.47 -26.57
N SER A 780 -29.39 38.75 -25.81
CA SER A 780 -30.25 37.71 -26.38
C SER A 780 -31.51 38.30 -26.99
N HIS A 781 -31.93 39.46 -26.51
CA HIS A 781 -33.12 40.12 -27.03
C HIS A 781 -32.79 41.16 -28.09
N TYR A 782 -31.56 41.09 -28.60
CA TYR A 782 -31.11 42.02 -29.64
C TYR A 782 -31.28 41.44 -31.03
N ASP A 783 -31.83 42.23 -31.94
CA ASP A 783 -32.06 41.79 -33.30
C ASP A 783 -31.96 42.95 -34.29
N PHE A 784 -31.14 42.76 -35.32
CA PHE A 784 -30.94 43.78 -36.34
C PHE A 784 -31.07 43.18 -37.74
N GLY A 785 -31.91 42.15 -37.86
CA GLY A 785 -32.10 41.50 -39.13
C GLY A 785 -32.82 42.41 -40.12
N LEU A 786 -33.20 41.86 -41.26
CA LEU A 786 -33.90 42.62 -42.29
C LEU A 786 -35.27 43.03 -41.76
N ARG A 787 -35.96 42.10 -41.13
CA ARG A 787 -37.28 42.34 -40.57
C ARG A 787 -37.27 43.62 -39.74
N ALA A 788 -36.20 43.81 -38.99
CA ALA A 788 -36.04 44.98 -38.13
C ALA A 788 -35.94 46.26 -38.95
N LEU A 789 -35.08 46.26 -39.95
CA LEU A 789 -34.88 47.43 -40.80
C LEU A 789 -36.18 47.84 -41.49
N LYS A 790 -36.92 46.85 -42.00
CA LYS A 790 -38.20 47.14 -42.66
C LYS A 790 -39.20 47.70 -41.65
N SER A 791 -39.31 47.04 -40.51
CA SER A 791 -40.23 47.45 -39.46
C SER A 791 -40.08 48.91 -39.08
N VAL A 792 -38.85 49.34 -38.85
CA VAL A 792 -38.58 50.72 -38.47
C VAL A 792 -38.89 51.72 -39.58
N LEU A 793 -38.40 51.46 -40.78
CA LEU A 793 -38.64 52.36 -41.91
C LEU A 793 -40.14 52.61 -42.08
N VAL A 794 -40.93 51.57 -41.88
CA VAL A 794 -42.38 51.66 -42.02
C VAL A 794 -42.97 52.67 -41.03
N SER A 795 -42.45 52.68 -39.81
CA SER A 795 -42.93 53.59 -38.77
C SER A 795 -42.60 55.03 -39.13
N ALA A 796 -41.40 55.25 -39.66
CA ALA A 796 -40.97 56.59 -40.05
C ALA A 796 -42.00 57.27 -40.94
N GLY A 797 -42.77 56.46 -41.66
CA GLY A 797 -43.80 57.00 -42.53
C GLY A 797 -44.89 57.70 -41.75
N GLY A 798 -45.50 56.98 -40.82
CA GLY A 798 -46.56 57.57 -40.01
C GLY A 798 -46.06 58.73 -39.19
N ILE A 799 -44.83 58.63 -38.72
CA ILE A 799 -44.22 59.69 -37.92
C ILE A 799 -44.09 60.96 -38.74
N LYS A 800 -43.64 60.81 -39.99
CA LYS A 800 -43.47 61.94 -40.88
C LYS A 800 -44.83 62.52 -41.27
N ARG A 801 -45.81 61.63 -41.43
CA ARG A 801 -47.16 62.05 -41.80
C ARG A 801 -47.79 62.90 -40.70
N LYS A 802 -47.06 63.07 -39.60
CA LYS A 802 -47.55 63.85 -38.46
C LYS A 802 -46.52 64.86 -37.96
N CYS A 803 -45.47 65.09 -38.75
CA CYS A 803 -44.44 66.03 -38.37
C CYS A 803 -44.24 67.10 -39.45
N GLN A 804 -44.96 68.21 -39.32
CA GLN A 804 -44.86 69.29 -40.29
C GLN A 804 -43.40 69.69 -40.54
N PRO A 805 -42.96 69.64 -41.81
CA PRO A 805 -41.60 69.99 -42.19
C PRO A 805 -41.31 71.49 -42.03
N PRO A 806 -40.02 71.87 -42.00
CA PRO A 806 -39.62 73.27 -41.84
C PRO A 806 -39.98 74.12 -43.07
N ASP A 813 -31.92 81.17 -56.01
CA ASP A 813 -30.71 81.56 -56.74
C ASP A 813 -29.55 80.61 -56.46
N ALA A 814 -28.38 81.18 -56.17
CA ALA A 814 -27.18 80.38 -55.91
C ALA A 814 -27.18 79.76 -54.50
N GLU A 815 -26.60 80.48 -53.54
CA GLU A 815 -26.50 80.00 -52.17
C GLU A 815 -27.85 79.90 -51.46
N SER A 816 -28.93 80.15 -52.20
CA SER A 816 -30.27 80.09 -51.62
C SER A 816 -30.71 78.64 -51.44
N LYS A 817 -30.52 77.83 -52.48
CA LYS A 817 -30.92 76.44 -52.44
C LYS A 817 -30.03 75.61 -51.53
N THR A 818 -28.73 75.55 -51.86
CA THR A 818 -27.77 74.79 -51.07
C THR A 818 -28.03 74.85 -49.56
N LYS A 819 -28.45 76.03 -49.09
CA LYS A 819 -28.72 76.21 -47.67
C LYS A 819 -30.13 75.74 -47.31
N ALA A 820 -31.12 76.20 -48.08
CA ALA A 820 -32.51 75.83 -47.85
C ALA A 820 -32.75 74.35 -48.11
N ASP A 821 -32.05 73.80 -49.09
CA ASP A 821 -32.18 72.39 -49.45
C ASP A 821 -31.69 71.48 -48.34
N GLN A 822 -30.54 71.82 -47.76
CA GLN A 822 -29.97 71.02 -46.69
C GLN A 822 -30.94 70.91 -45.51
N ILE A 823 -31.56 72.03 -45.16
CA ILE A 823 -32.51 72.05 -44.04
C ILE A 823 -33.54 70.93 -44.17
N TYR A 824 -34.14 70.79 -45.34
CA TYR A 824 -35.14 69.75 -45.56
C TYR A 824 -34.48 68.39 -45.41
N CYS A 825 -33.34 68.22 -46.08
CA CYS A 825 -32.60 66.95 -46.03
C CYS A 825 -32.44 66.50 -44.58
N GLN A 826 -32.44 67.47 -43.67
CA GLN A 826 -32.30 67.17 -42.25
C GLN A 826 -33.63 66.75 -41.64
N TYR A 827 -34.69 67.50 -41.96
CA TYR A 827 -36.02 67.18 -41.46
C TYR A 827 -36.33 65.70 -41.58
N GLU A 828 -35.93 65.10 -42.70
CA GLU A 828 -36.16 63.69 -42.94
C GLU A 828 -35.30 62.82 -42.02
N ILE A 829 -34.04 63.23 -41.85
CA ILE A 829 -33.12 62.49 -40.98
C ILE A 829 -33.65 62.48 -39.55
N GLY A 830 -34.29 63.58 -39.15
CA GLY A 830 -34.85 63.66 -37.82
C GLY A 830 -35.99 62.69 -37.64
N VAL A 831 -36.92 62.70 -38.59
CA VAL A 831 -38.08 61.81 -38.55
C VAL A 831 -37.62 60.37 -38.48
N LEU A 832 -36.52 60.07 -39.17
CA LEU A 832 -35.96 58.72 -39.19
C LEU A 832 -35.46 58.37 -37.79
N LEU A 833 -34.69 59.26 -37.18
CA LEU A 833 -34.17 59.03 -35.84
C LEU A 833 -35.30 58.88 -34.84
N ASN A 834 -36.33 59.71 -34.97
CA ASN A 834 -37.47 59.66 -34.08
C ASN A 834 -38.07 58.27 -34.08
N SER A 835 -37.91 57.55 -35.20
CA SER A 835 -38.44 56.20 -35.32
C SER A 835 -37.47 55.22 -34.66
N ILE A 836 -36.18 55.42 -34.89
CA ILE A 836 -35.16 54.55 -34.30
C ILE A 836 -35.34 54.68 -32.80
N ASN A 837 -35.32 55.92 -32.32
CA ASN A 837 -35.49 56.22 -30.91
C ASN A 837 -36.82 55.69 -30.38
N ASP A 838 -37.76 55.44 -31.29
CA ASP A 838 -39.06 54.95 -30.89
C ASP A 838 -39.10 53.42 -30.76
N THR A 839 -38.51 52.73 -31.72
CA THR A 839 -38.49 51.27 -31.69
C THR A 839 -37.12 50.65 -31.95
N MET A 840 -36.10 51.17 -31.27
CA MET A 840 -34.74 50.66 -31.41
C MET A 840 -33.95 50.85 -30.11
N ILE A 841 -34.25 51.93 -29.40
CA ILE A 841 -33.55 52.19 -28.14
C ILE A 841 -34.23 51.49 -26.96
N PRO A 842 -35.56 51.27 -27.02
CA PRO A 842 -36.21 50.60 -25.90
C PRO A 842 -35.62 49.21 -25.72
N LYS A 843 -35.14 48.65 -26.83
CA LYS A 843 -34.54 47.33 -26.86
C LYS A 843 -33.16 47.39 -26.22
N LEU A 844 -32.44 48.48 -26.49
CA LEU A 844 -31.10 48.68 -25.96
C LEU A 844 -31.05 48.44 -24.46
N VAL A 845 -29.84 48.17 -23.95
CA VAL A 845 -29.66 47.91 -22.53
C VAL A 845 -28.98 49.10 -21.85
N ALA A 846 -28.33 48.84 -20.73
CA ALA A 846 -27.65 49.89 -19.97
C ALA A 846 -26.38 50.33 -20.70
N ASP A 847 -25.35 49.49 -20.64
CA ASP A 847 -24.07 49.79 -21.26
C ASP A 847 -24.16 50.06 -22.76
N ASP A 848 -25.30 49.76 -23.37
CA ASP A 848 -25.47 49.97 -24.80
C ASP A 848 -26.12 51.31 -25.17
N ILE A 849 -26.91 51.85 -24.26
CA ILE A 849 -27.59 53.12 -24.53
C ILE A 849 -26.60 54.26 -24.83
N PRO A 850 -25.40 54.22 -24.24
CA PRO A 850 -24.44 55.30 -24.54
C PRO A 850 -23.73 55.08 -25.87
N LEU A 851 -23.39 53.82 -26.15
CA LEU A 851 -22.72 53.46 -27.39
C LEU A 851 -23.56 53.80 -28.61
N ILE A 852 -24.85 53.48 -28.55
CA ILE A 852 -25.76 53.74 -29.65
C ILE A 852 -25.81 55.23 -29.96
N GLN A 853 -25.68 56.06 -28.92
CA GLN A 853 -25.71 57.50 -29.08
C GLN A 853 -24.56 57.93 -29.99
N SER A 854 -23.36 57.48 -29.65
CA SER A 854 -22.17 57.81 -30.44
C SER A 854 -22.35 57.35 -31.87
N LEU A 855 -22.81 56.11 -32.04
CA LEU A 855 -23.02 55.53 -33.36
C LEU A 855 -24.01 56.35 -34.18
N LEU A 856 -25.06 56.84 -33.54
CA LEU A 856 -26.07 57.63 -34.22
C LEU A 856 -25.55 58.94 -34.80
N LEU A 857 -24.57 59.53 -34.14
CA LEU A 857 -24.00 60.79 -34.63
C LEU A 857 -23.16 60.56 -35.88
N ASP A 858 -22.33 59.51 -35.84
CA ASP A 858 -21.48 59.17 -36.98
C ASP A 858 -22.34 58.89 -38.20
N VAL A 859 -23.58 58.48 -37.98
CA VAL A 859 -24.50 58.17 -39.06
C VAL A 859 -25.42 59.36 -39.34
N PHE A 860 -25.99 59.92 -38.28
CA PHE A 860 -26.90 61.05 -38.41
C PHE A 860 -26.36 62.25 -37.62
N PRO A 861 -25.35 62.93 -38.16
CA PRO A 861 -24.70 64.09 -37.54
C PRO A 861 -25.64 65.26 -37.24
N GLY A 862 -26.38 65.69 -38.24
CA GLY A 862 -27.28 66.81 -38.09
C GLY A 862 -28.47 66.68 -37.16
N SER A 863 -28.39 65.75 -36.19
CA SER A 863 -29.48 65.57 -35.25
C SER A 863 -29.16 64.64 -34.08
N GLN A 864 -30.09 64.58 -33.14
CA GLN A 864 -29.97 63.74 -31.96
C GLN A 864 -31.38 63.40 -31.48
N LEU A 865 -31.51 62.28 -30.77
CA LEU A 865 -32.82 61.85 -30.27
C LEU A 865 -33.56 62.98 -29.55
N GLN A 866 -34.88 62.90 -29.56
CA GLN A 866 -35.74 63.91 -28.92
C GLN A 866 -36.59 63.27 -27.82
N PRO A 867 -37.21 64.11 -26.97
CA PRO A 867 -38.05 63.60 -25.87
C PRO A 867 -39.33 62.95 -26.39
N ILE A 868 -40.23 62.61 -25.47
CA ILE A 868 -41.49 61.97 -25.84
C ILE A 868 -42.66 62.93 -25.66
N GLN A 869 -43.02 63.63 -26.74
CA GLN A 869 -44.12 64.58 -26.70
C GLN A 869 -45.45 63.84 -26.58
N MET A 870 -45.81 63.47 -25.36
CA MET A 870 -47.04 62.75 -25.08
C MET A 870 -47.71 63.25 -23.81
N ASP A 871 -47.57 64.54 -23.52
CA ASP A 871 -48.16 65.12 -22.32
C ASP A 871 -49.51 64.51 -21.96
N GLN A 872 -50.31 64.22 -22.98
CA GLN A 872 -51.63 63.61 -22.77
C GLN A 872 -51.53 62.41 -21.84
N LEU A 873 -50.71 61.44 -22.21
CA LEU A 873 -50.52 60.25 -21.40
C LEU A 873 -49.75 60.53 -20.12
N ARG A 874 -48.58 61.14 -20.26
CA ARG A 874 -47.74 61.47 -19.10
C ARG A 874 -48.57 62.04 -17.96
N LYS A 875 -49.61 62.79 -18.31
CA LYS A 875 -50.48 63.41 -17.32
C LYS A 875 -51.30 62.36 -16.58
N LYS A 876 -51.88 61.43 -17.34
CA LYS A 876 -52.71 60.39 -16.74
C LYS A 876 -51.87 59.29 -16.11
N ILE A 877 -50.63 59.15 -16.57
CA ILE A 877 -49.73 58.14 -16.04
C ILE A 877 -49.23 58.56 -14.66
N GLN A 878 -48.93 59.85 -14.51
CA GLN A 878 -48.44 60.39 -13.25
C GLN A 878 -49.54 60.33 -12.19
N GLU A 879 -50.79 60.30 -12.64
CA GLU A 879 -51.93 60.25 -11.72
C GLU A 879 -52.07 58.87 -11.11
N ILE A 880 -52.05 57.84 -11.96
CA ILE A 880 -52.17 56.46 -11.51
C ILE A 880 -51.00 56.09 -10.60
N ALA A 881 -49.81 56.56 -10.96
CA ALA A 881 -48.61 56.27 -10.19
C ALA A 881 -48.81 56.60 -8.72
N LYS A 882 -49.04 57.88 -8.44
CA LYS A 882 -49.25 58.34 -7.07
C LYS A 882 -50.45 57.64 -6.44
N GLN A 883 -51.38 57.19 -7.28
CA GLN A 883 -52.58 56.51 -6.79
C GLN A 883 -52.24 55.11 -6.26
N ARG A 884 -51.32 54.43 -6.95
CA ARG A 884 -50.90 53.09 -6.55
C ARG A 884 -49.70 53.17 -5.61
N HIS A 885 -49.53 54.33 -4.97
CA HIS A 885 -48.44 54.56 -4.03
C HIS A 885 -47.10 54.26 -4.70
N LEU A 886 -47.06 54.43 -6.02
CA LEU A 886 -45.85 54.15 -6.79
C LEU A 886 -44.97 55.40 -6.91
N VAL A 887 -43.66 55.19 -6.86
CA VAL A 887 -42.71 56.30 -6.98
C VAL A 887 -42.65 56.71 -8.45
N THR A 888 -43.25 57.86 -8.75
CA THR A 888 -43.28 58.38 -10.12
C THR A 888 -41.90 58.81 -10.62
N LYS A 889 -40.90 57.96 -10.43
CA LYS A 889 -39.54 58.25 -10.87
C LYS A 889 -39.53 58.62 -12.35
N GLN A 890 -38.54 59.39 -12.75
CA GLN A 890 -38.41 59.81 -14.15
C GLN A 890 -38.21 58.62 -15.08
N GLU A 891 -37.05 57.98 -14.98
CA GLU A 891 -36.72 56.83 -15.82
C GLU A 891 -37.86 55.83 -15.92
N TRP A 892 -38.61 55.68 -14.83
CA TRP A 892 -39.74 54.75 -14.81
C TRP A 892 -40.80 55.13 -15.82
N VAL A 893 -41.40 56.29 -15.63
CA VAL A 893 -42.44 56.79 -16.52
C VAL A 893 -42.04 56.66 -17.99
N GLU A 894 -40.75 56.78 -18.26
CA GLU A 894 -40.23 56.70 -19.61
C GLU A 894 -40.62 55.38 -20.28
N LYS A 895 -40.41 54.27 -19.57
CA LYS A 895 -40.73 52.95 -20.11
C LYS A 895 -42.20 52.75 -20.46
N ILE A 896 -43.09 53.16 -19.56
CA ILE A 896 -44.51 53.01 -19.81
C ILE A 896 -44.85 53.63 -21.17
N LEU A 897 -44.18 54.72 -21.49
CA LEU A 897 -44.38 55.40 -22.77
C LEU A 897 -43.74 54.60 -23.88
N GLN A 898 -42.58 54.02 -23.59
CA GLN A 898 -41.85 53.20 -24.56
C GLN A 898 -42.77 52.13 -25.13
N LEU A 899 -43.77 51.73 -24.35
CA LEU A 899 -44.73 50.72 -24.79
C LEU A 899 -45.77 51.29 -25.74
N HIS A 900 -46.43 52.36 -25.31
CA HIS A 900 -47.45 53.01 -26.13
C HIS A 900 -46.97 53.22 -27.56
N GLN A 901 -45.72 53.64 -27.69
CA GLN A 901 -45.14 53.90 -29.00
C GLN A 901 -44.86 52.61 -29.77
N ILE A 902 -44.01 51.76 -29.22
CA ILE A 902 -43.66 50.49 -29.87
C ILE A 902 -44.88 49.62 -30.18
N LEU A 903 -45.93 49.73 -29.37
CA LEU A 903 -47.13 48.93 -29.60
C LEU A 903 -47.87 49.38 -30.85
N ASN A 904 -47.86 50.68 -31.12
CA ASN A 904 -48.53 51.22 -32.29
C ASN A 904 -47.67 51.08 -33.54
N ILE A 905 -46.70 50.17 -33.48
CA ILE A 905 -45.80 49.91 -34.59
C ILE A 905 -45.74 48.41 -34.82
N ASN A 906 -45.27 47.68 -33.81
CA ASN A 906 -45.18 46.23 -33.89
C ASN A 906 -46.27 45.64 -33.00
N HIS A 907 -47.39 45.29 -33.62
CA HIS A 907 -48.53 44.72 -32.91
C HIS A 907 -48.12 43.57 -31.99
N GLY A 908 -46.88 43.12 -32.12
CA GLY A 908 -46.38 42.04 -31.29
C GLY A 908 -45.16 42.49 -30.51
N VAL A 909 -45.38 43.06 -29.32
CA VAL A 909 -44.29 43.55 -28.49
C VAL A 909 -44.08 42.65 -27.29
N MET A 910 -42.82 42.39 -26.95
CA MET A 910 -42.49 41.55 -25.81
C MET A 910 -41.55 42.29 -24.86
N MET A 911 -41.93 42.34 -23.59
CA MET A 911 -41.15 43.05 -22.58
C MET A 911 -40.22 42.12 -21.79
N VAL A 912 -38.95 42.10 -22.19
CA VAL A 912 -37.95 41.28 -21.53
C VAL A 912 -37.33 42.04 -20.36
N GLY A 913 -37.05 41.33 -19.28
CA GLY A 913 -36.45 41.95 -18.11
C GLY A 913 -36.39 41.00 -16.94
N PRO A 914 -35.45 41.21 -16.00
CA PRO A 914 -35.33 40.35 -14.82
C PRO A 914 -36.55 40.43 -13.91
N SER A 915 -36.75 39.39 -13.10
CA SER A 915 -37.88 39.34 -12.18
C SER A 915 -37.87 40.54 -11.24
N GLY A 916 -39.03 41.15 -11.05
CA GLY A 916 -39.14 42.30 -10.16
C GLY A 916 -38.43 43.52 -10.71
N GLY A 917 -38.81 43.94 -11.91
CA GLY A 917 -38.20 45.11 -12.52
C GLY A 917 -39.21 46.19 -12.86
N GLY A 918 -40.49 45.85 -12.78
CA GLY A 918 -41.53 46.81 -13.08
C GLY A 918 -42.35 46.41 -14.30
N LYS A 919 -42.01 45.25 -14.87
CA LYS A 919 -42.70 44.75 -16.06
C LYS A 919 -44.21 44.67 -15.85
N THR A 920 -44.64 43.62 -15.14
CA THR A 920 -46.05 43.39 -14.87
C THR A 920 -46.79 44.65 -14.43
N THR A 921 -46.07 45.60 -13.84
CA THR A 921 -46.68 46.83 -13.37
C THR A 921 -46.79 47.87 -14.48
N SER A 922 -45.76 47.96 -15.31
CA SER A 922 -45.74 48.93 -16.41
C SER A 922 -46.96 48.82 -17.31
N TRP A 923 -47.10 47.70 -18.01
CA TRP A 923 -48.24 47.52 -18.91
C TRP A 923 -49.57 47.55 -18.16
N GLU A 924 -49.53 47.41 -16.84
CA GLU A 924 -50.74 47.44 -16.04
C GLU A 924 -51.22 48.88 -15.83
N VAL A 925 -50.28 49.81 -15.78
CA VAL A 925 -50.61 51.22 -15.61
C VAL A 925 -50.93 51.81 -16.97
N TYR A 926 -50.17 51.38 -17.97
CA TYR A 926 -50.36 51.85 -19.34
C TYR A 926 -51.77 51.55 -19.82
N LEU A 927 -52.14 50.27 -19.81
CA LEU A 927 -53.48 49.87 -20.25
C LEU A 927 -54.57 50.56 -19.44
N GLU A 928 -54.37 50.65 -18.13
CA GLU A 928 -55.35 51.28 -17.25
C GLU A 928 -55.47 52.78 -17.50
N ALA A 929 -54.39 53.40 -17.98
CA ALA A 929 -54.38 54.83 -18.25
C ALA A 929 -54.91 55.19 -19.62
N ILE A 930 -54.76 54.29 -20.59
CA ILE A 930 -55.22 54.53 -21.95
C ILE A 930 -56.74 54.58 -22.04
N GLU A 931 -57.41 53.92 -21.11
CA GLU A 931 -58.88 53.89 -21.09
C GLU A 931 -59.47 55.25 -20.73
N GLN A 932 -58.63 56.27 -20.68
CA GLN A 932 -59.08 57.61 -20.35
C GLN A 932 -58.71 58.60 -21.46
N VAL A 933 -57.54 58.39 -22.07
CA VAL A 933 -57.08 59.24 -23.15
C VAL A 933 -57.80 58.80 -24.43
N ASP A 934 -58.50 57.68 -24.33
CA ASP A 934 -59.25 57.12 -25.46
C ASP A 934 -60.62 56.69 -24.97
N ASN A 935 -60.79 56.63 -23.66
CA ASN A 935 -62.04 56.23 -23.03
C ASN A 935 -62.40 54.78 -23.34
N ILE A 936 -61.75 54.23 -24.36
CA ILE A 936 -61.98 52.85 -24.76
C ILE A 936 -61.34 51.89 -23.77
N LYS A 937 -62.01 50.77 -23.52
CA LYS A 937 -61.51 49.76 -22.58
C LYS A 937 -60.35 48.97 -23.18
N SER A 938 -59.26 48.87 -22.43
CA SER A 938 -58.09 48.15 -22.87
C SER A 938 -57.97 46.81 -22.14
N GLU A 939 -58.82 45.86 -22.51
CA GLU A 939 -58.81 44.54 -21.88
C GLU A 939 -57.61 43.71 -22.30
N ALA A 940 -57.04 42.98 -21.34
CA ALA A 940 -55.87 42.15 -21.58
C ALA A 940 -56.15 40.71 -21.17
N HIS A 941 -55.33 39.79 -21.67
CA HIS A 941 -55.47 38.36 -21.34
C HIS A 941 -54.11 37.74 -21.08
N VAL A 942 -53.79 37.54 -19.81
CA VAL A 942 -52.51 36.95 -19.42
C VAL A 942 -52.65 35.43 -19.31
N MET A 943 -51.55 34.72 -19.58
CA MET A 943 -51.55 33.27 -19.52
C MET A 943 -50.15 32.71 -19.68
N ASP A 944 -49.78 31.78 -18.80
CA ASP A 944 -48.45 31.17 -18.84
C ASP A 944 -48.41 30.14 -19.96
N PRO A 945 -47.66 30.42 -21.03
CA PRO A 945 -47.53 29.52 -22.18
C PRO A 945 -46.78 28.23 -21.88
N LYS A 946 -46.37 28.06 -20.62
CA LYS A 946 -45.64 26.87 -20.21
C LYS A 946 -46.43 26.08 -19.17
N ALA A 947 -47.47 26.71 -18.61
CA ALA A 947 -48.31 26.07 -17.61
C ALA A 947 -49.14 24.96 -18.22
N ILE A 948 -49.30 25.01 -19.54
CA ILE A 948 -50.07 24.00 -20.27
C ILE A 948 -49.26 23.48 -21.45
N THR A 949 -49.60 22.28 -21.91
CA THR A 949 -48.90 21.69 -23.03
C THR A 949 -49.17 22.48 -24.31
N LYS A 950 -48.13 22.64 -25.12
CA LYS A 950 -48.22 23.38 -26.38
C LYS A 950 -49.52 23.12 -27.16
N ASP A 951 -49.92 21.86 -27.21
CA ASP A 951 -51.13 21.47 -27.93
C ASP A 951 -52.40 22.07 -27.32
N GLN A 952 -52.27 22.62 -26.11
CA GLN A 952 -53.41 23.22 -25.43
C GLN A 952 -53.32 24.74 -25.56
N LEU A 953 -52.19 25.22 -26.03
CA LEU A 953 -51.96 26.64 -26.20
C LEU A 953 -52.30 27.08 -27.63
N PHE A 954 -52.50 26.10 -28.51
CA PHE A 954 -52.82 26.36 -29.90
C PHE A 954 -53.80 25.34 -30.47
N GLY A 955 -53.82 24.15 -29.87
CA GLY A 955 -54.71 23.11 -30.34
C GLY A 955 -54.00 22.03 -31.14
N SER A 956 -54.71 20.95 -31.44
CA SER A 956 -54.14 19.85 -32.20
C SER A 956 -55.22 19.06 -32.94
N LEU A 957 -54.79 18.13 -33.78
CA LEU A 957 -55.72 17.30 -34.55
C LEU A 957 -55.73 15.86 -34.08
N ASP A 958 -56.94 15.32 -33.87
CA ASP A 958 -57.10 13.95 -33.43
C ASP A 958 -56.94 13.04 -34.65
N LEU A 959 -55.83 12.33 -34.73
CA LEU A 959 -55.56 11.44 -35.86
C LEU A 959 -56.42 10.18 -35.80
N THR A 960 -57.72 10.37 -35.58
CA THR A 960 -58.66 9.27 -35.51
C THR A 960 -60.03 9.71 -36.03
N THR A 961 -60.23 11.02 -36.09
CA THR A 961 -61.49 11.58 -36.55
C THR A 961 -61.36 13.05 -36.96
N ARG A 962 -60.13 13.51 -37.16
CA ARG A 962 -59.87 14.89 -37.55
C ARG A 962 -60.47 15.85 -36.53
N GLU A 963 -60.83 15.32 -35.36
CA GLU A 963 -61.42 16.12 -34.30
C GLU A 963 -60.41 17.13 -33.76
N TRP A 964 -60.72 18.41 -33.94
CA TRP A 964 -59.85 19.48 -33.48
C TRP A 964 -60.19 19.96 -32.08
N THR A 965 -59.22 19.83 -31.18
CA THR A 965 -59.40 20.27 -29.80
C THR A 965 -58.80 21.67 -29.64
N ASP A 966 -59.67 22.67 -29.59
CA ASP A 966 -59.26 24.07 -29.44
C ASP A 966 -58.12 24.29 -28.45
N GLY A 967 -57.42 25.41 -28.63
CA GLY A 967 -56.32 25.75 -27.76
C GLY A 967 -56.67 26.99 -26.96
N LEU A 968 -55.80 27.35 -26.02
CA LEU A 968 -56.04 28.53 -25.18
C LEU A 968 -55.97 29.82 -25.99
N PHE A 969 -54.88 30.01 -26.71
CA PHE A 969 -54.70 31.21 -27.52
C PHE A 969 -55.70 31.23 -28.69
N THR A 970 -55.86 30.09 -29.34
CA THR A 970 -56.77 29.98 -30.47
C THR A 970 -58.16 30.49 -30.11
N ALA A 971 -58.66 30.07 -28.96
CA ALA A 971 -59.99 30.47 -28.49
C ALA A 971 -60.00 31.93 -28.04
N THR A 972 -59.04 32.29 -27.19
CA THR A 972 -58.94 33.64 -26.66
C THR A 972 -58.87 34.68 -27.78
N LEU A 973 -58.49 34.23 -28.98
CA LEU A 973 -58.37 35.11 -30.13
C LEU A 973 -59.70 35.12 -30.89
N ARG A 974 -60.49 34.08 -30.67
CA ARG A 974 -61.78 33.93 -31.33
C ARG A 974 -62.85 34.80 -30.66
N ARG A 975 -62.94 34.70 -29.34
CA ARG A 975 -63.92 35.47 -28.57
C ARG A 975 -63.85 36.95 -28.91
N ILE A 976 -62.74 37.37 -29.48
CA ILE A 976 -62.54 38.76 -29.85
C ILE A 976 -63.08 39.05 -31.26
N ILE A 977 -62.86 38.11 -32.17
CA ILE A 977 -63.33 38.26 -33.54
C ILE A 977 -64.85 38.06 -33.60
N ASP A 978 -65.38 37.38 -32.60
CA ASP A 978 -66.81 37.13 -32.51
C ASP A 978 -67.34 37.98 -31.35
N ASN A 979 -67.98 39.10 -31.67
CA ASN A 979 -68.51 39.98 -30.65
C ASN A 979 -69.60 39.32 -29.79
N VAL A 980 -69.25 38.22 -29.17
CA VAL A 980 -70.17 37.50 -28.30
C VAL A 980 -70.62 38.44 -27.19
N ARG A 981 -69.65 39.18 -26.64
CA ARG A 981 -69.92 40.13 -25.58
C ARG A 981 -69.58 41.53 -26.07
N GLY A 982 -69.21 41.64 -27.33
CA GLY A 982 -68.86 42.93 -27.91
C GLY A 982 -67.43 43.30 -27.59
N GLU A 983 -66.50 42.43 -27.97
CA GLU A 983 -65.09 42.66 -27.73
C GLU A 983 -64.47 43.69 -28.67
N SER A 984 -65.04 43.81 -29.87
CA SER A 984 -64.53 44.76 -30.85
C SER A 984 -64.68 46.20 -30.39
N THR A 985 -65.56 46.42 -29.41
CA THR A 985 -65.80 47.77 -28.90
C THR A 985 -64.66 48.28 -28.02
N LYS A 986 -63.51 47.62 -28.09
CA LYS A 986 -62.37 48.04 -27.28
C LYS A 986 -61.05 47.37 -27.68
N ARG A 987 -59.95 47.91 -27.17
CA ARG A 987 -58.62 47.37 -27.47
C ARG A 987 -58.32 46.14 -26.64
N HIS A 988 -57.57 45.21 -27.22
CA HIS A 988 -57.21 43.97 -26.53
C HIS A 988 -55.71 43.79 -26.36
N TRP A 989 -55.35 42.85 -25.49
CA TRP A 989 -53.95 42.54 -25.19
C TRP A 989 -53.83 41.08 -24.78
N ILE A 990 -52.92 40.35 -25.42
CA ILE A 990 -52.71 38.95 -25.09
C ILE A 990 -51.26 38.75 -24.68
N ILE A 991 -50.99 39.00 -23.40
CA ILE A 991 -49.64 38.86 -22.86
C ILE A 991 -49.34 37.43 -22.45
N PHE A 992 -48.23 36.90 -22.94
CA PHE A 992 -47.81 35.55 -22.62
C PHE A 992 -46.83 35.58 -21.44
N ASP A 993 -47.36 35.82 -20.24
CA ASP A 993 -46.54 35.87 -19.04
C ASP A 993 -45.98 34.49 -18.71
N GLY A 994 -44.94 34.09 -19.42
CA GLY A 994 -44.32 32.80 -19.18
C GLY A 994 -42.97 32.70 -19.86
N ASP A 995 -42.35 31.53 -19.77
CA ASP A 995 -41.04 31.33 -20.39
C ASP A 995 -41.15 31.35 -21.92
N VAL A 996 -40.07 31.74 -22.58
CA VAL A 996 -40.05 31.79 -24.04
C VAL A 996 -39.01 30.85 -24.63
N ASP A 997 -39.44 30.08 -25.62
CA ASP A 997 -38.58 29.14 -26.34
C ASP A 997 -38.99 29.14 -27.80
N PRO A 998 -38.17 28.56 -28.68
CA PRO A 998 -38.51 28.51 -30.10
C PRO A 998 -39.60 27.50 -30.40
N GLU A 999 -40.47 27.25 -29.42
CA GLU A 999 -41.54 26.28 -29.59
C GLU A 999 -42.90 26.93 -29.82
N TRP A 1000 -43.61 27.21 -28.73
CA TRP A 1000 -44.94 27.82 -28.83
C TRP A 1000 -44.92 29.20 -29.46
N VAL A 1001 -43.79 29.60 -30.02
CA VAL A 1001 -43.67 30.92 -30.64
C VAL A 1001 -43.71 30.83 -32.16
N GLU A 1002 -43.31 29.67 -32.69
CA GLU A 1002 -43.29 29.46 -34.14
C GLU A 1002 -44.70 29.41 -34.73
N ASN A 1003 -45.65 28.94 -33.93
CA ASN A 1003 -47.04 28.84 -34.39
C ASN A 1003 -47.69 30.22 -34.44
N LEU A 1004 -46.89 31.26 -34.25
CA LEU A 1004 -47.40 32.63 -34.26
C LEU A 1004 -46.73 33.50 -35.33
N ASN A 1005 -45.60 33.02 -35.86
CA ASN A 1005 -44.88 33.76 -36.89
C ASN A 1005 -45.84 34.39 -37.90
N SER A 1006 -46.76 33.57 -38.40
CA SER A 1006 -47.74 34.04 -39.38
C SER A 1006 -48.82 34.88 -38.71
N LEU A 1007 -48.39 35.80 -37.85
CA LEU A 1007 -49.31 36.68 -37.14
C LEU A 1007 -48.51 37.84 -36.55
N LEU A 1008 -47.29 37.55 -36.14
CA LEU A 1008 -46.41 38.56 -35.55
C LEU A 1008 -45.87 39.51 -36.62
N ASP A 1009 -45.93 39.07 -37.88
CA ASP A 1009 -45.46 39.89 -39.00
C ASP A 1009 -46.63 40.36 -39.85
N ASP A 1010 -46.35 40.62 -41.13
CA ASP A 1010 -47.40 41.08 -42.05
C ASP A 1010 -48.60 40.15 -42.08
N ASN A 1011 -48.31 38.85 -42.13
CA ASN A 1011 -49.35 37.81 -42.18
C ASN A 1011 -50.63 38.16 -41.41
N LYS A 1012 -50.58 38.04 -40.09
CA LYS A 1012 -51.74 38.31 -39.24
C LYS A 1012 -52.80 37.24 -39.44
N LEU A 1013 -52.49 36.03 -39.01
CA LEU A 1013 -53.40 34.89 -39.15
C LEU A 1013 -52.80 33.65 -38.47
N LEU A 1014 -53.25 33.37 -37.25
CA LEU A 1014 -52.76 32.20 -36.52
C LEU A 1014 -53.41 30.93 -37.05
N THR A 1015 -53.15 30.61 -38.31
CA THR A 1015 -53.71 29.43 -38.95
C THR A 1015 -53.52 28.18 -38.10
N LEU A 1016 -54.42 27.21 -38.29
CA LEU A 1016 -54.36 25.96 -37.56
C LEU A 1016 -54.32 24.78 -38.54
N PRO A 1017 -53.83 23.62 -38.09
CA PRO A 1017 -53.73 22.43 -38.94
C PRO A 1017 -55.03 22.11 -39.69
N ASN A 1018 -56.16 22.50 -39.11
CA ASN A 1018 -57.46 22.24 -39.74
C ASN A 1018 -57.81 23.36 -40.71
N GLY A 1019 -56.80 24.14 -41.10
CA GLY A 1019 -57.01 25.24 -42.03
C GLY A 1019 -58.06 26.22 -41.54
N GLU A 1020 -58.08 26.48 -40.23
CA GLU A 1020 -59.03 27.42 -39.66
C GLU A 1020 -58.71 28.83 -40.13
N ARG A 1021 -57.42 29.15 -40.19
CA ARG A 1021 -56.98 30.46 -40.63
C ARG A 1021 -57.67 31.55 -39.82
N LEU A 1022 -57.17 31.82 -38.62
CA LEU A 1022 -57.75 32.84 -37.76
C LEU A 1022 -57.09 34.19 -37.97
N ALA A 1023 -57.83 35.13 -38.56
CA ALA A 1023 -57.33 36.46 -38.84
C ALA A 1023 -57.11 37.26 -37.56
N LEU A 1024 -56.26 38.27 -37.63
CA LEU A 1024 -55.95 39.12 -36.49
C LEU A 1024 -56.43 40.56 -36.71
N PRO A 1025 -57.43 41.00 -35.94
CA PRO A 1025 -57.95 42.37 -36.09
C PRO A 1025 -56.85 43.40 -35.79
N ASN A 1026 -57.22 44.68 -35.81
CA ASN A 1026 -56.27 45.75 -35.54
C ASN A 1026 -56.41 46.25 -34.11
N ASN A 1027 -57.49 45.84 -33.45
CA ASN A 1027 -57.76 46.25 -32.08
C ASN A 1027 -57.20 45.24 -31.09
N VAL A 1028 -56.48 44.25 -31.62
CA VAL A 1028 -55.88 43.21 -30.79
C VAL A 1028 -54.36 43.25 -30.88
N ARG A 1029 -53.70 43.16 -29.72
CA ARG A 1029 -52.24 43.19 -29.65
C ARG A 1029 -51.72 42.04 -28.82
N VAL A 1030 -50.62 41.44 -29.26
CA VAL A 1030 -50.01 40.33 -28.55
C VAL A 1030 -48.69 40.77 -27.92
N MET A 1031 -48.41 40.27 -26.73
CA MET A 1031 -47.19 40.64 -26.03
C MET A 1031 -46.56 39.48 -25.26
N PHE A 1032 -45.39 39.74 -24.67
CA PHE A 1032 -44.68 38.73 -23.90
C PHE A 1032 -44.06 39.36 -22.65
N GLU A 1033 -44.08 38.64 -21.54
CA GLU A 1033 -43.50 39.12 -20.29
C GLU A 1033 -42.53 38.06 -19.78
N VAL A 1034 -41.45 37.85 -20.52
CA VAL A 1034 -40.46 36.86 -20.16
C VAL A 1034 -39.31 37.42 -19.33
N GLN A 1035 -38.70 36.54 -18.53
CA GLN A 1035 -37.59 36.92 -17.68
C GLN A 1035 -36.30 36.97 -18.49
N ASP A 1036 -36.22 36.13 -19.52
CA ASP A 1036 -35.05 36.08 -20.38
C ASP A 1036 -35.37 35.41 -21.72
N LEU A 1037 -34.38 35.40 -22.62
CA LEU A 1037 -34.55 34.80 -23.93
C LEU A 1037 -33.34 33.97 -24.32
N LYS A 1038 -32.59 33.51 -23.32
CA LYS A 1038 -31.39 32.71 -23.56
C LYS A 1038 -31.73 31.48 -24.41
N TYR A 1039 -32.99 31.06 -24.35
CA TYR A 1039 -33.46 29.90 -25.11
C TYR A 1039 -34.27 30.32 -26.32
N ALA A 1040 -34.08 31.57 -26.76
CA ALA A 1040 -34.81 32.09 -27.90
C ALA A 1040 -33.89 32.27 -29.11
N THR A 1041 -34.39 31.93 -30.29
CA THR A 1041 -33.62 32.06 -31.52
C THR A 1041 -33.99 33.36 -32.23
N LEU A 1042 -33.20 33.73 -33.23
CA LEU A 1042 -33.43 34.96 -33.98
C LEU A 1042 -34.76 34.89 -34.72
N ALA A 1043 -35.41 33.73 -34.67
CA ALA A 1043 -36.69 33.54 -35.34
C ALA A 1043 -37.85 33.83 -34.40
N THR A 1044 -37.63 33.66 -33.10
CA THR A 1044 -38.66 33.90 -32.10
C THR A 1044 -38.99 35.38 -32.00
N ILE A 1045 -38.00 36.18 -31.59
CA ILE A 1045 -38.18 37.61 -31.45
C ILE A 1045 -38.41 38.28 -32.79
N SER A 1046 -37.39 38.26 -33.65
CA SER A 1046 -37.48 38.86 -34.97
C SER A 1046 -38.69 39.79 -35.07
N ARG A 1047 -39.83 39.22 -35.43
CA ARG A 1047 -41.06 40.00 -35.57
C ARG A 1047 -41.69 40.27 -34.20
N CYS A 1048 -41.01 41.06 -33.39
CA CYS A 1048 -41.50 41.40 -32.06
C CYS A 1048 -40.88 42.70 -31.56
N GLY A 1049 -41.58 43.36 -30.63
CA GLY A 1049 -41.11 44.61 -30.07
C GLY A 1049 -40.34 44.37 -28.78
N MET A 1050 -39.05 44.66 -28.80
CA MET A 1050 -38.21 44.47 -27.62
C MET A 1050 -38.24 45.69 -26.72
N VAL A 1051 -38.51 45.46 -25.43
CA VAL A 1051 -38.56 46.54 -24.45
C VAL A 1051 -37.80 46.16 -23.18
N TRP A 1052 -36.53 46.50 -23.13
CA TRP A 1052 -35.68 46.19 -21.98
C TRP A 1052 -36.25 46.80 -20.71
N PHE A 1053 -36.31 46.01 -19.65
CA PHE A 1053 -36.82 46.46 -18.36
C PHE A 1053 -35.82 46.17 -17.25
N SER A 1054 -34.68 46.84 -17.30
CA SER A 1054 -33.65 46.66 -16.29
C SER A 1054 -34.23 46.78 -14.88
N GLU A 1055 -33.75 45.95 -13.98
CA GLU A 1055 -34.22 45.97 -12.60
C GLU A 1055 -33.75 47.22 -11.87
N GLU A 1056 -32.69 47.84 -12.39
CA GLU A 1056 -32.15 49.06 -11.80
C GLU A 1056 -33.18 50.17 -11.79
N ILE A 1057 -34.23 50.00 -12.59
CA ILE A 1057 -35.29 51.00 -12.69
C ILE A 1057 -35.94 51.21 -11.34
N LEU A 1058 -36.39 50.12 -10.72
CA LEU A 1058 -37.04 50.17 -9.42
C LEU A 1058 -36.01 50.12 -8.29
N THR A 1059 -35.35 51.24 -8.05
CA THR A 1059 -34.34 51.32 -6.99
C THR A 1059 -34.95 50.83 -5.68
N THR A 1060 -34.13 50.11 -4.90
CA THR A 1060 -34.58 49.57 -3.62
C THR A 1060 -35.35 50.60 -2.80
N GLN A 1061 -34.90 51.86 -2.84
CA GLN A 1061 -35.55 52.92 -2.11
C GLN A 1061 -36.99 53.14 -2.57
N MET A 1062 -37.23 52.91 -3.85
CA MET A 1062 -38.57 53.07 -4.41
C MET A 1062 -39.51 52.03 -3.81
N ILE A 1063 -39.05 50.78 -3.77
CA ILE A 1063 -39.83 49.69 -3.23
C ILE A 1063 -40.18 49.90 -1.76
N PHE A 1064 -39.22 50.34 -0.97
CA PHE A 1064 -39.45 50.56 0.45
C PHE A 1064 -40.62 51.51 0.70
N GLN A 1065 -40.74 52.53 -0.15
CA GLN A 1065 -41.81 53.50 -0.01
C GLN A 1065 -43.16 52.89 -0.39
N ASN A 1066 -43.15 52.05 -1.42
CA ASN A 1066 -44.38 51.40 -1.87
C ASN A 1066 -44.97 50.62 -0.70
N TYR A 1067 -44.11 49.93 0.03
CA TYR A 1067 -44.53 49.15 1.19
C TYR A 1067 -45.07 50.06 2.28
N LEU A 1068 -44.29 51.07 2.64
CA LEU A 1068 -44.69 52.02 3.67
C LEU A 1068 -45.97 52.75 3.32
N ASP A 1069 -46.02 53.33 2.12
CA ASP A 1069 -47.20 54.05 1.67
C ASP A 1069 -48.43 53.15 1.76
N THR A 1070 -48.34 51.97 1.14
CA THR A 1070 -49.43 51.01 1.14
C THR A 1070 -49.86 50.62 2.54
N LEU A 1071 -48.97 50.83 3.51
CA LEU A 1071 -49.26 50.49 4.89
C LEU A 1071 -50.27 51.44 5.53
N SER A 1072 -49.94 52.73 5.55
CA SER A 1072 -50.82 53.73 6.13
C SER A 1072 -51.90 54.18 5.13
N ASN A 1073 -52.20 53.31 4.17
CA ASN A 1073 -53.21 53.58 3.16
C ASN A 1073 -54.13 52.38 2.99
N GLU A 1074 -53.53 51.24 2.67
CA GLU A 1074 -54.30 50.01 2.49
C GLU A 1074 -54.45 49.28 3.82
N PRO A 1075 -55.69 49.13 4.31
CA PRO A 1075 -55.98 48.45 5.57
C PRO A 1075 -55.76 46.94 5.54
N PHE A 1076 -55.14 46.42 6.60
CA PHE A 1076 -54.87 44.98 6.71
C PHE A 1076 -56.16 44.18 6.64
N ASP A 1077 -57.11 44.54 7.50
CA ASP A 1077 -58.40 43.85 7.56
C ASP A 1077 -59.24 44.17 6.33
N PRO A 1078 -59.72 43.13 5.63
CA PRO A 1078 -60.55 43.31 4.43
C PRO A 1078 -61.87 44.02 4.70
N GLN A 1079 -62.37 43.92 5.93
CA GLN A 1079 -63.61 44.58 6.30
C GLN A 1079 -63.42 46.09 6.31
N GLU A 1080 -62.35 46.53 6.98
CA GLU A 1080 -62.03 47.95 7.08
C GLU A 1080 -61.82 48.56 5.70
N LYS A 1081 -61.43 47.73 4.74
CA LYS A 1081 -61.20 48.19 3.38
C LYS A 1081 -62.52 48.41 2.64
N GLU A 1082 -63.48 47.53 2.90
CA GLU A 1082 -64.80 47.64 2.28
C GLU A 1082 -65.65 48.69 2.96
N GLN A 1083 -65.51 48.80 4.28
CA GLN A 1083 -66.28 49.77 5.05
C GLN A 1083 -65.74 51.18 4.85
N GLN A 1084 -64.46 51.29 4.51
CA GLN A 1084 -63.83 52.59 4.29
C GLN A 1084 -64.00 53.01 2.84
N LYS A 1085 -64.30 52.04 1.97
CA LYS A 1085 -64.48 52.30 0.55
C LYS A 1085 -65.90 52.80 0.26
N ARG A 1086 -66.85 52.37 1.09
CA ARG A 1086 -68.24 52.78 0.92
C ARG A 1086 -68.57 53.99 1.79
N ASN A 1087 -67.68 54.29 2.73
CA ASN A 1087 -67.86 55.41 3.64
C ASN A 1087 -67.21 56.67 3.07
N GLU A 1088 -66.24 56.48 2.17
CA GLU A 1088 -65.53 57.59 1.56
C GLU A 1088 -66.14 57.98 0.21
N ASN A 1089 -67.41 57.62 0.02
CA ASN A 1089 -68.10 57.94 -1.23
C ASN A 1089 -69.61 57.72 -1.12
N ILE A 1125 -61.75 55.38 9.93
CA ILE A 1125 -60.41 55.04 10.39
C ILE A 1125 -60.49 53.93 11.43
N PRO A 1126 -61.00 52.75 11.04
CA PRO A 1126 -61.12 51.61 11.96
C PRO A 1126 -59.81 51.34 12.72
N ALA A 1127 -59.95 50.88 13.96
CA ALA A 1127 -58.80 50.57 14.81
C ALA A 1127 -57.61 50.02 14.03
N GLY A 1128 -57.87 49.04 13.18
CA GLY A 1128 -56.80 48.44 12.39
C GLY A 1128 -55.93 49.42 11.64
N LEU A 1129 -56.47 49.99 10.58
CA LEU A 1129 -55.73 50.95 9.76
C LEU A 1129 -55.01 52.01 10.57
N LYS A 1130 -55.60 52.38 11.71
CA LYS A 1130 -55.01 53.39 12.58
C LYS A 1130 -53.69 52.89 13.17
N VAL A 1131 -53.66 51.60 13.51
CA VAL A 1131 -52.47 50.97 14.07
C VAL A 1131 -51.30 51.04 13.07
N GLN A 1132 -51.55 50.52 11.88
CA GLN A 1132 -50.56 50.50 10.82
C GLN A 1132 -49.76 51.80 10.71
N LYS A 1133 -50.48 52.92 10.72
CA LYS A 1133 -49.84 54.24 10.61
C LYS A 1133 -48.81 54.48 11.69
N GLU A 1134 -49.20 54.28 12.95
CA GLU A 1134 -48.28 54.49 14.06
C GLU A 1134 -47.01 53.66 13.91
N CYS A 1135 -47.14 52.47 13.35
CA CYS A 1135 -46.00 51.58 13.14
C CYS A 1135 -45.10 52.11 12.03
N ALA A 1136 -45.71 52.46 10.90
CA ALA A 1136 -44.98 52.96 9.75
C ALA A 1136 -44.11 54.17 10.09
N ALA A 1137 -44.57 54.98 11.04
CA ALA A 1137 -43.83 56.18 11.44
C ALA A 1137 -42.61 55.83 12.29
N ILE A 1138 -42.80 54.93 13.24
CA ILE A 1138 -41.72 54.51 14.14
C ILE A 1138 -40.53 53.93 13.37
N ILE A 1139 -40.82 53.23 12.29
CA ILE A 1139 -39.78 52.60 11.48
C ILE A 1139 -39.32 53.43 10.28
N SER A 1140 -40.19 54.31 9.80
CA SER A 1140 -39.88 55.16 8.65
C SER A 1140 -38.42 55.58 8.56
N GLN A 1141 -37.92 56.22 9.60
CA GLN A 1141 -36.55 56.70 9.66
C GLN A 1141 -35.50 55.68 9.22
N TYR A 1142 -35.74 54.41 9.54
CA TYR A 1142 -34.80 53.34 9.19
C TYR A 1142 -34.76 52.99 7.71
N PHE A 1143 -35.80 53.37 6.97
CA PHE A 1143 -35.89 53.07 5.55
C PHE A 1143 -35.14 53.99 4.59
N GLU A 1144 -35.08 55.29 4.92
CA GLU A 1144 -34.39 56.25 4.06
C GLU A 1144 -32.95 55.88 3.70
N PRO A 1145 -32.46 56.39 2.55
CA PRO A 1145 -31.10 56.14 2.05
C PRO A 1145 -30.02 56.08 3.13
N GLY A 1146 -29.38 54.92 3.23
CA GLY A 1146 -28.34 54.73 4.23
C GLY A 1146 -28.89 54.17 5.53
N GLY A 1147 -30.21 54.28 5.69
CA GLY A 1147 -30.84 53.79 6.90
C GLY A 1147 -30.57 52.32 7.18
N LEU A 1148 -31.03 51.84 8.32
CA LEU A 1148 -30.85 50.45 8.73
C LEU A 1148 -31.12 49.47 7.59
N VAL A 1149 -32.40 49.35 7.24
CA VAL A 1149 -32.85 48.45 6.19
C VAL A 1149 -31.86 48.30 5.05
N HIS A 1150 -31.41 49.44 4.50
CA HIS A 1150 -30.44 49.43 3.40
C HIS A 1150 -29.15 48.74 3.80
N LYS A 1151 -28.54 49.22 4.89
CA LYS A 1151 -27.29 48.68 5.38
C LYS A 1151 -27.40 47.18 5.67
N VAL A 1152 -28.57 46.74 6.10
CA VAL A 1152 -28.80 45.34 6.42
C VAL A 1152 -29.13 44.54 5.17
N LEU A 1153 -29.99 45.09 4.33
CA LEU A 1153 -30.40 44.43 3.10
C LEU A 1153 -29.20 44.22 2.18
N GLU A 1154 -28.31 45.20 2.14
CA GLU A 1154 -27.11 45.12 1.31
C GLU A 1154 -26.17 44.03 1.82
N ASP A 1155 -25.86 44.08 3.11
CA ASP A 1155 -24.97 43.10 3.73
C ASP A 1155 -25.57 41.71 3.58
N ALA A 1156 -26.89 41.61 3.72
CA ALA A 1156 -27.59 40.34 3.60
C ALA A 1156 -27.42 39.78 2.19
N GLY A 1157 -27.18 40.69 1.24
CA GLY A 1157 -27.01 40.27 -0.14
C GLY A 1157 -25.62 39.70 -0.38
N GLN A 1158 -24.61 40.33 0.21
CA GLN A 1158 -23.24 39.87 0.05
C GLN A 1158 -23.06 38.48 0.64
N ARG A 1159 -23.87 38.17 1.66
CA ARG A 1159 -23.80 36.87 2.32
C ARG A 1159 -24.34 35.77 1.40
N PRO A 1160 -23.76 34.57 1.47
CA PRO A 1160 -24.17 33.43 0.65
C PRO A 1160 -25.40 32.70 1.22
N HIS A 1161 -26.40 32.47 0.38
CA HIS A 1161 -27.62 31.78 0.81
C HIS A 1161 -27.72 30.43 0.11
N ILE A 1162 -28.58 29.56 0.63
CA ILE A 1162 -28.76 28.24 0.03
C ILE A 1162 -29.53 28.30 -1.28
N MET A 1163 -30.13 29.45 -1.55
CA MET A 1163 -30.88 29.66 -2.79
C MET A 1163 -30.77 31.10 -3.27
N ASP A 1164 -30.10 31.27 -4.41
CA ASP A 1164 -29.88 32.56 -5.04
C ASP A 1164 -30.63 33.73 -4.41
N PHE A 1165 -29.88 34.68 -3.89
CA PHE A 1165 -30.44 35.87 -3.25
C PHE A 1165 -31.13 36.76 -4.29
N THR A 1166 -32.40 37.07 -4.04
CA THR A 1166 -33.18 37.92 -4.94
C THR A 1166 -33.92 39.01 -4.18
N ARG A 1167 -33.44 40.23 -4.34
CA ARG A 1167 -34.01 41.42 -3.69
C ARG A 1167 -35.41 41.25 -3.11
N LEU A 1168 -36.40 41.10 -4.00
CA LEU A 1168 -37.79 40.97 -3.59
C LEU A 1168 -38.09 39.82 -2.63
N ARG A 1169 -37.47 38.66 -2.87
CA ARG A 1169 -37.71 37.50 -2.03
C ARG A 1169 -37.51 37.81 -0.55
N VAL A 1170 -36.31 38.29 -0.21
CA VAL A 1170 -35.99 38.62 1.17
C VAL A 1170 -36.84 39.76 1.72
N LEU A 1171 -37.10 40.77 0.89
CA LEU A 1171 -37.91 41.89 1.34
C LEU A 1171 -39.32 41.41 1.68
N ASN A 1172 -39.86 40.52 0.85
CA ASN A 1172 -41.19 39.99 1.12
C ASN A 1172 -41.17 39.21 2.43
N SER A 1173 -40.19 38.32 2.55
CA SER A 1173 -40.04 37.51 3.76
C SER A 1173 -40.01 38.48 4.94
N PHE A 1174 -39.31 39.59 4.75
CA PHE A 1174 -39.18 40.61 5.77
C PHE A 1174 -40.52 41.32 5.97
N PHE A 1175 -41.08 41.85 4.90
CA PHE A 1175 -42.37 42.54 4.96
C PHE A 1175 -43.42 41.65 5.60
N SER A 1176 -43.46 40.39 5.20
CA SER A 1176 -44.41 39.43 5.75
C SER A 1176 -44.24 39.33 7.26
N LEU A 1177 -42.98 39.38 7.70
CA LEU A 1177 -42.67 39.30 9.12
C LEU A 1177 -42.95 40.63 9.80
N MET A 1178 -42.52 41.71 9.17
CA MET A 1178 -42.72 43.06 9.71
C MET A 1178 -44.21 43.35 9.85
N ASN A 1179 -45.01 42.78 8.94
CA ASN A 1179 -46.46 42.98 8.98
C ASN A 1179 -47.07 42.20 10.14
N ARG A 1180 -46.55 41.00 10.39
CA ARG A 1180 -47.05 40.17 11.48
C ARG A 1180 -46.86 40.90 12.80
N SER A 1181 -45.76 41.64 12.89
CA SER A 1181 -45.43 42.40 14.09
C SER A 1181 -46.53 43.44 14.31
N ILE A 1182 -46.98 44.03 13.20
CA ILE A 1182 -48.02 45.04 13.23
C ILE A 1182 -49.37 44.44 13.60
N VAL A 1183 -49.75 43.37 12.91
CA VAL A 1183 -51.02 42.70 13.17
C VAL A 1183 -51.06 42.27 14.64
N ASN A 1184 -49.91 41.84 15.15
CA ASN A 1184 -49.79 41.42 16.54
C ASN A 1184 -50.35 42.47 17.48
N VAL A 1185 -50.10 43.74 17.17
CA VAL A 1185 -50.56 44.84 17.99
C VAL A 1185 -52.02 45.17 17.66
N ILE A 1186 -52.43 44.85 16.44
CA ILE A 1186 -53.80 45.10 15.99
C ILE A 1186 -54.79 44.27 16.80
N GLU A 1187 -54.48 43.00 16.97
CA GLU A 1187 -55.33 42.08 17.72
C GLU A 1187 -55.06 42.20 19.22
N TYR A 1188 -53.82 42.52 19.56
CA TYR A 1188 -53.40 42.67 20.95
C TYR A 1188 -54.30 43.67 21.68
N ASN A 1189 -55.02 44.48 20.91
CA ASN A 1189 -55.92 45.48 21.49
C ASN A 1189 -57.37 45.02 21.43
N GLN A 1190 -57.65 44.09 20.51
CA GLN A 1190 -59.00 43.56 20.36
C GLN A 1190 -59.29 42.63 21.52
N LEU A 1191 -58.33 42.54 22.43
CA LEU A 1191 -58.42 41.70 23.62
C LEU A 1191 -58.42 42.58 24.86
N HIS A 1192 -57.43 43.45 24.95
CA HIS A 1192 -57.30 44.36 26.07
C HIS A 1192 -58.04 45.66 25.79
N SER A 1193 -59.33 45.55 25.46
CA SER A 1193 -60.15 46.72 25.18
C SER A 1193 -60.05 47.73 26.31
N ASP A 1194 -60.01 47.23 27.54
CA ASP A 1194 -59.91 48.08 28.72
C ASP A 1194 -58.47 48.52 28.93
N PHE A 1195 -57.53 47.69 28.50
CA PHE A 1195 -56.11 47.99 28.63
C PHE A 1195 -55.43 47.94 27.26
N PRO A 1196 -55.86 48.81 26.34
CA PRO A 1196 -55.27 48.83 25.00
C PRO A 1196 -53.75 49.02 25.03
N MET A 1197 -53.13 48.94 23.85
CA MET A 1197 -51.68 49.10 23.74
C MET A 1197 -51.31 50.46 24.34
N SER A 1198 -50.07 50.90 24.13
CA SER A 1198 -49.63 52.18 24.66
C SER A 1198 -48.60 52.84 23.75
N PRO A 1199 -48.75 54.15 23.52
CA PRO A 1199 -47.85 54.93 22.66
C PRO A 1199 -46.37 54.73 22.98
N GLU A 1200 -46.04 54.68 24.26
CA GLU A 1200 -44.66 54.50 24.69
C GLU A 1200 -44.16 53.06 24.58
N ASN A 1201 -44.95 52.11 25.07
CA ASN A 1201 -44.56 50.71 25.02
C ASN A 1201 -44.61 50.15 23.60
N GLN A 1202 -45.65 50.51 22.86
CA GLN A 1202 -45.79 50.05 21.49
C GLN A 1202 -44.57 50.43 20.68
N SER A 1203 -44.03 51.62 20.97
CA SER A 1203 -42.84 52.12 20.28
C SER A 1203 -41.68 51.14 20.41
N ASN A 1204 -41.58 50.49 21.56
CA ASN A 1204 -40.52 49.53 21.82
C ASN A 1204 -40.70 48.24 21.01
N TYR A 1205 -41.92 47.74 20.96
CA TYR A 1205 -42.21 46.51 20.22
C TYR A 1205 -41.88 46.62 18.74
N ILE A 1206 -42.53 47.55 18.06
CA ILE A 1206 -42.32 47.75 16.63
C ILE A 1206 -40.84 47.97 16.31
N THR A 1207 -40.22 48.91 17.01
CA THR A 1207 -38.81 49.23 16.80
C THR A 1207 -37.93 47.99 16.90
N ASN A 1208 -38.23 47.13 17.86
CA ASN A 1208 -37.45 45.91 18.05
C ASN A 1208 -37.84 44.79 17.09
N ARG A 1209 -39.15 44.56 16.93
CA ARG A 1209 -39.62 43.51 16.05
C ARG A 1209 -39.06 43.67 14.64
N LEU A 1210 -38.93 44.92 14.19
CA LEU A 1210 -38.40 45.19 12.86
C LEU A 1210 -37.04 44.50 12.72
N LEU A 1211 -36.15 44.76 13.68
CA LEU A 1211 -34.83 44.16 13.68
C LEU A 1211 -34.95 42.65 13.63
N TYR A 1212 -35.98 42.13 14.31
CA TYR A 1212 -36.23 40.70 14.36
C TYR A 1212 -36.52 40.16 12.96
N SER A 1213 -37.48 40.79 12.29
CA SER A 1213 -37.88 40.38 10.95
C SER A 1213 -36.72 40.43 9.96
N LEU A 1214 -35.87 41.44 10.09
CA LEU A 1214 -34.73 41.59 9.19
C LEU A 1214 -33.88 40.33 9.08
N MET A 1215 -33.50 39.77 10.21
CA MET A 1215 -32.68 38.57 10.23
C MET A 1215 -33.39 37.31 9.75
N TRP A 1216 -34.68 37.19 10.06
CA TRP A 1216 -35.45 36.02 9.64
C TRP A 1216 -36.01 36.16 8.23
N GLY A 1217 -36.26 37.39 7.82
CA GLY A 1217 -36.79 37.62 6.49
C GLY A 1217 -35.70 37.74 5.44
N LEU A 1218 -34.58 38.35 5.83
CA LEU A 1218 -33.46 38.52 4.91
C LEU A 1218 -32.38 37.48 5.17
N GLY A 1219 -32.50 36.76 6.28
CA GLY A 1219 -31.51 35.76 6.61
C GLY A 1219 -32.07 34.36 6.81
N GLY A 1220 -33.37 34.22 6.57
CA GLY A 1220 -34.00 32.92 6.73
C GLY A 1220 -33.38 31.86 5.85
N SER A 1221 -33.06 32.23 4.62
CA SER A 1221 -32.45 31.31 3.67
C SER A 1221 -30.95 31.17 3.90
N MET A 1222 -30.45 31.81 4.96
CA MET A 1222 -29.03 31.75 5.27
C MET A 1222 -28.69 30.49 6.06
N GLY A 1223 -27.42 30.10 6.02
CA GLY A 1223 -26.99 28.92 6.74
C GLY A 1223 -27.19 29.07 8.23
N LEU A 1224 -27.06 27.98 8.98
CA LEU A 1224 -27.24 28.05 10.43
C LEU A 1224 -26.17 28.92 11.07
N VAL A 1225 -24.93 28.71 10.67
CA VAL A 1225 -23.82 29.49 11.21
C VAL A 1225 -23.85 30.89 10.61
N GLU A 1226 -24.00 30.95 9.29
CA GLU A 1226 -24.05 32.21 8.57
C GLU A 1226 -25.10 33.16 9.16
N ARG A 1227 -26.28 32.62 9.44
CA ARG A 1227 -27.38 33.41 9.99
C ARG A 1227 -26.99 34.09 11.30
N GLU A 1228 -26.23 33.40 12.15
CA GLU A 1228 -25.80 33.97 13.42
C GLU A 1228 -25.02 35.26 13.24
N ASN A 1229 -23.97 35.20 12.44
CA ASN A 1229 -23.14 36.38 12.18
C ASN A 1229 -24.02 37.54 11.71
N PHE A 1230 -24.95 37.23 10.82
CA PHE A 1230 -25.87 38.22 10.28
C PHE A 1230 -26.66 38.92 11.38
N SER A 1231 -27.17 38.16 12.34
CA SER A 1231 -27.94 38.73 13.44
C SER A 1231 -27.10 39.68 14.28
N LYS A 1232 -25.83 39.35 14.47
CA LYS A 1232 -24.94 40.20 15.25
C LYS A 1232 -24.68 41.50 14.51
N PHE A 1233 -24.63 41.42 13.18
CA PHE A 1233 -24.39 42.59 12.36
C PHE A 1233 -25.55 43.57 12.53
N ILE A 1234 -26.74 43.01 12.73
CA ILE A 1234 -27.95 43.82 12.90
C ILE A 1234 -27.99 44.43 14.31
N GLN A 1235 -27.24 43.85 15.24
CA GLN A 1235 -27.19 44.35 16.60
C GLN A 1235 -26.34 45.62 16.70
N THR A 1236 -25.08 45.49 16.33
CA THR A 1236 -24.14 46.62 16.37
C THR A 1236 -24.75 47.87 15.76
N ILE A 1237 -25.38 47.72 14.60
CA ILE A 1237 -26.01 48.82 13.91
C ILE A 1237 -27.18 49.40 14.70
N ALA A 1238 -28.15 48.54 15.03
CA ALA A 1238 -29.33 48.94 15.78
C ALA A 1238 -29.01 49.95 16.87
N ILE A 1239 -29.36 51.21 16.62
CA ILE A 1239 -29.11 52.28 17.58
C ILE A 1239 -29.95 52.08 18.84
N THR A 1240 -31.15 51.53 18.68
CA THR A 1240 -32.04 51.27 19.79
C THR A 1240 -31.46 50.19 20.71
N PRO A 1241 -32.03 50.03 21.92
CA PRO A 1241 -31.53 49.03 22.86
C PRO A 1241 -31.42 47.61 22.31
N VAL A 1242 -30.23 47.05 22.42
CA VAL A 1242 -29.93 45.71 21.94
C VAL A 1242 -28.86 45.07 22.82
N PRO A 1243 -29.01 43.77 23.12
CA PRO A 1243 -28.05 43.03 23.96
C PRO A 1243 -26.62 43.10 23.44
N ALA A 1244 -25.69 42.53 24.21
CA ALA A 1244 -24.28 42.52 23.83
C ALA A 1244 -24.02 41.45 22.77
N ASN A 1245 -22.95 41.64 22.01
CA ASN A 1245 -22.58 40.70 20.96
C ASN A 1245 -22.15 39.36 21.55
N THR A 1246 -22.10 39.28 22.88
CA THR A 1246 -21.71 38.05 23.56
C THR A 1246 -22.76 36.97 23.30
N ILE A 1247 -23.92 37.39 22.81
CA ILE A 1247 -25.02 36.47 22.52
C ILE A 1247 -25.73 36.92 21.25
N PRO A 1248 -25.75 36.07 20.22
CA PRO A 1248 -26.41 36.38 18.94
C PRO A 1248 -27.85 36.86 19.10
N LEU A 1249 -28.21 37.88 18.33
CA LEU A 1249 -29.56 38.44 18.39
C LEU A 1249 -30.56 37.41 17.88
N LEU A 1250 -30.05 36.36 17.25
CA LEU A 1250 -30.89 35.29 16.72
C LEU A 1250 -31.47 34.45 17.85
N ASP A 1251 -30.75 34.38 18.96
CA ASP A 1251 -31.18 33.61 20.12
C ASP A 1251 -32.27 34.33 20.89
N TYR A 1252 -32.50 35.60 20.57
CA TYR A 1252 -33.52 36.38 21.25
C TYR A 1252 -34.77 36.56 20.40
N SER A 1253 -35.84 37.03 21.02
CA SER A 1253 -37.11 37.26 20.34
C SER A 1253 -37.61 38.66 20.66
N VAL A 1254 -38.75 38.72 21.36
CA VAL A 1254 -39.35 39.99 21.74
C VAL A 1254 -40.72 39.73 22.38
N SER A 1255 -40.87 40.14 23.63
CA SER A 1255 -42.13 39.95 24.35
C SER A 1255 -43.20 40.90 23.84
N ILE A 1256 -44.30 40.34 23.36
CA ILE A 1256 -45.42 41.12 22.85
C ILE A 1256 -45.90 42.09 23.93
N ASP A 1257 -45.45 41.88 25.16
CA ASP A 1257 -45.84 42.72 26.28
C ASP A 1257 -44.85 43.84 26.57
N ASP A 1258 -43.81 43.52 27.34
CA ASP A 1258 -42.79 44.51 27.71
C ASP A 1258 -41.82 44.82 26.57
N ALA A 1259 -42.08 44.28 25.39
CA ALA A 1259 -41.23 44.50 24.23
C ALA A 1259 -39.75 44.59 24.57
N ASN A 1260 -39.17 43.48 24.97
CA ASN A 1260 -37.76 43.44 25.32
C ASN A 1260 -37.08 42.20 24.73
N TRP A 1261 -35.78 42.31 24.49
CA TRP A 1261 -35.00 41.22 23.92
C TRP A 1261 -34.88 40.04 24.88
N SER A 1262 -35.97 39.26 24.98
CA SER A 1262 -36.00 38.10 25.85
C SER A 1262 -35.49 36.87 25.09
N LEU A 1263 -34.39 36.30 25.57
CA LEU A 1263 -33.78 35.13 24.94
C LEU A 1263 -34.80 34.01 24.74
N TRP A 1264 -34.86 33.48 23.52
CA TRP A 1264 -35.78 32.40 23.18
C TRP A 1264 -35.75 31.24 24.17
N LYS A 1265 -34.55 30.88 24.61
CA LYS A 1265 -34.36 29.78 25.55
C LYS A 1265 -35.43 29.67 26.62
N ASN A 1266 -36.15 30.76 26.88
CA ASN A 1266 -37.20 30.77 27.88
C ASN A 1266 -38.58 30.51 27.27
N LYS A 1267 -38.77 29.29 26.77
CA LYS A 1267 -40.04 28.89 26.17
C LYS A 1267 -39.95 27.50 25.57
N VAL A 1271 -43.07 19.70 27.80
CA VAL A 1271 -41.73 19.18 28.00
C VAL A 1271 -41.77 17.74 28.52
N GLU A 1272 -42.96 17.19 28.62
CA GLU A 1272 -43.13 15.82 29.11
C GLU A 1272 -43.81 14.94 28.06
N VAL A 1273 -43.25 13.76 27.84
CA VAL A 1273 -43.80 12.82 26.87
C VAL A 1273 -44.45 11.65 27.61
N GLU A 1274 -45.31 10.93 26.92
CA GLU A 1274 -45.99 9.79 27.53
C GLU A 1274 -45.34 8.47 27.12
N THR A 1275 -45.05 7.64 28.10
CA THR A 1275 -44.39 6.35 27.89
C THR A 1275 -44.77 5.56 26.63
N HIS A 1276 -46.07 5.47 26.33
CA HIS A 1276 -46.49 4.73 25.16
C HIS A 1276 -46.28 5.48 23.86
N LYS A 1277 -46.26 6.81 23.93
CA LYS A 1277 -46.05 7.64 22.75
C LYS A 1277 -44.70 8.36 22.80
N VAL A 1278 -43.63 7.59 22.75
CA VAL A 1278 -42.28 8.15 22.78
C VAL A 1278 -42.00 8.81 21.43
N ALA A 1279 -40.85 8.51 20.85
CA ALA A 1279 -40.49 9.06 19.55
C ALA A 1279 -41.54 8.66 18.53
N SER A 1280 -42.61 9.44 18.46
CA SER A 1280 -43.71 9.16 17.55
C SER A 1280 -43.91 10.36 16.62
N PRO A 1281 -44.62 10.16 15.49
CA PRO A 1281 -44.88 11.24 14.53
C PRO A 1281 -45.27 12.57 15.17
N ASP A 1282 -46.46 12.62 15.75
CA ASP A 1282 -46.96 13.84 16.38
C ASP A 1282 -45.98 14.43 17.39
N VAL A 1283 -46.01 13.91 18.62
CA VAL A 1283 -45.13 14.37 19.70
C VAL A 1283 -43.88 15.10 19.23
N VAL A 1284 -43.93 16.43 19.23
CA VAL A 1284 -42.81 17.25 18.81
C VAL A 1284 -42.20 17.97 20.02
N ILE A 1285 -41.18 17.37 20.61
CA ILE A 1285 -40.51 17.96 21.77
C ILE A 1285 -40.10 19.40 21.49
N PRO A 1286 -40.72 20.35 22.20
CA PRO A 1286 -40.44 21.79 22.04
C PRO A 1286 -39.06 22.19 22.53
N THR A 1287 -38.37 23.03 21.75
CA THR A 1287 -37.05 23.51 22.12
C THR A 1287 -36.87 24.91 21.55
N VAL A 1288 -35.66 25.44 21.65
CA VAL A 1288 -35.38 26.78 21.14
C VAL A 1288 -35.72 26.85 19.65
N ASP A 1289 -34.97 26.11 18.85
CA ASP A 1289 -35.19 26.07 17.40
C ASP A 1289 -36.67 25.89 17.09
N THR A 1290 -37.28 24.90 17.74
CA THR A 1290 -38.68 24.59 17.55
C THR A 1290 -39.56 25.82 17.67
N THR A 1291 -39.76 26.30 18.89
CA THR A 1291 -40.58 27.47 19.16
C THR A 1291 -40.12 28.72 18.41
N ARG A 1292 -38.87 28.71 17.95
CA ARG A 1292 -38.33 29.86 17.23
C ARG A 1292 -38.77 29.90 15.77
N HIS A 1293 -38.64 28.78 15.08
CA HIS A 1293 -39.04 28.71 13.67
C HIS A 1293 -40.55 28.92 13.54
N VAL A 1294 -41.30 28.48 14.56
CA VAL A 1294 -42.74 28.60 14.55
C VAL A 1294 -43.17 30.06 14.34
N ASP A 1295 -42.65 30.95 15.16
CA ASP A 1295 -42.98 32.37 15.07
C ASP A 1295 -42.81 32.91 13.65
N VAL A 1296 -41.71 32.55 13.02
CA VAL A 1296 -41.42 33.00 11.66
C VAL A 1296 -42.39 32.36 10.66
N LEU A 1297 -42.62 31.05 10.82
CA LEU A 1297 -43.53 30.34 9.93
C LEU A 1297 -44.96 30.83 10.07
N HIS A 1298 -45.29 31.41 11.22
CA HIS A 1298 -46.63 31.93 11.47
C HIS A 1298 -46.91 33.12 10.56
N ALA A 1299 -46.04 34.13 10.65
CA ALA A 1299 -46.19 35.34 9.84
C ALA A 1299 -46.35 35.01 8.36
N TRP A 1300 -45.50 34.12 7.86
CA TRP A 1300 -45.54 33.73 6.45
C TRP A 1300 -46.78 32.90 6.11
N LEU A 1301 -47.27 32.12 7.06
CA LEU A 1301 -48.44 31.28 6.83
C LEU A 1301 -49.75 32.07 6.91
N SER A 1302 -49.76 33.14 7.68
CA SER A 1302 -50.97 33.95 7.83
C SER A 1302 -51.33 34.61 6.50
N GLU A 1303 -50.34 35.16 5.82
CA GLU A 1303 -50.55 35.82 4.54
C GLU A 1303 -50.76 34.80 3.42
N HIS A 1304 -50.52 33.53 3.74
CA HIS A 1304 -50.69 32.45 2.78
C HIS A 1304 -49.66 32.49 1.65
N ARG A 1305 -48.38 32.58 2.00
CA ARG A 1305 -47.34 32.63 0.99
C ARG A 1305 -46.68 31.26 0.82
N PRO A 1306 -46.30 30.92 -0.43
CA PRO A 1306 -45.66 29.64 -0.76
C PRO A 1306 -44.23 29.52 -0.23
N LEU A 1307 -44.07 29.67 1.08
CA LEU A 1307 -42.76 29.58 1.71
C LEU A 1307 -42.12 28.22 1.45
N ILE A 1308 -40.79 28.18 1.46
CA ILE A 1308 -40.06 26.94 1.22
C ILE A 1308 -39.14 26.59 2.38
N LEU A 1309 -39.25 25.36 2.86
CA LEU A 1309 -38.45 24.87 3.97
C LEU A 1309 -37.23 24.10 3.45
N CYS A 1310 -36.28 24.82 2.87
CA CYS A 1310 -35.08 24.20 2.34
C CYS A 1310 -34.17 23.66 3.43
N GLY A 1311 -33.67 22.45 3.25
CA GLY A 1311 -32.80 21.84 4.24
C GLY A 1311 -32.41 20.42 3.88
N PRO A 1312 -31.43 19.83 4.59
CA PRO A 1312 -30.96 18.47 4.34
C PRO A 1312 -32.03 17.42 4.65
N PRO A 1313 -31.77 16.15 4.29
CA PRO A 1313 -32.71 15.05 4.53
C PRO A 1313 -32.85 14.70 6.00
N GLY A 1314 -34.05 14.87 6.55
CA GLY A 1314 -34.30 14.56 7.94
C GLY A 1314 -33.99 15.70 8.89
N SER A 1315 -33.69 16.86 8.32
CA SER A 1315 -33.36 18.05 9.11
C SER A 1315 -34.47 18.38 10.11
N GLY A 1316 -35.71 18.33 9.63
CA GLY A 1316 -36.85 18.63 10.48
C GLY A 1316 -37.88 19.44 9.73
N LYS A 1317 -37.71 19.50 8.41
CA LYS A 1317 -38.61 20.25 7.52
C LYS A 1317 -40.08 19.84 7.66
N THR A 1318 -40.41 18.68 7.11
CA THR A 1318 -41.78 18.17 7.14
C THR A 1318 -42.39 18.27 8.53
N MET A 1319 -41.64 17.86 9.55
CA MET A 1319 -42.10 17.90 10.92
C MET A 1319 -42.41 19.34 11.36
N THR A 1320 -41.36 20.16 11.41
CA THR A 1320 -41.48 21.56 11.81
C THR A 1320 -42.77 22.22 11.30
N LEU A 1321 -43.15 21.90 10.07
CA LEU A 1321 -44.35 22.47 9.48
C LEU A 1321 -45.63 21.92 10.11
N THR A 1322 -45.89 20.64 9.88
CA THR A 1322 -47.08 19.98 10.41
C THR A 1322 -47.39 20.36 11.86
N SER A 1323 -46.36 20.61 12.65
CA SER A 1323 -46.56 20.99 14.05
C SER A 1323 -47.16 22.39 14.14
N THR A 1324 -46.53 23.34 13.45
CA THR A 1324 -46.99 24.72 13.44
C THR A 1324 -48.40 24.83 12.86
N LEU A 1325 -48.67 24.04 11.83
CA LEU A 1325 -49.99 24.06 11.19
C LEU A 1325 -51.10 23.80 12.19
N ARG A 1326 -50.74 23.23 13.34
CA ARG A 1326 -51.72 22.93 14.39
C ARG A 1326 -52.25 24.22 15.02
N ALA A 1327 -51.38 25.22 15.12
CA ALA A 1327 -51.75 26.51 15.70
C ALA A 1327 -52.72 27.25 14.78
N PHE A 1328 -53.35 26.50 13.89
CA PHE A 1328 -54.30 27.05 12.94
C PHE A 1328 -55.55 26.18 12.88
N PRO A 1329 -56.69 26.70 13.39
CA PRO A 1329 -57.97 25.98 13.41
C PRO A 1329 -58.42 25.47 12.04
N ASP A 1330 -58.54 26.37 11.08
CA ASP A 1330 -58.98 26.01 9.74
C ASP A 1330 -57.83 25.86 8.74
N PHE A 1331 -57.03 24.82 8.91
CA PHE A 1331 -55.90 24.57 8.01
C PHE A 1331 -55.75 23.09 7.65
N GLU A 1332 -56.56 22.62 6.69
CA GLU A 1332 -56.50 21.24 6.25
C GLU A 1332 -55.32 21.10 5.28
N VAL A 1333 -54.33 20.33 5.68
CA VAL A 1333 -53.13 20.12 4.86
C VAL A 1333 -53.18 18.87 4.01
N VAL A 1334 -52.45 18.90 2.90
CA VAL A 1334 -52.37 17.78 1.97
C VAL A 1334 -50.89 17.59 1.61
N SER A 1335 -50.42 16.34 1.66
CA SER A 1335 -49.03 16.06 1.36
C SER A 1335 -48.81 15.49 -0.04
N LEU A 1336 -48.08 16.25 -0.86
CA LEU A 1336 -47.77 15.83 -2.22
C LEU A 1336 -46.28 15.56 -2.36
N ASN A 1337 -45.94 14.37 -2.82
CA ASN A 1337 -44.54 13.97 -2.99
C ASN A 1337 -44.06 14.19 -4.43
N PHE A 1338 -43.35 15.29 -4.64
CA PHE A 1338 -42.81 15.63 -5.96
C PHE A 1338 -41.62 14.75 -6.30
N SER A 1339 -41.19 14.82 -7.55
CA SER A 1339 -40.04 14.03 -8.03
C SER A 1339 -39.51 14.65 -9.30
N SER A 1340 -39.13 13.82 -10.26
CA SER A 1340 -38.60 14.30 -11.54
C SER A 1340 -39.70 14.35 -12.59
N ALA A 1341 -40.74 13.54 -12.38
CA ALA A 1341 -41.85 13.48 -13.32
C ALA A 1341 -43.03 14.34 -12.88
N THR A 1342 -42.97 14.87 -11.66
CA THR A 1342 -44.05 15.71 -11.16
C THR A 1342 -44.26 16.93 -12.04
N THR A 1343 -45.22 16.82 -12.97
CA THR A 1343 -45.54 17.90 -13.89
C THR A 1343 -46.72 18.69 -13.35
N PRO A 1344 -47.07 19.82 -14.00
CA PRO A 1344 -48.19 20.63 -13.54
C PRO A 1344 -49.53 19.88 -13.58
N GLU A 1345 -49.58 18.80 -14.36
CA GLU A 1345 -50.79 18.01 -14.48
C GLU A 1345 -51.08 17.25 -13.19
N LEU A 1346 -50.06 16.58 -12.65
CA LEU A 1346 -50.22 15.81 -11.42
C LEU A 1346 -50.78 16.68 -10.30
N LEU A 1347 -50.21 17.88 -10.16
CA LEU A 1347 -50.66 18.81 -9.13
C LEU A 1347 -52.15 19.08 -9.30
N LEU A 1348 -52.62 18.99 -10.54
CA LEU A 1348 -54.03 19.21 -10.86
C LEU A 1348 -54.88 18.04 -10.39
N LYS A 1349 -54.37 16.82 -10.60
CA LYS A 1349 -55.09 15.61 -10.19
C LYS A 1349 -55.44 15.67 -8.72
N THR A 1350 -54.54 16.19 -7.91
CA THR A 1350 -54.75 16.30 -6.47
C THR A 1350 -55.87 17.29 -6.15
N PHE A 1351 -56.06 18.28 -7.00
CA PHE A 1351 -57.12 19.27 -6.77
C PHE A 1351 -58.50 18.67 -6.97
N ASP A 1352 -58.67 17.87 -8.01
CA ASP A 1352 -59.95 17.24 -8.29
C ASP A 1352 -60.20 16.06 -7.35
N HIS A 1353 -59.67 16.16 -6.14
CA HIS A 1353 -59.84 15.09 -5.16
C HIS A 1353 -59.78 15.66 -3.74
N HIS A 1354 -59.74 16.99 -3.65
CA HIS A 1354 -59.69 17.68 -2.37
C HIS A 1354 -60.43 19.02 -2.45
N CYS A 1355 -60.44 19.60 -3.64
CA CYS A 1355 -61.09 20.88 -3.87
C CYS A 1355 -62.40 20.69 -4.63
N GLU A 1356 -62.90 21.77 -5.23
CA GLU A 1356 -64.15 21.72 -5.98
C GLU A 1356 -64.34 22.99 -6.81
N TYR A 1357 -64.81 22.82 -8.05
CA TYR A 1357 -65.05 23.94 -8.94
C TYR A 1357 -66.46 24.48 -8.74
N LYS A 1358 -66.57 25.69 -8.22
CA LYS A 1358 -67.86 26.32 -7.97
C LYS A 1358 -68.01 27.61 -8.77
N ARG A 1359 -69.21 27.82 -9.30
CA ARG A 1359 -69.49 29.02 -10.09
C ARG A 1359 -70.14 30.08 -9.21
N THR A 1360 -69.35 31.04 -8.76
CA THR A 1360 -69.84 32.12 -7.92
C THR A 1360 -71.08 32.78 -8.53
N PRO A 1361 -71.97 33.32 -7.67
CA PRO A 1361 -73.19 33.97 -8.14
C PRO A 1361 -72.88 35.04 -9.19
N SER A 1362 -71.64 35.51 -9.19
CA SER A 1362 -71.20 36.52 -10.14
C SER A 1362 -71.22 35.98 -11.56
N GLY A 1363 -70.53 34.86 -11.76
CA GLY A 1363 -70.47 34.24 -13.08
C GLY A 1363 -69.16 33.55 -13.35
N GLU A 1364 -68.18 33.77 -12.48
CA GLU A 1364 -66.87 33.15 -12.65
C GLU A 1364 -66.89 31.67 -12.31
N THR A 1365 -65.85 31.22 -11.62
CA THR A 1365 -65.72 29.82 -11.21
C THR A 1365 -64.47 29.67 -10.34
N VAL A 1366 -64.69 29.54 -9.03
CA VAL A 1366 -63.58 29.41 -8.09
C VAL A 1366 -63.25 27.97 -7.71
N LEU A 1367 -62.00 27.77 -7.30
CA LEU A 1367 -61.52 26.46 -6.87
C LEU A 1367 -61.31 26.54 -5.36
N ARG A 1368 -62.27 26.02 -4.61
CA ARG A 1368 -62.20 26.07 -3.15
C ARG A 1368 -62.19 24.67 -2.53
N PRO A 1369 -61.50 24.52 -1.38
CA PRO A 1369 -61.43 23.24 -0.68
C PRO A 1369 -62.82 22.72 -0.34
N THR A 1370 -63.05 21.44 -0.62
CA THR A 1370 -64.35 20.82 -0.36
C THR A 1370 -64.95 21.24 0.98
N GLN A 1371 -64.17 21.08 2.05
CA GLN A 1371 -64.66 21.44 3.38
C GLN A 1371 -64.94 22.94 3.47
N LEU A 1372 -66.14 23.27 3.94
CA LEU A 1372 -66.57 24.66 4.08
C LEU A 1372 -65.69 25.43 5.06
N GLY A 1373 -65.39 26.68 4.71
CA GLY A 1373 -64.56 27.51 5.56
C GLY A 1373 -63.29 26.87 6.06
N LYS A 1374 -62.45 26.42 5.13
CA LYS A 1374 -61.18 25.78 5.48
C LYS A 1374 -60.10 26.05 4.44
N TRP A 1375 -58.95 26.52 4.91
CA TRP A 1375 -57.82 26.79 4.03
C TRP A 1375 -57.04 25.52 3.75
N LEU A 1376 -56.91 25.17 2.47
CA LEU A 1376 -56.19 23.97 2.08
C LEU A 1376 -54.71 24.33 1.90
N VAL A 1377 -53.84 23.48 2.44
CA VAL A 1377 -52.40 23.71 2.34
C VAL A 1377 -51.76 22.61 1.50
N VAL A 1378 -51.37 22.95 0.27
CA VAL A 1378 -50.74 21.99 -0.63
C VAL A 1378 -49.24 21.93 -0.36
N PHE A 1379 -48.82 20.96 0.44
CA PHE A 1379 -47.41 20.81 0.78
C PHE A 1379 -46.67 19.95 -0.24
N CYS A 1380 -45.71 20.58 -0.94
CA CYS A 1380 -44.91 19.89 -1.94
C CYS A 1380 -43.59 19.45 -1.30
N ASP A 1381 -43.51 18.18 -0.96
CA ASP A 1381 -42.31 17.62 -0.32
C ASP A 1381 -41.01 17.97 -1.05
N GLU A 1382 -40.78 17.32 -2.18
CA GLU A 1382 -39.56 17.56 -2.97
C GLU A 1382 -39.89 18.47 -4.16
N ILE A 1383 -40.11 19.74 -3.89
CA ILE A 1383 -40.47 20.72 -4.92
C ILE A 1383 -39.38 21.10 -5.92
N ASN A 1384 -38.11 20.98 -5.55
CA ASN A 1384 -37.03 21.35 -6.47
C ASN A 1384 -36.52 20.19 -7.32
N LEU A 1385 -37.29 19.11 -7.40
CA LEU A 1385 -36.90 17.95 -8.17
C LEU A 1385 -37.46 17.90 -9.60
N PRO A 1386 -38.64 18.50 -9.83
CA PRO A 1386 -39.23 18.48 -11.18
C PRO A 1386 -38.20 18.72 -12.28
N SER A 1387 -38.21 17.87 -13.29
CA SER A 1387 -37.30 17.98 -14.42
C SER A 1387 -37.65 19.16 -15.32
N THR A 1388 -36.62 19.77 -15.89
CA THR A 1388 -36.81 20.91 -16.79
C THR A 1388 -36.86 20.43 -18.23
N ASP A 1389 -37.74 21.04 -19.02
CA ASP A 1389 -37.86 20.66 -20.43
C ASP A 1389 -36.59 21.00 -21.19
N LYS A 1390 -36.63 20.89 -22.50
CA LYS A 1390 -35.48 21.19 -23.34
C LYS A 1390 -35.19 22.70 -23.34
N TYR A 1391 -35.77 23.41 -22.38
CA TYR A 1391 -35.58 24.85 -22.27
C TYR A 1391 -35.65 25.32 -20.82
N GLY A 1392 -35.02 24.55 -19.93
CA GLY A 1392 -34.99 24.89 -18.52
C GLY A 1392 -36.30 25.48 -18.02
N THR A 1393 -37.30 24.63 -17.82
CA THR A 1393 -38.60 25.08 -17.34
C THR A 1393 -39.37 23.99 -16.62
N GLN A 1394 -39.49 24.13 -15.31
CA GLN A 1394 -40.24 23.18 -14.50
C GLN A 1394 -41.71 23.59 -14.57
N ARG A 1395 -42.38 23.14 -15.62
CA ARG A 1395 -43.79 23.46 -15.84
C ARG A 1395 -44.64 23.46 -14.57
N VAL A 1396 -44.27 22.63 -13.60
CA VAL A 1396 -45.02 22.54 -12.35
C VAL A 1396 -44.82 23.81 -11.51
N ILE A 1397 -43.64 24.41 -11.63
CA ILE A 1397 -43.33 25.62 -10.88
C ILE A 1397 -44.03 26.82 -11.50
N THR A 1398 -43.92 26.96 -12.81
CA THR A 1398 -44.57 28.05 -13.52
C THR A 1398 -46.07 28.01 -13.27
N PHE A 1399 -46.59 26.80 -13.15
CA PHE A 1399 -48.02 26.59 -12.90
C PHE A 1399 -48.38 27.13 -11.51
N ILE A 1400 -47.49 26.90 -10.55
CA ILE A 1400 -47.71 27.36 -9.19
C ILE A 1400 -47.63 28.89 -9.15
N ARG A 1401 -46.56 29.43 -9.72
CA ARG A 1401 -46.35 30.87 -9.78
C ARG A 1401 -47.57 31.56 -10.39
N GLN A 1402 -48.19 30.90 -11.37
CA GLN A 1402 -49.37 31.44 -12.03
C GLN A 1402 -50.56 31.51 -11.10
N MET A 1403 -50.57 30.65 -10.08
CA MET A 1403 -51.67 30.63 -9.12
C MET A 1403 -51.38 31.49 -7.90
N VAL A 1404 -50.10 31.74 -7.65
CA VAL A 1404 -49.70 32.55 -6.51
C VAL A 1404 -49.81 34.04 -6.85
N GLU A 1405 -49.10 34.46 -7.90
CA GLU A 1405 -49.12 35.84 -8.33
C GLU A 1405 -50.46 36.18 -8.98
N LYS A 1406 -50.74 35.56 -10.12
CA LYS A 1406 -51.98 35.80 -10.83
C LYS A 1406 -53.19 35.46 -9.97
N GLY A 1407 -53.21 34.24 -9.43
CA GLY A 1407 -54.31 33.82 -8.58
C GLY A 1407 -55.25 32.82 -9.22
N GLY A 1408 -54.88 32.33 -10.41
CA GLY A 1408 -55.72 31.36 -11.09
C GLY A 1408 -55.02 30.67 -12.24
N PHE A 1409 -55.60 29.55 -12.68
CA PHE A 1409 -55.04 28.78 -13.78
C PHE A 1409 -56.12 28.46 -14.80
N TRP A 1410 -55.73 28.38 -16.07
CA TRP A 1410 -56.67 28.09 -17.14
C TRP A 1410 -57.01 26.61 -17.23
N ARG A 1411 -58.29 26.31 -17.29
CA ARG A 1411 -58.78 24.93 -17.37
C ARG A 1411 -58.93 24.52 -18.83
N THR A 1412 -57.95 23.79 -19.35
CA THR A 1412 -57.97 23.33 -20.73
C THR A 1412 -59.06 22.30 -20.97
N SER A 1413 -60.25 22.78 -21.32
CA SER A 1413 -61.40 21.93 -21.60
C SER A 1413 -62.55 22.84 -22.01
N ASP A 1414 -62.66 23.98 -21.34
CA ASP A 1414 -63.69 24.97 -21.62
C ASP A 1414 -63.05 26.35 -21.61
N HIS A 1415 -61.72 26.36 -21.47
CA HIS A 1415 -60.94 27.59 -21.44
C HIS A 1415 -61.61 28.69 -20.62
N THR A 1416 -61.78 28.43 -19.34
CA THR A 1416 -62.39 29.39 -18.42
C THR A 1416 -61.53 29.56 -17.18
N TRP A 1417 -61.13 30.80 -16.92
CA TRP A 1417 -60.30 31.13 -15.78
C TRP A 1417 -60.85 30.59 -14.47
N ILE A 1418 -60.01 29.88 -13.72
CA ILE A 1418 -60.40 29.30 -12.45
C ILE A 1418 -59.58 29.93 -11.32
N LYS A 1419 -60.21 30.80 -10.55
CA LYS A 1419 -59.53 31.48 -9.45
C LYS A 1419 -59.56 30.66 -8.15
N LEU A 1420 -58.42 30.61 -7.48
CA LEU A 1420 -58.29 29.88 -6.22
C LEU A 1420 -59.00 30.64 -5.10
N ASP A 1421 -59.85 29.96 -4.35
CA ASP A 1421 -60.57 30.58 -3.25
C ASP A 1421 -59.69 30.64 -2.01
N LYS A 1422 -59.57 29.50 -1.33
CA LYS A 1422 -58.76 29.39 -0.12
C LYS A 1422 -57.75 28.26 -0.24
N ILE A 1423 -56.95 28.28 -1.30
CA ILE A 1423 -55.95 27.23 -1.51
C ILE A 1423 -54.54 27.81 -1.63
N GLN A 1424 -53.79 27.76 -0.53
CA GLN A 1424 -52.43 28.28 -0.53
C GLN A 1424 -51.40 27.18 -0.78
N PHE A 1425 -50.12 27.54 -0.73
CA PHE A 1425 -49.04 26.61 -0.96
C PHE A 1425 -47.95 26.69 0.12
N VAL A 1426 -47.11 25.66 0.16
CA VAL A 1426 -46.01 25.56 1.11
C VAL A 1426 -45.23 24.29 0.74
N GLY A 1427 -43.98 24.45 0.34
CA GLY A 1427 -43.18 23.30 -0.03
C GLY A 1427 -41.87 23.16 0.72
N ALA A 1428 -41.20 22.04 0.50
CA ALA A 1428 -39.92 21.76 1.14
C ALA A 1428 -38.96 21.22 0.09
N CYS A 1429 -37.74 20.91 0.50
CA CYS A 1429 -36.73 20.37 -0.42
C CYS A 1429 -35.34 20.41 0.19
N ASN A 1430 -34.34 20.18 -0.65
CA ASN A 1430 -32.95 20.19 -0.23
C ASN A 1430 -32.26 21.29 -1.04
N PRO A 1431 -31.06 21.71 -0.63
CA PRO A 1431 -30.40 22.76 -1.40
C PRO A 1431 -30.14 22.27 -2.82
N PRO A 1432 -30.28 23.15 -3.82
CA PRO A 1432 -30.05 22.77 -5.22
C PRO A 1432 -28.65 22.23 -5.46
N THR A 1433 -27.82 22.27 -4.43
CA THR A 1433 -26.44 21.79 -4.52
C THR A 1433 -26.42 20.27 -4.64
N ASP A 1434 -27.42 19.62 -4.07
CA ASP A 1434 -27.52 18.16 -4.11
C ASP A 1434 -27.88 17.67 -5.50
N ALA A 1435 -27.51 16.43 -5.80
CA ALA A 1435 -27.80 15.83 -7.10
C ALA A 1435 -29.30 15.75 -7.37
N GLY A 1436 -29.65 15.54 -8.63
CA GLY A 1436 -31.04 15.44 -9.02
C GLY A 1436 -31.82 16.71 -8.78
N ARG A 1437 -31.24 17.62 -8.00
CA ARG A 1437 -31.88 18.89 -7.69
C ARG A 1437 -31.74 19.88 -8.85
N VAL A 1438 -32.75 20.74 -9.00
CA VAL A 1438 -32.76 21.75 -10.05
C VAL A 1438 -33.14 23.11 -9.51
N GLN A 1439 -32.21 24.05 -9.58
CA GLN A 1439 -32.44 25.41 -9.11
C GLN A 1439 -33.83 25.90 -9.49
N LEU A 1440 -34.46 26.66 -8.59
CA LEU A 1440 -35.78 27.19 -8.83
C LEU A 1440 -35.73 28.54 -9.53
N THR A 1441 -36.63 28.74 -10.49
CA THR A 1441 -36.70 29.99 -11.24
C THR A 1441 -36.90 31.18 -10.30
N HIS A 1442 -36.25 32.29 -10.62
CA HIS A 1442 -36.36 33.49 -9.81
C HIS A 1442 -37.75 34.11 -9.93
N ARG A 1443 -38.49 33.69 -10.96
CA ARG A 1443 -39.83 34.20 -11.19
C ARG A 1443 -40.81 33.57 -10.20
N PHE A 1444 -40.32 32.59 -9.44
CA PHE A 1444 -41.14 31.90 -8.45
C PHE A 1444 -40.72 32.26 -7.03
N LEU A 1445 -39.44 32.08 -6.74
CA LEU A 1445 -38.89 32.37 -5.41
C LEU A 1445 -39.30 33.75 -4.90
N ARG A 1446 -39.46 34.71 -5.81
CA ARG A 1446 -39.84 36.07 -5.44
C ARG A 1446 -41.01 36.09 -4.44
N HIS A 1447 -41.96 35.18 -4.64
CA HIS A 1447 -43.14 35.10 -3.79
C HIS A 1447 -42.94 34.08 -2.68
N ALA A 1448 -41.88 33.30 -2.78
CA ALA A 1448 -41.61 32.26 -1.80
C ALA A 1448 -40.45 32.55 -0.84
N PRO A 1449 -40.77 32.85 0.43
CA PRO A 1449 -39.76 33.13 1.45
C PRO A 1449 -39.14 31.82 1.91
N ILE A 1450 -37.82 31.77 2.01
CA ILE A 1450 -37.15 30.53 2.42
C ILE A 1450 -36.78 30.50 3.90
N LEU A 1451 -36.59 29.28 4.41
CA LEU A 1451 -36.22 29.06 5.80
C LEU A 1451 -35.33 27.84 5.91
N LEU A 1452 -34.02 28.06 6.00
CA LEU A 1452 -33.06 26.98 6.10
C LEU A 1452 -33.22 26.19 7.39
N VAL A 1453 -33.16 24.86 7.27
CA VAL A 1453 -33.30 23.98 8.42
C VAL A 1453 -32.22 22.90 8.38
N ASP A 1454 -31.28 22.96 9.31
CA ASP A 1454 -30.20 21.99 9.37
C ASP A 1454 -30.59 20.90 10.38
N PHE A 1455 -29.59 20.30 11.03
CA PHE A 1455 -29.85 19.26 12.01
C PHE A 1455 -29.83 19.82 13.43
N PRO A 1456 -30.72 19.33 14.30
CA PRO A 1456 -30.80 19.78 15.69
C PRO A 1456 -29.43 19.72 16.37
N SER A 1457 -28.88 20.89 16.68
CA SER A 1457 -27.58 20.99 17.33
C SER A 1457 -27.37 19.85 18.32
N THR A 1458 -26.16 19.32 18.38
CA THR A 1458 -25.83 18.22 19.27
C THR A 1458 -26.45 18.42 20.65
N SER A 1459 -26.58 19.69 21.06
CA SER A 1459 -27.16 20.02 22.36
C SER A 1459 -28.67 19.82 22.32
N SER A 1460 -29.30 20.29 21.25
CA SER A 1460 -30.74 20.17 21.09
C SER A 1460 -31.19 18.72 21.01
N LEU A 1461 -30.36 17.86 20.42
CA LEU A 1461 -30.70 16.45 20.30
C LEU A 1461 -30.70 15.72 21.62
N THR A 1462 -29.73 16.01 22.48
CA THR A 1462 -29.65 15.37 23.78
C THR A 1462 -30.81 15.78 24.67
N GLN A 1463 -31.44 16.91 24.35
CA GLN A 1463 -32.58 17.39 25.12
C GLN A 1463 -33.86 16.94 24.43
N ILE A 1464 -33.83 16.92 23.10
CA ILE A 1464 -34.97 16.51 22.29
C ILE A 1464 -35.20 15.01 22.44
N TYR A 1465 -34.24 14.22 21.94
CA TYR A 1465 -34.32 12.77 22.01
C TYR A 1465 -33.97 12.27 23.40
N GLY A 1466 -33.27 13.10 24.16
CA GLY A 1466 -32.89 12.72 25.52
C GLY A 1466 -34.11 12.52 26.38
N THR A 1467 -35.13 13.34 26.15
CA THR A 1467 -36.38 13.27 26.91
C THR A 1467 -37.12 11.97 26.61
N PHE A 1468 -37.32 11.69 25.32
CA PHE A 1468 -38.01 10.48 24.89
C PHE A 1468 -37.58 9.27 25.70
N ASN A 1469 -36.30 9.23 26.07
CA ASN A 1469 -35.75 8.12 26.83
C ASN A 1469 -36.11 8.19 28.31
N ARG A 1470 -35.92 9.35 28.93
CA ARG A 1470 -36.21 9.53 30.33
C ARG A 1470 -37.66 9.14 30.64
N ALA A 1471 -38.49 9.10 29.60
CA ALA A 1471 -39.89 8.71 29.74
C ALA A 1471 -40.04 7.26 29.33
N LEU A 1472 -39.09 6.79 28.53
CA LEU A 1472 -39.08 5.41 28.05
C LEU A 1472 -38.57 4.46 29.12
N MET A 1473 -37.73 4.97 30.01
CA MET A 1473 -37.16 4.15 31.07
C MET A 1473 -38.09 3.94 32.27
N LYS A 1474 -39.38 4.20 32.09
CA LYS A 1474 -40.34 4.00 33.16
C LYS A 1474 -40.85 2.57 33.09
N LEU A 1475 -40.59 1.93 31.95
CA LEU A 1475 -40.99 0.55 31.73
C LEU A 1475 -39.90 -0.32 32.33
N LEU A 1476 -38.86 0.34 32.83
CA LEU A 1476 -37.72 -0.32 33.45
C LEU A 1476 -37.21 0.50 34.63
N PRO A 1477 -38.04 0.61 35.69
CA PRO A 1477 -37.67 1.37 36.89
C PRO A 1477 -36.28 1.05 37.42
N ASN A 1478 -35.91 -0.22 37.34
CA ASN A 1478 -34.60 -0.67 37.80
C ASN A 1478 -33.47 0.00 37.02
N LEU A 1479 -33.74 0.34 35.77
CA LEU A 1479 -32.75 0.98 34.91
C LEU A 1479 -33.07 2.45 34.69
N ARG A 1480 -34.12 2.93 35.37
CA ARG A 1480 -34.53 4.32 35.24
C ARG A 1480 -33.38 5.27 35.61
N SER A 1481 -32.31 4.69 36.14
CA SER A 1481 -31.14 5.47 36.53
C SER A 1481 -30.10 5.54 35.41
N PHE A 1482 -30.49 5.06 34.23
CA PHE A 1482 -29.58 5.07 33.08
C PHE A 1482 -30.19 5.83 31.90
N ALA A 1483 -31.40 6.32 32.07
CA ALA A 1483 -32.09 7.07 31.01
C ALA A 1483 -31.14 8.02 30.29
N ASP A 1484 -30.69 9.05 30.99
CA ASP A 1484 -29.77 10.03 30.43
C ASP A 1484 -28.56 9.37 29.76
N ASN A 1485 -28.11 8.27 30.35
CA ASN A 1485 -26.96 7.54 29.81
C ASN A 1485 -27.30 7.00 28.42
N LEU A 1486 -28.41 6.28 28.32
CA LEU A 1486 -28.86 5.73 27.05
C LEU A 1486 -28.87 6.82 26.00
N THR A 1487 -29.37 7.98 26.38
CA THR A 1487 -29.45 9.14 25.50
C THR A 1487 -28.09 9.51 24.91
N ASP A 1488 -27.17 9.90 25.78
CA ASP A 1488 -25.83 10.29 25.36
C ASP A 1488 -25.23 9.28 24.37
N ALA A 1489 -25.17 8.02 24.78
CA ALA A 1489 -24.64 6.96 23.93
C ALA A 1489 -25.35 6.92 22.58
N MET A 1490 -26.63 7.25 22.58
CA MET A 1490 -27.42 7.26 21.36
C MET A 1490 -27.05 8.42 20.45
N VAL A 1491 -26.98 9.63 21.01
CA VAL A 1491 -26.64 10.82 20.25
C VAL A 1491 -25.17 10.87 19.87
N GLU A 1492 -24.31 10.42 20.77
CA GLU A 1492 -22.87 10.42 20.51
C GLU A 1492 -22.53 9.47 19.37
N PHE A 1493 -23.15 8.29 19.38
CA PHE A 1493 -22.92 7.31 18.34
C PHE A 1493 -23.41 7.83 16.99
N TYR A 1494 -24.65 8.34 17.00
CA TYR A 1494 -25.24 8.89 15.79
C TYR A 1494 -24.34 9.96 15.18
N SER A 1495 -24.00 10.97 15.97
CA SER A 1495 -23.14 12.05 15.54
C SER A 1495 -21.84 11.50 14.95
N GLU A 1496 -21.11 10.74 15.78
CA GLU A 1496 -19.85 10.14 15.37
C GLU A 1496 -19.94 9.46 14.01
N SER A 1497 -21.05 8.76 13.77
CA SER A 1497 -21.26 8.05 12.52
C SER A 1497 -21.60 8.97 11.34
N GLN A 1498 -22.54 9.90 11.55
CA GLN A 1498 -22.93 10.83 10.50
C GLN A 1498 -21.72 11.45 9.82
N LYS A 1499 -20.66 11.65 10.59
CA LYS A 1499 -19.43 12.24 10.07
C LYS A 1499 -18.53 11.19 9.42
N ARG A 1500 -18.41 10.04 10.06
CA ARG A 1500 -17.58 8.97 9.54
C ARG A 1500 -18.08 8.56 8.16
N PHE A 1501 -19.40 8.62 7.98
CA PHE A 1501 -20.00 8.24 6.71
C PHE A 1501 -20.73 9.42 6.05
N THR A 1502 -19.99 10.16 5.23
CA THR A 1502 -20.56 11.31 4.54
C THR A 1502 -21.08 10.90 3.16
N PRO A 1503 -21.94 11.74 2.55
CA PRO A 1503 -22.50 11.44 1.23
C PRO A 1503 -21.42 11.21 0.17
N ASP A 1504 -20.18 11.57 0.50
CA ASP A 1504 -19.06 11.41 -0.43
C ASP A 1504 -18.77 9.93 -0.68
N ILE A 1505 -18.32 9.22 0.35
CA ILE A 1505 -17.99 7.82 0.23
C ILE A 1505 -19.09 7.04 -0.49
N GLN A 1506 -20.32 7.55 -0.41
CA GLN A 1506 -21.46 6.92 -1.06
C GLN A 1506 -22.71 7.78 -0.90
N ALA A 1507 -23.68 7.58 -1.78
CA ALA A 1507 -24.92 8.35 -1.76
C ALA A 1507 -25.83 8.07 -0.56
N HIS A 1508 -26.28 6.83 -0.43
CA HIS A 1508 -27.17 6.45 0.67
C HIS A 1508 -26.57 6.64 2.06
N TYR A 1509 -25.42 7.31 2.14
CA TYR A 1509 -24.78 7.55 3.41
C TYR A 1509 -25.28 8.84 4.06
N ILE A 1510 -26.60 9.03 4.00
CA ILE A 1510 -27.25 10.20 4.58
C ILE A 1510 -27.86 9.87 5.93
N TYR A 1511 -27.63 10.73 6.91
CA TYR A 1511 -28.14 10.53 8.26
C TYR A 1511 -28.94 11.74 8.74
N SER A 1512 -29.63 11.58 9.87
CA SER A 1512 -30.44 12.64 10.45
C SER A 1512 -31.13 12.15 11.71
N PRO A 1513 -31.71 13.06 12.50
CA PRO A 1513 -32.40 12.67 13.74
C PRO A 1513 -33.41 11.55 13.50
N ARG A 1514 -33.94 11.50 12.29
CA ARG A 1514 -34.91 10.47 11.92
C ARG A 1514 -34.39 9.09 12.29
N GLU A 1515 -33.08 8.92 12.22
CA GLU A 1515 -32.46 7.64 12.56
C GLU A 1515 -32.64 7.39 14.06
N LEU A 1516 -32.53 8.46 14.84
CA LEU A 1516 -32.67 8.37 16.29
C LEU A 1516 -34.08 7.95 16.68
N SER A 1517 -35.09 8.48 15.99
CA SER A 1517 -36.47 8.12 16.28
C SER A 1517 -36.70 6.65 15.97
N ARG A 1518 -36.24 6.22 14.80
CA ARG A 1518 -36.39 4.82 14.40
C ARG A 1518 -35.67 3.97 15.43
N TRP A 1519 -34.66 4.57 16.06
CA TRP A 1519 -33.85 3.90 17.07
C TRP A 1519 -34.62 3.81 18.39
N ASP A 1520 -35.27 4.91 18.75
CA ASP A 1520 -36.04 4.98 19.99
C ASP A 1520 -37.30 4.13 19.90
N ARG A 1521 -38.08 4.36 18.85
CA ARG A 1521 -39.31 3.61 18.63
C ARG A 1521 -38.97 2.12 18.70
N ALA A 1522 -37.78 1.80 18.23
CA ALA A 1522 -37.29 0.42 18.22
C ALA A 1522 -37.01 -0.03 19.65
N LEU A 1523 -36.38 0.84 20.43
CA LEU A 1523 -36.07 0.51 21.82
C LEU A 1523 -37.37 0.31 22.58
N LEU A 1524 -38.34 1.19 22.32
CA LEU A 1524 -39.64 1.11 22.98
C LEU A 1524 -40.37 -0.19 22.62
N GLU A 1525 -40.74 -0.32 21.35
CA GLU A 1525 -41.44 -1.49 20.86
C GLU A 1525 -40.88 -2.81 21.40
N ALA A 1526 -39.56 -2.85 21.59
CA ALA A 1526 -38.91 -4.05 22.10
C ALA A 1526 -39.13 -4.22 23.61
N ILE A 1527 -38.88 -3.14 24.36
CA ILE A 1527 -39.05 -3.16 25.81
C ILE A 1527 -40.47 -3.56 26.21
N GLN A 1528 -41.45 -2.89 25.62
CA GLN A 1528 -42.86 -3.15 25.90
C GLN A 1528 -43.27 -4.62 25.88
N THR A 1529 -42.39 -5.49 25.38
CA THR A 1529 -42.70 -6.90 25.31
C THR A 1529 -41.74 -7.78 26.10
N MET A 1530 -41.22 -7.25 27.22
CA MET A 1530 -40.29 -8.01 28.04
C MET A 1530 -40.69 -7.97 29.51
N ASP A 1531 -40.85 -9.14 30.10
CA ASP A 1531 -41.22 -9.26 31.50
C ASP A 1531 -40.08 -8.76 32.38
N GLY A 1532 -39.73 -7.49 32.19
CA GLY A 1532 -38.66 -6.90 32.96
C GLY A 1532 -37.32 -7.03 32.26
N CYS A 1533 -36.66 -5.91 31.98
CA CYS A 1533 -35.37 -5.93 31.32
C CYS A 1533 -34.25 -5.67 32.32
N THR A 1534 -33.01 -5.79 31.87
CA THR A 1534 -31.85 -5.58 32.72
C THR A 1534 -30.78 -4.75 32.01
N LEU A 1535 -29.90 -4.15 32.80
CA LEU A 1535 -28.83 -3.33 32.26
C LEU A 1535 -28.14 -4.04 31.09
N GLU A 1536 -27.97 -5.35 31.22
CA GLU A 1536 -27.35 -6.14 30.17
C GLU A 1536 -28.23 -6.22 28.94
N GLY A 1537 -29.51 -6.53 29.14
CA GLY A 1537 -30.44 -6.61 28.04
C GLY A 1537 -30.57 -5.33 27.25
N LEU A 1538 -30.61 -4.21 27.95
CA LEU A 1538 -30.74 -2.91 27.30
C LEU A 1538 -29.60 -2.67 26.31
N VAL A 1539 -28.37 -2.80 26.80
CA VAL A 1539 -27.19 -2.60 25.97
C VAL A 1539 -27.19 -3.47 24.71
N ARG A 1540 -27.41 -4.77 24.88
CA ARG A 1540 -27.41 -5.67 23.74
C ARG A 1540 -28.58 -5.39 22.80
N LEU A 1541 -29.64 -4.79 23.34
CA LEU A 1541 -30.81 -4.46 22.53
C LEU A 1541 -30.54 -3.11 21.88
N TRP A 1542 -29.76 -2.29 22.57
CA TRP A 1542 -29.39 -0.96 22.09
C TRP A 1542 -28.47 -1.09 20.88
N ALA A 1543 -27.48 -1.98 21.01
CA ALA A 1543 -26.51 -2.21 19.95
C ALA A 1543 -27.17 -2.75 18.68
N HIS A 1544 -28.15 -3.64 18.86
CA HIS A 1544 -28.85 -4.24 17.73
C HIS A 1544 -29.46 -3.17 16.82
N GLU A 1545 -30.35 -2.35 17.39
CA GLU A 1545 -31.01 -1.30 16.63
C GLU A 1545 -30.00 -0.35 16.00
N ALA A 1546 -28.89 -0.14 16.69
CA ALA A 1546 -27.83 0.75 16.20
C ALA A 1546 -27.21 0.14 14.95
N LEU A 1547 -27.05 -1.18 14.96
CA LEU A 1547 -26.48 -1.90 13.84
C LEU A 1547 -27.37 -1.78 12.60
N ARG A 1548 -28.60 -2.29 12.73
CA ARG A 1548 -29.58 -2.28 11.65
C ARG A 1548 -29.88 -0.88 11.12
N LEU A 1549 -29.35 0.14 11.77
CA LEU A 1549 -29.59 1.51 11.34
C LEU A 1549 -28.39 2.20 10.71
N PHE A 1550 -27.20 1.95 11.24
CA PHE A 1550 -26.00 2.59 10.72
C PHE A 1550 -24.99 1.61 10.08
N GLN A 1551 -25.29 0.33 10.14
CA GLN A 1551 -24.40 -0.68 9.57
C GLN A 1551 -24.95 -1.40 8.35
N ASP A 1552 -26.24 -1.72 8.38
CA ASP A 1552 -26.87 -2.44 7.27
C ASP A 1552 -26.80 -1.68 5.95
N ARG A 1553 -26.46 -0.40 6.00
CA ARG A 1553 -26.37 0.42 4.79
C ARG A 1553 -24.95 0.44 4.24
N LEU A 1554 -23.97 0.16 5.10
CA LEU A 1554 -22.58 0.15 4.68
C LEU A 1554 -22.33 -0.91 3.61
N VAL A 1555 -21.24 -0.77 2.88
CA VAL A 1555 -20.90 -1.72 1.82
C VAL A 1555 -19.58 -2.42 2.13
N GLU A 1556 -18.47 -1.70 1.96
CA GLU A 1556 -17.14 -2.25 2.22
C GLU A 1556 -17.06 -2.79 3.64
N THR A 1557 -16.53 -4.00 3.78
CA THR A 1557 -16.38 -4.62 5.09
C THR A 1557 -15.59 -3.73 6.03
N GLU A 1558 -14.66 -2.96 5.47
CA GLU A 1558 -13.84 -2.05 6.26
C GLU A 1558 -14.71 -1.09 7.04
N GLU A 1559 -15.78 -0.62 6.41
CA GLU A 1559 -16.71 0.31 7.05
C GLU A 1559 -17.56 -0.41 8.10
N LYS A 1560 -18.15 -1.54 7.71
CA LYS A 1560 -18.98 -2.30 8.63
C LYS A 1560 -18.15 -2.71 9.86
N GLU A 1561 -16.90 -3.04 9.61
CA GLU A 1561 -16.00 -3.44 10.69
C GLU A 1561 -15.81 -2.27 11.65
N TRP A 1562 -15.67 -1.08 11.09
CA TRP A 1562 -15.50 0.13 11.87
C TRP A 1562 -16.72 0.34 12.76
N THR A 1563 -17.89 0.32 12.14
CA THR A 1563 -19.16 0.50 12.84
C THR A 1563 -19.28 -0.35 14.11
N ASP A 1564 -18.86 -1.61 14.02
CA ASP A 1564 -18.94 -2.50 15.17
C ASP A 1564 -18.03 -2.10 16.32
N LYS A 1565 -16.76 -1.81 16.03
CA LYS A 1565 -15.83 -1.44 17.09
C LYS A 1565 -16.23 -0.12 17.74
N LYS A 1566 -16.87 0.76 16.97
CA LYS A 1566 -17.32 2.04 17.49
C LYS A 1566 -18.54 1.87 18.38
N ILE A 1567 -19.48 1.03 17.95
CA ILE A 1567 -20.68 0.77 18.71
C ILE A 1567 -20.36 0.35 20.14
N ASP A 1568 -19.31 -0.43 20.31
CA ASP A 1568 -18.91 -0.88 21.63
C ASP A 1568 -18.14 0.21 22.36
N GLU A 1569 -17.23 0.87 21.65
CA GLU A 1569 -16.43 1.94 22.23
C GLU A 1569 -17.34 2.96 22.92
N VAL A 1570 -18.49 3.23 22.31
CA VAL A 1570 -19.45 4.17 22.86
C VAL A 1570 -20.29 3.53 23.97
N ALA A 1571 -20.67 2.28 23.75
CA ALA A 1571 -21.48 1.55 24.73
C ALA A 1571 -20.73 1.40 26.05
N LEU A 1572 -19.48 0.96 25.98
CA LEU A 1572 -18.65 0.78 27.15
C LEU A 1572 -18.29 2.11 27.79
N LYS A 1573 -18.26 3.17 26.99
CA LYS A 1573 -17.92 4.49 27.46
C LYS A 1573 -19.05 5.14 28.26
N HIS A 1574 -20.28 4.72 27.98
CA HIS A 1574 -21.45 5.27 28.68
C HIS A 1574 -22.05 4.27 29.65
N PHE A 1575 -21.77 2.99 29.44
CA PHE A 1575 -22.29 1.95 30.30
C PHE A 1575 -21.16 1.09 30.87
N PRO A 1576 -20.42 1.63 31.87
CA PRO A 1576 -19.30 0.93 32.50
C PRO A 1576 -19.72 -0.32 33.27
N SER A 1577 -20.88 -0.24 33.94
CA SER A 1577 -21.39 -1.34 34.74
C SER A 1577 -21.95 -2.49 33.91
N VAL A 1578 -21.68 -2.50 32.61
CA VAL A 1578 -22.18 -3.55 31.72
C VAL A 1578 -21.34 -4.81 31.79
N ASN A 1579 -21.94 -5.91 31.37
CA ASN A 1579 -21.27 -7.20 31.34
C ASN A 1579 -20.80 -7.39 29.90
N LEU A 1580 -19.78 -6.63 29.51
CA LEU A 1580 -19.19 -6.65 28.17
C LEU A 1580 -19.70 -7.73 27.22
N ASP A 1581 -19.85 -8.94 27.73
CA ASP A 1581 -20.33 -10.07 26.94
C ASP A 1581 -21.72 -9.78 26.37
N ALA A 1582 -22.35 -8.73 26.88
CA ALA A 1582 -23.69 -8.34 26.44
C ALA A 1582 -23.65 -7.75 25.03
N LEU A 1583 -22.45 -7.40 24.58
CA LEU A 1583 -22.28 -6.84 23.24
C LEU A 1583 -21.63 -7.87 22.33
N LYS A 1584 -21.42 -9.07 22.85
CA LYS A 1584 -20.80 -10.15 22.10
C LYS A 1584 -21.54 -10.46 20.81
N ARG A 1585 -20.80 -10.59 19.72
CA ARG A 1585 -21.37 -10.89 18.42
C ARG A 1585 -21.46 -12.40 18.22
N PRO A 1586 -22.32 -12.86 17.30
CA PRO A 1586 -23.21 -12.04 16.48
C PRO A 1586 -24.49 -11.65 17.21
N ILE A 1587 -24.94 -10.41 17.01
CA ILE A 1587 -26.14 -9.93 17.66
C ILE A 1587 -27.38 -10.17 16.80
N LEU A 1588 -28.25 -11.07 17.24
CA LEU A 1588 -29.48 -11.38 16.52
C LEU A 1588 -30.68 -11.30 17.43
N TYR A 1589 -31.85 -11.08 16.84
CA TYR A 1589 -33.10 -10.99 17.58
C TYR A 1589 -34.25 -11.55 16.74
N SER A 1590 -34.78 -12.68 17.16
CA SER A 1590 -35.89 -13.32 16.44
C SER A 1590 -37.00 -13.70 17.41
N ASN A 1591 -38.20 -13.88 16.86
CA ASN A 1591 -39.36 -14.25 17.64
C ASN A 1591 -40.07 -15.47 17.05
N TRP A 1592 -39.39 -16.15 16.13
CA TRP A 1592 -39.95 -17.34 15.50
C TRP A 1592 -39.60 -18.55 16.35
N LEU A 1593 -39.04 -18.27 17.54
CA LEU A 1593 -38.65 -19.33 18.47
C LEU A 1593 -39.12 -18.99 19.88
N THR A 1594 -38.49 -17.99 20.48
CA THR A 1594 -38.82 -17.56 21.82
C THR A 1594 -40.22 -16.94 21.86
N LYS A 1595 -40.88 -17.05 23.01
CA LYS A 1595 -42.23 -16.52 23.20
C LYS A 1595 -42.36 -15.09 22.67
N ASP A 1596 -41.49 -14.21 23.15
CA ASP A 1596 -41.52 -12.81 22.73
C ASP A 1596 -40.29 -12.45 21.92
N TYR A 1597 -39.88 -11.19 21.99
CA TYR A 1597 -38.71 -10.71 21.27
C TYR A 1597 -37.47 -10.99 22.12
N GLN A 1598 -36.78 -12.09 21.80
CA GLN A 1598 -35.60 -12.49 22.55
C GLN A 1598 -34.43 -12.89 21.64
N PRO A 1599 -33.19 -12.69 22.11
CA PRO A 1599 -31.98 -13.03 21.35
C PRO A 1599 -31.91 -14.51 21.01
N VAL A 1600 -31.36 -14.82 19.84
CA VAL A 1600 -31.22 -16.21 19.39
C VAL A 1600 -29.83 -16.46 18.84
N ASN A 1601 -29.30 -17.65 19.09
CA ASN A 1601 -27.97 -18.02 18.61
C ASN A 1601 -28.07 -18.59 17.21
N ARG A 1602 -27.00 -18.49 16.43
CA ARG A 1602 -26.98 -19.00 15.07
C ARG A 1602 -27.58 -20.40 14.97
N SER A 1603 -27.05 -21.32 15.75
CA SER A 1603 -27.51 -22.70 15.75
C SER A 1603 -29.02 -22.83 15.97
N ASP A 1604 -29.46 -22.59 17.20
CA ASP A 1604 -30.88 -22.67 17.55
C ASP A 1604 -31.77 -22.02 16.51
N LEU A 1605 -31.23 -21.04 15.80
CA LEU A 1605 -31.98 -20.33 14.77
C LEU A 1605 -31.92 -21.02 13.41
N ARG A 1606 -30.71 -21.28 12.90
CA ARG A 1606 -30.57 -21.93 11.61
C ARG A 1606 -31.13 -23.35 11.65
N GLU A 1607 -30.85 -24.06 12.73
CA GLU A 1607 -31.34 -25.43 12.88
C GLU A 1607 -32.85 -25.42 12.79
N TYR A 1608 -33.44 -24.26 13.09
CA TYR A 1608 -34.89 -24.09 13.04
C TYR A 1608 -35.33 -23.68 11.63
N VAL A 1609 -34.86 -22.52 11.18
CA VAL A 1609 -35.21 -22.01 9.86
C VAL A 1609 -35.04 -23.12 8.83
N LYS A 1610 -33.99 -23.93 9.00
CA LYS A 1610 -33.71 -25.04 8.10
C LYS A 1610 -34.90 -25.99 8.04
N ALA A 1611 -35.48 -26.28 9.20
CA ALA A 1611 -36.62 -27.17 9.29
C ALA A 1611 -37.86 -26.48 8.70
N ARG A 1612 -38.11 -25.25 9.14
CA ARG A 1612 -39.25 -24.49 8.66
C ARG A 1612 -39.07 -24.25 7.16
N LEU A 1613 -37.83 -24.39 6.70
CA LEU A 1613 -37.50 -24.19 5.29
C LEU A 1613 -37.94 -25.42 4.48
N LYS A 1614 -37.82 -26.59 5.10
CA LYS A 1614 -38.21 -27.84 4.46
C LYS A 1614 -39.62 -27.78 3.91
N VAL A 1615 -40.45 -26.91 4.48
CA VAL A 1615 -41.83 -26.76 4.04
C VAL A 1615 -41.88 -25.87 2.80
N PHE A 1616 -41.08 -24.81 2.81
CA PHE A 1616 -41.01 -23.87 1.70
C PHE A 1616 -40.66 -24.62 0.42
N TYR A 1617 -39.94 -25.72 0.56
CA TYR A 1617 -39.51 -26.54 -0.56
C TYR A 1617 -40.67 -27.11 -1.39
N GLU A 1618 -41.47 -27.98 -0.79
CA GLU A 1618 -42.58 -28.60 -1.50
C GLU A 1618 -43.80 -27.69 -1.68
N GLU A 1619 -43.92 -26.67 -0.84
CA GLU A 1619 -45.05 -25.75 -0.93
C GLU A 1619 -44.80 -24.60 -1.90
N GLU A 1620 -43.54 -24.41 -2.29
CA GLU A 1620 -43.17 -23.34 -3.21
C GLU A 1620 -42.04 -23.81 -4.12
N LEU A 1621 -41.05 -22.94 -4.32
CA LEU A 1621 -39.92 -23.26 -5.16
C LEU A 1621 -38.93 -24.16 -4.42
N ASP A 1622 -38.58 -25.28 -5.04
CA ASP A 1622 -37.65 -26.23 -4.44
C ASP A 1622 -36.22 -25.74 -4.62
N VAL A 1623 -35.88 -24.64 -3.95
CA VAL A 1623 -34.54 -24.06 -4.04
C VAL A 1623 -33.74 -24.35 -2.78
N PRO A 1624 -32.99 -25.46 -2.76
CA PRO A 1624 -32.18 -25.86 -1.61
C PRO A 1624 -31.22 -24.74 -1.20
N LEU A 1625 -31.67 -23.89 -0.28
CA LEU A 1625 -30.85 -22.77 0.19
C LEU A 1625 -29.90 -23.21 1.30
N VAL A 1626 -28.67 -22.69 1.24
CA VAL A 1626 -27.66 -23.01 2.23
C VAL A 1626 -27.64 -21.92 3.31
N LEU A 1627 -28.38 -22.14 4.38
CA LEU A 1627 -28.45 -21.18 5.48
C LEU A 1627 -27.07 -20.92 6.08
N PHE A 1628 -26.41 -19.88 5.60
CA PHE A 1628 -25.09 -19.51 6.10
C PHE A 1628 -25.13 -18.11 6.69
N ASN A 1629 -24.15 -17.81 7.55
CA ASN A 1629 -24.04 -16.51 8.22
C ASN A 1629 -24.91 -15.40 7.63
N GLU A 1630 -24.40 -14.75 6.59
CA GLU A 1630 -25.12 -13.66 5.94
C GLU A 1630 -26.61 -13.92 5.79
N VAL A 1631 -26.96 -15.03 5.13
CA VAL A 1631 -28.35 -15.40 4.92
C VAL A 1631 -29.22 -15.13 6.14
N LEU A 1632 -28.74 -15.54 7.32
CA LEU A 1632 -29.48 -15.34 8.55
C LEU A 1632 -29.67 -13.87 8.88
N ASP A 1633 -28.59 -13.11 8.84
CA ASP A 1633 -28.67 -11.68 9.14
C ASP A 1633 -29.75 -10.99 8.31
N HIS A 1634 -29.95 -11.48 7.09
CA HIS A 1634 -30.95 -10.90 6.19
C HIS A 1634 -32.39 -11.29 6.52
N ILE A 1635 -32.67 -12.58 6.56
CA ILE A 1635 -34.03 -13.06 6.85
C ILE A 1635 -34.63 -12.37 8.07
N LEU A 1636 -33.79 -11.96 9.01
CA LEU A 1636 -34.26 -11.27 10.20
C LEU A 1636 -34.45 -9.79 9.90
N ARG A 1637 -33.54 -9.23 9.09
CA ARG A 1637 -33.61 -7.83 8.72
C ARG A 1637 -34.80 -7.62 7.78
N ILE A 1638 -35.06 -8.62 6.94
CA ILE A 1638 -36.17 -8.57 6.01
C ILE A 1638 -37.46 -8.73 6.79
N ASP A 1639 -37.39 -9.50 7.87
CA ASP A 1639 -38.56 -9.74 8.72
C ASP A 1639 -38.98 -8.43 9.38
N ARG A 1640 -38.02 -7.78 10.05
CA ARG A 1640 -38.28 -6.51 10.73
C ARG A 1640 -39.06 -5.57 9.82
N VAL A 1641 -38.55 -5.38 8.61
CA VAL A 1641 -39.19 -4.50 7.64
C VAL A 1641 -40.64 -4.87 7.36
N PHE A 1642 -40.93 -6.15 7.19
CA PHE A 1642 -42.28 -6.60 6.91
C PHE A 1642 -43.25 -6.30 8.06
N ARG A 1643 -42.87 -6.68 9.27
CA ARG A 1643 -43.70 -6.43 10.44
C ARG A 1643 -43.60 -4.98 10.89
N GLN A 1644 -44.20 -4.09 10.10
CA GLN A 1644 -44.18 -2.66 10.41
C GLN A 1644 -44.94 -1.88 9.33
N PRO A 1645 -45.90 -1.02 9.75
CA PRO A 1645 -46.67 -0.24 8.78
C PRO A 1645 -45.76 0.52 7.82
N GLN A 1646 -46.04 0.37 6.52
CA GLN A 1646 -45.24 1.02 5.48
C GLN A 1646 -43.82 0.50 5.50
N GLY A 1647 -43.67 -0.80 5.73
CA GLY A 1647 -42.36 -1.41 5.77
C GLY A 1647 -41.90 -1.87 4.40
N HIS A 1648 -40.98 -1.12 3.80
CA HIS A 1648 -40.46 -1.47 2.48
C HIS A 1648 -38.98 -1.79 2.58
N ALA A 1649 -38.48 -2.61 1.64
CA ALA A 1649 -37.08 -2.99 1.65
C ALA A 1649 -36.38 -2.68 0.33
N LEU A 1650 -35.19 -2.12 0.42
CA LEU A 1650 -34.39 -1.77 -0.75
C LEU A 1650 -33.11 -2.61 -0.70
N LEU A 1651 -33.22 -3.86 -1.12
CA LEU A 1651 -32.09 -4.78 -1.12
C LEU A 1651 -31.14 -4.58 -2.29
N ILE A 1652 -29.98 -3.99 -2.01
CA ILE A 1652 -28.96 -3.75 -3.03
C ILE A 1652 -27.95 -4.89 -2.94
N GLY A 1653 -27.57 -5.45 -4.07
CA GLY A 1653 -26.59 -6.54 -4.03
C GLY A 1653 -26.37 -7.26 -5.34
N VAL A 1654 -25.29 -8.05 -5.38
CA VAL A 1654 -24.92 -8.84 -6.55
C VAL A 1654 -26.11 -9.62 -7.09
N SER A 1655 -26.02 -10.02 -8.36
CA SER A 1655 -27.08 -10.78 -9.00
C SER A 1655 -27.14 -12.21 -8.46
N GLY A 1656 -28.32 -12.81 -8.53
CA GLY A 1656 -28.48 -14.18 -8.04
C GLY A 1656 -27.83 -14.39 -6.69
N GLY A 1657 -27.96 -13.42 -5.80
CA GLY A 1657 -27.37 -13.53 -4.48
C GLY A 1657 -28.37 -13.89 -3.39
N GLY A 1658 -29.61 -14.16 -3.78
CA GLY A 1658 -30.62 -14.52 -2.81
C GLY A 1658 -31.57 -13.40 -2.45
N LYS A 1659 -31.41 -12.25 -3.09
CA LYS A 1659 -32.26 -11.09 -2.82
C LYS A 1659 -33.76 -11.43 -2.90
N SER A 1660 -34.16 -12.05 -4.01
CA SER A 1660 -35.57 -12.41 -4.19
C SER A 1660 -35.94 -13.64 -3.39
N VAL A 1661 -35.20 -14.73 -3.59
CA VAL A 1661 -35.45 -15.98 -2.88
C VAL A 1661 -35.56 -15.79 -1.37
N LEU A 1662 -34.63 -15.05 -0.77
CA LEU A 1662 -34.67 -14.83 0.66
C LEU A 1662 -35.81 -13.90 1.07
N SER A 1663 -36.21 -13.02 0.16
CA SER A 1663 -37.31 -12.10 0.46
C SER A 1663 -38.64 -12.84 0.39
N ARG A 1664 -38.76 -13.74 -0.58
CA ARG A 1664 -39.98 -14.53 -0.72
C ARG A 1664 -40.23 -15.32 0.55
N PHE A 1665 -39.15 -15.89 1.09
CA PHE A 1665 -39.24 -16.68 2.31
C PHE A 1665 -39.83 -15.89 3.45
N VAL A 1666 -39.07 -14.91 3.94
CA VAL A 1666 -39.53 -14.06 5.04
C VAL A 1666 -40.92 -13.54 4.79
N ALA A 1667 -41.29 -13.40 3.52
CA ALA A 1667 -42.61 -12.92 3.14
C ALA A 1667 -43.63 -14.01 3.39
N TRP A 1668 -43.35 -15.20 2.87
CA TRP A 1668 -44.23 -16.35 3.03
C TRP A 1668 -44.55 -16.56 4.51
N MET A 1669 -43.58 -16.29 5.36
CA MET A 1669 -43.74 -16.45 6.81
C MET A 1669 -44.83 -15.57 7.39
N ASN A 1670 -44.55 -14.28 7.51
CA ASN A 1670 -45.50 -13.31 8.06
C ASN A 1670 -46.84 -13.25 7.36
N GLY A 1671 -47.16 -14.28 6.58
CA GLY A 1671 -48.44 -14.31 5.88
C GLY A 1671 -48.59 -13.32 4.74
N LEU A 1672 -47.48 -12.93 4.13
CA LEU A 1672 -47.53 -12.00 3.02
C LEU A 1672 -47.68 -12.74 1.69
N SER A 1673 -48.17 -12.03 0.68
CA SER A 1673 -48.39 -12.62 -0.64
C SER A 1673 -47.50 -11.96 -1.68
N ILE A 1674 -46.51 -12.69 -2.16
CA ILE A 1674 -45.58 -12.17 -3.16
C ILE A 1674 -46.21 -12.03 -4.55
N TYR A 1675 -46.28 -10.78 -5.03
CA TYR A 1675 -46.83 -10.48 -6.33
C TYR A 1675 -45.71 -9.97 -7.24
N THR A 1676 -45.54 -10.63 -8.38
CA THR A 1676 -44.49 -10.25 -9.33
C THR A 1676 -45.03 -9.37 -10.46
N ILE A 1677 -44.16 -9.06 -11.42
CA ILE A 1677 -44.53 -8.23 -12.56
C ILE A 1677 -44.03 -8.91 -13.84
N LYS A 1678 -44.73 -9.96 -14.25
CA LYS A 1678 -44.38 -10.70 -15.45
C LYS A 1678 -44.30 -9.73 -16.63
N VAL A 1679 -43.07 -9.42 -17.05
CA VAL A 1679 -42.86 -8.49 -18.15
C VAL A 1679 -42.29 -9.17 -19.40
N ASN A 1680 -41.91 -8.33 -20.36
CA ASN A 1680 -41.35 -8.80 -21.62
C ASN A 1680 -40.89 -7.60 -22.44
N ASN A 1681 -40.25 -7.86 -23.57
CA ASN A 1681 -39.76 -6.78 -24.43
C ASN A 1681 -40.92 -5.95 -24.96
N ASN A 1682 -42.13 -6.50 -24.87
CA ASN A 1682 -43.32 -5.80 -25.35
C ASN A 1682 -44.30 -5.49 -24.22
N TYR A 1683 -43.87 -4.67 -23.27
CA TYR A 1683 -44.71 -4.27 -22.16
C TYR A 1683 -45.06 -2.81 -22.39
N LYS A 1684 -45.46 -2.10 -21.33
CA LYS A 1684 -45.81 -0.68 -21.44
C LYS A 1684 -46.30 -0.13 -20.12
N SER A 1685 -46.59 1.18 -20.11
CA SER A 1685 -47.07 1.84 -18.90
C SER A 1685 -48.56 1.58 -18.76
N SER A 1686 -49.25 1.44 -19.89
CA SER A 1686 -50.68 1.18 -19.90
C SER A 1686 -50.93 -0.21 -19.32
N ASP A 1687 -49.86 -0.96 -19.10
CA ASP A 1687 -49.95 -2.30 -18.55
C ASP A 1687 -49.61 -2.27 -17.07
N PHE A 1688 -48.54 -1.56 -16.73
CA PHE A 1688 -48.10 -1.45 -15.33
C PHE A 1688 -49.20 -0.80 -14.51
N ASP A 1689 -49.76 0.29 -15.03
CA ASP A 1689 -50.83 1.02 -14.35
C ASP A 1689 -51.99 0.08 -14.05
N ASP A 1690 -52.34 -0.76 -15.03
CA ASP A 1690 -53.43 -1.71 -14.86
C ASP A 1690 -53.13 -2.65 -13.69
N ASP A 1691 -51.96 -3.26 -13.72
CA ASP A 1691 -51.57 -4.17 -12.65
C ASP A 1691 -51.41 -3.43 -11.34
N LEU A 1692 -51.10 -2.14 -11.40
CA LEU A 1692 -50.96 -1.33 -10.20
C LEU A 1692 -52.29 -1.25 -9.48
N ARG A 1693 -53.36 -1.59 -10.19
CA ARG A 1693 -54.69 -1.55 -9.61
C ARG A 1693 -55.03 -2.88 -8.94
N MET A 1694 -54.69 -3.99 -9.60
CA MET A 1694 -54.94 -5.30 -9.02
C MET A 1694 -54.29 -5.38 -7.65
N LEU A 1695 -53.13 -4.76 -7.52
CA LEU A 1695 -52.39 -4.74 -6.27
C LEU A 1695 -53.02 -3.78 -5.27
N LEU A 1696 -53.00 -2.49 -5.60
CA LEU A 1696 -53.57 -1.46 -4.73
C LEU A 1696 -54.91 -1.83 -4.10
N LYS A 1697 -55.74 -2.57 -4.83
CA LYS A 1697 -57.04 -2.96 -4.30
C LYS A 1697 -56.91 -4.10 -3.30
N ARG A 1698 -56.15 -5.13 -3.68
CA ARG A 1698 -55.94 -6.29 -2.83
C ARG A 1698 -55.42 -5.91 -1.44
N ALA A 1699 -54.87 -4.71 -1.32
CA ALA A 1699 -54.33 -4.25 -0.05
C ALA A 1699 -55.25 -3.26 0.65
N GLY A 1700 -55.64 -2.20 -0.06
CA GLY A 1700 -56.51 -1.19 0.51
C GLY A 1700 -57.97 -1.60 0.68
N CYS A 1701 -58.50 -2.32 -0.30
CA CYS A 1701 -59.89 -2.75 -0.26
C CYS A 1701 -60.10 -4.08 0.47
N LYS A 1702 -59.42 -5.12 0.01
CA LYS A 1702 -59.56 -6.45 0.60
C LYS A 1702 -58.65 -6.72 1.79
N GLU A 1703 -57.98 -5.68 2.29
CA GLU A 1703 -57.08 -5.82 3.43
C GLU A 1703 -56.32 -7.14 3.37
N GLU A 1704 -55.34 -7.23 2.46
CA GLU A 1704 -54.56 -8.45 2.32
C GLU A 1704 -53.07 -8.18 2.49
N LYS A 1705 -52.35 -9.20 2.91
CA LYS A 1705 -50.91 -9.09 3.12
C LYS A 1705 -50.18 -9.45 1.84
N ILE A 1706 -49.72 -8.43 1.11
CA ILE A 1706 -49.01 -8.64 -0.14
C ILE A 1706 -47.55 -8.24 0.05
N CYS A 1707 -46.66 -8.87 -0.73
CA CYS A 1707 -45.24 -8.58 -0.68
C CYS A 1707 -44.78 -8.29 -2.10
N PHE A 1708 -44.98 -7.05 -2.53
CA PHE A 1708 -44.60 -6.63 -3.87
C PHE A 1708 -43.10 -6.48 -4.08
N ILE A 1709 -42.48 -7.51 -4.63
CA ILE A 1709 -41.05 -7.51 -4.91
C ILE A 1709 -40.84 -6.87 -6.28
N PHE A 1710 -40.21 -5.70 -6.29
CA PHE A 1710 -39.97 -4.99 -7.54
C PHE A 1710 -38.48 -4.97 -7.91
N ASP A 1711 -38.12 -5.80 -8.88
CA ASP A 1711 -36.73 -5.90 -9.34
C ASP A 1711 -36.42 -4.83 -10.36
N GLU A 1712 -35.16 -4.38 -10.38
CA GLU A 1712 -34.71 -3.35 -11.31
C GLU A 1712 -35.06 -3.65 -12.76
N SER A 1713 -34.91 -4.90 -13.18
CA SER A 1713 -35.21 -5.28 -14.56
C SER A 1713 -36.70 -5.18 -14.88
N ASN A 1714 -37.45 -4.58 -13.97
CA ASN A 1714 -38.90 -4.42 -14.17
C ASN A 1714 -39.27 -3.01 -14.62
N VAL A 1715 -38.47 -2.03 -14.20
CA VAL A 1715 -38.72 -0.64 -14.58
C VAL A 1715 -38.38 -0.46 -16.07
N LEU A 1716 -39.17 -1.11 -16.92
CA LEU A 1716 -38.97 -1.05 -18.35
C LEU A 1716 -39.43 0.29 -18.94
N GLU A 1717 -39.48 1.31 -18.09
CA GLU A 1717 -39.88 2.65 -18.50
C GLU A 1717 -39.83 3.59 -17.31
N SER A 1718 -39.53 4.86 -17.55
CA SER A 1718 -39.44 5.85 -16.50
C SER A 1718 -40.65 5.84 -15.56
N SER A 1719 -41.80 6.24 -16.11
CA SER A 1719 -43.06 6.30 -15.35
C SER A 1719 -43.17 5.29 -14.21
N PHE A 1720 -42.69 4.07 -14.46
CA PHE A 1720 -42.76 3.02 -13.44
C PHE A 1720 -42.23 3.46 -12.07
N LEU A 1721 -41.16 4.23 -12.06
CA LEU A 1721 -40.60 4.70 -10.79
C LEU A 1721 -41.47 5.78 -10.16
N GLU A 1722 -41.99 6.68 -10.99
CA GLU A 1722 -42.85 7.74 -10.50
C GLU A 1722 -43.98 7.12 -9.70
N ARG A 1723 -44.55 6.04 -10.23
CA ARG A 1723 -45.62 5.33 -9.56
C ARG A 1723 -45.10 4.69 -8.29
N MET A 1724 -44.07 3.85 -8.43
CA MET A 1724 -43.45 3.18 -7.29
C MET A 1724 -43.04 4.18 -6.23
N ASN A 1725 -42.68 5.38 -6.67
CA ASN A 1725 -42.25 6.45 -5.76
C ASN A 1725 -43.36 6.81 -4.79
N THR A 1726 -44.42 7.43 -5.28
CA THR A 1726 -45.54 7.83 -4.46
C THR A 1726 -46.11 6.64 -3.68
N LEU A 1727 -46.17 5.49 -4.33
CA LEU A 1727 -46.69 4.28 -3.70
C LEU A 1727 -45.91 3.98 -2.43
N LEU A 1728 -44.59 4.20 -2.47
CA LEU A 1728 -43.73 3.95 -1.33
C LEU A 1728 -43.94 5.01 -0.25
N ALA A 1729 -44.09 6.26 -0.68
CA ALA A 1729 -44.28 7.36 0.25
C ALA A 1729 -45.65 7.36 0.94
N GLY A 1730 -46.71 7.58 0.16
CA GLY A 1730 -48.04 7.61 0.73
C GLY A 1730 -49.00 6.52 0.27
N GLY A 1731 -48.46 5.34 -0.01
CA GLY A 1731 -49.29 4.23 -0.45
C GLY A 1731 -50.44 4.61 -1.37
N GLU A 1732 -50.24 5.67 -2.13
CA GLU A 1732 -51.28 6.15 -3.06
C GLU A 1732 -50.64 6.57 -4.37
N VAL A 1733 -51.49 6.77 -5.38
CA VAL A 1733 -51.02 7.20 -6.70
C VAL A 1733 -52.06 8.11 -7.35
N PRO A 1734 -51.82 9.43 -7.33
CA PRO A 1734 -52.73 10.41 -7.92
C PRO A 1734 -53.10 10.09 -9.37
N GLY A 1735 -54.39 9.93 -9.63
CA GLY A 1735 -54.85 9.63 -10.97
C GLY A 1735 -55.01 8.15 -11.25
N LEU A 1736 -54.19 7.32 -10.60
CA LEU A 1736 -54.25 5.88 -10.78
C LEU A 1736 -55.70 5.40 -10.77
N PHE A 1737 -56.50 5.98 -9.88
CA PHE A 1737 -57.91 5.64 -9.77
C PHE A 1737 -58.77 6.86 -10.07
N GLU A 1738 -59.50 6.81 -11.18
CA GLU A 1738 -60.37 7.92 -11.58
C GLU A 1738 -61.40 7.46 -12.60
N GLY A 1739 -62.52 8.17 -12.65
CA GLY A 1739 -63.57 7.84 -13.59
C GLY A 1739 -64.29 6.55 -13.24
N GLU A 1740 -64.30 5.60 -14.16
CA GLU A 1740 -64.96 4.32 -13.95
C GLU A 1740 -64.39 3.58 -12.74
N GLU A 1741 -63.06 3.50 -12.66
CA GLU A 1741 -62.38 2.84 -11.57
C GLU A 1741 -62.82 3.39 -10.22
N PHE A 1742 -62.71 4.70 -10.07
CA PHE A 1742 -63.06 5.39 -8.83
C PHE A 1742 -64.43 4.97 -8.29
N THR A 1743 -65.30 4.48 -9.18
CA THR A 1743 -66.62 4.04 -8.78
C THR A 1743 -66.55 2.80 -7.90
N ALA A 1744 -66.08 1.71 -8.49
CA ALA A 1744 -65.96 0.44 -7.78
C ALA A 1744 -65.09 0.60 -6.53
N LEU A 1745 -64.00 1.35 -6.67
CA LEU A 1745 -63.08 1.59 -5.56
C LEU A 1745 -63.80 2.18 -4.36
N MET A 1746 -64.46 3.31 -4.56
CA MET A 1746 -65.18 3.98 -3.49
C MET A 1746 -66.18 3.06 -2.80
N HIS A 1747 -67.04 2.40 -3.58
CA HIS A 1747 -68.02 1.49 -3.01
C HIS A 1747 -67.34 0.44 -2.14
N ALA A 1748 -66.34 -0.22 -2.70
CA ALA A 1748 -65.61 -1.26 -1.99
C ALA A 1748 -64.97 -0.70 -0.72
N CYS A 1749 -64.81 0.62 -0.69
CA CYS A 1749 -64.21 1.28 0.47
C CYS A 1749 -65.19 1.35 1.64
N LYS A 1750 -66.41 1.81 1.38
CA LYS A 1750 -67.41 1.92 2.42
C LYS A 1750 -67.91 0.52 2.80
N GLU A 1751 -67.71 -0.42 1.89
CA GLU A 1751 -68.12 -1.81 2.12
C GLU A 1751 -67.17 -2.41 3.16
N THR A 1752 -65.90 -2.04 3.06
CA THR A 1752 -64.89 -2.52 3.99
C THR A 1752 -64.99 -1.73 5.29
N ALA A 1753 -65.24 -0.44 5.16
CA ALA A 1753 -65.37 0.45 6.31
C ALA A 1753 -66.44 -0.03 7.27
N GLN A 1754 -67.62 -0.37 6.72
CA GLN A 1754 -68.73 -0.83 7.55
C GLN A 1754 -68.32 -2.06 8.36
N ARG A 1755 -67.55 -2.95 7.73
CA ARG A 1755 -67.09 -4.16 8.39
C ARG A 1755 -66.20 -3.82 9.58
N ASN A 1756 -65.13 -3.06 9.32
CA ASN A 1756 -64.20 -2.65 10.36
C ASN A 1756 -64.87 -1.78 11.41
N GLY A 1757 -66.16 -1.49 11.20
CA GLY A 1757 -66.88 -0.67 12.15
C GLY A 1757 -66.59 0.81 11.99
N LEU A 1758 -66.48 1.25 10.73
CA LEU A 1758 -66.19 2.63 10.43
C LEU A 1758 -67.13 3.15 9.35
N ILE A 1759 -67.97 4.12 9.71
CA ILE A 1759 -68.92 4.70 8.77
C ILE A 1759 -68.32 5.86 7.99
N LEU A 1760 -68.10 5.66 6.70
CA LEU A 1760 -67.53 6.68 5.84
C LEU A 1760 -68.42 6.92 4.63
N ASP A 1761 -68.82 8.17 4.43
CA ASP A 1761 -69.69 8.52 3.32
C ASP A 1761 -68.96 9.32 2.25
N SER A 1762 -68.56 10.54 2.59
CA SER A 1762 -67.83 11.42 1.67
C SER A 1762 -66.67 10.69 1.01
N GLU A 1763 -66.49 10.93 -0.28
CA GLU A 1763 -65.42 10.29 -1.04
C GLU A 1763 -64.03 10.70 -0.54
N GLU A 1764 -63.92 11.90 0.03
CA GLU A 1764 -62.64 12.37 0.53
C GLU A 1764 -62.27 11.62 1.81
N GLU A 1765 -63.26 11.31 2.62
CA GLU A 1765 -63.04 10.59 3.87
C GLU A 1765 -62.73 9.13 3.56
N LEU A 1766 -63.33 8.63 2.48
CA LEU A 1766 -63.12 7.25 2.06
C LEU A 1766 -61.72 7.03 1.50
N TYR A 1767 -61.26 7.98 0.70
CA TYR A 1767 -59.93 7.87 0.10
C TYR A 1767 -58.84 7.75 1.15
N LYS A 1768 -58.93 8.59 2.19
CA LYS A 1768 -57.95 8.55 3.28
C LYS A 1768 -57.90 7.14 3.85
N TYR A 1769 -59.08 6.54 3.99
CA TYR A 1769 -59.19 5.19 4.52
C TYR A 1769 -58.51 4.19 3.60
N PHE A 1770 -58.75 4.34 2.29
CA PHE A 1770 -58.16 3.45 1.30
C PHE A 1770 -56.64 3.62 1.29
N THR A 1771 -56.18 4.87 1.31
CA THR A 1771 -54.75 5.15 1.31
C THR A 1771 -54.06 4.52 2.51
N SER A 1772 -54.62 4.72 3.69
CA SER A 1772 -54.05 4.17 4.92
C SER A 1772 -53.96 2.65 4.85
N GLN A 1773 -55.04 2.02 4.39
CA GLN A 1773 -55.08 0.56 4.30
C GLN A 1773 -53.94 0.01 3.47
N VAL A 1774 -53.57 0.72 2.41
CA VAL A 1774 -52.48 0.29 1.55
C VAL A 1774 -51.14 0.49 2.24
N ARG A 1775 -51.00 1.61 2.94
CA ARG A 1775 -49.76 1.92 3.66
C ARG A 1775 -49.37 0.80 4.63
N ARG A 1776 -50.36 0.05 5.10
CA ARG A 1776 -50.10 -1.05 6.04
C ARG A 1776 -50.55 -2.41 5.50
N ASN A 1777 -50.23 -2.70 4.25
CA ASN A 1777 -50.60 -3.97 3.64
C ASN A 1777 -49.82 -4.28 2.36
N LEU A 1778 -49.19 -3.27 1.77
CA LEU A 1778 -48.44 -3.45 0.55
C LEU A 1778 -47.06 -4.07 0.74
N HIS A 1779 -46.16 -3.32 1.37
CA HIS A 1779 -44.80 -3.79 1.61
C HIS A 1779 -44.10 -4.11 0.29
N VAL A 1780 -43.38 -3.13 -0.24
CA VAL A 1780 -42.67 -3.30 -1.51
C VAL A 1780 -41.21 -3.67 -1.23
N VAL A 1781 -40.63 -4.48 -2.11
CA VAL A 1781 -39.23 -4.90 -1.94
C VAL A 1781 -38.40 -4.61 -3.19
N PHE A 1782 -37.61 -3.54 -3.12
CA PHE A 1782 -36.75 -3.16 -4.24
C PHE A 1782 -35.51 -4.05 -4.26
N THR A 1783 -35.29 -4.74 -5.38
CA THR A 1783 -34.16 -5.62 -5.52
C THR A 1783 -33.29 -5.26 -6.72
N MET A 1784 -32.38 -4.30 -6.52
CA MET A 1784 -31.48 -3.87 -7.58
C MET A 1784 -30.06 -4.34 -7.34
N ASN A 1785 -29.17 -4.04 -8.28
CA ASN A 1785 -27.77 -4.43 -8.19
C ASN A 1785 -26.83 -3.24 -8.27
N PRO A 1786 -25.72 -3.27 -7.50
CA PRO A 1786 -24.73 -2.20 -7.46
C PRO A 1786 -24.08 -1.95 -8.83
N ALA A 1787 -23.88 -3.04 -9.57
CA ALA A 1787 -23.26 -2.96 -10.89
C ALA A 1787 -24.12 -2.26 -11.92
N SER A 1788 -25.39 -2.65 -12.00
CA SER A 1788 -26.35 -2.08 -12.94
C SER A 1788 -25.92 -0.72 -13.46
N PRO A 1789 -25.73 -0.59 -14.79
CA PRO A 1789 -25.31 0.65 -15.43
C PRO A 1789 -26.04 1.88 -14.86
N ASP A 1790 -27.37 1.88 -14.98
CA ASP A 1790 -28.18 2.98 -14.49
C ASP A 1790 -28.43 2.83 -12.99
N PHE A 1791 -27.34 2.73 -12.22
CA PHE A 1791 -27.44 2.58 -10.77
C PHE A 1791 -27.72 3.91 -10.08
N HIS A 1792 -26.72 4.78 -10.07
CA HIS A 1792 -26.86 6.09 -9.43
C HIS A 1792 -27.93 6.93 -10.11
N ASN A 1793 -28.62 6.36 -11.08
CA ASN A 1793 -29.67 7.06 -11.81
C ASN A 1793 -31.05 6.72 -11.28
N ARG A 1794 -31.29 5.44 -11.05
CA ARG A 1794 -32.58 4.98 -10.54
C ARG A 1794 -32.82 5.56 -9.14
N SER A 1795 -31.84 6.30 -8.65
CA SER A 1795 -31.90 6.92 -7.34
C SER A 1795 -32.54 8.32 -7.38
N ALA A 1796 -31.76 9.29 -7.82
CA ALA A 1796 -32.20 10.68 -7.92
C ALA A 1796 -33.62 10.82 -8.44
N THR A 1797 -34.01 9.98 -9.40
CA THR A 1797 -35.34 10.03 -9.97
C THR A 1797 -36.43 9.84 -8.91
N SER A 1798 -36.26 8.83 -8.07
CA SER A 1798 -37.23 8.53 -7.02
C SER A 1798 -36.60 8.61 -5.63
N PRO A 1799 -36.87 9.70 -4.89
CA PRO A 1799 -36.35 9.92 -3.54
C PRO A 1799 -36.84 8.90 -2.51
N ALA A 1800 -38.12 8.59 -2.56
CA ALA A 1800 -38.74 7.63 -1.65
C ALA A 1800 -37.88 6.39 -1.43
N LEU A 1801 -37.20 5.95 -2.48
CA LEU A 1801 -36.35 4.77 -2.40
C LEU A 1801 -35.36 4.87 -1.24
N PHE A 1802 -34.34 5.72 -1.41
CA PHE A 1802 -33.33 5.89 -0.36
C PHE A 1802 -33.77 6.91 0.69
N ASN A 1803 -34.98 6.72 1.21
CA ASN A 1803 -35.53 7.61 2.24
C ASN A 1803 -36.72 6.99 2.97
N ARG A 1804 -37.33 5.98 2.37
CA ARG A 1804 -38.47 5.32 2.98
C ARG A 1804 -38.11 3.91 3.45
N CYS A 1805 -37.94 3.00 2.48
CA CYS A 1805 -37.60 1.62 2.75
C CYS A 1805 -36.31 1.47 3.55
N VAL A 1806 -36.04 0.24 4.00
CA VAL A 1806 -34.84 -0.06 4.76
C VAL A 1806 -33.82 -0.68 3.81
N LEU A 1807 -32.70 0.02 3.62
CA LEU A 1807 -31.65 -0.44 2.72
C LEU A 1807 -30.72 -1.47 3.36
N ASP A 1808 -30.92 -2.72 2.99
CA ASP A 1808 -30.09 -3.82 3.50
C ASP A 1808 -29.16 -4.24 2.38
N TRP A 1809 -27.93 -3.74 2.42
CA TRP A 1809 -26.93 -4.04 1.40
C TRP A 1809 -26.46 -5.50 1.45
N PHE A 1810 -27.08 -6.34 0.64
CA PHE A 1810 -26.72 -7.75 0.59
C PHE A 1810 -25.23 -7.91 0.27
N GLY A 1811 -24.73 -7.03 -0.59
CA GLY A 1811 -23.33 -7.09 -0.97
C GLY A 1811 -23.00 -8.28 -1.85
N GLU A 1812 -21.76 -8.76 -1.75
CA GLU A 1812 -21.29 -9.88 -2.55
C GLU A 1812 -21.17 -11.10 -1.63
N TRP A 1813 -21.28 -12.29 -2.19
CA TRP A 1813 -21.16 -13.53 -1.41
C TRP A 1813 -19.78 -13.57 -0.76
N SER A 1814 -19.73 -13.23 0.53
CA SER A 1814 -18.50 -13.21 1.28
C SER A 1814 -17.72 -14.51 1.17
N PRO A 1815 -16.38 -14.45 1.26
CA PRO A 1815 -15.51 -15.62 1.17
C PRO A 1815 -15.95 -16.76 2.09
N GLU A 1816 -16.42 -16.41 3.28
CA GLU A 1816 -16.87 -17.40 4.25
C GLU A 1816 -18.07 -18.16 3.71
N ALA A 1817 -18.94 -17.45 2.98
CA ALA A 1817 -20.13 -18.05 2.39
C ALA A 1817 -19.74 -19.03 1.30
N LEU A 1818 -19.01 -18.53 0.30
CA LEU A 1818 -18.57 -19.35 -0.82
C LEU A 1818 -18.08 -20.71 -0.34
N PHE A 1819 -17.26 -20.69 0.70
CA PHE A 1819 -16.71 -21.92 1.26
C PHE A 1819 -17.78 -22.86 1.78
N GLN A 1820 -18.68 -22.34 2.61
CA GLN A 1820 -19.75 -23.15 3.19
C GLN A 1820 -20.75 -23.65 2.15
N VAL A 1821 -20.98 -22.84 1.12
CA VAL A 1821 -21.91 -23.21 0.07
C VAL A 1821 -21.30 -24.26 -0.86
N GLY A 1822 -19.98 -24.39 -0.80
CA GLY A 1822 -19.29 -25.35 -1.64
C GLY A 1822 -19.16 -26.69 -0.94
N SER A 1823 -18.89 -26.64 0.37
CA SER A 1823 -18.73 -27.84 1.17
C SER A 1823 -20.08 -28.53 1.35
N GLU A 1824 -21.12 -27.72 1.44
CA GLU A 1824 -22.48 -28.21 1.63
C GLU A 1824 -23.10 -28.79 0.36
N PHE A 1825 -22.51 -28.46 -0.78
CA PHE A 1825 -23.01 -28.94 -2.06
C PHE A 1825 -22.22 -30.17 -2.54
N THR A 1826 -21.08 -30.41 -1.91
CA THR A 1826 -20.24 -31.55 -2.28
C THR A 1826 -20.03 -32.46 -1.07
N ARG A 1827 -21.10 -32.64 -0.28
CA ARG A 1827 -21.03 -33.49 0.90
C ARG A 1827 -21.06 -34.97 0.56
N ASN A 1828 -22.07 -35.39 -0.20
CA ASN A 1828 -22.22 -36.78 -0.58
C ASN A 1828 -21.15 -37.20 -1.58
N LEU A 1829 -20.09 -36.39 -1.69
CA LEU A 1829 -19.00 -36.68 -2.61
C LEU A 1829 -17.69 -36.82 -1.84
N ASP A 1830 -17.14 -38.03 -1.80
CA ASP A 1830 -15.90 -38.29 -1.08
C ASP A 1830 -14.72 -37.50 -1.63
N LEU A 1831 -14.42 -36.38 -0.97
CA LEU A 1831 -13.30 -35.52 -1.35
C LEU A 1831 -12.25 -35.59 -0.25
N GLU A 1832 -12.24 -36.72 0.47
CA GLU A 1832 -11.30 -36.93 1.56
C GLU A 1832 -10.18 -37.87 1.09
N ASN A 1833 -8.94 -37.52 1.42
CA ASN A 1833 -7.80 -38.35 1.05
C ASN A 1833 -6.93 -38.63 2.28
N PRO A 1834 -6.71 -39.91 2.60
CA PRO A 1834 -5.92 -40.32 3.75
C PRO A 1834 -4.43 -39.98 3.67
N GLN A 1835 -3.86 -40.05 2.47
CA GLN A 1835 -2.45 -39.75 2.28
C GLN A 1835 -2.16 -38.26 2.16
N TYR A 1836 -3.19 -37.45 2.31
CA TYR A 1836 -3.04 -35.99 2.23
C TYR A 1836 -2.08 -35.53 3.32
N ILE A 1837 -1.67 -34.27 3.27
CA ILE A 1837 -0.73 -33.74 4.26
C ILE A 1837 -1.01 -32.28 4.62
N ALA A 1838 -1.64 -31.56 3.70
CA ALA A 1838 -1.96 -30.15 3.92
C ALA A 1838 -0.71 -29.30 4.13
N PRO A 1839 -0.06 -28.89 3.02
CA PRO A 1839 1.17 -28.08 3.06
C PRO A 1839 1.06 -26.86 3.97
N PRO A 1840 2.22 -26.31 4.39
CA PRO A 1840 2.30 -25.15 5.28
C PRO A 1840 1.43 -23.97 4.85
N VAL A 1841 1.61 -23.52 3.62
CA VAL A 1841 0.84 -22.40 3.09
C VAL A 1841 -0.66 -22.56 3.31
N PHE A 1842 -1.18 -23.75 3.04
CA PHE A 1842 -2.60 -24.02 3.22
C PHE A 1842 -2.97 -23.96 4.70
N ILE A 1843 -2.04 -24.40 5.54
CA ILE A 1843 -2.26 -24.39 6.98
C ILE A 1843 -2.34 -22.97 7.51
N GLN A 1844 -1.36 -22.14 7.13
CA GLN A 1844 -1.33 -20.75 7.56
C GLN A 1844 -2.58 -20.02 7.09
N GLU A 1845 -3.24 -20.59 6.08
CA GLU A 1845 -4.46 -20.03 5.53
C GLU A 1845 -5.68 -20.45 6.34
N ALA A 1846 -5.80 -21.75 6.57
CA ALA A 1846 -6.93 -22.32 7.31
C ALA A 1846 -7.29 -21.55 8.58
N GLU A 1847 -6.28 -20.92 9.20
CA GLU A 1847 -6.51 -20.16 10.42
C GLU A 1847 -6.55 -18.65 10.19
N ILE A 1848 -5.37 -18.04 10.11
CA ILE A 1848 -5.27 -16.60 9.90
C ILE A 1848 -6.15 -16.15 8.75
N LEU A 1853 -13.23 -23.68 11.52
CA LEU A 1853 -13.76 -23.73 10.17
C LEU A 1853 -13.14 -24.93 9.43
N MET A 1854 -11.86 -25.15 9.70
CA MET A 1854 -11.13 -26.25 9.09
C MET A 1854 -10.33 -27.00 10.15
N ALA A 1855 -10.98 -27.95 10.80
CA ALA A 1855 -10.37 -28.76 11.86
C ALA A 1855 -8.85 -28.61 11.94
N ILE A 1856 -8.37 -28.20 13.12
CA ILE A 1856 -6.95 -27.97 13.38
C ILE A 1856 -6.08 -28.21 12.14
N PRO A 1857 -5.86 -29.48 11.74
CA PRO A 1857 -5.03 -29.66 10.56
C PRO A 1857 -5.91 -29.73 9.30
N PRO A 1858 -5.75 -28.77 8.39
CA PRO A 1858 -6.55 -28.74 7.16
C PRO A 1858 -6.67 -30.12 6.50
N SER A 1859 -7.91 -30.52 6.20
CA SER A 1859 -8.15 -31.81 5.57
C SER A 1859 -8.23 -31.68 4.05
N HIS A 1860 -8.28 -32.82 3.37
CA HIS A 1860 -8.36 -32.82 1.91
C HIS A 1860 -9.59 -32.08 1.43
N ARG A 1861 -10.75 -32.41 1.98
CA ARG A 1861 -11.99 -31.75 1.60
C ARG A 1861 -11.79 -30.24 1.65
N ASP A 1862 -11.10 -29.79 2.68
CA ASP A 1862 -10.82 -28.36 2.83
C ASP A 1862 -9.94 -27.91 1.68
N ALA A 1863 -8.98 -28.75 1.29
CA ALA A 1863 -8.07 -28.44 0.20
C ALA A 1863 -8.84 -28.17 -1.08
N VAL A 1864 -9.77 -29.05 -1.42
CA VAL A 1864 -10.57 -28.91 -2.64
C VAL A 1864 -11.58 -27.78 -2.52
N VAL A 1865 -12.47 -27.88 -1.53
CA VAL A 1865 -13.49 -26.86 -1.31
C VAL A 1865 -12.90 -25.46 -1.16
N SER A 1866 -11.82 -25.34 -0.42
CA SER A 1866 -11.17 -24.04 -0.21
C SER A 1866 -10.68 -23.48 -1.54
N SER A 1867 -10.20 -24.37 -2.41
CA SER A 1867 -9.70 -23.95 -3.71
C SER A 1867 -10.83 -23.40 -4.57
N LEU A 1868 -11.99 -24.05 -4.48
CA LEU A 1868 -13.16 -23.62 -5.24
C LEU A 1868 -13.40 -22.13 -5.04
N VAL A 1869 -13.21 -21.67 -3.81
CA VAL A 1869 -13.39 -20.26 -3.48
C VAL A 1869 -12.35 -19.43 -4.21
N TYR A 1870 -11.10 -19.89 -4.16
CA TYR A 1870 -10.00 -19.20 -4.82
C TYR A 1870 -10.31 -19.04 -6.31
N ILE A 1871 -10.55 -20.18 -6.97
CA ILE A 1871 -10.86 -20.19 -8.39
C ILE A 1871 -11.95 -19.19 -8.76
N HIS A 1872 -13.06 -19.24 -8.04
CA HIS A 1872 -14.18 -18.34 -8.30
C HIS A 1872 -13.76 -16.87 -8.26
N GLN A 1873 -12.95 -16.52 -7.27
CA GLN A 1873 -12.49 -15.14 -7.10
C GLN A 1873 -11.54 -14.65 -8.20
N THR A 1874 -10.66 -15.52 -8.68
CA THR A 1874 -9.71 -15.15 -9.72
C THR A 1874 -10.43 -14.51 -10.90
N ILE A 1875 -11.66 -14.94 -11.14
CA ILE A 1875 -12.45 -14.42 -12.25
C ILE A 1875 -12.75 -12.93 -12.04
N GLY A 1876 -13.17 -12.57 -10.84
CA GLY A 1876 -13.46 -11.17 -10.57
C GLY A 1876 -12.25 -10.36 -10.98
N GLU A 1877 -11.07 -10.85 -10.60
CA GLU A 1877 -9.81 -10.20 -10.93
C GLU A 1877 -9.69 -10.12 -12.45
N ALA A 1878 -9.82 -11.27 -13.10
CA ALA A 1878 -9.73 -11.37 -14.55
C ALA A 1878 -10.73 -10.47 -15.27
N ASN A 1879 -11.90 -10.30 -14.69
CA ASN A 1879 -12.93 -9.46 -15.31
C ASN A 1879 -12.58 -7.98 -15.22
N ILE A 1880 -11.84 -7.60 -14.18
CA ILE A 1880 -11.43 -6.21 -14.00
C ILE A 1880 -10.28 -5.93 -14.95
N ARG A 1881 -9.39 -6.91 -15.09
CA ARG A 1881 -8.24 -6.79 -15.97
C ARG A 1881 -8.72 -6.60 -17.41
N LEU A 1882 -9.75 -7.34 -17.77
CA LEU A 1882 -10.32 -7.26 -19.12
C LEU A 1882 -10.79 -5.85 -19.40
N LEU A 1883 -11.80 -5.41 -18.65
CA LEU A 1883 -12.36 -4.06 -18.80
C LEU A 1883 -11.25 -3.04 -18.95
N LYS A 1884 -10.14 -3.27 -18.25
CA LYS A 1884 -8.99 -2.36 -18.29
C LYS A 1884 -8.17 -2.56 -19.56
N ARG A 1885 -7.44 -3.67 -19.62
CA ARG A 1885 -6.61 -4.00 -20.77
C ARG A 1885 -7.42 -3.93 -22.06
N GLN A 1886 -8.43 -4.78 -22.18
CA GLN A 1886 -9.28 -4.80 -23.36
C GLN A 1886 -10.45 -3.84 -23.22
N GLY A 1887 -11.39 -3.90 -24.17
CA GLY A 1887 -12.53 -3.02 -24.14
C GLY A 1887 -13.86 -3.71 -23.87
N ARG A 1888 -13.82 -4.88 -23.23
CA ARG A 1888 -15.04 -5.60 -22.92
C ARG A 1888 -15.32 -5.65 -21.43
N GLN A 1889 -16.54 -6.04 -21.07
CA GLN A 1889 -16.95 -6.12 -19.68
C GLN A 1889 -17.69 -7.43 -19.41
N ASN A 1890 -17.42 -8.05 -18.27
CA ASN A 1890 -18.06 -9.31 -17.89
C ASN A 1890 -18.31 -9.31 -16.39
N TYR A 1891 -19.26 -10.14 -15.95
CA TYR A 1891 -19.59 -10.23 -14.54
C TYR A 1891 -19.57 -11.68 -14.06
N VAL A 1892 -19.30 -11.87 -12.78
CA VAL A 1892 -19.25 -13.20 -12.20
C VAL A 1892 -20.00 -13.24 -10.86
N THR A 1893 -21.32 -13.40 -10.95
CA THR A 1893 -22.17 -13.45 -9.76
C THR A 1893 -22.26 -14.88 -9.22
N PRO A 1894 -22.84 -15.04 -8.01
CA PRO A 1894 -22.98 -16.35 -7.39
C PRO A 1894 -23.58 -17.40 -8.32
N ARG A 1895 -24.45 -16.96 -9.23
CA ARG A 1895 -25.09 -17.86 -10.19
C ARG A 1895 -24.03 -18.76 -10.82
N HIS A 1896 -22.83 -18.21 -11.01
CA HIS A 1896 -21.73 -18.95 -11.60
C HIS A 1896 -21.17 -19.97 -10.62
N TYR A 1897 -20.90 -19.52 -9.40
CA TYR A 1897 -20.35 -20.40 -8.38
C TYR A 1897 -21.19 -21.68 -8.28
N LEU A 1898 -22.51 -21.53 -8.40
CA LEU A 1898 -23.41 -22.67 -8.34
C LEU A 1898 -23.24 -23.53 -9.59
N ASP A 1899 -23.16 -22.89 -10.75
CA ASP A 1899 -22.98 -23.60 -12.00
C ASP A 1899 -21.65 -24.33 -11.91
N PHE A 1900 -20.71 -23.68 -11.24
CA PHE A 1900 -19.38 -24.23 -11.05
C PHE A 1900 -19.40 -25.43 -10.10
N ILE A 1901 -19.98 -25.24 -8.92
CA ILE A 1901 -20.07 -26.32 -7.94
C ILE A 1901 -20.83 -27.51 -8.52
N ASN A 1902 -21.96 -27.22 -9.16
CA ASN A 1902 -22.78 -28.27 -9.76
C ASN A 1902 -22.01 -29.02 -10.83
N GLN A 1903 -21.12 -28.32 -11.52
CA GLN A 1903 -20.31 -28.93 -12.57
C GLN A 1903 -19.22 -29.77 -11.93
N VAL A 1904 -18.65 -29.27 -10.83
CA VAL A 1904 -17.59 -29.97 -10.12
C VAL A 1904 -18.02 -31.34 -9.62
N VAL A 1905 -19.23 -31.43 -9.09
CA VAL A 1905 -19.75 -32.69 -8.57
C VAL A 1905 -20.14 -33.67 -9.66
N LEU A 1906 -20.76 -33.16 -10.73
CA LEU A 1906 -21.19 -34.00 -11.83
C LEU A 1906 -20.04 -34.79 -12.47
N LEU A 1907 -18.92 -34.11 -12.73
CA LEU A 1907 -17.77 -34.77 -13.34
C LEU A 1907 -17.11 -35.79 -12.42
N ILE A 1908 -16.86 -35.41 -11.17
CA ILE A 1908 -16.23 -36.33 -10.24
C ILE A 1908 -17.07 -37.61 -10.09
N ASN A 1909 -18.33 -37.53 -10.47
CA ASN A 1909 -19.21 -38.70 -10.40
C ASN A 1909 -19.08 -39.50 -11.68
N GLU A 1910 -18.88 -38.80 -12.79
CA GLU A 1910 -18.75 -39.44 -14.09
C GLU A 1910 -17.37 -40.05 -14.28
N LYS A 1911 -16.33 -39.26 -14.04
CA LYS A 1911 -14.96 -39.73 -14.20
C LYS A 1911 -14.56 -40.80 -13.18
N ARG A 1912 -14.97 -40.61 -11.92
CA ARG A 1912 -14.67 -41.59 -10.89
C ARG A 1912 -15.27 -42.94 -11.23
N ASP A 1913 -16.56 -42.94 -11.57
CA ASP A 1913 -17.26 -44.17 -11.91
C ASP A 1913 -16.57 -44.94 -13.04
N GLN A 1914 -16.33 -44.27 -14.16
CA GLN A 1914 -15.68 -44.91 -15.30
C GLN A 1914 -14.31 -45.46 -14.90
N LEU A 1915 -13.61 -44.71 -14.07
CA LEU A 1915 -12.28 -45.12 -13.61
C LEU A 1915 -12.37 -46.36 -12.71
N GLU A 1916 -13.36 -46.39 -11.83
CA GLU A 1916 -13.54 -47.53 -10.93
C GLU A 1916 -13.86 -48.79 -11.71
N GLU A 1917 -14.87 -48.72 -12.57
CA GLU A 1917 -15.28 -49.86 -13.38
C GLU A 1917 -14.07 -50.42 -14.12
N GLU A 1918 -13.19 -49.51 -14.56
CA GLU A 1918 -11.99 -49.91 -15.27
C GLU A 1918 -10.96 -50.55 -14.34
N GLN A 1919 -11.03 -50.21 -13.06
CA GLN A 1919 -10.12 -50.78 -12.08
C GLN A 1919 -10.69 -52.10 -11.55
N LEU A 1920 -12.02 -52.22 -11.63
CA LEU A 1920 -12.69 -53.43 -11.17
C LEU A 1920 -12.30 -54.58 -12.08
N HIS A 1921 -12.28 -54.31 -13.39
CA HIS A 1921 -11.90 -55.31 -14.37
C HIS A 1921 -10.43 -55.66 -14.25
N LEU A 1922 -9.60 -54.64 -14.01
CA LEU A 1922 -8.16 -54.83 -13.87
C LEU A 1922 -7.82 -55.61 -12.60
N ASN A 1923 -8.52 -55.30 -11.51
CA ASN A 1923 -8.29 -55.97 -10.24
C ASN A 1923 -8.74 -57.43 -10.29
N ILE A 1924 -10.01 -57.64 -10.61
CA ILE A 1924 -10.56 -58.99 -10.70
C ILE A 1924 -9.68 -59.86 -11.59
N GLY A 1925 -9.39 -59.37 -12.79
CA GLY A 1925 -8.56 -60.10 -13.72
C GLY A 1925 -7.17 -60.40 -13.19
N LEU A 1926 -6.52 -59.40 -12.60
CA LEU A 1926 -5.18 -59.57 -12.06
C LEU A 1926 -5.10 -60.61 -10.96
N LYS A 1927 -6.24 -60.91 -10.33
CA LYS A 1927 -6.27 -61.90 -9.27
C LYS A 1927 -6.09 -63.29 -9.89
N LYS A 1928 -6.62 -63.46 -11.10
CA LYS A 1928 -6.53 -64.72 -11.81
C LYS A 1928 -5.10 -65.03 -12.24
N LEU A 1929 -4.37 -64.01 -12.66
CA LEU A 1929 -2.99 -64.18 -13.11
C LEU A 1929 -2.05 -64.59 -11.97
N ARG A 1930 -2.12 -63.87 -10.86
CA ARG A 1930 -1.28 -64.14 -9.70
C ARG A 1930 -1.59 -65.53 -9.15
N ASP A 1931 -2.87 -65.89 -9.15
CA ASP A 1931 -3.31 -67.18 -8.63
C ASP A 1931 -3.08 -68.33 -9.60
N THR A 1932 -3.52 -68.18 -10.84
CA THR A 1932 -3.34 -69.24 -11.84
C THR A 1932 -1.86 -69.61 -11.98
N GLU A 1933 -0.98 -68.63 -11.84
CA GLU A 1933 0.44 -68.87 -11.95
C GLU A 1933 0.92 -69.74 -10.79
N ALA A 1934 0.27 -69.60 -9.64
CA ALA A 1934 0.64 -70.38 -8.47
C ALA A 1934 0.28 -71.84 -8.68
N GLN A 1935 -0.85 -72.07 -9.33
CA GLN A 1935 -1.33 -73.42 -9.62
C GLN A 1935 -0.43 -74.10 -10.65
N VAL A 1936 0.04 -73.32 -11.61
CA VAL A 1936 0.90 -73.85 -12.67
C VAL A 1936 2.37 -73.92 -12.23
N LYS A 1937 2.86 -72.83 -11.64
CA LYS A 1937 4.24 -72.78 -11.16
C LYS A 1937 4.56 -73.97 -10.27
N ASP A 1938 3.65 -74.29 -9.36
CA ASP A 1938 3.84 -75.42 -8.46
C ASP A 1938 3.64 -76.74 -9.17
N LEU A 1939 2.63 -76.80 -10.04
CA LEU A 1939 2.33 -78.02 -10.78
C LEU A 1939 3.56 -78.48 -11.57
N GLN A 1940 4.29 -77.52 -12.14
CA GLN A 1940 5.49 -77.85 -12.91
C GLN A 1940 6.51 -78.53 -12.01
N VAL A 1941 6.59 -78.07 -10.76
CA VAL A 1941 7.53 -78.65 -9.80
C VAL A 1941 7.12 -80.07 -9.47
N SER A 1942 5.82 -80.30 -9.28
CA SER A 1942 5.31 -81.62 -8.96
C SER A 1942 5.60 -82.55 -10.12
N LEU A 1943 5.54 -82.01 -11.33
CA LEU A 1943 5.81 -82.78 -12.54
C LEU A 1943 7.30 -83.10 -12.58
N ALA A 1944 8.10 -82.21 -12.00
CA ALA A 1944 9.54 -82.39 -11.96
C ALA A 1944 9.86 -83.47 -10.94
N GLN A 1945 8.92 -83.72 -10.04
CA GLN A 1945 9.08 -84.74 -9.01
C GLN A 1945 8.99 -86.11 -9.66
N LYS A 1946 8.11 -86.24 -10.64
CA LYS A 1946 7.93 -87.49 -11.36
C LYS A 1946 9.18 -87.82 -12.16
N ASN A 1947 9.74 -86.82 -12.82
CA ASN A 1947 10.96 -87.00 -13.60
C ASN A 1947 12.16 -87.25 -12.71
N ARG A 1948 12.13 -86.68 -11.51
CA ARG A 1948 13.22 -86.86 -10.55
C ARG A 1948 13.24 -88.30 -10.07
N GLU A 1949 12.09 -88.95 -10.15
CA GLU A 1949 11.95 -90.34 -9.73
C GLU A 1949 12.34 -91.27 -10.87
N LEU A 1950 11.95 -90.90 -12.09
CA LEU A 1950 12.24 -91.69 -13.27
C LEU A 1950 13.73 -91.87 -13.47
N ASP A 1951 14.51 -90.86 -13.11
CA ASP A 1951 15.96 -90.93 -13.25
C ASP A 1951 16.52 -92.10 -12.44
N VAL A 1952 15.83 -92.44 -11.37
CA VAL A 1952 16.25 -93.55 -10.52
C VAL A 1952 15.61 -94.85 -10.97
N LYS A 1953 14.36 -94.77 -11.41
CA LYS A 1953 13.62 -95.94 -11.87
C LYS A 1953 14.05 -96.37 -13.27
N ASN A 1954 14.72 -95.48 -14.00
CA ASN A 1954 15.16 -95.78 -15.34
C ASN A 1954 16.67 -96.02 -15.42
N GLU A 1955 17.44 -95.20 -14.72
CA GLU A 1955 18.89 -95.36 -14.73
C GLU A 1955 19.31 -96.61 -13.97
N GLN A 1956 18.76 -96.79 -12.77
CA GLN A 1956 19.09 -97.96 -11.97
C GLN A 1956 18.55 -99.22 -12.63
N ALA A 1957 17.41 -99.10 -13.30
CA ALA A 1957 16.81 -100.23 -13.98
C ALA A 1957 17.65 -100.55 -15.21
N ASN A 1958 18.10 -99.50 -15.90
CA ASN A 1958 18.93 -99.67 -17.08
C ASN A 1958 20.25 -100.30 -16.68
N GLN A 1959 20.54 -100.23 -15.38
CA GLN A 1959 21.77 -100.81 -14.84
C GLN A 1959 21.62 -102.32 -14.87
N LYS A 1960 20.37 -102.79 -14.80
CA LYS A 1960 20.09 -104.21 -14.84
C LYS A 1960 20.43 -104.72 -16.23
N LEU A 1961 20.48 -103.79 -17.18
CA LEU A 1961 20.80 -104.11 -18.56
C LEU A 1961 22.31 -104.30 -18.68
N LYS A 1962 23.04 -103.73 -17.73
CA LYS A 1962 24.49 -103.83 -17.70
C LYS A 1962 24.91 -105.17 -17.12
N GLN A 1963 24.23 -105.60 -16.06
CA GLN A 1963 24.53 -106.87 -15.43
C GLN A 1963 24.03 -108.01 -16.29
N MET A 1964 23.11 -107.69 -17.20
CA MET A 1964 22.55 -108.68 -18.11
C MET A 1964 23.61 -109.04 -19.15
N VAL A 1965 24.34 -108.02 -19.59
CA VAL A 1965 25.39 -108.19 -20.59
C VAL A 1965 26.66 -108.76 -19.95
N GLN A 1966 27.07 -108.16 -18.84
CA GLN A 1966 28.27 -108.59 -18.13
C GLN A 1966 28.16 -110.02 -17.62
N ASP A 1967 26.94 -110.51 -17.47
CA ASP A 1967 26.71 -111.88 -16.99
C ASP A 1967 26.43 -112.85 -18.12
N GLN A 1968 25.48 -112.51 -19.00
CA GLN A 1968 25.13 -113.39 -20.11
C GLN A 1968 26.29 -113.56 -21.09
N GLN A 1969 26.90 -112.44 -21.47
CA GLN A 1969 28.02 -112.47 -22.40
C GLN A 1969 29.19 -113.27 -21.82
N ALA A 1970 29.50 -113.00 -20.56
CA ALA A 1970 30.58 -113.69 -19.88
C ALA A 1970 30.21 -115.15 -19.65
N ALA A 1971 28.91 -115.43 -19.68
CA ALA A 1971 28.42 -116.79 -19.48
C ALA A 1971 28.42 -117.54 -20.82
N GLU A 1972 28.52 -116.77 -21.90
CA GLU A 1972 28.53 -117.36 -23.24
C GLU A 1972 29.86 -118.08 -23.43
N ILE A 1973 30.78 -117.86 -22.50
CA ILE A 1973 32.09 -118.49 -22.53
C ILE A 1973 31.92 -120.00 -22.34
N LYS A 1974 30.89 -120.36 -21.58
CA LYS A 1974 30.59 -121.76 -21.31
C LYS A 1974 29.86 -122.38 -22.49
N GLN A 1975 29.52 -121.56 -23.48
CA GLN A 1975 28.82 -122.03 -24.66
C GLN A 1975 29.65 -121.84 -25.93
N LYS A 1976 30.75 -121.11 -25.81
CA LYS A 1976 31.62 -120.85 -26.95
C LYS A 1976 33.04 -121.34 -26.66
N ASP A 1977 33.42 -121.30 -25.39
CA ASP A 1977 34.75 -121.73 -24.97
C ASP A 1977 34.71 -123.11 -24.31
N ALA A 1978 33.73 -123.31 -23.43
CA ALA A 1978 33.59 -124.58 -22.73
C ALA A 1978 32.74 -125.56 -23.53
N ARG A 1979 31.64 -125.08 -24.07
CA ARG A 1979 30.74 -125.91 -24.86
C ARG A 1979 31.45 -126.51 -26.08
N GLU A 1980 32.58 -125.91 -26.44
CA GLU A 1980 33.35 -126.39 -27.58
C GLU A 1980 34.13 -127.65 -27.23
N LEU A 1981 34.10 -128.03 -25.95
CA LEU A 1981 34.81 -129.22 -25.51
C LEU A 1981 34.29 -130.50 -26.15
N GLN A 1982 33.05 -130.46 -26.65
CA GLN A 1982 32.48 -131.65 -27.28
C GLN A 1982 33.21 -131.92 -28.59
N VAL A 1983 34.15 -131.04 -28.92
CA VAL A 1983 34.94 -131.17 -30.15
C VAL A 1983 36.36 -131.54 -29.74
N GLN A 1984 36.68 -131.33 -28.47
CA GLN A 1984 37.99 -131.63 -27.92
C GLN A 1984 37.94 -132.99 -27.23
N LEU A 1985 36.86 -133.23 -26.50
CA LEU A 1985 36.68 -134.50 -25.79
C LEU A 1985 36.05 -135.52 -26.72
N ASP A 1986 35.89 -135.13 -27.98
CA ASP A 1986 35.31 -136.00 -29.00
C ASP A 1986 36.43 -136.71 -29.73
N VAL A 1987 37.65 -136.24 -29.51
CA VAL A 1987 38.83 -136.82 -30.15
C VAL A 1987 39.02 -138.27 -29.74
N ARG A 1988 38.19 -138.74 -28.82
CA ARG A 1988 38.25 -140.11 -28.33
C ARG A 1988 37.28 -141.01 -29.10
N ASN A 1989 36.07 -140.50 -29.32
CA ASN A 1989 35.03 -141.25 -30.01
C ASN A 1989 35.40 -141.63 -31.44
N LYS A 1990 36.32 -140.88 -32.04
CA LYS A 1990 36.73 -141.14 -33.41
C LYS A 1990 38.14 -141.74 -33.49
N GLU A 1991 38.98 -141.39 -32.52
CA GLU A 1991 40.35 -141.88 -32.48
C GLU A 1991 40.42 -143.21 -31.73
N ILE A 1992 40.01 -143.20 -30.47
CA ILE A 1992 40.04 -144.40 -29.64
C ILE A 1992 39.12 -145.48 -30.21
N ALA A 1993 38.20 -145.07 -31.08
CA ALA A 1993 37.28 -146.01 -31.71
C ALA A 1993 38.01 -146.84 -32.76
N VAL A 1994 38.96 -146.22 -33.44
CA VAL A 1994 39.75 -146.90 -34.46
C VAL A 1994 40.71 -147.87 -33.77
N GLN A 1995 40.71 -147.84 -32.45
CA GLN A 1995 41.58 -148.70 -31.66
C GLN A 1995 40.83 -149.95 -31.18
N LYS A 1996 39.51 -149.84 -31.05
CA LYS A 1996 38.68 -150.94 -30.60
C LYS A 1996 38.68 -152.10 -31.60
N VAL A 1997 38.23 -151.82 -32.81
CA VAL A 1997 38.16 -152.84 -33.86
C VAL A 1997 39.57 -153.26 -34.30
N LYS A 1998 40.48 -152.29 -34.32
CA LYS A 1998 41.86 -152.53 -34.71
C LYS A 1998 42.57 -153.51 -33.78
N ALA A 1999 42.46 -153.25 -32.48
CA ALA A 1999 43.10 -154.08 -31.47
C ALA A 1999 42.71 -155.55 -31.59
N TYR A 2000 41.42 -155.80 -31.80
CA TYR A 2000 40.93 -157.18 -31.92
C TYR A 2000 41.32 -157.80 -33.25
N ALA A 2001 41.66 -156.97 -34.22
CA ALA A 2001 42.05 -157.44 -35.54
C ALA A 2001 43.43 -158.10 -35.54
N ASP A 2002 44.37 -157.47 -34.83
CA ASP A 2002 45.73 -158.00 -34.75
C ASP A 2002 45.82 -159.32 -33.98
N LEU A 2003 45.27 -159.35 -32.77
CA LEU A 2003 45.30 -160.56 -31.96
C LEU A 2003 44.38 -161.63 -32.56
N GLU A 2004 43.70 -161.27 -33.64
CA GLU A 2004 42.81 -162.20 -34.32
C GLU A 2004 43.62 -163.06 -35.27
N LYS A 2005 44.63 -162.45 -35.90
CA LYS A 2005 45.50 -163.15 -36.83
C LYS A 2005 46.78 -163.60 -36.14
N ALA A 2006 46.64 -164.15 -34.94
CA ALA A 2006 47.80 -164.63 -34.19
C ALA A 2006 47.60 -166.05 -33.68
N GLU A 2007 46.47 -166.31 -32.98
CA GLU A 2007 46.21 -167.65 -32.44
C GLU A 2007 46.02 -168.70 -33.54
N PRO A 2008 47.14 -169.19 -34.09
CA PRO A 2008 47.15 -170.20 -35.14
C PRO A 2008 45.78 -170.54 -35.70
N ALA A 2009 44.99 -171.27 -34.92
CA ALA A 2009 43.64 -171.69 -35.30
C ALA A 2009 43.12 -171.07 -36.59
N ILE A 2010 42.65 -169.83 -36.51
CA ILE A 2010 42.11 -169.14 -37.67
C ILE A 2010 43.10 -169.05 -38.82
N ILE A 2011 44.27 -168.47 -38.55
CA ILE A 2011 45.31 -168.33 -39.57
C ILE A 2011 45.49 -169.65 -40.31
N GLU A 2012 45.72 -170.70 -39.55
CA GLU A 2012 45.92 -172.05 -40.08
C GLU A 2012 44.86 -172.44 -41.12
N ALA A 2013 43.64 -171.98 -40.90
CA ALA A 2013 42.54 -172.29 -41.81
C ALA A 2013 42.36 -171.25 -42.90
N GLN A 2014 42.34 -169.99 -42.50
CA GLN A 2014 42.15 -168.89 -43.43
C GLN A 2014 43.20 -168.92 -44.55
N GLU A 2015 44.29 -169.63 -44.31
CA GLU A 2015 45.36 -169.76 -45.28
C GLU A 2015 45.02 -170.88 -46.25
N ALA A 2016 44.20 -171.82 -45.80
CA ALA A 2016 43.79 -172.95 -46.62
C ALA A 2016 42.52 -172.57 -47.38
N VAL A 2017 41.85 -171.53 -46.92
CA VAL A 2017 40.62 -171.05 -47.55
C VAL A 2017 40.98 -170.24 -48.79
N SER A 2018 42.18 -169.66 -48.76
CA SER A 2018 42.67 -168.85 -49.88
C SER A 2018 43.09 -169.77 -51.03
N THR A 2019 43.95 -170.73 -50.71
CA THR A 2019 44.46 -171.68 -51.69
C THR A 2019 43.41 -172.69 -52.12
N ILE A 2020 42.29 -172.19 -52.65
CA ILE A 2020 41.21 -173.06 -53.12
C ILE A 2020 41.02 -172.89 -54.62
N LYS A 2021 41.32 -173.94 -55.38
CA LYS A 2021 41.17 -173.91 -56.83
C LYS A 2021 39.75 -173.64 -57.26
N LYS A 2022 39.60 -172.99 -58.42
CA LYS A 2022 38.29 -172.68 -58.96
C LYS A 2022 37.69 -173.96 -59.54
N LYS A 2023 38.56 -174.93 -59.78
CA LYS A 2023 38.16 -176.23 -60.32
C LYS A 2023 37.21 -176.92 -59.35
N HIS A 2024 37.33 -176.57 -58.07
CA HIS A 2024 36.52 -177.17 -57.03
C HIS A 2024 35.27 -176.35 -56.72
N LEU A 2025 35.46 -175.05 -56.49
CA LEU A 2025 34.35 -174.17 -56.17
C LEU A 2025 33.37 -174.03 -57.33
N ASP A 2026 33.85 -174.33 -58.54
CA ASP A 2026 33.01 -174.22 -59.73
C ASP A 2026 32.06 -175.41 -59.86
N GLU A 2027 32.63 -176.61 -59.88
CA GLU A 2027 31.84 -177.83 -59.99
C GLU A 2027 30.70 -177.89 -58.97
N ILE A 2028 30.99 -177.46 -57.75
CA ILE A 2028 29.99 -177.47 -56.68
C ILE A 2028 28.85 -176.49 -56.99
N LYS A 2029 29.19 -175.37 -57.63
CA LYS A 2029 28.19 -174.37 -57.96
C LYS A 2029 27.14 -174.91 -58.93
N SER A 2030 27.57 -175.74 -59.86
CA SER A 2030 26.66 -176.32 -60.85
C SER A 2030 25.90 -177.52 -60.30
N LEU A 2031 26.46 -178.17 -59.27
CA LEU A 2031 25.83 -179.32 -58.66
C LEU A 2031 24.38 -179.04 -58.26
N PRO A 2032 23.44 -179.92 -58.68
CA PRO A 2032 22.02 -179.78 -58.36
C PRO A 2032 21.65 -180.33 -56.99
N LYS A 2033 22.15 -181.52 -56.67
CA LYS A 2033 21.86 -182.16 -55.39
C LYS A 2033 23.15 -182.70 -54.76
N PRO A 2034 23.95 -181.81 -54.14
CA PRO A 2034 25.20 -182.19 -53.49
C PRO A 2034 25.04 -183.16 -52.33
N PRO A 2035 26.09 -183.95 -52.05
CA PRO A 2035 26.04 -184.91 -50.95
C PRO A 2035 26.05 -184.17 -49.62
N THR A 2036 25.29 -184.69 -48.65
CA THR A 2036 25.20 -184.08 -47.33
C THR A 2036 26.50 -183.48 -46.80
N PRO A 2037 27.62 -184.21 -46.91
CA PRO A 2037 28.89 -183.67 -46.41
C PRO A 2037 29.28 -182.33 -47.05
N VAL A 2038 28.69 -182.04 -48.21
CA VAL A 2038 28.96 -180.79 -48.90
C VAL A 2038 27.89 -179.78 -48.53
N LYS A 2039 26.65 -180.24 -48.48
CA LYS A 2039 25.50 -179.41 -48.12
C LYS A 2039 25.75 -178.68 -46.80
N LEU A 2040 26.18 -179.42 -45.79
CA LEU A 2040 26.44 -178.87 -44.47
C LEU A 2040 27.60 -177.87 -44.48
N ALA A 2041 28.71 -178.26 -45.10
CA ALA A 2041 29.88 -177.40 -45.17
C ALA A 2041 29.55 -176.06 -45.82
N MET A 2042 28.81 -176.11 -46.92
CA MET A 2042 28.44 -174.90 -47.64
C MET A 2042 27.37 -174.11 -46.88
N GLU A 2043 26.44 -174.81 -46.25
CA GLU A 2043 25.38 -174.14 -45.49
C GLU A 2043 25.94 -173.39 -44.29
N ALA A 2044 26.91 -173.98 -43.62
CA ALA A 2044 27.53 -173.38 -42.44
C ALA A 2044 28.31 -172.11 -42.73
N VAL A 2045 29.03 -172.09 -43.85
CA VAL A 2045 29.82 -170.93 -44.23
C VAL A 2045 28.99 -169.71 -44.62
N CYS A 2046 28.10 -169.89 -45.60
CA CYS A 2046 27.25 -168.80 -46.07
C CYS A 2046 26.28 -168.34 -44.98
N LEU A 2047 26.07 -169.19 -43.98
CA LEU A 2047 25.16 -168.87 -42.88
C LEU A 2047 25.82 -167.88 -41.92
N MET A 2048 27.12 -168.04 -41.71
CA MET A 2048 27.87 -167.15 -40.82
C MET A 2048 28.02 -165.76 -41.43
N LEU A 2049 27.85 -165.67 -42.74
CA LEU A 2049 27.96 -164.39 -43.44
C LEU A 2049 26.66 -163.60 -43.35
N GLY A 2050 25.84 -163.93 -42.35
CA GLY A 2050 24.58 -163.25 -42.17
C GLY A 2050 23.45 -163.87 -42.96
N GLY A 2051 23.79 -164.84 -43.80
CA GLY A 2051 22.78 -165.50 -44.62
C GLY A 2051 22.05 -166.59 -43.84
N LYS A 2052 20.95 -166.21 -43.19
CA LYS A 2052 20.17 -167.16 -42.42
C LYS A 2052 19.61 -168.24 -43.33
N LYS A 2053 19.83 -168.08 -44.63
CA LYS A 2053 19.36 -169.04 -45.62
C LYS A 2053 20.07 -170.37 -45.46
N LEU A 2054 19.51 -171.43 -46.04
CA LEU A 2054 20.10 -172.75 -45.97
C LEU A 2054 19.77 -173.58 -47.22
N GLU A 2055 18.62 -173.30 -47.83
CA GLU A 2055 18.19 -174.00 -49.02
C GLU A 2055 19.35 -174.08 -50.02
N TRP A 2056 19.66 -175.28 -50.49
CA TRP A 2056 20.75 -175.45 -51.43
C TRP A 2056 20.60 -174.58 -52.68
N ALA A 2057 19.45 -174.68 -53.33
CA ALA A 2057 19.18 -173.90 -54.53
C ALA A 2057 19.60 -172.45 -54.39
N ASP A 2058 19.44 -171.91 -53.17
CA ASP A 2058 19.79 -170.52 -52.90
C ASP A 2058 21.27 -170.32 -52.56
N ILE A 2059 21.76 -171.01 -51.55
CA ILE A 2059 23.16 -170.87 -51.14
C ILE A 2059 24.11 -171.17 -52.30
N ARG A 2060 23.58 -171.84 -53.32
CA ARG A 2060 24.38 -172.19 -54.50
C ARG A 2060 24.90 -170.95 -55.21
N LYS A 2061 24.02 -169.99 -55.45
CA LYS A 2061 24.40 -168.76 -56.13
C LYS A 2061 25.50 -168.03 -55.36
N LYS A 2062 25.27 -167.86 -54.06
CA LYS A 2062 26.23 -167.17 -53.20
C LYS A 2062 27.62 -167.77 -53.21
N ILE A 2063 27.77 -168.98 -53.76
CA ILE A 2063 29.08 -169.63 -53.80
C ILE A 2063 30.05 -168.91 -54.71
N MET A 2064 29.54 -168.27 -55.75
CA MET A 2064 30.40 -167.56 -56.69
C MET A 2064 29.98 -166.11 -56.91
N GLU A 2065 29.67 -165.42 -55.83
CA GLU A 2065 29.27 -164.02 -55.90
C GLU A 2065 30.56 -163.22 -56.01
N PRO A 2066 30.50 -162.03 -56.63
CA PRO A 2066 31.70 -161.19 -56.77
C PRO A 2066 32.19 -160.60 -55.46
N ASN A 2067 32.21 -161.42 -54.41
CA ASN A 2067 32.67 -160.98 -53.10
C ASN A 2067 32.65 -162.10 -52.05
N PHE A 2068 31.98 -163.20 -52.37
CA PHE A 2068 31.90 -164.33 -51.46
C PHE A 2068 33.26 -164.88 -51.03
N ILE A 2069 34.01 -165.39 -52.00
CA ILE A 2069 35.33 -165.96 -51.73
C ILE A 2069 36.19 -165.04 -50.87
N THR A 2070 35.95 -163.74 -50.94
CA THR A 2070 36.70 -162.77 -50.17
C THR A 2070 36.01 -162.50 -48.84
N SER A 2071 34.69 -162.72 -48.82
CA SER A 2071 33.89 -162.52 -47.62
C SER A 2071 34.21 -163.56 -46.55
N ILE A 2072 35.12 -164.47 -46.86
CA ILE A 2072 35.52 -165.51 -45.92
C ILE A 2072 36.72 -165.10 -45.08
N ILE A 2073 37.86 -164.91 -45.73
CA ILE A 2073 39.07 -164.52 -45.02
C ILE A 2073 38.90 -163.19 -44.30
N ASN A 2074 37.94 -162.39 -44.78
CA ASN A 2074 37.68 -161.09 -44.17
C ASN A 2074 36.56 -161.19 -43.15
N TYR A 2075 36.19 -162.42 -42.80
CA TYR A 2075 35.13 -162.66 -41.83
C TYR A 2075 35.48 -161.98 -40.51
N ASP A 2076 34.73 -160.95 -40.15
CA ASP A 2076 34.98 -160.23 -38.90
C ASP A 2076 34.66 -161.17 -37.73
N THR A 2077 35.70 -161.64 -37.07
CA THR A 2077 35.57 -162.56 -35.94
C THR A 2077 34.75 -161.96 -34.80
N LYS A 2078 34.14 -160.81 -35.06
CA LYS A 2078 33.31 -160.14 -34.06
C LYS A 2078 31.86 -160.13 -34.50
N LYS A 2079 31.61 -160.69 -35.68
CA LYS A 2079 30.26 -160.78 -36.24
C LYS A 2079 29.75 -162.20 -36.06
N MET A 2080 30.36 -162.90 -35.11
CA MET A 2080 30.01 -164.28 -34.79
C MET A 2080 28.87 -164.26 -33.76
N MET A 2081 27.73 -163.72 -34.18
CA MET A 2081 26.56 -163.60 -33.31
C MET A 2081 26.46 -164.75 -32.30
N THR A 2082 26.78 -164.42 -31.04
CA THR A 2082 26.76 -165.38 -29.95
C THR A 2082 25.43 -166.10 -29.68
N PRO A 2083 24.31 -165.36 -29.71
CA PRO A 2083 23.01 -165.99 -29.46
C PRO A 2083 22.67 -167.18 -30.33
N LYS A 2084 22.56 -166.97 -31.65
CA LYS A 2084 22.21 -168.05 -32.56
C LYS A 2084 23.40 -168.53 -33.39
N ILE A 2085 23.91 -167.66 -34.25
CA ILE A 2085 25.04 -167.98 -35.12
C ILE A 2085 26.10 -168.87 -34.47
N ARG A 2086 26.45 -168.57 -33.22
CA ARG A 2086 27.47 -169.35 -32.52
C ARG A 2086 26.97 -170.71 -32.05
N GLU A 2087 25.98 -170.71 -31.16
CA GLU A 2087 25.43 -171.95 -30.63
C GLU A 2087 24.74 -172.80 -31.69
N ALA A 2088 24.57 -172.24 -32.88
CA ALA A 2088 23.92 -172.96 -33.97
C ALA A 2088 24.95 -173.69 -34.83
N ILE A 2089 25.94 -172.97 -35.32
CA ILE A 2089 26.98 -173.56 -36.15
C ILE A 2089 27.66 -174.73 -35.45
N THR A 2090 27.72 -174.66 -34.12
CA THR A 2090 28.36 -175.71 -33.33
C THR A 2090 27.42 -176.87 -33.00
N LYS A 2091 26.17 -176.55 -32.68
CA LYS A 2091 25.19 -177.56 -32.34
C LYS A 2091 24.39 -178.01 -33.57
N GLY A 2092 24.66 -177.39 -34.70
CA GLY A 2092 23.95 -177.74 -35.92
C GLY A 2092 24.84 -178.29 -37.02
N TYR A 2093 26.15 -178.08 -36.89
CA TYR A 2093 27.09 -178.57 -37.89
C TYR A 2093 28.36 -179.15 -37.26
N LEU A 2094 29.12 -178.29 -36.61
CA LEU A 2094 30.38 -178.69 -35.96
C LEU A 2094 30.36 -180.10 -35.38
N GLU A 2095 29.33 -180.42 -34.60
CA GLU A 2095 29.22 -181.73 -33.99
C GLU A 2095 28.24 -182.61 -34.76
N ASP A 2096 28.53 -182.83 -36.04
CA ASP A 2096 27.69 -183.65 -36.91
C ASP A 2096 28.47 -184.87 -37.37
N PRO A 2097 27.86 -186.07 -37.28
CA PRO A 2097 28.47 -187.33 -37.69
C PRO A 2097 29.09 -187.30 -39.08
N GLY A 2098 28.55 -186.45 -39.95
CA GLY A 2098 29.06 -186.34 -41.31
C GLY A 2098 29.55 -184.95 -41.65
N PHE A 2099 30.18 -184.29 -40.70
CA PHE A 2099 30.69 -182.94 -40.91
C PHE A 2099 32.12 -182.85 -40.40
N ASP A 2100 32.88 -183.93 -40.56
CA ASP A 2100 34.27 -183.95 -40.11
C ASP A 2100 35.19 -183.53 -41.24
N TYR A 2101 36.37 -183.05 -40.88
CA TYR A 2101 37.36 -182.58 -41.85
C TYR A 2101 37.63 -183.61 -42.96
N GLU A 2102 38.02 -184.82 -42.57
CA GLU A 2102 38.31 -185.87 -43.53
C GLU A 2102 37.08 -186.23 -44.37
N THR A 2103 35.95 -186.38 -43.71
CA THR A 2103 34.69 -186.75 -44.37
C THR A 2103 34.33 -185.81 -45.52
N VAL A 2104 34.27 -184.51 -45.22
CA VAL A 2104 33.91 -183.51 -46.22
C VAL A 2104 34.93 -183.37 -47.35
N ASN A 2105 36.20 -183.24 -47.00
CA ASN A 2105 37.26 -183.09 -47.98
C ASN A 2105 37.17 -184.08 -49.14
N ARG A 2106 36.71 -185.29 -48.85
CA ARG A 2106 36.57 -186.31 -49.89
C ARG A 2106 35.47 -185.96 -50.90
N ALA A 2107 34.42 -185.31 -50.42
CA ALA A 2107 33.31 -184.92 -51.27
C ALA A 2107 33.69 -183.73 -52.14
N SER A 2108 34.71 -182.99 -51.70
CA SER A 2108 35.20 -181.81 -52.43
C SER A 2108 36.31 -181.11 -51.66
N LYS A 2109 37.44 -180.90 -52.34
CA LYS A 2109 38.58 -180.23 -51.74
C LYS A 2109 38.30 -178.75 -51.53
N ALA A 2110 37.13 -178.31 -52.00
CA ALA A 2110 36.74 -176.92 -51.88
C ALA A 2110 36.04 -176.63 -50.55
N CYS A 2111 34.85 -177.19 -50.39
CA CYS A 2111 34.08 -177.01 -49.16
C CYS A 2111 34.74 -177.74 -47.99
N GLY A 2112 35.86 -178.40 -48.27
CA GLY A 2112 36.57 -179.12 -47.23
C GLY A 2112 37.24 -178.17 -46.25
N PRO A 2113 38.20 -177.36 -46.70
CA PRO A 2113 38.90 -176.42 -45.84
C PRO A 2113 37.97 -175.50 -45.06
N LEU A 2114 36.77 -175.29 -45.58
CA LEU A 2114 35.78 -174.44 -44.94
C LEU A 2114 35.44 -174.90 -43.52
N VAL A 2115 35.23 -176.20 -43.35
CA VAL A 2115 34.92 -176.73 -42.02
C VAL A 2115 36.13 -176.50 -41.12
N LYS A 2116 37.30 -176.36 -41.75
CA LYS A 2116 38.53 -176.13 -41.01
C LYS A 2116 38.58 -174.66 -40.61
N TRP A 2117 37.90 -173.83 -41.40
CA TRP A 2117 37.84 -172.39 -41.14
C TRP A 2117 36.70 -172.10 -40.17
N ALA A 2118 35.58 -172.81 -40.37
CA ALA A 2118 34.41 -172.65 -39.52
C ALA A 2118 34.73 -173.08 -38.09
N THR A 2119 35.36 -174.25 -37.97
CA THR A 2119 35.73 -174.78 -36.66
C THR A 2119 36.81 -173.91 -36.04
N ALA A 2120 37.28 -172.93 -36.82
CA ALA A 2120 38.31 -172.01 -36.35
C ALA A 2120 37.67 -170.71 -35.89
N GLN A 2121 36.59 -170.32 -36.55
CA GLN A 2121 35.87 -169.09 -36.21
C GLN A 2121 34.99 -169.29 -34.98
N THR A 2122 33.99 -170.16 -35.11
CA THR A 2122 33.06 -170.44 -34.03
C THR A 2122 33.79 -170.86 -32.75
N TYR A 2123 34.77 -171.75 -32.90
CA TYR A 2123 35.55 -172.24 -31.78
C TYR A 2123 36.41 -171.17 -31.12
N TYR A 2124 36.99 -170.29 -31.92
CA TYR A 2124 37.86 -169.23 -31.40
C TYR A 2124 37.14 -168.11 -30.66
N SER A 2125 36.37 -167.31 -31.40
CA SER A 2125 35.63 -166.18 -30.84
C SER A 2125 35.11 -166.41 -29.43
N GLU A 2126 34.87 -167.66 -29.08
CA GLU A 2126 34.35 -168.04 -27.77
C GLU A 2126 35.39 -167.84 -26.66
N ILE A 2127 36.46 -167.10 -26.95
CA ILE A 2127 37.50 -166.85 -25.96
C ILE A 2127 37.95 -165.40 -25.97
N LEU A 2128 36.99 -164.49 -26.18
CA LEU A 2128 37.29 -163.06 -26.22
C LEU A 2128 36.62 -162.34 -25.06
N LYS A 2149 31.64 -142.95 -21.29
CA LYS A 2149 30.22 -143.21 -21.28
C LYS A 2149 29.64 -142.77 -19.93
N LEU A 2150 30.51 -142.73 -18.92
CA LEU A 2150 30.12 -142.33 -17.58
C LEU A 2150 30.82 -141.02 -17.21
N LYS A 2151 31.57 -140.46 -18.16
CA LYS A 2151 32.30 -139.23 -17.93
C LYS A 2151 31.87 -138.12 -18.89
N GLN A 2152 31.58 -138.48 -20.14
CA GLN A 2152 31.17 -137.50 -21.13
C GLN A 2152 29.73 -137.02 -20.96
N ASP A 2153 28.85 -137.91 -20.52
CA ASP A 2153 27.45 -137.54 -20.32
C ASP A 2153 27.35 -136.36 -19.34
N GLU A 2154 28.45 -136.12 -18.63
CA GLU A 2154 28.50 -135.02 -17.67
C GLU A 2154 28.58 -133.70 -18.43
N ILE A 2155 28.87 -133.80 -19.73
CA ILE A 2155 28.96 -132.62 -20.58
C ILE A 2155 27.56 -132.15 -20.91
N VAL A 2156 26.61 -133.08 -20.85
CA VAL A 2156 25.20 -132.77 -21.13
C VAL A 2156 24.57 -132.11 -19.90
N ALA A 2157 25.28 -132.18 -18.79
CA ALA A 2157 24.79 -131.58 -17.54
C ALA A 2157 25.39 -130.19 -17.40
N THR A 2158 26.55 -129.98 -18.01
CA THR A 2158 27.24 -128.71 -17.97
C THR A 2158 26.80 -127.82 -19.13
N ILE A 2159 26.78 -128.39 -20.33
CA ILE A 2159 26.39 -127.68 -21.54
C ILE A 2159 24.93 -127.24 -21.48
N THR A 2160 24.08 -128.08 -20.86
CA THR A 2160 22.66 -127.79 -20.76
C THR A 2160 22.34 -126.77 -19.68
N ALA A 2161 23.05 -126.84 -18.56
CA ALA A 2161 22.83 -125.93 -17.45
C ALA A 2161 23.28 -124.51 -17.81
N LEU A 2162 24.17 -124.42 -18.80
CA LEU A 2162 24.69 -123.13 -19.25
C LEU A 2162 23.94 -122.63 -20.48
N GLU A 2163 23.31 -123.55 -21.21
CA GLU A 2163 22.55 -123.20 -22.39
C GLU A 2163 21.17 -122.77 -21.93
N LYS A 2164 20.65 -123.46 -20.92
CA LYS A 2164 19.35 -123.16 -20.36
C LYS A 2164 19.41 -121.86 -19.57
N SER A 2165 20.51 -121.66 -18.85
CA SER A 2165 20.70 -120.45 -18.05
C SER A 2165 20.74 -119.24 -18.97
N ILE A 2166 21.43 -119.37 -20.09
CA ILE A 2166 21.53 -118.28 -21.06
C ILE A 2166 20.18 -118.08 -21.75
N ALA A 2167 19.35 -119.11 -21.71
CA ALA A 2167 18.03 -119.06 -22.32
C ALA A 2167 17.07 -118.22 -21.49
N THR A 2168 17.43 -117.97 -20.24
CA THR A 2168 16.58 -117.17 -19.36
C THR A 2168 17.12 -115.74 -19.19
N TYR A 2169 18.35 -115.52 -19.66
CA TYR A 2169 18.96 -114.20 -19.57
C TYR A 2169 18.49 -113.27 -20.68
N LYS A 2170 18.13 -113.84 -21.83
CA LYS A 2170 17.64 -113.06 -22.95
C LYS A 2170 16.15 -112.85 -22.79
N GLU A 2171 15.52 -113.71 -21.99
CA GLU A 2171 14.09 -113.63 -21.72
C GLU A 2171 13.86 -112.60 -20.62
N GLU A 2172 14.92 -112.33 -19.85
CA GLU A 2172 14.86 -111.37 -18.76
C GLU A 2172 15.01 -109.96 -19.32
N TYR A 2173 15.58 -109.86 -20.52
CA TYR A 2173 15.76 -108.57 -21.17
C TYR A 2173 14.39 -107.93 -21.32
N ALA A 2174 13.40 -108.76 -21.61
CA ALA A 2174 12.02 -108.30 -21.78
C ALA A 2174 11.51 -107.69 -20.49
N THR A 2175 12.18 -108.00 -19.38
CA THR A 2175 11.78 -107.47 -18.08
C THR A 2175 12.32 -106.05 -17.91
N LEU A 2176 13.36 -105.72 -18.66
CA LEU A 2176 13.97 -104.40 -18.59
C LEU A 2176 13.51 -103.50 -19.74
N ILE A 2177 13.38 -104.08 -20.93
CA ILE A 2177 12.95 -103.32 -22.09
C ILE A 2177 11.46 -103.04 -22.04
N ARG A 2178 10.68 -104.02 -21.57
CA ARG A 2178 9.23 -103.84 -21.46
C ARG A 2178 8.94 -102.93 -20.27
N GLU A 2179 9.81 -103.00 -19.26
CA GLU A 2179 9.65 -102.17 -18.07
C GLU A 2179 9.88 -100.72 -18.49
N THR A 2180 10.90 -100.52 -19.33
CA THR A 2180 11.25 -99.20 -19.83
C THR A 2180 10.24 -98.76 -20.88
N GLU A 2181 9.53 -99.73 -21.44
CA GLU A 2181 8.53 -99.45 -22.47
C GLU A 2181 7.46 -98.52 -21.90
N GLN A 2182 6.93 -98.88 -20.73
CA GLN A 2182 5.90 -98.07 -20.10
C GLN A 2182 6.52 -96.83 -19.46
N ILE A 2183 7.84 -96.85 -19.31
CA ILE A 2183 8.57 -95.73 -18.73
C ILE A 2183 8.75 -94.61 -19.75
N LYS A 2184 9.22 -94.98 -20.94
CA LYS A 2184 9.46 -94.00 -21.99
C LYS A 2184 8.17 -93.31 -22.43
N THR A 2185 7.06 -94.02 -22.36
CA THR A 2185 5.76 -93.46 -22.76
C THR A 2185 5.29 -92.41 -21.75
N GLU A 2186 5.53 -92.67 -20.46
CA GLU A 2186 5.12 -91.73 -19.43
C GLU A 2186 6.18 -90.69 -19.16
N SER A 2187 7.45 -91.08 -19.22
CA SER A 2187 8.55 -90.15 -18.99
C SER A 2187 8.48 -89.07 -20.08
N SER A 2188 7.80 -89.39 -21.17
CA SER A 2188 7.64 -88.47 -22.29
C SER A 2188 6.45 -87.55 -22.04
N LYS A 2189 5.37 -88.11 -21.50
CA LYS A 2189 4.18 -87.32 -21.23
C LYS A 2189 4.43 -86.26 -20.16
N VAL A 2190 5.22 -86.62 -19.15
CA VAL A 2190 5.54 -85.68 -18.09
C VAL A 2190 6.30 -84.51 -18.73
N LYS A 2191 7.00 -84.81 -19.82
CA LYS A 2191 7.77 -83.80 -20.54
C LYS A 2191 6.80 -82.91 -21.32
N ASN A 2192 5.74 -83.51 -21.84
CA ASN A 2192 4.73 -82.76 -22.59
C ASN A 2192 4.17 -81.65 -21.70
N LYS A 2193 3.88 -82.00 -20.46
CA LYS A 2193 3.36 -81.05 -19.50
C LYS A 2193 4.37 -79.94 -19.23
N VAL A 2194 5.59 -80.32 -18.87
CA VAL A 2194 6.65 -79.36 -18.59
C VAL A 2194 6.79 -78.34 -19.72
N ASP A 2195 6.86 -78.82 -20.96
CA ASP A 2195 6.98 -77.93 -22.11
C ASP A 2195 5.74 -77.05 -22.26
N ARG A 2196 4.58 -77.69 -22.35
CA ARG A 2196 3.31 -76.98 -22.50
C ARG A 2196 3.02 -76.04 -21.33
N SER A 2197 3.53 -76.39 -20.16
CA SER A 2197 3.32 -75.56 -18.97
C SER A 2197 4.21 -74.33 -19.04
N ILE A 2198 5.39 -74.48 -19.62
CA ILE A 2198 6.33 -73.39 -19.77
C ILE A 2198 5.67 -72.23 -20.50
N ALA A 2199 4.84 -72.56 -21.49
CA ALA A 2199 4.15 -71.55 -22.28
C ALA A 2199 3.15 -70.78 -21.41
N LEU A 2200 2.23 -71.50 -20.78
CA LEU A 2200 1.22 -70.89 -19.94
C LEU A 2200 1.82 -70.03 -18.83
N LEU A 2201 2.89 -70.53 -18.21
CA LEU A 2201 3.54 -69.80 -17.12
C LEU A 2201 4.38 -68.63 -17.63
N ASP A 2202 5.12 -68.86 -18.70
CA ASP A 2202 5.97 -67.81 -19.28
C ASP A 2202 5.13 -66.74 -19.95
N ASN A 2203 4.08 -67.16 -20.65
CA ASN A 2203 3.19 -66.23 -21.33
C ASN A 2203 2.39 -65.38 -20.34
N LEU A 2204 2.26 -65.88 -19.11
CA LEU A 2204 1.54 -65.14 -18.08
C LEU A 2204 2.41 -64.05 -17.50
N ASN A 2205 3.70 -64.33 -17.32
CA ASN A 2205 4.63 -63.34 -16.80
C ASN A 2205 4.57 -62.14 -17.74
N SER A 2206 4.21 -62.42 -18.99
CA SER A 2206 4.09 -61.41 -20.03
C SER A 2206 2.79 -60.66 -19.88
N GLU A 2207 1.68 -61.39 -19.93
CA GLU A 2207 0.35 -60.80 -19.82
C GLU A 2207 0.15 -60.11 -18.47
N ARG A 2208 0.74 -60.67 -17.42
CA ARG A 2208 0.61 -60.09 -16.09
C ARG A 2208 1.36 -58.77 -16.06
N GLY A 2209 2.41 -58.67 -16.86
CA GLY A 2209 3.20 -57.45 -16.92
C GLY A 2209 2.38 -56.33 -17.53
N ARG A 2210 1.53 -56.66 -18.48
CA ARG A 2210 0.69 -55.66 -19.14
C ARG A 2210 -0.45 -55.24 -18.23
N TRP A 2211 -1.17 -56.21 -17.69
CA TRP A 2211 -2.29 -55.92 -16.79
C TRP A 2211 -1.83 -55.04 -15.62
N GLU A 2212 -0.67 -55.34 -15.06
CA GLU A 2212 -0.14 -54.56 -13.95
C GLU A 2212 0.15 -53.13 -14.39
N GLN A 2213 0.82 -53.00 -15.53
CA GLN A 2213 1.16 -51.68 -16.07
C GLN A 2213 -0.12 -50.89 -16.32
N GLN A 2214 -1.09 -51.53 -16.96
CA GLN A 2214 -2.36 -50.89 -17.27
C GLN A 2214 -3.11 -50.52 -15.99
N SER A 2215 -2.89 -51.31 -14.94
CA SER A 2215 -3.54 -51.07 -13.66
C SER A 2215 -2.82 -49.94 -12.91
N GLU A 2216 -1.49 -49.95 -12.98
CA GLU A 2216 -0.69 -48.92 -12.32
C GLU A 2216 -1.06 -47.56 -12.88
N ASN A 2217 -1.16 -47.49 -14.20
CA ASN A 2217 -1.50 -46.26 -14.90
C ASN A 2217 -2.74 -45.58 -14.32
N PHE A 2218 -3.74 -46.39 -13.98
CA PHE A 2218 -4.98 -45.86 -13.42
C PHE A 2218 -4.83 -45.31 -12.01
N ASN A 2219 -4.06 -45.99 -11.17
CA ASN A 2219 -3.84 -45.54 -9.80
C ASN A 2219 -3.49 -44.05 -9.83
N THR A 2220 -2.71 -43.66 -10.82
CA THR A 2220 -2.29 -42.27 -10.96
C THR A 2220 -3.45 -41.45 -11.53
N GLN A 2221 -4.12 -42.00 -12.55
CA GLN A 2221 -5.25 -41.32 -13.16
C GLN A 2221 -6.34 -41.07 -12.13
N MET A 2222 -6.63 -42.11 -11.34
CA MET A 2222 -7.66 -42.03 -10.31
C MET A 2222 -7.30 -41.06 -9.19
N SER A 2223 -6.03 -40.66 -9.12
CA SER A 2223 -5.59 -39.74 -8.08
C SER A 2223 -5.68 -38.29 -8.55
N THR A 2224 -5.63 -38.09 -9.86
CA THR A 2224 -5.71 -36.75 -10.42
C THR A 2224 -7.13 -36.40 -10.85
N VAL A 2225 -8.02 -37.38 -10.79
CA VAL A 2225 -9.42 -37.18 -11.17
C VAL A 2225 -10.01 -35.99 -10.43
N VAL A 2226 -9.66 -35.86 -9.14
CA VAL A 2226 -10.16 -34.76 -8.31
C VAL A 2226 -9.73 -33.41 -8.89
N GLY A 2227 -8.44 -33.29 -9.20
CA GLY A 2227 -7.93 -32.05 -9.74
C GLY A 2227 -8.39 -31.75 -11.15
N ASP A 2228 -8.38 -32.78 -12.02
CA ASP A 2228 -8.80 -32.61 -13.40
C ASP A 2228 -10.25 -32.13 -13.50
N VAL A 2229 -11.11 -32.65 -12.63
CA VAL A 2229 -12.52 -32.26 -12.63
C VAL A 2229 -12.67 -30.79 -12.24
N VAL A 2230 -11.97 -30.39 -11.18
CA VAL A 2230 -12.02 -29.02 -10.69
C VAL A 2230 -11.61 -28.04 -11.78
N LEU A 2231 -10.45 -28.27 -12.38
CA LEU A 2231 -9.95 -27.40 -13.44
C LEU A 2231 -10.89 -27.37 -14.64
N ALA A 2232 -11.28 -28.56 -15.09
CA ALA A 2232 -12.18 -28.67 -16.24
C ALA A 2232 -13.52 -28.00 -15.97
N SER A 2233 -13.96 -28.06 -14.72
CA SER A 2233 -15.24 -27.45 -14.32
C SER A 2233 -15.20 -25.93 -14.47
N ALA A 2234 -14.24 -25.30 -13.81
CA ALA A 2234 -14.10 -23.84 -13.88
C ALA A 2234 -14.01 -23.41 -15.34
N PHE A 2235 -13.31 -24.21 -16.13
CA PHE A 2235 -13.15 -23.94 -17.56
C PHE A 2235 -14.50 -23.88 -18.26
N LEU A 2236 -15.46 -24.63 -17.73
CA LEU A 2236 -16.80 -24.69 -18.30
C LEU A 2236 -17.82 -23.76 -17.64
N ALA A 2237 -17.37 -22.85 -16.80
CA ALA A 2237 -18.28 -21.94 -16.13
C ALA A 2237 -17.75 -20.51 -16.02
N TYR A 2238 -16.50 -20.31 -16.41
CA TYR A 2238 -15.90 -18.97 -16.35
C TYR A 2238 -15.16 -18.63 -17.63
N ILE A 2239 -14.43 -19.59 -18.16
CA ILE A 2239 -13.65 -19.39 -19.39
C ILE A 2239 -14.46 -18.86 -20.57
N GLY A 2240 -15.31 -19.72 -21.13
CA GLY A 2240 -16.14 -19.35 -22.27
C GLY A 2240 -16.04 -17.94 -22.80
N PHE A 2241 -16.35 -16.96 -21.96
CA PHE A 2241 -16.30 -15.55 -22.34
C PHE A 2241 -14.92 -15.09 -22.80
N PHE A 2242 -13.92 -15.26 -21.93
CA PHE A 2242 -12.56 -14.84 -22.24
C PHE A 2242 -11.98 -15.41 -23.52
N ASP A 2243 -10.90 -14.79 -24.00
CA ASP A 2243 -10.22 -15.21 -25.21
C ASP A 2243 -8.94 -15.98 -24.87
N GLN A 2244 -8.23 -16.44 -25.90
CA GLN A 2244 -6.99 -17.20 -25.71
C GLN A 2244 -6.13 -16.71 -24.54
N ASN A 2245 -5.60 -15.49 -24.66
CA ASN A 2245 -4.75 -14.91 -23.63
C ASN A 2245 -5.30 -15.13 -22.23
N PHE A 2246 -6.45 -14.52 -21.94
CA PHE A 2246 -7.09 -14.65 -20.64
C PHE A 2246 -7.32 -16.10 -20.24
N ARG A 2247 -7.88 -16.88 -21.15
CA ARG A 2247 -8.14 -18.29 -20.88
C ARG A 2247 -6.88 -18.98 -20.37
N THR A 2248 -5.82 -18.89 -21.15
CA THR A 2248 -4.54 -19.50 -20.80
C THR A 2248 -4.05 -19.03 -19.43
N ASP A 2249 -4.12 -17.73 -19.20
CA ASP A 2249 -3.67 -17.15 -17.93
C ASP A 2249 -4.44 -17.74 -16.76
N LEU A 2250 -5.77 -17.70 -16.83
CA LEU A 2250 -6.62 -18.23 -15.77
C LEU A 2250 -6.24 -19.65 -15.38
N MET A 2251 -6.13 -20.52 -16.36
CA MET A 2251 -5.78 -21.92 -16.12
C MET A 2251 -4.53 -22.05 -15.25
N ARG A 2252 -3.49 -21.31 -15.62
CA ARG A 2252 -2.24 -21.35 -14.87
C ARG A 2252 -2.47 -21.03 -13.40
N LYS A 2253 -3.27 -19.99 -13.14
CA LYS A 2253 -3.56 -19.60 -11.76
C LYS A 2253 -4.30 -20.69 -11.00
N TRP A 2254 -5.30 -21.29 -11.63
CA TRP A 2254 -6.07 -22.34 -10.99
C TRP A 2254 -5.18 -23.54 -10.66
N MET A 2255 -4.23 -23.83 -11.54
CA MET A 2255 -3.31 -24.94 -11.33
C MET A 2255 -2.27 -24.60 -10.27
N ILE A 2256 -1.77 -23.37 -10.29
CA ILE A 2256 -0.78 -22.94 -9.32
C ILE A 2256 -1.40 -23.03 -7.93
N ARG A 2257 -2.69 -22.75 -7.85
CA ARG A 2257 -3.43 -22.81 -6.59
C ARG A 2257 -3.52 -24.26 -6.12
N LEU A 2258 -4.03 -25.13 -6.99
CA LEU A 2258 -4.17 -26.54 -6.67
C LEU A 2258 -2.85 -27.16 -6.22
N ASP A 2259 -1.74 -26.55 -6.63
CA ASP A 2259 -0.41 -27.03 -6.26
C ASP A 2259 0.00 -26.48 -4.90
N SER A 2260 -0.17 -25.17 -4.74
CA SER A 2260 0.19 -24.51 -3.49
C SER A 2260 -0.55 -25.20 -2.35
N VAL A 2261 -1.82 -25.53 -2.58
CA VAL A 2261 -2.64 -26.21 -1.58
C VAL A 2261 -2.15 -27.63 -1.38
N GLY A 2262 -2.06 -28.38 -2.47
CA GLY A 2262 -1.59 -29.76 -2.39
C GLY A 2262 -2.58 -30.75 -2.97
N ILE A 2263 -2.91 -30.58 -4.25
CA ILE A 2263 -3.84 -31.48 -4.92
C ILE A 2263 -3.26 -31.98 -6.24
N LYS A 2264 -3.30 -33.30 -6.42
CA LYS A 2264 -2.77 -33.95 -7.62
C LYS A 2264 -3.62 -33.64 -8.85
N PHE A 2265 -2.98 -33.53 -10.00
CA PHE A 2265 -3.66 -33.25 -11.25
C PHE A 2265 -2.68 -33.34 -12.42
N LYS A 2266 -3.15 -33.81 -13.57
CA LYS A 2266 -2.30 -33.95 -14.74
C LYS A 2266 -1.64 -32.62 -15.10
N SER A 2267 -0.32 -32.61 -15.11
CA SER A 2267 0.46 -31.43 -15.44
C SER A 2267 -0.04 -30.76 -16.72
N ASP A 2268 -0.15 -31.55 -17.78
CA ASP A 2268 -0.61 -31.04 -19.07
C ASP A 2268 -2.03 -31.48 -19.40
N LEU A 2269 -2.95 -31.27 -18.45
CA LEU A 2269 -4.33 -31.64 -18.64
C LEU A 2269 -4.91 -31.03 -19.91
N SER A 2270 -5.65 -31.84 -20.66
CA SER A 2270 -6.27 -31.39 -21.90
C SER A 2270 -7.78 -31.43 -21.73
N VAL A 2271 -8.35 -30.32 -21.28
CA VAL A 2271 -9.79 -30.21 -21.06
C VAL A 2271 -10.60 -30.80 -22.22
N PRO A 2272 -10.33 -30.36 -23.45
CA PRO A 2272 -11.08 -30.88 -24.61
C PRO A 2272 -11.06 -32.40 -24.67
N SER A 2273 -9.88 -32.98 -24.49
CA SER A 2273 -9.71 -34.43 -24.53
C SER A 2273 -10.31 -35.07 -23.28
N PHE A 2274 -9.99 -34.50 -22.12
CA PHE A 2274 -10.48 -35.01 -20.84
C PHE A 2274 -12.01 -34.94 -20.72
N LEU A 2275 -12.65 -34.18 -21.60
CA LEU A 2275 -14.10 -34.05 -21.56
C LEU A 2275 -14.82 -34.48 -22.83
N SER A 2276 -14.18 -35.33 -23.63
CA SER A 2276 -14.78 -35.80 -24.87
C SER A 2276 -13.91 -36.82 -25.57
N LYS A 2277 -14.50 -37.94 -25.95
CA LYS A 2277 -13.79 -39.01 -26.64
C LYS A 2277 -13.22 -38.48 -27.96
N PRO A 2278 -12.20 -39.16 -28.51
CA PRO A 2278 -11.59 -38.74 -29.77
C PRO A 2278 -12.51 -38.87 -30.98
N GLU A 2279 -13.52 -39.73 -30.85
CA GLU A 2279 -14.47 -39.95 -31.94
C GLU A 2279 -15.48 -38.81 -32.05
N GLU A 2280 -15.85 -38.24 -30.91
CA GLU A 2280 -16.81 -37.14 -30.89
C GLU A 2280 -16.29 -35.88 -31.58
N ARG A 2281 -15.05 -35.51 -31.30
CA ARG A 2281 -14.46 -34.32 -31.89
C ARG A 2281 -14.49 -34.33 -33.42
N LEU A 2282 -13.87 -35.34 -34.02
CA LEU A 2282 -13.83 -35.45 -35.48
C LEU A 2282 -15.19 -35.15 -36.13
N ASN A 2283 -16.26 -35.56 -35.46
CA ASN A 2283 -17.60 -35.33 -35.99
C ASN A 2283 -17.92 -33.83 -36.00
N TRP A 2284 -17.49 -33.13 -34.96
CA TRP A 2284 -17.73 -31.69 -34.86
C TRP A 2284 -17.21 -30.96 -36.08
N HIS A 2285 -15.94 -31.20 -36.42
CA HIS A 2285 -15.34 -30.55 -37.57
C HIS A 2285 -16.11 -30.88 -38.84
N ALA A 2286 -16.49 -32.14 -38.98
CA ALA A 2286 -17.25 -32.59 -40.14
C ALA A 2286 -18.54 -31.79 -40.23
N ASN A 2287 -19.09 -31.41 -39.08
CA ASN A 2287 -20.32 -30.64 -39.03
C ASN A 2287 -20.01 -29.15 -39.11
N SER A 2288 -18.97 -28.80 -39.86
CA SER A 2288 -18.56 -27.42 -40.04
C SER A 2288 -18.16 -26.74 -38.73
N LEU A 2289 -16.90 -26.94 -38.34
CA LEU A 2289 -16.37 -26.36 -37.12
C LEU A 2289 -14.86 -26.19 -37.25
N PRO A 2290 -14.36 -24.95 -37.02
CA PRO A 2290 -12.92 -24.68 -37.11
C PRO A 2290 -12.07 -25.76 -36.44
N SER A 2291 -10.92 -26.05 -37.04
CA SER A 2291 -10.03 -27.08 -36.52
C SER A 2291 -8.94 -26.53 -35.60
N ASP A 2292 -9.09 -25.28 -35.18
CA ASP A 2292 -8.10 -24.67 -34.28
C ASP A 2292 -8.27 -25.15 -32.85
N GLU A 2293 -7.28 -24.85 -32.02
CA GLU A 2293 -7.30 -25.26 -30.62
C GLU A 2293 -8.37 -24.51 -29.82
N LEU A 2294 -8.83 -23.38 -30.35
CA LEU A 2294 -9.85 -22.58 -29.70
C LEU A 2294 -11.25 -23.15 -29.86
N CYS A 2295 -11.72 -23.21 -31.11
CA CYS A 2295 -13.04 -23.73 -31.39
C CYS A 2295 -13.27 -25.14 -30.85
N ILE A 2296 -12.21 -25.92 -30.72
CA ILE A 2296 -12.33 -27.27 -30.19
C ILE A 2296 -12.69 -27.18 -28.71
N GLU A 2297 -12.23 -26.13 -28.06
CA GLU A 2297 -12.53 -25.91 -26.65
C GLU A 2297 -13.98 -25.46 -26.50
N ASN A 2298 -14.40 -24.55 -27.38
CA ASN A 2298 -15.77 -24.04 -27.34
C ASN A 2298 -16.73 -25.17 -27.63
N ALA A 2299 -16.34 -26.07 -28.53
CA ALA A 2299 -17.17 -27.21 -28.90
C ALA A 2299 -17.44 -28.04 -27.65
N ILE A 2300 -16.45 -28.10 -26.76
CA ILE A 2300 -16.57 -28.87 -25.52
C ILE A 2300 -17.54 -28.15 -24.58
N MET A 2301 -17.47 -26.83 -24.55
CA MET A 2301 -18.34 -26.03 -23.69
C MET A 2301 -19.79 -26.11 -24.14
N LEU A 2302 -19.99 -26.09 -25.46
CA LEU A 2302 -21.33 -26.15 -26.03
C LEU A 2302 -21.96 -27.53 -25.86
N LYS A 2303 -21.21 -28.45 -25.27
CA LYS A 2303 -21.70 -29.81 -25.06
C LYS A 2303 -22.07 -30.00 -23.59
N ARG A 2304 -21.07 -29.98 -22.72
CA ARG A 2304 -21.26 -30.16 -21.30
C ARG A 2304 -21.71 -28.87 -20.60
N PHE A 2305 -22.22 -27.92 -21.38
CA PHE A 2305 -22.67 -26.64 -20.83
C PHE A 2305 -23.70 -26.93 -19.73
N ASN A 2306 -23.95 -25.94 -18.88
CA ASN A 2306 -24.90 -26.13 -17.80
C ASN A 2306 -25.83 -24.93 -17.58
N ARG A 2307 -25.68 -23.90 -18.41
CA ARG A 2307 -26.50 -22.71 -18.31
C ARG A 2307 -26.80 -22.05 -19.65
N TYR A 2308 -27.33 -22.83 -20.58
CA TYR A 2308 -27.68 -22.37 -21.93
C TYR A 2308 -26.70 -21.35 -22.52
N PRO A 2309 -25.82 -21.81 -23.40
CA PRO A 2309 -24.78 -21.04 -24.09
C PRO A 2309 -25.22 -19.76 -24.79
N LEU A 2310 -24.41 -18.72 -24.67
CA LEU A 2310 -24.66 -17.43 -25.31
C LEU A 2310 -23.45 -17.22 -26.22
N VAL A 2311 -23.46 -17.94 -27.34
CA VAL A 2311 -22.38 -17.88 -28.31
C VAL A 2311 -22.13 -16.49 -28.90
N ILE A 2312 -20.99 -15.90 -28.53
CA ILE A 2312 -20.63 -14.59 -29.06
C ILE A 2312 -19.81 -14.86 -30.31
N ASP A 2313 -20.51 -15.26 -31.38
CA ASP A 2313 -19.90 -15.59 -32.65
C ASP A 2313 -20.23 -14.61 -33.77
N PRO A 2314 -19.27 -13.74 -34.13
CA PRO A 2314 -19.47 -12.76 -35.19
C PRO A 2314 -19.13 -13.34 -36.57
N SER A 2315 -18.07 -14.15 -36.60
CA SER A 2315 -17.61 -14.78 -37.82
C SER A 2315 -18.64 -15.75 -38.41
N GLY A 2316 -19.64 -16.10 -37.60
CA GLY A 2316 -20.68 -17.00 -38.05
C GLY A 2316 -20.31 -18.47 -38.10
N GLN A 2317 -19.05 -18.78 -37.83
CA GLN A 2317 -18.59 -20.17 -37.86
C GLN A 2317 -19.34 -21.03 -36.85
N ALA A 2318 -19.52 -20.50 -35.65
CA ALA A 2318 -20.22 -21.22 -34.59
C ALA A 2318 -21.64 -21.60 -35.01
N MET A 2319 -22.42 -20.59 -35.37
CA MET A 2319 -23.80 -20.80 -35.81
C MET A 2319 -23.84 -21.89 -36.87
N GLU A 2320 -22.91 -21.83 -37.81
CA GLU A 2320 -22.82 -22.81 -38.88
C GLU A 2320 -22.54 -24.21 -38.34
N PHE A 2321 -21.80 -24.27 -37.23
CA PHE A 2321 -21.46 -25.53 -36.60
C PHE A 2321 -22.66 -26.22 -35.98
N LEU A 2322 -23.43 -25.47 -35.18
CA LEU A 2322 -24.61 -26.01 -34.51
C LEU A 2322 -25.68 -26.48 -35.49
N MET A 2323 -25.95 -25.65 -36.50
CA MET A 2323 -26.96 -25.97 -37.49
C MET A 2323 -26.64 -27.25 -38.28
N ASN A 2324 -25.38 -27.66 -38.24
CA ASN A 2324 -24.95 -28.87 -38.94
C ASN A 2324 -24.76 -30.03 -37.97
N GLN A 2325 -24.53 -29.69 -36.70
CA GLN A 2325 -24.32 -30.69 -35.66
C GLN A 2325 -25.63 -31.32 -35.20
N TYR A 2326 -26.64 -30.49 -34.97
CA TYR A 2326 -27.94 -30.98 -34.52
C TYR A 2326 -29.02 -30.85 -35.59
N ALA A 2327 -28.63 -31.09 -36.84
CA ALA A 2327 -29.58 -31.02 -37.95
C ALA A 2327 -30.55 -32.19 -37.87
N ASP A 2328 -30.15 -33.21 -37.12
CA ASP A 2328 -30.96 -34.41 -36.95
C ASP A 2328 -32.12 -34.10 -36.01
N LYS A 2329 -31.80 -33.57 -34.84
CA LYS A 2329 -32.79 -33.22 -33.83
C LYS A 2329 -33.69 -32.08 -34.27
N LYS A 2330 -33.49 -31.61 -35.50
CA LYS A 2330 -34.29 -30.51 -36.04
C LYS A 2330 -34.08 -29.22 -35.24
N ILE A 2331 -33.58 -28.19 -35.91
CA ILE A 2331 -33.32 -26.92 -35.25
C ILE A 2331 -34.00 -25.77 -35.98
N THR A 2332 -34.50 -24.80 -35.20
CA THR A 2332 -35.16 -23.63 -35.76
C THR A 2332 -34.27 -22.41 -35.58
N LYS A 2333 -33.90 -21.78 -36.70
CA LYS A 2333 -33.04 -20.61 -36.69
C LYS A 2333 -33.86 -19.34 -36.50
N THR A 2334 -34.63 -19.31 -35.41
CA THR A 2334 -35.46 -18.15 -35.09
C THR A 2334 -34.62 -17.03 -34.48
N SER A 2335 -35.29 -16.04 -33.91
CA SER A 2335 -34.63 -14.91 -33.29
C SER A 2335 -35.65 -14.01 -32.60
N PHE A 2336 -35.18 -13.12 -31.74
CA PHE A 2336 -36.06 -12.19 -31.02
C PHE A 2336 -36.70 -11.20 -31.97
N LEU A 2337 -36.70 -11.52 -33.26
CA LEU A 2337 -37.27 -10.64 -34.27
C LEU A 2337 -38.73 -10.99 -34.60
N ASP A 2338 -38.95 -11.56 -35.78
CA ASP A 2338 -40.28 -11.94 -36.22
C ASP A 2338 -41.08 -12.61 -35.10
N SER A 2339 -42.36 -12.27 -35.01
CA SER A 2339 -43.24 -12.82 -33.98
C SER A 2339 -43.16 -14.35 -33.90
N SER A 2340 -42.74 -14.97 -35.00
CA SER A 2340 -42.63 -16.42 -35.07
C SER A 2340 -41.80 -16.96 -33.90
N PHE A 2341 -41.04 -16.08 -33.26
CA PHE A 2341 -40.20 -16.46 -32.13
C PHE A 2341 -40.98 -17.13 -31.00
N MET A 2342 -41.74 -16.32 -30.26
CA MET A 2342 -42.53 -16.79 -29.14
C MET A 2342 -43.28 -18.08 -29.48
N LYS A 2343 -43.71 -18.19 -30.73
CA LYS A 2343 -44.43 -19.37 -31.18
C LYS A 2343 -43.50 -20.56 -31.35
N ASN A 2344 -42.29 -20.30 -31.84
CA ASN A 2344 -41.30 -21.35 -32.04
C ASN A 2344 -40.79 -21.95 -30.73
N LEU A 2345 -40.52 -21.08 -29.76
CA LEU A 2345 -40.03 -21.52 -28.46
C LEU A 2345 -40.95 -22.55 -27.81
N GLU A 2346 -42.23 -22.21 -27.70
CA GLU A 2346 -43.20 -23.11 -27.08
C GLU A 2346 -43.19 -24.46 -27.81
N SER A 2347 -42.92 -24.41 -29.11
CA SER A 2347 -42.86 -25.62 -29.93
C SER A 2347 -41.63 -26.43 -29.56
N ALA A 2348 -40.46 -25.82 -29.70
CA ALA A 2348 -39.20 -26.48 -29.39
C ALA A 2348 -39.15 -26.90 -27.91
N LEU A 2349 -39.62 -26.01 -27.04
CA LEU A 2349 -39.64 -26.29 -25.60
C LEU A 2349 -40.27 -27.63 -25.28
N ARG A 2350 -41.59 -27.71 -25.42
CA ARG A 2350 -42.33 -28.93 -25.12
C ARG A 2350 -41.96 -30.10 -26.03
N PHE A 2351 -42.17 -29.93 -27.33
CA PHE A 2351 -41.88 -30.98 -28.31
C PHE A 2351 -40.40 -31.40 -28.36
N GLY A 2352 -39.57 -30.73 -27.56
CA GLY A 2352 -38.16 -31.07 -27.51
C GLY A 2352 -37.39 -31.00 -28.81
N CYS A 2353 -36.41 -30.10 -28.86
CA CYS A 2353 -35.57 -29.93 -30.05
C CYS A 2353 -34.76 -28.63 -29.92
N PRO A 2354 -33.50 -28.65 -30.40
CA PRO A 2354 -32.62 -27.47 -30.33
C PRO A 2354 -33.28 -26.20 -30.88
N LEU A 2355 -32.72 -25.06 -30.50
CA LEU A 2355 -33.23 -23.77 -30.94
C LEU A 2355 -32.05 -22.88 -31.31
N LEU A 2356 -32.28 -21.57 -31.39
CA LEU A 2356 -31.24 -20.61 -31.74
C LEU A 2356 -31.86 -19.24 -31.91
N VAL A 2357 -31.65 -18.36 -30.94
CA VAL A 2357 -32.20 -17.02 -30.97
C VAL A 2357 -31.15 -16.00 -31.36
N GLN A 2358 -31.14 -15.60 -32.62
CA GLN A 2358 -30.17 -14.63 -33.12
C GLN A 2358 -30.40 -13.25 -32.51
N ASP A 2359 -29.34 -12.46 -32.48
CA ASP A 2359 -29.39 -11.10 -31.93
C ASP A 2359 -29.93 -11.14 -30.50
N VAL A 2360 -29.09 -11.55 -29.56
CA VAL A 2360 -29.52 -11.61 -28.16
C VAL A 2360 -29.37 -10.25 -27.52
N GLU A 2361 -28.92 -9.26 -28.29
CA GLU A 2361 -28.74 -7.90 -27.78
C GLU A 2361 -30.06 -7.41 -27.21
N ASN A 2362 -31.16 -7.88 -27.80
CA ASN A 2362 -32.49 -7.49 -27.38
C ASN A 2362 -33.32 -8.68 -26.90
N ILE A 2363 -32.88 -9.31 -25.81
CA ILE A 2363 -33.57 -10.45 -25.24
C ILE A 2363 -34.64 -9.97 -24.27
N ASP A 2364 -35.80 -10.64 -24.29
CA ASP A 2364 -36.90 -10.27 -23.42
C ASP A 2364 -36.84 -11.03 -22.09
N PRO A 2365 -37.18 -10.35 -20.98
CA PRO A 2365 -37.17 -10.93 -19.64
C PRO A 2365 -38.27 -11.97 -19.42
N VAL A 2366 -38.78 -12.50 -20.52
CA VAL A 2366 -39.84 -13.50 -20.48
C VAL A 2366 -39.25 -14.90 -20.58
N LEU A 2367 -37.98 -14.96 -20.95
CA LEU A 2367 -37.27 -16.24 -21.10
C LEU A 2367 -36.61 -16.68 -19.80
N ASN A 2368 -36.31 -15.70 -18.93
CA ASN A 2368 -35.66 -15.98 -17.65
C ASN A 2368 -36.03 -17.30 -17.01
N PRO A 2369 -37.34 -17.57 -16.80
CA PRO A 2369 -37.77 -18.81 -16.18
C PRO A 2369 -37.14 -20.07 -16.79
N VAL A 2370 -36.84 -20.00 -18.08
CA VAL A 2370 -36.23 -21.13 -18.78
C VAL A 2370 -34.72 -21.16 -18.57
N LEU A 2371 -34.09 -19.99 -18.72
CA LEU A 2371 -32.65 -19.87 -18.56
C LEU A 2371 -32.22 -20.20 -17.14
N ASN A 2372 -33.16 -20.66 -16.33
CA ASN A 2372 -32.87 -21.01 -14.94
C ASN A 2372 -33.62 -22.29 -14.54
N LYS A 2373 -34.25 -22.94 -15.52
CA LYS A 2373 -34.99 -24.16 -15.28
C LYS A 2373 -35.94 -24.01 -14.10
N PRO A 2395 -38.51 -30.09 -21.27
CA PRO A 2395 -38.44 -31.54 -21.06
C PRO A 2395 -37.23 -32.19 -21.74
N SER A 2396 -36.89 -31.71 -22.93
CA SER A 2396 -35.75 -32.23 -23.67
C SER A 2396 -35.41 -31.39 -24.89
N PHE A 2397 -34.85 -30.21 -24.65
CA PHE A 2397 -34.46 -29.31 -25.74
C PHE A 2397 -33.24 -28.48 -25.29
N MET A 2398 -32.91 -27.46 -26.06
CA MET A 2398 -31.79 -26.58 -25.74
C MET A 2398 -31.81 -25.30 -26.59
N ILE A 2399 -31.80 -24.16 -25.90
CA ILE A 2399 -31.82 -22.86 -26.58
C ILE A 2399 -30.40 -22.34 -26.78
N PHE A 2400 -30.17 -21.70 -27.92
CA PHE A 2400 -28.86 -21.15 -28.23
C PHE A 2400 -28.92 -19.64 -28.52
N LEU A 2401 -28.54 -18.86 -27.51
CA LEU A 2401 -28.53 -17.41 -27.65
C LEU A 2401 -27.27 -16.99 -28.40
N PHE A 2402 -27.44 -16.26 -29.51
CA PHE A 2402 -26.31 -15.82 -30.31
C PHE A 2402 -26.15 -14.31 -30.38
N THR A 2403 -24.94 -13.89 -30.74
CA THR A 2403 -24.61 -12.47 -30.87
C THR A 2403 -23.58 -12.26 -31.98
N ARG A 2404 -23.91 -11.40 -32.93
CA ARG A 2404 -23.01 -11.11 -34.03
C ARG A 2404 -22.13 -9.92 -33.65
N ASP A 2405 -22.49 -9.27 -32.54
CA ASP A 2405 -21.74 -8.12 -32.04
C ASP A 2405 -20.61 -8.63 -31.16
N PRO A 2406 -19.36 -8.55 -31.64
CA PRO A 2406 -18.19 -9.01 -30.89
C PRO A 2406 -17.85 -8.15 -29.67
N THR A 2407 -18.51 -7.01 -29.54
CA THR A 2407 -18.27 -6.11 -28.41
C THR A 2407 -19.50 -5.94 -27.54
N ALA A 2408 -20.59 -6.60 -27.92
CA ALA A 2408 -21.85 -6.54 -27.18
C ALA A 2408 -21.67 -6.46 -25.68
N HIS A 2409 -21.96 -5.29 -25.12
CA HIS A 2409 -21.84 -5.07 -23.68
C HIS A 2409 -23.14 -5.49 -22.99
N PHE A 2410 -23.12 -6.65 -22.37
CA PHE A 2410 -24.29 -7.19 -21.68
C PHE A 2410 -24.45 -6.63 -20.27
N THR A 2411 -25.48 -7.12 -19.58
CA THR A 2411 -25.78 -6.68 -18.21
C THR A 2411 -25.55 -7.82 -17.21
N PRO A 2412 -25.54 -7.51 -15.91
CA PRO A 2412 -25.33 -8.53 -14.87
C PRO A 2412 -26.31 -9.70 -14.92
N ASP A 2413 -27.60 -9.39 -14.90
CA ASP A 2413 -28.63 -10.43 -14.94
C ASP A 2413 -28.39 -11.46 -16.05
N LEU A 2414 -28.22 -10.97 -17.27
CA LEU A 2414 -28.00 -11.86 -18.41
C LEU A 2414 -26.70 -12.64 -18.30
N CYS A 2415 -25.65 -11.99 -17.78
CA CYS A 2415 -24.36 -12.65 -17.63
C CYS A 2415 -24.42 -13.84 -16.67
N SER A 2416 -25.12 -13.66 -15.56
CA SER A 2416 -25.25 -14.71 -14.56
C SER A 2416 -26.06 -15.92 -15.02
N ARG A 2417 -27.25 -15.68 -15.57
CA ARG A 2417 -28.10 -16.76 -16.03
C ARG A 2417 -27.74 -17.31 -17.41
N VAL A 2418 -26.46 -17.21 -17.78
CA VAL A 2418 -26.01 -17.70 -19.09
C VAL A 2418 -24.55 -18.16 -19.06
N THR A 2419 -24.22 -19.10 -19.95
CA THR A 2419 -22.86 -19.62 -20.05
C THR A 2419 -22.19 -19.15 -21.35
N PHE A 2420 -21.50 -18.02 -21.27
CA PHE A 2420 -20.82 -17.44 -22.43
C PHE A 2420 -19.92 -18.41 -23.18
N VAL A 2421 -19.92 -18.27 -24.50
CA VAL A 2421 -19.11 -19.10 -25.39
C VAL A 2421 -18.57 -18.21 -26.50
N ASN A 2422 -17.37 -17.68 -26.29
CA ASN A 2422 -16.73 -16.79 -27.25
C ASN A 2422 -16.25 -17.55 -28.48
N PHE A 2423 -16.45 -16.95 -29.66
CA PHE A 2423 -16.05 -17.57 -30.92
C PHE A 2423 -15.31 -16.60 -31.85
N THR A 2424 -15.13 -15.36 -31.39
CA THR A 2424 -14.45 -14.35 -32.19
C THR A 2424 -13.07 -14.84 -32.62
N VAL A 2425 -12.82 -14.83 -33.93
CA VAL A 2425 -11.56 -15.29 -34.48
C VAL A 2425 -10.42 -14.29 -34.23
N THR A 2426 -9.52 -14.67 -33.34
CA THR A 2426 -8.37 -13.83 -33.01
C THR A 2426 -7.28 -14.07 -34.06
N PRO A 2427 -6.17 -13.32 -33.99
CA PRO A 2427 -5.10 -13.50 -34.98
C PRO A 2427 -4.53 -14.92 -34.98
N SER A 2428 -4.12 -15.39 -33.80
CA SER A 2428 -3.56 -16.71 -33.64
C SER A 2428 -4.52 -17.80 -34.14
N SER A 2429 -5.74 -17.79 -33.61
CA SER A 2429 -6.76 -18.77 -33.97
C SER A 2429 -6.90 -18.96 -35.48
N LEU A 2430 -7.25 -17.87 -36.17
CA LEU A 2430 -7.42 -17.93 -37.62
C LEU A 2430 -6.20 -18.51 -38.32
N GLN A 2431 -5.02 -18.14 -37.83
CA GLN A 2431 -3.78 -18.63 -38.40
C GLN A 2431 -3.76 -20.16 -38.35
N SER A 2432 -4.36 -20.71 -37.30
CA SER A 2432 -4.43 -22.15 -37.13
C SER A 2432 -5.42 -22.77 -38.10
N GLN A 2433 -6.55 -22.11 -38.30
CA GLN A 2433 -7.58 -22.61 -39.21
C GLN A 2433 -7.05 -22.74 -40.64
N CYS A 2434 -6.22 -21.79 -41.06
CA CYS A 2434 -5.64 -21.81 -42.40
C CYS A 2434 -4.58 -22.89 -42.53
N LEU A 2435 -3.75 -23.02 -41.50
CA LEU A 2435 -2.68 -24.01 -41.52
C LEU A 2435 -3.23 -25.43 -41.69
N HIS A 2436 -4.43 -25.65 -41.18
CA HIS A 2436 -5.08 -26.96 -41.27
C HIS A 2436 -5.80 -27.11 -42.61
N GLU A 2437 -6.66 -26.14 -42.94
CA GLU A 2437 -7.41 -26.18 -44.19
C GLU A 2437 -6.48 -26.14 -45.38
N ALA A 2438 -5.19 -25.95 -45.13
CA ALA A 2438 -4.19 -25.91 -46.18
C ALA A 2438 -3.45 -27.24 -46.22
N LEU A 2439 -3.21 -27.81 -45.05
CA LEU A 2439 -2.53 -29.10 -44.94
C LEU A 2439 -3.46 -30.21 -45.40
N LYS A 2440 -4.75 -30.01 -45.16
CA LYS A 2440 -5.76 -30.99 -45.52
C LYS A 2440 -6.00 -30.99 -47.03
N THR A 2441 -5.41 -30.02 -47.72
CA THR A 2441 -5.55 -29.90 -49.17
C THR A 2441 -4.21 -29.99 -49.88
N GLU A 2442 -3.33 -29.03 -49.61
CA GLU A 2442 -2.00 -29.00 -50.24
C GLU A 2442 -1.14 -30.18 -49.81
N ARG A 2443 -1.76 -31.16 -49.17
CA ARG A 2443 -1.06 -32.36 -48.70
C ARG A 2443 -2.02 -33.27 -47.92
N PRO A 2444 -3.03 -33.83 -48.60
CA PRO A 2444 -4.00 -34.71 -47.95
C PRO A 2444 -3.41 -36.05 -47.54
N ASP A 2445 -2.35 -36.47 -48.22
CA ASP A 2445 -1.70 -37.75 -47.92
C ASP A 2445 -1.22 -37.78 -46.47
N THR A 2446 -0.44 -36.77 -46.09
CA THR A 2446 0.08 -36.68 -44.73
C THR A 2446 -1.03 -36.42 -43.72
N HIS A 2447 -2.27 -36.43 -44.19
CA HIS A 2447 -3.42 -36.21 -43.32
C HIS A 2447 -4.08 -37.55 -43.06
N LYS A 2448 -4.04 -38.44 -44.05
CA LYS A 2448 -4.62 -39.76 -43.92
C LYS A 2448 -3.76 -40.58 -42.95
N LYS A 2449 -2.49 -40.21 -42.86
CA LYS A 2449 -1.57 -40.89 -41.96
C LYS A 2449 -1.91 -40.56 -40.52
N ARG A 2450 -2.00 -39.27 -40.20
CA ARG A 2450 -2.32 -38.86 -38.85
C ARG A 2450 -3.78 -39.19 -38.55
N SER A 2451 -4.63 -39.04 -39.56
CA SER A 2451 -6.05 -39.34 -39.41
C SER A 2451 -6.23 -40.81 -39.11
N ASP A 2452 -6.13 -41.64 -40.15
CA ASP A 2452 -6.28 -43.08 -40.02
C ASP A 2452 -5.50 -43.69 -38.86
N LEU A 2453 -4.20 -43.43 -38.81
CA LEU A 2453 -3.36 -43.97 -37.74
C LEU A 2453 -3.92 -43.69 -36.34
N LEU A 2454 -3.87 -42.42 -35.93
CA LEU A 2454 -4.37 -42.02 -34.62
C LEU A 2454 -5.84 -42.38 -34.42
N LYS A 2455 -6.52 -42.72 -35.51
CA LYS A 2455 -7.93 -43.09 -35.46
C LYS A 2455 -8.09 -44.59 -35.28
N ILE A 2456 -7.29 -45.35 -36.02
CA ILE A 2456 -7.33 -46.81 -35.96
C ILE A 2456 -7.11 -47.33 -34.55
N GLN A 2457 -6.43 -46.53 -33.73
CA GLN A 2457 -6.16 -46.91 -32.34
C GLN A 2457 -7.45 -47.18 -31.57
N GLY A 2458 -8.59 -46.98 -32.23
CA GLY A 2458 -9.87 -47.22 -31.59
C GLY A 2458 -10.13 -48.71 -31.52
N GLU A 2459 -9.52 -49.45 -32.43
CA GLU A 2459 -9.66 -50.91 -32.49
C GLU A 2459 -8.73 -51.54 -31.46
N PHE A 2460 -7.52 -51.00 -31.38
CA PHE A 2460 -6.51 -51.49 -30.45
C PHE A 2460 -7.07 -51.60 -29.04
N GLN A 2461 -7.82 -50.60 -28.62
CA GLN A 2461 -8.39 -50.58 -27.29
C GLN A 2461 -9.49 -51.62 -27.13
N VAL A 2462 -10.46 -51.61 -28.03
CA VAL A 2462 -11.58 -52.55 -27.97
C VAL A 2462 -11.16 -54.00 -28.16
N LYS A 2463 -10.37 -54.27 -29.21
CA LYS A 2463 -9.90 -55.64 -29.47
C LYS A 2463 -9.17 -56.19 -28.26
N LEU A 2464 -8.57 -55.29 -27.47
CA LEU A 2464 -7.84 -55.70 -26.28
C LEU A 2464 -8.80 -55.76 -25.09
N ARG A 2465 -9.86 -54.94 -25.14
CA ARG A 2465 -10.86 -54.91 -24.08
C ARG A 2465 -11.66 -56.21 -24.07
N ILE A 2466 -12.01 -56.71 -25.25
CA ILE A 2466 -12.76 -57.95 -25.37
C ILE A 2466 -11.85 -59.15 -25.09
N LEU A 2467 -10.67 -59.13 -25.70
CA LEU A 2467 -9.71 -60.21 -25.53
C LEU A 2467 -9.38 -60.47 -24.06
N GLU A 2468 -9.59 -59.45 -23.22
CA GLU A 2468 -9.32 -59.59 -21.79
C GLU A 2468 -10.48 -60.31 -21.11
N LYS A 2469 -11.70 -60.02 -21.55
CA LYS A 2469 -12.89 -60.64 -20.98
C LYS A 2469 -12.95 -62.11 -21.37
N SER A 2470 -12.37 -62.45 -22.52
CA SER A 2470 -12.36 -63.82 -22.99
C SER A 2470 -11.36 -64.64 -22.18
N LEU A 2471 -10.22 -64.03 -21.89
CA LEU A 2471 -9.17 -64.69 -21.12
C LEU A 2471 -9.71 -65.12 -19.75
N LEU A 2472 -10.57 -64.30 -19.18
CA LEU A 2472 -11.16 -64.60 -17.88
C LEU A 2472 -12.30 -65.60 -18.03
N ASN A 2473 -13.15 -65.40 -19.02
CA ASN A 2473 -14.27 -66.30 -19.26
C ASN A 2473 -13.74 -67.66 -19.70
N ALA A 2474 -12.48 -67.70 -20.09
CA ALA A 2474 -11.83 -68.93 -20.53
C ALA A 2474 -11.11 -69.59 -19.36
N LEU A 2475 -10.92 -68.82 -18.30
CA LEU A 2475 -10.25 -69.33 -17.09
C LEU A 2475 -11.25 -69.94 -16.13
N SER A 2476 -12.50 -69.48 -16.21
CA SER A 2476 -13.55 -69.99 -15.36
C SER A 2476 -14.04 -71.36 -15.84
N GLN A 2477 -13.18 -72.05 -16.59
CA GLN A 2477 -13.52 -73.37 -17.12
C GLN A 2477 -12.38 -74.34 -16.92
N ALA A 2478 -11.16 -73.82 -16.86
CA ALA A 2478 -9.98 -74.65 -16.67
C ALA A 2478 -9.89 -75.16 -15.23
N SER A 2479 -8.88 -74.69 -14.49
CA SER A 2479 -8.68 -75.07 -13.10
C SER A 2479 -8.78 -76.59 -12.90
N GLY A 2480 -8.42 -77.33 -13.94
CA GLY A 2480 -8.46 -78.78 -13.86
C GLY A 2480 -7.62 -79.38 -14.98
N ASN A 2481 -7.90 -78.96 -16.20
CA ASN A 2481 -7.16 -79.42 -17.37
C ASN A 2481 -6.39 -78.23 -17.93
N ILE A 2482 -5.90 -77.40 -17.02
CA ILE A 2482 -5.14 -76.20 -17.36
C ILE A 2482 -4.12 -76.43 -18.46
N LEU A 2483 -3.06 -77.17 -18.13
CA LEU A 2483 -1.99 -77.46 -19.09
C LEU A 2483 -2.50 -78.11 -20.36
N ASP A 2484 -3.69 -78.70 -20.30
CA ASP A 2484 -4.28 -79.37 -21.46
C ASP A 2484 -5.63 -78.76 -21.85
N ASP A 2485 -5.71 -77.44 -21.84
CA ASP A 2485 -6.95 -76.75 -22.20
C ASP A 2485 -6.68 -75.73 -23.31
N ASP A 2486 -7.65 -75.57 -24.21
CA ASP A 2486 -7.52 -74.63 -25.31
C ASP A 2486 -7.82 -73.20 -24.89
N SER A 2487 -8.85 -73.02 -24.09
CA SER A 2487 -9.24 -71.69 -23.62
C SER A 2487 -8.11 -70.95 -22.94
N VAL A 2488 -7.51 -71.58 -21.94
CA VAL A 2488 -6.41 -70.97 -21.20
C VAL A 2488 -5.11 -70.96 -22.00
N ILE A 2489 -5.14 -71.60 -23.18
CA ILE A 2489 -3.96 -71.66 -24.03
C ILE A 2489 -4.06 -70.77 -25.27
N SER A 2490 -5.14 -70.91 -26.02
CA SER A 2490 -5.34 -70.11 -27.23
C SER A 2490 -5.57 -68.64 -26.94
N THR A 2491 -6.57 -68.36 -26.10
CA THR A 2491 -6.90 -66.98 -25.74
C THR A 2491 -5.67 -66.18 -25.35
N LEU A 2492 -4.83 -66.75 -24.48
CA LEU A 2492 -3.63 -66.09 -24.02
C LEU A 2492 -2.63 -65.93 -25.17
N GLU A 2493 -2.52 -66.95 -26.01
CA GLU A 2493 -1.61 -66.91 -27.15
C GLU A 2493 -2.02 -65.80 -28.11
N THR A 2494 -3.32 -65.64 -28.31
CA THR A 2494 -3.84 -64.61 -29.21
C THR A 2494 -3.49 -63.24 -28.66
N LEU A 2495 -3.62 -63.10 -27.34
CA LEU A 2495 -3.34 -61.85 -26.65
C LEU A 2495 -1.89 -61.41 -26.85
N LYS A 2496 -0.97 -62.31 -26.58
CA LYS A 2496 0.46 -62.02 -26.71
C LYS A 2496 0.81 -61.56 -28.12
N LYS A 2497 0.41 -62.32 -29.13
CA LYS A 2497 0.69 -61.99 -30.52
C LYS A 2497 0.20 -60.60 -30.91
N GLU A 2498 -1.10 -60.36 -30.74
CA GLU A 2498 -1.70 -59.09 -31.10
C GLU A 2498 -1.31 -57.92 -30.19
N THR A 2499 -0.65 -58.21 -29.08
CA THR A 2499 -0.25 -57.15 -28.15
C THR A 2499 1.02 -56.45 -28.66
N THR A 2500 1.81 -57.18 -29.44
CA THR A 2500 3.05 -56.65 -29.99
C THR A 2500 2.74 -55.64 -31.08
N GLU A 2501 1.49 -55.21 -31.17
CA GLU A 2501 1.07 -54.25 -32.18
C GLU A 2501 1.68 -52.87 -31.92
N ILE A 2502 1.84 -52.51 -30.65
CA ILE A 2502 2.41 -51.21 -30.29
C ILE A 2502 3.92 -51.31 -30.09
N ALA A 2503 4.46 -52.48 -30.38
CA ALA A 2503 5.90 -52.72 -30.24
C ALA A 2503 6.45 -53.05 -31.63
N LEU A 2504 5.54 -53.24 -32.58
CA LEU A 2504 5.89 -53.58 -33.95
C LEU A 2504 5.39 -52.54 -34.96
N LYS A 2505 4.12 -52.17 -34.84
CA LYS A 2505 3.51 -51.21 -35.75
C LYS A 2505 3.94 -49.76 -35.54
N VAL A 2506 4.05 -49.34 -34.28
CA VAL A 2506 4.43 -47.97 -33.95
C VAL A 2506 5.68 -47.52 -34.71
N GLU A 2507 6.38 -48.47 -35.32
CA GLU A 2507 7.59 -48.16 -36.07
C GLU A 2507 7.32 -47.10 -37.13
N GLU A 2508 6.08 -47.05 -37.62
CA GLU A 2508 5.69 -46.08 -38.63
C GLU A 2508 5.07 -44.84 -37.99
N THR A 2509 4.55 -44.99 -36.78
CA THR A 2509 3.94 -43.88 -36.05
C THR A 2509 4.90 -42.70 -35.93
N GLU A 2510 6.14 -43.00 -35.57
CA GLU A 2510 7.17 -41.97 -35.42
C GLU A 2510 7.33 -41.18 -36.70
N THR A 2511 6.85 -41.75 -37.81
CA THR A 2511 6.95 -41.09 -39.11
C THR A 2511 5.84 -40.05 -39.24
N VAL A 2512 4.64 -40.40 -38.79
CA VAL A 2512 3.51 -39.49 -38.84
C VAL A 2512 3.66 -38.39 -37.79
N MET A 2513 3.93 -38.80 -36.56
CA MET A 2513 4.11 -37.86 -35.45
C MET A 2513 5.17 -36.82 -35.82
N GLN A 2514 6.03 -37.17 -36.76
CA GLN A 2514 7.10 -36.29 -37.21
C GLN A 2514 6.70 -35.53 -38.47
N GLU A 2515 6.23 -36.27 -39.47
CA GLU A 2515 5.80 -35.68 -40.73
C GLU A 2515 4.82 -34.53 -40.53
N ILE A 2516 3.90 -34.69 -39.61
CA ILE A 2516 2.89 -33.67 -39.32
C ILE A 2516 3.55 -32.35 -38.92
N SER A 2517 4.44 -32.40 -37.94
CA SER A 2517 5.12 -31.20 -37.46
C SER A 2517 5.99 -30.61 -38.56
N GLU A 2518 6.68 -31.47 -39.29
CA GLU A 2518 7.57 -31.04 -40.37
C GLU A 2518 6.80 -30.33 -41.47
N VAL A 2519 5.70 -30.95 -41.92
CA VAL A 2519 4.88 -30.37 -42.98
C VAL A 2519 4.24 -29.07 -42.52
N SER A 2520 3.88 -29.00 -41.24
CA SER A 2520 3.26 -27.79 -40.69
C SER A 2520 4.21 -26.61 -40.75
N ALA A 2521 5.39 -26.76 -40.17
CA ALA A 2521 6.39 -25.69 -40.16
C ALA A 2521 6.72 -25.26 -41.60
N LEU A 2522 6.45 -26.15 -42.54
CA LEU A 2522 6.72 -25.87 -43.95
C LEU A 2522 5.55 -25.13 -44.58
N TYR A 2523 4.46 -25.01 -43.83
CA TYR A 2523 3.26 -24.31 -44.31
C TYR A 2523 2.86 -23.18 -43.36
N ASN A 2524 3.17 -23.33 -42.08
CA ASN A 2524 2.84 -22.33 -41.07
C ASN A 2524 3.20 -20.92 -41.53
N PRO A 2525 4.43 -20.71 -42.03
CA PRO A 2525 4.83 -19.38 -42.48
C PRO A 2525 3.86 -18.83 -43.53
N MET A 2526 3.35 -19.73 -44.36
CA MET A 2526 2.40 -19.35 -45.41
C MET A 2526 1.01 -19.13 -44.80
N ALA A 2527 0.57 -20.07 -43.99
CA ALA A 2527 -0.74 -19.97 -43.34
C ALA A 2527 -0.83 -18.68 -42.55
N LEU A 2528 0.21 -18.38 -41.78
CA LEU A 2528 0.27 -17.17 -40.97
C LEU A 2528 -0.01 -15.93 -41.81
N SER A 2529 0.55 -15.91 -43.02
CA SER A 2529 0.37 -14.78 -43.92
C SER A 2529 -1.10 -14.46 -44.14
N CYS A 2530 -1.91 -15.50 -44.39
CA CYS A 2530 -3.33 -15.32 -44.61
C CYS A 2530 -3.99 -14.61 -43.44
N SER A 2531 -3.62 -15.00 -42.23
CA SER A 2531 -4.17 -14.40 -41.02
C SER A 2531 -3.96 -12.89 -41.04
N ARG A 2532 -2.71 -12.47 -41.22
CA ARG A 2532 -2.38 -11.05 -41.26
C ARG A 2532 -3.09 -10.37 -42.42
N VAL A 2533 -3.14 -11.05 -43.56
CA VAL A 2533 -3.81 -10.51 -44.75
C VAL A 2533 -5.27 -10.24 -44.43
N TYR A 2534 -5.88 -11.15 -43.67
CA TYR A 2534 -7.28 -11.02 -43.29
C TYR A 2534 -7.51 -9.76 -42.43
N PHE A 2535 -6.96 -9.79 -41.23
CA PHE A 2535 -7.08 -8.68 -40.28
C PHE A 2535 -6.81 -7.32 -40.89
N ALA A 2536 -6.06 -7.29 -41.99
CA ALA A 2536 -5.77 -6.04 -42.67
C ALA A 2536 -7.08 -5.46 -43.15
N MET A 2537 -7.97 -6.33 -43.61
CA MET A 2537 -9.29 -5.95 -44.10
C MET A 2537 -10.16 -5.53 -42.92
N GLU A 2538 -10.04 -6.27 -41.82
CA GLU A 2538 -10.82 -5.98 -40.62
C GLU A 2538 -10.50 -4.58 -40.10
N GLU A 2539 -9.33 -4.08 -40.49
CA GLU A 2539 -8.92 -2.74 -40.07
C GLU A 2539 -9.51 -1.71 -41.01
N LEU A 2540 -9.93 -2.15 -42.20
CA LEU A 2540 -10.53 -1.25 -43.18
C LEU A 2540 -11.92 -0.84 -42.74
N SER A 2541 -12.48 -1.58 -41.78
CA SER A 2541 -13.82 -1.27 -41.28
C SER A 2541 -13.86 0.18 -40.80
N GLN A 2542 -12.68 0.76 -40.60
CA GLN A 2542 -12.56 2.14 -40.16
C GLN A 2542 -13.42 3.03 -41.05
N PHE A 2543 -13.57 2.63 -42.31
CA PHE A 2543 -14.38 3.37 -43.26
C PHE A 2543 -15.66 2.58 -43.51
N HIS A 2544 -16.77 3.11 -43.02
CA HIS A 2544 -18.08 2.49 -43.14
C HIS A 2544 -18.30 1.66 -44.41
N LEU A 2545 -17.78 2.15 -45.53
CA LEU A 2545 -17.94 1.47 -46.81
C LEU A 2545 -17.18 0.14 -46.89
N TYR A 2546 -15.96 0.11 -46.35
CA TYR A 2546 -15.15 -1.10 -46.40
C TYR A 2546 -15.44 -2.05 -45.24
N GLN A 2547 -16.44 -2.91 -45.42
CA GLN A 2547 -16.81 -3.89 -44.41
C GLN A 2547 -16.61 -5.30 -44.99
N PHE A 2548 -15.67 -6.04 -44.43
CA PHE A 2548 -15.38 -7.38 -44.90
C PHE A 2548 -15.53 -8.43 -43.81
N SER A 2549 -16.43 -9.38 -44.02
CA SER A 2549 -16.66 -10.46 -43.07
C SER A 2549 -15.70 -11.60 -43.33
N LEU A 2550 -15.26 -12.27 -42.25
CA LEU A 2550 -14.34 -13.38 -42.37
C LEU A 2550 -14.80 -14.40 -43.40
N ARG A 2551 -16.11 -14.55 -43.52
CA ARG A 2551 -16.69 -15.51 -44.46
C ARG A 2551 -16.31 -15.14 -45.90
N ALA A 2552 -15.96 -13.88 -46.11
CA ALA A 2552 -15.57 -13.40 -47.42
C ALA A 2552 -14.11 -13.74 -47.68
N PHE A 2553 -13.25 -13.43 -46.72
CA PHE A 2553 -11.83 -13.71 -46.82
C PHE A 2553 -11.57 -15.19 -47.06
N LEU A 2554 -12.13 -16.02 -46.19
CA LEU A 2554 -11.96 -17.47 -46.30
C LEU A 2554 -12.15 -17.98 -47.73
N ASP A 2555 -12.90 -17.25 -48.53
CA ASP A 2555 -13.13 -17.62 -49.91
C ASP A 2555 -11.86 -17.44 -50.74
N ILE A 2556 -11.32 -16.22 -50.70
CA ILE A 2556 -10.09 -15.92 -51.44
C ILE A 2556 -9.05 -16.97 -51.07
N PHE A 2557 -9.02 -17.32 -49.79
CA PHE A 2557 -8.10 -18.33 -49.28
C PHE A 2557 -8.38 -19.65 -49.97
N TYR A 2558 -9.67 -20.01 -50.01
CA TYR A 2558 -10.11 -21.25 -50.64
C TYR A 2558 -9.78 -21.26 -52.13
N ASN A 2559 -10.19 -20.21 -52.84
CA ASN A 2559 -9.92 -20.12 -54.27
C ASN A 2559 -8.43 -20.11 -54.55
N LEU A 2560 -7.64 -19.77 -53.52
CA LEU A 2560 -6.20 -19.75 -53.65
C LEU A 2560 -5.66 -21.17 -53.71
N LEU A 2561 -6.17 -22.02 -52.83
CA LEU A 2561 -5.75 -23.42 -52.75
C LEU A 2561 -6.38 -24.25 -53.85
N ASN A 2562 -7.51 -23.80 -54.37
CA ASN A 2562 -8.22 -24.56 -55.41
C ASN A 2562 -8.29 -23.88 -56.77
N ASN A 2563 -9.35 -23.11 -56.98
CA ASN A 2563 -9.60 -22.41 -58.24
C ASN A 2563 -8.54 -21.41 -58.69
N ASN A 2564 -7.37 -21.45 -58.09
CA ASN A 2564 -6.30 -20.54 -58.47
C ASN A 2564 -5.99 -20.74 -59.96
N PRO A 2565 -6.15 -19.70 -60.78
CA PRO A 2565 -5.89 -19.77 -62.22
C PRO A 2565 -4.45 -20.13 -62.56
N ASN A 2566 -3.54 -19.97 -61.60
CA ASN A 2566 -2.13 -20.28 -61.79
C ASN A 2566 -1.76 -21.59 -61.10
N LEU A 2567 -2.77 -22.24 -60.52
CA LEU A 2567 -2.53 -23.50 -59.81
C LEU A 2567 -3.17 -24.66 -60.56
N VAL A 2568 -3.66 -24.39 -61.77
CA VAL A 2568 -4.31 -25.41 -62.59
C VAL A 2568 -3.31 -26.38 -63.21
N ASP A 2569 -2.04 -25.98 -63.28
CA ASP A 2569 -1.00 -26.81 -63.87
C ASP A 2569 -0.31 -27.71 -62.83
N LYS A 2570 0.94 -27.37 -62.51
CA LYS A 2570 1.75 -28.12 -61.55
C LYS A 2570 0.92 -28.77 -60.44
N LYS A 2571 1.31 -29.99 -60.06
CA LYS A 2571 0.60 -30.72 -59.03
C LYS A 2571 1.45 -30.92 -57.77
N ASP A 2572 2.77 -30.81 -57.91
CA ASP A 2572 3.67 -30.98 -56.78
C ASP A 2572 3.34 -29.99 -55.65
N PRO A 2573 3.04 -30.51 -54.45
CA PRO A 2573 2.70 -29.67 -53.30
C PRO A 2573 3.87 -28.83 -52.78
N ASN A 2574 5.05 -29.43 -52.74
CA ASN A 2574 6.25 -28.74 -52.27
C ASN A 2574 6.53 -27.52 -53.15
N GLU A 2575 6.24 -27.65 -54.44
CA GLU A 2575 6.47 -26.57 -55.38
C GLU A 2575 5.27 -25.61 -55.43
N ARG A 2576 4.07 -26.16 -55.31
CA ARG A 2576 2.85 -25.35 -55.34
C ARG A 2576 2.89 -24.26 -54.26
N LEU A 2577 3.32 -24.64 -53.06
CA LEU A 2577 3.40 -23.71 -51.94
C LEU A 2577 4.04 -22.38 -52.34
N VAL A 2578 5.11 -22.44 -53.12
CA VAL A 2578 5.81 -21.23 -53.56
C VAL A 2578 4.82 -20.23 -54.16
N TYR A 2579 3.93 -20.71 -55.01
CA TYR A 2579 2.93 -19.83 -55.64
C TYR A 2579 1.96 -19.27 -54.62
N LEU A 2580 1.31 -20.15 -53.86
CA LEU A 2580 0.35 -19.73 -52.85
C LEU A 2580 0.90 -18.67 -51.91
N SER A 2581 2.10 -18.93 -51.39
CA SER A 2581 2.76 -18.01 -50.46
C SER A 2581 2.72 -16.57 -50.97
N LYS A 2582 2.55 -16.41 -52.28
CA LYS A 2582 2.51 -15.09 -52.89
C LYS A 2582 1.16 -14.78 -53.52
N ASP A 2583 0.53 -15.80 -54.11
CA ASP A 2583 -0.76 -15.64 -54.76
C ASP A 2583 -1.88 -15.28 -53.79
N ILE A 2584 -1.56 -15.19 -52.51
CA ILE A 2584 -2.58 -14.86 -51.50
C ILE A 2584 -2.85 -13.36 -51.53
N PHE A 2585 -1.78 -12.56 -51.59
CA PHE A 2585 -1.90 -11.11 -51.62
C PHE A 2585 -2.58 -10.65 -52.89
N SER A 2586 -2.14 -11.21 -54.02
CA SER A 2586 -2.70 -10.85 -55.32
C SER A 2586 -4.20 -11.07 -55.37
N MET A 2587 -4.62 -12.32 -55.10
CA MET A 2587 -6.03 -12.66 -55.11
C MET A 2587 -6.85 -11.81 -54.15
N THR A 2588 -6.33 -11.64 -52.93
CA THR A 2588 -7.02 -10.85 -51.92
C THR A 2588 -7.24 -9.42 -52.39
N PHE A 2589 -6.16 -8.77 -52.82
CA PHE A 2589 -6.22 -7.39 -53.29
C PHE A 2589 -7.25 -7.22 -54.40
N ASN A 2590 -7.40 -8.23 -55.25
CA ASN A 2590 -8.35 -8.17 -56.35
C ASN A 2590 -9.80 -8.11 -55.91
N ARG A 2591 -10.15 -8.92 -54.90
CA ARG A 2591 -11.51 -8.95 -54.39
C ARG A 2591 -11.81 -7.65 -53.65
N VAL A 2592 -10.83 -7.19 -52.87
CA VAL A 2592 -10.97 -5.98 -52.08
C VAL A 2592 -10.97 -4.71 -52.92
N THR A 2593 -10.06 -4.63 -53.89
CA THR A 2593 -9.95 -3.47 -54.75
C THR A 2593 -11.24 -3.10 -55.47
N ARG A 2594 -12.20 -4.01 -55.49
CA ARG A 2594 -13.49 -3.75 -56.15
C ARG A 2594 -14.36 -2.86 -55.28
N THR A 2595 -14.03 -2.77 -53.99
CA THR A 2595 -14.81 -1.96 -53.06
C THR A 2595 -14.05 -0.69 -52.67
N LEU A 2596 -12.73 -0.75 -52.74
CA LEU A 2596 -11.89 0.40 -52.39
C LEU A 2596 -11.92 1.50 -53.44
N LEU A 2597 -12.19 2.72 -52.99
CA LEU A 2597 -12.24 3.88 -53.88
C LEU A 2597 -10.83 4.10 -54.41
N ASN A 2598 -10.71 4.64 -55.62
CA ASN A 2598 -9.41 4.88 -56.22
C ASN A 2598 -8.34 5.28 -55.21
N ASP A 2599 -8.53 6.40 -54.53
CA ASP A 2599 -7.58 6.87 -53.53
C ASP A 2599 -7.19 5.76 -52.57
N ASP A 2600 -8.15 5.28 -51.80
CA ASP A 2600 -7.92 4.22 -50.82
C ASP A 2600 -7.34 2.94 -51.41
N LYS A 2601 -7.43 2.79 -52.73
CA LYS A 2601 -6.91 1.59 -53.39
C LYS A 2601 -5.45 1.33 -53.04
N LEU A 2602 -4.62 2.37 -53.13
CA LEU A 2602 -3.20 2.25 -52.82
C LEU A 2602 -2.95 1.99 -51.34
N THR A 2603 -3.61 2.77 -50.49
CA THR A 2603 -3.47 2.65 -49.05
C THR A 2603 -3.41 1.17 -48.63
N PHE A 2604 -4.40 0.41 -49.06
CA PHE A 2604 -4.48 -1.01 -48.72
C PHE A 2604 -3.29 -1.77 -49.28
N ALA A 2605 -2.90 -1.46 -50.51
CA ALA A 2605 -1.77 -2.11 -51.16
C ALA A 2605 -0.54 -2.12 -50.26
N LEU A 2606 -0.24 -0.98 -49.65
CA LEU A 2606 0.91 -0.88 -48.76
C LEU A 2606 0.88 -1.89 -47.62
N GLN A 2607 -0.24 -1.94 -46.90
CA GLN A 2607 -0.39 -2.87 -45.79
C GLN A 2607 -0.06 -4.30 -46.19
N LEU A 2608 -0.61 -4.74 -47.32
CA LEU A 2608 -0.37 -6.09 -47.80
C LEU A 2608 1.12 -6.31 -48.08
N THR A 2609 1.80 -5.26 -48.53
CA THR A 2609 3.23 -5.34 -48.84
C THR A 2609 4.04 -5.59 -47.57
N ILE A 2610 3.98 -4.64 -46.64
CA ILE A 2610 4.72 -4.75 -45.38
C ILE A 2610 4.48 -6.11 -44.74
N ILE A 2611 3.27 -6.63 -44.93
CA ILE A 2611 2.91 -7.93 -44.37
C ILE A 2611 3.54 -9.08 -45.14
N SER A 2612 3.65 -8.93 -46.46
CA SER A 2612 4.22 -9.98 -47.30
C SER A 2612 5.71 -10.13 -47.03
N VAL A 2613 6.45 -9.03 -47.19
CA VAL A 2613 7.89 -9.04 -46.98
C VAL A 2613 8.25 -9.23 -45.51
N LYS A 2614 7.28 -9.70 -44.73
CA LYS A 2614 7.49 -9.91 -43.30
C LYS A 2614 8.30 -11.19 -43.09
N GLY A 2615 9.12 -11.19 -42.06
CA GLY A 2615 9.95 -12.36 -41.77
C GLY A 2615 10.92 -12.70 -42.88
N THR A 2616 11.30 -11.69 -43.65
CA THR A 2616 12.24 -11.89 -44.76
C THR A 2616 13.31 -10.82 -44.76
N SER A 2617 14.33 -11.00 -45.59
CA SER A 2617 15.42 -10.04 -45.69
C SER A 2617 14.90 -8.68 -46.16
N ASN A 2618 13.63 -8.65 -46.56
CA ASN A 2618 13.02 -7.42 -47.03
C ASN A 2618 12.12 -6.79 -45.98
N GLU A 2619 11.96 -7.47 -44.85
CA GLU A 2619 11.13 -6.96 -43.77
C GLU A 2619 11.55 -5.55 -43.39
N ILE A 2620 10.58 -4.63 -43.41
CA ILE A 2620 10.85 -3.24 -43.07
C ILE A 2620 10.97 -3.05 -41.56
N GLU A 2621 11.89 -2.18 -41.16
CA GLU A 2621 12.11 -1.92 -39.74
C GLU A 2621 10.85 -1.33 -39.10
N GLU A 2622 10.44 -1.91 -37.98
CA GLU A 2622 9.24 -1.44 -37.28
C GLU A 2622 9.51 -0.02 -36.78
N SER A 2623 10.74 0.44 -36.94
CA SER A 2623 11.13 1.78 -36.51
C SER A 2623 10.96 2.74 -37.67
N GLU A 2624 11.01 2.20 -38.89
CA GLU A 2624 10.85 2.99 -40.10
C GLU A 2624 9.37 3.11 -40.46
N TRP A 2625 8.66 2.00 -40.37
CA TRP A 2625 7.23 2.01 -40.67
C TRP A 2625 6.53 2.82 -39.59
N ASP A 2626 7.20 2.93 -38.44
CA ASP A 2626 6.66 3.68 -37.32
C ASP A 2626 6.81 5.17 -37.62
N PHE A 2627 7.84 5.50 -38.38
CA PHE A 2627 8.10 6.88 -38.76
C PHE A 2627 7.23 7.31 -39.94
N LEU A 2628 6.94 6.37 -40.83
CA LEU A 2628 6.11 6.67 -42.00
C LEU A 2628 4.74 7.17 -41.55
N LEU A 2629 4.17 6.49 -40.57
CA LEU A 2629 2.87 6.84 -40.04
C LEU A 2629 3.05 7.98 -39.04
N LYS A 2630 3.99 7.80 -38.12
CA LYS A 2630 4.28 8.82 -37.12
C LYS A 2630 5.33 9.78 -37.67
N GLY A 2631 5.18 10.15 -38.93
CA GLY A 2631 6.11 11.06 -39.57
C GLY A 2631 6.27 12.37 -38.83
N GLY A 2632 7.14 12.38 -37.83
CA GLY A 2632 7.37 13.58 -37.05
C GLY A 2632 6.14 14.46 -36.91
N ASP A 2633 5.11 13.94 -36.26
CA ASP A 2633 3.87 14.68 -36.06
C ASP A 2633 4.08 15.71 -34.96
N ASN A 2634 5.18 15.56 -34.22
CA ASN A 2634 5.51 16.47 -33.13
C ASN A 2634 6.27 17.69 -33.62
N LEU A 2635 6.70 17.63 -34.88
CA LEU A 2635 7.46 18.71 -35.52
C LEU A 2635 7.17 20.08 -34.93
N THR A 2636 5.90 20.34 -34.61
CA THR A 2636 5.49 21.61 -34.04
C THR A 2636 5.99 21.84 -32.61
N SER A 2637 7.19 21.34 -32.31
CA SER A 2637 7.75 21.50 -30.97
C SER A 2637 9.18 21.01 -30.85
N ILE A 2638 9.96 21.16 -31.92
CA ILE A 2638 11.35 20.73 -31.92
C ILE A 2638 12.26 21.96 -31.82
N LYS A 2639 12.71 22.27 -30.61
CA LYS A 2639 13.57 23.42 -30.40
C LYS A 2639 15.02 23.15 -30.81
N GLU A 2640 15.44 21.89 -30.77
CA GLU A 2640 16.79 21.54 -31.18
C GLU A 2640 16.90 21.96 -32.65
N THR A 2641 18.11 22.22 -33.12
CA THR A 2641 18.28 22.64 -34.50
C THR A 2641 19.50 22.01 -35.18
N ILE A 2642 19.75 22.47 -36.40
CA ILE A 2642 20.87 22.02 -37.21
C ILE A 2642 21.42 23.28 -37.89
N PRO A 2643 22.09 24.14 -37.12
CA PRO A 2643 22.69 25.40 -37.58
C PRO A 2643 23.76 25.26 -38.66
N GLN A 2644 24.69 24.34 -38.47
CA GLN A 2644 25.76 24.14 -39.45
C GLN A 2644 25.24 23.64 -40.80
N LEU A 2645 23.99 23.95 -41.09
CA LEU A 2645 23.35 23.58 -42.35
C LEU A 2645 22.33 24.62 -42.79
N ASP A 2646 22.40 25.81 -42.21
CA ASP A 2646 21.49 26.89 -42.56
C ASP A 2646 21.68 27.30 -44.01
N SER A 2647 22.82 26.92 -44.58
CA SER A 2647 23.13 27.23 -45.97
C SER A 2647 22.45 26.26 -46.92
N LEU A 2648 21.31 25.71 -46.48
CA LEU A 2648 20.57 24.76 -47.29
C LEU A 2648 19.14 24.60 -46.76
N LEU A 2649 19.01 23.89 -45.64
CA LEU A 2649 17.70 23.66 -45.04
C LEU A 2649 17.19 24.93 -44.36
N SER A 2650 15.87 25.10 -44.35
CA SER A 2650 15.26 26.27 -43.72
C SER A 2650 14.76 25.93 -42.33
N THR A 2651 14.11 26.90 -41.68
CA THR A 2651 13.58 26.72 -40.34
C THR A 2651 12.83 25.39 -40.18
N THR A 2652 11.57 25.38 -40.58
CA THR A 2652 10.73 24.18 -40.48
C THR A 2652 11.31 23.01 -41.28
N GLN A 2653 12.14 23.33 -42.27
CA GLN A 2653 12.74 22.30 -43.11
C GLN A 2653 13.83 21.54 -42.33
N GLN A 2654 14.47 22.23 -41.39
CA GLN A 2654 15.52 21.62 -40.60
C GLN A 2654 14.98 20.62 -39.59
N LYS A 2655 14.00 21.04 -38.79
CA LYS A 2655 13.40 20.18 -37.79
C LYS A 2655 13.11 18.79 -38.34
N TRP A 2656 12.67 18.73 -39.59
CA TRP A 2656 12.36 17.45 -40.23
C TRP A 2656 13.56 16.52 -40.26
N LEU A 2657 14.71 17.05 -40.69
CA LEU A 2657 15.92 16.25 -40.76
C LEU A 2657 16.26 15.66 -39.39
N ILE A 2658 15.90 16.38 -38.34
CA ILE A 2658 16.16 15.93 -36.98
C ILE A 2658 15.23 14.77 -36.61
N CYS A 2659 13.93 14.98 -36.79
CA CYS A 2659 12.95 13.93 -36.49
C CYS A 2659 13.33 12.62 -37.16
N LEU A 2660 13.94 12.73 -38.33
CA LEU A 2660 14.38 11.56 -39.10
C LEU A 2660 15.56 10.90 -38.39
N ARG A 2661 16.54 11.71 -38.03
CA ARG A 2661 17.73 11.23 -37.35
C ARG A 2661 17.38 10.79 -35.93
N GLN A 2662 16.52 11.56 -35.28
CA GLN A 2662 16.09 11.27 -33.92
C GLN A 2662 15.34 9.95 -33.85
N GLN A 2663 14.48 9.71 -34.83
CA GLN A 2663 13.69 8.48 -34.89
C GLN A 2663 14.49 7.31 -35.46
N VAL A 2664 14.16 6.93 -36.69
CA VAL A 2664 14.81 5.82 -37.38
C VAL A 2664 16.34 5.84 -37.25
N PRO A 2665 16.93 4.69 -36.86
CA PRO A 2665 18.38 4.56 -36.69
C PRO A 2665 19.12 4.66 -38.03
N SER A 2666 18.59 3.97 -39.04
CA SER A 2666 19.19 3.95 -40.37
C SER A 2666 19.13 5.33 -41.03
N PHE A 2667 18.87 6.35 -40.23
CA PHE A 2667 18.78 7.72 -40.73
C PHE A 2667 19.45 8.71 -39.78
N SER A 2668 20.48 8.25 -39.07
CA SER A 2668 21.20 9.10 -38.14
C SER A 2668 22.42 9.73 -38.81
N LYS A 2669 23.17 8.92 -39.55
CA LYS A 2669 24.35 9.40 -40.26
C LYS A 2669 23.99 10.35 -41.39
N LEU A 2670 22.69 10.46 -41.67
CA LEU A 2670 22.20 11.33 -42.73
C LEU A 2670 22.74 12.74 -42.63
N VAL A 2671 22.37 13.44 -41.56
CA VAL A 2671 22.80 14.81 -41.34
C VAL A 2671 24.24 15.05 -41.79
N ASP A 2672 25.10 14.07 -41.59
CA ASP A 2672 26.50 14.19 -42.00
C ASP A 2672 26.68 13.99 -43.50
N HIS A 2673 26.11 12.92 -44.04
CA HIS A 2673 26.22 12.64 -45.47
C HIS A 2673 25.86 13.88 -46.26
N ILE A 2674 24.83 14.58 -45.80
CA ILE A 2674 24.38 15.81 -46.45
C ILE A 2674 25.40 16.92 -46.25
N GLN A 2675 25.83 17.10 -45.01
CA GLN A 2675 26.80 18.13 -44.68
C GLN A 2675 28.10 17.93 -45.44
N GLN A 2676 28.31 16.72 -45.96
CA GLN A 2676 29.51 16.39 -46.72
C GLN A 2676 29.34 16.80 -48.18
N ASN A 2677 29.09 15.81 -49.03
CA ASN A 2677 28.90 16.05 -50.46
C ASN A 2677 27.60 16.77 -50.73
N SER A 2678 27.51 18.02 -50.27
CA SER A 2678 26.32 18.84 -50.45
C SER A 2678 26.07 19.13 -51.93
N SER A 2679 27.02 18.71 -52.77
CA SER A 2679 26.90 18.90 -54.21
C SER A 2679 25.95 17.87 -54.79
N ASP A 2680 25.33 17.11 -53.90
CA ASP A 2680 24.38 16.06 -54.31
C ASP A 2680 22.96 16.43 -53.87
N TRP A 2681 22.80 16.71 -52.58
CA TRP A 2681 21.50 17.07 -52.03
C TRP A 2681 21.12 18.49 -52.43
N LYS A 2682 22.04 19.19 -53.08
CA LYS A 2682 21.81 20.57 -53.50
C LYS A 2682 20.53 20.71 -54.32
N GLN A 2683 20.34 19.83 -55.30
CA GLN A 2683 19.15 19.89 -56.14
C GLN A 2683 17.90 19.36 -55.43
N PHE A 2684 18.09 18.41 -54.53
CA PHE A 2684 16.97 17.84 -53.78
C PHE A 2684 16.28 18.96 -53.02
N PHE A 2685 16.94 19.44 -51.98
CA PHE A 2685 16.42 20.53 -51.16
C PHE A 2685 16.29 21.77 -52.03
N GLY A 2686 17.12 21.84 -53.06
CA GLY A 2686 17.11 22.97 -53.96
C GLY A 2686 15.74 23.30 -54.52
N LYS A 2687 15.23 24.48 -54.16
CA LYS A 2687 13.92 24.92 -54.61
C LYS A 2687 13.79 24.79 -56.12
N ASP A 2688 13.34 25.86 -56.77
CA ASP A 2688 13.17 25.87 -58.22
C ASP A 2688 14.02 24.78 -58.88
N GLN A 2689 13.49 23.56 -58.91
CA GLN A 2689 14.20 22.44 -59.51
C GLN A 2689 13.43 21.88 -60.70
N VAL A 2690 13.75 22.38 -61.90
CA VAL A 2690 13.09 21.94 -63.11
C VAL A 2690 13.42 20.47 -63.41
N GLY A 2691 13.49 19.66 -62.36
CA GLY A 2691 13.78 18.25 -62.50
C GLY A 2691 13.43 17.45 -61.27
N GLU A 2692 12.16 17.06 -61.16
CA GLU A 2692 11.69 16.29 -60.01
C GLU A 2692 12.84 15.90 -59.09
N PRO A 2693 12.81 16.42 -57.87
CA PRO A 2693 13.86 16.13 -56.88
C PRO A 2693 14.35 14.69 -57.00
N ILE A 2694 15.64 14.48 -56.71
CA ILE A 2694 16.23 13.15 -56.78
C ILE A 2694 17.16 12.86 -55.61
N ILE A 2695 17.00 11.68 -55.03
CA ILE A 2695 17.85 11.26 -53.92
C ILE A 2695 19.23 10.91 -54.45
N PRO A 2696 20.29 11.53 -53.88
CA PRO A 2696 21.65 11.25 -54.34
C PRO A 2696 22.03 9.79 -54.19
N GLU A 2697 22.36 9.15 -55.31
CA GLU A 2697 22.75 7.74 -55.29
C GLU A 2697 23.83 7.47 -54.26
N SER A 2698 24.55 8.52 -53.87
CA SER A 2698 25.61 8.38 -52.89
C SER A 2698 25.00 7.95 -51.55
N TRP A 2699 23.89 8.58 -51.19
CA TRP A 2699 23.19 8.27 -49.94
C TRP A 2699 22.53 6.91 -49.99
N ILE A 2700 21.76 6.66 -51.05
CA ILE A 2700 21.06 5.39 -51.21
C ILE A 2700 21.98 4.20 -51.01
N VAL A 2701 23.24 4.34 -51.44
CA VAL A 2701 24.22 3.27 -51.30
C VAL A 2701 25.06 3.40 -50.03
N ALA A 2702 25.44 4.63 -49.71
CA ALA A 2702 26.25 4.88 -48.51
C ALA A 2702 25.49 4.42 -47.27
N GLN A 2703 24.17 4.40 -47.37
CA GLN A 2703 23.31 3.98 -46.28
C GLN A 2703 23.09 2.47 -46.35
N ALA A 2704 22.90 1.96 -47.56
CA ALA A 2704 22.67 0.55 -47.79
C ALA A 2704 23.76 -0.30 -47.12
N GLN A 2705 25.00 0.16 -47.22
CA GLN A 2705 26.12 -0.56 -46.64
C GLN A 2705 26.30 -0.18 -45.17
N LEU A 2706 25.82 1.00 -44.80
CA LEU A 2706 25.91 1.48 -43.42
C LEU A 2706 25.00 0.63 -42.55
N SER A 2707 24.42 -0.41 -43.15
CA SER A 2707 23.54 -1.32 -42.46
C SER A 2707 23.48 -2.63 -43.22
N ASN A 2708 23.52 -3.75 -42.49
CA ASN A 2708 23.48 -5.07 -43.10
C ASN A 2708 22.30 -5.14 -44.06
N GLN A 2709 21.37 -4.20 -43.93
CA GLN A 2709 20.18 -4.13 -44.77
C GLN A 2709 20.50 -3.66 -46.19
N GLN A 2710 21.15 -4.51 -46.97
CA GLN A 2710 21.50 -4.20 -48.35
C GLN A 2710 20.45 -4.77 -49.30
N SER A 2711 19.18 -4.63 -48.92
CA SER A 2711 18.08 -5.14 -49.74
C SER A 2711 17.45 -4.03 -50.59
N THR A 2712 17.02 -4.39 -51.80
CA THR A 2712 16.42 -3.43 -52.71
C THR A 2712 15.07 -2.93 -52.20
N ILE A 2713 14.17 -3.86 -51.86
CA ILE A 2713 12.84 -3.50 -51.37
C ILE A 2713 12.95 -2.57 -50.18
N VAL A 2714 13.87 -2.89 -49.27
CA VAL A 2714 14.08 -2.06 -48.08
C VAL A 2714 14.51 -0.67 -48.48
N SER A 2715 15.54 -0.59 -49.32
CA SER A 2715 16.07 0.68 -49.80
C SER A 2715 14.96 1.54 -50.41
N ASN A 2716 14.06 0.88 -51.15
CA ASN A 2716 12.94 1.57 -51.79
C ASN A 2716 12.04 2.26 -50.77
N PHE A 2717 11.52 1.48 -49.82
CA PHE A 2717 10.65 2.02 -48.77
C PHE A 2717 11.26 3.29 -48.17
N ARG A 2718 12.51 3.17 -47.75
CA ARG A 2718 13.24 4.27 -47.13
C ARG A 2718 13.08 5.60 -47.87
N LYS A 2719 13.09 5.55 -49.20
CA LYS A 2719 12.93 6.78 -49.99
C LYS A 2719 11.68 7.53 -49.57
N ILE A 2720 10.60 6.78 -49.31
CA ILE A 2720 9.34 7.37 -48.90
C ILE A 2720 9.53 8.25 -47.67
N LEU A 2721 10.24 7.75 -46.68
CA LEU A 2721 10.49 8.48 -45.45
C LEU A 2721 11.17 9.83 -45.75
N LEU A 2722 12.23 9.78 -46.55
CA LEU A 2722 12.95 11.00 -46.91
C LEU A 2722 12.04 11.96 -47.65
N MET A 2723 11.19 11.43 -48.51
CA MET A 2723 10.28 12.23 -49.30
C MET A 2723 9.14 12.82 -48.47
N LYS A 2724 8.68 12.07 -47.48
CA LYS A 2724 7.59 12.56 -46.63
C LYS A 2724 8.03 13.76 -45.79
N ALA A 2725 9.33 13.89 -45.59
CA ALA A 2725 9.86 14.98 -44.78
C ALA A 2725 10.26 16.22 -45.58
N PHE A 2726 10.53 16.06 -46.87
CA PHE A 2726 10.95 17.20 -47.69
C PHE A 2726 10.13 17.34 -48.97
N HIS A 2727 9.31 16.34 -49.27
CA HIS A 2727 8.47 16.36 -50.46
C HIS A 2727 7.20 15.56 -50.23
N SER A 2728 6.33 16.07 -49.37
CA SER A 2728 5.08 15.42 -49.03
C SER A 2728 4.15 15.23 -50.23
N ASP A 2729 4.62 15.58 -51.41
CA ASP A 2729 3.83 15.43 -52.63
C ASP A 2729 4.36 14.29 -53.48
N ARG A 2730 5.44 13.67 -53.03
CA ARG A 2730 6.06 12.56 -53.75
C ARG A 2730 5.81 11.24 -53.03
N VAL A 2731 5.22 11.32 -51.84
CA VAL A 2731 4.92 10.15 -51.04
C VAL A 2731 4.03 9.17 -51.79
N LEU A 2732 2.98 9.69 -52.42
CA LEU A 2732 2.06 8.84 -53.18
C LEU A 2732 2.76 8.13 -54.32
N GLN A 2733 3.69 8.83 -54.97
CA GLN A 2733 4.44 8.27 -56.08
C GLN A 2733 5.42 7.20 -55.62
N TYR A 2734 6.38 7.60 -54.79
CA TYR A 2734 7.38 6.68 -54.27
C TYR A 2734 6.80 5.46 -53.57
N SER A 2735 5.60 5.60 -53.01
CA SER A 2735 4.94 4.48 -52.35
C SER A 2735 4.55 3.46 -53.39
N HIS A 2736 4.05 3.95 -54.53
CA HIS A 2736 3.64 3.10 -55.64
C HIS A 2736 4.85 2.30 -56.13
N SER A 2737 5.99 2.98 -56.24
CA SER A 2737 7.22 2.37 -56.70
C SER A 2737 7.65 1.25 -55.76
N PHE A 2738 7.54 1.51 -54.45
CA PHE A 2738 7.89 0.53 -53.43
C PHE A 2738 7.03 -0.72 -53.57
N VAL A 2739 5.71 -0.52 -53.57
CA VAL A 2739 4.77 -1.63 -53.69
C VAL A 2739 5.05 -2.48 -54.92
N CYS A 2740 5.32 -1.83 -56.04
CA CYS A 2740 5.60 -2.52 -57.30
C CYS A 2740 6.86 -3.37 -57.24
N SER A 2741 7.91 -2.85 -56.60
CA SER A 2741 9.16 -3.59 -56.50
C SER A 2741 8.97 -4.88 -55.69
N VAL A 2742 7.82 -4.99 -55.03
CA VAL A 2742 7.52 -6.16 -54.22
C VAL A 2742 6.55 -7.13 -54.90
N PHE A 2743 5.52 -6.60 -55.55
CA PHE A 2743 4.53 -7.44 -56.22
C PHE A 2743 4.50 -7.23 -57.73
N GLY A 2744 5.43 -6.44 -58.24
CA GLY A 2744 5.46 -6.19 -59.67
C GLY A 2744 4.65 -4.95 -60.04
N GLU A 2745 5.10 -4.23 -61.06
CA GLU A 2745 4.42 -3.02 -61.51
C GLU A 2745 3.01 -3.35 -62.02
N ASP A 2746 2.78 -4.62 -62.30
CA ASP A 2746 1.49 -5.08 -62.81
C ASP A 2746 0.45 -5.24 -61.70
N PHE A 2747 0.92 -5.35 -60.46
CA PHE A 2747 0.03 -5.52 -59.32
C PHE A 2747 -1.05 -4.44 -59.23
N LEU A 2748 -0.65 -3.19 -59.09
CA LEU A 2748 -1.60 -2.09 -58.98
C LEU A 2748 -2.39 -1.79 -60.25
N ASN A 2749 -2.09 -2.52 -61.33
CA ASN A 2749 -2.81 -2.30 -62.58
C ASN A 2749 -4.29 -2.61 -62.39
N THR A 2750 -5.10 -1.56 -62.35
CA THR A 2750 -6.53 -1.71 -62.17
C THR A 2750 -7.18 -2.44 -63.35
N GLN A 2751 -7.30 -3.77 -63.21
CA GLN A 2751 -7.88 -4.60 -64.24
C GLN A 2751 -9.36 -4.30 -64.41
N GLU A 2752 -9.83 -4.26 -65.64
CA GLU A 2752 -11.24 -4.00 -65.91
C GLU A 2752 -12.03 -5.20 -65.39
N LEU A 2753 -13.19 -4.94 -64.81
CA LEU A 2753 -14.02 -6.01 -64.28
C LEU A 2753 -14.52 -6.97 -65.34
N ASP A 2754 -15.69 -7.54 -65.08
CA ASP A 2754 -16.35 -8.49 -65.96
C ASP A 2754 -17.53 -9.03 -65.15
N MET A 2755 -18.59 -8.23 -65.09
CA MET A 2755 -19.79 -8.58 -64.35
C MET A 2755 -20.37 -9.94 -64.69
N ALA A 2756 -19.77 -10.64 -65.65
CA ALA A 2756 -20.25 -11.95 -66.04
C ALA A 2756 -19.92 -12.97 -64.96
N ASN A 2757 -18.65 -13.35 -64.86
CA ASN A 2757 -18.22 -14.31 -63.84
C ASN A 2757 -18.59 -13.86 -62.44
N ILE A 2758 -18.53 -12.55 -62.20
CA ILE A 2758 -18.86 -12.01 -60.88
C ILE A 2758 -20.24 -12.47 -60.44
N VAL A 2759 -21.27 -11.75 -60.85
CA VAL A 2759 -22.64 -12.09 -60.48
C VAL A 2759 -23.18 -13.23 -61.35
N GLU A 2760 -22.67 -14.43 -61.11
CA GLU A 2760 -23.10 -15.61 -61.86
C GLU A 2760 -22.21 -16.81 -61.52
N LYS A 2761 -20.90 -16.62 -61.58
CA LYS A 2761 -19.95 -17.68 -61.29
C LYS A 2761 -18.84 -17.23 -60.36
N GLU A 2762 -19.19 -16.51 -59.31
CA GLU A 2762 -18.20 -16.03 -58.34
C GLU A 2762 -18.90 -15.40 -57.14
N VAL A 2763 -20.20 -15.63 -57.03
CA VAL A 2763 -20.99 -15.10 -55.93
C VAL A 2763 -22.21 -15.99 -55.65
N LYS A 2764 -22.34 -16.45 -54.41
CA LYS A 2764 -23.45 -17.29 -54.03
C LYS A 2764 -24.72 -16.46 -53.87
N SER A 2765 -25.87 -17.10 -53.99
CA SER A 2765 -27.15 -16.43 -53.86
C SER A 2765 -27.32 -15.86 -52.45
N SER A 2766 -26.41 -16.24 -51.56
CA SER A 2766 -26.45 -15.78 -50.17
C SER A 2766 -26.10 -14.30 -50.04
N SER A 2767 -25.13 -13.84 -50.82
CA SER A 2767 -24.71 -12.45 -50.75
C SER A 2767 -25.10 -11.64 -51.99
N PRO A 2768 -25.81 -10.52 -51.78
CA PRO A 2768 -26.26 -9.64 -52.87
C PRO A 2768 -25.08 -8.98 -53.57
N LEU A 2769 -25.30 -7.77 -54.10
CA LEU A 2769 -24.25 -7.03 -54.79
C LEU A 2769 -24.48 -5.53 -54.69
N LEU A 2770 -24.54 -5.00 -53.47
CA LEU A 2770 -24.74 -3.58 -53.25
C LEU A 2770 -23.75 -2.76 -54.06
N LEU A 2771 -24.24 -1.73 -54.72
CA LEU A 2771 -23.39 -0.87 -55.55
C LEU A 2771 -23.38 0.57 -55.04
N CYS A 2772 -22.50 0.86 -54.08
CA CYS A 2772 -22.40 2.20 -53.53
C CYS A 2772 -21.75 3.14 -54.54
N SER A 2773 -22.56 3.95 -55.20
CA SER A 2773 -22.07 4.89 -56.20
C SER A 2773 -21.78 6.26 -55.58
N VAL A 2774 -21.26 7.17 -56.39
CA VAL A 2774 -20.92 8.51 -55.91
C VAL A 2774 -22.05 9.51 -56.19
N PRO A 2775 -22.34 10.39 -55.22
CA PRO A 2775 -23.39 11.41 -55.37
C PRO A 2775 -23.27 12.17 -56.69
N GLY A 2776 -24.20 11.93 -57.59
CA GLY A 2776 -24.17 12.58 -58.88
C GLY A 2776 -24.06 11.56 -59.99
N TYR A 2777 -24.33 10.30 -59.64
CA TYR A 2777 -24.26 9.20 -60.59
C TYR A 2777 -25.17 8.08 -60.10
N ASP A 2778 -25.72 7.31 -61.03
CA ASP A 2778 -26.62 6.22 -60.69
C ASP A 2778 -26.15 4.89 -61.27
N ALA A 2779 -26.12 3.86 -60.43
CA ALA A 2779 -25.68 2.53 -60.85
C ALA A 2779 -26.84 1.75 -61.44
N SER A 2780 -28.03 2.32 -61.37
CA SER A 2780 -29.25 1.71 -61.90
C SER A 2780 -29.03 1.00 -63.23
N SER A 2781 -28.71 1.80 -64.25
CA SER A 2781 -28.48 1.27 -65.59
C SER A 2781 -27.57 0.04 -65.61
N LYS A 2782 -26.48 0.10 -64.85
CA LYS A 2782 -25.53 -1.00 -64.79
C LYS A 2782 -26.17 -2.37 -64.66
N VAL A 2783 -27.05 -2.53 -63.67
CA VAL A 2783 -27.73 -3.81 -63.46
C VAL A 2783 -28.67 -4.15 -64.61
N ASP A 2784 -29.48 -3.18 -65.03
CA ASP A 2784 -30.43 -3.38 -66.11
C ASP A 2784 -29.78 -3.91 -67.39
N ASP A 2785 -28.71 -3.25 -67.82
CA ASP A 2785 -28.00 -3.63 -69.03
C ASP A 2785 -27.45 -5.05 -68.98
N LEU A 2786 -27.20 -5.56 -67.78
CA LEU A 2786 -26.68 -6.91 -67.62
C LEU A 2786 -27.78 -7.93 -67.39
N ALA A 2787 -28.86 -7.50 -66.73
CA ALA A 2787 -29.98 -8.38 -66.44
C ALA A 2787 -30.64 -8.87 -67.73
N LEU A 2788 -31.08 -7.92 -68.56
CA LEU A 2788 -31.73 -8.26 -69.82
C LEU A 2788 -30.78 -8.98 -70.77
N GLN A 2789 -29.56 -8.47 -70.88
CA GLN A 2789 -28.57 -9.06 -71.75
C GLN A 2789 -27.96 -10.32 -71.14
N LEU A 2790 -28.80 -11.13 -70.51
CA LEU A 2790 -28.35 -12.37 -69.88
C LEU A 2790 -29.49 -13.39 -69.81
N HIS A 2791 -30.71 -12.90 -70.02
CA HIS A 2791 -31.90 -13.74 -69.99
C HIS A 2791 -32.23 -14.22 -68.58
N LYS A 2792 -33.02 -13.43 -67.87
CA LYS A 2792 -33.42 -13.75 -66.50
C LYS A 2792 -34.53 -12.83 -66.03
N GLN A 2793 -35.15 -13.17 -64.91
CA GLN A 2793 -36.24 -12.37 -64.36
C GLN A 2793 -35.71 -11.02 -63.86
N TYR A 2794 -36.60 -10.22 -63.28
CA TYR A 2794 -36.22 -8.91 -62.75
C TYR A 2794 -37.42 -8.24 -62.11
N LYS A 2795 -37.17 -7.21 -61.31
CA LYS A 2795 -38.23 -6.47 -60.63
C LYS A 2795 -37.67 -5.34 -59.78
N SER A 2796 -37.35 -4.22 -60.42
CA SER A 2796 -36.81 -3.06 -59.72
C SER A 2796 -37.82 -2.55 -58.68
N PHE A 2797 -37.42 -1.55 -57.91
CA PHE A 2797 -38.29 -0.98 -56.89
C PHE A 2797 -37.69 0.29 -56.30
N ALA A 2798 -38.51 1.34 -56.21
CA ALA A 2798 -38.07 2.61 -55.67
C ALA A 2798 -38.19 2.63 -54.15
N ILE A 2799 -37.12 2.26 -53.47
CA ILE A 2799 -37.12 2.22 -52.01
C ILE A 2799 -37.05 3.64 -51.45
N GLY A 2800 -38.21 4.30 -51.42
CA GLY A 2800 -38.28 5.66 -50.91
C GLY A 2800 -39.74 6.04 -50.71
N SER A 2801 -40.57 5.68 -51.69
CA SER A 2801 -42.00 5.96 -51.63
C SER A 2801 -42.62 5.19 -50.47
N PRO A 2802 -43.82 5.60 -50.03
CA PRO A 2802 -44.51 4.92 -48.93
C PRO A 2802 -44.85 3.46 -49.23
N GLU A 2803 -45.43 3.21 -50.40
CA GLU A 2803 -45.82 1.86 -50.79
C GLU A 2803 -44.62 1.09 -51.35
N GLY A 2804 -43.42 1.55 -51.06
CA GLY A 2804 -42.23 0.89 -51.55
C GLY A 2804 -41.64 -0.09 -50.56
N PHE A 2805 -41.84 0.18 -49.27
CA PHE A 2805 -41.32 -0.69 -48.22
C PHE A 2805 -41.90 -2.11 -48.29
N GLU A 2806 -43.09 -2.28 -47.73
CA GLU A 2806 -43.77 -3.57 -47.72
C GLU A 2806 -43.86 -4.22 -49.08
N LEU A 2807 -44.73 -3.69 -49.93
CA LEU A 2807 -44.95 -4.21 -51.28
C LEU A 2807 -43.71 -4.81 -51.94
N ALA A 2808 -42.63 -4.04 -51.99
CA ALA A 2808 -41.39 -4.49 -52.61
C ALA A 2808 -40.86 -5.80 -52.02
N GLU A 2809 -40.56 -5.79 -50.73
CA GLU A 2809 -40.03 -6.97 -50.04
C GLU A 2809 -40.49 -8.29 -50.61
N LYS A 2810 -41.79 -8.41 -50.84
CA LYS A 2810 -42.37 -9.64 -51.38
C LYS A 2810 -41.56 -10.16 -52.57
N SER A 2811 -41.37 -9.30 -53.57
CA SER A 2811 -40.61 -9.66 -54.76
C SER A 2811 -39.29 -10.32 -54.39
N ILE A 2812 -38.67 -9.82 -53.31
CA ILE A 2812 -37.39 -10.36 -52.86
C ILE A 2812 -37.55 -11.78 -52.31
N TYR A 2813 -38.54 -11.97 -51.44
CA TYR A 2813 -38.80 -13.28 -50.85
C TYR A 2813 -38.96 -14.35 -51.92
N ALA A 2814 -39.99 -14.19 -52.75
CA ALA A 2814 -40.26 -15.14 -53.83
C ALA A 2814 -39.05 -15.29 -54.74
N ALA A 2815 -38.39 -14.18 -55.03
CA ALA A 2815 -37.22 -14.19 -55.89
C ALA A 2815 -36.18 -15.19 -55.39
N ALA A 2816 -35.91 -15.13 -54.08
CA ALA A 2816 -34.94 -16.03 -53.47
C ALA A 2816 -35.50 -17.43 -53.35
N LYS A 2817 -36.83 -17.55 -53.37
CA LYS A 2817 -37.49 -18.84 -53.27
C LYS A 2817 -37.36 -19.65 -54.55
N SER A 2818 -37.50 -18.98 -55.70
CA SER A 2818 -37.40 -19.65 -56.99
C SER A 2818 -36.05 -19.37 -57.63
N GLY A 2819 -35.54 -18.17 -57.45
CA GLY A 2819 -34.25 -17.80 -58.01
C GLY A 2819 -34.32 -16.75 -59.09
N THR A 2820 -34.87 -15.58 -58.75
CA THR A 2820 -34.98 -14.49 -59.70
C THR A 2820 -34.23 -13.26 -59.19
N TRP A 2821 -33.73 -12.45 -60.13
CA TRP A 2821 -32.97 -11.25 -59.80
C TRP A 2821 -33.87 -10.09 -59.39
N VAL A 2822 -33.38 -9.26 -58.46
CA VAL A 2822 -34.13 -8.10 -57.98
C VAL A 2822 -33.24 -6.86 -58.00
N LEU A 2823 -33.74 -5.77 -57.44
CA LEU A 2823 -33.00 -4.51 -57.39
C LEU A 2823 -33.69 -3.46 -56.53
N LEU A 2824 -32.89 -2.69 -55.79
CA LEU A 2824 -33.41 -1.63 -54.94
C LEU A 2824 -32.45 -0.46 -54.94
N LYS A 2825 -32.81 0.62 -55.63
CA LYS A 2825 -31.98 1.81 -55.72
C LYS A 2825 -32.20 2.79 -54.59
N ASN A 2826 -31.27 3.73 -54.45
CA ASN A 2826 -31.35 4.75 -53.42
C ASN A 2826 -31.77 4.19 -52.07
N ILE A 2827 -31.21 3.03 -51.71
CA ILE A 2827 -31.55 2.41 -50.44
C ILE A 2827 -31.17 3.37 -49.31
N HIS A 2828 -30.33 4.35 -49.64
CA HIS A 2828 -29.89 5.34 -48.67
C HIS A 2828 -31.04 6.27 -48.30
N LEU A 2829 -32.00 6.42 -49.22
CA LEU A 2829 -33.16 7.27 -48.97
C LEU A 2829 -33.98 6.70 -47.82
N ALA A 2830 -33.80 5.42 -47.56
CA ALA A 2830 -34.51 4.74 -46.48
C ALA A 2830 -33.50 4.30 -45.44
N PRO A 2831 -33.00 5.24 -44.62
CA PRO A 2831 -32.01 4.95 -43.58
C PRO A 2831 -32.50 4.00 -42.50
N GLN A 2832 -33.77 4.14 -42.12
CA GLN A 2832 -34.36 3.30 -41.08
C GLN A 2832 -34.91 1.96 -41.59
N TRP A 2833 -35.07 1.84 -42.90
CA TRP A 2833 -35.59 0.59 -43.47
C TRP A 2833 -34.50 -0.45 -43.67
N LEU A 2834 -33.47 -0.11 -44.44
CA LEU A 2834 -32.35 -1.00 -44.72
C LEU A 2834 -31.95 -1.87 -43.53
N VAL A 2835 -32.02 -1.30 -42.32
CA VAL A 2835 -31.68 -2.03 -41.11
C VAL A 2835 -32.49 -3.32 -41.04
N GLN A 2836 -33.77 -3.22 -41.38
CA GLN A 2836 -34.67 -4.37 -41.37
C GLN A 2836 -34.23 -5.40 -42.40
N LEU A 2837 -34.05 -4.93 -43.64
CA LEU A 2837 -33.63 -5.81 -44.74
C LEU A 2837 -32.48 -6.69 -44.27
N GLU A 2838 -31.46 -6.06 -43.69
CA GLU A 2838 -30.29 -6.77 -43.20
C GLU A 2838 -30.66 -7.95 -42.31
N LYS A 2839 -31.16 -7.65 -41.12
CA LYS A 2839 -31.55 -8.69 -40.16
C LYS A 2839 -32.30 -9.84 -40.81
N LYS A 2840 -33.11 -9.53 -41.83
CA LYS A 2840 -33.88 -10.55 -42.53
C LYS A 2840 -33.03 -11.31 -43.54
N LEU A 2841 -32.66 -10.62 -44.62
CA LEU A 2841 -31.83 -11.20 -45.68
C LEU A 2841 -30.84 -12.22 -45.15
N HIS A 2842 -30.22 -11.88 -44.01
CA HIS A 2842 -29.24 -12.74 -43.37
C HIS A 2842 -29.68 -14.19 -43.22
N SER A 2843 -30.92 -14.40 -42.81
CA SER A 2843 -31.44 -15.74 -42.62
C SER A 2843 -32.55 -16.11 -43.61
N LEU A 2844 -32.15 -16.73 -44.72
CA LEU A 2844 -33.09 -17.16 -45.75
C LEU A 2844 -32.32 -17.73 -46.95
N SER A 2845 -31.90 -18.98 -46.84
CA SER A 2845 -31.15 -19.64 -47.90
C SER A 2845 -31.91 -19.64 -49.23
N PRO A 2846 -31.43 -18.85 -50.21
CA PRO A 2846 -32.06 -18.75 -51.52
C PRO A 2846 -31.56 -19.78 -52.53
N HIS A 2847 -32.29 -19.93 -53.63
CA HIS A 2847 -31.92 -20.86 -54.69
C HIS A 2847 -30.74 -20.30 -55.48
N PRO A 2848 -29.78 -21.16 -55.84
CA PRO A 2848 -28.58 -20.77 -56.59
C PRO A 2848 -28.78 -19.73 -57.70
N SER A 2849 -29.95 -19.72 -58.32
CA SER A 2849 -30.22 -18.76 -59.39
C SER A 2849 -30.69 -17.42 -58.84
N PHE A 2850 -30.37 -17.16 -57.57
CA PHE A 2850 -30.75 -15.91 -56.93
C PHE A 2850 -29.59 -14.93 -56.93
N ARG A 2851 -29.88 -13.65 -57.13
CA ARG A 2851 -28.85 -12.62 -57.14
C ARG A 2851 -29.40 -11.24 -56.78
N LEU A 2852 -29.98 -11.13 -55.59
CA LEU A 2852 -30.52 -9.86 -55.13
C LEU A 2852 -29.52 -8.72 -55.30
N PHE A 2853 -29.94 -7.65 -55.97
CA PHE A 2853 -29.07 -6.51 -56.18
C PHE A 2853 -29.51 -5.32 -55.34
N MET A 2854 -28.59 -4.39 -55.12
CA MET A 2854 -28.88 -3.18 -54.36
C MET A 2854 -28.16 -2.00 -55.00
N THR A 2855 -28.65 -0.79 -54.71
CA THR A 2855 -28.06 0.41 -55.28
C THR A 2855 -28.25 1.62 -54.38
N SER A 2856 -27.24 2.48 -54.36
CA SER A 2856 -27.26 3.71 -53.56
C SER A 2856 -25.94 4.44 -53.75
N GLU A 2857 -25.71 5.45 -52.92
CA GLU A 2857 -24.48 6.22 -52.97
C GLU A 2857 -23.76 6.03 -51.64
N ILE A 2858 -22.43 6.05 -51.65
CA ILE A 2858 -21.66 5.88 -50.42
C ILE A 2858 -22.28 6.76 -49.34
N HIS A 2859 -23.12 6.14 -48.52
CA HIS A 2859 -23.81 6.85 -47.45
C HIS A 2859 -23.69 6.06 -46.14
N PRO A 2860 -23.47 6.75 -45.02
CA PRO A 2860 -23.35 6.08 -43.72
C PRO A 2860 -24.60 5.29 -43.32
N ALA A 2861 -25.71 5.59 -43.98
CA ALA A 2861 -26.98 4.92 -43.71
C ALA A 2861 -26.80 3.40 -43.70
N LEU A 2862 -26.34 2.86 -44.82
CA LEU A 2862 -26.14 1.42 -44.96
C LEU A 2862 -25.50 0.81 -43.72
N PRO A 2863 -26.31 0.12 -42.89
CA PRO A 2863 -25.79 -0.51 -41.66
C PRO A 2863 -24.60 -1.42 -41.98
N ALA A 2864 -23.57 -1.36 -41.14
CA ALA A 2864 -22.38 -2.16 -41.32
C ALA A 2864 -22.70 -3.61 -41.69
N ASN A 2865 -23.66 -4.19 -40.98
CA ASN A 2865 -24.06 -5.58 -41.21
C ASN A 2865 -24.56 -5.80 -42.63
N LEU A 2866 -24.92 -4.73 -43.32
CA LEU A 2866 -25.42 -4.82 -44.69
C LEU A 2866 -24.30 -5.08 -45.71
N LEU A 2867 -23.40 -4.11 -45.86
CA LEU A 2867 -22.30 -4.25 -46.82
C LEU A 2867 -21.46 -5.48 -46.51
N ARG A 2868 -21.19 -5.70 -45.22
CA ARG A 2868 -20.39 -6.82 -44.77
C ARG A 2868 -20.82 -8.16 -45.36
N MET A 2869 -22.13 -8.34 -45.54
CA MET A 2869 -22.67 -9.57 -46.10
C MET A 2869 -22.94 -9.48 -47.59
N SER A 2870 -22.09 -8.76 -48.32
CA SER A 2870 -22.29 -8.63 -49.76
C SER A 2870 -21.06 -8.17 -50.53
N ASN A 2871 -21.10 -8.34 -51.84
CA ASN A 2871 -20.00 -7.95 -52.72
C ASN A 2871 -20.16 -6.50 -53.14
N VAL A 2872 -19.78 -5.59 -52.25
CA VAL A 2872 -19.89 -4.16 -52.52
C VAL A 2872 -19.02 -3.73 -53.70
N PHE A 2873 -19.57 -2.86 -54.54
CA PHE A 2873 -18.87 -2.34 -55.71
C PHE A 2873 -18.88 -0.82 -55.70
N SER A 2874 -17.72 -0.22 -55.50
CA SER A 2874 -17.61 1.24 -55.47
C SER A 2874 -17.42 1.81 -56.87
N TYR A 2875 -18.18 2.85 -57.17
CA TYR A 2875 -18.10 3.51 -58.47
C TYR A 2875 -17.84 5.00 -58.28
N GLU A 2876 -16.96 5.55 -59.11
CA GLU A 2876 -16.61 6.96 -59.03
C GLU A 2876 -16.01 7.48 -60.33
N ASN A 2877 -16.51 8.63 -60.78
CA ASN A 2877 -16.03 9.25 -62.01
C ASN A 2877 -14.53 9.52 -61.95
N PRO A 2878 -13.76 8.85 -62.83
CA PRO A 2878 -12.30 8.94 -62.94
C PRO A 2878 -11.77 10.31 -63.36
N PRO A 2879 -10.45 10.53 -63.20
CA PRO A 2879 -9.78 11.78 -63.54
C PRO A 2879 -9.57 12.00 -65.04
N GLY A 2880 -8.94 13.11 -65.39
CA GLY A 2880 -8.69 13.42 -66.78
C GLY A 2880 -9.85 14.16 -67.43
N VAL A 2881 -9.53 15.06 -68.34
CA VAL A 2881 -10.56 15.83 -69.04
C VAL A 2881 -11.18 14.99 -70.16
N LYS A 2882 -10.34 14.15 -70.78
CA LYS A 2882 -10.81 13.30 -71.86
C LYS A 2882 -12.00 12.45 -71.40
N ALA A 2883 -11.80 11.68 -70.34
CA ALA A 2883 -12.84 10.82 -69.79
C ALA A 2883 -14.13 11.59 -69.59
N ASN A 2884 -14.02 12.80 -69.05
CA ASN A 2884 -15.18 13.64 -68.80
C ASN A 2884 -15.95 13.90 -70.09
N LEU A 2885 -15.22 14.31 -71.12
CA LEU A 2885 -15.83 14.60 -72.42
C LEU A 2885 -16.54 13.39 -73.02
N LEU A 2886 -15.79 12.29 -73.20
CA LEU A 2886 -16.36 11.07 -73.76
C LEU A 2886 -17.67 10.70 -73.10
N HIS A 2887 -17.79 10.97 -71.80
CA HIS A 2887 -19.00 10.68 -71.06
C HIS A 2887 -20.08 11.67 -71.45
N THR A 2888 -19.73 12.95 -71.41
CA THR A 2888 -20.66 14.03 -71.75
C THR A 2888 -21.30 13.81 -73.13
N PHE A 2889 -20.63 13.07 -74.00
CA PHE A 2889 -21.14 12.81 -75.33
C PHE A 2889 -22.05 11.59 -75.43
N ILE A 2890 -21.87 10.62 -74.53
CA ILE A 2890 -22.70 9.43 -74.53
C ILE A 2890 -24.16 9.84 -74.46
N GLY A 2891 -24.39 11.06 -73.99
CA GLY A 2891 -25.75 11.57 -73.89
C GLY A 2891 -26.14 12.42 -75.08
N ILE A 2892 -25.16 13.03 -75.73
CA ILE A 2892 -25.40 13.88 -76.89
C ILE A 2892 -25.40 13.03 -78.17
N PRO A 2893 -26.58 12.70 -78.69
CA PRO A 2893 -26.71 11.89 -79.90
C PRO A 2893 -26.40 12.67 -81.17
N ALA A 2894 -25.93 11.96 -82.20
CA ALA A 2894 -25.59 12.58 -83.47
C ALA A 2894 -26.86 13.07 -84.15
N THR A 2895 -27.97 12.40 -83.87
CA THR A 2895 -29.26 12.77 -84.45
C THR A 2895 -29.81 14.00 -83.75
N ARG A 2896 -28.92 14.87 -83.30
CA ARG A 2896 -29.31 16.09 -82.61
C ARG A 2896 -28.16 17.09 -82.55
N MET A 2897 -26.96 16.62 -82.88
CA MET A 2897 -25.78 17.47 -82.87
C MET A 2897 -25.35 17.87 -84.28
N ASP A 2898 -25.73 17.07 -85.27
CA ASP A 2898 -25.38 17.33 -86.66
C ASP A 2898 -26.43 18.13 -87.40
N LYS A 2899 -27.53 18.43 -86.73
CA LYS A 2899 -28.62 19.19 -87.34
C LYS A 2899 -28.22 20.64 -87.61
N GLN A 2900 -28.87 21.25 -88.60
CA GLN A 2900 -28.59 22.63 -88.97
C GLN A 2900 -28.89 23.57 -87.81
N PRO A 2901 -28.13 24.67 -87.68
CA PRO A 2901 -27.01 25.06 -88.55
C PRO A 2901 -25.81 24.13 -88.39
N ALA A 2902 -24.79 24.35 -89.22
CA ALA A 2902 -23.58 23.53 -89.17
C ALA A 2902 -22.68 23.96 -88.03
N GLU A 2903 -22.84 25.20 -87.59
CA GLU A 2903 -22.03 25.73 -86.50
C GLU A 2903 -22.51 25.26 -85.12
N ARG A 2904 -23.58 24.47 -85.10
CA ARG A 2904 -24.10 23.96 -83.84
C ARG A 2904 -23.22 22.85 -83.28
N SER A 2905 -22.67 22.03 -84.17
CA SER A 2905 -21.80 20.93 -83.76
C SER A 2905 -20.66 21.50 -82.90
N ARG A 2906 -20.15 22.65 -83.33
CA ARG A 2906 -19.07 23.33 -82.63
C ARG A 2906 -19.49 23.65 -81.20
N ILE A 2907 -20.45 24.55 -81.08
CA ILE A 2907 -20.96 24.99 -79.78
C ILE A 2907 -21.20 23.85 -78.80
N TYR A 2908 -21.76 22.75 -79.26
CA TYR A 2908 -21.99 21.60 -78.37
C TYR A 2908 -20.66 21.24 -77.74
N PHE A 2909 -19.71 20.86 -78.59
CA PHE A 2909 -18.37 20.49 -78.16
C PHE A 2909 -17.86 21.49 -77.12
N LEU A 2910 -18.03 22.77 -77.42
CA LEU A 2910 -17.60 23.83 -76.52
C LEU A 2910 -18.19 23.61 -75.12
N LEU A 2911 -19.48 23.31 -75.08
CA LEU A 2911 -20.17 23.07 -73.82
C LEU A 2911 -19.55 21.88 -73.09
N ALA A 2912 -19.22 20.84 -73.85
CA ALA A 2912 -18.63 19.64 -73.28
C ALA A 2912 -17.28 19.98 -72.64
N TRP A 2913 -16.53 20.85 -73.31
CA TRP A 2913 -15.22 21.26 -72.81
C TRP A 2913 -15.38 22.14 -71.57
N PHE A 2914 -16.26 23.13 -71.67
CA PHE A 2914 -16.52 24.03 -70.54
C PHE A 2914 -17.05 23.22 -69.36
N HIS A 2915 -17.93 22.27 -69.66
CA HIS A 2915 -18.52 21.43 -68.63
C HIS A 2915 -17.51 20.43 -68.06
N ALA A 2916 -16.51 20.09 -68.86
CA ALA A 2916 -15.47 19.16 -68.43
C ALA A 2916 -14.46 19.87 -67.54
N ILE A 2917 -14.24 21.16 -67.80
CA ILE A 2917 -13.30 21.96 -67.04
C ILE A 2917 -13.83 22.30 -65.64
N ILE A 2918 -14.87 23.13 -65.60
CA ILE A 2918 -15.46 23.53 -64.33
C ILE A 2918 -15.69 22.36 -63.38
N GLN A 2919 -16.04 21.21 -63.94
CA GLN A 2919 -16.30 20.02 -63.14
C GLN A 2919 -14.99 19.39 -62.68
N GLU A 2920 -14.00 19.37 -63.56
CA GLU A 2920 -12.69 18.81 -63.24
C GLU A 2920 -11.97 19.59 -62.15
N ARG A 2921 -12.25 20.89 -62.06
CA ARG A 2921 -11.61 21.75 -61.07
C ARG A 2921 -12.09 21.53 -59.64
N LEU A 2922 -13.23 20.86 -59.49
CA LEU A 2922 -13.78 20.60 -58.16
C LEU A 2922 -12.86 19.74 -57.30
N ARG A 2923 -11.95 19.01 -57.94
CA ARG A 2923 -11.02 18.16 -57.20
C ARG A 2923 -9.74 18.92 -56.86
N TYR A 2924 -9.79 20.24 -56.96
CA TYR A 2924 -8.64 21.08 -56.64
C TYR A 2924 -9.02 22.21 -55.70
N ILE A 2925 -10.10 21.99 -54.94
CA ILE A 2925 -10.58 22.97 -53.97
C ILE A 2925 -9.50 23.11 -52.88
N PRO A 2926 -9.35 24.31 -52.32
CA PRO A 2926 -10.08 25.56 -52.60
C PRO A 2926 -9.51 26.36 -53.77
N LEU A 2927 -8.55 25.77 -54.49
CA LEU A 2927 -7.93 26.45 -55.62
C LEU A 2927 -8.85 26.41 -56.84
N GLY A 2928 -9.35 25.23 -57.17
CA GLY A 2928 -10.24 25.09 -58.31
C GLY A 2928 -11.50 25.90 -58.07
N TRP A 2929 -12.07 25.75 -56.88
CA TRP A 2929 -13.27 26.46 -56.50
C TRP A 2929 -13.29 26.69 -54.99
N THR A 2930 -14.06 27.68 -54.54
CA THR A 2930 -14.15 27.99 -53.12
C THR A 2930 -14.73 26.79 -52.38
N LYS A 2931 -15.78 26.22 -52.96
CA LYS A 2931 -16.45 25.07 -52.37
C LYS A 2931 -16.53 23.92 -53.37
N PHE A 2932 -17.65 23.21 -53.35
CA PHE A 2932 -17.88 22.09 -54.26
C PHE A 2932 -19.31 22.20 -54.76
N PHE A 2933 -19.47 22.80 -55.93
CA PHE A 2933 -20.80 22.98 -56.52
C PHE A 2933 -21.23 21.74 -57.30
N GLU A 2934 -22.50 21.40 -57.16
CA GLU A 2934 -23.08 20.23 -57.82
C GLU A 2934 -23.25 20.41 -59.32
N PHE A 2935 -22.15 20.34 -60.07
CA PHE A 2935 -22.21 20.48 -61.53
C PHE A 2935 -22.63 19.16 -62.17
N ASN A 2936 -23.86 18.73 -61.91
CA ASN A 2936 -24.38 17.48 -62.47
C ASN A 2936 -24.62 17.59 -63.96
N ASP A 2937 -24.82 16.45 -64.62
CA ASP A 2937 -25.07 16.43 -66.06
C ASP A 2937 -26.40 17.08 -66.41
N ALA A 2938 -27.37 17.00 -65.50
CA ALA A 2938 -28.69 17.58 -65.73
C ALA A 2938 -28.53 19.03 -66.19
N ASP A 2939 -27.57 19.74 -65.59
CA ASP A 2939 -27.31 21.12 -65.94
C ASP A 2939 -26.89 21.18 -67.41
N LEU A 2940 -25.93 20.34 -67.76
CA LEU A 2940 -25.42 20.25 -69.13
C LEU A 2940 -26.56 20.07 -70.11
N ARG A 2941 -27.42 19.08 -69.83
CA ARG A 2941 -28.56 18.80 -70.68
C ARG A 2941 -29.41 20.04 -70.89
N GLY A 2942 -29.63 20.79 -69.82
CA GLY A 2942 -30.42 22.01 -69.91
C GLY A 2942 -29.78 23.02 -70.83
N ALA A 2943 -28.47 23.20 -70.67
CA ALA A 2943 -27.73 24.15 -71.49
C ALA A 2943 -27.88 23.81 -72.98
N LEU A 2944 -27.70 22.54 -73.31
CA LEU A 2944 -27.83 22.09 -74.69
C LEU A 2944 -29.17 22.52 -75.27
N ASP A 2945 -30.21 22.46 -74.44
CA ASP A 2945 -31.56 22.85 -74.86
C ASP A 2945 -31.59 24.35 -75.15
N SER A 2946 -30.94 25.12 -74.28
CA SER A 2946 -30.90 26.56 -74.43
C SER A 2946 -30.11 26.94 -75.68
N ILE A 2947 -28.93 26.34 -75.83
CA ILE A 2947 -28.09 26.61 -76.99
C ILE A 2947 -28.89 26.29 -78.25
N ASP A 2948 -29.62 25.18 -78.19
CA ASP A 2948 -30.45 24.76 -79.32
C ASP A 2948 -31.61 25.72 -79.54
N TYR A 2949 -31.76 26.68 -78.64
CA TYR A 2949 -32.82 27.67 -78.75
C TYR A 2949 -32.30 28.91 -79.47
N TRP A 2950 -31.34 29.58 -78.85
CA TRP A 2950 -30.74 30.78 -79.42
C TRP A 2950 -29.99 30.49 -80.71
N VAL A 2951 -29.22 29.39 -80.71
CA VAL A 2951 -28.44 29.00 -81.87
C VAL A 2951 -29.33 28.42 -82.98
N ASP A 2952 -30.59 28.16 -82.67
CA ASP A 2952 -31.51 27.62 -83.66
C ASP A 2952 -32.64 28.61 -83.94
N LEU A 2953 -32.70 29.68 -83.14
CA LEU A 2953 -33.70 30.71 -83.29
C LEU A 2953 -33.25 31.77 -84.28
N TYR A 2954 -31.97 32.07 -84.28
CA TYR A 2954 -31.40 33.06 -85.18
C TYR A 2954 -30.75 32.40 -86.38
N SER A 2955 -31.23 31.22 -86.72
CA SER A 2955 -30.72 30.46 -87.86
C SER A 2955 -31.57 29.21 -88.09
N LYS A 2956 -32.89 29.41 -88.18
CA LYS A 2956 -33.84 28.33 -88.39
C LYS A 2956 -33.99 28.03 -89.88
N GLY A 2957 -33.38 26.94 -90.33
CA GLY A 2957 -33.47 26.56 -91.73
C GLY A 2957 -32.15 26.64 -92.47
N ARG A 2958 -31.38 27.68 -92.19
CA ARG A 2958 -30.09 27.86 -92.84
C ARG A 2958 -29.11 26.75 -92.46
N SER A 2959 -28.34 26.30 -93.46
CA SER A 2959 -27.35 25.25 -93.23
C SER A 2959 -26.14 25.80 -92.50
N ASN A 2960 -26.16 27.11 -92.24
CA ASN A 2960 -25.07 27.77 -91.54
C ASN A 2960 -25.57 29.03 -90.82
N ILE A 2961 -24.67 29.67 -90.08
CA ILE A 2961 -25.00 30.88 -89.34
C ILE A 2961 -23.73 31.62 -88.96
N ASP A 2962 -23.77 32.95 -89.04
CA ASP A 2962 -22.60 33.76 -88.71
C ASP A 2962 -22.43 33.85 -87.20
N PRO A 2963 -21.20 33.63 -86.71
CA PRO A 2963 -20.85 33.67 -85.29
C PRO A 2963 -21.35 34.90 -84.55
N ASP A 2964 -21.00 36.08 -85.06
CA ASP A 2964 -21.40 37.34 -84.46
C ASP A 2964 -22.91 37.56 -84.47
N LYS A 2965 -23.64 36.61 -85.05
CA LYS A 2965 -25.10 36.71 -85.12
C LYS A 2965 -25.77 35.89 -84.04
N ILE A 2966 -24.97 35.28 -83.16
CA ILE A 2966 -25.51 34.47 -82.08
C ILE A 2966 -25.57 35.28 -80.78
N PRO A 2967 -26.74 35.27 -80.12
CA PRO A 2967 -26.94 35.99 -78.86
C PRO A 2967 -26.17 35.38 -77.69
N TRP A 2968 -24.85 35.49 -77.74
CA TRP A 2968 -24.00 34.94 -76.69
C TRP A 2968 -24.32 35.57 -75.34
N ILE A 2969 -24.54 36.88 -75.33
CA ILE A 2969 -24.86 37.59 -74.10
C ILE A 2969 -26.11 36.97 -73.47
N ALA A 2970 -26.88 36.25 -74.28
CA ALA A 2970 -28.09 35.60 -73.81
C ALA A 2970 -27.77 34.16 -73.39
N VAL A 2971 -27.03 33.46 -74.23
CA VAL A 2971 -26.65 32.08 -73.95
C VAL A 2971 -25.71 31.98 -72.76
N ARG A 2972 -24.77 32.92 -72.65
CA ARG A 2972 -23.83 32.92 -71.54
C ARG A 2972 -24.49 33.27 -70.22
N THR A 2973 -25.51 34.13 -70.27
CA THR A 2973 -26.22 34.52 -69.06
C THR A 2973 -27.08 33.37 -68.55
N ILE A 2974 -27.75 32.69 -69.48
CA ILE A 2974 -28.60 31.55 -69.12
C ILE A 2974 -27.76 30.41 -68.53
N LEU A 2975 -26.58 30.18 -69.11
CA LEU A 2975 -25.71 29.12 -68.59
C LEU A 2975 -24.91 29.63 -67.41
N GLY A 2976 -25.12 30.90 -67.07
CA GLY A 2976 -24.39 31.49 -65.96
C GLY A 2976 -25.15 31.62 -64.65
N SER A 2977 -26.08 32.57 -64.60
CA SER A 2977 -26.86 32.81 -63.38
C SER A 2977 -28.24 32.16 -63.33
N THR A 2978 -28.39 30.99 -63.92
CA THR A 2978 -29.69 30.31 -63.89
C THR A 2978 -29.60 28.81 -64.22
N ILE A 2979 -28.40 28.26 -64.13
CA ILE A 2979 -28.17 26.84 -64.39
C ILE A 2979 -26.91 26.36 -63.67
N TYR A 2980 -25.75 26.77 -64.17
CA TYR A 2980 -24.48 26.38 -63.58
C TYR A 2980 -24.11 27.26 -62.38
N GLY A 2981 -24.09 28.56 -62.61
CA GLY A 2981 -23.75 29.49 -61.54
C GLY A 2981 -24.91 29.77 -60.62
N GLY A 2982 -26.09 29.23 -60.97
CA GLY A 2982 -27.26 29.44 -60.14
C GLY A 2982 -27.05 28.97 -58.71
N ARG A 2983 -26.31 27.89 -58.55
CA ARG A 2983 -26.04 27.34 -57.22
C ARG A 2983 -24.75 27.92 -56.62
N ILE A 2984 -24.29 29.04 -57.17
CA ILE A 2984 -23.08 29.69 -56.68
C ILE A 2984 -23.43 30.76 -55.64
N ASP A 2985 -22.73 30.73 -54.51
CA ASP A 2985 -22.96 31.71 -53.46
C ASP A 2985 -21.82 32.72 -53.41
N ASN A 2986 -20.59 32.23 -53.46
CA ASN A 2986 -19.42 33.09 -53.43
C ASN A 2986 -19.32 33.87 -54.74
N GLU A 2987 -19.46 35.19 -54.65
CA GLU A 2987 -19.39 36.05 -55.82
C GLU A 2987 -18.13 35.78 -56.63
N PHE A 2988 -17.00 35.65 -55.95
CA PHE A 2988 -15.73 35.41 -56.61
C PHE A 2988 -15.70 34.07 -57.36
N ASP A 2989 -16.62 33.17 -57.00
CA ASP A 2989 -16.71 31.89 -57.68
C ASP A 2989 -17.33 32.10 -59.04
N MET A 2990 -18.43 32.86 -59.08
CA MET A 2990 -19.10 33.17 -60.32
C MET A 2990 -18.13 33.90 -61.25
N ARG A 2991 -17.36 34.81 -60.67
CA ARG A 2991 -16.38 35.58 -61.42
C ARG A 2991 -15.52 34.61 -62.23
N LEU A 2992 -15.03 33.58 -61.56
CA LEU A 2992 -14.22 32.56 -62.21
C LEU A 2992 -15.05 31.87 -63.28
N LEU A 2993 -16.17 31.31 -62.85
CA LEU A 2993 -17.09 30.60 -63.74
C LEU A 2993 -17.34 31.35 -65.05
N TYR A 2994 -17.82 32.58 -64.94
CA TYR A 2994 -18.11 33.41 -66.11
C TYR A 2994 -16.93 33.62 -67.05
N SER A 2995 -15.71 33.58 -66.51
CA SER A 2995 -14.53 33.77 -67.35
C SER A 2995 -14.47 32.63 -68.36
N PHE A 2996 -14.85 31.43 -67.91
CA PHE A 2996 -14.85 30.24 -68.76
C PHE A 2996 -15.92 30.38 -69.84
N LEU A 2997 -17.06 30.95 -69.45
CA LEU A 2997 -18.17 31.15 -70.37
C LEU A 2997 -17.77 32.15 -71.46
N GLU A 2998 -17.37 33.34 -71.03
CA GLU A 2998 -16.96 34.39 -71.95
C GLU A 2998 -15.66 34.04 -72.67
N GLN A 2999 -15.16 32.83 -72.43
CA GLN A 2999 -13.93 32.37 -73.07
C GLN A 2999 -14.20 31.26 -74.08
N LEU A 3000 -15.39 30.67 -74.01
CA LEU A 3000 -15.77 29.60 -74.91
C LEU A 3000 -17.02 29.92 -75.71
N PHE A 3001 -18.01 30.54 -75.05
CA PHE A 3001 -19.26 30.90 -75.70
C PHE A 3001 -19.22 32.33 -76.21
N THR A 3002 -18.43 32.57 -77.26
CA THR A 3002 -18.30 33.89 -77.87
C THR A 3002 -18.03 33.76 -79.37
N PRO A 3003 -18.18 34.88 -80.11
CA PRO A 3003 -17.96 34.86 -81.56
C PRO A 3003 -16.50 34.57 -81.94
N SER A 3004 -15.59 34.94 -81.05
CA SER A 3004 -14.16 34.73 -81.29
C SER A 3004 -13.77 33.27 -81.02
N ALA A 3005 -14.70 32.52 -80.44
CA ALA A 3005 -14.45 31.12 -80.14
C ALA A 3005 -14.58 30.23 -81.37
N PHE A 3006 -14.82 30.85 -82.51
CA PHE A 3006 -14.97 30.12 -83.77
C PHE A 3006 -13.70 30.19 -84.62
N ASN A 3007 -12.85 31.16 -84.33
CA ASN A 3007 -11.60 31.34 -85.06
C ASN A 3007 -10.94 29.99 -85.31
N PRO A 3008 -10.53 29.72 -86.56
CA PRO A 3008 -9.88 28.45 -86.88
C PRO A 3008 -8.70 28.17 -85.95
N ASP A 3009 -8.71 26.99 -85.34
CA ASP A 3009 -7.66 26.58 -84.40
C ASP A 3009 -7.78 27.36 -83.09
N PHE A 3010 -9.03 27.62 -82.68
CA PHE A 3010 -9.28 28.34 -81.45
C PHE A 3010 -8.49 27.68 -80.32
N PRO A 3011 -7.76 28.48 -79.52
CA PRO A 3011 -6.95 27.96 -78.41
C PRO A 3011 -7.73 27.43 -77.21
N LEU A 3012 -7.41 26.20 -76.82
CA LEU A 3012 -8.03 25.55 -75.67
C LEU A 3012 -6.96 25.40 -74.59
N VAL A 3013 -5.94 24.61 -74.90
CA VAL A 3013 -4.83 24.38 -73.98
C VAL A 3013 -3.53 24.59 -74.77
N PRO A 3014 -3.15 25.86 -75.00
CA PRO A 3014 -1.94 26.26 -75.72
C PRO A 3014 -0.64 25.60 -75.27
N SER A 3015 -0.34 25.71 -73.98
CA SER A 3015 0.89 25.14 -73.42
C SER A 3015 1.24 23.77 -73.99
N ILE A 3016 0.23 22.96 -74.27
CA ILE A 3016 0.44 21.62 -74.82
C ILE A 3016 0.19 21.60 -76.32
N GLY A 3017 -0.61 22.56 -76.80
CA GLY A 3017 -0.92 22.63 -78.21
C GLY A 3017 -2.28 22.02 -78.50
N LEU A 3018 -3.32 22.55 -77.86
CA LEU A 3018 -4.67 22.05 -78.04
C LEU A 3018 -5.62 23.14 -78.52
N SER A 3019 -6.06 23.01 -79.77
CA SER A 3019 -6.98 23.97 -80.37
C SER A 3019 -8.23 23.24 -80.87
N VAL A 3020 -9.36 23.93 -80.86
CA VAL A 3020 -10.62 23.33 -81.31
C VAL A 3020 -10.46 22.58 -82.63
N PRO A 3021 -11.03 21.36 -82.72
CA PRO A 3021 -10.95 20.55 -83.92
C PRO A 3021 -11.87 21.07 -85.02
N GLU A 3022 -11.30 21.36 -86.18
CA GLU A 3022 -12.09 21.87 -87.31
C GLU A 3022 -13.04 20.81 -87.85
N GLY A 3023 -14.24 20.78 -87.29
CA GLY A 3023 -15.24 19.82 -87.73
C GLY A 3023 -16.64 20.42 -87.63
N THR A 3024 -17.64 19.66 -88.06
CA THR A 3024 -19.02 20.14 -88.02
C THR A 3024 -20.01 19.02 -87.73
N THR A 3025 -19.49 17.86 -87.32
CA THR A 3025 -20.36 16.71 -87.01
C THR A 3025 -19.87 16.01 -85.76
N ARG A 3026 -20.75 15.23 -85.14
CA ARG A 3026 -20.41 14.49 -83.94
C ARG A 3026 -19.12 13.70 -84.14
N ALA A 3027 -19.18 12.70 -85.01
CA ALA A 3027 -18.01 11.86 -85.31
C ALA A 3027 -16.75 12.70 -85.50
N HIS A 3028 -16.90 13.85 -86.14
CA HIS A 3028 -15.77 14.74 -86.38
C HIS A 3028 -15.08 15.12 -85.08
N PHE A 3029 -15.84 15.65 -84.13
CA PHE A 3029 -15.30 16.06 -82.84
C PHE A 3029 -14.79 14.90 -82.00
N MET A 3030 -15.47 13.76 -82.08
CA MET A 3030 -15.07 12.59 -81.32
C MET A 3030 -13.62 12.19 -81.60
N LYS A 3031 -13.28 12.10 -82.88
CA LYS A 3031 -11.91 11.74 -83.27
C LYS A 3031 -10.89 12.57 -82.52
N TRP A 3032 -11.19 13.87 -82.36
CA TRP A 3032 -10.30 14.78 -81.66
C TRP A 3032 -10.25 14.45 -80.17
N ILE A 3033 -11.38 13.99 -79.64
CA ILE A 3033 -11.47 13.65 -78.23
C ILE A 3033 -10.85 12.30 -77.91
N GLU A 3034 -11.11 11.29 -78.73
CA GLU A 3034 -10.56 9.96 -78.52
C GLU A 3034 -9.05 10.05 -78.66
N ALA A 3035 -8.60 10.96 -79.51
CA ALA A 3035 -7.17 11.15 -79.76
C ALA A 3035 -6.53 11.92 -78.60
N LEU A 3036 -7.37 12.35 -77.66
CA LEU A 3036 -6.89 13.09 -76.50
C LEU A 3036 -6.21 12.17 -75.49
N PRO A 3037 -5.12 12.65 -74.86
CA PRO A 3037 -4.38 11.86 -73.87
C PRO A 3037 -5.17 11.71 -72.57
N GLU A 3038 -5.19 10.50 -72.04
CA GLU A 3038 -5.91 10.21 -70.80
C GLU A 3038 -5.62 11.25 -69.72
N ILE A 3039 -4.44 11.15 -69.11
CA ILE A 3039 -4.02 12.08 -68.06
C ILE A 3039 -4.22 13.54 -68.49
N SER A 3040 -4.61 14.37 -67.52
CA SER A 3040 -4.83 15.79 -67.78
C SER A 3040 -4.29 16.64 -66.63
N THR A 3041 -3.30 17.48 -66.94
CA THR A 3041 -2.70 18.35 -65.94
C THR A 3041 -3.63 19.50 -65.55
N PRO A 3042 -3.38 20.13 -64.39
CA PRO A 3042 -4.20 21.23 -63.90
C PRO A 3042 -4.14 22.51 -64.75
N ILE A 3043 -3.26 22.52 -65.76
CA ILE A 3043 -3.13 23.68 -66.62
C ILE A 3043 -4.31 23.72 -67.58
N TRP A 3044 -4.82 22.53 -67.91
CA TRP A 3044 -5.97 22.40 -68.80
C TRP A 3044 -7.15 23.10 -68.17
N LEU A 3045 -7.13 23.18 -66.84
CA LEU A 3045 -8.20 23.81 -66.08
C LEU A 3045 -7.88 25.27 -65.73
N GLY A 3046 -6.98 25.87 -66.50
CA GLY A 3046 -6.61 27.25 -66.25
C GLY A 3046 -5.95 27.46 -64.89
N LEU A 3047 -5.63 26.37 -64.21
CA LEU A 3047 -4.99 26.44 -62.91
C LEU A 3047 -3.47 26.36 -63.03
N PRO A 3048 -2.74 26.98 -62.09
CA PRO A 3048 -1.28 26.95 -62.12
C PRO A 3048 -0.76 25.53 -61.96
N GLU A 3049 0.10 25.11 -62.87
CA GLU A 3049 0.68 23.77 -62.86
C GLU A 3049 1.00 23.21 -61.47
N ASN A 3050 1.33 24.08 -60.53
CA ASN A 3050 1.67 23.65 -59.17
C ASN A 3050 0.48 22.93 -58.52
N ALA A 3051 -0.72 23.40 -58.84
CA ALA A 3051 -1.95 22.85 -58.29
C ALA A 3051 -1.88 21.34 -58.00
N GLU A 3052 -1.33 20.59 -58.94
CA GLU A 3052 -1.21 19.14 -58.79
C GLU A 3052 -0.35 18.75 -57.59
N SER A 3053 0.56 19.64 -57.19
CA SER A 3053 1.45 19.38 -56.06
C SER A 3053 0.66 19.36 -54.75
N LEU A 3054 -0.30 20.26 -54.62
CA LEU A 3054 -1.12 20.34 -53.43
C LEU A 3054 -1.99 19.10 -53.27
N LEU A 3055 -2.58 18.66 -54.37
CA LEU A 3055 -3.44 17.48 -54.36
C LEU A 3055 -2.66 16.25 -53.92
N LEU A 3056 -1.52 16.00 -54.59
CA LEU A 3056 -0.69 14.85 -54.26
C LEU A 3056 -0.28 14.87 -52.79
N SER A 3057 -0.04 16.06 -52.25
CA SER A 3057 0.34 16.20 -50.85
C SER A 3057 -0.76 15.73 -49.91
N ASN A 3058 -1.93 16.35 -50.02
CA ASN A 3058 -3.05 15.99 -49.16
C ASN A 3058 -3.39 14.50 -49.30
N LYS A 3059 -3.45 14.02 -50.53
CA LYS A 3059 -3.76 12.61 -50.78
C LYS A 3059 -2.71 11.70 -50.15
N ALA A 3060 -1.48 12.20 -50.04
CA ALA A 3060 -0.40 11.44 -49.44
C ALA A 3060 -0.54 11.45 -47.92
N ARG A 3061 -1.05 12.56 -47.41
CA ARG A 3061 -1.26 12.74 -45.97
C ARG A 3061 -2.44 11.93 -45.48
N LYS A 3062 -3.57 12.02 -46.19
CA LYS A 3062 -4.76 11.28 -45.80
C LYS A 3062 -4.42 9.80 -45.76
N MET A 3063 -3.77 9.32 -46.82
CA MET A 3063 -3.37 7.92 -46.91
C MET A 3063 -2.52 7.57 -45.69
N ILE A 3064 -1.60 8.48 -45.35
CA ILE A 3064 -0.72 8.31 -44.21
C ILE A 3064 -1.50 8.26 -42.91
N ASN A 3065 -2.45 9.18 -42.76
CA ASN A 3065 -3.27 9.25 -41.56
C ASN A 3065 -4.06 7.95 -41.36
N ASP A 3066 -4.58 7.41 -42.45
CA ASP A 3066 -5.34 6.16 -42.37
C ASP A 3066 -4.47 5.03 -41.84
N LEU A 3067 -3.21 5.01 -42.26
CA LEU A 3067 -2.27 3.98 -41.82
C LEU A 3067 -1.92 4.15 -40.35
N GLN A 3068 -2.14 5.35 -39.81
CA GLN A 3068 -1.84 5.62 -38.41
C GLN A 3068 -3.03 5.20 -37.56
N LYS A 3069 -4.09 4.76 -38.23
CA LYS A 3069 -5.31 4.31 -37.55
C LYS A 3069 -5.39 2.79 -37.64
N MET A 3070 -5.28 2.28 -38.86
CA MET A 3070 -5.32 0.84 -39.10
C MET A 3070 -4.10 0.18 -38.48
N GLN A 3071 -3.39 0.95 -37.67
CA GLN A 3071 -2.19 0.49 -36.98
C GLN A 3071 -2.48 0.50 -35.48
N SER A 3072 -3.18 1.55 -35.05
CA SER A 3072 -3.56 1.71 -33.65
C SER A 3072 -4.62 0.70 -33.26
N SER A 3073 -5.61 0.53 -34.13
CA SER A 3073 -6.71 -0.41 -33.89
C SER A 3073 -6.24 -1.85 -34.08
N GLU A 3074 -5.00 -2.00 -34.55
CA GLU A 3074 -4.44 -3.32 -34.77
C GLU A 3074 -3.19 -3.50 -33.92
N GLU A 3075 -3.20 -2.83 -32.76
CA GLU A 3075 -2.08 -2.89 -31.83
C GLU A 3075 -2.61 -3.29 -30.45
N SER A 3092 -1.49 9.51 -23.44
CA SER A 3092 -2.08 9.35 -22.12
C SER A 3092 -1.92 10.61 -21.29
N SER A 3093 -0.79 10.73 -20.59
CA SER A 3093 -0.51 11.89 -19.76
C SER A 3093 -0.16 13.10 -20.62
N SER A 3094 -0.79 13.17 -21.79
CA SER A 3094 -0.54 14.27 -22.73
C SER A 3094 -0.83 15.63 -22.10
N SER A 3095 -1.96 15.72 -21.41
CA SER A 3095 -2.36 16.97 -20.76
C SER A 3095 -1.25 17.53 -19.88
N GLU A 3096 -0.48 16.64 -19.26
CA GLU A 3096 0.62 17.05 -18.38
C GLU A 3096 1.64 17.91 -19.11
N ASP A 3097 1.71 17.75 -20.43
CA ASP A 3097 2.65 18.52 -21.24
C ASP A 3097 2.07 19.85 -21.69
N LYS A 3098 0.99 19.80 -22.47
CA LYS A 3098 0.34 20.99 -22.98
C LYS A 3098 0.05 22.01 -21.89
N GLY A 3099 -0.06 21.54 -20.65
CA GLY A 3099 -0.35 22.41 -19.51
C GLY A 3099 0.81 23.35 -19.22
N LYS A 3100 2.00 23.00 -19.70
CA LYS A 3100 3.19 23.81 -19.49
C LYS A 3100 3.12 25.14 -20.24
N ALA A 3101 2.07 25.31 -21.04
CA ALA A 3101 1.90 26.54 -21.82
C ALA A 3101 0.94 27.51 -21.14
N LYS A 3102 0.01 28.06 -21.93
CA LYS A 3102 -0.98 29.02 -21.45
C LYS A 3102 -0.35 30.37 -21.15
N PRO A 3131 -11.02 55.16 -31.70
CA PRO A 3131 -12.26 54.39 -31.76
C PRO A 3131 -12.02 52.90 -31.57
N LEU A 3132 -10.91 52.42 -32.13
CA LEU A 3132 -10.56 51.00 -32.04
C LEU A 3132 -10.53 50.55 -30.58
N PHE A 3133 -10.39 51.51 -29.68
CA PHE A 3133 -10.34 51.22 -28.24
C PHE A 3133 -11.46 50.28 -27.81
N ARG A 3134 -12.64 50.46 -28.40
CA ARG A 3134 -13.79 49.63 -28.08
C ARG A 3134 -13.55 48.18 -28.49
N CYS A 3135 -13.10 47.99 -29.72
CA CYS A 3135 -12.83 46.65 -30.24
C CYS A 3135 -11.78 45.93 -29.41
N PHE A 3136 -10.59 46.51 -29.33
CA PHE A 3136 -9.49 45.94 -28.57
C PHE A 3136 -9.93 45.44 -27.20
N GLU A 3137 -10.58 46.30 -26.43
CA GLU A 3137 -11.06 45.95 -25.09
C GLU A 3137 -11.72 44.57 -25.09
N ARG A 3138 -12.56 44.32 -26.09
CA ARG A 3138 -13.27 43.05 -26.20
C ARG A 3138 -12.32 41.94 -26.62
N GLU A 3139 -11.37 42.28 -27.50
CA GLU A 3139 -10.39 41.31 -27.99
C GLU A 3139 -9.66 40.62 -26.85
N ILE A 3140 -9.34 41.38 -25.81
CA ILE A 3140 -8.63 40.84 -24.66
C ILE A 3140 -9.61 40.26 -23.63
N SER A 3141 -10.78 40.87 -23.55
CA SER A 3141 -11.81 40.42 -22.62
C SER A 3141 -12.31 39.02 -22.96
N THR A 3142 -13.00 38.91 -24.10
CA THR A 3142 -13.54 37.63 -24.55
C THR A 3142 -12.42 36.60 -24.70
N GLY A 3143 -11.30 37.01 -25.27
CA GLY A 3143 -10.18 36.12 -25.46
C GLY A 3143 -9.55 35.69 -24.15
N GLY A 3144 -9.25 36.67 -23.29
CA GLY A 3144 -8.64 36.38 -22.02
C GLY A 3144 -9.50 35.42 -21.20
N LYS A 3145 -10.81 35.53 -21.36
CA LYS A 3145 -11.74 34.66 -20.64
C LYS A 3145 -11.48 33.21 -21.00
N LEU A 3146 -11.08 32.98 -22.25
CA LEU A 3146 -10.79 31.63 -22.72
C LEU A 3146 -9.55 31.07 -22.04
N VAL A 3147 -8.61 31.95 -21.69
CA VAL A 3147 -7.39 31.55 -21.03
C VAL A 3147 -7.70 30.83 -19.72
N LYS A 3148 -8.52 31.47 -18.88
CA LYS A 3148 -8.91 30.89 -17.60
C LYS A 3148 -9.60 29.55 -17.81
N LYS A 3149 -10.46 29.49 -18.82
CA LYS A 3149 -11.19 28.27 -19.14
C LYS A 3149 -10.22 27.12 -19.40
N ILE A 3150 -9.33 27.31 -20.36
CA ILE A 3150 -8.34 26.29 -20.71
C ILE A 3150 -7.52 25.86 -19.50
N THR A 3151 -7.13 26.83 -18.68
CA THR A 3151 -6.34 26.57 -17.49
C THR A 3151 -7.11 25.79 -16.42
N ASN A 3152 -8.29 26.29 -16.06
CA ASN A 3152 -9.11 25.66 -15.05
C ASN A 3152 -9.77 24.36 -15.50
N ASP A 3153 -10.14 24.29 -16.78
CA ASP A 3153 -10.80 23.11 -17.31
C ASP A 3153 -9.83 21.94 -17.48
N LEU A 3154 -8.63 22.23 -17.98
CA LEU A 3154 -7.62 21.21 -18.19
C LEU A 3154 -6.98 20.76 -16.88
N ALA A 3155 -6.78 21.70 -15.96
CA ALA A 3155 -6.19 21.41 -14.67
C ALA A 3155 -6.84 20.20 -14.00
N ASN A 3156 -8.11 19.96 -14.33
CA ASN A 3156 -8.85 18.84 -13.76
C ASN A 3156 -8.32 17.51 -14.30
N LEU A 3157 -7.06 17.50 -14.73
CA LEU A 3157 -6.44 16.29 -15.25
C LEU A 3157 -6.27 15.26 -14.16
N LEU A 3158 -6.03 15.72 -12.94
CA LEU A 3158 -5.83 14.83 -11.80
C LEU A 3158 -6.52 15.39 -10.55
N THR A 3168 -18.18 14.46 -15.00
CA THR A 3168 -19.45 15.07 -15.36
C THR A 3168 -19.77 14.77 -16.83
N ASN A 3169 -20.75 15.50 -17.36
CA ASN A 3169 -21.16 15.32 -18.75
C ASN A 3169 -20.24 16.07 -19.70
N TYR A 3170 -19.78 17.24 -19.26
CA TYR A 3170 -18.89 18.06 -20.07
C TYR A 3170 -17.46 17.53 -20.02
N LEU A 3171 -16.90 17.51 -18.81
CA LEU A 3171 -15.53 17.04 -18.59
C LEU A 3171 -15.20 15.73 -19.30
N ARG A 3172 -16.22 14.91 -19.55
CA ARG A 3172 -16.02 13.63 -20.22
C ARG A 3172 -15.64 13.74 -21.70
N SER A 3173 -16.53 14.33 -22.50
CA SER A 3173 -16.29 14.48 -23.92
C SER A 3173 -15.10 15.38 -24.23
N LEU A 3174 -14.79 16.29 -23.31
CA LEU A 3174 -13.68 17.22 -23.49
C LEU A 3174 -12.36 16.47 -23.60
N THR A 3175 -12.34 15.24 -23.11
CA THR A 3175 -11.13 14.41 -23.14
C THR A 3175 -11.16 13.39 -24.27
N THR A 3176 -12.30 13.27 -24.93
CA THR A 3176 -12.44 12.33 -26.04
C THR A 3176 -11.60 12.75 -27.23
N SER A 3177 -11.83 13.97 -27.70
CA SER A 3177 -11.09 14.52 -28.83
C SER A 3177 -9.59 14.56 -28.61
N ILE A 3178 -9.17 14.85 -27.38
CA ILE A 3178 -7.74 14.92 -27.07
C ILE A 3178 -7.08 13.56 -27.31
N SER A 3179 -7.86 12.50 -27.19
CA SER A 3179 -7.35 11.15 -27.40
C SER A 3179 -7.76 10.59 -28.75
N LYS A 3180 -8.51 11.39 -29.51
CA LYS A 3180 -8.96 10.96 -30.84
C LYS A 3180 -8.26 11.77 -31.93
N GLY A 3181 -7.58 12.84 -31.54
CA GLY A 3181 -6.87 13.66 -32.50
C GLY A 3181 -7.64 14.87 -32.97
N ILE A 3182 -8.55 15.37 -32.15
CA ILE A 3182 -9.35 16.54 -32.49
C ILE A 3182 -9.37 17.55 -31.35
N VAL A 3183 -9.49 18.83 -31.69
CA VAL A 3183 -9.53 19.88 -30.68
C VAL A 3183 -10.87 19.84 -29.95
N PRO A 3184 -10.83 19.67 -28.62
CA PRO A 3184 -12.03 19.61 -27.80
C PRO A 3184 -13.04 20.71 -28.09
N LYS A 3185 -14.29 20.30 -28.24
CA LYS A 3185 -15.43 21.17 -28.53
C LYS A 3185 -15.36 22.61 -27.99
N GLU A 3186 -15.93 22.81 -26.81
CA GLU A 3186 -16.00 24.11 -26.15
C GLU A 3186 -14.77 25.03 -26.19
N TRP A 3187 -13.66 24.55 -26.73
CA TRP A 3187 -12.45 25.39 -26.79
C TRP A 3187 -12.40 26.32 -27.99
N LYS A 3188 -12.96 25.91 -29.12
CA LYS A 3188 -12.95 26.75 -30.31
C LYS A 3188 -13.77 28.02 -30.17
N TRP A 3189 -13.15 29.07 -29.64
CA TRP A 3189 -13.81 30.35 -29.44
C TRP A 3189 -13.50 31.29 -30.60
N TYR A 3190 -12.60 30.86 -31.48
CA TYR A 3190 -12.20 31.67 -32.62
C TYR A 3190 -12.20 30.87 -33.93
N SER A 3191 -12.35 31.59 -35.04
CA SER A 3191 -12.38 30.97 -36.36
C SER A 3191 -11.06 30.26 -36.67
N VAL A 3192 -11.14 28.94 -36.82
CA VAL A 3192 -9.96 28.13 -37.12
C VAL A 3192 -10.35 26.97 -38.05
N PRO A 3193 -9.52 26.71 -39.07
CA PRO A 3193 -9.79 25.63 -40.02
C PRO A 3193 -10.23 24.35 -39.33
N GLU A 3194 -11.29 23.74 -39.86
CA GLU A 3194 -11.84 22.51 -39.30
C GLU A 3194 -10.76 21.48 -38.99
N THR A 3195 -10.08 21.01 -40.04
CA THR A 3195 -9.02 20.02 -39.87
C THR A 3195 -7.70 20.65 -39.45
N ILE A 3196 -7.50 20.77 -38.14
CA ILE A 3196 -6.27 21.35 -37.61
C ILE A 3196 -5.79 20.53 -36.41
N SER A 3197 -4.71 19.76 -36.64
CA SER A 3197 -4.14 18.91 -35.61
C SER A 3197 -4.04 19.58 -34.24
N LEU A 3198 -4.34 18.81 -33.20
CA LEU A 3198 -4.30 19.29 -31.82
C LEU A 3198 -3.05 20.10 -31.51
N SER A 3199 -1.89 19.50 -31.76
CA SER A 3199 -0.61 20.14 -31.50
C SER A 3199 -0.53 21.56 -32.05
N VAL A 3200 -1.16 21.80 -33.19
CA VAL A 3200 -1.13 23.12 -33.82
C VAL A 3200 -2.09 24.11 -33.14
N TRP A 3201 -3.35 23.72 -33.04
CA TRP A 3201 -4.37 24.57 -32.42
C TRP A 3201 -3.81 25.26 -31.18
N ILE A 3202 -3.33 24.46 -30.23
CA ILE A 3202 -2.76 24.97 -28.99
C ILE A 3202 -1.63 25.95 -29.24
N SER A 3203 -0.70 25.56 -30.12
CA SER A 3203 0.44 26.40 -30.44
C SER A 3203 -0.01 27.78 -30.89
N ASP A 3204 -0.91 27.82 -31.88
CA ASP A 3204 -1.43 29.08 -32.39
C ASP A 3204 -1.98 29.92 -31.25
N PHE A 3205 -2.93 29.34 -30.51
CA PHE A 3205 -3.55 30.02 -29.39
C PHE A 3205 -2.51 30.72 -28.51
N SER A 3206 -1.38 30.04 -28.30
CA SER A 3206 -0.30 30.61 -27.49
C SER A 3206 0.22 31.90 -28.12
N LYS A 3207 0.66 31.79 -29.37
CA LYS A 3207 1.18 32.95 -30.09
C LYS A 3207 0.07 33.97 -30.30
N ARG A 3208 -1.14 33.46 -30.55
CA ARG A 3208 -2.30 34.31 -30.76
C ARG A 3208 -2.58 35.14 -29.51
N MET A 3209 -2.14 34.65 -28.36
CA MET A 3209 -2.35 35.35 -27.10
C MET A 3209 -1.35 36.47 -26.89
N GLN A 3210 -0.07 36.20 -27.15
CA GLN A 3210 0.95 37.23 -26.99
C GLN A 3210 0.59 38.42 -27.87
N GLN A 3211 -0.31 38.19 -28.80
CA GLN A 3211 -0.79 39.23 -29.72
C GLN A 3211 -1.55 40.28 -28.92
N LEU A 3212 -2.53 39.84 -28.16
CA LEU A 3212 -3.35 40.72 -27.34
C LEU A 3212 -2.48 41.47 -26.34
N SER A 3213 -1.50 40.76 -25.78
CA SER A 3213 -0.59 41.34 -24.80
C SER A 3213 0.14 42.58 -25.31
N GLU A 3214 0.92 42.41 -26.37
CA GLU A 3214 1.69 43.49 -26.97
C GLU A 3214 0.87 44.76 -27.17
N ILE A 3215 -0.45 44.61 -27.22
CA ILE A 3215 -1.35 45.75 -27.42
C ILE A 3215 -1.60 46.49 -26.10
N SER A 3216 -1.72 45.73 -25.02
CA SER A 3216 -1.97 46.29 -23.69
C SER A 3216 -1.09 47.50 -23.39
N GLU A 3217 0.18 47.25 -23.13
CA GLU A 3217 1.14 48.31 -22.83
C GLU A 3217 1.16 49.39 -23.92
N SER A 3218 1.08 48.95 -25.17
CA SER A 3218 1.10 49.87 -26.30
C SER A 3218 0.03 50.95 -26.16
N VAL A 3226 -0.03 44.81 -36.60
CA VAL A 3226 -1.13 43.96 -36.19
C VAL A 3226 -1.06 42.61 -36.91
N TRP A 3227 -1.80 41.63 -36.39
CA TRP A 3227 -1.83 40.30 -36.98
C TRP A 3227 -3.30 39.89 -37.12
N LEU A 3228 -3.98 40.54 -38.07
CA LEU A 3228 -5.40 40.32 -38.36
C LEU A 3228 -5.85 38.87 -38.17
N GLY A 3229 -5.38 37.99 -39.06
CA GLY A 3229 -5.76 36.59 -38.99
C GLY A 3229 -5.58 35.95 -37.62
N GLY A 3230 -4.61 36.45 -36.86
CA GLY A 3230 -4.35 35.89 -35.55
C GLY A 3230 -5.36 36.27 -34.49
N LEU A 3231 -6.00 37.42 -34.67
CA LEU A 3231 -7.00 37.90 -33.72
C LEU A 3231 -8.12 36.87 -33.55
N LEU A 3232 -9.13 37.24 -32.77
CA LEU A 3232 -10.26 36.35 -32.52
C LEU A 3232 -11.49 36.79 -33.31
N ASN A 3233 -11.40 37.95 -33.94
CA ASN A 3233 -12.51 38.49 -34.72
C ASN A 3233 -12.03 39.55 -35.71
N PRO A 3234 -11.41 39.13 -36.82
CA PRO A 3234 -10.93 40.06 -37.84
C PRO A 3234 -12.06 40.95 -38.37
N GLU A 3235 -13.20 40.32 -38.63
CA GLU A 3235 -14.38 41.01 -39.15
C GLU A 3235 -14.66 42.28 -38.35
N ALA A 3236 -14.52 42.19 -37.03
CA ALA A 3236 -14.77 43.31 -36.14
C ALA A 3236 -13.68 44.39 -36.21
N TYR A 3237 -12.43 43.97 -36.06
CA TYR A 3237 -11.31 44.91 -36.10
C TYR A 3237 -11.36 45.82 -37.31
N ILE A 3238 -11.39 45.21 -38.50
CA ILE A 3238 -11.42 45.97 -39.75
C ILE A 3238 -12.62 46.90 -39.86
N THR A 3239 -13.81 46.40 -39.54
CA THR A 3239 -15.01 47.21 -39.63
C THR A 3239 -14.98 48.35 -38.60
N ALA A 3240 -14.00 48.30 -37.70
CA ALA A 3240 -13.85 49.32 -36.67
C ALA A 3240 -12.82 50.36 -37.13
N THR A 3241 -11.78 49.89 -37.80
CA THR A 3241 -10.74 50.78 -38.30
C THR A 3241 -11.30 51.69 -39.39
N ARG A 3242 -12.56 51.43 -39.76
CA ARG A 3242 -13.25 52.21 -40.78
C ARG A 3242 -13.73 53.53 -40.20
N GLN A 3243 -14.52 53.44 -39.14
CA GLN A 3243 -15.06 54.64 -38.49
C GLN A 3243 -13.97 55.44 -37.78
N SER A 3244 -12.92 54.75 -37.32
CA SER A 3244 -11.82 55.43 -36.66
C SER A 3244 -11.13 56.26 -37.72
N ALA A 3245 -11.15 55.77 -38.96
CA ALA A 3245 -10.55 56.45 -40.09
C ALA A 3245 -11.54 57.45 -40.66
N SER A 3246 -12.80 57.33 -40.24
CA SER A 3246 -13.85 58.24 -40.70
C SER A 3246 -13.89 59.44 -39.77
N GLN A 3247 -13.58 59.19 -38.50
CA GLN A 3247 -13.55 60.25 -37.49
C GLN A 3247 -12.50 61.27 -37.89
N LEU A 3248 -11.57 60.83 -38.73
CA LEU A 3248 -10.48 61.69 -39.19
C LEU A 3248 -10.79 62.31 -40.55
N ASN A 3249 -10.16 61.76 -41.59
CA ASN A 3249 -10.35 62.26 -42.95
C ASN A 3249 -11.71 61.86 -43.52
N GLY A 3250 -12.78 62.22 -42.80
CA GLY A 3250 -14.11 61.88 -43.27
C GLY A 3250 -15.19 62.23 -42.26
N ARG A 3257 -14.77 53.23 -48.92
CA ARG A 3257 -14.22 52.02 -49.53
C ARG A 3257 -12.74 51.86 -49.20
N LEU A 3258 -12.30 50.62 -49.10
CA LEU A 3258 -10.91 50.32 -48.76
C LEU A 3258 -9.97 50.39 -49.96
N HIS A 3259 -8.69 50.60 -49.68
CA HIS A 3259 -7.66 50.71 -50.71
C HIS A 3259 -6.40 50.00 -50.22
N ALA A 3260 -5.50 49.67 -51.15
CA ALA A 3260 -4.25 48.99 -50.80
C ALA A 3260 -3.05 49.91 -50.99
N SER A 3261 -1.91 49.52 -50.43
CA SER A 3261 -0.69 50.31 -50.55
C SER A 3261 0.53 49.40 -50.68
N ALA A 3272 -4.91 57.95 -40.56
CA ALA A 3272 -5.46 58.00 -41.92
C ALA A 3272 -5.67 56.59 -42.45
N SER A 3273 -4.97 55.62 -41.88
CA SER A 3273 -5.08 54.23 -42.30
C SER A 3273 -4.34 53.30 -41.35
N PHE A 3274 -4.73 52.02 -41.36
CA PHE A 3274 -4.12 51.02 -40.49
C PHE A 3274 -3.13 50.16 -41.25
N ASN A 3275 -2.36 49.35 -40.52
CA ASN A 3275 -1.37 48.47 -41.13
C ASN A 3275 -1.51 47.04 -40.60
N VAL A 3276 -1.56 46.09 -41.52
CA VAL A 3276 -1.69 44.68 -41.17
C VAL A 3276 -0.43 43.91 -41.58
N LYS A 3277 -0.01 42.98 -40.72
CA LYS A 3277 1.18 42.18 -41.00
C LYS A 3277 0.93 40.70 -40.72
N GLY A 3278 1.50 39.84 -41.55
CA GLY A 3278 1.34 38.41 -41.37
C GLY A 3278 0.40 37.77 -42.37
N MET A 3279 -0.02 38.52 -43.38
CA MET A 3279 -0.92 38.00 -44.40
C MET A 3279 -0.20 37.02 -45.32
N ALA A 3280 -0.91 36.55 -46.35
CA ALA A 3280 -0.33 35.60 -47.29
C ALA A 3280 -1.05 35.65 -48.64
N LEU A 3281 -0.31 36.02 -49.68
CA LEU A 3281 -0.86 36.10 -51.03
C LEU A 3281 -0.76 34.73 -51.67
N GLU A 3282 -1.91 34.17 -52.03
CA GLU A 3282 -1.94 32.84 -52.65
C GLU A 3282 -2.25 32.91 -54.14
N GLY A 3283 -1.36 32.35 -54.96
CA GLY A 3283 -1.57 32.36 -56.39
C GLY A 3283 -0.54 33.20 -57.14
N ALA A 3284 -0.14 34.31 -56.54
CA ALA A 3284 0.84 35.21 -57.16
C ALA A 3284 1.93 35.61 -56.18
N VAL A 3285 2.64 36.69 -56.51
CA VAL A 3285 3.72 37.20 -55.67
C VAL A 3285 3.87 38.70 -55.82
N TRP A 3286 4.51 39.33 -54.86
CA TRP A 3286 4.72 40.78 -54.90
C TRP A 3286 5.96 41.12 -55.72
N ASN A 3287 5.80 42.04 -56.66
CA ASN A 3287 6.91 42.45 -57.53
C ASN A 3287 6.64 43.79 -58.20
N ASN A 3288 7.59 44.71 -58.05
CA ASN A 3288 7.48 46.04 -58.65
C ASN A 3288 6.14 46.69 -58.30
N ASP A 3289 5.59 46.29 -57.15
CA ASP A 3289 4.33 46.82 -56.68
C ASP A 3289 3.17 46.41 -57.58
N GLN A 3290 3.09 45.12 -57.88
CA GLN A 3290 2.02 44.59 -58.73
C GLN A 3290 2.00 43.06 -58.70
N LEU A 3291 0.79 42.50 -58.63
CA LEU A 3291 0.60 41.06 -58.60
C LEU A 3291 1.31 40.42 -59.79
N THR A 3292 2.24 39.52 -59.52
CA THR A 3292 2.98 38.85 -60.58
C THR A 3292 2.92 37.33 -60.43
N PRO A 3293 2.89 36.61 -61.57
CA PRO A 3293 2.83 35.14 -61.59
C PRO A 3293 3.96 34.48 -60.81
N THR A 3294 3.75 33.23 -60.43
CA THR A 3294 4.74 32.48 -59.66
C THR A 3294 4.40 30.99 -59.63
N ASP A 3295 5.42 30.14 -59.59
CA ASP A 3295 5.22 28.70 -59.55
C ASP A 3295 4.94 28.21 -58.13
N ILE A 3296 5.28 29.03 -57.15
CA ILE A 3296 5.07 28.70 -55.74
C ILE A 3296 3.64 29.03 -55.33
N LEU A 3297 3.02 28.17 -54.52
CA LEU A 3297 1.66 28.40 -54.06
C LEU A 3297 1.49 29.77 -53.41
N SER A 3298 1.46 29.77 -52.08
CA SER A 3298 1.28 31.01 -51.32
C SER A 3298 2.59 31.52 -50.74
N THR A 3299 2.77 32.84 -50.80
CA THR A 3299 3.95 33.48 -50.28
C THR A 3299 3.53 34.46 -49.18
N PRO A 3300 4.41 34.70 -48.20
CA PRO A 3300 4.08 35.62 -47.10
C PRO A 3300 4.06 37.08 -47.53
N ILE A 3301 3.59 37.94 -46.64
CA ILE A 3301 3.52 39.37 -46.91
C ILE A 3301 4.01 40.14 -45.68
N SER A 3302 5.26 40.56 -45.72
CA SER A 3302 5.87 41.30 -44.62
C SER A 3302 4.88 42.25 -43.97
N ILE A 3303 4.15 42.99 -44.80
CA ILE A 3303 3.15 43.95 -44.32
C ILE A 3303 2.60 44.78 -45.47
N ALA A 3304 1.51 45.49 -45.20
CA ALA A 3304 0.88 46.34 -46.21
C ALA A 3304 -0.09 47.31 -45.56
N THR A 3305 -0.30 48.45 -46.20
CA THR A 3305 -1.20 49.47 -45.67
C THR A 3305 -2.55 49.45 -46.38
N LEU A 3306 -3.61 49.68 -45.62
CA LEU A 3306 -4.97 49.70 -46.16
C LEU A 3306 -5.68 50.99 -45.77
N THR A 3307 -5.77 51.92 -46.72
CA THR A 3307 -6.40 53.20 -46.48
C THR A 3307 -7.86 53.18 -46.92
N TRP A 3308 -8.67 54.08 -46.37
CA TRP A 3308 -10.08 54.16 -46.72
C TRP A 3308 -10.41 55.44 -47.47
N LYS A 3309 -9.75 55.63 -48.61
CA LYS A 3309 -9.97 56.81 -49.44
C LYS A 3309 -11.35 56.75 -50.08
N ASP A 3310 -11.46 57.26 -51.30
CA ASP A 3310 -12.72 57.27 -52.02
C ASP A 3310 -12.49 57.15 -53.52
N PRO A 3314 -11.54 58.96 -57.29
CA PRO A 3314 -10.14 59.06 -56.86
C PRO A 3314 -9.24 58.01 -57.50
N ILE A 3315 -8.56 57.21 -56.67
CA ILE A 3315 -7.67 56.18 -57.18
C ILE A 3315 -8.47 54.99 -57.71
N PHE A 3316 -9.77 55.00 -57.46
CA PHE A 3316 -10.66 53.92 -57.91
C PHE A 3316 -11.19 54.18 -59.31
N ASN A 3317 -10.31 54.13 -60.30
CA ASN A 3317 -10.69 54.36 -61.68
C ASN A 3317 -10.06 53.33 -62.60
N ASN A 3318 -8.74 53.19 -62.52
CA ASN A 3318 -8.01 52.24 -63.34
C ASN A 3318 -8.18 50.82 -62.82
N SER A 3319 -9.29 50.57 -62.15
CA SER A 3319 -9.59 49.25 -61.60
C SER A 3319 -10.07 48.34 -62.73
N SER A 3320 -10.75 48.94 -63.71
CA SER A 3320 -11.26 48.19 -64.85
C SER A 3320 -10.12 47.43 -65.52
N SER A 3321 -8.89 47.85 -65.23
CA SER A 3321 -7.71 47.21 -65.79
C SER A 3321 -7.06 46.33 -64.72
N LYS A 3322 -7.16 46.76 -63.47
CA LYS A 3322 -6.57 46.03 -62.36
C LYS A 3322 -7.31 44.74 -62.04
N LEU A 3323 -6.75 43.97 -61.12
CA LEU A 3323 -7.34 42.70 -60.69
C LEU A 3323 -7.97 42.80 -59.31
N SER A 3324 -9.07 42.10 -59.12
CA SER A 3324 -9.78 42.10 -57.83
C SER A 3324 -9.33 40.87 -57.05
N VAL A 3325 -8.93 41.08 -55.80
CA VAL A 3325 -8.47 39.99 -54.96
C VAL A 3325 -9.21 39.92 -53.63
N PRO A 3326 -9.79 38.76 -53.30
CA PRO A 3326 -10.53 38.57 -52.05
C PRO A 3326 -9.60 38.30 -50.88
N VAL A 3327 -9.97 38.80 -49.70
CA VAL A 3327 -9.16 38.59 -48.51
C VAL A 3327 -9.92 37.73 -47.51
N TYR A 3328 -9.85 36.42 -47.69
CA TYR A 3328 -10.52 35.49 -46.80
C TYR A 3328 -9.90 35.53 -45.41
N LEU A 3329 -10.25 34.54 -44.58
CA LEU A 3329 -9.72 34.49 -43.23
C LEU A 3329 -8.66 33.41 -43.08
N ASN A 3330 -8.51 32.59 -44.11
CA ASN A 3330 -7.53 31.50 -44.13
C ASN A 3330 -7.61 30.68 -45.41
N GLU A 3331 -6.74 29.68 -45.52
CA GLU A 3331 -6.69 28.81 -46.69
C GLU A 3331 -8.05 28.26 -47.07
N THR A 3332 -8.83 27.90 -46.05
CA THR A 3332 -10.16 27.33 -46.26
C THR A 3332 -11.01 28.12 -47.25
N ARG A 3333 -10.76 29.43 -47.35
CA ARG A 3333 -11.52 30.29 -48.25
C ARG A 3333 -13.00 30.23 -47.91
N SER A 3334 -13.33 29.81 -46.69
CA SER A 3334 -14.72 29.71 -46.26
C SER A 3334 -15.18 30.91 -45.46
N GLU A 3335 -14.49 32.03 -45.61
CA GLU A 3335 -14.85 33.25 -44.89
C GLU A 3335 -14.11 34.46 -45.46
N LEU A 3336 -14.84 35.29 -46.20
CA LEU A 3336 -14.27 36.49 -46.82
C LEU A 3336 -14.27 37.67 -45.86
N LEU A 3337 -13.11 38.31 -45.72
CA LEU A 3337 -12.98 39.47 -44.85
C LEU A 3337 -13.23 40.78 -45.58
N PHE A 3338 -12.64 40.92 -46.76
CA PHE A 3338 -12.81 42.14 -47.55
C PHE A 3338 -12.13 42.05 -48.91
N SER A 3339 -12.77 42.61 -49.93
CA SER A 3339 -12.22 42.61 -51.27
C SER A 3339 -11.17 43.70 -51.38
N ILE A 3340 -10.23 43.55 -52.31
CA ILE A 3340 -9.18 44.54 -52.48
C ILE A 3340 -8.67 44.57 -53.93
N ASP A 3341 -8.38 45.77 -54.42
CA ASP A 3341 -7.88 45.94 -55.78
C ASP A 3341 -6.37 46.08 -55.80
N LEU A 3342 -5.72 45.31 -56.67
CA LEU A 3342 -4.27 45.32 -56.79
C LEU A 3342 -3.86 45.21 -58.26
N PRO A 3343 -2.89 46.03 -58.70
CA PRO A 3343 -2.44 45.98 -60.09
C PRO A 3343 -1.74 44.64 -60.35
N TYR A 3344 -1.84 44.14 -61.57
CA TYR A 3344 -1.22 42.87 -61.91
C TYR A 3344 -0.24 42.99 -63.08
N ASP A 3345 0.52 41.93 -63.30
CA ASP A 3345 1.49 41.89 -64.39
C ASP A 3345 0.72 41.67 -65.68
N GLN A 3346 0.42 42.77 -66.36
CA GLN A 3346 -0.33 42.75 -67.62
C GLN A 3346 0.27 41.89 -68.72
N SER A 3347 1.29 41.11 -68.40
CA SER A 3347 1.90 40.23 -69.39
C SER A 3347 0.93 39.10 -69.69
N THR A 3348 0.40 38.49 -68.63
CA THR A 3348 -0.57 37.41 -68.77
C THR A 3348 -1.98 37.99 -68.82
N SER A 3349 -2.71 37.65 -69.88
CA SER A 3349 -4.07 38.12 -70.07
C SER A 3349 -4.86 38.17 -68.76
N LYS A 3350 -5.79 39.12 -68.68
CA LYS A 3350 -6.61 39.28 -67.48
C LYS A 3350 -7.46 38.04 -67.21
N GLN A 3351 -7.94 37.42 -68.27
CA GLN A 3351 -8.77 36.24 -68.13
C GLN A 3351 -7.98 35.13 -67.45
N ASN A 3352 -6.67 35.11 -67.70
CA ASN A 3352 -5.81 34.10 -67.10
C ASN A 3352 -5.73 34.32 -65.60
N TRP A 3353 -5.70 35.58 -65.19
CA TRP A 3353 -5.63 35.92 -63.77
C TRP A 3353 -6.90 35.49 -63.06
N TYR A 3354 -8.03 35.57 -63.77
CA TYR A 3354 -9.31 35.17 -63.20
C TYR A 3354 -9.33 33.67 -62.96
N GLN A 3355 -9.01 32.90 -64.01
CA GLN A 3355 -8.98 31.45 -63.92
C GLN A 3355 -7.79 31.05 -63.05
N ARG A 3356 -6.97 32.03 -62.71
CA ARG A 3356 -5.78 31.82 -61.90
C ARG A 3356 -6.19 31.67 -60.44
N SER A 3357 -7.38 32.16 -60.12
CA SER A 3357 -7.91 32.11 -58.75
C SER A 3357 -6.90 32.62 -57.73
N VAL A 3358 -6.82 33.93 -57.60
CA VAL A 3358 -5.90 34.56 -56.65
C VAL A 3358 -6.64 35.14 -55.47
N SER A 3359 -6.22 34.75 -54.26
CA SER A 3359 -6.85 35.25 -53.04
C SER A 3359 -5.79 35.45 -51.97
N ILE A 3360 -6.15 36.17 -50.91
CA ILE A 3360 -5.22 36.44 -49.81
C ILE A 3360 -5.74 35.84 -48.51
N SER A 3361 -4.85 35.15 -47.80
CA SER A 3361 -5.20 34.53 -46.53
C SER A 3361 -4.61 35.34 -45.38
N SER A 3362 -5.36 35.43 -44.28
CA SER A 3362 -4.90 36.17 -43.11
C SER A 3362 -4.13 35.26 -42.16
N TRP A 3363 -4.76 34.17 -41.74
CA TRP A 3363 -4.13 33.21 -40.84
C TRP A 3363 -3.53 32.07 -41.65
N LYS A 3364 -2.34 31.64 -41.26
CA LYS A 3364 -1.65 30.55 -41.95
C LYS A 3364 -0.87 29.68 -40.96
N SER A 3365 -1.24 28.40 -40.89
CA SER A 3365 -0.57 27.47 -40.00
C SER A 3365 0.88 27.33 -40.45
N ASP A 3366 1.63 26.47 -39.77
CA ASP A 3366 3.04 26.27 -40.13
C ASP A 3366 3.62 25.07 -39.39
N ALA B 112 63.32 -8.14 -5.67
CA ALA B 112 63.30 -9.15 -4.59
C ALA B 112 64.37 -10.22 -4.83
N ILE B 113 64.61 -10.53 -6.09
CA ILE B 113 65.60 -11.53 -6.47
C ILE B 113 66.99 -10.91 -6.58
N LYS B 114 67.92 -11.38 -5.76
CA LYS B 114 69.28 -10.89 -5.76
C LYS B 114 70.16 -11.77 -6.66
N ASP B 115 71.33 -12.15 -6.17
CA ASP B 115 72.24 -12.98 -6.95
C ASP B 115 72.15 -14.45 -6.58
N ARG B 116 71.93 -14.74 -5.30
CA ARG B 116 71.84 -16.12 -4.83
C ARG B 116 70.63 -16.80 -5.47
N HIS B 117 69.72 -15.99 -6.00
CA HIS B 117 68.52 -16.52 -6.63
C HIS B 117 68.79 -16.87 -8.09
N TRP B 118 69.73 -16.17 -8.70
CA TRP B 118 70.10 -16.44 -10.09
C TRP B 118 70.78 -17.80 -10.13
N LYS B 119 71.13 -18.30 -8.95
CA LYS B 119 71.77 -19.59 -8.80
C LYS B 119 70.71 -20.67 -8.62
N ILE B 120 69.67 -20.32 -7.87
CA ILE B 120 68.57 -21.23 -7.59
C ILE B 120 67.83 -21.56 -8.89
N LEU B 121 68.04 -20.72 -9.90
CA LEU B 121 67.42 -20.92 -11.21
C LEU B 121 68.38 -21.64 -12.15
N LYS B 122 69.53 -22.03 -11.61
CA LYS B 122 70.55 -22.72 -12.39
C LYS B 122 70.78 -24.14 -11.91
N LYS B 123 70.27 -24.46 -10.71
CA LYS B 123 70.43 -25.81 -10.16
C LYS B 123 69.09 -26.53 -10.07
N ARG B 124 68.05 -25.79 -9.72
CA ARG B 124 66.71 -26.36 -9.59
C ARG B 124 66.10 -26.58 -10.97
N LEU B 125 66.72 -25.98 -11.99
CA LEU B 125 66.24 -26.11 -13.36
C LEU B 125 67.17 -26.97 -14.19
N ASN B 126 68.29 -27.38 -13.60
CA ASN B 126 69.27 -28.21 -14.27
C ASN B 126 69.84 -27.51 -15.50
N THR B 127 69.94 -26.19 -15.43
CA THR B 127 70.48 -25.40 -16.54
C THR B 127 71.94 -25.08 -16.26
N ASN B 128 72.74 -24.95 -17.31
CA ASN B 128 74.16 -24.67 -17.14
C ASN B 128 74.65 -23.40 -17.84
N TRP B 129 74.23 -22.24 -17.34
CA TRP B 129 74.65 -20.97 -17.89
C TRP B 129 75.26 -20.06 -16.83
N ILE B 130 75.94 -19.01 -17.28
CA ILE B 130 76.58 -18.06 -16.37
C ILE B 130 75.72 -16.81 -16.16
N ILE B 131 75.28 -16.61 -14.93
CA ILE B 131 74.46 -15.46 -14.56
C ILE B 131 75.08 -14.15 -15.03
N THR B 132 76.39 -14.14 -15.20
CA THR B 132 77.10 -12.94 -15.62
C THR B 132 76.80 -12.52 -17.06
N GLU B 133 76.58 -13.50 -17.94
CA GLU B 133 76.30 -13.21 -19.35
C GLU B 133 74.95 -13.76 -19.80
N LEU B 134 73.88 -13.06 -19.44
CA LEU B 134 72.53 -13.48 -19.82
C LEU B 134 71.58 -12.27 -19.87
N THR B 135 70.49 -12.42 -20.62
CA THR B 135 69.50 -11.36 -20.76
C THR B 135 68.12 -11.98 -21.01
N LEU B 136 67.46 -11.55 -22.08
CA LEU B 136 66.14 -12.07 -22.44
C LEU B 136 66.24 -13.51 -22.91
N GLY B 137 67.19 -13.76 -23.80
CA GLY B 137 67.38 -15.10 -24.34
C GLY B 137 67.48 -16.17 -23.27
N SER B 138 68.28 -15.92 -22.24
CA SER B 138 68.45 -16.87 -21.15
C SER B 138 67.11 -17.25 -20.51
N ILE B 139 66.34 -16.23 -20.16
CA ILE B 139 65.04 -16.43 -19.53
C ILE B 139 64.11 -17.22 -20.43
N TRP B 140 64.17 -16.97 -21.74
CA TRP B 140 63.33 -17.67 -22.69
C TRP B 140 63.95 -19.01 -23.10
N ASP B 141 65.26 -19.11 -22.96
CA ASP B 141 65.98 -20.34 -23.31
C ASP B 141 65.23 -21.53 -22.76
N SER B 142 64.96 -21.51 -21.45
CA SER B 142 64.23 -22.57 -20.80
C SER B 142 62.74 -22.28 -20.96
N ASP B 143 62.02 -23.22 -21.56
CA ASP B 143 60.59 -23.05 -21.79
C ASP B 143 59.94 -22.29 -20.65
N LEU B 144 59.64 -21.01 -20.89
CA LEU B 144 59.02 -20.15 -19.89
C LEU B 144 57.67 -20.68 -19.45
N ALA B 145 57.23 -21.79 -20.08
CA ALA B 145 55.95 -22.40 -19.75
C ALA B 145 56.16 -23.76 -19.12
N ARG B 146 56.98 -24.60 -19.76
CA ARG B 146 57.25 -25.94 -19.26
C ARG B 146 57.97 -25.88 -17.91
N ASN B 147 58.91 -24.95 -17.79
CA ASN B 147 59.67 -24.79 -16.55
C ASN B 147 59.12 -23.66 -15.70
N GLU B 148 57.83 -23.38 -15.85
CA GLU B 148 57.18 -22.32 -15.09
C GLU B 148 57.07 -22.71 -13.62
N ASN B 149 57.11 -24.01 -13.34
CA ASN B 149 57.00 -24.50 -11.98
C ASN B 149 58.28 -24.23 -11.19
N ILE B 150 59.42 -24.53 -11.80
CA ILE B 150 60.71 -24.31 -11.14
C ILE B 150 61.02 -22.81 -11.07
N TYR B 151 60.46 -22.06 -12.00
CA TYR B 151 60.67 -20.61 -12.02
C TYR B 151 59.88 -19.93 -10.91
N ARG B 152 58.70 -20.44 -10.62
CA ARG B 152 57.86 -19.88 -9.57
C ARG B 152 58.38 -20.21 -8.18
N GLU B 153 58.63 -21.49 -7.93
CA GLU B 153 59.13 -21.94 -6.64
C GLU B 153 60.34 -21.11 -6.19
N VAL B 154 61.08 -20.56 -7.15
CA VAL B 154 62.24 -19.75 -6.83
C VAL B 154 61.82 -18.32 -6.54
N ILE B 155 60.97 -17.77 -7.41
CA ILE B 155 60.46 -16.41 -7.23
C ILE B 155 59.77 -16.30 -5.89
N THR B 156 58.98 -17.31 -5.56
CA THR B 156 58.24 -17.35 -4.30
C THR B 156 59.22 -17.28 -3.13
N ALA B 157 60.33 -17.98 -3.25
CA ALA B 157 61.35 -18.01 -2.21
C ALA B 157 61.90 -16.62 -1.95
N ALA B 158 62.27 -15.92 -3.01
CA ALA B 158 62.82 -14.58 -2.91
C ALA B 158 61.86 -13.61 -2.24
N GLN B 159 60.56 -13.87 -2.39
CA GLN B 159 59.54 -13.00 -1.80
C GLN B 159 59.38 -13.22 -0.30
N GLY B 160 59.37 -14.49 0.11
CA GLY B 160 59.21 -14.80 1.53
C GLY B 160 60.45 -14.46 2.34
N GLU B 161 61.61 -14.64 1.74
CA GLU B 161 62.88 -14.35 2.43
C GLU B 161 63.02 -12.86 2.73
N ILE B 162 62.69 -12.03 1.76
CA ILE B 162 62.80 -10.58 1.93
C ILE B 162 61.84 -10.08 3.01
N ALA B 163 60.77 -10.83 3.23
CA ALA B 163 59.79 -10.46 4.25
C ALA B 163 60.49 -10.39 5.60
N LEU B 164 61.64 -11.05 5.68
CA LEU B 164 62.44 -11.07 6.90
C LEU B 164 63.63 -10.13 6.70
N GLU B 165 64.20 -10.17 5.50
CA GLU B 165 65.35 -9.33 5.16
C GLU B 165 65.04 -7.87 5.43
N GLU B 166 63.89 -7.41 4.94
CA GLU B 166 63.47 -6.03 5.15
C GLU B 166 63.17 -5.80 6.62
N PHE B 167 62.66 -6.83 7.29
CA PHE B 167 62.34 -6.74 8.71
C PHE B 167 63.61 -6.43 9.51
N LEU B 168 64.68 -7.16 9.20
CA LEU B 168 65.94 -6.98 9.89
C LEU B 168 66.53 -5.60 9.60
N LYS B 169 66.23 -5.05 8.44
CA LYS B 169 66.75 -3.73 8.08
C LYS B 169 66.28 -2.67 9.07
N GLY B 170 65.03 -2.81 9.53
CA GLY B 170 64.49 -1.86 10.48
C GLY B 170 65.12 -2.03 11.85
N VAL B 171 65.11 -3.27 12.34
CA VAL B 171 65.69 -3.58 13.65
C VAL B 171 67.16 -3.17 13.65
N ARG B 172 67.82 -3.43 12.54
CA ARG B 172 69.23 -3.13 12.35
C ARG B 172 69.49 -1.62 12.41
N GLU B 173 68.61 -0.85 11.77
CA GLU B 173 68.74 0.59 11.73
C GLU B 173 68.24 1.32 12.97
N PHE B 174 67.18 0.80 13.58
CA PHE B 174 66.61 1.44 14.77
C PHE B 174 67.45 1.26 16.03
N TRP B 175 68.23 0.19 16.11
CA TRP B 175 69.02 -0.07 17.30
C TRP B 175 70.52 0.25 17.23
N THR B 176 71.12 0.13 16.06
CA THR B 176 72.55 0.42 15.93
C THR B 176 72.84 1.92 15.90
N THR B 177 71.78 2.73 15.84
CA THR B 177 71.94 4.18 15.80
C THR B 177 71.21 4.86 16.96
N LEU B 178 70.20 4.18 17.49
CA LEU B 178 69.41 4.71 18.61
C LEU B 178 70.28 5.27 19.72
N GLU B 179 69.71 6.16 20.51
CA GLU B 179 70.43 6.78 21.62
C GLU B 179 69.49 7.01 22.80
N LEU B 180 69.95 6.68 24.00
CA LEU B 180 69.15 6.86 25.20
C LEU B 180 68.77 8.33 25.32
N ASP B 181 67.54 8.60 25.75
CA ASP B 181 67.07 9.97 25.91
C ASP B 181 67.40 10.44 27.33
N LEU B 182 68.54 11.11 27.47
CA LEU B 182 68.99 11.59 28.77
C LEU B 182 68.33 12.90 29.19
N VAL B 183 68.19 13.09 30.50
CA VAL B 183 67.58 14.30 31.04
C VAL B 183 68.53 14.96 32.03
N ASN B 184 68.33 16.26 32.26
CA ASN B 184 69.17 17.03 33.17
C ASN B 184 68.71 16.89 34.62
N TYR B 185 69.64 16.56 35.50
CA TYR B 185 69.34 16.40 36.92
C TYR B 185 70.01 17.52 37.73
N GLN B 186 69.29 18.61 37.93
CA GLN B 186 69.77 19.77 38.67
C GLN B 186 71.29 20.01 38.58
N ARG B 187 71.78 20.13 37.35
CA ARG B 187 73.18 20.38 37.08
C ARG B 187 74.16 19.43 37.78
N LYS B 188 73.67 18.25 38.18
CA LYS B 188 74.53 17.27 38.84
C LYS B 188 74.96 16.19 37.86
N CYS B 189 74.08 15.82 36.95
CA CYS B 189 74.36 14.80 35.95
C CYS B 189 73.16 14.62 35.03
N LYS B 190 73.18 13.56 34.24
CA LYS B 190 72.08 13.28 33.33
C LYS B 190 71.55 11.86 33.54
N LEU B 191 70.23 11.75 33.63
CA LEU B 191 69.59 10.46 33.83
C LEU B 191 69.11 9.88 32.50
N VAL B 192 68.20 8.90 32.58
CA VAL B 192 67.64 8.28 31.38
C VAL B 192 66.13 8.45 31.35
N ARG B 193 65.60 8.65 30.15
CA ARG B 193 64.16 8.86 29.97
C ARG B 193 63.63 8.15 28.72
N GLY B 194 62.31 8.08 28.61
CA GLY B 194 61.69 7.44 27.47
C GLY B 194 61.65 5.92 27.57
N TRP B 195 61.32 5.41 28.75
CA TRP B 195 61.26 3.98 28.96
C TRP B 195 60.07 3.36 28.23
N ASP B 196 58.88 3.89 28.50
CA ASP B 196 57.66 3.41 27.85
C ASP B 196 57.87 3.22 26.36
N ASP B 197 58.55 4.18 25.74
CA ASP B 197 58.83 4.14 24.31
C ASP B 197 59.81 3.01 24.00
N LEU B 198 60.85 2.91 24.81
CA LEU B 198 61.88 1.88 24.63
C LEU B 198 61.33 0.46 24.76
N PHE B 199 60.52 0.23 25.78
CA PHE B 199 59.94 -1.09 26.02
C PHE B 199 59.15 -1.63 24.83
N ASN B 200 58.18 -0.84 24.36
CA ASN B 200 57.36 -1.27 23.23
C ASN B 200 58.18 -1.73 22.03
N LYS B 201 59.09 -0.89 21.57
CA LYS B 201 59.93 -1.25 20.43
C LYS B 201 60.67 -2.56 20.69
N LEU B 202 61.17 -2.72 21.91
CA LEU B 202 61.86 -3.96 22.27
C LEU B 202 60.87 -5.11 22.14
N ALA B 203 59.70 -4.92 22.74
CA ALA B 203 58.64 -5.92 22.71
C ALA B 203 58.30 -6.35 21.29
N GLU B 204 58.02 -5.38 20.42
CA GLU B 204 57.67 -5.67 19.03
C GLU B 204 58.76 -6.44 18.30
N HIS B 205 59.95 -5.84 18.21
CA HIS B 205 61.07 -6.47 17.52
C HIS B 205 61.38 -7.86 18.07
N LEU B 206 61.36 -7.99 19.39
CA LEU B 206 61.64 -9.27 20.04
C LEU B 206 60.59 -10.33 19.70
N ASN B 207 59.33 -9.95 19.80
CA ASN B 207 58.23 -10.86 19.51
C ASN B 207 58.28 -11.36 18.07
N SER B 208 58.69 -10.48 17.16
CA SER B 208 58.79 -10.83 15.75
C SER B 208 59.92 -11.82 15.49
N ILE B 209 61.10 -11.53 16.04
CA ILE B 209 62.26 -12.40 15.87
C ILE B 209 61.95 -13.81 16.37
N SER B 210 61.07 -13.89 17.35
CA SER B 210 60.68 -15.18 17.92
C SER B 210 59.76 -15.95 16.99
N ALA B 211 59.07 -15.22 16.11
CA ALA B 211 58.15 -15.84 15.17
C ALA B 211 58.72 -15.95 13.75
N MET B 212 59.63 -15.04 13.41
CA MET B 212 60.24 -15.05 12.08
C MET B 212 61.08 -16.30 11.86
N LYS B 213 61.19 -17.14 12.88
CA LYS B 213 61.96 -18.36 12.79
C LYS B 213 61.12 -19.51 12.24
N MET B 214 59.80 -19.35 12.34
CA MET B 214 58.87 -20.37 11.85
C MET B 214 58.55 -20.14 10.37
N SER B 215 59.52 -19.59 9.64
CA SER B 215 59.35 -19.31 8.23
C SER B 215 60.34 -20.12 7.39
N PRO B 216 59.89 -20.65 6.24
CA PRO B 216 60.74 -21.44 5.34
C PRO B 216 61.90 -20.62 4.79
N TYR B 217 62.10 -19.44 5.35
CA TYR B 217 63.16 -18.54 4.91
C TYR B 217 63.95 -17.99 6.10
N TYR B 218 63.98 -18.76 7.18
CA TYR B 218 64.68 -18.36 8.39
C TYR B 218 66.15 -18.79 8.39
N LYS B 219 66.38 -20.05 8.00
CA LYS B 219 67.72 -20.62 7.95
C LYS B 219 68.81 -19.67 7.44
N VAL B 220 68.42 -18.74 6.57
CA VAL B 220 69.36 -17.78 6.00
C VAL B 220 69.80 -16.71 7.00
N PHE B 221 68.85 -15.91 7.45
CA PHE B 221 69.13 -14.83 8.40
C PHE B 221 69.10 -15.30 9.85
N GLU B 222 68.72 -16.57 10.06
CA GLU B 222 68.62 -17.11 11.40
C GLU B 222 69.93 -16.98 12.18
N GLU B 223 71.04 -16.82 11.47
CA GLU B 223 72.34 -16.68 12.10
C GLU B 223 72.43 -15.30 12.75
N GLU B 224 71.63 -14.36 12.25
CA GLU B 224 71.60 -13.01 12.77
C GLU B 224 70.40 -12.82 13.69
N ALA B 225 69.34 -13.58 13.43
CA ALA B 225 68.13 -13.51 14.23
C ALA B 225 68.42 -13.80 15.70
N ASN B 226 69.38 -14.70 15.94
CA ASN B 226 69.76 -15.06 17.30
C ASN B 226 70.58 -13.95 17.95
N HIS B 227 71.48 -13.36 17.17
CA HIS B 227 72.32 -12.27 17.68
C HIS B 227 71.41 -11.16 18.19
N TRP B 228 70.31 -10.94 17.48
CA TRP B 228 69.34 -9.92 17.85
C TRP B 228 68.53 -10.40 19.05
N ASP B 229 68.26 -11.70 19.10
CA ASP B 229 67.50 -12.28 20.19
C ASP B 229 68.19 -12.05 21.53
N ASP B 230 69.52 -12.01 21.49
CA ASP B 230 70.32 -11.78 22.69
C ASP B 230 70.53 -10.28 22.91
N ARG B 231 71.18 -9.64 21.94
CA ARG B 231 71.46 -8.21 21.99
C ARG B 231 70.24 -7.46 22.54
N LEU B 232 69.09 -7.66 21.89
CA LEU B 232 67.84 -7.02 22.28
C LEU B 232 67.35 -7.42 23.66
N ASN B 233 67.33 -8.73 23.93
CA ASN B 233 66.87 -9.23 25.21
C ASN B 233 67.73 -8.75 26.37
N LYS B 234 69.01 -8.50 26.09
CA LYS B 234 69.94 -8.02 27.11
C LYS B 234 69.61 -6.58 27.50
N VAL B 235 69.28 -5.76 26.52
CA VAL B 235 68.94 -4.37 26.76
C VAL B 235 67.75 -4.26 27.71
N ARG B 236 66.72 -5.06 27.45
CA ARG B 236 65.52 -5.07 28.27
C ARG B 236 65.85 -5.42 29.73
N SER B 237 66.71 -6.41 29.92
CA SER B 237 67.10 -6.83 31.26
C SER B 237 67.89 -5.71 31.93
N LEU B 238 68.77 -5.07 31.17
CA LEU B 238 69.59 -3.98 31.68
C LEU B 238 68.73 -2.79 32.10
N LEU B 239 67.81 -2.41 31.22
CA LEU B 239 66.92 -1.28 31.49
C LEU B 239 66.06 -1.49 32.73
N ASP B 240 65.52 -2.70 32.87
CA ASP B 240 64.67 -3.02 34.02
C ASP B 240 65.37 -2.79 35.36
N VAL B 241 66.64 -3.14 35.43
CA VAL B 241 67.40 -2.97 36.65
C VAL B 241 67.88 -1.53 36.79
N TRP B 242 68.15 -0.90 35.66
CA TRP B 242 68.62 0.48 35.63
C TRP B 242 67.58 1.41 36.25
N ILE B 243 66.33 1.26 35.86
CA ILE B 243 65.25 2.09 36.37
C ILE B 243 65.11 1.94 37.89
N ASP B 244 65.25 0.71 38.37
CA ASP B 244 65.15 0.43 39.80
C ASP B 244 66.25 1.18 40.55
N VAL B 245 67.36 1.44 39.86
CA VAL B 245 68.48 2.16 40.45
C VAL B 245 68.16 3.65 40.51
N GLN B 246 67.66 4.18 39.40
CA GLN B 246 67.30 5.59 39.31
C GLN B 246 66.38 5.99 40.45
N ARG B 247 65.42 5.14 40.78
CA ARG B 247 64.48 5.42 41.86
C ARG B 247 65.19 5.54 43.20
N ARG B 248 66.06 4.59 43.49
CA ARG B 248 66.80 4.58 44.75
C ARG B 248 67.75 5.77 44.84
N TRP B 249 68.55 5.96 43.81
CA TRP B 249 69.51 7.06 43.78
C TRP B 249 68.82 8.42 43.91
N VAL B 250 67.81 8.65 43.07
CA VAL B 250 67.08 9.92 43.10
C VAL B 250 66.49 10.24 44.47
N TYR B 251 65.87 9.25 45.11
CA TYR B 251 65.27 9.46 46.42
C TYR B 251 66.29 9.72 47.52
N LEU B 252 67.31 8.88 47.59
CA LEU B 252 68.36 9.04 48.60
C LEU B 252 69.28 10.22 48.31
N GLU B 253 69.35 10.61 47.05
CA GLU B 253 70.19 11.73 46.63
C GLU B 253 69.80 13.00 47.39
N GLY B 254 68.50 13.18 47.59
CA GLY B 254 68.03 14.35 48.30
C GLY B 254 68.20 14.25 49.80
N ILE B 255 68.24 13.02 50.32
CA ILE B 255 68.41 12.80 51.75
C ILE B 255 69.85 12.99 52.19
N PHE B 256 70.79 12.58 51.34
CA PHE B 256 72.20 12.71 51.66
C PHE B 256 72.89 13.68 50.69
N ILE B 262 71.82 15.28 58.60
CA ILE B 262 71.49 13.88 58.78
C ILE B 262 72.71 12.97 58.58
N ASN B 263 73.54 13.32 57.60
CA ASN B 263 74.74 12.55 57.31
C ASN B 263 75.46 12.12 58.58
N GLN B 264 75.42 12.99 59.59
CA GLN B 264 76.07 12.70 60.86
C GLN B 264 75.27 11.74 61.72
N LEU B 265 73.94 11.90 61.71
CA LEU B 265 73.06 11.05 62.49
C LEU B 265 73.08 9.61 62.00
N LEU B 266 73.37 9.42 60.72
CA LEU B 266 73.42 8.08 60.14
C LEU B 266 74.72 7.90 59.35
N PRO B 267 75.85 7.81 60.05
CA PRO B 267 77.17 7.63 59.44
C PRO B 267 77.29 6.41 58.54
N ALA B 268 77.25 5.22 59.15
CA ALA B 268 77.35 3.96 58.43
C ALA B 268 76.65 3.95 57.08
N GLU B 269 75.48 4.58 57.00
CA GLU B 269 74.72 4.63 55.76
C GLU B 269 75.10 5.82 54.88
N SER B 270 75.21 7.00 55.49
CA SER B 270 75.58 8.20 54.76
C SER B 270 76.81 7.97 53.89
N THR B 271 77.90 7.57 54.53
CA THR B 271 79.14 7.30 53.83
C THR B 271 78.95 6.22 52.76
N ARG B 272 78.03 5.30 53.04
CA ARG B 272 77.73 4.22 52.10
C ARG B 272 77.15 4.77 50.80
N PHE B 273 76.26 5.73 50.93
CA PHE B 273 75.64 6.35 49.76
C PHE B 273 76.68 7.03 48.89
N LYS B 274 77.50 7.88 49.51
CA LYS B 274 78.54 8.61 48.80
C LYS B 274 79.30 7.68 47.86
N SER B 275 79.52 6.45 48.31
CA SER B 275 80.24 5.45 47.51
C SER B 275 79.41 5.07 46.28
N ILE B 276 78.11 4.88 46.48
CA ILE B 276 77.20 4.52 45.40
C ILE B 276 77.03 5.68 44.44
N ASN B 277 76.86 6.88 44.99
CA ASN B 277 76.68 8.08 44.19
C ASN B 277 77.86 8.30 43.24
N SER B 278 79.07 8.21 43.79
CA SER B 278 80.29 8.39 43.00
C SER B 278 80.31 7.46 41.79
N GLU B 279 80.17 6.16 42.03
CA GLU B 279 80.19 5.18 40.96
C GLU B 279 79.12 5.45 39.91
N PHE B 280 77.91 5.76 40.37
CA PHE B 280 76.80 6.03 39.47
C PHE B 280 77.10 7.24 38.57
N ILE B 281 77.27 8.40 39.18
CA ILE B 281 77.56 9.62 38.43
C ILE B 281 78.64 9.35 37.39
N ALA B 282 79.61 8.51 37.74
CA ALA B 282 80.69 8.16 36.84
C ALA B 282 80.13 7.48 35.59
N ILE B 283 79.31 6.47 35.79
CA ILE B 283 78.71 5.74 34.69
C ILE B 283 77.90 6.70 33.81
N LEU B 284 77.07 7.51 34.45
CA LEU B 284 76.25 8.48 33.73
C LEU B 284 77.13 9.40 32.89
N LYS B 285 78.29 9.75 33.44
CA LYS B 285 79.23 10.63 32.77
C LYS B 285 79.62 10.02 31.43
N LYS B 286 80.08 8.77 31.49
CA LYS B 286 80.50 8.04 30.30
C LYS B 286 79.34 7.79 29.35
N VAL B 287 78.20 7.36 29.91
CA VAL B 287 77.02 7.08 29.11
C VAL B 287 76.61 8.31 28.30
N SER B 288 76.87 9.48 28.85
CA SER B 288 76.53 10.73 28.18
C SER B 288 77.45 10.98 26.99
N GLY B 289 78.62 10.36 27.01
CA GLY B 289 79.57 10.51 25.93
C GLY B 289 79.35 9.49 24.83
N ALA B 290 78.28 8.73 24.95
CA ALA B 290 77.93 7.70 23.97
C ALA B 290 76.62 7.03 24.38
N PRO B 291 75.49 7.74 24.22
CA PRO B 291 74.17 7.22 24.58
C PRO B 291 73.67 6.08 23.70
N LEU B 292 74.52 5.57 22.82
CA LEU B 292 74.13 4.46 21.95
C LEU B 292 73.69 3.30 22.83
N ILE B 293 72.41 2.98 22.79
CA ILE B 293 71.85 1.91 23.61
C ILE B 293 72.62 0.59 23.48
N LEU B 294 73.51 0.51 22.49
CA LEU B 294 74.32 -0.69 22.31
C LEU B 294 75.73 -0.43 22.81
N GLU B 295 76.10 0.85 22.80
CA GLU B 295 77.43 1.27 23.27
C GLU B 295 77.46 1.06 24.78
N VAL B 296 76.37 1.42 25.45
CA VAL B 296 76.25 1.27 26.88
C VAL B 296 76.18 -0.20 27.26
N LEU B 297 75.34 -0.95 26.56
CA LEU B 297 75.19 -2.39 26.82
C LEU B 297 76.51 -3.12 26.65
N ALA B 298 77.56 -2.39 26.32
CA ALA B 298 78.88 -2.97 26.12
C ALA B 298 79.86 -2.65 27.25
N ILE B 299 79.65 -1.51 27.90
CA ILE B 299 80.52 -1.10 29.00
C ILE B 299 80.77 -2.26 29.96
N GLU B 300 82.01 -2.37 30.44
CA GLU B 300 82.40 -3.45 31.33
C GLU B 300 81.31 -3.96 32.26
N ARG B 301 80.75 -5.12 31.90
CA ARG B 301 79.68 -5.76 32.67
C ARG B 301 78.79 -4.78 33.43
N ILE B 302 78.08 -3.93 32.69
CA ILE B 302 77.18 -2.96 33.30
C ILE B 302 75.97 -3.64 33.93
N GLN B 303 75.57 -4.77 33.33
CA GLN B 303 74.43 -5.53 33.83
C GLN B 303 74.73 -6.10 35.21
N GLN B 304 76.00 -6.41 35.44
CA GLN B 304 76.44 -6.97 36.71
C GLN B 304 76.73 -5.84 37.69
N THR B 305 76.97 -4.64 37.17
CA THR B 305 77.26 -3.48 37.99
C THR B 305 75.98 -2.87 38.52
N MET B 306 75.11 -2.43 37.60
CA MET B 306 73.85 -1.82 37.96
C MET B 306 73.13 -2.68 39.00
N GLU B 307 73.16 -3.99 38.80
CA GLU B 307 72.52 -4.91 39.74
C GLU B 307 73.17 -4.74 41.11
N ARG B 308 74.49 -4.73 41.12
CA ARG B 308 75.25 -4.55 42.34
C ARG B 308 74.90 -3.23 43.02
N LEU B 309 74.80 -2.17 42.21
CA LEU B 309 74.46 -0.86 42.72
C LEU B 309 73.06 -0.88 43.35
N SER B 310 72.12 -1.50 42.63
CA SER B 310 70.74 -1.60 43.11
C SER B 310 70.68 -2.30 44.47
N ASP B 311 71.40 -3.40 44.60
CA ASP B 311 71.43 -4.17 45.83
C ASP B 311 71.91 -3.30 46.99
N LEU B 312 73.06 -2.66 46.80
CA LEU B 312 73.61 -1.79 47.84
C LEU B 312 72.67 -0.63 48.13
N LEU B 313 72.08 -0.07 47.09
CA LEU B 313 71.15 1.04 47.23
C LEU B 313 69.96 0.62 48.10
N GLY B 314 69.48 -0.59 47.87
CA GLY B 314 68.36 -1.09 48.65
C GLY B 314 68.68 -1.21 50.12
N LYS B 315 69.81 -1.87 50.41
CA LYS B 315 70.25 -2.07 51.78
C LYS B 315 70.20 -0.76 52.56
N VAL B 316 70.56 0.33 51.87
CA VAL B 316 70.57 1.65 52.49
C VAL B 316 69.15 2.13 52.78
N GLN B 317 68.26 1.99 51.79
CA GLN B 317 66.88 2.41 51.94
C GLN B 317 66.26 1.70 53.14
N LYS B 318 66.44 0.38 53.18
CA LYS B 318 65.91 -0.43 54.26
C LYS B 318 66.43 0.08 55.61
N ALA B 319 67.73 0.33 55.67
CA ALA B 319 68.36 0.82 56.88
C ALA B 319 67.74 2.14 57.31
N LEU B 320 67.56 3.05 56.36
CA LEU B 320 66.98 4.35 56.64
C LEU B 320 65.59 4.22 57.25
N GLY B 321 64.81 3.27 56.74
CA GLY B 321 63.47 3.06 57.26
C GLY B 321 63.49 2.61 58.71
N GLU B 322 64.25 1.56 59.00
CA GLU B 322 64.35 1.03 60.35
C GLU B 322 64.73 2.12 61.34
N TYR B 323 65.64 3.00 60.92
CA TYR B 323 66.08 4.09 61.76
C TYR B 323 64.87 4.93 62.19
N LEU B 324 64.17 5.46 61.19
CA LEU B 324 62.98 6.28 61.44
C LEU B 324 61.98 5.47 62.25
N GLU B 325 61.87 4.18 61.94
CA GLU B 325 60.95 3.29 62.64
C GLU B 325 61.28 3.29 64.13
N ARG B 326 62.56 3.40 64.45
CA ARG B 326 63.00 3.44 65.84
C ARG B 326 62.72 4.82 66.43
N GLN B 327 62.90 5.85 65.62
CA GLN B 327 62.66 7.22 66.06
C GLN B 327 61.22 7.41 66.51
N ARG B 328 60.31 6.67 65.90
CA ARG B 328 58.90 6.76 66.25
C ARG B 328 58.57 5.98 67.51
N SER B 329 59.18 4.80 67.66
CA SER B 329 58.95 3.97 68.84
C SER B 329 59.38 4.72 70.10
N ALA B 330 60.41 5.55 69.96
CA ALA B 330 60.91 6.33 71.08
C ALA B 330 59.90 7.39 71.46
N PHE B 331 59.34 8.06 70.45
CA PHE B 331 58.33 9.10 70.65
C PHE B 331 57.09 8.72 69.85
N ALA B 332 56.26 7.88 70.45
CA ALA B 332 55.03 7.40 69.82
C ALA B 332 54.34 8.39 68.88
N ARG B 333 54.03 9.59 69.39
CA ARG B 333 53.35 10.61 68.61
C ARG B 333 53.96 10.88 67.23
N PHE B 334 55.16 10.38 66.99
CA PHE B 334 55.82 10.57 65.69
C PHE B 334 55.09 9.89 64.54
N TYR B 335 54.37 8.82 64.84
CA TYR B 335 53.63 8.08 63.82
C TYR B 335 52.66 8.94 63.03
N PHE B 336 52.37 10.13 63.54
CA PHE B 336 51.45 11.03 62.86
C PHE B 336 52.24 12.01 61.98
N VAL B 337 53.34 11.51 61.41
CA VAL B 337 54.20 12.32 60.56
C VAL B 337 54.82 11.44 59.47
N GLY B 338 54.65 11.86 58.22
CA GLY B 338 55.21 11.09 57.12
C GLY B 338 56.73 11.07 57.14
N ASP B 339 57.32 10.06 56.52
CA ASP B 339 58.78 9.94 56.48
C ASP B 339 59.44 11.23 56.03
N GLU B 340 58.94 11.82 54.96
CA GLU B 340 59.48 13.07 54.44
C GLU B 340 59.53 14.14 55.52
N ASP B 341 58.39 14.45 56.11
CA ASP B 341 58.30 15.46 57.15
C ASP B 341 59.20 15.14 58.34
N LEU B 342 59.13 13.90 58.83
CA LEU B 342 59.93 13.48 59.96
C LEU B 342 61.43 13.70 59.74
N LEU B 343 61.91 13.39 58.55
CA LEU B 343 63.32 13.57 58.24
C LEU B 343 63.73 15.04 58.41
N GLU B 344 62.77 15.94 58.24
CA GLU B 344 63.04 17.36 58.40
C GLU B 344 63.18 17.68 59.88
N ILE B 345 62.33 17.06 60.69
CA ILE B 345 62.35 17.27 62.14
C ILE B 345 63.68 16.81 62.72
N ILE B 346 64.16 15.67 62.25
CA ILE B 346 65.42 15.11 62.72
C ILE B 346 66.61 15.86 62.12
N GLY B 347 66.57 16.09 60.81
CA GLY B 347 67.65 16.79 60.15
C GLY B 347 68.09 18.03 60.91
N ASN B 348 67.12 18.74 61.48
CA ASN B 348 67.40 19.95 62.24
C ASN B 348 66.91 19.77 63.67
N SER B 349 67.37 18.69 64.31
CA SER B 349 66.98 18.38 65.68
C SER B 349 67.17 19.53 66.67
N LYS B 350 67.92 20.55 66.25
CA LYS B 350 68.17 21.70 67.11
C LYS B 350 67.58 22.97 66.50
N ASP B 351 66.36 22.88 65.98
CA ASP B 351 65.69 24.02 65.37
C ASP B 351 64.25 24.11 65.84
N ILE B 352 64.06 24.59 67.07
CA ILE B 352 62.74 24.73 67.65
C ILE B 352 61.76 25.46 66.72
N ILE B 353 62.28 26.40 65.95
CA ILE B 353 61.45 27.18 65.04
C ILE B 353 61.01 26.41 63.79
N LYS B 354 61.97 25.91 63.02
CA LYS B 354 61.66 25.16 61.80
C LYS B 354 60.90 23.87 62.08
N ILE B 355 60.93 23.42 63.33
CA ILE B 355 60.24 22.19 63.71
C ILE B 355 58.81 22.48 64.14
N GLN B 356 58.60 23.66 64.72
CA GLN B 356 57.28 24.07 65.19
C GLN B 356 56.18 23.85 64.18
N LYS B 357 56.55 23.77 62.90
CA LYS B 357 55.58 23.57 61.83
C LYS B 357 55.05 22.13 61.78
N HIS B 358 55.23 21.39 62.87
CA HIS B 358 54.78 20.00 62.92
C HIS B 358 54.01 19.67 64.20
N PHE B 359 54.18 20.49 65.23
CA PHE B 359 53.50 20.25 66.50
C PHE B 359 51.98 20.18 66.33
N ARG B 360 51.47 20.93 65.35
CA ARG B 360 50.03 20.96 65.08
C ARG B 360 49.53 19.59 64.61
N LYS B 361 50.46 18.69 64.32
CA LYS B 361 50.12 17.35 63.86
C LYS B 361 50.42 16.33 64.94
N MET B 362 51.54 16.51 65.63
CA MET B 362 51.96 15.60 66.69
C MET B 362 51.23 15.89 67.99
N PHE B 363 50.84 17.14 68.20
CA PHE B 363 50.14 17.54 69.41
C PHE B 363 48.73 18.06 69.10
N ALA B 364 47.85 17.96 70.10
CA ALA B 364 46.46 18.40 69.95
C ALA B 364 46.37 19.92 69.86
N GLY B 365 46.41 20.58 71.02
CA GLY B 365 46.31 22.02 71.06
C GLY B 365 47.66 22.71 71.06
N LEU B 366 48.67 22.05 71.62
CA LEU B 366 50.01 22.61 71.69
C LEU B 366 50.47 23.05 70.30
N ALA B 367 50.65 24.35 70.13
CA ALA B 367 51.08 24.91 68.86
C ALA B 367 52.56 25.24 68.86
N ASN B 368 52.98 26.16 69.72
CA ASN B 368 54.37 26.57 69.82
C ASN B 368 54.91 26.39 71.23
N LEU B 369 56.23 26.37 71.36
CA LEU B 369 56.88 26.22 72.66
C LEU B 369 57.61 27.50 73.04
N THR B 370 57.42 27.93 74.28
CA THR B 370 58.07 29.13 74.78
C THR B 370 59.34 28.77 75.54
N LEU B 371 60.43 29.48 75.25
CA LEU B 371 61.70 29.25 75.91
C LEU B 371 62.29 30.57 76.35
N ASP B 372 63.38 30.51 77.12
CA ASP B 372 64.05 31.72 77.57
C ASP B 372 64.73 32.34 76.35
N ASP B 373 65.63 33.29 76.57
CA ASP B 373 66.30 33.91 75.43
C ASP B 373 67.58 33.20 75.02
N GLU B 374 68.20 32.49 75.95
CA GLU B 374 69.42 31.75 75.63
C GLU B 374 68.94 30.52 74.88
N LYS B 375 67.62 30.32 74.90
CA LYS B 375 66.98 29.20 74.24
C LYS B 375 67.69 27.90 74.60
N THR B 376 68.02 27.78 75.88
CA THR B 376 68.70 26.60 76.41
C THR B 376 67.72 25.73 77.19
N THR B 377 66.58 26.30 77.56
CA THR B 377 65.58 25.55 78.31
C THR B 377 64.17 25.93 77.87
N ILE B 378 63.23 24.99 78.00
CA ILE B 378 61.85 25.21 77.63
C ILE B 378 61.08 25.58 78.90
N ILE B 379 60.24 26.61 78.81
CA ILE B 379 59.47 27.07 79.96
C ILE B 379 57.97 26.83 79.87
N GLY B 380 57.42 26.89 78.66
CA GLY B 380 55.99 26.67 78.53
C GLY B 380 55.49 26.28 77.15
N MET B 381 54.19 26.47 76.93
CA MET B 381 53.56 26.15 75.66
C MET B 381 52.48 27.18 75.35
N SER B 382 51.91 27.11 74.15
CA SER B 382 50.87 28.04 73.75
C SER B 382 50.16 27.57 72.48
N SER B 383 48.83 27.46 72.55
CA SER B 383 48.04 27.03 71.41
C SER B 383 48.04 28.11 70.33
N ALA B 384 47.55 27.76 69.14
CA ALA B 384 47.50 28.70 68.03
C ALA B 384 46.56 29.86 68.32
N GLU B 385 45.55 29.61 69.15
CA GLU B 385 44.57 30.64 69.50
C GLU B 385 45.21 31.75 70.33
N GLY B 386 46.34 31.46 70.95
CA GLY B 386 47.01 32.46 71.76
C GLY B 386 47.25 32.09 73.21
N GLU B 387 46.38 31.24 73.77
CA GLU B 387 46.51 30.85 75.16
C GLU B 387 47.92 30.36 75.48
N THR B 388 48.37 30.63 76.71
CA THR B 388 49.69 30.23 77.15
C THR B 388 49.64 29.51 78.48
N VAL B 389 50.53 28.54 78.66
CA VAL B 389 50.61 27.76 79.89
C VAL B 389 52.07 27.59 80.29
N THR B 390 52.42 28.08 81.47
CA THR B 390 53.78 27.99 81.97
C THR B 390 54.04 26.68 82.72
N PHE B 391 54.99 25.90 82.20
CA PHE B 391 55.36 24.62 82.81
C PHE B 391 55.82 24.83 84.25
N LYS B 392 55.52 23.87 85.11
CA LYS B 392 55.91 23.96 86.52
C LYS B 392 57.39 23.63 86.68
N LYS B 393 57.94 22.88 85.73
CA LYS B 393 59.34 22.49 85.76
C LYS B 393 59.94 22.56 84.37
N PRO B 394 60.52 23.72 84.00
CA PRO B 394 61.13 23.93 82.68
C PRO B 394 62.06 22.79 82.27
N ILE B 395 62.18 22.59 80.96
CA ILE B 395 63.02 21.53 80.41
C ILE B 395 64.27 22.11 79.76
N SER B 396 65.42 21.92 80.41
CA SER B 396 66.68 22.42 79.89
C SER B 396 67.19 21.58 78.72
N ILE B 397 67.16 22.17 77.52
CA ILE B 397 67.62 21.48 76.32
C ILE B 397 69.05 21.91 75.97
N ALA B 398 69.66 22.70 76.85
CA ALA B 398 71.02 23.19 76.63
C ALA B 398 71.97 22.07 76.25
N ASN B 399 72.10 21.08 77.13
CA ASN B 399 72.98 19.94 76.90
C ASN B 399 72.88 19.46 75.46
N GLY B 400 71.65 19.38 74.96
CA GLY B 400 71.43 18.94 73.60
C GLY B 400 70.98 17.49 73.56
N PRO B 401 69.86 17.16 74.23
CA PRO B 401 69.35 15.79 74.24
C PRO B 401 68.78 15.37 72.89
N LYS B 402 68.77 14.07 72.63
CA LYS B 402 68.26 13.54 71.37
C LYS B 402 66.89 14.14 71.06
N ILE B 403 66.54 14.18 69.78
CA ILE B 403 65.26 14.73 69.35
C ILE B 403 64.08 14.18 70.14
N HIS B 404 64.08 12.87 70.37
CA HIS B 404 63.00 12.24 71.13
C HIS B 404 63.19 12.40 72.63
N GLU B 405 64.41 12.76 73.02
CA GLU B 405 64.72 12.94 74.43
C GLU B 405 63.94 14.07 75.08
N TRP B 406 64.03 15.27 74.52
CA TRP B 406 63.33 16.42 75.07
C TRP B 406 61.84 16.40 74.77
N LEU B 407 61.46 15.97 73.57
CA LEU B 407 60.06 15.91 73.18
C LEU B 407 59.23 15.08 74.16
N THR B 408 59.72 13.89 74.49
CA THR B 408 59.02 13.01 75.42
C THR B 408 58.77 13.74 76.73
N MET B 409 59.74 14.56 77.14
CA MET B 409 59.62 15.32 78.38
C MET B 409 58.58 16.43 78.22
N VAL B 410 58.52 17.02 77.03
CA VAL B 410 57.56 18.08 76.76
C VAL B 410 56.16 17.52 76.83
N GLU B 411 55.97 16.34 76.23
CA GLU B 411 54.68 15.68 76.23
C GLU B 411 54.33 15.20 77.64
N SER B 412 55.35 14.77 78.37
CA SER B 412 55.17 14.29 79.74
C SER B 412 54.77 15.41 80.68
N GLU B 413 55.62 16.44 80.75
CA GLU B 413 55.37 17.58 81.61
C GLU B 413 54.02 18.22 81.31
N MET B 414 53.71 18.37 80.03
CA MET B 414 52.45 18.97 79.60
C MET B 414 51.27 18.44 80.40
N LYS B 415 51.26 17.13 80.64
CA LYS B 415 50.19 16.48 81.38
C LYS B 415 50.31 16.69 82.88
N SER B 416 51.54 16.85 83.37
CA SER B 416 51.76 17.07 84.79
C SER B 416 51.42 18.50 85.16
N THR B 417 51.87 19.44 84.33
CA THR B 417 51.61 20.86 84.56
C THR B 417 50.10 21.11 84.65
N LEU B 418 49.37 20.67 83.63
CA LEU B 418 47.93 20.83 83.59
C LEU B 418 47.28 20.11 84.77
N ALA B 419 47.78 18.91 85.05
CA ALA B 419 47.26 18.11 86.16
C ALA B 419 47.31 18.89 87.47
N THR B 420 48.47 19.44 87.78
CA THR B 420 48.66 20.22 88.99
C THR B 420 47.90 21.54 88.91
N LEU B 421 48.02 22.23 87.79
CA LEU B 421 47.33 23.50 87.58
C LEU B 421 45.85 23.37 87.93
N LEU B 422 45.30 22.18 87.68
CA LEU B 422 43.90 21.91 87.98
C LEU B 422 43.73 21.86 89.49
N SER B 423 44.67 21.19 90.17
CA SER B 423 44.65 21.07 91.62
C SER B 423 44.75 22.46 92.25
N GLU B 424 45.43 23.36 91.55
CA GLU B 424 45.60 24.73 92.03
C GLU B 424 44.36 25.56 91.72
N SER B 425 43.77 25.33 90.55
CA SER B 425 42.59 26.07 90.13
C SER B 425 41.41 25.79 91.05
N LEU B 426 41.27 24.53 91.45
CA LEU B 426 40.18 24.13 92.33
C LEU B 426 40.30 24.80 93.70
N GLN B 427 41.38 24.51 94.40
CA GLN B 427 41.62 25.09 95.72
C GLN B 427 41.49 26.61 95.67
N HIS B 428 42.07 27.21 94.63
CA HIS B 428 42.01 28.67 94.46
C HIS B 428 40.57 29.13 94.39
N PHE B 429 39.77 28.44 93.58
CA PHE B 429 38.37 28.77 93.39
C PHE B 429 37.57 28.67 94.69
N ASN B 430 37.83 27.62 95.46
CA ASN B 430 37.13 27.39 96.72
C ASN B 430 37.27 28.58 97.67
N GLN B 431 38.37 29.31 97.55
CA GLN B 431 38.62 30.47 98.40
C GLN B 431 38.16 31.76 97.72
N VAL B 432 37.15 31.65 96.87
CA VAL B 432 36.61 32.80 96.15
C VAL B 432 35.10 32.89 96.29
N ASP B 433 34.59 34.10 96.40
CA ASP B 433 33.16 34.33 96.54
C ASP B 433 32.54 34.61 95.17
N VAL B 434 31.73 33.67 94.69
CA VAL B 434 31.08 33.80 93.38
C VAL B 434 30.21 35.05 93.30
N ASN B 435 29.81 35.57 94.46
CA ASN B 435 28.98 36.77 94.50
C ASN B 435 29.78 37.96 93.97
N ASP B 436 31.04 38.04 94.38
CA ASP B 436 31.92 39.12 93.95
C ASP B 436 32.55 38.75 92.61
N HIS B 437 31.94 39.22 91.52
CA HIS B 437 32.44 38.93 90.19
C HIS B 437 33.89 39.37 90.03
N SER B 438 34.28 40.38 90.79
CA SER B 438 35.65 40.89 90.73
C SER B 438 36.66 39.78 90.99
N LYS B 439 36.32 38.90 91.92
CA LYS B 439 37.19 37.77 92.27
C LYS B 439 36.99 36.63 91.28
N TYR B 440 35.80 36.54 90.71
CA TYR B 440 35.48 35.50 89.75
C TYR B 440 36.27 35.69 88.46
N SER B 441 36.07 36.84 87.82
CA SER B 441 36.77 37.15 86.58
C SER B 441 38.27 37.05 86.74
N GLU B 442 38.75 37.31 87.96
CA GLU B 442 40.17 37.22 88.26
C GLU B 442 40.61 35.77 88.17
N TRP B 443 39.85 34.90 88.83
CA TRP B 443 40.13 33.47 88.84
C TRP B 443 40.14 32.90 87.43
N VAL B 444 39.14 33.27 86.64
CA VAL B 444 39.01 32.79 85.27
C VAL B 444 40.28 33.03 84.44
N ASP B 445 40.96 34.14 84.72
CA ASP B 445 42.18 34.47 83.99
C ASP B 445 43.44 34.00 84.71
N ASN B 446 43.30 33.02 85.59
CA ASN B 446 44.43 32.48 86.33
C ASN B 446 44.78 31.07 85.89
N TYR B 447 43.94 30.47 85.06
CA TYR B 447 44.17 29.11 84.58
C TYR B 447 43.71 28.92 83.14
N PRO B 448 44.30 27.95 82.43
CA PRO B 448 43.97 27.65 81.03
C PRO B 448 42.47 27.45 80.79
N THR B 449 42.05 27.71 79.55
CA THR B 449 40.65 27.58 79.15
C THR B 449 40.05 26.25 79.58
N GLN B 450 40.62 25.15 79.11
CA GLN B 450 40.13 23.82 79.44
C GLN B 450 40.03 23.58 80.94
N LEU B 451 41.09 23.88 81.68
CA LEU B 451 41.08 23.68 83.12
C LEU B 451 40.00 24.53 83.81
N VAL B 452 39.73 25.70 83.25
CA VAL B 452 38.71 26.59 83.82
C VAL B 452 37.34 25.92 83.71
N LEU B 453 37.06 25.37 82.52
CA LEU B 453 35.80 24.69 82.28
C LEU B 453 35.69 23.45 83.16
N LEU B 454 36.78 22.68 83.23
CA LEU B 454 36.80 21.48 84.04
C LEU B 454 36.53 21.83 85.51
N THR B 455 37.27 22.81 86.02
CA THR B 455 37.13 23.25 87.40
C THR B 455 35.67 23.48 87.75
N SER B 456 34.99 24.29 86.96
CA SER B 456 33.59 24.60 87.18
C SER B 456 32.72 23.33 87.15
N GLN B 457 33.12 22.38 86.32
CA GLN B 457 32.39 21.12 86.21
C GLN B 457 32.57 20.25 87.45
N ILE B 458 33.80 20.20 87.96
CA ILE B 458 34.10 19.41 89.14
C ILE B 458 33.40 19.95 90.37
N VAL B 459 33.38 21.27 90.49
CA VAL B 459 32.72 21.92 91.63
C VAL B 459 31.22 21.79 91.52
N TRP B 460 30.70 21.96 90.31
CA TRP B 460 29.27 21.85 90.05
C TRP B 460 28.78 20.45 90.38
N SER B 461 29.58 19.45 90.04
CA SER B 461 29.23 18.07 90.30
C SER B 461 29.20 17.76 91.79
N THR B 462 30.19 18.27 92.52
CA THR B 462 30.28 18.05 93.95
C THR B 462 29.10 18.73 94.68
N GLN B 463 28.67 19.88 94.17
CA GLN B 463 27.57 20.61 94.76
C GLN B 463 26.26 19.85 94.64
N VAL B 464 25.86 19.54 93.41
CA VAL B 464 24.62 18.82 93.16
C VAL B 464 24.61 17.48 93.91
N ASP B 465 25.79 16.91 94.08
CA ASP B 465 25.93 15.64 94.78
C ASP B 465 25.57 15.80 96.26
N GLN B 466 26.11 16.85 96.88
CA GLN B 466 25.85 17.12 98.29
C GLN B 466 24.46 17.71 98.49
N ALA B 467 23.81 18.09 97.38
CA ALA B 467 22.48 18.67 97.44
C ALA B 467 21.42 17.57 97.46
N LEU B 468 21.75 16.44 96.83
CA LEU B 468 20.83 15.31 96.76
C LEU B 468 20.84 14.51 98.06
N GLY B 469 21.99 14.49 98.72
CA GLY B 469 22.11 13.75 99.96
C GLY B 469 22.35 12.27 99.74
N GLY B 470 22.52 11.54 100.84
CA GLY B 470 22.75 10.10 100.74
C GLY B 470 21.48 9.29 100.87
N GLY B 471 20.40 9.80 100.28
CA GLY B 471 19.13 9.10 100.34
C GLY B 471 18.59 8.98 101.75
N THR B 472 18.57 10.09 102.47
CA THR B 472 18.07 10.12 103.84
C THR B 472 17.31 11.42 104.10
N LEU B 473 17.51 12.40 103.21
CA LEU B 473 16.84 13.69 103.35
C LEU B 473 15.39 13.60 102.89
N GLN B 474 14.75 14.77 102.80
CA GLN B 474 13.36 14.85 102.38
C GLN B 474 13.28 15.60 101.05
N GLN B 475 12.20 15.39 100.31
CA GLN B 475 12.02 16.05 99.02
C GLN B 475 12.23 17.55 99.17
N SER B 476 11.85 18.10 100.32
CA SER B 476 12.00 19.52 100.58
C SER B 476 13.46 19.89 100.79
N LYS B 477 14.15 19.12 101.62
CA LYS B 477 15.55 19.38 101.92
C LYS B 477 16.40 19.46 100.65
N ILE B 478 16.28 18.45 99.79
CA ILE B 478 17.03 18.41 98.54
C ILE B 478 16.64 19.56 97.60
N GLN B 479 15.35 19.61 97.27
CA GLN B 479 14.83 20.65 96.38
C GLN B 479 15.30 22.04 96.78
N GLU B 480 15.22 22.36 98.06
CA GLU B 480 15.66 23.67 98.54
C GLU B 480 17.10 23.95 98.10
N GLN B 481 17.99 23.03 98.44
CA GLN B 481 19.40 23.18 98.09
C GLN B 481 19.58 23.20 96.58
N LEU B 482 18.87 22.32 95.88
CA LEU B 482 18.95 22.28 94.43
C LEU B 482 18.66 23.67 93.89
N GLN B 483 17.70 24.34 94.52
CA GLN B 483 17.33 25.70 94.13
C GLN B 483 18.49 26.64 94.42
N SER B 484 19.20 26.38 95.52
CA SER B 484 20.34 27.19 95.92
C SER B 484 21.39 27.15 94.81
N ILE B 485 21.57 25.98 94.21
CA ILE B 485 22.53 25.81 93.13
C ILE B 485 21.98 26.52 91.90
N GLU B 486 20.66 26.47 91.76
CA GLU B 486 19.96 27.11 90.64
C GLU B 486 20.27 28.61 90.65
N GLN B 487 19.97 29.25 91.78
CA GLN B 487 20.20 30.68 91.92
C GLN B 487 21.67 31.03 91.67
N THR B 488 22.56 30.40 92.42
CA THR B 488 23.99 30.64 92.30
C THR B 488 24.48 30.62 90.86
N THR B 489 24.27 29.50 90.18
CA THR B 489 24.69 29.35 88.80
C THR B 489 24.00 30.35 87.88
N GLN B 490 22.73 30.63 88.16
CA GLN B 490 21.97 31.59 87.36
C GLN B 490 22.59 32.97 87.48
N MET B 491 23.04 33.29 88.69
CA MET B 491 23.66 34.58 88.96
C MET B 491 24.92 34.79 88.11
N ILE B 492 25.82 33.82 88.16
CA ILE B 492 27.06 33.90 87.40
C ILE B 492 26.79 34.12 85.91
N LEU B 493 25.75 33.48 85.39
CA LEU B 493 25.38 33.62 83.99
C LEU B 493 25.08 35.08 83.66
N ASN B 494 24.30 35.72 84.51
CA ASN B 494 23.94 37.13 84.32
C ASN B 494 25.17 38.02 84.35
N ASN B 495 25.93 37.94 85.45
CA ASN B 495 27.13 38.75 85.60
C ASN B 495 28.14 38.46 84.48
N LEU B 496 27.93 37.34 83.79
CA LEU B 496 28.82 36.94 82.70
C LEU B 496 28.30 37.43 81.35
N ALA B 497 27.00 37.24 81.12
CA ALA B 497 26.38 37.65 79.87
C ALA B 497 26.60 39.13 79.59
N ASP B 498 26.99 39.87 80.62
CA ASP B 498 27.23 41.30 80.50
C ASP B 498 28.72 41.60 80.27
N SER B 499 29.57 40.69 80.74
CA SER B 499 31.01 40.85 80.59
C SER B 499 31.38 40.69 79.12
N VAL B 500 30.61 39.86 78.41
CA VAL B 500 30.85 39.60 77.00
C VAL B 500 30.41 40.82 76.17
N LEU B 501 29.65 41.71 76.81
CA LEU B 501 29.18 42.92 76.15
C LEU B 501 30.30 43.95 76.03
N GLN B 502 31.29 43.82 76.90
CA GLN B 502 32.43 44.74 76.91
C GLN B 502 33.39 44.43 75.77
N ASP B 503 34.44 45.23 75.65
CA ASP B 503 35.43 45.05 74.61
C ASP B 503 36.54 44.12 75.10
N LEU B 504 36.48 42.86 74.68
CA LEU B 504 37.49 41.88 75.09
C LEU B 504 38.09 41.14 73.90
N SER B 505 39.36 40.78 74.01
CA SER B 505 40.08 40.09 72.94
C SER B 505 39.45 38.73 72.63
N ALA B 506 39.46 38.36 71.35
CA ALA B 506 38.89 37.10 70.91
C ALA B 506 39.30 35.97 71.85
N GLN B 507 40.58 35.95 72.21
CA GLN B 507 41.09 34.93 73.12
C GLN B 507 40.27 34.93 74.39
N LYS B 508 40.11 36.11 74.98
CA LYS B 508 39.34 36.27 76.21
C LYS B 508 37.86 36.02 75.91
N ARG B 509 37.46 36.42 74.70
CA ARG B 509 36.09 36.25 74.24
C ARG B 509 35.69 34.78 74.30
N LYS B 510 36.25 34.00 73.38
CA LYS B 510 35.98 32.58 73.26
C LYS B 510 35.96 31.88 74.62
N LYS B 511 37.01 32.09 75.40
CA LYS B 511 37.11 31.49 76.73
C LYS B 511 35.83 31.71 77.52
N PHE B 512 35.39 32.96 77.60
CA PHE B 512 34.18 33.31 78.32
C PHE B 512 32.97 32.56 77.78
N GLU B 513 32.82 32.56 76.46
CA GLU B 513 31.70 31.88 75.82
C GLU B 513 31.57 30.41 76.18
N HIS B 514 32.70 29.69 76.17
CA HIS B 514 32.67 28.27 76.52
C HIS B 514 32.13 28.08 77.94
N LEU B 515 32.51 28.99 78.83
CA LEU B 515 32.05 28.92 80.21
C LEU B 515 30.58 29.30 80.30
N ILE B 516 30.17 30.27 79.51
CA ILE B 516 28.78 30.72 79.50
C ILE B 516 27.90 29.52 79.15
N THR B 517 28.32 28.76 78.14
CA THR B 517 27.57 27.59 77.71
C THR B 517 27.62 26.52 78.80
N GLU B 518 28.81 26.25 79.30
CA GLU B 518 29.01 25.25 80.35
C GLU B 518 27.99 25.43 81.47
N LEU B 519 27.94 26.64 82.03
CA LEU B 519 27.01 26.95 83.11
C LEU B 519 25.57 26.68 82.72
N VAL B 520 25.22 26.99 81.48
CA VAL B 520 23.87 26.76 80.99
C VAL B 520 23.53 25.27 81.15
N HIS B 521 24.45 24.42 80.71
CA HIS B 521 24.26 22.98 80.80
C HIS B 521 24.06 22.58 82.26
N GLN B 522 24.92 23.08 83.13
CA GLN B 522 24.85 22.77 84.56
C GLN B 522 23.48 23.18 85.10
N ARG B 523 23.06 24.39 84.76
CA ARG B 523 21.76 24.91 85.20
C ARG B 523 20.60 24.06 84.68
N ASP B 524 20.56 23.89 83.36
CA ASP B 524 19.50 23.09 82.74
C ASP B 524 19.41 21.72 83.40
N VAL B 525 20.55 21.09 83.63
CA VAL B 525 20.59 19.78 84.26
C VAL B 525 19.93 19.84 85.62
N VAL B 526 20.44 20.70 86.49
CA VAL B 526 19.90 20.86 87.84
C VAL B 526 18.39 21.06 87.81
N ARG B 527 17.90 21.76 86.79
CA ARG B 527 16.47 22.00 86.66
C ARG B 527 15.72 20.69 86.51
N GLN B 528 16.25 19.80 85.68
CA GLN B 528 15.64 18.50 85.44
C GLN B 528 15.40 17.77 86.76
N LEU B 529 16.31 17.94 87.71
CA LEU B 529 16.17 17.31 89.01
C LEU B 529 15.13 18.04 89.85
N GLN B 530 15.00 19.35 89.62
CA GLN B 530 14.02 20.15 90.36
C GLN B 530 12.63 19.67 89.94
N LYS B 531 12.58 18.96 88.82
CA LYS B 531 11.33 18.42 88.29
C LYS B 531 10.98 17.16 89.08
N CYS B 532 11.95 16.25 89.17
CA CYS B 532 11.79 14.99 89.88
C CYS B 532 11.08 15.16 91.22
N LYS B 533 10.39 14.11 91.64
CA LYS B 533 9.66 14.13 92.91
C LYS B 533 10.44 13.36 93.97
N ASN B 534 10.48 12.04 93.83
CA ASN B 534 11.19 11.20 94.79
C ASN B 534 12.63 10.97 94.35
N LEU B 535 13.52 11.83 94.82
CA LEU B 535 14.94 11.73 94.48
C LEU B 535 15.67 10.77 95.42
N THR B 536 16.28 9.74 94.83
CA THR B 536 17.03 8.76 95.60
C THR B 536 18.24 9.41 96.27
N GLY B 537 18.71 10.50 95.68
CA GLY B 537 19.86 11.19 96.22
C GLY B 537 20.98 11.24 95.20
N ASN B 538 22.20 10.94 95.63
CA ASN B 538 23.34 10.94 94.72
C ASN B 538 23.53 9.56 94.11
N LYS B 539 22.46 8.77 94.09
CA LYS B 539 22.51 7.43 93.54
C LYS B 539 21.45 7.22 92.47
N ASP B 540 20.40 8.03 92.50
CA ASP B 540 19.32 7.92 91.51
C ASP B 540 19.93 8.03 90.11
N PHE B 541 19.30 7.36 89.14
CA PHE B 541 19.80 7.37 87.78
C PHE B 541 19.60 8.73 87.10
N ASP B 542 18.62 9.50 87.57
CA ASP B 542 18.33 10.81 87.00
C ASP B 542 19.58 11.68 87.11
N TRP B 543 20.48 11.29 88.01
CA TRP B 543 21.73 12.02 88.23
C TRP B 543 22.89 11.20 87.67
N LEU B 544 22.83 9.89 87.86
CA LEU B 544 23.87 9.00 87.37
C LEU B 544 23.86 8.89 85.85
N TYR B 545 22.83 9.45 85.22
CA TYR B 545 22.72 9.44 83.77
C TYR B 545 23.75 10.40 83.20
N HIS B 546 23.69 11.65 83.67
CA HIS B 546 24.59 12.69 83.22
C HIS B 546 26.05 12.38 83.57
N MET B 547 26.96 13.04 82.87
CA MET B 547 28.39 12.85 83.08
C MET B 547 28.90 13.77 84.18
N ARG B 548 29.11 13.23 85.37
CA ARG B 548 29.60 14.02 86.48
C ARG B 548 31.13 13.97 86.55
N TYR B 549 31.71 14.87 87.33
CA TYR B 549 33.16 14.94 87.48
C TYR B 549 33.52 14.98 88.96
N TYR B 550 34.26 13.97 89.42
CA TYR B 550 34.66 13.92 90.82
C TYR B 550 36.17 13.98 90.98
N TYR B 551 36.62 14.86 91.86
CA TYR B 551 38.05 15.04 92.11
C TYR B 551 38.43 14.38 93.43
N ASP B 552 39.66 13.89 93.52
CA ASP B 552 40.15 13.24 94.72
C ASP B 552 41.63 13.52 94.94
N ALA B 553 41.92 14.54 95.73
CA ALA B 553 43.29 14.94 96.02
C ALA B 553 44.09 13.85 96.74
N THR B 554 43.38 12.99 97.48
CA THR B 554 44.03 11.92 98.22
C THR B 554 44.82 11.01 97.28
N GLN B 555 44.31 10.85 96.06
CA GLN B 555 44.96 10.00 95.06
C GLN B 555 46.44 10.32 94.92
N GLU B 556 47.25 9.28 94.71
CA GLU B 556 48.69 9.44 94.55
C GLU B 556 49.02 10.28 93.33
N ASN B 557 49.14 9.62 92.18
CA ASN B 557 49.46 10.31 90.93
C ASN B 557 48.57 11.55 90.78
N VAL B 558 49.11 12.58 90.15
CA VAL B 558 48.38 13.82 89.95
C VAL B 558 47.40 13.70 88.79
N LEU B 559 47.70 12.81 87.86
CA LEU B 559 46.83 12.60 86.69
C LEU B 559 45.57 11.82 87.06
N HIS B 560 45.67 10.99 88.10
CA HIS B 560 44.53 10.20 88.54
C HIS B 560 43.75 10.90 89.65
N LYS B 561 43.89 12.22 89.73
CA LYS B 561 43.20 13.02 90.73
C LYS B 561 41.73 13.15 90.36
N LEU B 562 41.47 13.39 89.08
CA LEU B 562 40.12 13.55 88.57
C LEU B 562 39.63 12.33 87.82
N VAL B 563 38.46 11.82 88.21
CA VAL B 563 37.88 10.65 87.57
C VAL B 563 36.46 10.94 87.08
N ILE B 564 36.30 10.99 85.76
CA ILE B 564 35.01 11.28 85.16
C ILE B 564 34.14 10.03 85.07
N HIS B 565 32.93 10.12 85.60
CA HIS B 565 31.99 9.01 85.58
C HIS B 565 30.72 9.38 84.82
N MET B 566 30.19 8.44 84.05
CA MET B 566 28.99 8.68 83.27
C MET B 566 28.35 7.33 83.21
N ALA B 567 27.14 7.25 83.72
CA ALA B 567 26.46 5.97 83.81
C ALA B 567 27.44 5.17 84.68
N ASN B 568 27.92 4.05 84.16
CA ASN B 568 28.82 3.22 84.95
C ASN B 568 30.25 3.18 84.43
N ALA B 569 30.55 3.98 83.41
CA ALA B 569 31.90 4.04 82.84
C ALA B 569 32.78 5.01 83.61
N THR B 570 34.06 4.66 83.74
CA THR B 570 35.02 5.51 84.46
C THR B 570 36.26 5.76 83.62
N PHE B 571 36.53 7.02 83.33
CA PHE B 571 37.70 7.40 82.53
C PHE B 571 38.60 8.36 83.29
N TYR B 572 39.81 8.56 82.78
CA TYR B 572 40.77 9.47 83.41
C TYR B 572 41.17 10.59 82.46
N TYR B 573 40.90 11.82 82.86
CA TYR B 573 41.22 12.99 82.04
C TYR B 573 42.68 12.91 81.60
N GLY B 574 42.89 12.81 80.29
CA GLY B 574 44.24 12.69 79.74
C GLY B 574 45.14 13.90 79.90
N PHE B 575 44.59 15.01 80.36
CA PHE B 575 45.37 16.23 80.55
C PHE B 575 46.17 16.58 79.31
N GLU B 576 45.51 16.53 78.16
CA GLU B 576 46.11 16.84 76.87
C GLU B 576 45.78 18.29 76.53
N TYR B 577 46.77 19.17 76.58
CA TYR B 577 46.53 20.58 76.27
C TYR B 577 45.80 20.71 74.93
N LEU B 578 44.69 21.42 74.95
CA LEU B 578 43.88 21.60 73.75
C LEU B 578 43.81 23.08 73.38
N GLY B 579 43.87 23.95 74.38
CA GLY B 579 43.79 25.37 74.14
C GLY B 579 42.35 25.80 74.19
N ILE B 580 42.06 27.01 73.73
CA ILE B 580 40.69 27.51 73.74
C ILE B 580 39.80 26.53 72.97
N GLY B 581 40.25 26.16 71.78
CA GLY B 581 39.53 25.22 70.94
C GLY B 581 38.10 25.62 70.64
N GLU B 582 37.20 24.65 70.69
CA GLU B 582 35.78 24.87 70.42
C GLU B 582 34.95 24.05 71.39
N ARG B 583 33.72 24.48 71.62
CA ARG B 583 32.84 23.77 72.55
C ARG B 583 31.44 23.64 71.94
N LEU B 584 30.73 22.61 72.35
CA LEU B 584 29.38 22.37 71.85
C LEU B 584 28.34 22.66 72.93
N VAL B 585 27.18 23.15 72.50
CA VAL B 585 26.10 23.46 73.43
C VAL B 585 25.40 22.16 73.81
N GLN B 586 25.90 21.51 74.85
CA GLN B 586 25.35 20.25 75.33
C GLN B 586 23.82 20.22 75.29
N THR B 587 23.26 19.90 74.14
CA THR B 587 21.81 19.82 73.98
C THR B 587 21.33 18.48 74.51
N PRO B 588 20.00 18.29 74.61
CA PRO B 588 19.51 17.01 75.11
C PRO B 588 20.01 15.83 74.29
N LEU B 589 20.06 16.01 72.97
CA LEU B 589 20.53 14.97 72.07
C LEU B 589 22.00 14.70 72.35
N THR B 590 22.81 15.76 72.34
CA THR B 590 24.24 15.66 72.58
C THR B 590 24.55 14.81 73.81
N ASP B 591 23.72 14.92 74.84
CA ASP B 591 23.94 14.13 76.05
C ASP B 591 23.72 12.65 75.79
N ARG B 592 22.64 12.31 75.10
CA ARG B 592 22.34 10.92 74.78
C ARG B 592 23.52 10.31 74.04
N CYS B 593 24.14 11.10 73.16
CA CYS B 593 25.28 10.63 72.39
C CYS B 593 26.47 10.32 73.30
N TYR B 594 26.71 11.20 74.27
CA TYR B 594 27.81 11.02 75.20
C TYR B 594 27.67 9.73 76.01
N LEU B 595 26.43 9.32 76.23
CA LEU B 595 26.17 8.10 77.01
C LEU B 595 26.52 6.85 76.20
N THR B 596 25.85 6.68 75.06
CA THR B 596 26.08 5.52 74.21
C THR B 596 27.56 5.37 73.85
N LEU B 597 28.24 6.49 73.65
CA LEU B 597 29.66 6.45 73.31
C LEU B 597 30.50 5.96 74.48
N THR B 598 30.30 6.57 75.65
CA THR B 598 31.04 6.17 76.83
C THR B 598 30.65 4.74 77.19
N GLN B 599 29.36 4.44 77.09
CA GLN B 599 28.86 3.10 77.37
C GLN B 599 29.48 2.10 76.40
N ALA B 600 29.86 2.60 75.23
CA ALA B 600 30.47 1.77 74.21
C ALA B 600 31.95 1.60 74.55
N LEU B 601 32.58 2.71 74.94
CA LEU B 601 34.00 2.71 75.30
C LEU B 601 34.20 1.78 76.50
N GLU B 602 33.27 1.86 77.46
CA GLU B 602 33.33 1.03 78.65
C GLU B 602 33.12 -0.44 78.30
N SER B 603 32.59 -0.68 77.11
CA SER B 603 32.34 -2.03 76.63
C SER B 603 33.41 -2.50 75.65
N ARG B 604 34.46 -1.71 75.50
CA ARG B 604 35.55 -2.03 74.58
C ARG B 604 35.03 -2.13 73.15
N MET B 605 34.23 -1.15 72.74
CA MET B 605 33.68 -1.13 71.40
C MET B 605 33.85 0.25 70.76
N GLY B 606 33.76 0.31 69.44
CA GLY B 606 33.90 1.58 68.75
C GLY B 606 32.59 2.32 68.65
N GLY B 607 32.66 3.65 68.54
CA GLY B 607 31.46 4.45 68.46
C GLY B 607 31.11 4.81 67.02
N ASN B 608 29.91 4.40 66.58
CA ASN B 608 29.47 4.68 65.22
C ASN B 608 28.20 5.53 65.18
N PRO B 609 28.36 6.86 65.33
CA PRO B 609 27.20 7.76 65.29
C PRO B 609 26.77 8.03 63.85
N PHE B 610 25.66 7.44 63.44
CA PHE B 610 25.17 7.61 62.08
C PHE B 610 24.01 8.60 62.01
N GLY B 611 23.97 9.36 60.92
CA GLY B 611 22.92 10.34 60.73
C GLY B 611 23.02 10.98 59.35
N PRO B 612 22.13 11.94 59.04
CA PRO B 612 22.16 12.61 57.73
C PRO B 612 23.42 13.45 57.52
N ALA B 613 23.23 14.76 57.37
CA ALA B 613 24.36 15.66 57.16
C ALA B 613 24.38 16.82 58.14
N GLY B 614 25.58 17.16 58.62
CA GLY B 614 25.73 18.25 59.56
C GLY B 614 24.74 18.23 60.70
N THR B 615 24.77 17.17 61.50
CA THR B 615 23.85 17.05 62.63
C THR B 615 24.60 16.94 63.96
N GLY B 616 25.92 17.07 63.91
CA GLY B 616 26.72 16.99 65.12
C GLY B 616 27.56 15.74 65.25
N LYS B 617 27.45 14.83 64.28
CA LYS B 617 28.22 13.59 64.32
C LYS B 617 29.70 13.81 64.59
N THR B 618 30.47 14.05 63.53
CA THR B 618 31.91 14.26 63.66
C THR B 618 32.27 15.24 64.78
N GLU B 619 31.48 16.29 64.93
CA GLU B 619 31.75 17.30 65.94
C GLU B 619 31.58 16.76 67.35
N THR B 620 30.44 16.12 67.61
CA THR B 620 30.15 15.55 68.93
C THR B 620 31.28 14.63 69.38
N VAL B 621 31.77 13.80 68.47
CA VAL B 621 32.85 12.87 68.79
C VAL B 621 34.12 13.61 69.17
N LYS B 622 34.49 14.61 68.38
CA LYS B 622 35.70 15.39 68.66
C LYS B 622 35.57 16.10 69.99
N ALA B 623 34.34 16.47 70.35
CA ALA B 623 34.08 17.17 71.60
C ALA B 623 34.29 16.24 72.79
N LEU B 624 33.58 15.12 72.79
CA LEU B 624 33.68 14.15 73.87
C LEU B 624 35.14 13.88 74.23
N GLY B 625 36.00 13.83 73.23
CA GLY B 625 37.40 13.58 73.48
C GLY B 625 38.01 14.67 74.33
N SER B 626 37.72 15.92 73.98
CA SER B 626 38.23 17.07 74.73
C SER B 626 37.75 17.03 76.17
N GLN B 627 36.45 16.80 76.35
CA GLN B 627 35.86 16.73 77.67
C GLN B 627 36.53 15.66 78.52
N LEU B 628 37.27 14.77 77.86
CA LEU B 628 37.96 13.69 78.55
C LEU B 628 39.47 13.82 78.37
N GLY B 629 39.90 14.98 77.90
CA GLY B 629 41.33 15.22 77.70
C GLY B 629 42.03 14.13 76.90
N ARG B 630 41.59 13.92 75.67
CA ARG B 630 42.19 12.90 74.81
C ARG B 630 42.61 13.52 73.48
N PHE B 631 43.37 12.79 72.68
CA PHE B 631 43.83 13.27 71.39
C PHE B 631 42.97 12.68 70.27
N VAL B 632 42.09 13.50 69.72
CA VAL B 632 41.18 13.07 68.66
C VAL B 632 41.63 13.47 67.26
N LEU B 633 41.88 12.47 66.41
CA LEU B 633 42.29 12.70 65.04
C LEU B 633 41.12 12.40 64.12
N VAL B 634 40.86 13.29 63.17
CA VAL B 634 39.76 13.10 62.24
C VAL B 634 40.27 12.93 60.82
N PHE B 635 39.94 11.79 60.21
CA PHE B 635 40.37 11.48 58.85
C PHE B 635 39.21 11.72 57.88
N CYS B 636 39.42 12.60 56.91
CA CYS B 636 38.38 12.90 55.94
C CYS B 636 38.34 11.79 54.88
N CYS B 637 37.31 10.96 54.94
CA CYS B 637 37.15 9.84 54.01
C CYS B 637 36.51 10.22 52.68
N ASP B 638 35.46 11.05 52.73
CA ASP B 638 34.77 11.46 51.52
C ASP B 638 35.68 12.32 50.63
N GLU B 639 36.98 12.26 50.90
CA GLU B 639 37.95 13.03 50.15
C GLU B 639 39.17 12.13 49.88
N GLY B 640 40.24 12.72 49.35
CA GLY B 640 41.44 11.95 49.07
C GLY B 640 41.92 11.20 50.30
N PHE B 641 41.84 9.87 50.26
CA PHE B 641 42.27 9.05 51.38
C PHE B 641 43.45 8.15 51.01
N ASP B 642 44.57 8.36 51.68
CA ASP B 642 45.78 7.58 51.44
C ASP B 642 45.91 6.43 52.43
N LEU B 643 45.86 5.20 51.91
CA LEU B 643 45.96 4.01 52.74
C LEU B 643 47.33 3.88 53.38
N GLN B 644 48.37 4.05 52.58
CA GLN B 644 49.75 3.95 53.07
C GLN B 644 49.98 4.74 54.34
N ALA B 645 49.34 5.91 54.45
CA ALA B 645 49.49 6.75 55.63
C ALA B 645 48.68 6.20 56.79
N MET B 646 47.40 5.92 56.54
CA MET B 646 46.50 5.40 57.56
C MET B 646 47.12 4.24 58.34
N SER B 647 47.77 3.33 57.61
CA SER B 647 48.41 2.17 58.25
C SER B 647 49.33 2.65 59.36
N ARG B 648 50.16 3.63 59.03
CA ARG B 648 51.10 4.20 59.99
C ARG B 648 50.37 4.89 61.13
N ILE B 649 49.55 5.89 60.79
CA ILE B 649 48.79 6.63 61.79
C ILE B 649 48.14 5.71 62.82
N PHE B 650 47.55 4.62 62.35
CA PHE B 650 46.91 3.66 63.24
C PHE B 650 47.80 3.26 64.41
N VAL B 651 49.07 2.96 64.10
CA VAL B 651 50.02 2.57 65.13
C VAL B 651 50.10 3.63 66.22
N GLY B 652 50.14 4.89 65.80
CA GLY B 652 50.21 5.99 66.75
C GLY B 652 49.00 6.04 67.65
N LEU B 653 47.82 5.88 67.06
CA LEU B 653 46.57 5.90 67.81
C LEU B 653 46.55 4.81 68.86
N CYS B 654 47.25 3.72 68.59
CA CYS B 654 47.31 2.58 69.50
C CYS B 654 48.41 2.73 70.55
N GLN B 655 49.49 3.41 70.21
CA GLN B 655 50.59 3.60 71.15
C GLN B 655 50.46 4.89 71.94
N CYS B 656 49.65 5.81 71.45
CA CYS B 656 49.44 7.09 72.14
C CYS B 656 48.08 7.14 72.79
N GLY B 657 47.35 6.03 72.74
CA GLY B 657 46.03 5.99 73.33
C GLY B 657 45.18 7.17 72.89
N ALA B 658 45.18 7.42 71.59
CA ALA B 658 44.41 8.53 71.02
C ALA B 658 43.05 8.08 70.52
N TRP B 659 42.38 8.97 69.78
CA TRP B 659 41.06 8.68 69.24
C TRP B 659 41.03 8.91 67.72
N GLY B 660 40.58 7.90 66.99
CA GLY B 660 40.50 8.02 65.55
C GLY B 660 39.07 8.20 65.09
N CYS B 661 38.81 9.27 64.33
CA CYS B 661 37.47 9.55 63.83
C CYS B 661 37.44 9.66 62.32
N PHE B 662 36.72 8.73 61.68
CA PHE B 662 36.59 8.70 60.23
C PHE B 662 35.27 9.34 59.81
N ASP B 663 35.36 10.50 59.17
CA ASP B 663 34.16 11.21 58.71
C ASP B 663 33.66 10.55 57.43
N GLU B 664 32.43 10.03 57.48
CA GLU B 664 31.85 9.35 56.33
C GLU B 664 32.71 8.16 55.92
N PHE B 665 32.96 7.27 56.87
CA PHE B 665 33.78 6.09 56.65
C PHE B 665 33.28 5.25 55.47
N ASN B 666 31.97 5.30 55.23
CA ASN B 666 31.38 4.52 54.15
C ASN B 666 31.57 5.16 52.77
N ARG B 667 32.15 6.36 52.74
CA ARG B 667 32.39 7.05 51.49
C ARG B 667 33.77 6.68 50.95
N LEU B 668 34.36 5.64 51.53
CA LEU B 668 35.68 5.17 51.13
C LEU B 668 35.56 4.18 49.98
N GLU B 669 36.51 4.25 49.04
CA GLU B 669 36.52 3.37 47.88
C GLU B 669 36.30 1.91 48.30
N GLU B 670 35.74 1.12 47.39
CA GLU B 670 35.47 -0.29 47.66
C GLU B 670 36.72 -1.04 48.11
N ARG B 671 37.83 -0.80 47.42
CA ARG B 671 39.09 -1.46 47.73
C ARG B 671 39.70 -0.91 49.02
N ILE B 672 39.79 0.42 49.11
CA ILE B 672 40.36 1.07 50.28
C ILE B 672 39.62 0.71 51.57
N LEU B 673 38.30 0.94 51.57
CA LEU B 673 37.48 0.64 52.74
C LEU B 673 37.79 -0.74 53.28
N SER B 674 37.86 -1.73 52.39
CA SER B 674 38.15 -3.11 52.77
C SER B 674 39.42 -3.21 53.61
N ALA B 675 40.47 -2.52 53.18
CA ALA B 675 41.74 -2.55 53.89
C ALA B 675 41.62 -1.90 55.27
N VAL B 676 41.13 -0.67 55.30
CA VAL B 676 40.96 0.07 56.55
C VAL B 676 39.98 -0.63 57.48
N SER B 677 38.88 -1.12 56.92
CA SER B 677 37.85 -1.80 57.70
C SER B 677 38.40 -3.02 58.44
N GLN B 678 39.41 -3.66 57.86
CA GLN B 678 39.99 -4.84 58.48
C GLN B 678 40.93 -4.49 59.62
N GLN B 679 41.78 -3.49 59.41
CA GLN B 679 42.71 -3.07 60.46
C GLN B 679 41.93 -2.66 61.70
N ILE B 680 40.82 -1.95 61.48
CA ILE B 680 39.98 -1.50 62.58
C ILE B 680 39.42 -2.70 63.34
N GLN B 681 39.08 -3.76 62.59
CA GLN B 681 38.55 -4.97 63.20
C GLN B 681 39.59 -5.55 64.15
N THR B 682 40.83 -5.63 63.67
CA THR B 682 41.94 -6.17 64.46
C THR B 682 42.09 -5.43 65.79
N ILE B 683 42.18 -4.11 65.72
CA ILE B 683 42.35 -3.29 66.91
C ILE B 683 41.19 -3.40 67.90
N GLN B 684 39.98 -3.06 67.44
CA GLN B 684 38.81 -3.11 68.30
C GLN B 684 38.63 -4.46 68.99
N VAL B 685 38.98 -5.54 68.28
CA VAL B 685 38.85 -6.88 68.85
C VAL B 685 39.86 -7.08 69.97
N ALA B 686 41.09 -6.62 69.73
CA ALA B 686 42.15 -6.74 70.73
C ALA B 686 41.78 -5.97 71.99
N LEU B 687 41.12 -4.83 71.80
CA LEU B 687 40.69 -3.99 72.91
C LEU B 687 39.56 -4.67 73.68
N LYS B 688 38.88 -5.61 73.02
CA LYS B 688 37.77 -6.33 73.63
C LYS B 688 38.29 -7.45 74.54
N GLU B 689 39.30 -8.17 74.06
CA GLU B 689 39.89 -9.27 74.82
C GLU B 689 40.83 -8.75 75.91
N ASN B 690 40.78 -7.44 76.14
CA ASN B 690 41.63 -6.80 77.15
C ASN B 690 43.11 -7.09 76.91
N SER B 691 43.53 -7.05 75.65
CA SER B 691 44.91 -7.31 75.29
C SER B 691 45.71 -6.01 75.36
N LYS B 692 47.04 -6.14 75.41
CA LYS B 692 47.91 -4.98 75.48
C LYS B 692 48.74 -4.87 74.20
N GLU B 693 48.50 -5.77 73.27
CA GLU B 693 49.23 -5.79 72.00
C GLU B 693 48.32 -6.20 70.85
N VAL B 694 48.87 -6.23 69.64
CA VAL B 694 48.12 -6.60 68.45
C VAL B 694 49.01 -7.27 67.42
N ASN B 701 53.85 -7.13 66.21
CA ASN B 701 53.07 -6.99 67.43
C ASN B 701 53.28 -5.63 68.07
N ILE B 702 52.31 -4.74 67.90
CA ILE B 702 52.38 -3.40 68.46
C ILE B 702 51.68 -3.33 69.82
N SER B 703 52.07 -2.35 70.63
CA SER B 703 51.48 -2.18 71.95
C SER B 703 50.14 -1.46 71.83
N LEU B 704 49.15 -1.94 72.58
CA LEU B 704 47.81 -1.35 72.55
C LEU B 704 47.54 -0.57 73.83
N HIS B 705 47.28 0.73 73.68
CA HIS B 705 46.99 1.60 74.82
C HIS B 705 45.51 1.52 75.18
N GLN B 706 45.24 1.01 76.38
CA GLN B 706 43.88 0.83 76.88
C GLN B 706 42.95 2.02 76.70
N ASP B 707 43.50 3.19 76.43
CA ASP B 707 42.68 4.39 76.27
C ASP B 707 42.14 4.63 74.85
N MET B 708 42.94 4.30 73.85
CA MET B 708 42.55 4.51 72.46
C MET B 708 41.08 4.25 72.16
N GLY B 709 40.61 4.79 71.04
CA GLY B 709 39.23 4.62 70.64
C GLY B 709 39.05 4.86 69.15
N ILE B 710 38.17 4.09 68.53
CA ILE B 710 37.92 4.23 67.10
C ILE B 710 36.49 4.68 66.85
N PHE B 711 36.34 5.87 66.29
CA PHE B 711 35.02 6.44 66.00
C PHE B 711 34.77 6.62 64.51
N VAL B 712 33.70 6.00 64.03
CA VAL B 712 33.33 6.07 62.62
C VAL B 712 31.93 6.65 62.44
N THR B 713 31.79 7.59 61.51
CA THR B 713 30.51 8.22 61.23
C THR B 713 30.08 7.92 59.80
N MET B 714 28.77 7.91 59.57
CA MET B 714 28.22 7.64 58.25
C MET B 714 26.72 7.93 58.19
N ASN B 715 26.14 7.79 57.00
CA ASN B 715 24.73 8.05 56.79
C ASN B 715 23.90 6.78 57.00
N PRO B 716 22.62 6.93 57.37
CA PRO B 716 21.73 5.79 57.61
C PRO B 716 21.78 4.77 56.48
N GLY B 717 21.71 3.49 56.84
CA GLY B 717 21.75 2.43 55.86
C GLY B 717 20.52 2.39 54.98
N TYR B 718 20.10 1.18 54.61
CA TYR B 718 18.93 1.00 53.75
C TYR B 718 17.77 0.39 54.52
N ALA B 719 16.83 1.24 54.96
CA ALA B 719 15.66 0.79 55.70
C ALA B 719 15.99 0.29 57.10
N GLY B 720 16.73 1.10 57.86
CA GLY B 720 17.09 0.72 59.21
C GLY B 720 18.47 0.10 59.36
N ARG B 721 18.86 -0.71 58.37
CA ARG B 721 20.16 -1.36 58.38
C ARG B 721 21.29 -0.35 58.52
N SER B 722 22.43 -0.79 59.04
CA SER B 722 23.58 0.09 59.23
C SER B 722 24.60 -0.08 58.12
N ASN B 723 25.21 1.03 57.72
CA ASN B 723 26.22 1.01 56.65
C ASN B 723 27.58 0.51 57.14
N LEU B 724 27.65 0.10 58.40
CA LEU B 724 28.89 -0.41 58.95
C LEU B 724 29.28 -1.73 58.28
N PRO B 725 30.50 -1.81 57.75
CA PRO B 725 30.94 -3.05 57.09
C PRO B 725 30.62 -4.25 57.98
N ASP B 726 29.99 -5.26 57.39
CA ASP B 726 29.60 -6.46 58.13
C ASP B 726 30.58 -6.83 59.25
N ASN B 727 31.87 -6.78 58.96
CA ASN B 727 32.88 -7.12 59.96
C ASN B 727 33.14 -5.97 60.92
N LEU B 728 32.10 -5.20 61.22
CA LEU B 728 32.21 -4.06 62.14
C LEU B 728 30.89 -3.70 62.80
N LYS B 729 29.84 -4.47 62.51
CA LYS B 729 28.53 -4.21 63.09
C LYS B 729 28.44 -4.75 64.51
N LYS B 730 29.24 -5.78 64.81
CA LYS B 730 29.24 -6.37 66.14
C LYS B 730 30.50 -5.97 66.92
N LEU B 731 31.08 -4.84 66.54
CA LEU B 731 32.28 -4.34 67.22
C LEU B 731 32.13 -2.85 67.51
N PHE B 732 31.01 -2.28 67.07
CA PHE B 732 30.73 -0.86 67.29
C PHE B 732 29.34 -0.63 67.87
N ARG B 733 29.08 0.60 68.29
CA ARG B 733 27.80 0.99 68.85
C ARG B 733 27.23 2.16 68.05
N SER B 734 26.13 1.93 67.36
CA SER B 734 25.49 2.97 66.56
C SER B 734 24.70 3.94 67.40
N MET B 735 24.66 5.20 66.96
CA MET B 735 23.93 6.25 67.67
C MET B 735 23.22 7.15 66.65
N ALA B 736 21.90 7.24 66.78
CA ALA B 736 21.10 8.05 65.87
C ALA B 736 21.25 9.55 66.10
N MET B 737 21.54 10.28 65.02
CA MET B 737 21.68 11.73 65.08
C MET B 737 21.06 12.30 63.81
N ILE B 738 19.74 12.52 63.87
CA ILE B 738 19.02 13.04 62.72
C ILE B 738 18.46 14.45 62.97
N LYS B 739 17.72 14.61 64.07
CA LYS B 739 17.14 15.92 64.39
C LYS B 739 17.84 16.62 65.53
N PRO B 740 18.78 17.53 65.21
CA PRO B 740 19.53 18.30 66.22
C PRO B 740 18.62 19.28 66.96
N ASP B 741 18.99 19.59 68.20
CA ASP B 741 18.22 20.52 69.02
C ASP B 741 18.61 21.95 68.68
N ARG B 742 18.50 22.31 67.40
CA ARG B 742 18.84 23.65 66.93
C ARG B 742 18.28 24.74 67.84
N GLU B 743 17.09 24.49 68.39
CA GLU B 743 16.46 25.46 69.28
C GLU B 743 17.41 25.92 70.36
N MET B 744 17.89 24.96 71.15
CA MET B 744 18.81 25.23 72.24
C MET B 744 20.10 25.88 71.75
N ILE B 745 20.73 25.28 70.75
CA ILE B 745 21.96 25.80 70.19
C ILE B 745 21.83 27.28 69.83
N ALA B 746 20.79 27.59 69.06
CA ALA B 746 20.55 28.97 68.64
C ALA B 746 20.36 29.92 69.81
N GLN B 747 19.61 29.49 70.81
CA GLN B 747 19.35 30.31 71.99
C GLN B 747 20.61 30.54 72.82
N VAL B 748 21.25 29.46 73.24
CA VAL B 748 22.46 29.55 74.05
C VAL B 748 23.51 30.46 73.41
N MET B 749 23.93 30.11 72.19
CA MET B 749 24.93 30.90 71.49
C MET B 749 24.68 32.39 71.63
N LEU B 750 23.52 32.84 71.19
CA LEU B 750 23.16 34.26 71.28
C LEU B 750 23.37 34.77 72.70
N TYR B 751 22.87 34.02 73.67
CA TYR B 751 23.01 34.39 75.07
C TYR B 751 24.46 34.71 75.41
N SER B 752 25.38 33.91 74.87
CA SER B 752 26.80 34.11 75.13
C SER B 752 27.35 35.25 74.28
N GLN B 753 26.62 35.61 73.22
CA GLN B 753 27.04 36.69 72.34
C GLN B 753 26.72 38.05 72.93
N GLY B 754 25.85 38.06 73.95
CA GLY B 754 25.47 39.30 74.59
C GLY B 754 24.09 39.79 74.20
N PHE B 755 23.22 38.85 73.86
CA PHE B 755 21.85 39.18 73.47
C PHE B 755 20.86 38.94 74.59
N LYS B 756 19.69 39.58 74.50
CA LYS B 756 18.66 39.43 75.51
C LYS B 756 17.40 38.80 74.91
N THR B 757 17.19 39.03 73.62
CA THR B 757 16.03 38.48 72.92
C THR B 757 16.36 37.06 72.44
N ALA B 758 17.45 36.51 72.98
CA ALA B 758 17.91 35.18 72.62
C ALA B 758 16.78 34.15 72.59
N GLU B 759 16.10 33.99 73.71
CA GLU B 759 15.01 33.03 73.83
C GLU B 759 14.01 33.13 72.67
N VAL B 760 13.64 34.36 72.31
CA VAL B 760 12.70 34.57 71.22
C VAL B 760 13.39 34.47 69.86
N LEU B 761 14.51 35.18 69.72
CA LEU B 761 15.27 35.19 68.48
C LEU B 761 15.53 33.78 67.97
N ALA B 762 15.84 32.86 68.88
CA ALA B 762 16.12 31.47 68.52
C ALA B 762 14.89 30.80 67.92
N GLY B 763 13.81 30.77 68.69
CA GLY B 763 12.58 30.14 68.23
C GLY B 763 11.96 30.81 67.01
N LYS B 764 12.70 31.72 66.39
CA LYS B 764 12.22 32.42 65.21
C LYS B 764 13.17 32.35 64.03
N ILE B 765 14.47 32.28 64.33
CA ILE B 765 15.48 32.22 63.27
C ILE B 765 15.65 30.82 62.69
N VAL B 766 15.55 29.80 63.54
CA VAL B 766 15.71 28.44 63.07
C VAL B 766 14.52 27.99 62.21
N PRO B 767 13.29 28.38 62.59
CA PRO B 767 12.14 27.97 61.78
C PRO B 767 12.21 28.68 60.44
N LEU B 768 12.89 29.82 60.45
CA LEU B 768 13.07 30.65 59.27
C LEU B 768 13.90 29.91 58.23
N PHE B 769 15.09 29.48 58.63
CA PHE B 769 15.99 28.76 57.73
C PHE B 769 15.30 27.53 57.13
N LYS B 770 14.37 26.95 57.87
CA LYS B 770 13.64 25.78 57.41
C LYS B 770 12.71 26.15 56.27
N LEU B 771 12.05 27.29 56.39
CA LEU B 771 11.12 27.76 55.36
C LEU B 771 11.87 28.18 54.10
N CYS B 772 12.99 28.86 54.27
CA CYS B 772 13.80 29.31 53.15
C CYS B 772 14.30 28.13 52.33
N GLN B 773 14.73 27.08 53.03
CA GLN B 773 15.23 25.89 52.37
C GLN B 773 14.08 24.94 52.01
N GLU B 774 12.87 25.48 51.96
CA GLU B 774 11.69 24.69 51.65
C GLU B 774 10.72 25.45 50.74
N GLN B 775 10.92 26.75 50.63
CA GLN B 775 10.06 27.59 49.80
C GLN B 775 10.80 28.42 48.77
N LEU B 776 12.09 28.65 49.00
CA LEU B 776 12.91 29.43 48.08
C LEU B 776 13.40 28.52 46.95
N SER B 777 13.75 29.12 45.82
CA SER B 777 14.24 28.36 44.67
C SER B 777 15.41 27.47 45.06
N ALA B 778 15.13 26.19 45.25
CA ALA B 778 16.14 25.22 45.63
C ALA B 778 17.36 25.27 44.70
N GLN B 779 18.34 26.10 45.06
CA GLN B 779 19.54 26.24 44.26
C GLN B 779 20.64 25.34 44.82
N SER B 780 21.75 25.26 44.11
CA SER B 780 22.87 24.42 44.54
C SER B 780 23.79 25.16 45.52
N HIS B 781 23.92 26.47 45.33
CA HIS B 781 24.77 27.27 46.20
C HIS B 781 24.02 27.77 47.43
N TYR B 782 22.90 27.12 47.73
CA TYR B 782 22.08 27.50 48.88
C TYR B 782 22.37 26.59 50.09
N ASP B 783 22.84 27.20 51.16
CA ASP B 783 23.17 26.47 52.38
C ASP B 783 22.37 27.01 53.56
N PHE B 784 21.58 26.13 54.17
CA PHE B 784 20.76 26.50 55.32
C PHE B 784 20.95 25.51 56.46
N GLY B 785 22.05 24.76 56.39
CA GLY B 785 22.34 23.77 57.42
C GLY B 785 22.62 24.42 58.76
N LEU B 786 22.93 23.61 59.76
CA LEU B 786 23.22 24.12 61.09
C LEU B 786 24.48 24.98 61.07
N ARG B 787 25.44 24.58 60.24
CA ARG B 787 26.70 25.32 60.12
C ARG B 787 26.43 26.76 59.70
N ALA B 788 25.48 26.94 58.79
CA ALA B 788 25.13 28.27 58.32
C ALA B 788 24.55 29.09 59.47
N LEU B 789 23.45 28.59 60.03
CA LEU B 789 22.79 29.26 61.15
C LEU B 789 23.81 29.74 62.16
N LYS B 790 24.66 28.83 62.63
CA LYS B 790 25.69 29.16 63.61
C LYS B 790 26.66 30.20 63.07
N SER B 791 26.68 30.37 61.75
CA SER B 791 27.56 31.35 61.13
C SER B 791 26.88 32.71 61.16
N VAL B 792 25.55 32.69 61.11
CA VAL B 792 24.76 33.91 61.14
C VAL B 792 24.55 34.36 62.59
N LEU B 793 24.62 33.41 63.51
CA LEU B 793 24.45 33.71 64.93
C LEU B 793 25.71 34.31 65.52
N VAL B 794 26.86 33.83 65.06
CA VAL B 794 28.15 34.33 65.55
C VAL B 794 28.44 35.71 64.97
N SER B 795 28.05 35.91 63.72
CA SER B 795 28.27 37.19 63.04
C SER B 795 27.28 38.23 63.56
N ALA B 796 26.12 37.75 64.02
CA ALA B 796 25.10 38.65 64.55
C ALA B 796 25.57 39.27 65.85
N GLY B 797 26.41 38.54 66.58
CA GLY B 797 26.93 39.04 67.83
C GLY B 797 27.96 40.13 67.63
N GLY B 798 28.63 40.08 66.48
CA GLY B 798 29.64 41.08 66.16
C GLY B 798 29.01 42.42 65.83
N ILE B 799 28.02 42.40 64.95
CA ILE B 799 27.33 43.62 64.54
C ILE B 799 26.68 44.29 65.77
N LYS B 800 26.16 43.47 66.66
CA LYS B 800 25.51 43.95 67.87
C LYS B 800 26.50 44.70 68.77
N ARG B 801 27.71 44.15 68.89
CA ARG B 801 28.74 44.77 69.71
C ARG B 801 29.37 45.96 69.01
N LYS B 802 28.53 46.82 68.44
CA LYS B 802 28.98 48.01 67.74
C LYS B 802 27.80 48.95 67.50
N CYS B 803 26.76 48.76 68.31
CA CYS B 803 25.54 49.56 68.24
C CYS B 803 25.11 49.85 66.80
N ASP B 821 11.77 48.49 76.82
CA ASP B 821 11.57 47.07 76.48
C ASP B 821 11.17 46.89 75.03
N GLN B 822 9.98 47.33 74.67
CA GLN B 822 9.48 47.19 73.31
C GLN B 822 10.47 47.79 72.31
N ILE B 823 11.25 48.77 72.77
CA ILE B 823 12.24 49.43 71.93
C ILE B 823 13.49 48.57 71.75
N TYR B 824 14.02 48.07 72.86
CA TYR B 824 15.22 47.25 72.82
C TYR B 824 15.00 45.94 72.07
N CYS B 825 13.89 45.26 72.38
CA CYS B 825 13.57 44.00 71.72
C CYS B 825 13.55 44.20 70.21
N GLN B 826 13.35 45.44 69.78
CA GLN B 826 13.32 45.79 68.36
C GLN B 826 14.74 46.02 67.86
N TYR B 827 15.63 46.38 68.78
CA TYR B 827 17.03 46.62 68.43
C TYR B 827 17.73 45.34 68.03
N GLU B 828 17.65 44.32 68.87
CA GLU B 828 18.29 43.04 68.59
C GLU B 828 17.76 42.41 67.32
N ILE B 829 16.44 42.34 67.19
CA ILE B 829 15.82 41.75 66.00
C ILE B 829 16.40 42.42 64.75
N GLY B 830 16.75 43.70 64.88
CA GLY B 830 17.32 44.42 63.77
C GLY B 830 18.73 43.94 63.46
N VAL B 831 19.49 43.64 64.50
CA VAL B 831 20.86 43.17 64.35
C VAL B 831 20.86 41.84 63.59
N LEU B 832 19.96 40.95 63.97
CA LEU B 832 19.86 39.64 63.32
C LEU B 832 19.68 39.83 61.82
N LEU B 833 18.78 40.71 61.43
CA LEU B 833 18.54 40.98 60.00
C LEU B 833 19.81 41.50 59.37
N ASN B 834 20.48 42.41 60.07
CA ASN B 834 21.72 43.01 59.58
C ASN B 834 22.69 41.87 59.21
N SER B 835 22.62 40.79 59.97
CA SER B 835 23.48 39.63 59.73
C SER B 835 22.99 38.84 58.53
N ILE B 836 21.70 38.52 58.52
CA ILE B 836 21.11 37.76 57.42
C ILE B 836 21.27 38.50 56.10
N ASN B 837 20.99 39.80 56.11
CA ASN B 837 21.10 40.61 54.90
C ASN B 837 22.55 40.86 54.48
N ASP B 838 23.49 40.35 55.26
CA ASP B 838 24.91 40.52 54.94
C ASP B 838 25.59 39.23 54.46
N THR B 839 25.05 38.08 54.85
CA THR B 839 25.64 36.81 54.45
C THR B 839 24.64 35.82 53.86
N MET B 840 23.40 36.25 53.65
CA MET B 840 22.37 35.38 53.08
C MET B 840 21.86 35.92 51.75
N ILE B 841 21.27 37.11 51.79
CA ILE B 841 20.72 37.75 50.60
C ILE B 841 21.73 37.86 49.45
N PRO B 842 22.98 38.24 49.76
CA PRO B 842 24.02 38.38 48.73
C PRO B 842 24.14 37.21 47.76
N LYS B 843 23.80 36.02 48.21
CA LYS B 843 23.88 34.83 47.36
C LYS B 843 22.55 34.46 46.72
N LEU B 844 21.46 34.99 47.27
CA LEU B 844 20.13 34.70 46.74
C LEU B 844 19.99 35.13 45.29
N VAL B 845 19.12 34.44 44.56
CA VAL B 845 18.88 34.74 43.16
C VAL B 845 17.88 35.89 43.00
N ALA B 846 17.46 36.15 41.77
CA ALA B 846 16.53 37.22 41.49
C ALA B 846 15.12 36.92 41.99
N ASP B 847 14.49 35.89 41.45
CA ASP B 847 13.14 35.51 41.84
C ASP B 847 13.08 34.89 43.23
N ASP B 848 13.97 35.33 44.11
CA ASP B 848 14.01 34.83 45.49
C ASP B 848 14.06 35.96 46.51
N ILE B 849 14.75 37.03 46.17
CA ILE B 849 14.87 38.18 47.07
C ILE B 849 13.49 38.66 47.53
N PRO B 850 12.48 38.64 46.64
CA PRO B 850 11.16 39.10 47.04
C PRO B 850 10.48 38.09 47.98
N LEU B 851 10.71 36.81 47.73
CA LEU B 851 10.12 35.75 48.55
C LEU B 851 10.71 35.73 49.96
N ILE B 852 12.03 35.85 50.04
CA ILE B 852 12.71 35.84 51.34
C ILE B 852 12.19 37.00 52.20
N GLN B 853 11.83 38.10 51.56
CA GLN B 853 11.32 39.27 52.27
C GLN B 853 9.87 39.03 52.67
N SER B 854 9.16 38.26 51.85
CA SER B 854 7.75 37.95 52.12
C SER B 854 7.65 37.08 53.37
N LEU B 855 8.73 36.38 53.66
CA LEU B 855 8.79 35.51 54.84
C LEU B 855 9.31 36.28 56.04
N LEU B 856 10.22 37.22 55.79
CA LEU B 856 10.80 38.04 56.85
C LEU B 856 9.75 38.96 57.44
N LEU B 857 8.69 39.21 56.67
CA LEU B 857 7.61 40.08 57.12
C LEU B 857 6.68 39.31 58.04
N ASP B 858 6.77 37.99 57.99
CA ASP B 858 5.94 37.12 58.81
C ASP B 858 6.59 36.83 60.16
N VAL B 859 7.90 36.62 60.15
CA VAL B 859 8.64 36.34 61.37
C VAL B 859 9.12 37.61 62.05
N PHE B 860 9.60 38.57 61.26
CA PHE B 860 10.09 39.83 61.79
C PHE B 860 9.29 41.02 61.26
N PRO B 861 8.08 41.23 61.80
CA PRO B 861 7.19 42.32 61.39
C PRO B 861 7.85 43.70 61.49
N GLY B 862 9.09 43.72 61.95
CA GLY B 862 9.81 44.98 62.08
C GLY B 862 10.43 45.43 60.77
N LEU B 865 14.55 45.23 56.24
CA LEU B 865 15.90 45.25 55.70
C LEU B 865 16.23 46.60 55.06
N GLN B 866 17.41 47.13 55.36
CA GLN B 866 17.84 48.42 54.82
C GLN B 866 19.24 48.32 54.24
N PRO B 867 19.47 49.00 53.13
CA PRO B 867 20.77 49.00 52.47
C PRO B 867 21.91 49.00 53.48
N ILE B 868 23.11 48.65 53.01
CA ILE B 868 24.28 48.61 53.89
C ILE B 868 24.85 50.01 54.08
N GLN B 869 25.45 50.24 55.24
CA GLN B 869 26.04 51.54 55.56
C GLN B 869 27.46 51.63 55.01
N MET B 870 27.64 52.45 53.98
CA MET B 870 28.95 52.63 53.36
C MET B 870 28.95 53.90 52.51
N ASP B 871 28.71 55.03 53.15
CA ASP B 871 28.65 56.32 52.48
C ASP B 871 29.86 56.63 51.60
N GLN B 872 31.06 56.49 52.17
CA GLN B 872 32.29 56.78 51.45
C GLN B 872 32.41 55.99 50.14
N LEU B 873 32.44 54.67 50.26
CA LEU B 873 32.57 53.81 49.08
C LEU B 873 31.41 53.94 48.11
N ARG B 874 30.18 53.81 48.62
CA ARG B 874 29.00 53.91 47.78
C ARG B 874 29.03 55.17 46.91
N LYS B 875 29.76 56.18 47.36
CA LYS B 875 29.87 57.43 46.62
C LYS B 875 30.97 57.37 45.56
N LYS B 876 32.14 56.86 45.95
CA LYS B 876 33.26 56.76 45.02
C LYS B 876 33.00 55.77 43.90
N ILE B 877 32.12 54.79 44.14
CA ILE B 877 31.79 53.80 43.14
C ILE B 877 31.07 54.43 41.96
N GLN B 878 29.90 54.99 42.22
CA GLN B 878 29.11 55.63 41.18
C GLN B 878 29.86 56.80 40.55
N GLU B 879 30.98 57.18 41.16
CA GLU B 879 31.81 58.27 40.64
C GLU B 879 32.67 57.70 39.53
N ILE B 880 33.05 56.43 39.68
CA ILE B 880 33.86 55.74 38.68
C ILE B 880 32.94 55.00 37.73
N ALA B 881 31.72 54.74 38.18
CA ALA B 881 30.72 54.04 37.36
C ALA B 881 30.20 55.00 36.31
N LYS B 882 30.27 56.29 36.61
CA LYS B 882 29.80 57.32 35.70
C LYS B 882 30.89 57.62 34.66
N GLN B 883 32.12 57.24 34.99
CA GLN B 883 33.25 57.45 34.09
C GLN B 883 33.24 56.42 32.97
N ARG B 884 32.68 55.25 33.25
CA ARG B 884 32.60 54.18 32.27
C ARG B 884 31.21 54.13 31.64
N HIS B 885 30.46 55.21 31.78
CA HIS B 885 29.12 55.28 31.22
C HIS B 885 28.29 54.08 31.69
N LEU B 886 28.21 53.91 33.00
CA LEU B 886 27.47 52.80 33.60
C LEU B 886 26.34 53.30 34.48
N VAL B 887 25.10 53.13 34.00
CA VAL B 887 23.93 53.56 34.77
C VAL B 887 24.07 53.13 36.22
N THR B 888 24.19 54.10 37.11
CA THR B 888 24.34 53.83 38.53
C THR B 888 23.01 53.64 39.26
N LYS B 889 22.51 52.42 39.25
CA LYS B 889 21.25 52.11 39.94
C LYS B 889 21.52 51.68 41.37
N GLN B 890 20.45 51.52 42.14
CA GLN B 890 20.57 51.10 43.53
C GLN B 890 20.92 49.62 43.58
N GLU B 891 20.19 48.83 42.80
CA GLU B 891 20.40 47.38 42.74
C GLU B 891 21.86 47.07 42.43
N TRP B 892 22.32 47.50 41.26
CA TRP B 892 23.68 47.27 40.81
C TRP B 892 24.70 47.63 41.89
N VAL B 893 24.69 48.89 42.31
CA VAL B 893 25.62 49.37 43.33
C VAL B 893 25.51 48.55 44.62
N GLU B 894 24.29 48.32 45.07
CA GLU B 894 24.04 47.55 46.28
C GLU B 894 24.83 46.24 46.29
N LYS B 895 24.87 45.58 45.14
CA LYS B 895 25.59 44.31 45.03
C LYS B 895 27.09 44.51 45.16
N ILE B 896 27.63 45.50 44.44
CA ILE B 896 29.07 45.78 44.49
C ILE B 896 29.52 45.89 45.94
N LEU B 897 28.66 46.45 46.79
CA LEU B 897 28.97 46.61 48.20
C LEU B 897 29.01 45.25 48.90
N GLN B 898 28.08 44.38 48.53
CA GLN B 898 28.02 43.04 49.10
C GLN B 898 29.34 42.32 48.86
N LEU B 899 29.89 42.51 47.65
CA LEU B 899 31.16 41.89 47.28
C LEU B 899 32.23 42.34 48.27
N HIS B 900 32.09 43.58 48.75
CA HIS B 900 33.04 44.15 49.70
C HIS B 900 32.89 43.53 51.09
N GLN B 901 31.65 43.44 51.57
CA GLN B 901 31.39 42.88 52.88
C GLN B 901 31.79 41.41 52.96
N ILE B 902 31.57 40.67 51.87
CA ILE B 902 31.91 39.26 51.82
C ILE B 902 33.42 39.06 51.71
N LEU B 903 34.07 39.92 50.91
CA LEU B 903 35.52 39.83 50.76
C LEU B 903 36.19 40.16 52.08
N ASN B 904 35.39 40.60 53.04
CA ASN B 904 35.89 40.95 54.36
C ASN B 904 35.82 39.78 55.33
N ILE B 905 34.95 38.81 55.03
CA ILE B 905 34.80 37.65 55.89
C ILE B 905 35.26 36.36 55.20
N ASN B 906 35.79 36.49 53.99
CA ASN B 906 36.27 35.34 53.24
C ASN B 906 37.38 35.71 52.27
N HIS B 907 38.45 34.93 52.29
CA HIS B 907 39.60 35.15 51.41
C HIS B 907 39.35 34.59 50.02
N GLY B 908 38.23 33.91 49.86
CA GLY B 908 37.87 33.33 48.57
C GLY B 908 36.39 33.49 48.29
N VAL B 909 36.06 34.26 47.27
CA VAL B 909 34.67 34.50 46.90
C VAL B 909 34.36 33.96 45.51
N MET B 910 33.10 33.66 45.25
CA MET B 910 32.68 33.15 43.95
C MET B 910 31.54 33.97 43.36
N MET B 911 31.87 34.75 42.33
CA MET B 911 30.88 35.58 41.66
C MET B 911 30.19 34.76 40.57
N VAL B 912 29.12 34.08 40.95
CA VAL B 912 28.38 33.24 40.01
C VAL B 912 27.17 33.98 39.44
N GLY B 913 26.63 33.45 38.35
CA GLY B 913 25.48 34.07 37.71
C GLY B 913 25.53 33.93 36.20
N PRO B 914 24.39 34.06 35.51
CA PRO B 914 24.35 33.95 34.05
C PRO B 914 25.09 35.09 33.36
N SER B 915 25.77 34.77 32.26
CA SER B 915 26.53 35.76 31.52
C SER B 915 25.68 36.99 31.24
N GLY B 916 26.34 38.15 31.19
CA GLY B 916 25.61 39.39 30.94
C GLY B 916 24.81 39.83 32.14
N GLY B 917 25.43 39.75 33.32
CA GLY B 917 24.75 40.14 34.54
C GLY B 917 25.54 41.13 35.37
N GLY B 918 26.67 41.58 34.83
CA GLY B 918 27.51 42.53 35.54
C GLY B 918 28.60 41.87 36.35
N LYS B 919 28.89 40.61 36.04
CA LYS B 919 29.93 39.87 36.76
C LYS B 919 31.29 40.55 36.68
N THR B 920 31.94 40.45 35.53
CA THR B 920 33.25 41.05 35.33
C THR B 920 33.27 42.52 35.69
N THR B 921 32.24 43.25 35.29
CA THR B 921 32.13 44.68 35.55
C THR B 921 32.10 45.04 37.03
N SER B 922 31.31 44.31 37.80
CA SER B 922 31.19 44.58 39.23
C SER B 922 32.51 44.63 39.99
N TRP B 923 33.33 43.59 39.87
CA TRP B 923 34.61 43.57 40.58
C TRP B 923 35.64 44.53 40.00
N GLU B 924 35.48 44.90 38.72
CA GLU B 924 36.42 45.84 38.10
C GLU B 924 36.20 47.24 38.64
N VAL B 925 34.94 47.60 38.86
CA VAL B 925 34.60 48.92 39.40
C VAL B 925 35.02 49.00 40.85
N TYR B 926 34.76 47.92 41.59
CA TYR B 926 35.10 47.85 43.01
C TYR B 926 36.59 48.04 43.28
N LEU B 927 37.42 47.41 42.45
CA LEU B 927 38.87 47.49 42.62
C LEU B 927 39.43 48.91 42.58
N GLU B 928 39.12 49.65 41.53
CA GLU B 928 39.63 51.01 41.40
C GLU B 928 38.95 51.93 42.41
N ALA B 929 37.69 51.64 42.71
CA ALA B 929 36.94 52.45 43.67
C ALA B 929 37.53 52.27 45.07
N ILE B 930 37.91 51.04 45.39
CA ILE B 930 38.50 50.74 46.68
C ILE B 930 39.99 51.05 46.66
N GLU B 931 40.51 51.29 45.47
CA GLU B 931 41.92 51.60 45.28
C GLU B 931 42.17 53.08 45.57
N GLN B 932 41.11 53.88 45.45
CA GLN B 932 41.20 55.31 45.69
C GLN B 932 40.84 55.68 47.12
N VAL B 933 39.81 55.00 47.66
CA VAL B 933 39.36 55.26 49.02
C VAL B 933 40.47 55.02 50.04
N ASP B 934 41.37 54.08 49.73
CA ASP B 934 42.47 53.76 50.63
C ASP B 934 43.83 54.05 49.99
N ASN B 935 43.80 54.61 48.78
CA ASN B 935 45.04 54.94 48.06
C ASN B 935 45.99 53.75 48.07
N ILE B 936 45.43 52.55 47.95
CA ILE B 936 46.21 51.32 47.94
C ILE B 936 46.02 50.60 46.61
N LYS B 937 47.13 50.35 45.92
CA LYS B 937 47.09 49.66 44.62
C LYS B 937 46.25 48.40 44.66
N SER B 938 45.51 48.16 43.58
CA SER B 938 44.66 46.99 43.46
C SER B 938 44.91 46.32 42.10
N GLU B 939 45.83 45.38 42.08
CA GLU B 939 46.18 44.68 40.85
C GLU B 939 45.35 43.40 40.71
N ALA B 940 44.84 43.16 39.50
CA ALA B 940 44.01 41.98 39.24
C ALA B 940 44.73 40.95 38.37
N HIS B 941 44.75 39.71 38.85
CA HIS B 941 45.38 38.60 38.13
C HIS B 941 44.32 37.63 37.65
N VAL B 942 43.75 37.91 36.47
CA VAL B 942 42.71 37.07 35.89
C VAL B 942 43.27 36.09 34.87
N MET B 943 42.64 34.91 34.80
CA MET B 943 43.06 33.88 33.86
C MET B 943 41.97 32.81 33.75
N ASP B 944 41.90 32.16 32.59
CA ASP B 944 40.89 31.13 32.35
C ASP B 944 41.45 29.75 32.67
N PRO B 945 40.86 29.07 33.66
CA PRO B 945 41.26 27.73 34.10
C PRO B 945 41.23 26.67 33.00
N LYS B 946 40.02 26.27 32.63
CA LYS B 946 39.82 25.25 31.59
C LYS B 946 40.50 25.59 30.27
N ALA B 947 40.88 26.85 30.10
CA ALA B 947 41.54 27.26 28.86
C ALA B 947 42.89 26.60 28.70
N ILE B 948 43.43 26.11 29.82
CA ILE B 948 44.73 25.44 29.83
C ILE B 948 44.65 24.13 30.61
N THR B 949 45.54 23.20 30.29
CA THR B 949 45.56 21.91 30.98
C THR B 949 45.71 22.13 32.48
N LYS B 950 44.99 21.34 33.27
CA LYS B 950 45.01 21.45 34.72
C LYS B 950 46.42 21.70 35.26
N ASP B 951 47.40 21.01 34.71
CA ASP B 951 48.78 21.17 35.14
C ASP B 951 49.31 22.56 34.78
N GLN B 952 49.16 22.94 33.52
CA GLN B 952 49.61 24.25 33.04
C GLN B 952 49.14 25.38 33.95
N LEU B 953 48.12 25.10 34.75
CA LEU B 953 47.56 26.09 35.68
C LEU B 953 48.28 26.12 37.01
N PHE B 954 48.66 24.96 37.53
CA PHE B 954 49.35 24.87 38.81
C PHE B 954 50.82 24.51 38.68
N GLY B 955 51.16 23.81 37.60
CA GLY B 955 52.54 23.40 37.37
C GLY B 955 52.64 21.89 37.47
N SER B 956 53.67 21.31 36.88
CA SER B 956 53.85 19.87 36.90
C SER B 956 55.12 19.42 37.61
N LEU B 957 55.13 18.15 38.02
CA LEU B 957 56.26 17.55 38.69
C LEU B 957 56.93 16.55 37.75
N ASP B 958 58.12 16.88 37.26
CA ASP B 958 58.83 15.98 36.36
C ASP B 958 58.92 14.62 37.03
N LEU B 959 58.74 13.55 36.25
CA LEU B 959 58.78 12.20 36.79
C LEU B 959 60.19 11.70 37.08
N THR B 960 61.10 11.91 36.15
CA THR B 960 62.47 11.46 36.31
C THR B 960 63.28 12.32 37.28
N THR B 961 63.64 13.52 36.84
CA THR B 961 64.42 14.44 37.65
C THR B 961 63.71 14.83 38.94
N ARG B 962 62.39 14.69 38.95
CA ARG B 962 61.58 15.03 40.11
C ARG B 962 61.60 16.54 40.34
N GLU B 963 62.08 17.28 39.35
CA GLU B 963 62.17 18.73 39.43
C GLU B 963 60.77 19.33 39.28
N TRP B 964 60.35 20.09 40.28
CA TRP B 964 59.04 20.73 40.25
C TRP B 964 59.04 22.01 39.44
N THR B 965 57.90 22.31 38.82
CA THR B 965 57.75 23.52 38.01
C THR B 965 56.45 24.22 38.39
N ASP B 966 56.46 25.54 38.34
CA ASP B 966 55.29 26.34 38.67
C ASP B 966 54.36 26.55 37.49
N GLY B 967 53.07 26.62 37.78
CA GLY B 967 52.08 26.82 36.74
C GLY B 967 51.75 28.29 36.56
N LEU B 968 50.67 28.57 35.84
CA LEU B 968 50.25 29.95 35.59
C LEU B 968 49.78 30.60 36.89
N PHE B 969 49.18 29.80 37.76
CA PHE B 969 48.68 30.29 39.04
C PHE B 969 49.78 30.28 40.10
N THR B 970 50.34 29.09 40.35
CA THR B 970 51.39 28.94 41.35
C THR B 970 52.46 30.01 41.24
N ALA B 971 52.99 30.20 40.03
CA ALA B 971 54.03 31.19 39.80
C ALA B 971 53.57 32.59 40.21
N THR B 972 52.34 32.93 39.84
CA THR B 972 51.77 34.24 40.17
C THR B 972 51.74 34.46 41.67
N LEU B 973 51.31 33.45 42.41
CA LEU B 973 51.22 33.53 43.86
C LEU B 973 52.60 33.57 44.51
N ARG B 974 53.55 32.86 43.91
CA ARG B 974 54.92 32.79 44.43
C ARG B 974 55.58 34.16 44.34
N ARG B 975 55.37 34.83 43.20
CA ARG B 975 55.94 36.16 42.96
C ARG B 975 55.35 37.17 43.94
N ILE B 976 54.08 36.95 44.30
CA ILE B 976 53.38 37.83 45.22
C ILE B 976 53.90 37.70 46.65
N ILE B 977 54.24 36.48 47.03
CA ILE B 977 54.75 36.20 48.37
C ILE B 977 56.17 36.71 48.57
N ASP B 978 57.06 36.39 47.63
CA ASP B 978 58.46 36.79 47.73
C ASP B 978 58.65 38.28 47.45
N ASN B 979 57.56 39.02 47.29
CA ASN B 979 57.63 40.45 47.02
C ASN B 979 58.70 40.69 45.96
N VAL B 980 58.76 39.77 44.99
CA VAL B 980 59.73 39.83 43.90
C VAL B 980 59.96 41.23 43.37
N ARG B 981 58.93 42.07 43.37
CA ARG B 981 59.08 43.43 42.87
C ARG B 981 57.93 44.36 43.25
N GLY B 982 57.80 44.62 44.54
CA GLY B 982 56.76 45.52 45.01
C GLY B 982 55.34 44.98 45.15
N GLU B 983 55.20 43.66 45.32
CA GLU B 983 53.87 43.08 45.48
C GLU B 983 53.30 43.41 46.85
N SER B 984 54.17 43.44 47.85
CA SER B 984 53.77 43.73 49.23
C SER B 984 53.27 45.17 49.39
N THR B 985 53.37 45.96 48.34
CA THR B 985 52.93 47.35 48.38
C THR B 985 51.63 47.56 47.61
N LYS B 986 50.99 46.45 47.24
CA LYS B 986 49.74 46.52 46.50
C LYS B 986 48.78 45.40 46.91
N ARG B 987 47.50 45.58 46.59
CA ARG B 987 46.49 44.59 46.91
C ARG B 987 46.14 43.82 45.64
N HIS B 988 46.37 42.51 45.66
CA HIS B 988 46.10 41.67 44.49
C HIS B 988 44.74 41.01 44.52
N TRP B 989 44.37 40.41 43.40
CA TRP B 989 43.09 39.73 43.26
C TRP B 989 43.12 38.73 42.11
N ILE B 990 43.55 37.51 42.42
CA ILE B 990 43.65 36.44 41.43
C ILE B 990 42.25 35.88 41.16
N ILE B 991 41.60 36.44 40.14
CA ILE B 991 40.26 36.02 39.78
C ILE B 991 40.26 34.90 38.73
N PHE B 992 39.48 33.86 38.98
CA PHE B 992 39.37 32.74 38.05
C PHE B 992 38.16 32.90 37.16
N ASP B 993 38.40 33.36 35.93
CA ASP B 993 37.32 33.57 34.97
C ASP B 993 37.20 32.36 34.05
N GLY B 994 36.35 31.42 34.42
CA GLY B 994 36.16 30.22 33.61
C GLY B 994 35.28 29.21 34.29
N ASP B 995 34.98 28.11 33.61
CA ASP B 995 34.13 27.06 34.17
C ASP B 995 34.75 26.48 35.45
N VAL B 996 33.90 26.11 36.39
CA VAL B 996 34.35 25.55 37.65
C VAL B 996 33.91 24.11 37.86
N ASP B 997 34.88 23.20 37.93
CA ASP B 997 34.61 21.79 38.14
C ASP B 997 35.33 21.33 39.41
N PRO B 998 34.92 20.19 39.98
CA PRO B 998 35.54 19.66 41.20
C PRO B 998 36.91 19.03 40.98
N GLU B 999 37.45 19.20 39.78
CA GLU B 999 38.74 18.60 39.45
C GLU B 999 39.92 19.53 39.74
N TRP B 1000 39.90 20.73 39.16
CA TRP B 1000 41.00 21.67 39.38
C TRP B 1000 40.84 22.47 40.67
N VAL B 1001 39.60 22.73 41.06
CA VAL B 1001 39.34 23.49 42.28
C VAL B 1001 39.60 22.60 43.50
N GLU B 1002 40.24 21.46 43.27
CA GLU B 1002 40.57 20.53 44.34
C GLU B 1002 41.92 20.85 44.96
N ASN B 1003 42.80 21.45 44.16
CA ASN B 1003 44.14 21.81 44.62
C ASN B 1003 44.11 23.05 45.51
N LEU B 1004 42.97 23.73 45.55
CA LEU B 1004 42.83 24.94 46.36
C LEU B 1004 41.99 24.66 47.59
N ASN B 1005 41.58 23.41 47.77
CA ASN B 1005 40.76 23.02 48.91
C ASN B 1005 41.42 23.41 50.24
N SER B 1006 42.72 23.13 50.35
CA SER B 1006 43.47 23.44 51.56
C SER B 1006 43.84 24.92 51.68
N LEU B 1007 43.78 25.64 50.57
CA LEU B 1007 44.12 27.06 50.57
C LEU B 1007 42.90 27.95 50.77
N LEU B 1008 41.74 27.49 50.31
CA LEU B 1008 40.51 28.26 50.45
C LEU B 1008 39.80 28.01 51.77
N ASP B 1009 40.29 27.03 52.54
CA ASP B 1009 39.68 26.71 53.82
C ASP B 1009 40.33 27.48 54.97
N ASP B 1010 40.04 27.05 56.19
CA ASP B 1010 40.58 27.68 57.40
C ASP B 1010 42.03 28.11 57.23
N ASN B 1011 42.91 27.12 57.07
CA ASN B 1011 44.33 27.37 56.89
C ASN B 1011 44.65 27.98 55.53
N LYS B 1012 45.07 29.24 55.54
CA LYS B 1012 45.43 29.93 54.30
C LYS B 1012 46.74 29.34 53.79
N LEU B 1013 46.71 28.06 53.42
CA LEU B 1013 47.90 27.38 52.93
C LEU B 1013 47.60 26.41 51.79
N LEU B 1014 48.50 26.39 50.80
CA LEU B 1014 48.37 25.51 49.65
C LEU B 1014 49.52 24.51 49.67
N THR B 1015 49.21 23.24 49.42
CA THR B 1015 50.23 22.20 49.42
C THR B 1015 50.49 21.67 48.02
N LEU B 1016 51.68 21.96 47.49
CA LEU B 1016 52.05 21.50 46.16
C LEU B 1016 52.43 20.02 46.21
N PRO B 1017 52.32 19.32 45.06
CA PRO B 1017 52.64 17.90 44.94
C PRO B 1017 54.04 17.50 45.43
N ASN B 1018 54.81 18.46 45.91
CA ASN B 1018 56.15 18.17 46.40
C ASN B 1018 56.36 18.71 47.81
N GLY B 1019 55.28 18.83 48.56
CA GLY B 1019 55.36 19.33 49.92
C GLY B 1019 56.00 20.71 49.98
N GLU B 1020 55.54 21.61 49.11
CA GLU B 1020 56.07 22.96 49.07
C GLU B 1020 55.36 23.83 50.10
N ARG B 1021 54.05 23.62 50.23
CA ARG B 1021 53.24 24.37 51.18
C ARG B 1021 53.55 25.86 51.19
N LEU B 1022 52.80 26.63 50.42
CA LEU B 1022 52.99 28.07 50.34
C LEU B 1022 51.84 28.79 51.03
N ALA B 1023 52.17 29.80 51.84
CA ALA B 1023 51.17 30.56 52.56
C ALA B 1023 50.43 31.53 51.66
N LEU B 1024 49.25 31.97 52.10
CA LEU B 1024 48.43 32.89 51.33
C LEU B 1024 48.43 34.27 52.00
N PRO B 1025 49.20 35.23 51.47
CA PRO B 1025 49.27 36.58 52.02
C PRO B 1025 47.90 37.19 52.22
N ASN B 1026 47.78 38.12 53.17
CA ASN B 1026 46.52 38.77 53.46
C ASN B 1026 46.14 39.77 52.38
N ASN B 1027 47.12 40.23 51.62
CA ASN B 1027 46.89 41.19 50.55
C ASN B 1027 46.53 40.48 49.25
N VAL B 1028 46.11 39.22 49.37
CA VAL B 1028 45.73 38.43 48.21
C VAL B 1028 44.38 37.76 48.43
N ARG B 1029 43.52 37.83 47.41
CA ARG B 1029 42.19 37.24 47.48
C ARG B 1029 41.87 36.48 46.19
N VAL B 1030 41.45 35.24 46.32
CA VAL B 1030 41.11 34.41 45.17
C VAL B 1030 39.61 34.37 44.92
N MET B 1031 39.19 34.93 43.79
CA MET B 1031 37.77 34.94 43.45
C MET B 1031 37.50 34.15 42.18
N PHE B 1032 36.24 33.73 42.02
CA PHE B 1032 35.82 32.95 40.86
C PHE B 1032 34.72 33.70 40.10
N GLU B 1033 34.79 33.66 38.77
CA GLU B 1033 33.80 34.33 37.95
C GLU B 1033 33.18 33.34 36.97
N VAL B 1034 32.40 32.41 37.50
CA VAL B 1034 31.75 31.39 36.68
C VAL B 1034 30.28 31.74 36.46
N GLN B 1035 29.70 31.16 35.41
CA GLN B 1035 28.30 31.41 35.08
C GLN B 1035 27.36 30.48 35.84
N ASP B 1036 27.78 29.24 36.04
CA ASP B 1036 26.96 28.27 36.76
C ASP B 1036 27.78 27.35 37.65
N LEU B 1037 27.11 26.74 38.63
CA LEU B 1037 27.75 25.81 39.55
C LEU B 1037 27.24 24.41 39.24
N LYS B 1038 27.13 24.11 37.95
CA LYS B 1038 26.64 22.82 37.49
C LYS B 1038 27.41 21.64 38.06
N TYR B 1039 28.61 21.39 37.53
CA TYR B 1039 29.44 20.29 37.97
C TYR B 1039 30.17 20.58 39.27
N ALA B 1040 29.85 21.71 39.89
CA ALA B 1040 30.48 22.11 41.14
C ALA B 1040 29.99 21.25 42.30
N THR B 1041 30.91 20.79 43.13
CA THR B 1041 30.57 19.96 44.28
C THR B 1041 30.54 20.81 45.56
N LEU B 1042 29.70 20.41 46.51
CA LEU B 1042 29.56 21.12 47.76
C LEU B 1042 30.91 21.32 48.47
N ALA B 1043 31.94 20.66 47.94
CA ALA B 1043 33.28 20.77 48.51
C ALA B 1043 33.90 22.13 48.21
N THR B 1044 33.93 22.49 46.93
CA THR B 1044 34.50 23.76 46.51
C THR B 1044 33.50 24.90 46.56
N ILE B 1045 32.55 24.79 47.49
CA ILE B 1045 31.51 25.81 47.67
C ILE B 1045 31.39 26.18 49.14
N SER B 1046 31.48 25.16 49.99
CA SER B 1046 31.37 25.36 51.44
C SER B 1046 32.50 26.22 51.97
N ARG B 1047 33.54 26.39 51.17
CA ARG B 1047 34.70 27.19 51.58
C ARG B 1047 34.94 28.39 50.66
N CYS B 1048 33.90 29.20 50.46
CA CYS B 1048 33.97 30.38 49.61
C CYS B 1048 32.84 31.35 49.90
N GLY B 1049 32.97 32.57 49.38
CA GLY B 1049 31.95 33.58 49.58
C GLY B 1049 31.04 33.58 48.38
N MET B 1050 29.74 33.79 48.58
CA MET B 1050 28.81 33.79 47.46
C MET B 1050 28.18 35.15 47.18
N VAL B 1051 28.21 35.54 45.91
CA VAL B 1051 27.65 36.81 45.46
C VAL B 1051 27.00 36.57 44.10
N TRP B 1052 25.72 36.22 44.10
CA TRP B 1052 25.00 35.93 42.86
C TRP B 1052 24.65 37.18 42.05
N PHE B 1053 25.02 37.17 40.78
CA PHE B 1053 24.75 38.29 39.88
C PHE B 1053 23.68 37.95 38.86
N SER B 1054 22.42 37.95 39.29
CA SER B 1054 21.31 37.66 38.39
C SER B 1054 21.22 38.75 37.32
N GLU B 1055 20.66 38.43 36.16
CA GLU B 1055 20.54 39.39 35.08
C GLU B 1055 19.56 40.52 35.39
N GLU B 1056 18.59 40.25 36.26
CA GLU B 1056 17.60 41.25 36.65
C GLU B 1056 18.23 42.58 37.03
N ILE B 1057 19.23 42.53 37.91
CA ILE B 1057 19.90 43.73 38.39
C ILE B 1057 20.28 44.69 37.26
N LEU B 1058 20.53 44.15 36.08
CA LEU B 1058 20.91 44.96 34.93
C LEU B 1058 19.75 45.08 33.95
N THR B 1059 18.85 46.03 34.20
CA THR B 1059 17.71 46.24 33.32
C THR B 1059 18.22 46.55 31.92
N THR B 1060 17.40 46.23 30.91
CA THR B 1060 17.78 46.47 29.53
C THR B 1060 18.14 47.94 29.31
N GLN B 1061 17.54 48.81 30.12
CA GLN B 1061 17.79 50.24 30.02
C GLN B 1061 19.27 50.57 30.24
N MET B 1062 19.91 49.85 31.16
CA MET B 1062 21.32 50.09 31.43
C MET B 1062 22.15 49.94 30.16
N ILE B 1063 22.00 48.79 29.50
CA ILE B 1063 22.74 48.52 28.28
C ILE B 1063 22.48 49.58 27.21
N PHE B 1064 21.21 49.91 26.99
CA PHE B 1064 20.85 50.91 26.00
C PHE B 1064 21.52 52.25 26.28
N GLN B 1065 21.45 52.69 27.53
CA GLN B 1065 22.05 53.97 27.91
C GLN B 1065 23.55 53.92 27.68
N ASN B 1066 24.17 52.83 28.12
CA ASN B 1066 25.61 52.63 27.96
C ASN B 1066 25.98 52.79 26.49
N TYR B 1067 25.29 52.03 25.64
CA TYR B 1067 25.52 52.05 24.20
C TYR B 1067 25.51 53.48 23.66
N LEU B 1068 24.43 54.21 23.94
CA LEU B 1068 24.29 55.58 23.47
C LEU B 1068 25.37 56.51 24.00
N ASP B 1069 25.64 56.43 25.31
CA ASP B 1069 26.65 57.27 25.93
C ASP B 1069 28.03 57.11 25.30
N THR B 1070 28.62 55.93 25.48
CA THR B 1070 29.95 55.65 24.93
C THR B 1070 30.01 56.01 23.45
N LEU B 1071 28.88 55.87 22.76
CA LEU B 1071 28.80 56.20 21.34
C LEU B 1071 29.05 57.67 21.08
N SER B 1072 28.53 58.53 21.96
CA SER B 1072 28.69 59.97 21.82
C SER B 1072 29.87 60.52 22.61
N ASN B 1073 30.67 59.63 23.18
CA ASN B 1073 31.83 60.06 23.96
C ASN B 1073 33.10 59.30 23.57
N GLU B 1074 32.96 58.33 22.67
CA GLU B 1074 34.10 57.55 22.21
C GLU B 1074 34.14 57.47 20.70
N PRO B 1075 34.98 58.30 20.07
CA PRO B 1075 35.11 58.30 18.60
C PRO B 1075 35.48 56.91 18.08
N PHE B 1076 34.66 56.37 17.17
CA PHE B 1076 34.91 55.05 16.61
C PHE B 1076 36.39 54.86 16.29
N ASP B 1077 36.97 55.85 15.60
CA ASP B 1077 38.37 55.81 15.23
C ASP B 1077 39.25 56.02 16.46
N PRO B 1078 40.40 55.33 16.52
CA PRO B 1078 41.33 55.44 17.65
C PRO B 1078 42.11 56.76 17.67
N GLN B 1079 42.37 57.30 16.47
CA GLN B 1079 43.12 58.56 16.36
C GLN B 1079 42.29 59.75 16.79
N GLU B 1080 41.53 59.59 17.86
CA GLU B 1080 40.68 60.66 18.39
C GLU B 1080 40.43 60.46 19.89
N ALA B 1127 35.67 66.21 15.82
CA ALA B 1127 35.98 65.65 14.51
C ALA B 1127 35.00 64.54 14.15
N GLY B 1128 35.54 63.37 13.80
CA GLY B 1128 34.71 62.23 13.44
C GLY B 1128 33.54 62.00 14.37
N LEU B 1129 33.74 62.24 15.66
CA LEU B 1129 32.69 62.06 16.66
C LEU B 1129 31.40 62.76 16.26
N LYS B 1130 31.53 63.89 15.56
CA LYS B 1130 30.38 64.67 15.13
C LYS B 1130 29.16 63.81 14.84
N VAL B 1131 29.25 63.01 13.77
CA VAL B 1131 28.15 62.13 13.37
C VAL B 1131 27.59 61.35 14.57
N GLN B 1132 28.47 60.63 15.26
CA GLN B 1132 28.10 59.83 16.41
C GLN B 1132 27.21 60.59 17.39
N LYS B 1133 27.73 61.69 17.93
CA LYS B 1133 27.00 62.50 18.89
C LYS B 1133 25.61 62.89 18.38
N GLU B 1134 25.50 63.12 17.07
CA GLU B 1134 24.23 63.51 16.49
C GLU B 1134 23.30 62.31 16.23
N CYS B 1135 23.83 61.27 15.61
CA CYS B 1135 23.05 60.07 15.32
C CYS B 1135 22.49 59.45 16.59
N ALA B 1136 23.01 59.89 17.73
CA ALA B 1136 22.55 59.38 19.02
C ALA B 1136 21.18 59.95 19.35
N ALA B 1137 21.09 61.29 19.39
CA ALA B 1137 19.84 61.97 19.68
C ALA B 1137 18.77 61.62 18.66
N ILE B 1138 19.20 61.25 17.46
CA ILE B 1138 18.27 60.89 16.40
C ILE B 1138 17.45 59.67 16.79
N ILE B 1139 18.13 58.67 17.34
CA ILE B 1139 17.47 57.44 17.76
C ILE B 1139 17.40 57.32 19.28
N SER B 1140 17.34 58.47 19.96
CA SER B 1140 17.27 58.49 21.41
C SER B 1140 15.88 58.21 21.95
N GLN B 1141 14.86 58.68 21.23
CA GLN B 1141 13.47 58.48 21.64
C GLN B 1141 13.06 57.01 21.57
N TYR B 1142 13.83 56.22 20.85
CA TYR B 1142 13.54 54.80 20.69
C TYR B 1142 14.04 53.96 21.87
N PHE B 1143 15.21 54.32 22.39
CA PHE B 1143 15.80 53.60 23.51
C PHE B 1143 15.22 54.03 24.86
N GLU B 1144 13.97 54.47 24.84
CA GLU B 1144 13.30 54.90 26.07
C GLU B 1144 12.34 53.84 26.57
N PRO B 1145 11.99 53.89 27.88
CA PRO B 1145 11.08 52.92 28.48
C PRO B 1145 9.81 52.70 27.67
N GLY B 1146 9.68 51.51 27.07
CA GLY B 1146 8.52 51.20 26.27
C GLY B 1146 8.68 51.68 24.84
N GLY B 1147 9.87 52.17 24.52
CA GLY B 1147 10.14 52.66 23.18
C GLY B 1147 10.04 51.57 22.13
N LEU B 1148 10.53 51.88 20.93
CA LEU B 1148 10.50 50.94 19.82
C LEU B 1148 11.43 49.76 20.05
N VAL B 1149 12.70 50.05 20.29
CA VAL B 1149 13.71 49.01 20.52
C VAL B 1149 13.27 48.06 21.63
N HIS B 1150 12.56 48.59 22.62
CA HIS B 1150 12.08 47.79 23.75
C HIS B 1150 11.01 46.80 23.34
N LYS B 1151 10.10 47.21 22.45
CA LYS B 1151 9.03 46.34 22.00
C LYS B 1151 9.46 45.37 20.90
N VAL B 1152 10.52 45.71 20.18
CA VAL B 1152 11.01 44.85 19.12
C VAL B 1152 11.89 43.73 19.68
N LEU B 1153 12.69 44.07 20.69
CA LEU B 1153 13.57 43.10 21.32
C LEU B 1153 12.75 42.02 22.01
N GLU B 1154 11.69 42.42 22.70
CA GLU B 1154 10.83 41.49 23.40
C GLU B 1154 10.26 40.48 22.41
N ASP B 1155 9.72 40.98 21.30
CA ASP B 1155 9.15 40.12 20.27
C ASP B 1155 10.21 39.17 19.75
N ALA B 1156 11.37 39.71 19.42
CA ALA B 1156 12.49 38.91 18.91
C ALA B 1156 12.88 37.84 19.92
N GLY B 1157 12.69 38.14 21.20
CA GLY B 1157 13.03 37.20 22.25
C GLY B 1157 11.91 36.20 22.53
N GLN B 1158 10.96 36.12 21.61
CA GLN B 1158 9.83 35.20 21.75
C GLN B 1158 9.81 34.20 20.61
N ARG B 1159 10.52 34.52 19.53
CA ARG B 1159 10.59 33.66 18.36
C ARG B 1159 11.74 32.68 18.52
N PRO B 1160 11.65 31.50 17.88
CA PRO B 1160 12.71 30.50 17.97
C PRO B 1160 13.96 30.88 17.19
N HIS B 1161 15.12 30.49 17.72
CA HIS B 1161 16.40 30.79 17.09
C HIS B 1161 17.19 29.49 16.93
N ILE B 1162 18.08 29.44 15.93
CA ILE B 1162 18.89 28.25 15.70
C ILE B 1162 19.63 27.93 17.00
N MET B 1163 20.32 28.93 17.53
CA MET B 1163 21.06 28.78 18.76
C MET B 1163 20.37 29.59 19.85
N ASP B 1164 20.53 29.16 21.10
CA ASP B 1164 19.91 29.84 22.24
C ASP B 1164 19.86 31.35 22.12
N PHE B 1165 18.85 31.94 22.75
CA PHE B 1165 18.66 33.39 22.72
C PHE B 1165 19.21 34.04 23.98
N THR B 1166 20.00 35.09 23.80
CA THR B 1166 20.59 35.83 24.92
C THR B 1166 20.63 37.32 24.59
N ARG B 1167 20.15 38.12 25.54
CA ARG B 1167 20.08 39.58 25.40
C ARG B 1167 21.28 40.22 24.68
N LEU B 1168 22.47 40.08 25.27
CA LEU B 1168 23.67 40.67 24.67
C LEU B 1168 24.01 40.11 23.30
N ARG B 1169 23.73 38.84 23.07
CA ARG B 1169 24.03 38.22 21.78
C ARG B 1169 23.35 38.98 20.64
N VAL B 1170 22.08 39.30 20.83
CA VAL B 1170 21.32 40.02 19.82
C VAL B 1170 21.60 41.52 19.84
N LEU B 1171 21.68 42.10 21.03
CA LEU B 1171 21.95 43.53 21.15
C LEU B 1171 23.29 43.87 20.51
N ASN B 1172 24.32 43.08 20.83
CA ASN B 1172 25.63 43.32 20.25
C ASN B 1172 25.55 43.22 18.73
N SER B 1173 24.80 42.23 18.25
CA SER B 1173 24.62 42.05 16.82
C SER B 1173 23.93 43.28 16.25
N PHE B 1174 23.00 43.82 17.04
CA PHE B 1174 22.25 45.01 16.64
C PHE B 1174 23.12 46.26 16.69
N PHE B 1175 23.84 46.45 17.80
CA PHE B 1175 24.70 47.61 17.95
C PHE B 1175 25.77 47.65 16.87
N SER B 1176 26.41 46.52 16.61
CA SER B 1176 27.45 46.43 15.60
C SER B 1176 26.88 46.88 14.26
N LEU B 1177 25.59 46.64 14.07
CA LEU B 1177 24.91 47.01 12.83
C LEU B 1177 24.56 48.49 12.86
N MET B 1178 23.91 48.93 13.93
CA MET B 1178 23.53 50.33 14.07
C MET B 1178 24.76 51.22 14.06
N ASN B 1179 25.84 50.74 14.66
CA ASN B 1179 27.09 51.50 14.70
C ASN B 1179 27.69 51.59 13.30
N ARG B 1180 27.59 50.48 12.55
CA ARG B 1180 28.12 50.44 11.20
C ARG B 1180 27.40 51.49 10.35
N SER B 1181 26.11 51.67 10.61
CA SER B 1181 25.31 52.64 9.88
C SER B 1181 25.90 54.03 10.07
N ILE B 1182 26.20 54.35 11.33
CA ILE B 1182 26.77 55.65 11.67
C ILE B 1182 28.13 55.81 10.99
N VAL B 1183 28.90 54.73 10.96
CA VAL B 1183 30.21 54.74 10.33
C VAL B 1183 30.08 54.97 8.83
N ASN B 1184 28.90 54.68 8.29
CA ASN B 1184 28.66 54.87 6.86
C ASN B 1184 28.47 56.34 6.54
N VAL B 1185 28.34 57.16 7.58
CA VAL B 1185 28.18 58.60 7.39
C VAL B 1185 29.55 59.26 7.42
N ILE B 1186 30.36 58.87 8.39
CA ILE B 1186 31.71 59.41 8.53
C ILE B 1186 32.52 59.01 7.30
N GLU B 1187 32.09 57.94 6.65
CA GLU B 1187 32.76 57.43 5.46
C GLU B 1187 32.21 58.16 4.24
N TYR B 1188 30.95 58.59 4.34
CA TYR B 1188 30.28 59.30 3.25
C TYR B 1188 30.88 60.69 3.05
N ASN B 1189 30.77 61.54 4.08
CA ASN B 1189 31.29 62.90 4.01
C ASN B 1189 32.78 62.91 3.77
N GLN B 1190 33.46 61.85 4.20
CA GLN B 1190 34.90 61.73 4.04
C GLN B 1190 35.27 61.75 2.55
N LEU B 1191 34.34 61.29 1.73
CA LEU B 1191 34.54 61.26 0.28
C LEU B 1191 33.74 62.37 -0.39
N HIS B 1192 32.44 62.41 -0.10
CA HIS B 1192 31.56 63.43 -0.65
C HIS B 1192 31.57 64.68 0.23
N SER B 1193 32.72 65.35 0.27
CA SER B 1193 32.87 66.55 1.06
C SER B 1193 32.36 67.79 0.34
N ASP B 1194 32.26 67.70 -0.99
CA ASP B 1194 31.79 68.81 -1.80
C ASP B 1194 30.37 69.20 -1.39
N PHE B 1195 29.82 68.46 -0.43
CA PHE B 1195 28.48 68.68 0.09
C PHE B 1195 28.11 67.53 1.02
N PRO B 1196 28.54 67.61 2.29
CA PRO B 1196 28.24 66.55 3.25
C PRO B 1196 26.74 66.34 3.42
N MET B 1197 26.36 65.15 3.88
CA MET B 1197 24.96 64.82 4.09
C MET B 1197 24.25 65.90 4.90
N SER B 1198 22.99 66.16 4.57
CA SER B 1198 22.21 67.18 5.25
C SER B 1198 21.43 66.58 6.42
N PRO B 1199 21.10 67.40 7.43
CA PRO B 1199 20.35 66.96 8.60
C PRO B 1199 19.04 66.27 8.23
N GLU B 1200 18.60 66.48 6.99
CA GLU B 1200 17.38 65.88 6.49
C GLU B 1200 17.60 64.41 6.11
N ASN B 1201 18.80 64.11 5.63
CA ASN B 1201 19.15 62.74 5.23
C ASN B 1201 19.67 61.94 6.42
N GLN B 1202 20.55 62.55 7.20
CA GLN B 1202 21.12 61.89 8.37
C GLN B 1202 20.03 61.54 9.38
N SER B 1203 18.81 62.00 9.11
CA SER B 1203 17.67 61.74 9.98
C SER B 1203 16.85 60.58 9.45
N ASN B 1204 16.60 60.59 8.13
CA ASN B 1204 15.83 59.54 7.49
C ASN B 1204 16.67 58.28 7.38
N TYR B 1205 17.92 58.44 6.96
CA TYR B 1205 18.85 57.33 6.80
C TYR B 1205 19.02 56.56 8.11
N ILE B 1206 19.52 57.25 9.13
CA ILE B 1206 19.75 56.64 10.43
C ILE B 1206 18.48 56.05 11.04
N THR B 1207 17.43 56.85 11.10
CA THR B 1207 16.15 56.40 11.65
C THR B 1207 15.64 55.16 10.92
N ASN B 1208 15.98 55.05 9.65
CA ASN B 1208 15.56 53.90 8.85
C ASN B 1208 16.51 52.72 9.02
N ARG B 1209 17.78 53.02 9.29
CA ARG B 1209 18.78 51.98 9.49
C ARG B 1209 18.58 51.33 10.86
N LEU B 1210 18.11 52.11 11.82
CA LEU B 1210 17.86 51.61 13.16
C LEU B 1210 16.95 50.40 13.07
N LEU B 1211 15.85 50.57 12.35
CA LEU B 1211 14.88 49.49 12.16
C LEU B 1211 15.51 48.37 11.34
N TYR B 1212 16.38 48.75 10.41
CA TYR B 1212 17.07 47.79 9.56
C TYR B 1212 18.00 46.92 10.40
N SER B 1213 18.72 47.55 11.31
CA SER B 1213 19.66 46.84 12.18
C SER B 1213 18.95 46.04 13.26
N LEU B 1214 17.67 46.36 13.51
CA LEU B 1214 16.90 45.65 14.52
C LEU B 1214 16.41 44.29 14.04
N MET B 1215 16.18 44.17 12.73
CA MET B 1215 15.70 42.90 12.17
C MET B 1215 16.86 41.97 11.82
N TRP B 1216 18.01 42.56 11.52
CA TRP B 1216 19.19 41.77 11.18
C TRP B 1216 20.07 41.55 12.41
N GLY B 1217 19.78 42.28 13.47
CA GLY B 1217 20.55 42.15 14.70
C GLY B 1217 19.98 41.03 15.56
N LEU B 1218 18.66 40.90 15.56
CA LEU B 1218 17.99 39.87 16.35
C LEU B 1218 17.45 38.79 15.42
N GLY B 1219 17.27 39.15 14.15
CA GLY B 1219 16.75 38.21 13.19
C GLY B 1219 17.79 37.29 12.59
N GLY B 1220 19.06 37.71 12.66
CA GLY B 1220 20.13 36.89 12.12
C GLY B 1220 20.05 35.45 12.56
N SER B 1221 19.83 35.24 13.85
CA SER B 1221 19.75 33.90 14.41
C SER B 1221 18.34 33.31 14.31
N MET B 1222 17.53 33.84 13.40
CA MET B 1222 16.18 33.35 13.20
C MET B 1222 16.01 32.58 11.90
N GLY B 1223 14.98 31.72 11.86
CA GLY B 1223 14.73 30.94 10.67
C GLY B 1223 14.55 31.81 9.44
N LEU B 1224 14.65 31.20 8.26
CA LEU B 1224 14.50 31.93 7.02
C LEU B 1224 13.13 32.58 6.97
N VAL B 1225 12.11 31.83 7.37
CA VAL B 1225 10.73 32.32 7.38
C VAL B 1225 10.45 33.11 8.66
N GLU B 1226 10.95 32.59 9.78
CA GLU B 1226 10.77 33.23 11.07
C GLU B 1226 11.28 34.66 11.02
N ARG B 1227 12.29 34.88 10.20
CA ARG B 1227 12.89 36.20 10.04
C ARG B 1227 11.95 37.15 9.29
N GLU B 1228 11.26 36.62 8.29
CA GLU B 1228 10.33 37.43 7.50
C GLU B 1228 9.22 37.99 8.36
N ASN B 1229 8.55 37.13 9.12
CA ASN B 1229 7.47 37.58 9.99
C ASN B 1229 7.98 38.65 10.95
N PHE B 1230 9.22 38.48 11.40
CA PHE B 1230 9.83 39.43 12.32
C PHE B 1230 10.00 40.78 11.63
N SER B 1231 10.55 40.75 10.42
CA SER B 1231 10.77 41.97 9.66
C SER B 1231 9.44 42.66 9.40
N LYS B 1232 8.39 41.87 9.18
CA LYS B 1232 7.07 42.42 8.94
C LYS B 1232 6.57 43.13 10.19
N PHE B 1233 6.81 42.51 11.35
CA PHE B 1233 6.41 43.09 12.62
C PHE B 1233 6.98 44.50 12.75
N ILE B 1234 8.29 44.62 12.55
CA ILE B 1234 8.98 45.90 12.65
C ILE B 1234 8.30 46.96 11.79
N GLN B 1235 7.72 46.54 10.68
CA GLN B 1235 7.02 47.47 9.78
C GLN B 1235 5.67 47.87 10.37
N THR B 1236 4.98 46.90 10.95
CA THR B 1236 3.67 47.15 11.55
C THR B 1236 3.83 47.59 13.01
N ILE B 1237 4.74 48.54 13.24
CA ILE B 1237 4.98 49.06 14.58
C ILE B 1237 5.80 50.34 14.53
N ALA B 1238 6.55 50.53 13.45
CA ALA B 1238 7.38 51.72 13.29
C ALA B 1238 6.57 52.86 12.68
N ILE B 1239 7.05 54.08 12.87
CA ILE B 1239 6.38 55.26 12.34
C ILE B 1239 7.06 55.79 11.09
N THR B 1240 8.39 55.82 11.12
CA THR B 1240 9.19 56.30 10.00
C THR B 1240 8.64 55.65 8.72
N PRO B 1241 8.71 56.37 7.58
CA PRO B 1241 8.20 55.80 6.32
C PRO B 1241 8.67 54.37 6.07
N VAL B 1242 7.72 53.44 6.08
CA VAL B 1242 8.02 52.03 5.85
C VAL B 1242 7.36 51.54 4.57
N PRO B 1243 8.06 50.66 3.82
CA PRO B 1243 7.51 50.11 2.57
C PRO B 1243 6.16 49.44 2.78
N ALA B 1244 5.45 49.22 1.68
CA ALA B 1244 4.13 48.59 1.74
C ALA B 1244 4.21 47.25 2.46
N ASN B 1245 3.11 46.87 3.12
CA ASN B 1245 3.05 45.61 3.85
C ASN B 1245 2.86 44.43 2.90
N THR B 1246 3.20 44.64 1.63
CA THR B 1246 3.08 43.59 0.62
C THR B 1246 4.42 42.90 0.40
N ILE B 1247 5.49 43.58 0.77
CA ILE B 1247 6.83 43.04 0.63
C ILE B 1247 7.58 43.15 1.94
N PRO B 1248 7.97 42.01 2.54
CA PRO B 1248 8.70 42.01 3.81
C PRO B 1248 9.86 42.99 3.80
N LEU B 1249 10.05 43.70 4.91
CA LEU B 1249 11.12 44.68 5.03
C LEU B 1249 12.45 43.98 4.72
N LEU B 1250 12.47 42.68 4.97
CA LEU B 1250 13.65 41.84 4.74
C LEU B 1250 14.13 41.98 3.30
N ASP B 1251 13.19 42.21 2.39
CA ASP B 1251 13.50 42.35 0.97
C ASP B 1251 13.95 43.77 0.63
N TYR B 1252 13.89 44.67 1.61
CA TYR B 1252 14.29 46.06 1.41
C TYR B 1252 15.61 46.42 2.07
N SER B 1253 16.27 47.43 1.52
CA SER B 1253 17.55 47.91 2.04
C SER B 1253 17.44 49.38 2.39
N VAL B 1254 18.52 49.94 2.92
CA VAL B 1254 18.54 51.35 3.29
C VAL B 1254 19.60 52.10 2.49
N SER B 1255 19.15 52.90 1.53
CA SER B 1255 20.05 53.67 0.69
C SER B 1255 20.67 54.82 1.47
N ILE B 1256 21.97 55.02 1.31
CA ILE B 1256 22.66 56.09 2.01
C ILE B 1256 22.37 57.44 1.34
N ASP B 1257 22.28 57.43 0.02
CA ASP B 1257 22.00 58.63 -0.75
C ASP B 1257 20.54 59.01 -0.59
N ASP B 1258 19.67 58.28 -1.30
CA ASP B 1258 18.23 58.51 -1.27
C ASP B 1258 17.69 58.56 0.15
N ALA B 1259 18.41 57.95 1.08
CA ALA B 1259 18.00 57.91 2.48
C ALA B 1259 16.63 57.28 2.67
N ASN B 1260 15.99 56.91 1.56
CA ASN B 1260 14.68 56.29 1.61
C ASN B 1260 14.81 54.79 1.34
N TRP B 1261 13.70 54.07 1.40
CA TRP B 1261 13.72 52.63 1.16
C TRP B 1261 13.93 52.25 -0.29
N SER B 1262 14.76 51.24 -0.50
CA SER B 1262 15.07 50.73 -1.83
C SER B 1262 14.97 49.21 -1.82
N LEU B 1263 14.52 48.65 -2.94
CA LEU B 1263 14.37 47.20 -3.05
C LEU B 1263 15.73 46.53 -3.24
N TRP B 1264 16.04 45.57 -2.37
CA TRP B 1264 17.31 44.84 -2.45
C TRP B 1264 17.57 44.30 -3.84
N LYS B 1265 16.54 43.77 -4.47
CA LYS B 1265 16.63 43.19 -5.80
C LYS B 1265 17.40 44.09 -6.77
N ASN B 1266 17.36 45.40 -6.53
CA ASN B 1266 18.04 46.35 -7.40
C ASN B 1266 19.54 46.36 -7.14
N LYS B 1267 20.07 45.26 -6.62
CA LYS B 1267 21.49 45.14 -6.33
C LYS B 1267 22.14 44.00 -7.10
N VAL B 1268 23.43 44.15 -7.38
CA VAL B 1268 24.20 43.15 -8.11
C VAL B 1268 23.38 42.45 -9.18
N GLU B 1272 28.98 38.64 -17.02
CA GLU B 1272 28.25 37.60 -16.30
C GLU B 1272 29.19 36.48 -15.87
N VAL B 1273 29.16 35.38 -16.62
CA VAL B 1273 30.01 34.23 -16.33
C VAL B 1273 30.53 33.60 -17.62
N GLU B 1274 31.78 33.17 -17.59
CA GLU B 1274 32.41 32.56 -18.76
C GLU B 1274 32.18 31.05 -18.80
N THR B 1275 32.50 30.44 -19.94
CA THR B 1275 32.32 29.01 -20.15
C THR B 1275 33.14 28.14 -19.20
N HIS B 1276 34.45 28.07 -19.44
CA HIS B 1276 35.33 27.25 -18.62
C HIS B 1276 35.02 27.35 -17.12
N LYS B 1277 34.60 28.53 -16.68
CA LYS B 1277 34.29 28.75 -15.27
C LYS B 1277 32.79 28.69 -14.98
N VAL B 1278 32.15 27.57 -15.32
CA VAL B 1278 30.73 27.40 -15.08
C VAL B 1278 30.42 27.46 -13.58
N ALA B 1279 30.52 26.31 -12.93
CA ALA B 1279 30.25 26.24 -11.49
C ALA B 1279 31.53 26.29 -10.67
N SER B 1280 32.56 26.91 -11.24
CA SER B 1280 33.84 27.04 -10.54
C SER B 1280 33.58 27.56 -9.13
N PRO B 1281 34.19 26.92 -8.13
CA PRO B 1281 34.04 27.30 -6.72
C PRO B 1281 34.00 28.80 -6.46
N ASP B 1282 35.11 29.47 -6.75
CA ASP B 1282 35.22 30.92 -6.54
C ASP B 1282 34.06 31.71 -7.14
N VAL B 1283 33.56 31.28 -8.29
CA VAL B 1283 32.44 31.96 -8.94
C VAL B 1283 31.22 31.99 -8.04
N VAL B 1284 30.71 33.19 -7.78
CA VAL B 1284 29.54 33.37 -6.93
C VAL B 1284 28.51 34.28 -7.60
N ILE B 1285 27.44 33.69 -8.13
CA ILE B 1285 26.39 34.46 -8.79
C ILE B 1285 25.63 35.30 -7.77
N PRO B 1286 25.46 36.60 -8.05
CA PRO B 1286 24.75 37.52 -7.16
C PRO B 1286 23.24 37.27 -7.10
N THR B 1287 22.69 37.27 -5.89
CA THR B 1287 21.26 37.07 -5.69
C THR B 1287 20.81 37.95 -4.52
N VAL B 1288 19.51 38.20 -4.43
CA VAL B 1288 18.97 39.01 -3.36
C VAL B 1288 19.51 38.57 -1.99
N ASP B 1289 20.03 37.35 -1.95
CA ASP B 1289 20.59 36.81 -0.70
C ASP B 1289 22.05 37.22 -0.54
N THR B 1290 22.89 36.78 -1.48
CA THR B 1290 24.32 37.09 -1.45
C THR B 1290 24.57 38.55 -1.12
N THR B 1291 23.84 39.44 -1.79
CA THR B 1291 23.99 40.87 -1.59
C THR B 1291 23.61 41.32 -0.18
N ARG B 1292 22.35 41.17 0.18
CA ARG B 1292 21.88 41.58 1.50
C ARG B 1292 22.61 40.87 2.64
N HIS B 1293 23.38 39.85 2.31
CA HIS B 1293 24.14 39.12 3.32
C HIS B 1293 25.45 39.82 3.62
N VAL B 1294 26.21 40.13 2.57
CA VAL B 1294 27.49 40.81 2.72
C VAL B 1294 27.33 42.07 3.56
N ASP B 1295 26.28 42.83 3.29
CA ASP B 1295 26.02 44.07 4.03
C ASP B 1295 26.02 43.81 5.53
N VAL B 1296 25.27 42.81 5.96
CA VAL B 1296 25.18 42.46 7.37
C VAL B 1296 26.52 41.93 7.90
N LEU B 1297 27.17 41.09 7.09
CA LEU B 1297 28.45 40.52 7.48
C LEU B 1297 29.56 41.56 7.52
N HIS B 1298 29.38 42.65 6.78
CA HIS B 1298 30.37 43.71 6.75
C HIS B 1298 30.36 44.48 8.07
N ALA B 1299 29.18 44.68 8.63
CA ALA B 1299 29.03 45.40 9.88
C ALA B 1299 29.67 44.63 11.04
N TRP B 1300 29.69 43.30 10.92
CA TRP B 1300 30.28 42.47 11.96
C TRP B 1300 31.76 42.18 11.70
N LEU B 1301 32.07 41.84 10.45
CA LEU B 1301 33.46 41.56 10.08
C LEU B 1301 34.27 42.84 10.13
N SER B 1302 33.60 43.95 10.45
CA SER B 1302 34.25 45.25 10.53
C SER B 1302 34.79 45.49 11.94
N GLU B 1303 33.91 45.37 12.93
CA GLU B 1303 34.31 45.58 14.32
C GLU B 1303 35.05 44.34 14.82
N HIS B 1304 35.42 43.48 13.89
CA HIS B 1304 36.14 42.25 14.20
C HIS B 1304 35.48 41.47 15.33
N ARG B 1305 34.24 41.03 15.09
CA ARG B 1305 33.48 40.27 16.07
C ARG B 1305 33.42 38.80 15.66
N PRO B 1306 33.46 37.89 16.63
CA PRO B 1306 33.41 36.45 16.35
C PRO B 1306 32.02 36.00 15.90
N LEU B 1307 31.61 36.45 14.71
CA LEU B 1307 30.31 36.11 14.16
C LEU B 1307 30.24 34.63 13.81
N ILE B 1308 29.01 34.10 13.72
CA ILE B 1308 28.81 32.69 13.40
C ILE B 1308 27.75 32.51 12.33
N LEU B 1309 28.17 31.97 11.18
CA LEU B 1309 27.26 31.72 10.07
C LEU B 1309 26.65 30.33 10.26
N CYS B 1310 25.65 30.24 11.12
CA CYS B 1310 24.99 28.96 11.40
C CYS B 1310 23.99 28.59 10.31
N GLY B 1311 23.98 27.31 9.94
CA GLY B 1311 23.08 26.84 8.91
C GLY B 1311 23.40 25.41 8.48
N PRO B 1312 22.52 24.78 7.69
CA PRO B 1312 22.74 23.41 7.22
C PRO B 1312 23.90 23.31 6.23
N PRO B 1313 24.36 22.07 5.95
CA PRO B 1313 25.47 21.86 5.02
C PRO B 1313 25.11 22.22 3.58
N GLY B 1314 26.03 22.90 2.90
CA GLY B 1314 25.77 23.30 1.52
C GLY B 1314 24.92 24.54 1.43
N SER B 1315 24.48 25.05 2.59
CA SER B 1315 23.63 26.24 2.63
C SER B 1315 24.29 27.41 1.92
N GLY B 1316 25.52 27.73 2.33
CA GLY B 1316 26.24 28.83 1.71
C GLY B 1316 27.19 29.51 2.67
N LYS B 1317 27.28 28.98 3.89
CA LYS B 1317 28.15 29.54 4.92
C LYS B 1317 29.53 29.89 4.38
N THR B 1318 30.32 28.87 4.10
CA THR B 1318 31.69 29.04 3.59
C THR B 1318 31.74 30.00 2.39
N MET B 1319 30.87 29.76 1.41
CA MET B 1319 30.84 30.61 0.22
C MET B 1319 30.49 32.06 0.57
N THR B 1320 29.39 32.24 1.31
CA THR B 1320 28.95 33.56 1.71
C THR B 1320 30.04 34.31 2.46
N LEU B 1321 30.95 33.56 3.08
CA LEU B 1321 32.04 34.14 3.84
C LEU B 1321 33.21 34.53 2.94
N THR B 1322 33.88 33.53 2.38
CA THR B 1322 35.02 33.76 1.50
C THR B 1322 34.73 34.83 0.45
N SER B 1323 33.45 35.05 0.16
CA SER B 1323 33.05 36.04 -0.83
C SER B 1323 33.09 37.45 -0.24
N THR B 1324 32.54 37.60 0.96
CA THR B 1324 32.51 38.90 1.62
C THR B 1324 33.91 39.41 1.95
N LEU B 1325 34.82 38.49 2.26
CA LEU B 1325 36.20 38.85 2.58
C LEU B 1325 36.89 39.42 1.34
N ARG B 1326 36.72 38.72 0.22
CA ARG B 1326 37.32 39.11 -1.04
C ARG B 1326 36.97 40.55 -1.38
N ALA B 1327 35.92 41.08 -0.74
CA ALA B 1327 35.48 42.44 -0.98
C ALA B 1327 36.33 43.46 -0.22
N PHE B 1328 37.11 42.97 0.74
CA PHE B 1328 37.97 43.84 1.54
C PHE B 1328 39.35 43.22 1.69
N PRO B 1329 40.30 43.61 0.81
CA PRO B 1329 41.68 43.12 0.80
C PRO B 1329 42.43 43.28 2.12
N ASP B 1330 41.79 43.88 3.12
CA ASP B 1330 42.43 44.07 4.43
C ASP B 1330 42.20 42.91 5.38
N PHE B 1331 42.05 41.71 4.83
CA PHE B 1331 41.83 40.52 5.64
C PHE B 1331 42.56 39.31 5.06
N GLU B 1332 43.15 38.51 5.93
CA GLU B 1332 43.87 37.31 5.49
C GLU B 1332 43.17 36.07 6.03
N VAL B 1333 42.25 35.52 5.25
CA VAL B 1333 41.51 34.33 5.64
C VAL B 1333 42.43 33.12 5.85
N VAL B 1334 42.10 32.32 6.87
CA VAL B 1334 42.87 31.13 7.18
C VAL B 1334 41.94 30.00 7.61
N SER B 1335 41.64 29.10 6.68
CA SER B 1335 40.75 27.97 6.95
C SER B 1335 41.26 27.11 8.10
N LEU B 1336 40.38 26.28 8.64
CA LEU B 1336 40.73 25.38 9.74
C LEU B 1336 39.53 24.48 10.06
N ASN B 1337 39.68 23.19 9.78
CA ASN B 1337 38.60 22.24 10.03
C ASN B 1337 38.58 21.71 11.46
N PHE B 1338 37.70 22.26 12.29
CA PHE B 1338 37.57 21.83 13.67
C PHE B 1338 37.05 20.40 13.72
N SER B 1339 36.96 19.84 14.92
CA SER B 1339 36.47 18.48 15.09
C SER B 1339 36.18 18.20 16.56
N SER B 1340 36.17 16.92 16.91
CA SER B 1340 35.91 16.50 18.28
C SER B 1340 37.21 16.33 19.06
N ALA B 1341 38.33 16.43 18.34
CA ALA B 1341 39.65 16.30 18.94
C ALA B 1341 40.33 17.66 19.01
N THR B 1342 39.65 18.67 18.47
CA THR B 1342 40.18 20.02 18.46
C THR B 1342 40.34 20.59 19.86
N THR B 1343 41.52 21.11 20.13
CA THR B 1343 41.84 21.70 21.44
C THR B 1343 42.60 23.01 21.21
N PRO B 1344 42.62 23.89 22.22
CA PRO B 1344 43.33 25.17 22.11
C PRO B 1344 44.73 25.04 21.54
N GLU B 1345 45.42 23.97 21.91
CA GLU B 1345 46.77 23.72 21.43
C GLU B 1345 46.84 23.63 19.92
N LEU B 1346 45.94 22.86 19.33
CA LEU B 1346 45.91 22.70 17.88
C LEU B 1346 45.64 24.04 17.20
N LEU B 1347 44.81 24.86 17.84
CA LEU B 1347 44.47 26.17 17.32
C LEU B 1347 45.64 27.14 17.43
N LEU B 1348 46.37 27.06 18.54
CA LEU B 1348 47.51 27.94 18.77
C LEU B 1348 48.64 27.60 17.80
N LYS B 1349 48.73 26.32 17.43
CA LYS B 1349 49.77 25.88 16.51
C LYS B 1349 49.56 26.54 15.15
N THR B 1350 48.32 26.92 14.87
CA THR B 1350 47.98 27.57 13.61
C THR B 1350 48.43 29.03 13.63
N PHE B 1351 48.72 29.54 14.83
CA PHE B 1351 49.18 30.92 14.98
C PHE B 1351 50.70 30.97 14.85
N ASP B 1352 51.35 29.90 15.26
CA ASP B 1352 52.80 29.80 15.19
C ASP B 1352 53.26 29.49 13.77
N HIS B 1353 52.36 29.66 12.81
CA HIS B 1353 52.66 29.40 11.41
C HIS B 1353 52.03 30.45 10.50
N HIS B 1354 51.55 31.53 11.10
CA HIS B 1354 50.93 32.62 10.35
C HIS B 1354 51.17 33.98 10.99
N CYS B 1355 51.54 33.99 12.27
CA CYS B 1355 51.79 35.23 12.98
C CYS B 1355 53.22 35.30 13.52
N GLU B 1356 53.47 36.28 14.38
CA GLU B 1356 54.79 36.46 14.98
C GLU B 1356 54.68 37.15 16.33
N TYR B 1357 55.14 36.47 17.36
CA TYR B 1357 55.12 37.00 18.73
C TYR B 1357 56.18 38.08 18.89
N LYS B 1358 55.89 39.28 18.38
CA LYS B 1358 56.83 40.39 18.48
C LYS B 1358 56.59 41.19 19.75
N ARG B 1359 57.68 41.55 20.43
CA ARG B 1359 57.59 42.32 21.67
C ARG B 1359 57.64 43.82 21.42
N THR B 1360 56.89 44.57 22.22
CA THR B 1360 56.85 46.01 22.11
C THR B 1360 57.91 46.64 23.02
N PRO B 1361 58.43 47.82 22.65
CA PRO B 1361 59.46 48.48 23.45
C PRO B 1361 58.92 48.91 24.82
N SER B 1362 57.67 48.56 25.10
CA SER B 1362 57.03 48.91 26.36
C SER B 1362 57.11 47.75 27.35
N GLY B 1363 57.74 46.66 26.92
CA GLY B 1363 57.88 45.50 27.78
C GLY B 1363 56.64 44.64 27.76
N GLU B 1364 56.12 44.37 26.56
CA GLU B 1364 54.93 43.54 26.41
C GLU B 1364 55.04 42.69 25.14
N THR B 1365 54.44 41.51 25.17
CA THR B 1365 54.47 40.61 24.02
C THR B 1365 53.11 40.55 23.36
N VAL B 1366 53.07 40.78 22.05
CA VAL B 1366 51.82 40.76 21.30
C VAL B 1366 51.87 39.79 20.13
N LEU B 1367 50.70 39.50 19.57
CA LEU B 1367 50.61 38.58 18.44
C LEU B 1367 49.94 39.30 17.26
N ARG B 1368 50.69 39.46 16.17
CA ARG B 1368 50.18 40.12 14.99
C ARG B 1368 50.48 39.30 13.73
N PRO B 1369 49.64 39.44 12.69
CA PRO B 1369 49.83 38.71 11.43
C PRO B 1369 51.25 38.85 10.91
N THR B 1370 51.84 37.73 10.48
CA THR B 1370 53.21 37.75 9.96
C THR B 1370 53.32 38.73 8.80
N GLN B 1371 52.19 39.03 8.18
CA GLN B 1371 52.15 39.96 7.05
C GLN B 1371 51.48 41.27 7.48
N LEU B 1372 52.25 42.10 8.19
CA LEU B 1372 51.73 43.38 8.67
C LEU B 1372 51.04 44.17 7.55
N GLY B 1373 50.03 44.94 7.92
CA GLY B 1373 49.31 45.74 6.94
C GLY B 1373 47.88 45.25 6.75
N LYS B 1374 47.66 43.96 6.98
CA LYS B 1374 46.34 43.38 6.83
C LYS B 1374 45.90 42.68 8.12
N TRP B 1375 44.61 42.36 8.20
CA TRP B 1375 44.06 41.69 9.37
C TRP B 1375 43.88 40.20 9.14
N LEU B 1376 44.41 39.40 10.08
CA LEU B 1376 44.31 37.95 9.99
C LEU B 1376 42.90 37.50 10.36
N VAL B 1377 42.32 36.64 9.52
CA VAL B 1377 40.98 36.12 9.76
C VAL B 1377 41.03 34.61 9.94
N VAL B 1378 40.94 34.17 11.19
CA VAL B 1378 40.97 32.74 11.50
C VAL B 1378 39.57 32.14 11.38
N PHE B 1379 39.27 31.60 10.21
CA PHE B 1379 37.97 30.99 9.95
C PHE B 1379 37.91 29.57 10.52
N CYS B 1380 36.99 29.36 11.45
CA CYS B 1380 36.83 28.05 12.07
C CYS B 1380 35.57 27.36 11.57
N ASP B 1381 35.74 26.28 10.82
CA ASP B 1381 34.61 25.52 10.28
C ASP B 1381 34.18 24.47 11.31
N GLU B 1382 32.87 24.37 11.53
CA GLU B 1382 32.31 23.41 12.49
C GLU B 1382 32.84 23.74 13.89
N ILE B 1383 32.57 24.96 14.36
CA ILE B 1383 33.01 25.41 15.66
C ILE B 1383 32.26 24.80 16.84
N ASN B 1384 31.29 23.95 16.57
CA ASN B 1384 30.50 23.33 17.65
C ASN B 1384 30.81 21.85 17.86
N LEU B 1385 31.71 21.29 17.06
CA LEU B 1385 32.06 19.88 17.19
C LEU B 1385 32.90 19.57 18.43
N PRO B 1386 33.86 20.45 18.77
CA PRO B 1386 34.70 20.21 19.95
C PRO B 1386 33.96 19.60 21.12
N SER B 1387 34.12 18.28 21.29
CA SER B 1387 33.46 17.55 22.36
C SER B 1387 33.83 18.10 23.73
N THR B 1388 32.83 18.23 24.60
CA THR B 1388 33.05 18.75 25.95
C THR B 1388 33.82 17.70 26.76
N ASP B 1389 34.33 18.11 27.92
CA ASP B 1389 35.08 17.19 28.77
C ASP B 1389 34.11 16.51 29.74
N LYS B 1390 34.64 16.03 30.86
CA LYS B 1390 33.82 15.36 31.86
C LYS B 1390 32.77 16.32 32.42
N TYR B 1391 33.14 17.59 32.54
CA TYR B 1391 32.25 18.60 33.09
C TYR B 1391 31.82 19.62 32.05
N GLY B 1392 31.02 19.14 31.08
CA GLY B 1392 30.52 20.00 30.02
C GLY B 1392 31.22 21.34 29.84
N THR B 1393 32.21 21.37 28.95
CA THR B 1393 32.97 22.58 28.68
C THR B 1393 33.98 22.34 27.56
N GLN B 1394 33.93 23.21 26.55
CA GLN B 1394 34.81 23.10 25.40
C GLN B 1394 36.09 23.93 25.56
N ARG B 1395 37.22 23.23 25.69
CA ARG B 1395 38.51 23.88 25.84
C ARG B 1395 38.70 24.96 24.79
N VAL B 1396 38.52 24.59 23.53
CA VAL B 1396 38.67 25.49 22.40
C VAL B 1396 37.79 26.73 22.50
N ILE B 1397 36.51 26.53 22.73
CA ILE B 1397 35.55 27.62 22.84
C ILE B 1397 35.93 28.65 23.91
N THR B 1398 35.90 28.23 25.17
CA THR B 1398 36.24 29.12 26.28
C THR B 1398 37.55 29.84 26.03
N PHE B 1399 38.51 29.15 25.41
CA PHE B 1399 39.80 29.73 25.11
C PHE B 1399 39.68 30.83 24.08
N ILE B 1400 38.84 30.61 23.07
CA ILE B 1400 38.62 31.59 22.02
C ILE B 1400 37.81 32.77 22.59
N ARG B 1401 37.08 32.51 23.67
CA ARG B 1401 36.26 33.53 24.32
C ARG B 1401 37.18 34.45 25.10
N GLN B 1402 38.26 33.89 25.63
CA GLN B 1402 39.23 34.63 26.42
C GLN B 1402 40.01 35.61 25.53
N MET B 1403 40.15 35.27 24.26
CA MET B 1403 40.88 36.10 23.30
C MET B 1403 40.00 37.22 22.74
N VAL B 1404 38.70 37.18 23.07
CA VAL B 1404 37.77 38.19 22.58
C VAL B 1404 37.26 39.09 23.71
N GLU B 1405 37.17 38.54 24.91
CA GLU B 1405 36.68 39.30 26.05
C GLU B 1405 37.80 39.86 26.92
N LYS B 1406 39.01 39.35 26.71
CA LYS B 1406 40.16 39.80 27.49
C LYS B 1406 41.25 40.42 26.61
N GLY B 1407 41.20 40.10 25.32
CA GLY B 1407 42.18 40.65 24.39
C GLY B 1407 43.37 39.75 24.13
N GLY B 1408 43.57 38.73 24.96
CA GLY B 1408 44.70 37.84 24.76
C GLY B 1408 44.54 36.50 25.45
N PHE B 1409 45.66 35.92 25.87
CA PHE B 1409 45.66 34.63 26.54
C PHE B 1409 47.01 34.41 27.23
N TRP B 1410 47.14 33.29 27.93
CA TRP B 1410 48.39 32.98 28.63
C TRP B 1410 49.19 31.89 27.93
N ARG B 1411 50.47 32.17 27.73
CA ARG B 1411 51.38 31.22 27.08
C ARG B 1411 52.00 30.36 28.17
N THR B 1412 51.45 29.17 28.37
CA THR B 1412 51.93 28.25 29.39
C THR B 1412 53.36 27.77 29.19
N SER B 1413 54.15 28.52 28.43
CA SER B 1413 55.55 28.16 28.19
C SER B 1413 56.44 28.97 29.11
N ASP B 1414 55.94 30.12 29.54
CA ASP B 1414 56.69 31.00 30.44
C ASP B 1414 55.74 31.93 31.20
N HIS B 1415 54.44 31.67 31.07
CA HIS B 1415 53.41 32.46 31.73
C HIS B 1415 53.45 33.94 31.34
N THR B 1416 53.45 34.20 30.04
CA THR B 1416 53.47 35.57 29.54
C THR B 1416 52.14 35.84 28.83
N TRP B 1417 51.47 36.91 29.23
CA TRP B 1417 50.18 37.26 28.63
C TRP B 1417 50.33 37.91 27.25
N ILE B 1418 50.03 37.15 26.21
CA ILE B 1418 50.12 37.65 24.84
C ILE B 1418 48.87 38.46 24.51
N LYS B 1419 49.07 39.61 23.89
CA LYS B 1419 47.97 40.48 23.52
C LYS B 1419 47.71 40.42 22.02
N LEU B 1420 46.49 40.08 21.64
CA LEU B 1420 46.12 39.98 20.22
C LEU B 1420 46.11 41.37 19.59
N ASP B 1421 46.73 41.48 18.42
CA ASP B 1421 46.80 42.75 17.71
C ASP B 1421 45.81 42.82 16.56
N LYS B 1422 46.15 42.18 15.44
CA LYS B 1422 45.27 42.18 14.27
C LYS B 1422 44.80 40.79 13.90
N ILE B 1423 44.02 40.18 14.79
CA ILE B 1423 43.50 38.83 14.54
C ILE B 1423 42.11 38.65 15.15
N GLN B 1424 41.17 38.22 14.33
CA GLN B 1424 39.79 38.00 14.76
C GLN B 1424 39.39 36.56 14.45
N PHE B 1425 38.09 36.25 14.55
CA PHE B 1425 37.63 34.89 14.28
C PHE B 1425 36.25 34.84 13.64
N VAL B 1426 36.11 33.96 12.65
CA VAL B 1426 34.85 33.78 11.94
C VAL B 1426 34.28 32.41 12.29
N GLY B 1427 32.98 32.36 12.57
CA GLY B 1427 32.34 31.11 12.93
C GLY B 1427 31.45 30.54 11.84
N ALA B 1428 31.37 29.22 11.79
CA ALA B 1428 30.56 28.52 10.81
C ALA B 1428 30.33 27.08 11.24
N CYS B 1429 29.06 26.70 11.39
CA CYS B 1429 28.71 25.35 11.81
C CYS B 1429 27.23 25.09 11.59
N ASN B 1430 26.84 23.82 11.70
CA ASN B 1430 25.45 23.43 11.53
C ASN B 1430 24.68 23.69 12.82
N PRO B 1431 23.34 23.63 12.77
CA PRO B 1431 22.52 23.86 13.97
C PRO B 1431 22.84 22.88 15.09
N PRO B 1432 22.64 23.30 16.35
CA PRO B 1432 22.90 22.45 17.52
C PRO B 1432 21.95 21.27 17.62
N THR B 1433 21.06 21.14 16.63
CA THR B 1433 20.09 20.05 16.60
C THR B 1433 20.74 18.77 16.11
N ASP B 1434 21.49 18.88 15.01
CA ASP B 1434 22.18 17.72 14.43
C ASP B 1434 22.97 16.95 15.48
N ALA B 1435 23.29 15.71 15.18
CA ALA B 1435 24.05 14.86 16.09
C ALA B 1435 25.53 15.23 16.06
N GLY B 1436 26.19 15.06 17.20
CA GLY B 1436 27.61 15.38 17.28
C GLY B 1436 27.85 16.85 17.59
N ARG B 1437 26.97 17.70 17.06
CA ARG B 1437 27.08 19.14 17.28
C ARG B 1437 26.66 19.50 18.70
N VAL B 1438 27.57 20.10 19.45
CA VAL B 1438 27.29 20.48 20.84
C VAL B 1438 26.92 21.96 20.94
N GLN B 1439 26.26 22.32 22.04
CA GLN B 1439 25.85 23.71 22.27
C GLN B 1439 27.00 24.57 22.78
N LEU B 1440 27.05 25.80 22.30
CA LEU B 1440 28.10 26.74 22.69
C LEU B 1440 27.68 27.50 23.95
N THR B 1441 28.55 27.50 24.95
CA THR B 1441 28.27 28.19 26.21
C THR B 1441 27.94 29.65 25.93
N HIS B 1442 26.86 30.13 26.54
CA HIS B 1442 26.40 31.50 26.36
C HIS B 1442 27.50 32.53 26.64
N ARG B 1443 28.45 32.18 27.49
CA ARG B 1443 29.54 33.10 27.82
C ARG B 1443 30.32 33.49 26.56
N PHE B 1444 30.14 32.71 25.49
CA PHE B 1444 30.80 32.97 24.23
C PHE B 1444 29.86 33.58 23.20
N LEU B 1445 28.67 33.00 23.07
CA LEU B 1445 27.67 33.48 22.13
C LEU B 1445 27.35 34.97 22.27
N ARG B 1446 27.38 35.48 23.49
CA ARG B 1446 27.08 36.88 23.72
C ARG B 1446 27.99 37.78 22.89
N HIS B 1447 29.15 37.27 22.51
CA HIS B 1447 30.10 38.04 21.72
C HIS B 1447 30.08 37.57 20.27
N ALA B 1448 29.24 36.59 19.99
CA ALA B 1448 29.14 36.03 18.65
C ALA B 1448 27.78 36.21 17.97
N PRO B 1449 27.69 37.15 17.01
CA PRO B 1449 26.44 37.40 16.30
C PRO B 1449 26.15 36.25 15.33
N ILE B 1450 24.92 35.77 15.33
CA ILE B 1450 24.53 34.65 14.47
C ILE B 1450 23.70 35.06 13.26
N LEU B 1451 24.03 34.46 12.11
CA LEU B 1451 23.34 34.72 10.85
C LEU B 1451 22.93 33.40 10.22
N LEU B 1452 21.66 33.03 10.36
CA LEU B 1452 21.17 31.78 9.79
C LEU B 1452 21.24 31.82 8.27
N VAL B 1453 21.81 30.78 7.69
CA VAL B 1453 21.92 30.67 6.25
C VAL B 1453 21.20 29.41 5.79
N ASP B 1454 20.13 29.59 5.02
CA ASP B 1454 19.35 28.46 4.53
C ASP B 1454 19.50 28.35 3.01
N PHE B 1455 19.17 27.18 2.47
CA PHE B 1455 19.27 26.92 1.04
C PHE B 1455 18.61 28.04 0.23
N PRO B 1456 19.29 28.51 -0.83
CA PRO B 1456 18.74 29.57 -1.68
C PRO B 1456 17.37 29.17 -2.22
N SER B 1457 16.40 30.07 -2.08
CA SER B 1457 15.04 29.81 -2.54
C SER B 1457 15.02 29.06 -3.87
N THR B 1458 14.05 28.17 -4.03
CA THR B 1458 13.90 27.38 -5.23
C THR B 1458 14.04 28.19 -6.52
N SER B 1459 13.57 29.43 -6.48
CA SER B 1459 13.64 30.31 -7.64
C SER B 1459 15.01 30.97 -7.77
N SER B 1460 15.68 31.15 -6.63
CA SER B 1460 17.00 31.76 -6.62
C SER B 1460 18.03 30.80 -7.23
N LEU B 1461 17.83 29.51 -7.00
CA LEU B 1461 18.73 28.49 -7.52
C LEU B 1461 18.62 28.41 -9.04
N THR B 1462 17.44 28.71 -9.56
CA THR B 1462 17.22 28.68 -11.00
C THR B 1462 17.86 29.92 -11.64
N GLN B 1463 18.05 30.95 -10.84
CA GLN B 1463 18.66 32.19 -11.30
C GLN B 1463 20.18 32.01 -11.25
N ILE B 1464 20.64 31.35 -10.20
CA ILE B 1464 22.05 31.09 -9.99
C ILE B 1464 22.60 30.13 -11.05
N TYR B 1465 22.17 28.87 -10.99
CA TYR B 1465 22.61 27.86 -11.94
C TYR B 1465 22.11 28.11 -13.34
N GLY B 1466 21.02 28.86 -13.46
CA GLY B 1466 20.47 29.16 -14.77
C GLY B 1466 21.50 29.89 -15.61
N THR B 1467 22.33 30.68 -14.93
CA THR B 1467 23.39 31.43 -15.60
C THR B 1467 24.50 30.49 -16.02
N PHE B 1468 24.91 29.63 -15.07
CA PHE B 1468 25.96 28.65 -15.32
C PHE B 1468 25.68 27.90 -16.63
N ASN B 1469 24.42 27.52 -16.82
CA ASN B 1469 24.00 26.79 -18.01
C ASN B 1469 24.01 27.66 -19.25
N ARG B 1470 23.45 28.86 -19.16
CA ARG B 1470 23.42 29.77 -20.30
C ARG B 1470 24.81 29.98 -20.89
N ALA B 1471 25.83 29.88 -20.04
CA ALA B 1471 27.21 30.04 -20.48
C ALA B 1471 27.72 28.68 -20.93
N LEU B 1472 27.16 27.63 -20.33
CA LEU B 1472 27.52 26.26 -20.65
C LEU B 1472 26.97 25.84 -22.01
N MET B 1473 25.68 26.10 -22.23
CA MET B 1473 25.02 25.75 -23.48
C MET B 1473 25.61 26.42 -24.71
N LYS B 1474 26.60 27.29 -24.51
CA LYS B 1474 27.24 27.96 -25.63
C LYS B 1474 28.10 26.98 -26.41
N LEU B 1475 28.45 25.88 -25.76
CA LEU B 1475 29.27 24.84 -26.38
C LEU B 1475 28.40 24.09 -27.39
N LEU B 1476 27.11 23.99 -27.05
CA LEU B 1476 26.15 23.30 -27.91
C LEU B 1476 25.19 24.33 -28.50
N PRO B 1477 25.63 25.01 -29.58
CA PRO B 1477 24.82 26.04 -30.26
C PRO B 1477 23.37 25.63 -30.46
N ASN B 1478 23.17 24.52 -31.14
CA ASN B 1478 21.83 24.00 -31.41
C ASN B 1478 20.95 23.99 -30.16
N LEU B 1479 21.37 23.23 -29.15
CA LEU B 1479 20.62 23.12 -27.90
C LEU B 1479 20.73 24.40 -27.07
N ARG B 1480 20.66 25.56 -27.73
CA ARG B 1480 20.76 26.83 -27.03
C ARG B 1480 19.44 27.24 -26.37
N SER B 1481 18.33 26.88 -26.99
CA SER B 1481 17.01 27.20 -26.44
C SER B 1481 16.69 26.34 -25.24
N PHE B 1482 17.46 25.27 -25.06
CA PHE B 1482 17.25 24.36 -23.94
C PHE B 1482 17.97 24.85 -22.69
N ALA B 1483 18.56 26.04 -22.77
CA ALA B 1483 19.29 26.62 -21.64
C ALA B 1483 18.45 26.60 -20.38
N ASP B 1484 17.38 27.38 -20.37
CA ASP B 1484 16.48 27.46 -19.22
C ASP B 1484 15.94 26.09 -18.83
N ASN B 1485 15.62 25.27 -19.83
CA ASN B 1485 15.10 23.94 -19.59
C ASN B 1485 16.01 23.13 -18.68
N LEU B 1486 17.23 22.89 -19.15
CA LEU B 1486 18.22 22.13 -18.39
C LEU B 1486 18.27 22.62 -16.95
N THR B 1487 18.25 23.94 -16.77
CA THR B 1487 18.29 24.54 -15.45
C THR B 1487 17.12 24.04 -14.60
N ASP B 1488 15.93 24.07 -15.17
CA ASP B 1488 14.73 23.63 -14.47
C ASP B 1488 14.75 22.12 -14.27
N ALA B 1489 15.50 21.42 -15.11
CA ALA B 1489 15.60 19.97 -15.02
C ALA B 1489 16.46 19.57 -13.84
N MET B 1490 17.51 20.35 -13.60
CA MET B 1490 18.43 20.09 -12.49
C MET B 1490 17.85 20.57 -11.17
N VAL B 1491 17.12 21.68 -11.20
CA VAL B 1491 16.51 22.24 -10.00
C VAL B 1491 15.33 21.42 -9.49
N GLU B 1492 14.35 21.17 -10.37
CA GLU B 1492 13.17 20.41 -9.98
C GLU B 1492 13.54 19.06 -9.36
N PHE B 1493 14.29 18.25 -10.10
CA PHE B 1493 14.70 16.95 -9.61
C PHE B 1493 15.31 17.09 -8.22
N TYR B 1494 16.33 17.93 -8.12
CA TYR B 1494 17.01 18.18 -6.85
C TYR B 1494 16.01 18.53 -5.76
N SER B 1495 15.15 19.50 -6.04
CA SER B 1495 14.14 19.96 -5.09
C SER B 1495 13.29 18.80 -4.57
N GLU B 1496 12.81 17.97 -5.49
CA GLU B 1496 11.97 16.83 -5.14
C GLU B 1496 12.75 15.79 -4.34
N SER B 1497 13.98 15.53 -4.74
CA SER B 1497 14.84 14.55 -4.09
C SER B 1497 15.20 14.94 -2.66
N GLN B 1498 15.32 16.24 -2.42
CA GLN B 1498 15.68 16.74 -1.09
C GLN B 1498 14.59 16.51 -0.06
N LYS B 1499 13.34 16.41 -0.52
CA LYS B 1499 12.22 16.21 0.39
C LYS B 1499 11.79 14.75 0.50
N ARG B 1500 11.96 13.99 -0.57
CA ARG B 1500 11.59 12.58 -0.57
C ARG B 1500 12.57 11.82 0.31
N PHE B 1501 13.82 12.26 0.32
CA PHE B 1501 14.86 11.63 1.13
C PHE B 1501 15.40 12.59 2.18
N THR B 1502 14.71 12.66 3.32
CA THR B 1502 15.12 13.54 4.40
C THR B 1502 16.01 12.81 5.41
N PRO B 1503 16.84 13.57 6.15
CA PRO B 1503 17.77 13.04 7.16
C PRO B 1503 17.17 12.01 8.12
N ASP B 1504 16.00 12.33 8.68
CA ASP B 1504 15.34 11.43 9.62
C ASP B 1504 15.18 10.02 9.06
N ILE B 1505 15.17 9.92 7.74
CA ILE B 1505 15.04 8.62 7.07
C ILE B 1505 16.41 7.94 7.07
N GLN B 1506 17.42 8.67 6.62
CA GLN B 1506 18.79 8.17 6.57
C GLN B 1506 19.77 9.31 6.85
N ALA B 1507 20.70 9.06 7.77
CA ALA B 1507 21.70 10.03 8.18
C ALA B 1507 22.35 10.82 7.05
N HIS B 1508 22.82 10.11 6.02
CA HIS B 1508 23.49 10.75 4.90
C HIS B 1508 22.55 11.24 3.80
N TYR B 1509 21.25 11.24 4.06
CA TYR B 1509 20.29 11.70 3.07
C TYR B 1509 20.09 13.21 3.09
N ILE B 1510 21.19 13.94 3.26
CA ILE B 1510 21.15 15.39 3.29
C ILE B 1510 21.62 15.92 1.94
N TYR B 1511 20.91 16.92 1.42
CA TYR B 1511 21.25 17.51 0.13
C TYR B 1511 21.44 19.02 0.24
N SER B 1512 21.94 19.63 -0.83
CA SER B 1512 22.18 21.06 -0.87
C SER B 1512 22.61 21.48 -2.27
N PRO B 1513 22.77 22.79 -2.50
CA PRO B 1513 23.19 23.27 -3.83
C PRO B 1513 24.47 22.59 -4.31
N ARG B 1514 25.23 22.01 -3.38
CA ARG B 1514 26.47 21.33 -3.73
C ARG B 1514 26.27 20.35 -4.88
N GLU B 1515 25.26 19.49 -4.76
CA GLU B 1515 24.97 18.52 -5.81
C GLU B 1515 24.72 19.20 -7.15
N LEU B 1516 23.93 20.27 -7.13
CA LEU B 1516 23.63 21.01 -8.36
C LEU B 1516 24.93 21.45 -9.03
N SER B 1517 25.85 21.99 -8.23
CA SER B 1517 27.13 22.45 -8.77
C SER B 1517 27.86 21.29 -9.43
N ARG B 1518 28.17 20.26 -8.66
CA ARG B 1518 28.86 19.09 -9.19
C ARG B 1518 28.16 18.59 -10.45
N TRP B 1519 26.83 18.69 -10.45
CA TRP B 1519 26.02 18.27 -11.58
C TRP B 1519 26.35 19.15 -12.78
N ASP B 1520 26.37 20.46 -12.54
CA ASP B 1520 26.65 21.43 -13.59
C ASP B 1520 28.05 21.25 -14.17
N ARG B 1521 29.04 21.08 -13.29
CA ARG B 1521 30.41 20.88 -13.74
C ARG B 1521 30.53 19.57 -14.50
N ALA B 1522 29.79 18.57 -14.05
CA ALA B 1522 29.80 17.26 -14.69
C ALA B 1522 29.40 17.45 -16.15
N LEU B 1523 28.29 18.15 -16.36
CA LEU B 1523 27.79 18.42 -17.70
C LEU B 1523 28.89 19.10 -18.51
N LEU B 1524 29.42 20.19 -17.96
CA LEU B 1524 30.47 20.95 -18.61
C LEU B 1524 31.67 20.09 -19.02
N GLU B 1525 32.29 19.43 -18.05
CA GLU B 1525 33.45 18.59 -18.32
C GLU B 1525 33.17 17.51 -19.35
N ALA B 1526 31.92 17.06 -19.43
CA ALA B 1526 31.55 16.01 -20.37
C ALA B 1526 31.35 16.56 -21.77
N ILE B 1527 30.59 17.65 -21.89
CA ILE B 1527 30.31 18.26 -23.18
C ILE B 1527 31.58 18.73 -23.89
N GLN B 1528 32.55 19.21 -23.12
CA GLN B 1528 33.80 19.69 -23.69
C GLN B 1528 34.59 18.57 -24.37
N THR B 1529 34.48 17.36 -23.84
CA THR B 1529 35.20 16.21 -24.40
C THR B 1529 34.33 15.41 -25.36
N MET B 1530 33.64 16.10 -26.27
CA MET B 1530 32.79 15.44 -27.24
C MET B 1530 32.45 16.37 -28.41
N ASP B 1531 32.67 15.88 -29.62
CA ASP B 1531 32.37 16.67 -30.82
C ASP B 1531 30.93 16.46 -31.26
N GLY B 1532 30.07 17.42 -30.91
CA GLY B 1532 28.67 17.33 -31.27
C GLY B 1532 27.87 16.54 -30.26
N CYS B 1533 26.80 17.16 -29.75
CA CYS B 1533 25.95 16.50 -28.76
C CYS B 1533 24.48 16.76 -29.06
N THR B 1534 23.81 15.75 -29.60
CA THR B 1534 22.39 15.87 -29.94
C THR B 1534 21.56 15.98 -28.66
N LEU B 1535 20.37 16.55 -28.78
CA LEU B 1535 19.49 16.71 -27.62
C LEU B 1535 19.44 15.42 -26.81
N GLU B 1536 19.32 14.29 -27.51
CA GLU B 1536 19.26 12.99 -26.85
C GLU B 1536 20.52 12.78 -26.01
N GLY B 1537 21.66 13.17 -26.58
CA GLY B 1537 22.93 13.01 -25.87
C GLY B 1537 22.95 13.84 -24.61
N LEU B 1538 22.46 15.07 -24.70
CA LEU B 1538 22.41 15.98 -23.56
C LEU B 1538 21.51 15.44 -22.46
N VAL B 1539 20.28 15.11 -22.83
CA VAL B 1539 19.31 14.58 -21.87
C VAL B 1539 19.83 13.35 -21.13
N ARG B 1540 20.25 12.33 -21.88
CA ARG B 1540 20.76 11.11 -21.29
C ARG B 1540 21.91 11.41 -20.31
N LEU B 1541 22.76 12.37 -20.68
CA LEU B 1541 23.88 12.74 -19.83
C LEU B 1541 23.32 13.41 -18.58
N TRP B 1542 22.35 14.29 -18.78
CA TRP B 1542 21.70 15.00 -17.68
C TRP B 1542 21.19 14.01 -16.64
N ALA B 1543 20.62 12.91 -17.11
CA ALA B 1543 20.08 11.88 -16.24
C ALA B 1543 21.17 11.12 -15.49
N HIS B 1544 22.22 10.72 -16.20
CA HIS B 1544 23.32 9.99 -15.59
C HIS B 1544 23.86 10.72 -14.36
N GLU B 1545 24.49 11.87 -14.60
CA GLU B 1545 25.06 12.66 -13.52
C GLU B 1545 24.06 12.91 -12.39
N ALA B 1546 22.79 12.62 -12.65
CA ALA B 1546 21.75 12.80 -11.65
C ALA B 1546 21.71 11.57 -10.76
N LEU B 1547 21.64 10.40 -11.38
CA LEU B 1547 21.61 9.12 -10.67
C LEU B 1547 22.85 8.99 -9.78
N ARG B 1548 23.98 9.47 -10.31
CA ARG B 1548 25.26 9.40 -9.60
C ARG B 1548 25.33 10.32 -8.39
N LEU B 1549 24.61 11.44 -8.44
CA LEU B 1549 24.62 12.40 -7.34
C LEU B 1549 23.38 12.31 -6.45
N PHE B 1550 22.43 11.47 -6.81
CA PHE B 1550 21.21 11.33 -6.02
C PHE B 1550 20.78 9.89 -5.75
N GLN B 1551 21.12 8.97 -6.65
CA GLN B 1551 20.74 7.57 -6.48
C GLN B 1551 21.78 6.73 -5.75
N ASP B 1552 22.94 6.56 -6.36
CA ASP B 1552 24.02 5.76 -5.77
C ASP B 1552 24.09 5.80 -4.25
N ARG B 1553 23.76 6.94 -3.67
CA ARG B 1553 23.81 7.08 -2.21
C ARG B 1553 22.64 6.39 -1.53
N LEU B 1554 21.55 6.18 -2.27
CA LEU B 1554 20.36 5.53 -1.73
C LEU B 1554 20.67 4.13 -1.23
N VAL B 1555 19.89 3.67 -0.26
CA VAL B 1555 20.09 2.35 0.31
C VAL B 1555 19.06 1.32 -0.14
N GLU B 1556 17.79 1.57 0.16
CA GLU B 1556 16.73 0.65 -0.23
C GLU B 1556 16.33 0.69 -1.69
N THR B 1557 16.07 -0.48 -2.25
CA THR B 1557 15.69 -0.63 -3.65
C THR B 1557 14.47 0.23 -3.99
N GLU B 1558 13.50 0.26 -3.09
CA GLU B 1558 12.29 1.04 -3.29
C GLU B 1558 12.62 2.51 -3.53
N GLU B 1559 13.67 2.97 -2.88
CA GLU B 1559 14.10 4.37 -3.01
C GLU B 1559 14.80 4.62 -4.34
N LYS B 1560 15.66 3.69 -4.75
CA LYS B 1560 16.37 3.84 -6.02
C LYS B 1560 15.39 3.87 -7.17
N GLU B 1561 14.36 3.04 -7.10
CA GLU B 1561 13.34 2.98 -8.13
C GLU B 1561 12.57 4.29 -8.19
N TRP B 1562 12.20 4.82 -7.02
CA TRP B 1562 11.48 6.07 -6.95
C TRP B 1562 12.27 7.14 -7.70
N THR B 1563 13.59 7.11 -7.51
CA THR B 1563 14.48 8.07 -8.15
C THR B 1563 14.52 7.85 -9.66
N ASP B 1564 14.66 6.60 -10.08
CA ASP B 1564 14.70 6.26 -11.49
C ASP B 1564 13.48 6.80 -12.22
N LYS B 1565 12.32 6.71 -11.59
CA LYS B 1565 11.07 7.19 -12.17
C LYS B 1565 11.03 8.71 -12.19
N LYS B 1566 11.38 9.33 -11.07
CA LYS B 1566 11.38 10.78 -10.96
C LYS B 1566 12.27 11.42 -12.03
N ILE B 1567 13.35 10.74 -12.37
CA ILE B 1567 14.27 11.23 -13.38
C ILE B 1567 13.58 11.29 -14.74
N ASP B 1568 13.06 10.15 -15.18
CA ASP B 1568 12.37 10.09 -16.46
C ASP B 1568 11.20 11.07 -16.48
N GLU B 1569 10.49 11.14 -15.37
CA GLU B 1569 9.35 12.05 -15.24
C GLU B 1569 9.81 13.48 -15.51
N VAL B 1570 10.79 13.93 -14.75
CA VAL B 1570 11.34 15.28 -14.90
C VAL B 1570 11.92 15.48 -16.29
N ALA B 1571 12.51 14.42 -16.84
CA ALA B 1571 13.11 14.48 -18.17
C ALA B 1571 12.05 14.78 -19.23
N LEU B 1572 10.87 14.21 -19.06
CA LEU B 1572 9.78 14.41 -20.01
C LEU B 1572 9.01 15.69 -19.74
N LYS B 1573 9.09 16.17 -18.50
CA LYS B 1573 8.39 17.39 -18.11
C LYS B 1573 9.10 18.65 -18.61
N HIS B 1574 10.41 18.54 -18.81
CA HIS B 1574 11.20 19.68 -19.28
C HIS B 1574 11.74 19.46 -20.69
N PHE B 1575 11.86 18.19 -21.08
CA PHE B 1575 12.36 17.86 -22.42
C PHE B 1575 11.37 16.97 -23.16
N PRO B 1576 10.23 17.55 -23.57
CA PRO B 1576 9.19 16.80 -24.29
C PRO B 1576 9.63 16.36 -25.68
N SER B 1577 10.31 17.25 -26.39
CA SER B 1577 10.77 16.98 -27.75
C SER B 1577 11.92 15.98 -27.85
N VAL B 1578 12.22 15.29 -26.75
CA VAL B 1578 13.30 14.31 -26.75
C VAL B 1578 12.76 12.90 -26.98
N ASN B 1579 13.60 12.04 -27.56
CA ASN B 1579 13.20 10.67 -27.83
C ASN B 1579 13.41 9.83 -26.58
N LEU B 1580 12.35 9.13 -26.15
CA LEU B 1580 12.43 8.30 -24.95
C LEU B 1580 13.64 7.36 -25.00
N ASP B 1581 14.09 7.07 -26.22
CA ASP B 1581 15.25 6.18 -26.41
C ASP B 1581 16.48 6.72 -25.69
N ALA B 1582 16.39 7.96 -25.22
CA ALA B 1582 17.50 8.59 -24.50
C ALA B 1582 17.63 7.99 -23.11
N LEU B 1583 16.57 8.12 -22.31
CA LEU B 1583 16.57 7.60 -20.95
C LEU B 1583 16.72 6.08 -20.93
N LYS B 1584 16.61 5.47 -22.10
CA LYS B 1584 16.74 4.02 -22.22
C LYS B 1584 17.82 3.45 -21.31
N ARG B 1585 17.39 2.85 -20.20
CA ARG B 1585 18.31 2.26 -19.25
C ARG B 1585 18.99 1.01 -19.82
N PRO B 1586 20.15 0.63 -19.27
CA PRO B 1586 20.82 1.31 -18.16
C PRO B 1586 21.82 2.37 -18.65
N ILE B 1587 21.73 3.56 -18.08
CA ILE B 1587 22.63 4.65 -18.47
C ILE B 1587 24.03 4.40 -17.94
N LEU B 1588 24.90 3.91 -18.82
CA LEU B 1588 26.28 3.63 -18.43
C LEU B 1588 27.30 4.36 -19.30
N TYR B 1589 28.17 5.12 -18.66
CA TYR B 1589 29.22 5.86 -19.34
C TYR B 1589 30.58 5.33 -18.94
N SER B 1590 31.59 5.61 -19.76
CA SER B 1590 32.96 5.15 -19.49
C SER B 1590 33.91 5.67 -20.56
N ASN B 1591 35.18 5.79 -20.18
CA ASN B 1591 36.20 6.27 -21.11
C ASN B 1591 37.28 5.21 -21.33
N TRP B 1592 36.86 3.95 -21.27
CA TRP B 1592 37.79 2.84 -21.47
C TRP B 1592 37.66 2.22 -22.86
N LEU B 1593 36.55 2.49 -23.52
CA LEU B 1593 36.30 1.95 -24.85
C LEU B 1593 36.54 2.98 -25.95
N THR B 1594 36.67 4.25 -25.56
CA THR B 1594 36.90 5.31 -26.53
C THR B 1594 37.89 6.34 -25.99
N LYS B 1595 38.39 7.19 -26.87
CA LYS B 1595 39.33 8.24 -26.49
C LYS B 1595 38.84 9.08 -25.33
N ASP B 1596 37.64 9.63 -25.47
CA ASP B 1596 37.06 10.45 -24.41
C ASP B 1596 35.78 9.85 -23.83
N TYR B 1597 35.23 10.54 -22.83
CA TYR B 1597 34.01 10.10 -22.15
C TYR B 1597 32.89 9.86 -23.14
N GLN B 1598 32.40 8.62 -23.18
CA GLN B 1598 31.32 8.24 -24.10
C GLN B 1598 30.47 7.11 -23.52
N PRO B 1599 29.21 7.00 -23.97
CA PRO B 1599 28.30 5.95 -23.50
C PRO B 1599 28.68 4.55 -23.95
N VAL B 1600 28.53 3.58 -23.05
CA VAL B 1600 28.86 2.20 -23.34
C VAL B 1600 27.73 1.27 -22.89
N ASN B 1601 27.50 0.20 -23.65
CA ASN B 1601 26.45 -0.75 -23.35
C ASN B 1601 26.99 -1.90 -22.48
N ARG B 1602 26.08 -2.60 -21.81
CA ARG B 1602 26.43 -3.73 -20.94
C ARG B 1602 27.45 -4.66 -21.59
N SER B 1603 27.03 -5.34 -22.64
CA SER B 1603 27.87 -6.28 -23.38
C SER B 1603 29.30 -5.77 -23.55
N ASP B 1604 29.45 -4.77 -24.41
CA ASP B 1604 30.75 -4.17 -24.70
C ASP B 1604 31.62 -3.99 -23.47
N LEU B 1605 31.06 -3.37 -22.43
CA LEU B 1605 31.79 -3.13 -21.20
C LEU B 1605 32.19 -4.43 -20.50
N ARG B 1606 31.29 -5.41 -20.52
CA ARG B 1606 31.53 -6.69 -19.88
C ARG B 1606 32.66 -7.45 -20.57
N GLU B 1607 32.62 -7.49 -21.90
CA GLU B 1607 33.64 -8.18 -22.67
C GLU B 1607 35.02 -7.58 -22.41
N TYR B 1608 35.05 -6.25 -22.29
CA TYR B 1608 36.29 -5.53 -22.04
C TYR B 1608 36.80 -5.81 -20.63
N VAL B 1609 35.96 -5.54 -19.64
CA VAL B 1609 36.31 -5.76 -18.24
C VAL B 1609 36.82 -7.17 -17.99
N LYS B 1610 36.17 -8.14 -18.62
CA LYS B 1610 36.55 -9.54 -18.47
C LYS B 1610 37.98 -9.77 -18.93
N ALA B 1611 38.36 -9.12 -20.04
CA ALA B 1611 39.71 -9.26 -20.57
C ALA B 1611 40.70 -8.63 -19.59
N ARG B 1612 40.45 -7.38 -19.21
CA ARG B 1612 41.29 -6.66 -18.28
C ARG B 1612 41.42 -7.45 -16.98
N LEU B 1613 40.39 -8.24 -16.67
CA LEU B 1613 40.37 -9.06 -15.47
C LEU B 1613 41.35 -10.22 -15.56
N LYS B 1614 41.47 -10.79 -16.75
CA LYS B 1614 42.36 -11.92 -16.98
C LYS B 1614 43.77 -11.58 -16.51
N VAL B 1615 44.23 -10.39 -16.87
CA VAL B 1615 45.56 -9.92 -16.48
C VAL B 1615 45.59 -9.60 -15.00
N PHE B 1616 44.54 -8.95 -14.52
CA PHE B 1616 44.43 -8.57 -13.12
C PHE B 1616 44.60 -9.75 -12.18
N TYR B 1617 44.21 -10.94 -12.65
CA TYR B 1617 44.31 -12.16 -11.84
C TYR B 1617 45.75 -12.66 -11.69
N GLU B 1618 46.44 -12.82 -12.80
CA GLU B 1618 47.81 -13.30 -12.79
C GLU B 1618 48.84 -12.26 -12.35
N GLU B 1619 48.37 -11.06 -12.05
CA GLU B 1619 49.25 -9.99 -11.60
C GLU B 1619 48.94 -9.58 -10.16
N GLU B 1620 47.69 -9.25 -9.90
CA GLU B 1620 47.27 -8.83 -8.56
C GLU B 1620 46.59 -9.97 -7.82
N LEU B 1621 45.38 -9.72 -7.32
CA LEU B 1621 44.64 -10.72 -6.57
C LEU B 1621 43.99 -11.74 -7.52
N ASP B 1622 44.27 -13.02 -7.29
CA ASP B 1622 43.73 -14.09 -8.11
C ASP B 1622 42.47 -14.70 -7.50
N VAL B 1623 41.33 -14.07 -7.77
CA VAL B 1623 40.06 -14.54 -7.25
C VAL B 1623 38.92 -14.27 -8.24
N PRO B 1624 38.23 -15.35 -8.67
CA PRO B 1624 37.12 -15.24 -9.62
C PRO B 1624 36.12 -14.15 -9.22
N LEU B 1625 35.63 -13.41 -10.21
CA LEU B 1625 34.68 -12.34 -9.96
C LEU B 1625 33.59 -12.31 -11.02
N VAL B 1626 32.40 -12.74 -10.66
CA VAL B 1626 31.27 -12.75 -11.58
C VAL B 1626 30.84 -11.31 -11.86
N LEU B 1627 31.06 -10.86 -13.09
CA LEU B 1627 30.72 -9.50 -13.49
C LEU B 1627 29.23 -9.33 -13.74
N PHE B 1628 28.44 -9.42 -12.68
CA PHE B 1628 26.99 -9.26 -12.79
C PHE B 1628 26.62 -7.79 -12.85
N ASN B 1629 25.44 -7.50 -13.37
CA ASN B 1629 24.93 -6.13 -13.51
C ASN B 1629 25.44 -5.14 -12.47
N GLU B 1630 25.30 -5.48 -11.20
CA GLU B 1630 25.74 -4.59 -10.12
C GLU B 1630 27.24 -4.29 -10.16
N VAL B 1631 28.04 -5.33 -10.33
CA VAL B 1631 29.50 -5.16 -10.39
C VAL B 1631 29.92 -4.04 -11.33
N LEU B 1632 29.41 -4.07 -12.55
CA LEU B 1632 29.74 -3.06 -13.54
C LEU B 1632 29.35 -1.66 -13.09
N ASP B 1633 28.16 -1.52 -12.51
CA ASP B 1633 27.69 -0.23 -12.03
C ASP B 1633 28.64 0.39 -11.00
N HIS B 1634 29.34 -0.45 -10.26
CA HIS B 1634 30.26 0.02 -9.23
C HIS B 1634 31.63 0.39 -9.79
N ILE B 1635 32.28 -0.56 -10.46
CA ILE B 1635 33.60 -0.33 -11.03
C ILE B 1635 33.70 0.99 -11.79
N LEU B 1636 32.60 1.40 -12.41
CA LEU B 1636 32.57 2.65 -13.16
C LEU B 1636 32.37 3.84 -12.25
N ARG B 1637 31.67 3.64 -11.14
CA ARG B 1637 31.42 4.71 -10.18
C ARG B 1637 32.68 5.02 -9.38
N ILE B 1638 33.44 3.98 -9.06
CA ILE B 1638 34.67 4.13 -8.29
C ILE B 1638 35.75 4.75 -9.18
N ASP B 1639 35.71 4.42 -10.47
CA ASP B 1639 36.67 4.95 -11.43
C ASP B 1639 36.55 6.46 -11.50
N ARG B 1640 35.32 6.95 -11.57
CA ARG B 1640 35.05 8.37 -11.65
C ARG B 1640 35.65 9.10 -10.45
N VAL B 1641 35.80 8.37 -9.34
CA VAL B 1641 36.35 8.93 -8.12
C VAL B 1641 37.87 9.03 -8.21
N PHE B 1642 38.49 8.07 -8.88
CA PHE B 1642 39.94 8.05 -9.04
C PHE B 1642 40.40 9.02 -10.12
N ARG B 1643 39.57 9.20 -11.14
CA ARG B 1643 39.89 10.12 -12.23
C ARG B 1643 39.50 11.55 -11.85
N GLN B 1644 39.74 11.90 -10.60
CA GLN B 1644 39.40 13.25 -10.12
C GLN B 1644 40.16 13.54 -8.83
N PRO B 1645 41.00 14.59 -8.84
CA PRO B 1645 41.79 15.00 -7.68
C PRO B 1645 41.01 15.00 -6.37
N GLN B 1646 41.62 14.47 -5.31
CA GLN B 1646 40.99 14.40 -4.00
C GLN B 1646 39.74 13.54 -4.06
N GLY B 1647 39.79 12.49 -4.88
CA GLY B 1647 38.66 11.59 -5.01
C GLY B 1647 38.69 10.49 -3.97
N HIS B 1648 37.88 10.65 -2.94
CA HIS B 1648 37.79 9.67 -1.86
C HIS B 1648 36.41 9.02 -1.89
N ALA B 1649 36.38 7.69 -1.93
CA ALA B 1649 35.11 6.96 -1.97
C ALA B 1649 34.79 6.23 -0.68
N LEU B 1650 33.54 6.35 -0.24
CA LEU B 1650 33.07 5.69 0.97
C LEU B 1650 32.09 4.57 0.59
N LEU B 1651 32.63 3.49 0.07
CA LEU B 1651 31.81 2.35 -0.35
C LEU B 1651 31.21 1.66 0.87
N ILE B 1652 29.88 1.70 0.98
CA ILE B 1652 29.18 1.08 2.09
C ILE B 1652 28.32 -0.09 1.62
N GLY B 1653 28.64 -1.28 2.12
CA GLY B 1653 27.89 -2.46 1.74
C GLY B 1653 27.95 -3.53 2.81
N VAL B 1654 27.69 -4.77 2.42
CA VAL B 1654 27.71 -5.89 3.36
C VAL B 1654 29.11 -6.50 3.39
N SER B 1655 29.44 -7.12 4.51
CA SER B 1655 30.74 -7.76 4.65
C SER B 1655 30.95 -8.80 3.55
N GLY B 1656 32.12 -8.77 2.92
CA GLY B 1656 32.41 -9.70 1.86
C GLY B 1656 31.56 -9.43 0.62
N GLY B 1657 31.13 -8.18 0.47
CA GLY B 1657 30.31 -7.82 -0.67
C GLY B 1657 31.09 -7.63 -1.95
N GLY B 1658 32.38 -7.32 -1.84
CA GLY B 1658 33.20 -7.13 -3.01
C GLY B 1658 33.63 -5.70 -3.20
N LYS B 1659 33.62 -4.92 -2.12
CA LYS B 1659 34.01 -3.52 -2.17
C LYS B 1659 35.52 -3.34 -2.33
N SER B 1660 36.29 -4.07 -1.54
CA SER B 1660 37.74 -3.97 -1.61
C SER B 1660 38.30 -4.54 -2.91
N VAL B 1661 37.95 -5.79 -3.21
CA VAL B 1661 38.42 -6.45 -4.41
C VAL B 1661 38.13 -5.63 -5.67
N LEU B 1662 37.01 -4.90 -5.64
CA LEU B 1662 36.63 -4.08 -6.78
C LEU B 1662 37.32 -2.72 -6.75
N SER B 1663 37.77 -2.31 -5.57
CA SER B 1663 38.47 -1.04 -5.44
C SER B 1663 39.90 -1.19 -5.95
N ARG B 1664 40.49 -2.36 -5.71
CA ARG B 1664 41.84 -2.64 -6.18
C ARG B 1664 41.85 -2.76 -7.69
N PHE B 1665 40.75 -3.26 -8.24
CA PHE B 1665 40.63 -3.44 -9.69
C PHE B 1665 40.71 -2.09 -10.37
N VAL B 1666 39.83 -1.17 -9.98
CA VAL B 1666 39.80 0.17 -10.56
C VAL B 1666 41.12 0.89 -10.28
N ALA B 1667 41.68 0.63 -9.10
CA ALA B 1667 42.95 1.24 -8.70
C ALA B 1667 44.06 0.68 -9.59
N TRP B 1668 43.95 -0.60 -9.91
CA TRP B 1668 44.92 -1.27 -10.76
C TRP B 1668 44.80 -0.75 -12.18
N MET B 1669 43.58 -0.32 -12.54
CA MET B 1669 43.32 0.21 -13.87
C MET B 1669 43.91 1.62 -14.04
N ASN B 1670 43.70 2.46 -13.04
CA ASN B 1670 44.22 3.83 -13.07
C ASN B 1670 45.70 3.88 -12.73
N GLY B 1671 46.33 2.71 -12.64
CA GLY B 1671 47.74 2.65 -12.33
C GLY B 1671 48.06 3.09 -10.91
N LEU B 1672 47.05 3.12 -10.06
CA LEU B 1672 47.23 3.51 -8.67
C LEU B 1672 47.88 2.37 -7.88
N SER B 1673 48.47 2.70 -6.74
CA SER B 1673 49.13 1.71 -5.90
C SER B 1673 48.28 1.31 -4.70
N ILE B 1674 47.95 0.03 -4.61
CA ILE B 1674 47.15 -0.49 -3.51
C ILE B 1674 47.95 -0.48 -2.21
N TYR B 1675 47.33 -0.03 -1.12
CA TYR B 1675 47.99 0.03 0.17
C TYR B 1675 47.00 0.01 1.33
N THR B 1676 47.25 -0.87 2.30
CA THR B 1676 46.41 -0.98 3.48
C THR B 1676 47.28 -1.35 4.68
N ILE B 1677 47.10 -0.63 5.78
CA ILE B 1677 47.88 -0.89 6.99
C ILE B 1677 47.50 -2.23 7.62
N LYS B 1678 48.50 -2.96 8.10
CA LYS B 1678 48.27 -4.26 8.74
C LYS B 1678 48.10 -4.10 10.24
N VAL B 1679 46.95 -3.59 10.64
CA VAL B 1679 46.65 -3.39 12.06
C VAL B 1679 46.69 -4.72 12.79
N ASN B 1680 47.01 -4.69 14.09
CA ASN B 1680 47.08 -5.91 14.89
C ASN B 1680 46.46 -5.73 16.28
N ASN B 1681 46.37 -6.83 17.02
CA ASN B 1681 45.79 -6.83 18.36
C ASN B 1681 46.51 -5.88 19.30
N ASN B 1682 47.64 -5.33 18.86
CA ASN B 1682 48.42 -4.40 19.65
C ASN B 1682 48.93 -3.25 18.78
N TYR B 1683 47.99 -2.50 18.22
CA TYR B 1683 48.34 -1.37 17.36
C TYR B 1683 47.97 -0.05 18.02
N LYS B 1684 48.92 0.53 18.74
CA LYS B 1684 48.70 1.80 19.42
C LYS B 1684 48.42 2.92 18.42
N SER B 1685 47.65 3.91 18.85
CA SER B 1685 47.29 5.04 18.00
C SER B 1685 48.54 5.78 17.52
N SER B 1686 49.69 5.40 18.07
CA SER B 1686 50.96 6.02 17.71
C SER B 1686 51.54 5.47 16.41
N ASP B 1687 51.51 4.15 16.27
CA ASP B 1687 52.04 3.50 15.08
C ASP B 1687 51.47 4.10 13.80
N PHE B 1688 50.23 4.55 13.87
CA PHE B 1688 49.55 5.14 12.72
C PHE B 1688 50.31 6.31 12.10
N ASP B 1689 50.60 7.32 12.91
CA ASP B 1689 51.31 8.51 12.43
C ASP B 1689 52.51 8.10 11.58
N ASP B 1690 53.18 7.02 12.01
CA ASP B 1690 54.35 6.51 11.30
C ASP B 1690 53.99 6.18 9.85
N ASP B 1691 53.04 5.28 9.68
CA ASP B 1691 52.59 4.85 8.36
C ASP B 1691 52.18 6.04 7.49
N LEU B 1692 51.21 6.81 7.95
CA LEU B 1692 50.73 7.97 7.22
C LEU B 1692 51.89 8.85 6.75
N ARG B 1693 52.78 9.19 7.67
CA ARG B 1693 53.93 10.03 7.37
C ARG B 1693 54.64 9.55 6.11
N MET B 1694 54.81 8.24 6.00
CA MET B 1694 55.48 7.67 4.83
C MET B 1694 54.53 7.52 3.66
N LEU B 1695 53.25 7.31 3.96
CA LEU B 1695 52.23 7.15 2.92
C LEU B 1695 52.05 8.47 2.18
N LEU B 1696 51.95 9.57 2.93
CA LEU B 1696 51.78 10.89 2.34
C LEU B 1696 53.01 11.29 1.55
N LYS B 1697 54.17 10.79 1.97
CA LYS B 1697 55.42 11.11 1.30
C LYS B 1697 55.45 10.49 -0.10
N ARG B 1698 55.15 9.20 -0.18
CA ARG B 1698 55.13 8.48 -1.45
C ARG B 1698 54.29 9.23 -2.47
N ALA B 1699 53.35 10.03 -1.99
CA ALA B 1699 52.47 10.80 -2.86
C ALA B 1699 52.95 12.24 -3.04
N GLY B 1700 53.22 12.91 -1.93
CA GLY B 1700 53.67 14.29 -1.99
C GLY B 1700 55.08 14.48 -2.52
N CYS B 1701 55.93 13.47 -2.34
CA CYS B 1701 57.31 13.56 -2.79
C CYS B 1701 57.59 12.66 -4.00
N LYS B 1702 57.49 11.35 -3.80
CA LYS B 1702 57.75 10.39 -4.85
C LYS B 1702 56.66 10.35 -5.92
N GLU B 1703 55.75 11.32 -5.89
CA GLU B 1703 54.67 11.39 -6.86
C GLU B 1703 54.19 9.99 -7.25
N GLU B 1704 53.62 9.28 -6.28
CA GLU B 1704 53.12 7.93 -6.53
C GLU B 1704 51.61 7.85 -6.37
N LYS B 1705 50.94 7.46 -7.44
CA LYS B 1705 49.49 7.32 -7.42
C LYS B 1705 49.15 6.20 -6.45
N ILE B 1706 48.43 6.53 -5.38
CA ILE B 1706 48.07 5.54 -4.37
C ILE B 1706 46.58 5.50 -4.06
N CYS B 1707 46.08 4.29 -3.82
CA CYS B 1707 44.67 4.07 -3.50
C CYS B 1707 44.60 3.49 -2.08
N PHE B 1708 44.66 4.37 -1.09
CA PHE B 1708 44.62 3.96 0.30
C PHE B 1708 43.23 3.49 0.75
N ILE B 1709 43.15 2.20 1.09
CA ILE B 1709 41.90 1.60 1.54
C ILE B 1709 41.86 1.55 3.06
N PHE B 1710 40.77 2.03 3.64
CA PHE B 1710 40.62 2.05 5.08
C PHE B 1710 39.32 1.35 5.47
N ASP B 1711 39.43 0.32 6.32
CA ASP B 1711 38.28 -0.44 6.77
C ASP B 1711 37.80 0.07 8.12
N GLU B 1712 36.51 -0.07 8.38
CA GLU B 1712 35.93 0.39 9.64
C GLU B 1712 36.52 -0.38 10.82
N SER B 1713 37.35 -1.38 10.52
CA SER B 1713 37.98 -2.19 11.56
C SER B 1713 39.37 -1.65 11.83
N ASN B 1714 39.92 -0.93 10.86
CA ASN B 1714 41.25 -0.35 10.98
C ASN B 1714 41.30 0.72 12.07
N VAL B 1715 40.14 1.13 12.55
CA VAL B 1715 40.06 2.15 13.59
C VAL B 1715 39.99 1.54 14.99
N LEU B 1716 41.15 1.13 15.50
CA LEU B 1716 41.21 0.55 16.84
C LEU B 1716 41.50 1.63 17.86
N GLU B 1717 40.84 2.77 17.68
CA GLU B 1717 41.00 3.92 18.57
C GLU B 1717 40.27 5.11 17.98
N SER B 1718 39.48 5.79 18.81
CA SER B 1718 38.72 6.95 18.38
C SER B 1718 39.61 7.99 17.72
N SER B 1719 40.88 8.03 18.15
CA SER B 1719 41.85 8.97 17.61
C SER B 1719 42.23 8.70 16.15
N PHE B 1720 41.90 7.50 15.68
CA PHE B 1720 42.21 7.12 14.30
C PHE B 1720 41.55 8.00 13.26
N LEU B 1721 40.21 7.97 13.20
CA LEU B 1721 39.47 8.77 12.24
C LEU B 1721 39.90 10.22 12.22
N GLU B 1722 39.91 10.86 13.39
CA GLU B 1722 40.30 12.26 13.52
C GLU B 1722 41.49 12.59 12.61
N ARG B 1723 42.40 11.64 12.45
CA ARG B 1723 43.57 11.84 11.60
C ARG B 1723 43.08 11.80 10.15
N MET B 1724 42.37 10.72 9.82
CA MET B 1724 41.81 10.50 8.49
C MET B 1724 40.93 11.67 8.06
N ASN B 1725 40.11 12.17 8.98
CA ASN B 1725 39.21 13.27 8.71
C ASN B 1725 39.94 14.47 8.13
N THR B 1726 41.01 14.88 8.82
CA THR B 1726 41.81 16.02 8.38
C THR B 1726 42.42 15.76 7.00
N LEU B 1727 42.89 14.54 6.79
CA LEU B 1727 43.50 14.14 5.53
C LEU B 1727 42.55 14.26 4.33
N LEU B 1728 41.28 13.93 4.55
CA LEU B 1728 40.28 13.98 3.49
C LEU B 1728 40.07 15.37 2.93
N ALA B 1729 39.76 16.33 3.81
CA ALA B 1729 39.52 17.71 3.38
C ALA B 1729 40.74 18.34 2.73
N GLY B 1730 41.62 18.91 3.54
CA GLY B 1730 42.81 19.55 3.02
C GLY B 1730 43.79 18.60 2.34
N GLY B 1731 44.66 18.00 3.13
CA GLY B 1731 45.64 17.07 2.59
C GLY B 1731 46.81 16.89 3.53
N GLU B 1732 46.55 17.01 4.83
CA GLU B 1732 47.59 16.85 5.84
C GLU B 1732 47.01 16.96 7.25
N GLU B 1740 62.04 18.23 14.14
CA GLU B 1740 63.18 17.85 13.31
C GLU B 1740 62.71 17.14 12.05
N GLU B 1741 61.44 16.73 12.05
CA GLU B 1741 60.85 16.03 10.92
C GLU B 1741 60.53 16.94 9.74
N PHE B 1742 60.03 18.13 10.04
CA PHE B 1742 59.67 19.10 9.00
C PHE B 1742 60.80 19.31 8.00
N THR B 1743 62.05 19.16 8.45
CA THR B 1743 63.21 19.35 7.59
C THR B 1743 63.31 18.27 6.52
N ALA B 1744 63.44 17.02 6.94
CA ALA B 1744 63.55 15.89 6.01
C ALA B 1744 62.36 15.82 5.06
N LEU B 1745 61.20 16.24 5.55
CA LEU B 1745 59.99 16.22 4.72
C LEU B 1745 60.02 17.35 3.70
N MET B 1746 60.68 18.44 4.05
CA MET B 1746 60.79 19.60 3.17
C MET B 1746 61.92 19.40 2.16
N HIS B 1747 63.02 18.83 2.63
CA HIS B 1747 64.18 18.58 1.79
C HIS B 1747 63.86 17.54 0.72
N ALA B 1748 63.44 16.36 1.15
CA ALA B 1748 63.09 15.27 0.24
C ALA B 1748 62.05 15.76 -0.76
N CYS B 1749 61.27 16.76 -0.37
CA CYS B 1749 60.24 17.33 -1.23
C CYS B 1749 60.85 18.30 -2.23
N LYS B 1750 61.59 19.27 -1.72
CA LYS B 1750 62.23 20.28 -2.55
C LYS B 1750 63.18 19.67 -3.57
N GLU B 1751 63.79 18.54 -3.21
CA GLU B 1751 64.72 17.86 -4.09
C GLU B 1751 64.04 17.27 -5.31
N THR B 1752 63.01 16.46 -5.08
CA THR B 1752 62.27 15.82 -6.17
C THR B 1752 61.34 16.80 -6.87
N ALA B 1753 60.90 17.82 -6.14
CA ALA B 1753 60.00 18.84 -6.69
C ALA B 1753 60.57 19.49 -7.94
N GLN B 1754 61.80 19.98 -7.86
CA GLN B 1754 62.45 20.64 -8.98
C GLN B 1754 63.14 19.65 -9.92
N ARG B 1755 63.54 18.50 -9.38
CA ARG B 1755 64.21 17.48 -10.17
C ARG B 1755 63.43 17.15 -11.44
N SER B 1762 62.06 29.11 -1.23
CA SER B 1762 61.62 29.32 0.15
C SER B 1762 61.10 28.02 0.77
N GLU B 1763 60.94 28.02 2.08
CA GLU B 1763 60.47 26.85 2.81
C GLU B 1763 58.98 26.88 3.12
N GLU B 1764 58.43 28.06 3.36
CA GLU B 1764 57.01 28.21 3.66
C GLU B 1764 56.16 27.65 2.52
N GLU B 1765 56.55 27.97 1.29
CA GLU B 1765 55.82 27.51 0.11
C GLU B 1765 56.15 26.06 -0.22
N LEU B 1766 57.21 25.54 0.41
CA LEU B 1766 57.63 24.16 0.17
C LEU B 1766 56.61 23.18 0.73
N TYR B 1767 56.13 23.44 1.94
CA TYR B 1767 55.15 22.56 2.58
C TYR B 1767 53.88 22.49 1.75
N LYS B 1768 53.51 23.61 1.14
CA LYS B 1768 52.30 23.68 0.34
C LYS B 1768 52.42 22.87 -0.95
N TYR B 1769 53.65 22.64 -1.41
CA TYR B 1769 53.87 21.86 -2.61
C TYR B 1769 53.62 20.40 -2.25
N PHE B 1770 53.70 20.12 -0.96
CA PHE B 1770 53.49 18.77 -0.43
C PHE B 1770 52.00 18.47 -0.36
N THR B 1771 51.29 19.21 0.48
CA THR B 1771 49.85 19.04 0.66
C THR B 1771 49.15 18.97 -0.69
N SER B 1772 49.59 19.80 -1.63
CA SER B 1772 49.02 19.85 -2.97
C SER B 1772 49.34 18.59 -3.77
N GLN B 1773 50.55 18.07 -3.59
CA GLN B 1773 50.98 16.86 -4.29
C GLN B 1773 50.17 15.67 -3.83
N VAL B 1774 49.92 15.58 -2.53
CA VAL B 1774 49.16 14.48 -1.95
C VAL B 1774 47.68 14.52 -2.31
N ARG B 1775 47.12 15.71 -2.44
CA ARG B 1775 45.70 15.85 -2.78
C ARG B 1775 45.38 15.50 -4.23
N ARG B 1776 46.42 15.32 -5.05
CA ARG B 1776 46.21 14.98 -6.45
C ARG B 1776 46.91 13.68 -6.82
N ASN B 1777 47.07 12.78 -5.84
CA ASN B 1777 47.74 11.52 -6.09
C ASN B 1777 47.38 10.49 -5.02
N LEU B 1778 46.60 10.90 -4.03
CA LEU B 1778 46.18 10.02 -2.95
C LEU B 1778 44.67 9.97 -2.81
N HIS B 1779 44.09 8.81 -3.12
CA HIS B 1779 42.65 8.62 -3.02
C HIS B 1779 42.35 7.64 -1.88
N VAL B 1780 41.39 8.00 -1.03
CA VAL B 1780 41.02 7.16 0.10
C VAL B 1780 39.70 6.45 -0.14
N VAL B 1781 39.65 5.16 0.20
CA VAL B 1781 38.45 4.36 0.02
C VAL B 1781 37.97 3.78 1.35
N PHE B 1782 36.84 4.26 1.83
CA PHE B 1782 36.26 3.79 3.08
C PHE B 1782 35.25 2.67 2.86
N THR B 1783 35.52 1.52 3.49
CA THR B 1783 34.64 0.37 3.37
C THR B 1783 33.97 0.08 4.71
N MET B 1784 32.70 0.49 4.83
CA MET B 1784 31.96 0.29 6.06
C MET B 1784 30.82 -0.72 5.89
N ASN B 1785 30.26 -1.15 7.01
CA ASN B 1785 29.15 -2.10 7.01
C ASN B 1785 28.02 -1.58 7.89
N PRO B 1786 26.79 -1.52 7.34
CA PRO B 1786 25.63 -1.04 8.06
C PRO B 1786 25.11 -2.04 9.10
N ALA B 1787 26.03 -2.64 9.86
CA ALA B 1787 25.67 -3.61 10.89
C ALA B 1787 26.46 -3.36 12.16
N SER B 1788 27.77 -3.21 12.02
CA SER B 1788 28.64 -2.96 13.16
C SER B 1788 28.19 -1.73 13.93
N PRO B 1789 28.06 -1.86 15.26
CA PRO B 1789 27.63 -0.77 16.16
C PRO B 1789 28.39 0.53 15.96
N ASP B 1790 29.54 0.46 15.29
CA ASP B 1790 30.35 1.65 15.05
C ASP B 1790 30.11 2.18 13.63
N PHE B 1791 28.83 2.36 13.28
CA PHE B 1791 28.47 2.85 11.96
C PHE B 1791 27.76 4.20 12.00
N HIS B 1792 26.56 4.22 12.59
CA HIS B 1792 25.77 5.45 12.68
C HIS B 1792 26.49 6.58 13.39
N ASN B 1793 27.13 6.28 14.51
CA ASN B 1793 27.85 7.31 15.28
C ASN B 1793 29.17 7.72 14.65
N ARG B 1794 29.59 6.99 13.61
CA ARG B 1794 30.83 7.29 12.93
C ARG B 1794 30.68 8.51 12.01
N SER B 1795 29.45 8.99 11.89
CA SER B 1795 29.18 10.15 11.05
C SER B 1795 29.36 11.43 11.84
N ALA B 1796 28.80 11.47 13.04
CA ALA B 1796 28.91 12.63 13.91
C ALA B 1796 30.35 12.80 14.36
N THR B 1797 31.08 11.68 14.41
CA THR B 1797 32.48 11.68 14.81
C THR B 1797 33.34 12.38 13.77
N SER B 1798 33.26 11.89 12.54
CA SER B 1798 34.02 12.45 11.43
C SER B 1798 33.09 13.04 10.38
N PRO B 1799 32.58 14.27 10.63
CA PRO B 1799 31.67 14.97 9.73
C PRO B 1799 32.21 15.19 8.32
N ALA B 1800 33.52 14.96 8.14
CA ALA B 1800 34.15 15.15 6.84
C ALA B 1800 34.09 13.86 6.02
N LEU B 1801 33.61 12.79 6.62
CA LEU B 1801 33.52 11.50 5.95
C LEU B 1801 32.40 11.51 4.90
N PHE B 1802 31.16 11.37 5.35
CA PHE B 1802 30.01 11.37 4.46
C PHE B 1802 29.73 12.77 3.92
N ASN B 1803 30.77 13.56 3.75
CA ASN B 1803 30.63 14.92 3.23
C ASN B 1803 31.79 15.29 2.32
N ARG B 1804 32.83 14.46 2.31
CA ARG B 1804 33.99 14.70 1.46
C ARG B 1804 34.28 13.51 0.55
N CYS B 1805 33.49 12.45 0.70
CA CYS B 1805 33.67 11.24 -0.10
C CYS B 1805 32.42 10.95 -0.93
N VAL B 1806 32.60 10.20 -2.01
CA VAL B 1806 31.49 9.85 -2.88
C VAL B 1806 30.91 8.52 -2.41
N LEU B 1807 29.97 8.59 -1.47
CA LEU B 1807 29.34 7.41 -0.90
C LEU B 1807 28.51 6.62 -1.91
N ASP B 1808 29.04 5.46 -2.30
CA ASP B 1808 28.36 4.58 -3.24
C ASP B 1808 27.91 3.34 -2.48
N TRP B 1809 26.62 3.30 -2.16
CA TRP B 1809 26.04 2.20 -1.40
C TRP B 1809 26.04 0.86 -2.12
N PHE B 1810 26.87 -0.07 -1.64
CA PHE B 1810 26.98 -1.41 -2.21
C PHE B 1810 25.85 -2.27 -1.68
N GLY B 1811 25.50 -2.08 -0.41
CA GLY B 1811 24.43 -2.85 0.20
C GLY B 1811 24.62 -4.35 0.06
N GLU B 1812 23.49 -5.07 0.01
CA GLU B 1812 23.51 -6.52 -0.12
C GLU B 1812 23.58 -6.90 -1.60
N TRP B 1813 23.71 -8.20 -1.86
CA TRP B 1813 23.76 -8.72 -3.23
C TRP B 1813 22.33 -8.96 -3.69
N SER B 1814 21.92 -8.28 -4.74
CA SER B 1814 20.56 -8.41 -5.27
C SER B 1814 20.26 -9.85 -5.67
N PRO B 1815 18.96 -10.23 -5.67
CA PRO B 1815 18.53 -11.58 -6.02
C PRO B 1815 19.04 -11.99 -7.39
N GLU B 1816 19.13 -11.01 -8.29
CA GLU B 1816 19.60 -11.24 -9.65
C GLU B 1816 21.07 -11.67 -9.63
N ALA B 1817 21.90 -10.86 -8.97
CA ALA B 1817 23.33 -11.16 -8.86
C ALA B 1817 23.50 -12.55 -8.28
N LEU B 1818 22.67 -12.89 -7.29
CA LEU B 1818 22.74 -14.19 -6.65
C LEU B 1818 22.50 -15.29 -7.67
N PHE B 1819 21.57 -15.04 -8.59
CA PHE B 1819 21.26 -16.02 -9.63
C PHE B 1819 22.46 -16.19 -10.57
N GLN B 1820 23.06 -15.06 -10.95
CA GLN B 1820 24.22 -15.10 -11.84
C GLN B 1820 25.44 -15.72 -11.17
N VAL B 1821 25.83 -15.18 -10.03
CA VAL B 1821 26.98 -15.69 -9.29
C VAL B 1821 26.82 -17.19 -9.06
N GLY B 1822 25.64 -17.59 -8.62
CA GLY B 1822 25.39 -19.01 -8.36
C GLY B 1822 25.19 -19.79 -9.65
N SER B 1823 25.07 -19.08 -10.77
CA SER B 1823 24.87 -19.72 -12.06
C SER B 1823 26.20 -19.99 -12.76
N GLU B 1824 27.12 -19.04 -12.67
CA GLU B 1824 28.42 -19.19 -13.31
C GLU B 1824 29.35 -20.08 -12.48
N PHE B 1825 29.09 -20.19 -11.18
CA PHE B 1825 29.90 -21.03 -10.31
C PHE B 1825 29.50 -22.49 -10.44
N THR B 1826 28.26 -22.72 -10.85
CA THR B 1826 27.75 -24.08 -11.04
C THR B 1826 27.62 -24.34 -12.53
N ARG B 1827 28.54 -23.78 -13.31
CA ARG B 1827 28.53 -23.94 -14.76
C ARG B 1827 29.10 -25.28 -15.20
N ASN B 1828 30.11 -25.77 -14.47
CA ASN B 1828 30.73 -27.04 -14.81
C ASN B 1828 29.91 -28.23 -14.32
N LEU B 1829 28.98 -27.97 -13.40
CA LEU B 1829 28.13 -29.04 -12.87
C LEU B 1829 27.03 -29.40 -13.85
N ASP B 1830 26.99 -30.67 -14.24
CA ASP B 1830 25.98 -31.16 -15.17
C ASP B 1830 24.61 -31.27 -14.51
N LEU B 1831 23.88 -30.16 -14.47
CA LEU B 1831 22.56 -30.12 -13.86
C LEU B 1831 21.48 -30.25 -14.93
N GLU B 1832 21.78 -31.02 -15.98
CA GLU B 1832 20.85 -31.24 -17.07
C GLU B 1832 19.86 -32.37 -16.78
N ASN B 1833 18.75 -32.36 -17.51
CA ASN B 1833 17.70 -33.37 -17.36
C ASN B 1833 16.56 -33.07 -18.32
N PRO B 1834 16.65 -33.57 -19.56
CA PRO B 1834 15.63 -33.36 -20.59
C PRO B 1834 14.28 -33.98 -20.23
N GLN B 1835 14.27 -34.81 -19.19
CA GLN B 1835 13.04 -35.45 -18.74
C GLN B 1835 12.35 -34.57 -17.71
N TYR B 1836 12.83 -33.33 -17.60
CA TYR B 1836 12.28 -32.35 -16.65
C TYR B 1836 11.19 -31.50 -17.29
N ILE B 1837 10.22 -31.10 -16.48
CA ILE B 1837 9.12 -30.27 -16.93
C ILE B 1837 8.76 -29.25 -15.86
N ALA B 1838 9.19 -28.01 -16.06
CA ALA B 1838 8.92 -26.94 -15.10
C ALA B 1838 7.42 -26.81 -14.82
N PRO B 1839 7.05 -26.80 -13.54
CA PRO B 1839 5.65 -26.69 -13.12
C PRO B 1839 5.07 -25.31 -13.47
N PRO B 1840 3.75 -25.14 -13.27
CA PRO B 1840 3.08 -23.87 -13.57
C PRO B 1840 3.54 -22.72 -12.69
N VAL B 1841 3.88 -23.03 -11.44
CA VAL B 1841 4.33 -22.02 -10.49
C VAL B 1841 5.72 -21.49 -10.84
N PHE B 1842 6.53 -22.33 -11.47
CA PHE B 1842 7.89 -21.94 -11.84
C PHE B 1842 7.92 -21.16 -13.15
N ILE B 1843 7.14 -21.63 -14.13
CA ILE B 1843 7.08 -20.96 -15.43
C ILE B 1843 6.75 -19.49 -15.23
N GLN B 1844 5.86 -19.22 -14.27
CA GLN B 1844 5.45 -17.85 -13.96
C GLN B 1844 6.60 -17.06 -13.34
N GLU B 1845 7.31 -17.69 -12.41
CA GLU B 1845 8.43 -17.06 -11.73
C GLU B 1845 9.48 -16.58 -12.74
N ALA B 1846 9.60 -17.30 -13.85
CA ALA B 1846 10.57 -16.96 -14.88
C ALA B 1846 10.14 -15.76 -15.72
N GLU B 1847 8.84 -15.66 -15.99
CA GLU B 1847 8.31 -14.56 -16.79
C GLU B 1847 8.56 -13.21 -16.11
N ILE B 1848 9.02 -13.26 -14.85
CA ILE B 1848 9.29 -12.05 -14.10
C ILE B 1848 10.79 -11.99 -13.82
N MET B 1849 11.59 -12.13 -14.88
CA MET B 1849 13.04 -12.09 -14.75
C MET B 1849 13.70 -12.04 -16.12
N MET B 1854 17.10 -17.13 -16.91
CA MET B 1854 16.41 -18.33 -17.37
C MET B 1854 15.81 -18.08 -18.75
N ALA B 1855 15.58 -19.16 -19.50
CA ALA B 1855 14.99 -19.04 -20.83
C ALA B 1855 13.48 -19.16 -20.70
N ILE B 1856 12.76 -18.95 -21.81
CA ILE B 1856 11.30 -19.04 -21.78
C ILE B 1856 10.85 -20.23 -20.92
N PRO B 1857 11.05 -21.47 -21.39
CA PRO B 1857 10.61 -22.57 -20.53
C PRO B 1857 11.76 -22.92 -19.57
N PRO B 1858 11.64 -22.53 -18.29
CA PRO B 1858 12.68 -22.82 -17.30
C PRO B 1858 13.25 -24.24 -17.41
N SER B 1859 14.57 -24.35 -17.36
CA SER B 1859 15.22 -25.66 -17.47
C SER B 1859 15.71 -26.12 -16.10
N HIS B 1860 15.86 -27.44 -15.96
CA HIS B 1860 16.31 -28.04 -14.71
C HIS B 1860 17.43 -27.21 -14.10
N ARG B 1861 18.37 -26.78 -14.93
CA ARG B 1861 19.49 -25.97 -14.48
C ARG B 1861 19.00 -24.71 -13.78
N ASP B 1862 18.08 -24.00 -14.43
CA ASP B 1862 17.52 -22.78 -13.86
C ASP B 1862 16.84 -23.12 -12.54
N ALA B 1863 16.15 -24.26 -12.53
CA ALA B 1863 15.44 -24.72 -11.35
C ALA B 1863 16.40 -24.85 -10.17
N VAL B 1864 17.55 -25.48 -10.41
CA VAL B 1864 18.54 -25.68 -9.37
C VAL B 1864 19.18 -24.36 -8.95
N VAL B 1865 19.85 -23.70 -9.89
CA VAL B 1865 20.50 -22.42 -9.63
C VAL B 1865 19.58 -21.42 -8.94
N SER B 1866 18.33 -21.34 -9.40
CA SER B 1866 17.37 -20.42 -8.82
C SER B 1866 17.08 -20.78 -7.36
N SER B 1867 16.92 -22.07 -7.11
CA SER B 1867 16.64 -22.56 -5.76
C SER B 1867 17.71 -22.07 -4.79
N LEU B 1868 18.97 -22.17 -5.22
CA LEU B 1868 20.09 -21.73 -4.41
C LEU B 1868 19.84 -20.30 -3.93
N VAL B 1869 19.35 -19.47 -4.85
CA VAL B 1869 19.07 -18.07 -4.55
C VAL B 1869 17.98 -17.98 -3.50
N TYR B 1870 16.95 -18.82 -3.65
CA TYR B 1870 15.84 -18.85 -2.70
C TYR B 1870 16.34 -19.26 -1.32
N ILE B 1871 16.95 -20.44 -1.24
CA ILE B 1871 17.47 -20.96 0.00
C ILE B 1871 18.31 -19.93 0.75
N HIS B 1872 19.23 -19.29 0.02
CA HIS B 1872 20.10 -18.28 0.61
C HIS B 1872 19.31 -17.14 1.26
N GLN B 1873 18.23 -16.74 0.60
CA GLN B 1873 17.40 -15.64 1.11
C GLN B 1873 16.63 -16.03 2.37
N THR B 1874 16.07 -17.23 2.39
CA THR B 1874 15.30 -17.70 3.54
C THR B 1874 16.10 -17.64 4.82
N ILE B 1875 17.42 -17.69 4.71
CA ILE B 1875 18.29 -17.64 5.88
C ILE B 1875 18.36 -16.21 6.43
N GLY B 1876 18.26 -15.23 5.54
CA GLY B 1876 18.30 -13.84 5.96
C GLY B 1876 17.12 -13.53 6.85
N GLU B 1877 15.92 -13.80 6.34
CA GLU B 1877 14.70 -13.56 7.09
C GLU B 1877 14.71 -14.40 8.36
N ALA B 1878 15.29 -15.59 8.26
CA ALA B 1878 15.38 -16.51 9.40
C ALA B 1878 16.15 -15.89 10.55
N ASN B 1879 17.15 -15.07 10.22
CA ASN B 1879 17.95 -14.42 11.26
C ASN B 1879 17.18 -13.27 11.91
N ILE B 1880 16.30 -12.66 11.15
CA ILE B 1880 15.50 -11.55 11.66
C ILE B 1880 14.38 -12.10 12.54
N ARG B 1881 13.99 -13.35 12.28
CA ARG B 1881 12.94 -14.01 13.04
C ARG B 1881 13.52 -14.60 14.32
N LEU B 1882 14.78 -15.01 14.25
CA LEU B 1882 15.46 -15.58 15.41
C LEU B 1882 15.83 -14.46 16.38
N LEU B 1883 16.06 -13.27 15.82
CA LEU B 1883 16.42 -12.11 16.62
C LEU B 1883 15.19 -11.53 17.29
N LYS B 1884 14.11 -11.41 16.52
CA LYS B 1884 12.86 -10.86 17.03
C LYS B 1884 12.06 -11.96 17.72
N ARG B 1885 12.74 -12.81 18.48
CA ARG B 1885 12.09 -13.89 19.19
C ARG B 1885 13.02 -14.57 20.19
N GLN B 1886 14.31 -14.57 19.88
CA GLN B 1886 15.31 -15.18 20.76
C GLN B 1886 16.42 -14.21 21.15
N GLY B 1887 16.44 -13.04 20.52
CA GLY B 1887 17.46 -12.05 20.85
C GLY B 1887 18.84 -12.39 20.30
N ARG B 1888 18.97 -13.57 19.69
CA ARG B 1888 20.25 -13.99 19.13
C ARG B 1888 20.46 -13.32 17.78
N GLN B 1889 21.67 -12.77 17.58
CA GLN B 1889 21.99 -12.11 16.33
C GLN B 1889 22.93 -12.95 15.47
N ASN B 1890 22.71 -12.91 14.16
CA ASN B 1890 23.52 -13.66 13.21
C ASN B 1890 23.41 -13.02 11.83
N TYR B 1891 24.53 -12.95 11.13
CA TYR B 1891 24.57 -12.35 9.80
C TYR B 1891 24.97 -13.37 8.75
N VAL B 1892 24.46 -13.19 7.53
CA VAL B 1892 24.76 -14.09 6.43
C VAL B 1892 25.19 -13.34 5.17
N THR B 1893 26.48 -13.02 5.11
CA THR B 1893 27.06 -12.30 3.99
C THR B 1893 27.15 -13.22 2.77
N PRO B 1894 27.50 -12.66 1.59
CA PRO B 1894 27.62 -13.49 0.40
C PRO B 1894 28.67 -14.60 0.53
N ARG B 1895 29.55 -14.48 1.56
CA ARG B 1895 30.57 -15.49 1.80
C ARG B 1895 29.90 -16.81 2.18
N HIS B 1896 28.74 -16.69 2.82
CA HIS B 1896 27.98 -17.85 3.24
C HIS B 1896 27.37 -18.49 2.00
N TYR B 1897 26.99 -17.64 1.05
CA TYR B 1897 26.39 -18.09 -0.20
C TYR B 1897 27.41 -18.85 -1.04
N LEU B 1898 28.62 -18.31 -1.14
CA LEU B 1898 29.68 -18.96 -1.91
C LEU B 1898 30.02 -20.30 -1.27
N ASP B 1899 29.96 -20.35 0.07
CA ASP B 1899 30.25 -21.57 0.79
C ASP B 1899 29.20 -22.59 0.37
N PHE B 1900 27.93 -22.16 0.40
CA PHE B 1900 26.82 -23.00 0.01
C PHE B 1900 26.97 -23.44 -1.44
N ILE B 1901 27.54 -22.56 -2.27
CA ILE B 1901 27.76 -22.85 -3.68
C ILE B 1901 28.86 -23.88 -3.85
N ASN B 1902 30.01 -23.62 -3.24
CA ASN B 1902 31.15 -24.54 -3.34
C ASN B 1902 30.80 -25.89 -2.73
N GLN B 1903 29.88 -25.88 -1.76
CA GLN B 1903 29.46 -27.11 -1.09
C GLN B 1903 28.67 -27.97 -2.07
N VAL B 1904 27.83 -27.33 -2.88
CA VAL B 1904 27.02 -28.04 -3.86
C VAL B 1904 27.91 -28.67 -4.94
N VAL B 1905 28.94 -27.95 -5.33
CA VAL B 1905 29.88 -28.44 -6.34
C VAL B 1905 30.68 -29.63 -5.82
N LEU B 1906 31.18 -29.50 -4.60
CA LEU B 1906 31.97 -30.55 -3.98
C LEU B 1906 31.18 -31.85 -3.79
N LEU B 1907 30.04 -31.77 -3.12
CA LEU B 1907 29.21 -32.94 -2.88
C LEU B 1907 28.67 -33.60 -4.15
N ILE B 1908 27.99 -32.84 -4.99
CA ILE B 1908 27.45 -33.39 -6.22
C ILE B 1908 28.49 -34.25 -6.92
N ASN B 1909 29.73 -33.77 -6.95
CA ASN B 1909 30.81 -34.53 -7.58
C ASN B 1909 31.06 -35.80 -6.77
N GLU B 1910 31.17 -35.65 -5.46
CA GLU B 1910 31.41 -36.78 -4.57
C GLU B 1910 30.28 -37.81 -4.65
N LYS B 1911 29.05 -37.33 -4.62
CA LYS B 1911 27.88 -38.20 -4.68
C LYS B 1911 27.64 -38.85 -6.04
N ARG B 1912 27.88 -38.11 -7.11
CA ARG B 1912 27.67 -38.66 -8.45
C ARG B 1912 28.66 -39.74 -8.82
N ASP B 1913 29.95 -39.49 -8.59
CA ASP B 1913 30.97 -40.48 -8.92
C ASP B 1913 30.69 -41.76 -8.14
N GLN B 1914 30.40 -41.60 -6.85
CA GLN B 1914 30.11 -42.72 -5.96
C GLN B 1914 28.98 -43.57 -6.52
N LEU B 1915 27.90 -42.92 -6.96
CA LEU B 1915 26.76 -43.63 -7.52
C LEU B 1915 27.08 -44.19 -8.91
N GLU B 1916 27.63 -43.35 -9.78
CA GLU B 1916 27.98 -43.78 -11.13
C GLU B 1916 28.85 -45.03 -11.11
N GLU B 1917 29.73 -45.13 -10.13
CA GLU B 1917 30.60 -46.29 -10.02
C GLU B 1917 29.81 -47.56 -9.69
N GLU B 1918 28.73 -47.40 -8.94
CA GLU B 1918 27.88 -48.54 -8.60
C GLU B 1918 26.98 -48.78 -9.80
N GLN B 1919 26.70 -47.70 -10.52
CA GLN B 1919 25.87 -47.75 -11.73
C GLN B 1919 26.61 -48.57 -12.78
N LEU B 1920 27.86 -48.21 -13.01
CA LEU B 1920 28.71 -48.88 -13.98
C LEU B 1920 28.82 -50.37 -13.65
N HIS B 1921 29.25 -50.66 -12.42
CA HIS B 1921 29.38 -52.05 -11.98
C HIS B 1921 28.07 -52.80 -12.20
N LEU B 1922 26.96 -52.16 -11.85
CA LEU B 1922 25.65 -52.76 -12.00
C LEU B 1922 25.29 -52.99 -13.47
N ASN B 1923 25.82 -52.17 -14.36
CA ASN B 1923 25.55 -52.31 -15.78
C ASN B 1923 26.34 -53.47 -16.39
N ILE B 1924 27.66 -53.38 -16.33
CA ILE B 1924 28.52 -54.42 -16.89
C ILE B 1924 28.05 -55.79 -16.42
N GLY B 1925 27.62 -55.86 -15.17
CA GLY B 1925 27.14 -57.12 -14.62
C GLY B 1925 25.90 -57.60 -15.37
N LEU B 1926 24.92 -56.70 -15.52
CA LEU B 1926 23.69 -57.03 -16.22
C LEU B 1926 23.97 -57.53 -17.63
N LYS B 1927 24.89 -56.85 -18.32
CA LYS B 1927 25.23 -57.24 -19.68
C LYS B 1927 25.79 -58.66 -19.73
N LYS B 1928 26.61 -59.00 -18.75
CA LYS B 1928 27.21 -60.34 -18.69
C LYS B 1928 26.13 -61.40 -18.49
N LEU B 1929 25.07 -61.04 -17.80
CA LEU B 1929 23.97 -61.97 -17.55
C LEU B 1929 23.20 -62.22 -18.85
N ARG B 1930 22.77 -61.13 -19.48
CA ARG B 1930 22.03 -61.22 -20.73
C ARG B 1930 22.88 -61.95 -21.78
N ASP B 1931 24.17 -61.68 -21.78
CA ASP B 1931 25.09 -62.31 -22.73
C ASP B 1931 25.13 -63.82 -22.52
N THR B 1932 25.15 -64.24 -21.26
CA THR B 1932 25.19 -65.66 -20.93
C THR B 1932 23.87 -66.34 -21.30
N GLU B 1933 22.77 -65.61 -21.17
CA GLU B 1933 21.45 -66.16 -21.50
C GLU B 1933 21.37 -66.50 -22.98
N ALA B 1934 22.03 -65.68 -23.80
CA ALA B 1934 22.04 -65.90 -25.25
C ALA B 1934 22.78 -67.19 -25.58
N GLN B 1935 23.90 -67.41 -24.91
CA GLN B 1935 24.70 -68.61 -25.14
C GLN B 1935 23.95 -69.87 -24.72
N VAL B 1936 23.28 -69.82 -23.58
CA VAL B 1936 22.53 -70.96 -23.09
C VAL B 1936 21.36 -71.25 -24.02
N LYS B 1937 20.78 -70.19 -24.58
CA LYS B 1937 19.66 -70.32 -25.49
C LYS B 1937 20.09 -71.00 -26.79
N ASP B 1938 21.26 -70.61 -27.29
CA ASP B 1938 21.78 -71.19 -28.53
C ASP B 1938 22.29 -72.60 -28.28
N LEU B 1939 23.06 -72.79 -27.21
CA LEU B 1939 23.60 -74.09 -26.86
C LEU B 1939 22.44 -75.05 -26.59
N GLN B 1940 21.33 -74.49 -26.15
CA GLN B 1940 20.13 -75.28 -25.85
C GLN B 1940 19.55 -75.84 -27.14
N VAL B 1941 19.52 -75.01 -28.17
CA VAL B 1941 18.99 -75.41 -29.47
C VAL B 1941 19.81 -76.54 -30.07
N SER B 1942 21.09 -76.61 -29.70
CA SER B 1942 21.96 -77.65 -30.21
C SER B 1942 21.73 -78.98 -29.49
N LEU B 1943 21.28 -78.90 -28.24
CA LEU B 1943 21.02 -80.11 -27.46
C LEU B 1943 19.72 -80.78 -27.88
N ALA B 1944 18.71 -79.97 -28.18
CA ALA B 1944 17.41 -80.50 -28.60
C ALA B 1944 17.55 -81.22 -29.94
N GLN B 1945 18.60 -80.88 -30.69
CA GLN B 1945 18.85 -81.50 -31.98
C GLN B 1945 19.64 -82.79 -31.79
N LYS B 1946 20.61 -82.76 -30.89
CA LYS B 1946 21.44 -83.93 -30.60
C LYS B 1946 20.65 -84.96 -29.80
N ASN B 1947 19.72 -84.47 -28.97
CA ASN B 1947 18.90 -85.35 -28.15
C ASN B 1947 17.86 -86.03 -29.02
N ARG B 1948 17.39 -85.29 -30.03
CA ARG B 1948 16.39 -85.81 -30.96
C ARG B 1948 16.99 -86.91 -31.81
N GLU B 1949 18.26 -86.73 -32.18
CA GLU B 1949 18.97 -87.72 -32.98
C GLU B 1949 19.11 -89.02 -32.21
N LEU B 1950 19.41 -88.92 -30.92
CA LEU B 1950 19.57 -90.08 -30.07
C LEU B 1950 18.26 -90.85 -29.90
N ASP B 1951 17.18 -90.13 -29.60
CA ASP B 1951 15.88 -90.76 -29.42
C ASP B 1951 15.50 -91.54 -30.68
N VAL B 1952 16.00 -91.09 -31.83
CA VAL B 1952 15.73 -91.74 -33.10
C VAL B 1952 16.65 -92.94 -33.28
N LYS B 1953 17.92 -92.75 -32.94
CA LYS B 1953 18.91 -93.80 -33.09
C LYS B 1953 18.65 -94.92 -32.07
N ASN B 1954 18.16 -94.54 -30.89
CA ASN B 1954 17.87 -95.51 -29.84
C ASN B 1954 16.70 -96.41 -30.20
N GLU B 1955 15.57 -95.79 -30.57
CA GLU B 1955 14.38 -96.56 -30.95
C GLU B 1955 14.71 -97.61 -32.00
N GLN B 1956 15.69 -97.29 -32.85
CA GLN B 1956 16.10 -98.23 -33.89
C GLN B 1956 16.71 -99.46 -33.23
N ALA B 1957 17.51 -99.24 -32.20
CA ALA B 1957 18.14 -100.34 -31.49
C ALA B 1957 17.08 -101.19 -30.80
N ASN B 1958 16.04 -100.55 -30.30
CA ASN B 1958 14.95 -101.25 -29.63
C ASN B 1958 14.18 -102.13 -30.61
N GLN B 1959 14.03 -101.64 -31.84
CA GLN B 1959 13.30 -102.38 -32.87
C GLN B 1959 14.25 -103.40 -33.50
N LYS B 1960 15.52 -103.02 -33.62
CA LYS B 1960 16.54 -103.90 -34.19
C LYS B 1960 16.72 -105.15 -33.34
N LEU B 1961 16.77 -104.97 -32.02
CA LEU B 1961 16.92 -106.09 -31.11
C LEU B 1961 15.71 -107.01 -31.18
N LYS B 1962 14.54 -106.43 -31.45
CA LYS B 1962 13.31 -107.22 -31.54
C LYS B 1962 13.41 -108.23 -32.68
N GLN B 1963 13.87 -107.76 -33.83
CA GLN B 1963 14.00 -108.61 -35.00
C GLN B 1963 15.10 -109.65 -34.80
N MET B 1964 16.21 -109.22 -34.20
CA MET B 1964 17.34 -110.11 -33.97
C MET B 1964 16.97 -111.22 -33.00
N VAL B 1965 16.29 -110.84 -31.92
CA VAL B 1965 15.87 -111.81 -30.89
C VAL B 1965 14.72 -112.67 -31.37
N GLN B 1966 13.88 -112.12 -32.25
CA GLN B 1966 12.74 -112.84 -32.78
C GLN B 1966 13.11 -113.71 -33.97
N ASP B 1967 14.12 -113.28 -34.73
CA ASP B 1967 14.57 -114.02 -35.90
C ASP B 1967 15.26 -115.32 -35.51
N GLN B 1968 15.95 -115.28 -34.37
CA GLN B 1968 16.66 -116.44 -33.87
C GLN B 1968 15.70 -117.49 -33.34
N GLN B 1969 14.51 -117.05 -32.93
CA GLN B 1969 13.49 -117.95 -32.42
C GLN B 1969 12.73 -118.58 -33.58
N ALA B 1970 12.60 -117.81 -34.66
CA ALA B 1970 11.91 -118.27 -35.86
C ALA B 1970 12.73 -119.33 -36.57
N ALA B 1971 14.05 -119.10 -36.63
CA ALA B 1971 14.95 -120.05 -37.28
C ALA B 1971 15.16 -121.27 -36.39
N GLU B 1972 14.98 -121.09 -35.09
CA GLU B 1972 15.15 -122.17 -34.13
C GLU B 1972 14.00 -123.17 -34.26
N ILE B 1973 12.79 -122.64 -34.40
CA ILE B 1973 11.61 -123.49 -34.54
C ILE B 1973 11.73 -124.34 -35.81
N LYS B 1974 12.38 -123.78 -36.82
CA LYS B 1974 12.57 -124.48 -38.08
C LYS B 1974 13.72 -125.49 -37.98
N GLN B 1975 14.54 -125.33 -36.95
CA GLN B 1975 15.67 -126.22 -36.73
C GLN B 1975 15.19 -127.49 -36.02
N LYS B 1976 14.33 -127.32 -35.03
CA LYS B 1976 13.79 -128.46 -34.28
C LYS B 1976 12.87 -129.27 -35.18
N ASP B 1977 12.29 -128.61 -36.17
CA ASP B 1977 11.38 -129.27 -37.11
C ASP B 1977 12.17 -130.00 -38.19
N ALA B 1978 13.27 -129.39 -38.62
CA ALA B 1978 14.12 -129.99 -39.64
C ALA B 1978 14.76 -131.24 -39.08
N ARG B 1979 14.99 -131.25 -37.77
CA ARG B 1979 15.58 -132.40 -37.11
C ARG B 1979 14.59 -133.56 -37.05
N GLU B 1980 13.30 -133.22 -37.07
CA GLU B 1980 12.26 -134.23 -37.03
C GLU B 1980 12.37 -135.09 -38.28
N LEU B 1981 12.48 -134.43 -39.44
CA LEU B 1981 12.61 -135.12 -40.71
C LEU B 1981 13.98 -135.76 -40.82
N GLN B 1982 14.86 -135.45 -39.87
CA GLN B 1982 16.21 -135.98 -39.86
C GLN B 1982 16.21 -137.39 -39.26
N VAL B 1983 15.54 -137.55 -38.14
CA VAL B 1983 15.46 -138.83 -37.45
C VAL B 1983 14.30 -139.71 -37.90
N GLN B 1984 13.17 -139.09 -38.22
CA GLN B 1984 11.99 -139.84 -38.65
C GLN B 1984 12.09 -140.35 -40.09
N LEU B 1985 12.82 -139.63 -40.93
CA LEU B 1985 12.99 -140.04 -42.31
C LEU B 1985 14.05 -141.14 -42.39
N ASP B 1986 14.77 -141.31 -41.29
CA ASP B 1986 15.82 -142.32 -41.21
C ASP B 1986 15.16 -143.66 -40.92
N VAL B 1987 13.88 -143.61 -40.53
CA VAL B 1987 13.11 -144.81 -40.22
C VAL B 1987 12.47 -145.36 -41.49
N ARG B 1988 11.95 -144.45 -42.32
CA ARG B 1988 11.31 -144.82 -43.57
C ARG B 1988 12.33 -145.50 -44.48
N ASN B 1989 13.60 -145.13 -44.31
CA ASN B 1989 14.69 -145.68 -45.09
C ASN B 1989 15.17 -147.03 -44.57
N LYS B 1990 15.28 -147.15 -43.25
CA LYS B 1990 15.72 -148.41 -42.64
C LYS B 1990 14.72 -149.54 -42.85
N GLU B 1991 13.52 -149.20 -43.29
CA GLU B 1991 12.48 -150.19 -43.52
C GLU B 1991 12.44 -150.66 -44.97
N ILE B 1992 12.29 -149.71 -45.90
CA ILE B 1992 12.24 -150.02 -47.32
C ILE B 1992 13.54 -150.69 -47.77
N ALA B 1993 14.62 -150.38 -47.07
CA ALA B 1993 15.93 -150.93 -47.40
C ALA B 1993 15.99 -152.45 -47.20
N VAL B 1994 15.02 -152.98 -46.47
CA VAL B 1994 14.96 -154.42 -46.20
C VAL B 1994 13.67 -155.03 -46.75
N GLN B 1995 12.60 -154.24 -46.72
CA GLN B 1995 11.30 -154.70 -47.21
C GLN B 1995 11.35 -154.95 -48.72
N LYS B 2149 19.70 -141.49 -49.00
CA LYS B 2149 20.95 -140.75 -49.15
C LYS B 2149 20.71 -139.37 -49.76
N LEU B 2150 19.67 -139.28 -50.58
CA LEU B 2150 19.32 -138.02 -51.24
C LEU B 2150 18.54 -137.12 -50.28
N LYS B 2151 17.60 -137.73 -49.55
CA LYS B 2151 16.79 -136.98 -48.60
C LYS B 2151 17.56 -136.74 -47.30
N GLN B 2152 18.48 -137.65 -47.00
CA GLN B 2152 19.28 -137.56 -45.78
C GLN B 2152 20.27 -136.40 -45.86
N ASP B 2153 20.71 -136.07 -47.07
CA ASP B 2153 21.65 -134.97 -47.26
C ASP B 2153 20.93 -133.62 -47.32
N GLU B 2154 19.64 -133.68 -47.65
CA GLU B 2154 18.83 -132.47 -47.74
C GLU B 2154 18.72 -131.80 -46.38
N ILE B 2155 18.74 -132.62 -45.33
CA ILE B 2155 18.65 -132.12 -43.96
C ILE B 2155 20.04 -131.77 -43.44
N VAL B 2156 21.04 -132.56 -43.86
CA VAL B 2156 22.41 -132.32 -43.45
C VAL B 2156 22.89 -130.96 -43.95
N ALA B 2157 22.33 -130.52 -45.06
CA ALA B 2157 22.69 -129.23 -45.66
C ALA B 2157 21.91 -128.12 -44.99
N THR B 2158 20.73 -128.46 -44.47
CA THR B 2158 19.87 -127.50 -43.80
C THR B 2158 20.33 -127.28 -42.37
N ILE B 2159 20.72 -128.36 -41.70
CA ILE B 2159 21.20 -128.28 -40.33
C ILE B 2159 22.43 -127.39 -40.23
N THR B 2160 23.47 -127.76 -40.98
CA THR B 2160 24.71 -126.99 -40.98
C THR B 2160 24.46 -125.56 -41.43
N ALA B 2161 23.48 -125.38 -42.31
CA ALA B 2161 23.14 -124.04 -42.81
C ALA B 2161 22.55 -123.22 -41.68
N LEU B 2162 21.59 -123.80 -40.97
CA LEU B 2162 20.94 -123.13 -39.85
C LEU B 2162 21.88 -123.03 -38.66
N GLU B 2163 22.69 -124.07 -38.46
CA GLU B 2163 23.63 -124.10 -37.35
C GLU B 2163 24.69 -123.02 -37.54
N LYS B 2164 25.10 -122.81 -38.78
CA LYS B 2164 26.10 -121.80 -39.08
C LYS B 2164 25.45 -120.43 -39.22
N SER B 2165 24.15 -120.43 -39.50
CA SER B 2165 23.40 -119.19 -39.65
C SER B 2165 23.19 -118.51 -38.29
N ILE B 2166 22.88 -119.33 -37.28
CA ILE B 2166 22.66 -118.81 -35.94
C ILE B 2166 23.92 -118.17 -35.38
N ALA B 2167 25.07 -118.72 -35.77
CA ALA B 2167 26.36 -118.20 -35.31
C ALA B 2167 26.50 -116.73 -35.70
N THR B 2168 26.03 -116.40 -36.89
CA THR B 2168 26.10 -115.03 -37.39
C THR B 2168 25.13 -114.13 -36.63
N TYR B 2169 23.98 -114.69 -36.27
CA TYR B 2169 22.97 -113.94 -35.54
C TYR B 2169 23.37 -113.74 -34.08
N LYS B 2170 24.15 -114.67 -33.54
CA LYS B 2170 24.61 -114.59 -32.16
C LYS B 2170 25.70 -113.54 -32.02
N GLU B 2171 26.61 -113.49 -32.98
CA GLU B 2171 27.72 -112.54 -32.97
C GLU B 2171 27.24 -111.13 -33.29
N GLU B 2172 26.15 -111.02 -34.04
CA GLU B 2172 25.60 -109.73 -34.40
C GLU B 2172 24.68 -109.15 -33.34
N TYR B 2173 24.04 -110.02 -32.56
CA TYR B 2173 23.16 -109.55 -31.50
C TYR B 2173 24.02 -108.91 -30.42
N ALA B 2174 25.20 -109.48 -30.21
CA ALA B 2174 26.15 -108.98 -29.21
C ALA B 2174 26.77 -107.69 -29.72
N THR B 2175 26.66 -107.46 -31.03
CA THR B 2175 27.21 -106.26 -31.65
C THR B 2175 26.25 -105.10 -31.44
N LEU B 2176 24.96 -105.38 -31.52
CA LEU B 2176 23.93 -104.37 -31.36
C LEU B 2176 23.85 -103.91 -29.90
N ILE B 2177 24.23 -104.80 -28.98
CA ILE B 2177 24.20 -104.48 -27.56
C ILE B 2177 25.33 -103.52 -27.17
N ARG B 2178 26.49 -103.67 -27.79
CA ARG B 2178 27.61 -102.78 -27.48
C ARG B 2178 27.34 -101.40 -28.06
N GLU B 2179 26.58 -101.36 -29.15
CA GLU B 2179 26.24 -100.11 -29.81
C GLU B 2179 25.05 -99.49 -29.09
N THR B 2180 24.19 -100.34 -28.51
CA THR B 2180 23.02 -99.89 -27.79
C THR B 2180 23.45 -99.28 -26.46
N GLU B 2181 24.65 -99.64 -26.00
CA GLU B 2181 25.18 -99.12 -24.75
C GLU B 2181 25.89 -97.80 -25.02
N GLN B 2182 26.36 -97.64 -26.26
CA GLN B 2182 27.04 -96.42 -26.66
C GLN B 2182 26.01 -95.32 -26.83
N ILE B 2183 24.78 -95.72 -27.13
CA ILE B 2183 23.69 -94.77 -27.32
C ILE B 2183 23.14 -94.31 -25.97
N LYS B 2184 23.06 -95.24 -25.01
CA LYS B 2184 22.57 -94.90 -23.68
C LYS B 2184 23.62 -94.05 -22.97
N THR B 2185 24.87 -94.16 -23.44
CA THR B 2185 25.97 -93.41 -22.86
C THR B 2185 25.97 -92.03 -23.51
N GLU B 2186 25.61 -91.97 -24.78
CA GLU B 2186 25.54 -90.72 -25.52
C GLU B 2186 24.27 -89.98 -25.12
N SER B 2187 23.25 -90.74 -24.76
CA SER B 2187 21.97 -90.18 -24.35
C SER B 2187 22.09 -89.59 -22.95
N SER B 2188 22.78 -90.30 -22.07
CA SER B 2188 22.98 -89.86 -20.71
C SER B 2188 23.97 -88.69 -20.68
N LYS B 2189 24.86 -88.66 -21.65
CA LYS B 2189 25.85 -87.60 -21.74
C LYS B 2189 25.16 -86.29 -22.15
N VAL B 2190 24.22 -86.40 -23.09
CA VAL B 2190 23.47 -85.23 -23.54
C VAL B 2190 22.43 -84.88 -22.48
N LYS B 2191 21.92 -85.91 -21.82
CA LYS B 2191 20.93 -85.73 -20.77
C LYS B 2191 21.61 -85.09 -19.57
N ASN B 2192 22.93 -85.01 -19.64
CA ASN B 2192 23.72 -84.43 -18.55
C ASN B 2192 23.94 -82.95 -18.87
N LYS B 2193 24.15 -82.64 -20.16
CA LYS B 2193 24.36 -81.27 -20.58
C LYS B 2193 23.02 -80.53 -20.63
N VAL B 2194 21.94 -81.29 -20.75
CA VAL B 2194 20.60 -80.72 -20.79
C VAL B 2194 20.14 -80.39 -19.37
N ASP B 2195 20.48 -81.25 -18.42
CA ASP B 2195 20.10 -81.04 -17.04
C ASP B 2195 20.79 -79.79 -16.51
N ARG B 2196 22.03 -79.58 -16.94
CA ARG B 2196 22.81 -78.42 -16.52
C ARG B 2196 22.17 -77.12 -17.02
N SER B 2197 21.70 -77.14 -18.27
CA SER B 2197 21.08 -75.96 -18.86
C SER B 2197 19.77 -75.58 -18.17
N ILE B 2198 19.04 -76.60 -17.70
CA ILE B 2198 17.77 -76.38 -17.04
C ILE B 2198 17.99 -75.72 -15.68
N ALA B 2199 18.97 -76.23 -14.93
CA ALA B 2199 19.29 -75.70 -13.62
C ALA B 2199 20.04 -74.38 -13.74
N LEU B 2200 20.89 -74.27 -14.75
CA LEU B 2200 21.68 -73.07 -14.97
C LEU B 2200 20.74 -71.90 -15.30
N LEU B 2201 19.86 -72.09 -16.27
CA LEU B 2201 18.91 -71.06 -16.66
C LEU B 2201 18.04 -70.64 -15.49
N ASP B 2202 17.59 -71.62 -14.70
CA ASP B 2202 16.76 -71.35 -13.55
C ASP B 2202 17.40 -70.35 -12.60
N ASN B 2203 18.67 -70.59 -12.26
CA ASN B 2203 19.40 -69.70 -11.37
C ASN B 2203 19.77 -68.40 -12.06
N LEU B 2204 20.04 -68.45 -13.36
CA LEU B 2204 20.40 -67.27 -14.12
C LEU B 2204 19.25 -66.27 -14.19
N ASN B 2205 18.03 -66.79 -14.07
CA ASN B 2205 16.84 -65.93 -14.12
C ASN B 2205 16.57 -65.31 -12.76
N SER B 2206 16.84 -66.07 -11.70
CA SER B 2206 16.62 -65.58 -10.34
C SER B 2206 17.71 -64.57 -10.00
N GLU B 2207 18.89 -64.77 -10.55
CA GLU B 2207 20.02 -63.88 -10.30
C GLU B 2207 19.90 -62.63 -11.16
N ARG B 2208 19.72 -62.83 -12.47
CA ARG B 2208 19.58 -61.70 -13.38
C ARG B 2208 18.45 -60.81 -12.90
N GLY B 2209 17.45 -61.45 -12.29
CA GLY B 2209 16.31 -60.70 -11.78
C GLY B 2209 16.67 -59.75 -10.67
N ARG B 2210 17.44 -60.21 -9.70
CA ARG B 2210 17.86 -59.38 -8.58
C ARG B 2210 18.63 -58.17 -9.09
N TRP B 2211 19.48 -58.39 -10.08
CA TRP B 2211 20.27 -57.31 -10.66
C TRP B 2211 19.38 -56.34 -11.42
N GLU B 2212 18.31 -56.86 -12.02
CA GLU B 2212 17.36 -56.03 -12.76
C GLU B 2212 16.48 -55.26 -11.79
N GLN B 2213 16.29 -55.81 -10.60
CA GLN B 2213 15.47 -55.17 -9.58
C GLN B 2213 16.22 -54.00 -8.96
N GLN B 2214 17.50 -53.88 -9.30
CA GLN B 2214 18.34 -52.80 -8.80
C GLN B 2214 18.56 -51.74 -9.86
N SER B 2215 18.20 -52.07 -11.11
CA SER B 2215 18.35 -51.15 -12.22
C SER B 2215 17.63 -49.85 -11.94
N GLU B 2216 16.55 -49.93 -11.16
CA GLU B 2216 15.75 -48.76 -10.81
C GLU B 2216 16.52 -47.81 -9.89
N ASN B 2217 17.38 -48.38 -9.06
CA ASN B 2217 18.16 -47.57 -8.11
C ASN B 2217 18.91 -46.40 -8.73
N PHE B 2218 19.54 -46.63 -9.88
CA PHE B 2218 20.29 -45.56 -10.55
C PHE B 2218 19.45 -44.30 -10.72
N ASN B 2219 18.36 -44.41 -11.48
CA ASN B 2219 17.49 -43.27 -11.72
C ASN B 2219 16.95 -42.69 -10.42
N THR B 2220 16.60 -43.57 -9.47
CA THR B 2220 16.08 -43.14 -8.18
C THR B 2220 17.11 -42.35 -7.39
N GLN B 2221 18.17 -43.04 -6.96
CA GLN B 2221 19.23 -42.44 -6.17
C GLN B 2221 19.93 -41.27 -6.86
N MET B 2222 19.87 -41.23 -8.20
CA MET B 2222 20.53 -40.16 -8.93
C MET B 2222 19.62 -38.95 -9.17
N SER B 2223 18.33 -39.19 -9.36
CA SER B 2223 17.40 -38.09 -9.58
C SER B 2223 17.36 -37.21 -8.33
N THR B 2224 17.44 -37.85 -7.18
CA THR B 2224 17.41 -37.14 -5.90
C THR B 2224 18.76 -36.50 -5.59
N VAL B 2225 19.82 -37.08 -6.14
CA VAL B 2225 21.17 -36.55 -5.93
C VAL B 2225 21.22 -35.03 -5.97
N VAL B 2226 20.88 -34.51 -7.15
CA VAL B 2226 20.89 -33.07 -7.35
C VAL B 2226 20.24 -32.36 -6.16
N GLY B 2227 18.99 -32.70 -5.89
CA GLY B 2227 18.28 -32.07 -4.79
C GLY B 2227 18.93 -32.35 -3.44
N ASP B 2228 19.14 -33.62 -3.13
CA ASP B 2228 19.78 -34.03 -1.89
C ASP B 2228 21.02 -33.21 -1.60
N VAL B 2229 21.93 -33.17 -2.55
CA VAL B 2229 23.17 -32.41 -2.39
C VAL B 2229 22.85 -30.98 -1.99
N VAL B 2230 21.94 -30.36 -2.72
CA VAL B 2230 21.54 -28.98 -2.43
C VAL B 2230 21.04 -28.81 -1.00
N LEU B 2231 20.17 -29.73 -0.57
CA LEU B 2231 19.62 -29.67 0.79
C LEU B 2231 20.72 -29.85 1.83
N ALA B 2232 21.53 -30.88 1.67
CA ALA B 2232 22.61 -31.15 2.61
C ALA B 2232 23.63 -30.03 2.60
N SER B 2233 23.93 -29.52 1.39
CA SER B 2233 24.89 -28.44 1.24
C SER B 2233 24.45 -27.22 2.05
N ALA B 2234 23.21 -26.79 1.85
CA ALA B 2234 22.66 -25.65 2.57
C ALA B 2234 22.70 -25.93 4.07
N PHE B 2235 22.48 -27.19 4.43
CA PHE B 2235 22.48 -27.63 5.82
C PHE B 2235 23.82 -27.31 6.46
N LEU B 2236 24.90 -27.43 5.68
CA LEU B 2236 26.25 -27.18 6.16
C LEU B 2236 26.68 -25.74 5.99
N ALA B 2237 25.86 -24.93 5.34
CA ALA B 2237 26.20 -23.53 5.11
C ALA B 2237 25.54 -22.57 6.09
N TYR B 2238 24.37 -22.93 6.60
CA TYR B 2238 23.67 -22.05 7.54
C TYR B 2238 23.23 -22.77 8.80
N ILE B 2239 22.21 -23.60 8.69
CA ILE B 2239 21.66 -24.38 9.80
C ILE B 2239 22.45 -24.29 11.10
N GLY B 2240 23.69 -24.75 11.07
CA GLY B 2240 24.55 -24.73 12.24
C GLY B 2240 24.17 -23.84 13.40
N PHE B 2241 24.04 -22.54 13.14
CA PHE B 2241 23.69 -21.58 14.19
C PHE B 2241 22.36 -21.88 14.87
N PHE B 2242 21.30 -21.96 14.07
CA PHE B 2242 19.96 -22.22 14.57
C PHE B 2242 19.83 -23.47 15.45
N ASP B 2243 18.72 -23.57 16.17
CA ASP B 2243 18.46 -24.71 17.05
C ASP B 2243 17.55 -25.73 16.37
N GLN B 2244 17.12 -26.73 17.14
CA GLN B 2244 16.26 -27.79 16.62
C GLN B 2244 15.05 -27.27 15.84
N ASN B 2245 14.21 -26.48 16.48
CA ASN B 2245 13.02 -25.93 15.84
C ASN B 2245 13.35 -25.18 14.55
N PHE B 2246 14.18 -24.15 14.65
CA PHE B 2246 14.56 -23.35 13.50
C PHE B 2246 15.15 -24.18 12.37
N ARG B 2247 16.00 -25.15 12.70
CA ARG B 2247 16.61 -26.00 11.69
C ARG B 2247 15.53 -26.75 10.92
N THR B 2248 14.56 -27.30 11.64
CA THR B 2248 13.47 -28.04 11.02
C THR B 2248 12.64 -27.14 10.11
N ASP B 2249 12.29 -25.95 10.61
CA ASP B 2249 11.51 -25.00 9.83
C ASP B 2249 12.25 -24.55 8.59
N LEU B 2250 13.58 -24.47 8.68
CA LEU B 2250 14.40 -24.06 7.55
C LEU B 2250 14.45 -25.16 6.50
N MET B 2251 14.61 -26.40 6.94
CA MET B 2251 14.68 -27.54 6.04
C MET B 2251 13.32 -27.76 5.37
N ARG B 2252 12.26 -27.66 6.17
CA ARG B 2252 10.91 -27.84 5.67
C ARG B 2252 10.58 -26.85 4.56
N LYS B 2253 11.15 -25.66 4.65
CA LYS B 2253 10.92 -24.62 3.64
C LYS B 2253 11.76 -24.87 2.39
N TRP B 2254 12.99 -25.35 2.57
CA TRP B 2254 13.88 -25.61 1.45
C TRP B 2254 13.29 -26.69 0.53
N MET B 2255 12.86 -27.79 1.13
CA MET B 2255 12.30 -28.91 0.39
C MET B 2255 11.01 -28.49 -0.34
N ILE B 2256 10.24 -27.61 0.31
CA ILE B 2256 8.99 -27.13 -0.27
C ILE B 2256 9.24 -26.34 -1.55
N ARG B 2257 10.41 -25.71 -1.63
CA ARG B 2257 10.78 -24.92 -2.80
C ARG B 2257 11.17 -25.87 -3.94
N LEU B 2258 12.09 -26.79 -3.64
CA LEU B 2258 12.55 -27.74 -4.62
C LEU B 2258 11.37 -28.52 -5.21
N ASP B 2259 10.44 -28.90 -4.35
CA ASP B 2259 9.26 -29.65 -4.76
C ASP B 2259 8.31 -28.76 -5.55
N SER B 2260 8.39 -27.45 -5.33
CA SER B 2260 7.52 -26.51 -6.02
C SER B 2260 8.11 -26.18 -7.39
N VAL B 2261 9.43 -26.25 -7.49
CA VAL B 2261 10.13 -25.96 -8.73
C VAL B 2261 10.21 -27.19 -9.64
N GLY B 2262 10.11 -28.38 -9.05
CA GLY B 2262 10.17 -29.60 -9.84
C GLY B 2262 11.46 -30.38 -9.66
N ILE B 2263 12.20 -30.09 -8.61
CA ILE B 2263 13.46 -30.77 -8.33
C ILE B 2263 13.23 -31.92 -7.36
N LYS B 2264 13.40 -33.14 -7.86
CA LYS B 2264 13.21 -34.34 -7.05
C LYS B 2264 14.24 -34.42 -5.91
N PHE B 2265 13.89 -35.16 -4.87
CA PHE B 2265 14.76 -35.33 -3.71
C PHE B 2265 14.14 -36.32 -2.74
N LYS B 2266 14.95 -36.92 -1.88
CA LYS B 2266 14.45 -37.87 -0.90
C LYS B 2266 13.57 -37.18 0.13
N SER B 2267 12.33 -37.62 0.24
CA SER B 2267 11.40 -37.03 1.19
C SER B 2267 11.88 -37.33 2.61
N ASP B 2268 12.28 -38.58 2.85
CA ASP B 2268 12.76 -39.01 4.15
C ASP B 2268 14.27 -38.77 4.21
N LEU B 2269 14.71 -37.65 3.65
CA LEU B 2269 16.12 -37.31 3.62
C LEU B 2269 16.68 -36.97 5.01
N SER B 2270 17.82 -37.56 5.32
CA SER B 2270 18.49 -37.34 6.59
C SER B 2270 19.93 -36.94 6.32
N VAL B 2271 20.20 -35.63 6.38
CA VAL B 2271 21.53 -35.10 6.13
C VAL B 2271 22.62 -35.98 6.78
N PRO B 2272 22.44 -36.35 8.05
CA PRO B 2272 23.43 -37.18 8.74
C PRO B 2272 23.70 -38.50 8.00
N SER B 2273 22.64 -39.30 7.84
CA SER B 2273 22.77 -40.58 7.16
C SER B 2273 23.15 -40.41 5.70
N PHE B 2274 23.41 -39.16 5.31
CA PHE B 2274 23.79 -38.85 3.93
C PHE B 2274 25.27 -38.48 3.89
N LEU B 2275 25.70 -37.68 4.85
CA LEU B 2275 27.09 -37.23 4.91
C LEU B 2275 27.87 -37.95 6.01
N SER B 2276 27.46 -39.17 6.33
CA SER B 2276 28.15 -39.95 7.34
C SER B 2276 27.76 -41.42 7.28
N LYS B 2277 28.73 -42.30 7.55
CA LYS B 2277 28.48 -43.74 7.54
C LYS B 2277 28.10 -44.20 8.94
N PRO B 2278 27.36 -45.31 9.05
CA PRO B 2278 26.95 -45.82 10.36
C PRO B 2278 28.16 -46.26 11.18
N GLU B 2279 29.22 -46.65 10.48
CA GLU B 2279 30.45 -47.08 11.11
C GLU B 2279 31.20 -45.94 11.79
N GLU B 2280 31.26 -44.80 11.13
CA GLU B 2280 31.96 -43.63 11.66
C GLU B 2280 31.13 -42.94 12.74
N ARG B 2281 29.81 -42.96 12.58
CA ARG B 2281 28.91 -42.34 13.53
C ARG B 2281 28.99 -43.01 14.90
N LEU B 2282 29.10 -44.34 14.89
CA LEU B 2282 29.17 -45.10 16.12
C LEU B 2282 30.42 -44.69 16.91
N ASN B 2283 31.52 -44.46 16.20
CA ASN B 2283 32.76 -44.07 16.83
C ASN B 2283 32.59 -42.72 17.53
N TRP B 2284 31.83 -41.83 16.91
CA TRP B 2284 31.57 -40.52 17.49
C TRP B 2284 30.94 -40.66 18.87
N HIS B 2285 29.82 -41.37 18.94
CA HIS B 2285 29.12 -41.59 20.20
C HIS B 2285 30.08 -42.19 21.23
N ALA B 2286 30.89 -43.14 20.79
CA ALA B 2286 31.86 -43.79 21.66
C ALA B 2286 32.90 -42.77 22.13
N ASN B 2287 32.88 -41.58 21.51
CA ASN B 2287 33.81 -40.52 21.86
C ASN B 2287 33.13 -39.41 22.66
N SER B 2288 32.20 -39.82 23.52
CA SER B 2288 31.46 -38.89 24.38
C SER B 2288 30.41 -38.02 23.67
N LEU B 2289 30.32 -38.14 22.35
CA LEU B 2289 29.34 -37.36 21.60
C LEU B 2289 27.92 -37.73 22.04
N PRO B 2290 27.10 -36.73 22.41
CA PRO B 2290 25.73 -36.98 22.84
C PRO B 2290 24.97 -37.85 21.84
N SER B 2291 23.89 -38.47 22.29
CA SER B 2291 23.09 -39.34 21.44
C SER B 2291 21.76 -38.71 21.03
N ASP B 2292 21.82 -37.53 20.45
CA ASP B 2292 20.63 -36.81 20.00
C ASP B 2292 20.82 -36.36 18.56
N GLU B 2293 19.75 -36.44 17.78
CA GLU B 2293 19.80 -36.05 16.37
C GLU B 2293 20.41 -34.66 16.16
N LEU B 2294 20.18 -33.77 17.13
CA LEU B 2294 20.72 -32.42 17.04
C LEU B 2294 22.24 -32.44 17.06
N CYS B 2295 22.81 -33.27 17.93
CA CYS B 2295 24.26 -33.39 18.02
C CYS B 2295 24.84 -34.09 16.80
N ILE B 2296 24.25 -35.23 16.44
CA ILE B 2296 24.71 -35.98 15.28
C ILE B 2296 24.79 -35.04 14.08
N GLU B 2297 23.82 -34.13 13.99
CA GLU B 2297 23.78 -33.15 12.92
C GLU B 2297 25.01 -32.27 12.97
N ASN B 2298 25.37 -31.83 14.17
CA ASN B 2298 26.55 -30.99 14.35
C ASN B 2298 27.80 -31.79 14.06
N ALA B 2299 27.79 -33.06 14.46
CA ALA B 2299 28.93 -33.95 14.25
C ALA B 2299 29.27 -33.93 12.76
N ILE B 2300 28.24 -33.83 11.92
CA ILE B 2300 28.41 -33.79 10.48
C ILE B 2300 29.06 -32.46 10.11
N MET B 2301 28.56 -31.39 10.72
CA MET B 2301 29.07 -30.05 10.47
C MET B 2301 30.49 -29.90 11.00
N LEU B 2302 30.86 -30.76 11.95
CA LEU B 2302 32.19 -30.73 12.53
C LEU B 2302 33.18 -31.54 11.70
N LYS B 2303 32.67 -32.16 10.63
CA LYS B 2303 33.50 -32.98 9.75
C LYS B 2303 33.57 -32.38 8.36
N ARG B 2304 32.41 -32.28 7.70
CA ARG B 2304 32.33 -31.74 6.35
C ARG B 2304 32.32 -30.22 6.34
N PHE B 2305 32.72 -29.60 7.44
CA PHE B 2305 32.74 -28.14 7.51
C PHE B 2305 33.61 -27.55 6.41
N ASN B 2306 33.15 -26.44 5.83
CA ASN B 2306 33.88 -25.77 4.77
C ASN B 2306 34.83 -24.76 5.38
N ARG B 2307 34.31 -23.98 6.33
CA ARG B 2307 35.10 -22.97 7.02
C ARG B 2307 35.32 -23.41 8.47
N TYR B 2308 36.28 -22.77 9.13
CA TYR B 2308 36.59 -23.11 10.52
C TYR B 2308 35.41 -22.84 11.45
N PRO B 2309 34.87 -23.92 12.07
CA PRO B 2309 33.73 -23.88 13.00
C PRO B 2309 33.94 -23.06 14.26
N LEU B 2310 32.83 -22.56 14.81
CA LEU B 2310 32.82 -21.78 16.04
C LEU B 2310 31.71 -22.36 16.90
N VAL B 2311 31.98 -23.49 17.52
CA VAL B 2311 31.01 -24.18 18.36
C VAL B 2311 30.56 -23.38 19.59
N ILE B 2312 29.26 -23.24 19.74
CA ILE B 2312 28.69 -22.54 20.88
C ILE B 2312 28.16 -23.60 21.83
N ASP B 2313 29.06 -24.14 22.64
CA ASP B 2313 28.73 -25.18 23.60
C ASP B 2313 28.84 -24.69 25.04
N PRO B 2314 27.71 -24.27 25.63
CA PRO B 2314 27.66 -23.77 27.01
C PRO B 2314 27.59 -24.88 28.06
N SER B 2315 27.53 -26.13 27.58
CA SER B 2315 27.44 -27.28 28.48
C SER B 2315 28.77 -28.01 28.60
N GLY B 2316 29.72 -27.68 27.71
CA GLY B 2316 31.01 -28.35 27.75
C GLY B 2316 30.90 -29.71 27.08
N GLN B 2317 29.66 -30.10 26.80
CA GLN B 2317 29.37 -31.38 26.17
C GLN B 2317 30.10 -31.53 24.84
N ALA B 2318 30.18 -30.44 24.08
CA ALA B 2318 30.85 -30.46 22.78
C ALA B 2318 32.36 -30.56 22.97
N MET B 2319 32.87 -29.80 23.94
CA MET B 2319 34.30 -29.79 24.23
C MET B 2319 34.81 -31.21 24.48
N GLU B 2320 34.07 -31.96 25.29
CA GLU B 2320 34.42 -33.33 25.61
C GLU B 2320 34.63 -34.11 24.31
N PHE B 2321 33.56 -34.21 23.53
CA PHE B 2321 33.56 -34.92 22.25
C PHE B 2321 34.86 -34.74 21.46
N LEU B 2322 35.10 -33.53 20.97
CA LEU B 2322 36.29 -33.23 20.19
C LEU B 2322 37.59 -33.67 20.85
N MET B 2323 37.70 -33.45 22.16
CA MET B 2323 38.92 -33.84 22.88
C MET B 2323 39.19 -35.33 22.78
N ASN B 2324 38.12 -36.13 22.81
CA ASN B 2324 38.26 -37.59 22.72
C ASN B 2324 38.28 -38.02 21.26
N GLN B 2325 37.38 -37.46 20.47
CA GLN B 2325 37.27 -37.78 19.05
C GLN B 2325 38.52 -37.37 18.28
N TYR B 2326 39.35 -36.55 18.91
CA TYR B 2326 40.58 -36.08 18.28
C TYR B 2326 41.79 -36.20 19.20
N ALA B 2327 41.65 -37.00 20.25
CA ALA B 2327 42.74 -37.21 21.20
C ALA B 2327 43.99 -37.73 20.49
N ASP B 2328 43.79 -38.62 19.52
CA ASP B 2328 44.89 -39.20 18.77
C ASP B 2328 45.89 -38.15 18.28
N LYS B 2329 45.41 -37.26 17.42
CA LYS B 2329 46.27 -36.21 16.87
C LYS B 2329 46.67 -35.19 17.93
N LYS B 2330 46.66 -35.62 19.19
CA LYS B 2330 47.04 -34.74 20.29
C LYS B 2330 46.38 -33.38 20.15
N ILE B 2331 45.11 -33.30 20.54
CA ILE B 2331 44.35 -32.05 20.45
C ILE B 2331 44.80 -31.06 21.52
N THR B 2332 44.77 -29.77 21.17
CA THR B 2332 45.18 -28.72 22.09
C THR B 2332 43.97 -27.97 22.64
N LYS B 2333 43.91 -27.85 23.97
CA LYS B 2333 42.81 -27.15 24.63
C LYS B 2333 43.29 -25.80 25.14
N THR B 2334 43.36 -24.82 24.25
CA THR B 2334 43.83 -23.48 24.61
C THR B 2334 42.70 -22.46 24.58
N SER B 2335 43.05 -21.19 24.73
CA SER B 2335 42.09 -20.10 24.72
C SER B 2335 42.80 -18.79 24.41
N PHE B 2336 42.03 -17.79 23.97
CA PHE B 2336 42.59 -16.49 23.63
C PHE B 2336 43.03 -15.71 24.87
N LEU B 2337 43.14 -16.40 26.00
CA LEU B 2337 43.56 -15.76 27.24
C LEU B 2337 45.09 -15.69 27.38
N ASP B 2338 45.63 -16.53 28.25
CA ASP B 2338 47.08 -16.59 28.49
C ASP B 2338 47.85 -16.39 27.20
N SER B 2339 48.90 -15.59 27.26
CA SER B 2339 49.73 -15.31 26.09
C SER B 2339 50.25 -16.59 25.43
N SER B 2340 50.28 -17.68 26.21
CA SER B 2340 50.74 -18.96 25.70
C SER B 2340 49.98 -19.35 24.44
N PHE B 2341 48.88 -18.66 24.19
CA PHE B 2341 48.05 -18.89 23.02
C PHE B 2341 48.83 -18.82 21.71
N MET B 2342 49.34 -17.63 21.41
CA MET B 2342 50.11 -17.38 20.19
C MET B 2342 51.09 -18.49 19.87
N LYS B 2343 51.80 -18.97 20.89
CA LYS B 2343 52.78 -20.03 20.72
C LYS B 2343 52.14 -21.35 20.30
N ASN B 2344 51.01 -21.68 20.92
CA ASN B 2344 50.32 -22.93 20.62
C ASN B 2344 49.71 -22.91 19.22
N LEU B 2345 49.44 -21.71 18.71
CA LEU B 2345 48.87 -21.56 17.38
C LEU B 2345 49.90 -21.81 16.29
N GLU B 2346 51.16 -21.52 16.59
CA GLU B 2346 52.23 -21.73 15.63
C GLU B 2346 52.51 -23.22 15.47
N SER B 2347 52.51 -23.93 16.60
CA SER B 2347 52.75 -25.37 16.61
C SER B 2347 51.62 -26.10 15.89
N ALA B 2348 50.41 -25.58 16.03
CA ALA B 2348 49.24 -26.17 15.40
C ALA B 2348 49.30 -26.06 13.89
N LEU B 2349 49.56 -24.84 13.41
CA LEU B 2349 49.66 -24.59 11.97
C LEU B 2349 50.83 -25.32 11.34
N ARG B 2350 51.91 -25.50 12.11
CA ARG B 2350 53.09 -26.18 11.61
C ARG B 2350 52.89 -27.70 11.53
N PHE B 2351 52.98 -28.36 12.68
CA PHE B 2351 52.82 -29.82 12.73
C PHE B 2351 51.50 -30.27 12.12
N GLY B 2352 50.50 -29.39 12.15
CA GLY B 2352 49.21 -29.72 11.59
C GLY B 2352 48.38 -30.56 12.54
N CYS B 2353 48.10 -30.00 13.71
CA CYS B 2353 47.30 -30.70 14.72
C CYS B 2353 46.12 -29.84 15.17
N PRO B 2354 44.98 -30.49 15.49
CA PRO B 2354 43.77 -29.80 15.93
C PRO B 2354 44.05 -28.78 17.03
N LEU B 2355 43.34 -27.66 16.99
CA LEU B 2355 43.50 -26.61 17.98
C LEU B 2355 42.17 -26.11 18.51
N LEU B 2356 41.95 -26.27 19.82
CA LEU B 2356 40.72 -25.83 20.46
C LEU B 2356 40.97 -24.52 21.20
N VAL B 2357 40.21 -23.48 20.87
CA VAL B 2357 40.37 -22.19 21.51
C VAL B 2357 39.06 -21.73 22.15
N GLN B 2358 39.06 -21.57 23.47
CA GLN B 2358 37.88 -21.14 24.20
C GLN B 2358 37.82 -19.62 24.30
N ASP B 2359 36.71 -19.11 24.82
CA ASP B 2359 36.50 -17.68 24.98
C ASP B 2359 36.77 -16.94 23.68
N VAL B 2360 36.10 -17.37 22.61
CA VAL B 2360 36.27 -16.74 21.31
C VAL B 2360 35.65 -15.35 21.28
N GLU B 2361 35.06 -14.93 22.40
CA GLU B 2361 34.44 -13.61 22.49
C GLU B 2361 35.46 -12.54 22.14
N ASN B 2362 36.74 -12.86 22.30
CA ASN B 2362 37.82 -11.93 22.00
C ASN B 2362 38.91 -12.59 21.16
N ILE B 2363 38.65 -12.68 19.87
CA ILE B 2363 39.58 -13.29 18.91
C ILE B 2363 40.42 -12.21 18.22
N ASP B 2364 41.74 -12.38 18.26
CA ASP B 2364 42.65 -11.43 17.63
C ASP B 2364 42.55 -11.53 16.11
N PRO B 2365 42.59 -10.38 15.41
CA PRO B 2365 42.50 -10.35 13.95
C PRO B 2365 43.69 -11.04 13.27
N VAL B 2366 44.57 -11.61 14.08
CA VAL B 2366 45.75 -12.30 13.57
C VAL B 2366 45.35 -13.68 13.03
N LEU B 2367 44.04 -13.89 12.85
CA LEU B 2367 43.53 -15.16 12.36
C LEU B 2367 42.68 -15.02 11.10
N ASN B 2368 42.17 -13.83 10.84
CA ASN B 2368 41.34 -13.61 9.65
C ASN B 2368 41.88 -14.36 8.44
N PRO B 2369 43.18 -14.21 8.15
CA PRO B 2369 43.76 -14.90 6.99
C PRO B 2369 43.60 -16.42 7.10
N VAL B 2370 43.70 -16.93 8.33
CA VAL B 2370 43.57 -18.36 8.59
C VAL B 2370 42.14 -18.80 8.35
N LEU B 2371 41.18 -18.13 8.98
CA LEU B 2371 39.78 -18.46 8.83
C LEU B 2371 39.34 -18.37 7.38
N ASN B 2372 39.97 -17.45 6.64
CA ASN B 2372 39.64 -17.25 5.23
C ASN B 2372 40.46 -18.18 4.34
N LYS B 2373 41.38 -18.92 4.97
CA LYS B 2373 42.23 -19.86 4.24
C LYS B 2373 42.80 -19.23 2.97
N PRO B 2395 48.81 -28.03 6.98
CA PRO B 2395 48.66 -29.37 6.41
C PRO B 2395 47.41 -30.09 6.93
N SER B 2396 47.52 -30.67 8.12
CA SER B 2396 46.41 -31.38 8.74
C SER B 2396 45.98 -30.68 10.01
N PHE B 2397 45.90 -29.35 9.94
CA PHE B 2397 45.52 -28.51 11.07
C PHE B 2397 44.08 -28.01 10.94
N MET B 2398 43.41 -27.87 12.08
CA MET B 2398 42.03 -27.40 12.11
C MET B 2398 41.75 -26.72 13.45
N ILE B 2399 41.41 -25.43 13.40
CA ILE B 2399 41.12 -24.67 14.60
C ILE B 2399 39.65 -24.75 15.00
N PHE B 2400 39.41 -24.95 16.30
CA PHE B 2400 38.05 -25.05 16.83
C PHE B 2400 37.75 -23.92 17.82
N LEU B 2401 36.99 -22.93 17.35
CA LEU B 2401 36.62 -21.80 18.19
C LEU B 2401 35.40 -22.17 19.02
N PHE B 2402 35.52 -22.04 20.34
CA PHE B 2402 34.42 -22.36 21.25
C PHE B 2402 33.85 -21.17 21.99
N THR B 2403 32.63 -21.33 22.50
CA THR B 2403 31.96 -20.27 23.24
C THR B 2403 31.13 -20.86 24.37
N ARG B 2404 31.33 -20.36 25.59
CA ARG B 2404 30.58 -20.84 26.74
C ARG B 2404 29.35 -19.96 26.92
N ASP B 2405 29.15 -19.04 26.00
CA ASP B 2405 28.02 -18.12 26.05
C ASP B 2405 26.97 -18.54 25.02
N PRO B 2406 25.87 -19.17 25.47
CA PRO B 2406 24.80 -19.61 24.59
C PRO B 2406 24.05 -18.45 23.93
N THR B 2407 24.31 -17.25 24.41
CA THR B 2407 23.67 -16.05 23.87
C THR B 2407 24.73 -15.01 23.47
N ALA B 2408 25.82 -15.49 22.91
CA ALA B 2408 26.92 -14.62 22.49
C ALA B 2408 26.66 -14.02 21.11
N HIS B 2409 26.82 -12.70 21.02
CA HIS B 2409 26.62 -11.99 19.76
C HIS B 2409 27.98 -11.65 19.15
N PHE B 2410 28.21 -12.12 17.93
CA PHE B 2410 29.48 -11.90 17.24
C PHE B 2410 29.32 -10.86 16.12
N THR B 2411 30.43 -10.24 15.74
CA THR B 2411 30.42 -9.23 14.68
C THR B 2411 30.00 -9.84 13.35
N PRO B 2412 29.51 -9.01 12.41
CA PRO B 2412 29.07 -9.49 11.10
C PRO B 2412 30.22 -10.04 10.27
N ASP B 2413 31.44 -9.61 10.60
CA ASP B 2413 32.63 -10.05 9.90
C ASP B 2413 33.05 -11.46 10.34
N LEU B 2414 32.86 -11.74 11.63
CA LEU B 2414 33.22 -13.03 12.19
C LEU B 2414 32.37 -14.16 11.63
N CYS B 2415 31.06 -13.94 11.55
CA CYS B 2415 30.13 -14.96 11.05
C CYS B 2415 30.42 -15.32 9.60
N SER B 2416 30.65 -14.30 8.76
CA SER B 2416 30.92 -14.50 7.34
C SER B 2416 32.15 -15.34 7.04
N ARG B 2417 32.92 -15.68 8.07
CA ARG B 2417 34.12 -16.49 7.87
C ARG B 2417 34.25 -17.63 8.87
N VAL B 2418 33.12 -18.14 9.34
CA VAL B 2418 33.12 -19.24 10.30
C VAL B 2418 31.84 -20.07 10.17
N THR B 2419 31.95 -21.36 10.51
CA THR B 2419 30.82 -22.28 10.45
C THR B 2419 30.28 -22.54 11.86
N PHE B 2420 29.29 -21.74 12.26
CA PHE B 2420 28.70 -21.89 13.59
C PHE B 2420 28.14 -23.29 13.84
N VAL B 2421 28.47 -23.84 14.99
CA VAL B 2421 28.01 -25.17 15.39
C VAL B 2421 27.42 -25.08 16.79
N ASN B 2422 26.12 -24.84 16.87
CA ASN B 2422 25.43 -24.73 18.14
C ASN B 2422 25.32 -26.08 18.85
N PHE B 2423 25.66 -26.09 20.13
CA PHE B 2423 25.60 -27.32 20.93
C PHE B 2423 24.74 -27.15 22.17
N THR B 2424 24.15 -25.97 22.33
CA THR B 2424 23.29 -25.70 23.47
C THR B 2424 22.14 -26.70 23.49
N VAL B 2425 22.05 -27.47 24.58
CA VAL B 2425 21.00 -28.47 24.70
C VAL B 2425 19.63 -27.82 24.63
N THR B 2426 18.68 -28.50 24.01
CA THR B 2426 17.32 -28.00 23.86
C THR B 2426 16.33 -28.98 24.51
N PRO B 2427 15.06 -28.59 24.67
CA PRO B 2427 14.08 -29.49 25.29
C PRO B 2427 13.96 -30.82 24.56
N SER B 2428 13.99 -30.79 23.24
CA SER B 2428 13.89 -32.00 22.43
C SER B 2428 15.21 -32.78 22.47
N SER B 2429 16.30 -32.06 22.31
CA SER B 2429 17.64 -32.66 22.32
C SER B 2429 17.89 -33.49 23.57
N LEU B 2430 17.68 -32.88 24.73
CA LEU B 2430 17.90 -33.54 26.01
C LEU B 2430 17.02 -34.78 26.19
N GLN B 2431 15.76 -34.68 25.76
CA GLN B 2431 14.83 -35.79 25.89
C GLN B 2431 15.40 -37.08 25.32
N SER B 2432 15.95 -37.01 24.12
CA SER B 2432 16.53 -38.17 23.47
C SER B 2432 17.74 -38.67 24.25
N GLN B 2433 18.56 -37.74 24.73
CA GLN B 2433 19.75 -38.10 25.50
C GLN B 2433 19.39 -38.97 26.69
N CYS B 2434 18.42 -38.53 27.48
CA CYS B 2434 17.98 -39.28 28.65
C CYS B 2434 17.40 -40.64 28.26
N LEU B 2435 16.66 -40.67 27.14
CA LEU B 2435 16.06 -41.91 26.68
C LEU B 2435 17.12 -42.93 26.31
N HIS B 2436 17.98 -42.58 25.35
CA HIS B 2436 19.05 -43.46 24.93
C HIS B 2436 19.92 -43.85 26.11
N GLU B 2437 19.99 -42.98 27.10
CA GLU B 2437 20.80 -43.22 28.30
C GLU B 2437 20.02 -44.06 29.30
N ALA B 2438 18.70 -44.10 29.13
CA ALA B 2438 17.83 -44.86 30.02
C ALA B 2438 17.73 -46.30 29.57
N LEU B 2439 17.32 -46.50 28.31
CA LEU B 2439 17.18 -47.83 27.75
C LEU B 2439 18.49 -48.60 27.88
N LYS B 2440 19.59 -47.88 27.69
CA LYS B 2440 20.93 -48.45 27.79
C LYS B 2440 21.16 -49.14 29.13
N THR B 2441 20.51 -48.62 30.17
CA THR B 2441 20.67 -49.18 31.52
C THR B 2441 19.51 -50.09 31.93
N GLU B 2442 18.29 -49.64 31.69
CA GLU B 2442 17.11 -50.42 32.07
C GLU B 2442 16.83 -51.61 31.16
N ARG B 2443 17.15 -51.48 29.88
CA ARG B 2443 16.92 -52.57 28.94
C ARG B 2443 18.01 -52.69 27.89
N PRO B 2444 19.17 -53.24 28.28
CA PRO B 2444 20.32 -53.42 27.39
C PRO B 2444 20.08 -54.53 26.37
N ASP B 2445 18.99 -55.26 26.54
CA ASP B 2445 18.64 -56.35 25.65
C ASP B 2445 18.14 -55.80 24.31
N THR B 2446 17.24 -54.83 24.36
CA THR B 2446 16.70 -54.22 23.15
C THR B 2446 17.72 -53.24 22.58
N HIS B 2447 18.74 -52.94 23.37
CA HIS B 2447 19.80 -52.01 22.94
C HIS B 2447 20.82 -52.72 22.06
N LYS B 2448 21.21 -53.93 22.45
CA LYS B 2448 22.19 -54.70 21.69
C LYS B 2448 21.52 -55.25 20.44
N LYS B 2449 20.19 -55.21 20.41
CA LYS B 2449 19.43 -55.71 19.27
C LYS B 2449 19.50 -54.72 18.12
N ARG B 2450 19.47 -53.43 18.42
CA ARG B 2450 19.54 -52.40 17.39
C ARG B 2450 20.98 -52.21 16.95
N SER B 2451 21.91 -52.37 17.89
CA SER B 2451 23.33 -52.21 17.60
C SER B 2451 23.82 -53.34 16.70
N ASP B 2452 23.52 -54.57 17.07
CA ASP B 2452 23.94 -55.73 16.30
C ASP B 2452 23.38 -55.74 14.88
N LEU B 2453 22.06 -55.66 14.76
CA LEU B 2453 21.41 -55.66 13.46
C LEU B 2453 21.92 -54.55 12.56
N LEU B 2454 22.58 -53.55 13.16
CA LEU B 2454 23.13 -52.44 12.41
C LEU B 2454 24.45 -52.79 11.75
N LYS B 2455 25.32 -53.49 12.48
CA LYS B 2455 26.61 -53.89 11.94
C LYS B 2455 26.42 -55.06 10.99
N ILE B 2456 25.55 -56.00 11.35
CA ILE B 2456 25.27 -57.16 10.53
C ILE B 2456 24.79 -56.74 9.14
N GLN B 2457 23.97 -55.71 9.08
CA GLN B 2457 23.44 -55.21 7.82
C GLN B 2457 24.50 -54.45 7.04
N GLY B 2458 25.28 -53.63 7.73
CA GLY B 2458 26.31 -52.86 7.09
C GLY B 2458 27.35 -53.74 6.41
N GLU B 2459 27.49 -54.96 6.91
CA GLU B 2459 28.45 -55.92 6.37
C GLU B 2459 27.86 -56.72 5.21
N PHE B 2460 26.61 -57.16 5.36
CA PHE B 2460 25.96 -57.92 4.30
C PHE B 2460 25.96 -57.14 3.00
N GLN B 2461 25.99 -55.82 3.10
CA GLN B 2461 26.00 -54.95 1.93
C GLN B 2461 27.32 -55.06 1.19
N VAL B 2462 28.38 -55.34 1.94
CA VAL B 2462 29.72 -55.49 1.35
C VAL B 2462 29.93 -56.94 0.94
N LYS B 2463 29.34 -57.85 1.70
CA LYS B 2463 29.46 -59.27 1.43
C LYS B 2463 28.67 -59.67 0.19
N LEU B 2464 27.75 -58.80 -0.24
CA LEU B 2464 26.94 -59.06 -1.42
C LEU B 2464 27.65 -58.55 -2.67
N ARG B 2465 28.45 -57.51 -2.52
CA ARG B 2465 29.19 -56.95 -3.64
C ARG B 2465 30.39 -57.85 -3.92
N ILE B 2466 30.92 -58.46 -2.87
CA ILE B 2466 32.06 -59.35 -3.00
C ILE B 2466 31.66 -60.55 -3.85
N LEU B 2467 30.53 -61.17 -3.49
CA LEU B 2467 30.03 -62.32 -4.22
C LEU B 2467 29.59 -61.95 -5.63
N GLU B 2468 29.03 -60.74 -5.78
CA GLU B 2468 28.58 -60.29 -7.09
C GLU B 2468 29.72 -60.15 -8.09
N LYS B 2469 30.82 -59.52 -7.67
CA LYS B 2469 31.96 -59.35 -8.56
C LYS B 2469 32.64 -60.68 -8.84
N SER B 2470 32.68 -61.55 -7.83
CA SER B 2470 33.29 -62.87 -8.01
C SER B 2470 32.48 -63.63 -9.05
N LEU B 2471 31.22 -63.25 -9.20
CA LEU B 2471 30.34 -63.88 -10.17
C LEU B 2471 30.73 -63.45 -11.58
N LEU B 2472 30.86 -62.14 -11.76
CA LEU B 2472 31.24 -61.59 -13.06
C LEU B 2472 32.57 -62.18 -13.50
N ASN B 2473 33.45 -62.41 -12.54
CA ASN B 2473 34.76 -62.99 -12.82
C ASN B 2473 34.63 -64.45 -13.19
N ALA B 2474 33.93 -65.20 -12.33
CA ALA B 2474 33.73 -66.62 -12.56
C ALA B 2474 32.92 -66.87 -13.83
N LEU B 2475 32.11 -65.89 -14.20
CA LEU B 2475 31.28 -66.00 -15.39
C LEU B 2475 32.04 -65.53 -16.63
N SER B 2476 33.25 -65.02 -16.40
CA SER B 2476 34.09 -64.53 -17.50
C SER B 2476 34.98 -65.63 -18.05
N GLN B 2477 34.50 -66.86 -18.00
CA GLN B 2477 35.24 -68.01 -18.51
C GLN B 2477 34.55 -68.47 -19.78
N ALA B 2478 34.74 -67.72 -20.86
CA ALA B 2478 34.14 -68.05 -22.15
C ALA B 2478 34.77 -69.30 -22.75
N SER B 2479 34.29 -69.69 -23.92
CA SER B 2479 34.80 -70.86 -24.62
C SER B 2479 33.80 -72.01 -24.58
N GLY B 2480 32.72 -71.83 -23.82
CA GLY B 2480 31.69 -72.84 -23.70
C GLY B 2480 31.85 -73.69 -22.46
N ASN B 2481 33.02 -73.60 -21.84
CA ASN B 2481 33.31 -74.37 -20.64
C ASN B 2481 32.38 -74.02 -19.48
N ILE B 2482 31.11 -73.79 -19.81
CA ILE B 2482 30.11 -73.44 -18.80
C ILE B 2482 29.41 -74.68 -18.27
N LEU B 2483 29.18 -75.65 -19.14
CA LEU B 2483 28.51 -76.89 -18.75
C LEU B 2483 29.51 -77.90 -18.18
N ASP B 2484 30.78 -77.50 -18.15
CA ASP B 2484 31.83 -78.37 -17.62
C ASP B 2484 32.62 -77.68 -16.52
N ASP B 2485 32.60 -76.35 -16.53
CA ASP B 2485 33.31 -75.57 -15.53
C ASP B 2485 32.31 -75.15 -14.46
N ASP B 2486 32.15 -75.99 -13.44
CA ASP B 2486 31.22 -75.72 -12.36
C ASP B 2486 31.66 -74.58 -11.44
N SER B 2487 32.42 -73.65 -12.00
CA SER B 2487 32.90 -72.50 -11.22
C SER B 2487 31.82 -71.42 -11.22
N VAL B 2488 30.98 -71.44 -12.27
CA VAL B 2488 29.89 -70.48 -12.40
C VAL B 2488 28.67 -70.94 -11.61
N ILE B 2489 28.38 -72.23 -11.69
CA ILE B 2489 27.23 -72.80 -10.98
C ILE B 2489 27.50 -72.80 -9.47
N SER B 2490 28.78 -72.78 -9.11
CA SER B 2490 29.17 -72.78 -7.71
C SER B 2490 28.87 -71.43 -7.06
N THR B 2491 29.19 -70.35 -7.77
CA THR B 2491 28.96 -69.00 -7.26
C THR B 2491 27.46 -68.67 -7.33
N LEU B 2492 26.80 -69.14 -8.39
CA LEU B 2492 25.38 -68.90 -8.56
C LEU B 2492 24.57 -69.58 -7.46
N GLU B 2493 25.10 -70.69 -6.94
CA GLU B 2493 24.43 -71.43 -5.89
C GLU B 2493 24.68 -70.78 -4.53
N THR B 2494 25.81 -70.09 -4.41
CA THR B 2494 26.17 -69.42 -3.16
C THR B 2494 25.31 -68.17 -2.99
N LEU B 2495 25.12 -67.42 -4.08
CA LEU B 2495 24.32 -66.21 -4.04
C LEU B 2495 22.85 -66.48 -3.70
N LYS B 2496 22.25 -67.46 -4.37
CA LYS B 2496 20.85 -67.79 -4.11
C LYS B 2496 20.61 -68.02 -2.62
N LYS B 2497 21.47 -68.83 -2.01
CA LYS B 2497 21.35 -69.13 -0.59
C LYS B 2497 21.80 -67.96 0.26
N GLU B 2498 22.68 -67.13 -0.28
CA GLU B 2498 23.20 -65.96 0.43
C GLU B 2498 22.18 -64.83 0.39
N THR B 2499 21.40 -64.78 -0.68
CA THR B 2499 20.39 -63.75 -0.86
C THR B 2499 19.14 -64.01 -0.03
N THR B 2500 18.68 -65.27 -0.02
CA THR B 2500 17.50 -65.63 0.75
C THR B 2500 17.75 -65.36 2.22
N GLU B 2501 19.00 -65.52 2.63
CA GLU B 2501 19.40 -65.29 4.01
C GLU B 2501 19.17 -63.82 4.38
N ILE B 2502 19.56 -62.94 3.47
CA ILE B 2502 19.40 -61.51 3.68
C ILE B 2502 17.91 -61.14 3.67
N ALA B 2503 17.19 -61.71 2.72
CA ALA B 2503 15.75 -61.46 2.59
C ALA B 2503 15.05 -61.86 3.89
N LEU B 2504 15.54 -62.92 4.52
CA LEU B 2504 14.98 -63.41 5.77
C LEU B 2504 15.40 -62.54 6.93
N LYS B 2505 16.66 -62.11 6.92
CA LYS B 2505 17.19 -61.27 7.99
C LYS B 2505 16.40 -59.96 8.08
N VAL B 2506 15.90 -59.49 6.94
CA VAL B 2506 15.12 -58.25 6.89
C VAL B 2506 13.83 -58.42 7.67
N GLU B 2507 13.18 -59.58 7.50
CA GLU B 2507 11.93 -59.88 8.18
C GLU B 2507 12.13 -59.90 9.69
N GLU B 2508 13.36 -60.22 10.11
CA GLU B 2508 13.69 -60.27 11.53
C GLU B 2508 13.93 -58.87 12.07
N THR B 2509 14.50 -58.01 11.23
CA THR B 2509 14.77 -56.62 11.62
C THR B 2509 13.47 -55.86 11.83
N GLU B 2510 12.53 -56.04 10.89
CA GLU B 2510 11.25 -55.37 10.96
C GLU B 2510 10.55 -55.69 12.29
N THR B 2511 10.69 -56.94 12.73
CA THR B 2511 10.09 -57.38 13.98
C THR B 2511 10.76 -56.70 15.16
N VAL B 2512 12.08 -56.64 15.13
CA VAL B 2512 12.86 -56.02 16.19
C VAL B 2512 12.59 -54.51 16.24
N MET B 2513 12.43 -53.89 15.08
CA MET B 2513 12.17 -52.46 15.01
C MET B 2513 10.88 -52.12 15.75
N GLN B 2514 9.92 -53.04 15.70
CA GLN B 2514 8.64 -52.85 16.38
C GLN B 2514 8.87 -53.01 17.88
N GLU B 2515 9.77 -53.92 18.23
CA GLU B 2515 10.11 -54.20 19.62
C GLU B 2515 10.80 -52.99 20.25
N ILE B 2516 11.86 -52.53 19.61
CA ILE B 2516 12.63 -51.39 20.09
C ILE B 2516 11.78 -50.12 20.18
N SER B 2517 11.03 -49.83 19.12
CA SER B 2517 10.18 -48.64 19.10
C SER B 2517 9.11 -48.73 20.19
N GLU B 2518 8.84 -49.96 20.63
CA GLU B 2518 7.84 -50.20 21.66
C GLU B 2518 8.42 -49.89 23.04
N VAL B 2519 9.51 -50.59 23.38
CA VAL B 2519 10.17 -50.41 24.67
C VAL B 2519 10.55 -48.97 24.96
N SER B 2520 10.98 -48.25 23.93
CA SER B 2520 11.36 -46.85 24.09
C SER B 2520 10.14 -46.00 24.40
N ALA B 2521 9.02 -46.35 23.79
CA ALA B 2521 7.77 -45.62 24.00
C ALA B 2521 7.30 -45.74 25.44
N LEU B 2522 7.74 -46.79 26.12
CA LEU B 2522 7.36 -47.01 27.52
C LEU B 2522 8.27 -46.23 28.46
N TYR B 2523 9.42 -45.80 27.95
CA TYR B 2523 10.37 -45.04 28.76
C TYR B 2523 10.42 -43.58 28.31
N ASN B 2524 9.75 -43.28 27.20
CA ASN B 2524 9.72 -41.93 26.66
C ASN B 2524 9.06 -40.96 27.63
N PRO B 2525 7.97 -41.38 28.30
CA PRO B 2525 7.29 -40.51 29.26
C PRO B 2525 8.20 -39.98 30.37
N MET B 2526 8.98 -40.89 30.96
CA MET B 2526 9.89 -40.50 32.04
C MET B 2526 11.04 -39.67 31.48
N ALA B 2527 11.55 -40.06 30.33
CA ALA B 2527 12.65 -39.35 29.69
C ALA B 2527 12.21 -37.93 29.39
N LEU B 2528 10.94 -37.78 29.01
CA LEU B 2528 10.37 -36.49 28.69
C LEU B 2528 10.32 -35.63 29.95
N SER B 2529 9.76 -36.19 31.01
CA SER B 2529 9.64 -35.48 32.28
C SER B 2529 11.00 -34.97 32.74
N CYS B 2530 12.03 -35.77 32.52
CA CYS B 2530 13.39 -35.41 32.90
C CYS B 2530 13.82 -34.12 32.21
N SER B 2531 13.74 -34.12 30.88
CA SER B 2531 14.13 -32.97 30.07
C SER B 2531 13.42 -31.71 30.60
N ARG B 2532 12.11 -31.82 30.81
CA ARG B 2532 11.33 -30.71 31.31
C ARG B 2532 11.85 -30.26 32.68
N VAL B 2533 12.08 -31.22 33.56
CA VAL B 2533 12.59 -30.93 34.90
C VAL B 2533 13.83 -30.04 34.83
N TYR B 2534 14.88 -30.55 34.18
CA TYR B 2534 16.12 -29.82 34.03
C TYR B 2534 15.87 -28.34 33.68
N PHE B 2535 15.16 -28.13 32.59
CA PHE B 2535 14.85 -26.78 32.12
C PHE B 2535 14.17 -25.93 33.19
N ALA B 2536 13.44 -26.56 34.10
CA ALA B 2536 12.78 -25.83 35.17
C ALA B 2536 13.86 -25.17 36.00
N MET B 2537 14.90 -25.93 36.30
CA MET B 2537 16.03 -25.45 37.07
C MET B 2537 16.68 -24.30 36.31
N GLU B 2538 16.92 -24.54 35.02
CA GLU B 2538 17.52 -23.54 34.14
C GLU B 2538 16.72 -22.25 34.19
N GLU B 2539 15.42 -22.37 34.43
CA GLU B 2539 14.54 -21.21 34.50
C GLU B 2539 14.72 -20.46 35.81
N LEU B 2540 15.18 -21.17 36.84
CA LEU B 2540 15.42 -20.54 38.14
C LEU B 2540 16.52 -19.49 38.00
N SER B 2541 16.99 -19.32 36.76
CA SER B 2541 18.04 -18.35 36.47
C SER B 2541 17.56 -16.93 36.73
N GLN B 2542 16.25 -16.78 36.95
CA GLN B 2542 15.67 -15.47 37.22
C GLN B 2542 16.23 -14.90 38.51
N PHE B 2543 16.89 -15.75 39.29
CA PHE B 2543 17.47 -15.34 40.56
C PHE B 2543 18.98 -15.57 40.48
N HIS B 2544 19.73 -14.48 40.62
CA HIS B 2544 21.20 -14.54 40.55
C HIS B 2544 21.81 -15.68 41.34
N LEU B 2545 21.18 -16.05 42.45
CA LEU B 2545 21.69 -17.11 43.31
C LEU B 2545 21.30 -18.52 42.84
N TYR B 2546 20.30 -18.62 41.98
CA TYR B 2546 19.88 -19.92 41.48
C TYR B 2546 20.40 -20.17 40.07
N GLN B 2547 21.69 -20.49 39.96
CA GLN B 2547 22.32 -20.76 38.67
C GLN B 2547 22.73 -22.23 38.59
N PHE B 2548 21.95 -23.02 37.86
CA PHE B 2548 22.22 -24.45 37.70
C PHE B 2548 22.78 -24.77 36.32
N SER B 2549 23.69 -25.74 36.27
CA SER B 2549 24.30 -26.15 35.01
C SER B 2549 23.84 -27.55 34.63
N LEU B 2550 23.93 -27.88 33.35
CA LEU B 2550 23.52 -29.18 32.86
C LEU B 2550 24.18 -30.30 33.65
N ARG B 2551 25.51 -30.27 33.71
CA ARG B 2551 26.27 -31.27 34.43
C ARG B 2551 25.67 -31.54 35.81
N ALA B 2552 25.21 -30.48 36.46
CA ALA B 2552 24.60 -30.60 37.78
C ALA B 2552 23.41 -31.56 37.74
N PHE B 2553 22.47 -31.28 36.85
CA PHE B 2553 21.29 -32.10 36.68
C PHE B 2553 21.65 -33.55 36.33
N LEU B 2554 22.48 -33.70 35.31
CA LEU B 2554 22.90 -35.03 34.86
C LEU B 2554 23.35 -35.94 35.99
N ASP B 2555 23.98 -35.38 37.01
CA ASP B 2555 24.44 -36.18 38.14
C ASP B 2555 23.24 -36.80 38.84
N ILE B 2556 22.17 -36.03 38.98
CA ILE B 2556 20.96 -36.52 39.63
C ILE B 2556 20.34 -37.60 38.74
N PHE B 2557 20.26 -37.31 37.45
CA PHE B 2557 19.71 -38.24 36.47
C PHE B 2557 20.47 -39.56 36.58
N TYR B 2558 21.79 -39.45 36.70
CA TYR B 2558 22.66 -40.62 36.81
C TYR B 2558 22.28 -41.45 38.04
N ASN B 2559 22.16 -40.78 39.18
CA ASN B 2559 21.81 -41.46 40.42
C ASN B 2559 20.42 -42.07 40.35
N LEU B 2560 19.51 -41.38 39.66
CA LEU B 2560 18.14 -41.86 39.51
C LEU B 2560 18.10 -43.22 38.83
N LEU B 2561 19.07 -43.48 37.97
CA LEU B 2561 19.15 -44.72 37.23
C LEU B 2561 20.01 -45.78 37.91
N ASN B 2562 21.10 -45.35 38.54
CA ASN B 2562 22.01 -46.27 39.20
C ASN B 2562 21.88 -46.24 40.72
N ASN B 2563 22.41 -45.20 41.34
CA ASN B 2563 22.36 -45.04 42.79
C ASN B 2563 20.99 -44.55 43.26
N ASN B 2564 19.99 -45.41 43.14
CA ASN B 2564 18.64 -45.07 43.56
C ASN B 2564 18.14 -46.06 44.61
N PRO B 2565 17.77 -45.56 45.80
CA PRO B 2565 17.27 -46.39 46.90
C PRO B 2565 16.07 -47.26 46.53
N ASN B 2566 15.01 -46.60 46.06
CA ASN B 2566 13.78 -47.27 45.69
C ASN B 2566 13.97 -48.42 44.69
N LEU B 2567 15.10 -48.43 44.00
CA LEU B 2567 15.38 -49.48 43.02
C LEU B 2567 16.14 -50.67 43.60
N VAL B 2568 17.19 -50.39 44.36
CA VAL B 2568 18.02 -51.42 44.98
C VAL B 2568 17.39 -52.80 45.02
N ASP B 2569 16.19 -52.89 45.59
CA ASP B 2569 15.49 -54.17 45.70
C ASP B 2569 15.00 -54.68 44.35
N LYS B 2570 13.85 -54.18 43.90
CA LYS B 2570 13.25 -54.60 42.64
C LYS B 2570 14.26 -54.77 41.50
N LYS B 2571 13.95 -55.66 40.58
CA LYS B 2571 14.81 -55.93 39.42
C LYS B 2571 13.99 -56.02 38.15
N ASP B 2572 12.68 -55.85 38.29
CA ASP B 2572 11.76 -55.91 37.15
C ASP B 2572 11.61 -54.55 36.47
N PRO B 2573 11.99 -54.46 35.19
CA PRO B 2573 11.91 -53.23 34.41
C PRO B 2573 10.57 -52.51 34.52
N ASN B 2574 9.48 -53.28 34.43
CA ASN B 2574 8.14 -52.71 34.52
C ASN B 2574 7.90 -52.00 35.86
N GLU B 2575 8.44 -52.58 36.92
CA GLU B 2575 8.29 -52.00 38.26
C GLU B 2575 9.21 -50.80 38.45
N ARG B 2576 10.46 -50.95 38.05
CA ARG B 2576 11.44 -49.87 38.20
C ARG B 2576 10.98 -48.62 37.47
N LEU B 2577 10.44 -48.80 36.28
CA LEU B 2577 9.96 -47.68 35.47
C LEU B 2577 9.07 -46.76 36.29
N VAL B 2578 8.07 -47.34 36.95
CA VAL B 2578 7.15 -46.58 37.78
C VAL B 2578 7.90 -45.70 38.76
N TYR B 2579 8.88 -46.28 39.46
CA TYR B 2579 9.68 -45.56 40.44
C TYR B 2579 10.45 -44.40 39.82
N LEU B 2580 11.08 -44.65 38.68
CA LEU B 2580 11.87 -43.63 37.99
C LEU B 2580 11.00 -42.48 37.48
N SER B 2581 9.79 -42.80 37.04
CA SER B 2581 8.88 -41.79 36.53
C SER B 2581 8.38 -40.86 37.64
N LYS B 2582 8.79 -41.14 38.87
CA LYS B 2582 8.38 -40.34 40.01
C LYS B 2582 9.53 -39.99 40.95
N ASP B 2583 10.74 -40.41 40.59
CA ASP B 2583 11.91 -40.13 41.42
C ASP B 2583 12.70 -38.92 40.95
N ILE B 2584 12.53 -38.54 39.69
CA ILE B 2584 13.23 -37.38 39.16
C ILE B 2584 12.82 -36.13 39.93
N PHE B 2585 11.52 -36.06 40.25
CA PHE B 2585 10.98 -34.93 40.98
C PHE B 2585 11.42 -34.97 42.44
N SER B 2586 11.36 -36.16 43.04
CA SER B 2586 11.73 -36.34 44.43
C SER B 2586 13.23 -36.14 44.66
N MET B 2587 14.05 -36.72 43.78
CA MET B 2587 15.50 -36.60 43.89
C MET B 2587 16.01 -35.21 43.51
N THR B 2588 15.58 -34.71 42.36
CA THR B 2588 16.00 -33.40 41.88
C THR B 2588 15.64 -32.29 42.86
N PHE B 2589 14.44 -32.36 43.43
CA PHE B 2589 13.98 -31.36 44.38
C PHE B 2589 14.87 -31.33 45.63
N ASN B 2590 15.37 -32.49 46.03
CA ASN B 2590 16.22 -32.60 47.21
C ASN B 2590 17.62 -32.03 46.98
N ARG B 2591 18.08 -32.06 45.73
CA ARG B 2591 19.40 -31.56 45.39
C ARG B 2591 19.34 -30.06 45.17
N VAL B 2592 18.21 -29.58 44.64
CA VAL B 2592 18.02 -28.16 44.36
C VAL B 2592 17.66 -27.36 45.61
N THR B 2593 16.83 -27.93 46.46
CA THR B 2593 16.40 -27.26 47.69
C THR B 2593 17.58 -26.75 48.49
N ARG B 2594 18.72 -27.43 48.36
CA ARG B 2594 19.94 -27.05 49.08
C ARG B 2594 20.37 -25.64 48.71
N THR B 2595 20.02 -25.21 47.51
CA THR B 2595 20.36 -23.89 47.02
C THR B 2595 19.22 -22.91 47.22
N LEU B 2596 18.00 -23.38 46.95
CA LEU B 2596 16.81 -22.56 47.09
C LEU B 2596 16.66 -22.01 48.51
N LEU B 2597 16.13 -20.80 48.61
CA LEU B 2597 15.92 -20.16 49.91
C LEU B 2597 14.62 -20.68 50.52
N ASN B 2598 14.52 -20.60 51.84
CA ASN B 2598 13.34 -21.06 52.58
C ASN B 2598 12.03 -20.86 51.81
N ASP B 2599 11.69 -19.60 51.52
CA ASP B 2599 10.45 -19.30 50.81
C ASP B 2599 10.44 -19.85 49.38
N ASP B 2600 11.47 -19.50 48.61
CA ASP B 2600 11.58 -19.94 47.23
C ASP B 2600 11.61 -21.46 47.07
N LYS B 2601 11.44 -22.18 48.16
CA LYS B 2601 11.46 -23.64 48.12
C LYS B 2601 10.17 -24.19 47.51
N LEU B 2602 9.03 -23.63 47.93
CA LEU B 2602 7.74 -24.07 47.41
C LEU B 2602 7.51 -23.61 45.97
N THR B 2603 7.91 -22.38 45.68
CA THR B 2603 7.75 -21.83 44.34
C THR B 2603 8.22 -22.83 43.30
N PHE B 2604 9.38 -23.43 43.55
CA PHE B 2604 9.96 -24.41 42.65
C PHE B 2604 9.19 -25.73 42.74
N ALA B 2605 8.84 -26.12 43.96
CA ALA B 2605 8.11 -27.36 44.19
C ALA B 2605 6.87 -27.44 43.29
N LEU B 2606 6.27 -26.29 43.00
CA LEU B 2606 5.09 -26.23 42.15
C LEU B 2606 5.41 -26.54 40.69
N GLN B 2607 6.49 -25.96 40.18
CA GLN B 2607 6.89 -26.19 38.80
C GLN B 2607 7.16 -27.67 38.57
N LEU B 2608 7.60 -28.35 39.62
CA LEU B 2608 7.89 -29.78 39.54
C LEU B 2608 6.58 -30.57 39.61
N THR B 2609 5.56 -29.94 40.17
CA THR B 2609 4.25 -30.57 40.31
C THR B 2609 3.46 -30.53 39.00
N ILE B 2610 3.32 -29.33 38.44
CA ILE B 2610 2.60 -29.14 37.19
C ILE B 2610 3.16 -30.06 36.10
N ILE B 2611 4.48 -30.25 36.14
CA ILE B 2611 5.14 -31.11 35.16
C ILE B 2611 5.00 -32.57 35.57
N SER B 2612 4.76 -32.80 36.85
CA SER B 2612 4.59 -34.15 37.38
C SER B 2612 3.30 -34.77 36.88
N VAL B 2613 2.23 -33.98 36.84
CA VAL B 2613 0.93 -34.45 36.38
C VAL B 2613 0.71 -34.15 34.90
N LYS B 2614 1.65 -33.43 34.30
CA LYS B 2614 1.54 -33.09 32.89
C LYS B 2614 1.59 -34.36 32.04
N GLY B 2615 0.67 -34.47 31.11
CA GLY B 2615 0.61 -35.65 30.26
C GLY B 2615 -0.12 -36.76 30.96
N THR B 2616 -0.95 -36.40 31.94
CA THR B 2616 -1.72 -37.37 32.70
C THR B 2616 -3.16 -36.91 32.82
N SER B 2617 -3.98 -37.70 33.52
CA SER B 2617 -5.38 -37.36 33.71
C SER B 2617 -5.55 -36.28 34.77
N ASN B 2618 -4.44 -35.91 35.41
CA ASN B 2618 -4.45 -34.88 36.44
C ASN B 2618 -3.71 -33.63 35.97
N GLU B 2619 -3.40 -33.59 34.68
CA GLU B 2619 -2.68 -32.46 34.10
C GLU B 2619 -3.47 -31.16 34.29
N ILE B 2620 -2.77 -30.09 34.65
CA ILE B 2620 -3.41 -28.81 34.87
C ILE B 2620 -3.58 -28.05 33.55
N GLU B 2621 -4.81 -27.64 33.27
CA GLU B 2621 -5.14 -26.90 32.06
C GLU B 2621 -4.36 -25.58 32.05
N GLU B 2622 -3.97 -25.14 30.86
CA GLU B 2622 -3.21 -23.89 30.72
C GLU B 2622 -3.99 -22.69 31.25
N SER B 2623 -5.20 -22.50 30.73
CA SER B 2623 -6.06 -21.39 31.13
C SER B 2623 -6.08 -21.21 32.64
N GLU B 2624 -6.06 -22.31 33.37
CA GLU B 2624 -6.06 -22.27 34.83
C GLU B 2624 -4.70 -21.89 35.38
N TRP B 2625 -3.65 -22.53 34.86
CA TRP B 2625 -2.29 -22.25 35.31
C TRP B 2625 -1.89 -20.81 34.99
N ASP B 2626 -2.28 -20.33 33.82
CA ASP B 2626 -1.96 -18.96 33.42
C ASP B 2626 -2.64 -17.95 34.34
N PHE B 2627 -3.80 -18.32 34.86
CA PHE B 2627 -4.54 -17.44 35.77
C PHE B 2627 -3.77 -17.29 37.07
N LEU B 2628 -3.28 -18.40 37.59
CA LEU B 2628 -2.51 -18.42 38.83
C LEU B 2628 -1.31 -17.47 38.79
N LEU B 2629 -0.77 -17.26 37.60
CA LEU B 2629 0.38 -16.39 37.44
C LEU B 2629 0.05 -14.97 37.02
N LYS B 2630 -0.89 -14.83 36.08
CA LYS B 2630 -1.28 -13.52 35.57
C LYS B 2630 -2.68 -13.09 35.96
N GLY B 2631 -3.65 -13.99 35.84
CA GLY B 2631 -5.02 -13.67 36.18
C GLY B 2631 -5.13 -12.66 37.32
N GLY B 2632 -5.88 -11.60 37.10
CA GLY B 2632 -6.05 -10.58 38.13
C GLY B 2632 -5.05 -9.43 38.02
N ASP B 2633 -4.17 -9.51 37.03
CA ASP B 2633 -3.15 -8.49 36.82
C ASP B 2633 -3.63 -7.41 35.85
N ASN B 2634 -4.93 -7.11 35.91
CA ASN B 2634 -5.54 -6.10 35.06
C ASN B 2634 -6.83 -5.65 35.74
N LEU B 2635 -6.99 -6.11 36.98
CA LEU B 2635 -8.16 -5.81 37.79
C LEU B 2635 -8.64 -4.36 37.63
N THR B 2636 -7.72 -3.41 37.85
CA THR B 2636 -8.04 -1.99 37.73
C THR B 2636 -8.87 -1.69 36.49
N SER B 2637 -8.61 -2.40 35.41
CA SER B 2637 -9.34 -2.20 34.16
C SER B 2637 -10.54 -3.16 34.06
N ILE B 2638 -11.46 -3.02 35.01
CA ILE B 2638 -12.66 -3.86 35.04
C ILE B 2638 -13.84 -3.05 35.57
N LYS B 2639 -14.58 -2.42 34.67
CA LYS B 2639 -15.73 -1.61 35.04
C LYS B 2639 -16.91 -2.50 35.44
N GLU B 2640 -17.16 -3.52 34.62
CA GLU B 2640 -18.25 -4.46 34.86
C GLU B 2640 -18.41 -4.81 36.34
N THR B 2641 -19.63 -5.15 36.73
CA THR B 2641 -19.94 -5.51 38.11
C THR B 2641 -21.03 -6.56 38.17
N ILE B 2642 -21.28 -7.07 39.37
CA ILE B 2642 -22.32 -8.08 39.59
C ILE B 2642 -23.23 -7.54 40.68
N PRO B 2643 -24.19 -6.67 40.31
CA PRO B 2643 -25.14 -6.06 41.23
C PRO B 2643 -25.91 -7.04 42.12
N GLN B 2644 -26.47 -8.08 41.52
CA GLN B 2644 -27.22 -9.08 42.27
C GLN B 2644 -26.36 -9.70 43.37
N LEU B 2645 -25.09 -9.34 43.40
CA LEU B 2645 -24.16 -9.87 44.40
C LEU B 2645 -23.47 -8.76 45.20
N ASP B 2646 -24.15 -7.62 45.34
CA ASP B 2646 -23.58 -6.50 46.10
C ASP B 2646 -23.71 -6.71 47.61
N SER B 2647 -24.68 -7.52 48.01
CA SER B 2647 -24.91 -7.81 49.42
C SER B 2647 -23.88 -8.81 49.94
N LEU B 2648 -23.38 -9.66 49.04
CA LEU B 2648 -22.39 -10.67 49.41
C LEU B 2648 -20.97 -10.19 49.15
N LEU B 2649 -20.62 -10.05 47.87
CA LEU B 2649 -19.28 -9.61 47.49
C LEU B 2649 -19.16 -8.10 47.52
N SER B 2650 -17.94 -7.62 47.76
CA SER B 2650 -17.68 -6.19 47.80
C SER B 2650 -17.25 -5.73 46.41
N THR B 2651 -16.92 -4.44 46.30
CA THR B 2651 -16.51 -3.89 45.01
C THR B 2651 -15.38 -4.70 44.39
N THR B 2652 -14.26 -4.78 45.09
CA THR B 2652 -13.10 -5.52 44.61
C THR B 2652 -13.41 -6.99 44.33
N GLN B 2653 -14.08 -7.64 45.27
CA GLN B 2653 -14.44 -9.05 45.13
C GLN B 2653 -15.20 -9.35 43.84
N GLN B 2654 -16.07 -8.43 43.43
CA GLN B 2654 -16.84 -8.63 42.21
C GLN B 2654 -15.95 -8.66 40.98
N LYS B 2655 -15.03 -7.71 40.87
CA LYS B 2655 -14.11 -7.64 39.74
C LYS B 2655 -13.26 -8.90 39.68
N TRP B 2656 -12.88 -9.42 40.84
CA TRP B 2656 -12.07 -10.63 40.90
C TRP B 2656 -12.88 -11.82 40.40
N LEU B 2657 -14.13 -11.89 40.83
CA LEU B 2657 -15.02 -12.98 40.44
C LEU B 2657 -15.17 -13.02 38.91
N ILE B 2658 -15.19 -11.83 38.31
CA ILE B 2658 -15.32 -11.72 36.86
C ILE B 2658 -14.12 -12.36 36.16
N CYS B 2659 -12.92 -11.91 36.51
CA CYS B 2659 -11.70 -12.44 35.92
C CYS B 2659 -11.65 -13.96 35.89
N LEU B 2660 -11.95 -14.58 37.03
CA LEU B 2660 -11.92 -16.04 37.13
C LEU B 2660 -12.89 -16.68 36.15
N ARG B 2661 -14.12 -16.17 36.10
CA ARG B 2661 -15.13 -16.67 35.19
C ARG B 2661 -14.85 -16.24 33.76
N GLN B 2662 -14.06 -15.18 33.62
CA GLN B 2662 -13.71 -14.63 32.32
C GLN B 2662 -12.45 -15.22 31.70
N GLN B 2663 -11.38 -15.30 32.48
CA GLN B 2663 -10.11 -15.83 31.98
C GLN B 2663 -9.88 -17.30 32.32
N VAL B 2664 -10.95 -18.01 32.67
CA VAL B 2664 -10.85 -19.43 33.01
C VAL B 2664 -12.17 -20.15 32.77
N PRO B 2665 -12.20 -21.06 31.78
CA PRO B 2665 -13.40 -21.84 31.43
C PRO B 2665 -14.01 -22.59 32.62
N SER B 2666 -13.22 -23.48 33.21
CA SER B 2666 -13.68 -24.28 34.35
C SER B 2666 -14.48 -23.47 35.36
N PHE B 2667 -14.11 -22.20 35.51
CA PHE B 2667 -14.81 -21.31 36.45
C PHE B 2667 -15.87 -20.53 35.68
N SER B 2668 -16.53 -21.21 34.74
CA SER B 2668 -17.57 -20.59 33.91
C SER B 2668 -18.83 -20.24 34.70
N LYS B 2669 -19.46 -21.25 35.29
CA LYS B 2669 -20.69 -21.03 36.05
C LYS B 2669 -20.43 -20.75 37.53
N LEU B 2670 -19.33 -20.05 37.81
CA LEU B 2670 -18.98 -19.72 39.18
C LEU B 2670 -19.86 -18.59 39.73
N VAL B 2671 -20.13 -17.60 38.90
CA VAL B 2671 -20.95 -16.47 39.31
C VAL B 2671 -22.38 -16.90 39.58
N ASP B 2672 -22.85 -17.90 38.85
CA ASP B 2672 -24.20 -18.42 39.02
C ASP B 2672 -24.32 -19.30 40.25
N HIS B 2673 -23.37 -20.22 40.41
CA HIS B 2673 -23.38 -21.13 41.55
C HIS B 2673 -23.42 -20.33 42.85
N ILE B 2674 -22.75 -19.18 42.85
CA ILE B 2674 -22.69 -18.32 44.02
C ILE B 2674 -24.04 -17.64 44.28
N GLN B 2675 -24.70 -17.20 43.21
CA GLN B 2675 -25.99 -16.54 43.34
C GLN B 2675 -27.09 -17.52 43.78
N GLN B 2676 -26.95 -18.78 43.36
CA GLN B 2676 -27.94 -19.80 43.72
C GLN B 2676 -27.65 -20.36 45.11
N ASN B 2677 -26.40 -20.70 45.36
CA ASN B 2677 -26.00 -21.25 46.65
C ASN B 2677 -25.39 -20.17 47.53
N SER B 2678 -25.86 -18.94 47.36
CA SER B 2678 -25.37 -17.80 48.14
C SER B 2678 -25.27 -18.14 49.62
N SER B 2679 -26.10 -19.06 50.07
CA SER B 2679 -26.12 -19.48 51.46
C SER B 2679 -24.87 -20.27 51.84
N ASP B 2680 -24.34 -21.02 50.88
CA ASP B 2680 -23.15 -21.83 51.11
C ASP B 2680 -21.86 -21.01 51.14
N TRP B 2681 -21.78 -19.99 50.29
CA TRP B 2681 -20.59 -19.14 50.22
C TRP B 2681 -20.58 -18.06 51.31
N LYS B 2682 -21.72 -17.88 51.97
CA LYS B 2682 -21.85 -16.86 53.00
C LYS B 2682 -20.60 -16.61 53.84
N GLN B 2683 -19.94 -17.67 54.30
CA GLN B 2683 -18.76 -17.51 55.13
C GLN B 2683 -17.52 -17.15 54.31
N PHE B 2684 -17.34 -17.81 53.17
CA PHE B 2684 -16.19 -17.57 52.31
C PHE B 2684 -15.96 -16.08 52.11
N PHE B 2685 -16.89 -15.43 51.41
CA PHE B 2685 -16.79 -14.01 51.14
C PHE B 2685 -17.10 -13.21 52.40
N GLY B 2686 -17.48 -13.91 53.46
CA GLY B 2686 -17.78 -13.25 54.72
C GLY B 2686 -16.56 -12.58 55.31
N LYS B 2687 -16.72 -11.33 55.74
CA LYS B 2687 -15.61 -10.58 56.32
C LYS B 2687 -15.11 -11.20 57.62
N ASP B 2688 -14.08 -10.58 58.19
CA ASP B 2688 -13.45 -11.04 59.43
C ASP B 2688 -14.40 -11.71 60.42
N GLN B 2689 -14.29 -13.04 60.52
CA GLN B 2689 -15.11 -13.82 61.43
C GLN B 2689 -14.42 -15.16 61.70
N VAL B 2690 -14.31 -15.50 62.97
CA VAL B 2690 -13.67 -16.74 63.41
C VAL B 2690 -13.90 -17.92 62.47
N GLY B 2691 -12.92 -18.80 62.39
CA GLY B 2691 -13.03 -19.97 61.53
C GLY B 2691 -12.56 -19.66 60.12
N GLU B 2692 -11.52 -20.35 59.68
CA GLU B 2692 -10.97 -20.14 58.34
C GLU B 2692 -12.06 -20.29 57.27
N PRO B 2693 -11.84 -19.69 56.09
CA PRO B 2693 -12.80 -19.78 54.99
C PRO B 2693 -12.80 -21.17 54.37
N ILE B 2694 -13.97 -21.61 53.92
CA ILE B 2694 -14.09 -22.93 53.30
C ILE B 2694 -14.94 -22.89 52.05
N ILE B 2695 -14.36 -23.30 50.92
CA ILE B 2695 -15.06 -23.31 49.64
C ILE B 2695 -16.20 -24.32 49.73
N PRO B 2696 -17.45 -23.85 49.60
CA PRO B 2696 -18.64 -24.72 49.66
C PRO B 2696 -18.46 -26.01 48.84
N GLU B 2697 -18.63 -27.15 49.50
CA GLU B 2697 -18.50 -28.44 48.83
C GLU B 2697 -19.44 -28.56 47.64
N SER B 2698 -20.57 -27.87 47.72
CA SER B 2698 -21.56 -27.89 46.64
C SER B 2698 -20.97 -27.33 45.34
N TRP B 2699 -19.85 -26.63 45.47
CA TRP B 2699 -19.18 -26.04 44.32
C TRP B 2699 -18.15 -26.99 43.72
N ILE B 2700 -17.24 -27.48 44.56
CA ILE B 2700 -16.20 -28.40 44.12
C ILE B 2700 -16.78 -29.57 43.35
N VAL B 2701 -17.95 -30.04 43.80
CA VAL B 2701 -18.61 -31.18 43.15
C VAL B 2701 -19.32 -30.75 41.87
N ALA B 2702 -20.00 -29.61 41.94
CA ALA B 2702 -20.73 -29.09 40.80
C ALA B 2702 -19.78 -28.66 39.68
N GLN B 2703 -18.57 -28.27 40.07
CA GLN B 2703 -17.55 -27.84 39.10
C GLN B 2703 -16.88 -29.04 38.44
N ALA B 2704 -16.70 -30.11 39.21
CA ALA B 2704 -16.07 -31.32 38.69
C ALA B 2704 -16.91 -31.93 37.57
N GLN B 2705 -18.21 -31.70 37.63
CA GLN B 2705 -19.13 -32.22 36.61
C GLN B 2705 -19.10 -31.35 35.35
N LEU B 2706 -19.32 -30.06 35.53
CA LEU B 2706 -19.31 -29.11 34.42
C LEU B 2706 -17.96 -29.12 33.72
N SER B 2707 -17.01 -29.86 34.28
CA SER B 2707 -15.68 -29.98 33.73
C SER B 2707 -15.28 -31.46 33.72
N ASN B 2708 -15.44 -32.10 32.57
CA ASN B 2708 -15.11 -33.51 32.41
C ASN B 2708 -14.06 -33.99 33.41
N GLN B 2709 -12.98 -33.21 33.53
CA GLN B 2709 -11.91 -33.55 34.46
C GLN B 2709 -12.43 -33.54 35.88
N GLN B 2710 -12.63 -34.73 36.44
CA GLN B 2710 -13.13 -34.85 37.80
C GLN B 2710 -12.02 -35.35 38.72
N SER B 2711 -10.78 -35.10 38.30
CA SER B 2711 -9.60 -35.51 39.06
C SER B 2711 -9.56 -34.83 40.43
N THR B 2712 -9.13 -35.58 41.44
CA THR B 2712 -9.04 -35.03 42.79
C THR B 2712 -7.93 -34.00 42.87
N ILE B 2713 -6.79 -34.31 42.25
CA ILE B 2713 -5.65 -33.41 42.24
C ILE B 2713 -6.02 -32.07 41.64
N VAL B 2714 -6.49 -32.09 40.39
CA VAL B 2714 -6.89 -30.88 39.70
C VAL B 2714 -7.76 -30.00 40.59
N SER B 2715 -8.76 -30.62 41.21
CA SER B 2715 -9.69 -29.89 42.09
C SER B 2715 -8.94 -29.04 43.10
N ASN B 2716 -7.90 -29.61 43.71
CA ASN B 2716 -7.11 -28.89 44.70
C ASN B 2716 -6.44 -27.66 44.09
N PHE B 2717 -5.83 -27.83 42.92
CA PHE B 2717 -5.16 -26.74 42.23
C PHE B 2717 -6.15 -25.60 42.01
N ARG B 2718 -7.34 -25.96 41.56
CA ARG B 2718 -8.39 -24.99 41.28
C ARG B 2718 -8.77 -24.19 42.52
N LYS B 2719 -8.45 -24.71 43.69
CA LYS B 2719 -8.75 -24.02 44.94
C LYS B 2719 -7.77 -22.87 45.12
N ILE B 2720 -6.51 -23.08 44.74
CA ILE B 2720 -5.49 -22.06 44.84
C ILE B 2720 -5.93 -20.82 44.09
N LEU B 2721 -6.51 -21.03 42.90
CA LEU B 2721 -6.99 -19.94 42.07
C LEU B 2721 -8.08 -19.15 42.80
N LEU B 2722 -8.98 -19.89 43.47
CA LEU B 2722 -10.07 -19.26 44.21
C LEU B 2722 -9.52 -18.43 45.36
N MET B 2723 -8.45 -18.94 45.99
CA MET B 2723 -7.84 -18.23 47.11
C MET B 2723 -7.05 -17.03 46.62
N LYS B 2724 -6.42 -17.15 45.46
CA LYS B 2724 -5.64 -16.06 44.90
C LYS B 2724 -6.53 -14.88 44.54
N ALA B 2725 -7.85 -15.08 44.64
CA ALA B 2725 -8.80 -14.03 44.30
C ALA B 2725 -9.49 -13.40 45.50
N PHE B 2726 -9.82 -14.21 46.50
CA PHE B 2726 -10.52 -13.70 47.67
C PHE B 2726 -9.76 -13.91 48.98
N HIS B 2727 -8.65 -14.64 48.91
CA HIS B 2727 -7.85 -14.92 50.10
C HIS B 2727 -6.39 -15.18 49.74
N SER B 2728 -5.62 -14.10 49.60
CA SER B 2728 -4.21 -14.22 49.25
C SER B 2728 -3.36 -14.78 50.37
N ASP B 2729 -3.88 -14.73 51.59
CA ASP B 2729 -3.16 -15.25 52.75
C ASP B 2729 -3.41 -16.75 52.89
N ARG B 2730 -4.10 -17.32 51.91
CA ARG B 2730 -4.41 -18.74 51.89
C ARG B 2730 -3.66 -19.43 50.76
N VAL B 2731 -3.21 -18.64 49.79
CA VAL B 2731 -2.50 -19.15 48.64
C VAL B 2731 -1.41 -20.17 49.00
N LEU B 2732 -0.36 -19.70 49.66
CA LEU B 2732 0.74 -20.57 50.06
C LEU B 2732 0.25 -21.83 50.77
N GLN B 2733 -0.83 -21.69 51.54
CA GLN B 2733 -1.39 -22.82 52.26
C GLN B 2733 -1.89 -23.87 51.28
N TYR B 2734 -2.87 -23.48 50.47
CA TYR B 2734 -3.45 -24.37 49.47
C TYR B 2734 -2.44 -24.81 48.42
N SER B 2735 -1.46 -23.95 48.14
CA SER B 2735 -0.43 -24.27 47.16
C SER B 2735 0.39 -25.44 47.68
N HIS B 2736 0.59 -25.46 49.00
CA HIS B 2736 1.34 -26.52 49.65
C HIS B 2736 0.56 -27.83 49.58
N SER B 2737 -0.72 -27.75 49.94
CA SER B 2737 -1.59 -28.92 49.93
C SER B 2737 -1.61 -29.56 48.55
N PHE B 2738 -1.63 -28.73 47.51
CA PHE B 2738 -1.65 -29.21 46.13
C PHE B 2738 -0.43 -30.07 45.83
N VAL B 2739 0.75 -29.54 46.15
CA VAL B 2739 2.01 -30.24 45.91
C VAL B 2739 2.05 -31.59 46.64
N CYS B 2740 1.52 -31.63 47.85
CA CYS B 2740 1.51 -32.85 48.65
C CYS B 2740 0.56 -33.91 48.09
N SER B 2741 -0.50 -33.46 47.43
CA SER B 2741 -1.48 -34.37 46.86
C SER B 2741 -1.00 -34.90 45.51
N VAL B 2742 0.31 -34.87 45.30
CA VAL B 2742 0.92 -35.35 44.07
C VAL B 2742 2.28 -35.98 44.32
N PHE B 2743 2.79 -35.80 45.54
CA PHE B 2743 4.08 -36.35 45.93
C PHE B 2743 4.02 -36.87 47.37
N GLY B 2744 2.87 -36.68 48.00
CA GLY B 2744 2.70 -37.13 49.37
C GLY B 2744 3.02 -36.03 50.36
N GLU B 2745 2.35 -36.06 51.51
CA GLU B 2745 2.58 -35.05 52.54
C GLU B 2745 4.04 -35.03 52.98
N ASP B 2746 4.81 -35.99 52.49
CA ASP B 2746 6.23 -36.09 52.83
C ASP B 2746 7.09 -35.78 51.61
N PHE B 2747 7.12 -34.51 51.22
CA PHE B 2747 7.91 -34.09 50.07
C PHE B 2747 8.65 -32.78 50.36
N LEU B 2748 7.89 -31.75 50.73
CA LEU B 2748 8.47 -30.44 51.04
C LEU B 2748 9.05 -30.39 52.44
N ASN B 2749 8.98 -31.51 53.16
CA ASN B 2749 9.51 -31.58 54.52
C ASN B 2749 11.01 -31.31 54.53
N THR B 2750 11.38 -30.13 55.03
CA THR B 2750 12.77 -29.72 55.11
C THR B 2750 13.63 -30.80 55.75
N GLN B 2751 14.24 -31.63 54.92
CA GLN B 2751 15.10 -32.72 55.40
C GLN B 2751 16.47 -32.19 55.77
N GLU B 2752 16.89 -32.43 57.00
CA GLU B 2752 18.19 -32.00 57.49
C GLU B 2752 19.30 -32.40 56.54
N LEU B 2753 20.36 -31.60 56.48
CA LEU B 2753 21.49 -31.87 55.62
C LEU B 2753 22.68 -32.45 56.37
N ASP B 2754 23.47 -33.25 55.67
CA ASP B 2754 24.65 -33.87 56.26
C ASP B 2754 25.88 -33.44 55.45
N MET B 2755 26.33 -32.21 55.70
CA MET B 2755 27.48 -31.65 55.00
C MET B 2755 28.64 -32.63 54.90
N ALA B 2756 28.91 -33.35 55.99
CA ALA B 2756 29.99 -34.31 56.03
C ALA B 2756 29.86 -35.33 54.89
N ASN B 2757 28.71 -35.99 54.83
CA ASN B 2757 28.45 -36.98 53.80
C ASN B 2757 28.45 -36.35 52.41
N ILE B 2758 27.89 -35.15 52.31
CA ILE B 2758 27.82 -34.46 51.03
C ILE B 2758 29.20 -34.17 50.44
N VAL B 2759 29.97 -33.32 51.12
CA VAL B 2759 31.31 -32.97 50.65
C VAL B 2759 32.18 -34.18 50.32
N GLU B 2760 32.03 -35.26 51.08
CA GLU B 2760 32.83 -36.46 50.86
C GLU B 2760 32.32 -37.36 49.73
N LYS B 2761 31.10 -37.86 49.87
CA LYS B 2761 30.53 -38.74 48.86
C LYS B 2761 29.29 -38.17 48.17
N GLU B 2762 29.45 -37.03 47.51
CA GLU B 2762 28.36 -36.38 46.80
C GLU B 2762 28.92 -35.44 45.74
N VAL B 2763 29.63 -34.41 46.20
CA VAL B 2763 30.22 -33.42 45.30
C VAL B 2763 31.61 -33.83 44.85
N LYS B 2764 31.94 -33.54 43.59
CA LYS B 2764 33.24 -33.88 43.05
C LYS B 2764 34.27 -32.92 43.62
N SER B 2765 35.45 -32.87 43.01
CA SER B 2765 36.51 -31.98 43.48
C SER B 2765 36.58 -30.74 42.59
N SER B 2766 35.98 -30.86 41.41
CA SER B 2766 35.96 -29.75 40.44
C SER B 2766 34.74 -28.86 40.64
N SER B 2767 33.99 -29.11 41.72
CA SER B 2767 32.80 -28.33 42.02
C SER B 2767 32.88 -27.80 43.45
N PRO B 2768 33.33 -26.54 43.61
CA PRO B 2768 33.47 -25.88 44.91
C PRO B 2768 32.22 -25.97 45.78
N LEU B 2769 32.34 -25.50 47.02
CA LEU B 2769 31.24 -25.50 47.97
C LEU B 2769 30.97 -24.08 48.45
N LEU B 2770 30.23 -23.32 47.66
CA LEU B 2770 29.90 -21.94 47.99
C LEU B 2770 28.78 -21.85 49.02
N LEU B 2771 29.12 -21.35 50.21
CA LEU B 2771 28.14 -21.19 51.29
C LEU B 2771 27.65 -19.76 51.38
N CYS B 2772 26.54 -19.47 50.72
CA CYS B 2772 25.95 -18.14 50.74
C CYS B 2772 24.98 -18.04 51.91
N SER B 2773 24.88 -16.86 52.51
CA SER B 2773 24.00 -16.65 53.64
C SER B 2773 23.58 -15.19 53.79
N VAL B 2774 22.42 -14.96 54.40
CA VAL B 2774 21.90 -13.63 54.61
C VAL B 2774 22.92 -12.75 55.32
N PRO B 2775 22.73 -11.42 55.29
CA PRO B 2775 23.65 -10.49 55.95
C PRO B 2775 23.71 -10.70 57.46
N GLY B 2776 24.93 -10.67 58.01
CA GLY B 2776 25.09 -10.86 59.44
C GLY B 2776 24.99 -12.33 59.81
N TYR B 2777 25.52 -13.19 58.95
CA TYR B 2777 25.49 -14.63 59.18
C TYR B 2777 26.78 -15.26 58.68
N ASP B 2778 27.78 -15.33 59.56
CA ASP B 2778 29.07 -15.91 59.21
C ASP B 2778 28.95 -17.43 59.12
N ALA B 2779 28.90 -17.95 57.89
CA ALA B 2779 28.77 -19.38 57.67
C ALA B 2779 30.10 -20.10 57.87
N SER B 2780 31.17 -19.32 57.99
CA SER B 2780 32.51 -19.88 58.20
C SER B 2780 32.52 -20.95 59.26
N SER B 2781 31.82 -20.70 60.36
CA SER B 2781 31.75 -21.64 61.47
C SER B 2781 31.49 -23.08 61.02
N LYS B 2782 30.53 -23.25 60.12
CA LYS B 2782 30.18 -24.57 59.61
C LYS B 2782 31.37 -25.29 58.98
N VAL B 2783 32.01 -24.64 58.02
CA VAL B 2783 33.16 -25.23 57.34
C VAL B 2783 34.26 -25.64 58.32
N ASP B 2784 34.74 -24.68 59.10
CA ASP B 2784 35.81 -24.95 60.07
C ASP B 2784 35.48 -26.17 60.92
N ASP B 2785 34.26 -26.22 61.44
CA ASP B 2785 33.83 -27.35 62.27
C ASP B 2785 33.88 -28.65 61.48
N LEU B 2786 33.38 -28.62 60.25
CA LEU B 2786 33.36 -29.79 59.39
C LEU B 2786 34.78 -30.29 59.12
N ALA B 2787 35.72 -29.35 59.06
CA ALA B 2787 37.12 -29.67 58.81
C ALA B 2787 37.72 -30.43 59.99
N LEU B 2788 37.48 -29.93 61.20
CA LEU B 2788 37.99 -30.55 62.41
C LEU B 2788 37.25 -31.87 62.65
N GLN B 2789 36.16 -32.06 61.92
CA GLN B 2789 35.35 -33.25 62.03
C GLN B 2789 35.94 -34.42 61.24
N LEU B 2790 36.60 -34.12 60.14
CA LEU B 2790 37.21 -35.16 59.31
C LEU B 2790 38.73 -35.15 59.38
N HIS B 2791 39.28 -34.38 60.31
CA HIS B 2791 40.72 -34.30 60.49
C HIS B 2791 41.42 -34.05 59.17
N LYS B 2792 40.83 -33.17 58.36
CA LYS B 2792 41.39 -32.84 57.05
C LYS B 2792 42.35 -31.66 57.18
N GLN B 2793 43.34 -31.60 56.29
CA GLN B 2793 44.32 -30.51 56.30
C GLN B 2793 43.82 -29.37 55.41
N TYR B 2794 43.45 -28.25 56.03
CA TYR B 2794 42.97 -27.10 55.27
C TYR B 2794 43.30 -25.78 55.95
N LYS B 2795 43.31 -24.72 55.16
CA LYS B 2795 43.59 -23.38 55.69
C LYS B 2795 42.59 -22.37 55.13
N SER B 2796 42.08 -21.52 56.02
CA SER B 2796 41.11 -20.51 55.63
C SER B 2796 41.80 -19.17 55.41
N PHE B 2797 41.45 -18.48 54.32
CA PHE B 2797 42.04 -17.20 54.01
C PHE B 2797 40.97 -16.13 53.80
N ALA B 2798 40.98 -15.12 54.64
CA ALA B 2798 40.00 -14.03 54.56
C ALA B 2798 40.34 -13.09 53.41
N ILE B 2799 39.37 -12.89 52.51
CA ILE B 2799 39.55 -12.00 51.37
C ILE B 2799 39.30 -10.55 51.76
N GLY B 2800 39.91 -9.62 51.03
CA GLY B 2800 39.73 -8.21 51.32
C GLY B 2800 40.99 -7.43 51.00
N SER B 2801 42.01 -7.58 51.86
CA SER B 2801 43.28 -6.89 51.68
C SER B 2801 43.98 -7.37 50.41
N PRO B 2802 44.83 -6.52 49.81
CA PRO B 2802 45.56 -6.88 48.59
C PRO B 2802 46.59 -7.98 48.82
N GLU B 2803 47.03 -8.12 50.07
CA GLU B 2803 48.02 -9.13 50.43
C GLU B 2803 47.38 -10.50 50.59
N GLY B 2804 46.05 -10.52 50.70
CA GLY B 2804 45.35 -11.78 50.86
C GLY B 2804 45.02 -12.46 49.55
N PHE B 2805 45.34 -11.80 48.43
CA PHE B 2805 45.07 -12.37 47.12
C PHE B 2805 46.10 -13.41 46.71
N GLU B 2806 47.37 -13.09 46.90
CA GLU B 2806 48.46 -13.98 46.54
C GLU B 2806 48.55 -15.22 47.41
N LEU B 2807 48.80 -15.02 48.71
CA LEU B 2807 48.91 -16.14 49.64
C LEU B 2807 47.74 -17.11 49.55
N ALA B 2808 46.60 -16.61 49.10
CA ALA B 2808 45.41 -17.45 48.95
C ALA B 2808 45.53 -18.27 47.67
N GLU B 2809 45.71 -17.59 46.55
CA GLU B 2809 45.83 -18.26 45.25
C GLU B 2809 46.91 -19.34 45.28
N LYS B 2810 48.09 -19.00 45.76
CA LYS B 2810 49.18 -19.97 45.85
C LYS B 2810 48.75 -21.16 46.68
N SER B 2811 47.94 -20.90 47.69
CA SER B 2811 47.46 -21.96 48.57
C SER B 2811 46.34 -22.75 47.90
N ILE B 2812 45.62 -22.11 47.00
CA ILE B 2812 44.53 -22.77 46.28
C ILE B 2812 45.12 -23.86 45.38
N TYR B 2813 46.15 -23.51 44.63
CA TYR B 2813 46.82 -24.47 43.75
C TYR B 2813 47.55 -25.53 44.57
N ALA B 2814 48.27 -25.08 45.59
CA ALA B 2814 49.01 -25.97 46.46
C ALA B 2814 48.12 -27.08 47.00
N ALA B 2815 46.90 -26.71 47.38
CA ALA B 2815 45.94 -27.66 47.91
C ALA B 2815 45.30 -28.48 46.79
N ALA B 2816 45.35 -27.93 45.58
CA ALA B 2816 44.79 -28.60 44.41
C ALA B 2816 45.56 -29.87 44.09
N LYS B 2817 46.87 -29.73 43.90
CA LYS B 2817 47.73 -30.87 43.59
C LYS B 2817 47.72 -31.89 44.72
N SER B 2818 47.97 -31.40 45.94
CA SER B 2818 47.99 -32.26 47.11
C SER B 2818 46.65 -32.92 47.35
N GLY B 2819 45.60 -32.11 47.47
CA GLY B 2819 44.27 -32.63 47.69
C GLY B 2819 43.70 -32.19 49.02
N THR B 2820 44.19 -31.07 49.53
CA THR B 2820 43.73 -30.53 50.80
C THR B 2820 42.59 -29.54 50.62
N TRP B 2821 41.97 -29.16 51.72
CA TRP B 2821 40.86 -28.21 51.70
C TRP B 2821 41.36 -26.77 51.84
N VAL B 2822 40.53 -25.83 51.41
CA VAL B 2822 40.88 -24.41 51.47
C VAL B 2822 39.61 -23.55 51.48
N LEU B 2823 39.31 -22.96 52.63
CA LEU B 2823 38.13 -22.12 52.79
C LEU B 2823 38.40 -20.65 52.54
N LEU B 2824 37.64 -20.06 51.62
CA LEU B 2824 37.78 -18.65 51.29
C LEU B 2824 36.60 -17.91 51.92
N LYS B 2825 36.90 -17.08 52.91
CA LYS B 2825 35.87 -16.33 53.63
C LYS B 2825 35.48 -15.02 52.96
N ASN B 2826 34.19 -14.70 53.01
CA ASN B 2826 33.65 -13.47 52.42
C ASN B 2826 34.30 -13.16 51.09
N ILE B 2827 33.84 -13.82 50.03
CA ILE B 2827 34.39 -13.60 48.69
C ILE B 2827 33.66 -12.50 47.94
N HIS B 2828 32.54 -12.05 48.48
CA HIS B 2828 31.76 -10.99 47.83
C HIS B 2828 32.40 -9.63 48.08
N LEU B 2829 33.46 -9.62 48.87
CA LEU B 2829 34.16 -8.39 49.19
C LEU B 2829 35.17 -8.05 48.10
N ALA B 2830 35.50 -9.04 47.29
CA ALA B 2830 36.43 -8.86 46.18
C ALA B 2830 35.76 -9.24 44.87
N PRO B 2831 34.82 -8.41 44.40
CA PRO B 2831 34.07 -8.62 43.17
C PRO B 2831 34.92 -8.97 41.94
N GLN B 2832 35.84 -8.07 41.58
CA GLN B 2832 36.70 -8.29 40.43
C GLN B 2832 37.49 -9.58 40.47
N TRP B 2833 38.26 -9.78 41.53
CA TRP B 2833 39.05 -11.00 41.67
C TRP B 2833 38.21 -12.25 41.49
N LEU B 2834 36.89 -12.11 41.72
CA LEU B 2834 35.98 -13.23 41.58
C LEU B 2834 35.90 -13.73 40.13
N VAL B 2835 35.74 -12.81 39.19
CA VAL B 2835 35.65 -13.20 37.78
C VAL B 2835 36.95 -13.91 37.41
N GLN B 2836 38.07 -13.26 37.68
CA GLN B 2836 39.39 -13.80 37.41
C GLN B 2836 39.50 -15.20 38.01
N LEU B 2837 38.92 -15.36 39.20
CA LEU B 2837 38.94 -16.63 39.91
C LEU B 2837 38.22 -17.71 39.11
N GLU B 2838 37.05 -17.39 38.59
CA GLU B 2838 36.25 -18.32 37.81
C GLU B 2838 37.03 -18.84 36.61
N LYS B 2839 37.38 -17.93 35.71
CA LYS B 2839 38.14 -18.27 34.51
C LYS B 2839 39.32 -19.15 34.88
N LYS B 2840 40.02 -18.74 35.93
CA LYS B 2840 41.20 -19.44 36.42
C LYS B 2840 40.90 -20.70 37.22
N LEU B 2841 39.66 -20.85 37.68
CA LEU B 2841 39.29 -22.03 38.46
C LEU B 2841 38.61 -23.04 37.54
N HIS B 2842 37.85 -22.55 36.57
CA HIS B 2842 37.15 -23.40 35.61
C HIS B 2842 38.13 -24.43 35.05
N SER B 2843 39.21 -23.94 34.46
CA SER B 2843 40.24 -24.80 33.88
C SER B 2843 41.35 -25.07 34.88
N LEU B 2844 41.22 -26.18 35.60
CA LEU B 2844 42.21 -26.59 36.60
C LEU B 2844 41.72 -27.83 37.33
N SER B 2845 41.98 -28.99 36.73
CA SER B 2845 41.55 -30.28 37.31
C SER B 2845 42.33 -30.61 38.58
N PRO B 2846 41.67 -30.51 39.75
CA PRO B 2846 42.30 -30.80 41.04
C PRO B 2846 42.30 -32.29 41.37
N HIS B 2847 42.78 -32.62 42.56
CA HIS B 2847 42.84 -34.01 43.02
C HIS B 2847 41.46 -34.45 43.49
N PRO B 2848 41.09 -35.71 43.23
CA PRO B 2848 39.77 -36.23 43.62
C PRO B 2848 39.38 -35.92 45.07
N SER B 2849 40.35 -36.01 45.97
CA SER B 2849 40.08 -35.73 47.39
C SER B 2849 40.13 -34.25 47.71
N PHE B 2850 40.16 -33.42 46.66
CA PHE B 2850 40.20 -31.97 46.84
C PHE B 2850 38.82 -31.42 47.17
N ARG B 2851 38.79 -30.36 47.98
CA ARG B 2851 37.55 -29.72 48.39
C ARG B 2851 37.77 -28.24 48.67
N LEU B 2852 37.31 -27.40 47.74
CA LEU B 2852 37.46 -25.95 47.88
C LEU B 2852 36.20 -25.30 48.44
N PHE B 2853 36.27 -24.89 49.70
CA PHE B 2853 35.14 -24.25 50.37
C PHE B 2853 35.14 -22.74 50.16
N MET B 2854 33.96 -22.18 49.92
CA MET B 2854 33.82 -20.75 49.73
C MET B 2854 32.69 -20.21 50.60
N THR B 2855 32.80 -18.96 51.02
CA THR B 2855 31.77 -18.34 51.85
C THR B 2855 31.54 -16.91 51.37
N SER B 2856 30.29 -16.49 51.41
CA SER B 2856 29.93 -15.15 50.96
C SER B 2856 28.44 -14.91 51.14
N GLU B 2857 28.07 -13.78 51.73
CA GLU B 2857 26.66 -13.47 51.94
C GLU B 2857 26.02 -13.33 50.56
N ILE B 2858 24.71 -13.58 50.49
CA ILE B 2858 24.00 -13.48 49.22
C ILE B 2858 24.18 -12.09 48.61
N HIS B 2859 25.27 -11.94 47.85
CA HIS B 2859 25.59 -10.68 47.19
C HIS B 2859 25.52 -10.85 45.68
N PRO B 2860 25.12 -9.81 44.95
CA PRO B 2860 25.01 -9.85 43.49
C PRO B 2860 26.34 -9.94 42.74
N ALA B 2861 27.42 -9.50 43.38
CA ALA B 2861 28.74 -9.52 42.76
C ALA B 2861 29.17 -10.93 42.34
N LEU B 2862 28.68 -11.93 43.07
CA LEU B 2862 29.00 -13.33 42.78
C LEU B 2862 28.84 -13.66 41.30
N PRO B 2863 29.96 -13.86 40.58
CA PRO B 2863 29.94 -14.20 39.16
C PRO B 2863 29.08 -15.43 38.88
N ALA B 2864 28.08 -15.26 38.02
CA ALA B 2864 27.17 -16.33 37.67
C ALA B 2864 27.89 -17.67 37.45
N ASN B 2865 28.87 -17.67 36.56
CA ASN B 2865 29.63 -18.88 36.26
C ASN B 2865 30.14 -19.59 37.50
N LEU B 2866 30.70 -18.83 38.44
CA LEU B 2866 31.23 -19.41 39.67
C LEU B 2866 30.16 -20.24 40.39
N LEU B 2867 28.95 -19.69 40.49
CA LEU B 2867 27.84 -20.37 41.14
C LEU B 2867 27.49 -21.67 40.44
N ARG B 2868 27.38 -21.61 39.12
CA ARG B 2868 27.03 -22.77 38.31
C ARG B 2868 27.96 -23.96 38.54
N MET B 2869 29.26 -23.71 38.46
CA MET B 2869 30.25 -24.76 38.65
C MET B 2869 30.64 -24.94 40.12
N SER B 2870 29.64 -25.10 40.98
CA SER B 2870 29.87 -25.27 42.41
C SER B 2870 28.56 -25.48 43.17
N ASN B 2871 28.63 -26.26 44.24
CA ASN B 2871 27.44 -26.51 45.04
C ASN B 2871 27.08 -25.31 45.90
N VAL B 2872 25.91 -24.73 45.61
CA VAL B 2872 25.45 -23.55 46.34
C VAL B 2872 24.69 -23.97 47.59
N PHE B 2873 24.94 -23.27 48.69
CA PHE B 2873 24.28 -23.55 49.96
C PHE B 2873 23.76 -22.26 50.60
N SER B 2874 22.45 -22.07 50.51
CA SER B 2874 21.82 -20.87 51.07
C SER B 2874 21.55 -21.05 52.56
N TYR B 2875 21.79 -20.01 53.33
CA TYR B 2875 21.57 -20.04 54.77
C TYR B 2875 20.79 -18.82 55.24
N GLU B 2876 19.74 -19.06 56.00
CA GLU B 2876 18.91 -17.99 56.53
C GLU B 2876 18.68 -18.21 58.02
N ASN B 2877 18.20 -17.18 58.71
CA ASN B 2877 17.95 -17.30 60.14
C ASN B 2877 16.66 -18.07 60.40
N PRO B 2878 16.74 -19.15 61.19
CA PRO B 2878 15.58 -19.99 61.52
C PRO B 2878 14.52 -19.24 62.33
N PRO B 2879 13.28 -19.17 61.81
CA PRO B 2879 12.18 -18.49 62.49
C PRO B 2879 11.72 -19.21 63.76
N GLY B 2880 10.80 -18.59 64.48
CA GLY B 2880 10.29 -19.19 65.71
C GLY B 2880 10.94 -18.59 66.95
N VAL B 2881 10.15 -18.40 68.00
CA VAL B 2881 10.65 -17.84 69.24
C VAL B 2881 11.55 -18.83 69.96
N LYS B 2882 11.07 -20.06 70.13
CA LYS B 2882 11.84 -21.11 70.81
C LYS B 2882 13.20 -21.28 70.15
N ALA B 2883 13.20 -21.44 68.83
CA ALA B 2883 14.43 -21.63 68.07
C ALA B 2883 15.38 -20.46 68.28
N ASN B 2884 14.82 -19.31 68.66
CA ASN B 2884 15.62 -18.11 68.90
C ASN B 2884 16.25 -18.15 70.29
N LEU B 2885 15.44 -18.48 71.30
CA LEU B 2885 15.92 -18.55 72.67
C LEU B 2885 17.04 -19.57 72.84
N LEU B 2886 16.81 -20.79 72.37
CA LEU B 2886 17.82 -21.84 72.46
C LEU B 2886 19.19 -21.35 72.02
N HIS B 2887 19.22 -20.62 70.91
CA HIS B 2887 20.46 -20.07 70.38
C HIS B 2887 21.08 -19.09 71.37
N THR B 2888 20.25 -18.19 71.87
CA THR B 2888 20.68 -17.17 72.82
C THR B 2888 21.34 -17.75 74.08
N PHE B 2889 20.81 -18.86 74.57
CA PHE B 2889 21.33 -19.51 75.76
C PHE B 2889 22.65 -20.25 75.59
N ILE B 2890 22.95 -20.67 74.36
CA ILE B 2890 24.20 -21.38 74.11
C ILE B 2890 25.35 -20.44 74.44
N GLY B 2891 25.03 -19.19 74.70
CA GLY B 2891 26.03 -18.20 75.04
C GLY B 2891 25.95 -17.83 76.51
N ILE B 2892 24.89 -18.29 77.16
CA ILE B 2892 24.67 -18.02 78.58
C ILE B 2892 25.11 -19.22 79.41
N PRO B 2893 26.37 -19.24 79.87
CA PRO B 2893 26.87 -20.36 80.67
C PRO B 2893 26.20 -20.43 82.05
N ALA B 2894 25.78 -21.63 82.43
CA ALA B 2894 25.12 -21.84 83.70
C ALA B 2894 25.99 -21.36 84.86
N THR B 2895 27.27 -21.12 84.56
CA THR B 2895 28.22 -20.66 85.57
C THR B 2895 27.96 -19.21 85.91
N ARG B 2896 27.76 -18.40 84.87
CA ARG B 2896 27.50 -16.97 85.04
C ARG B 2896 26.03 -16.66 85.29
N MET B 2897 25.16 -17.64 85.04
CA MET B 2897 23.73 -17.42 85.23
C MET B 2897 23.24 -17.86 86.61
N ASP B 2898 23.79 -18.97 87.11
CA ASP B 2898 23.39 -19.47 88.43
C ASP B 2898 24.08 -18.70 89.56
N LYS B 2899 24.71 -17.58 89.22
CA LYS B 2899 25.40 -16.76 90.20
C LYS B 2899 24.42 -15.81 90.88
N GLN B 2900 24.21 -16.02 92.18
CA GLN B 2900 23.30 -15.19 92.96
C GLN B 2900 23.58 -13.70 92.74
N PRO B 2901 22.59 -12.84 93.03
CA PRO B 2901 21.25 -13.13 93.54
C PRO B 2901 20.44 -14.09 92.67
N ALA B 2902 19.44 -14.73 93.27
CA ALA B 2902 18.59 -15.68 92.57
C ALA B 2902 17.82 -15.00 91.44
N GLU B 2903 17.69 -13.68 91.52
CA GLU B 2903 16.99 -12.91 90.51
C GLU B 2903 17.75 -12.93 89.18
N ARG B 2904 19.06 -13.07 89.27
CA ARG B 2904 19.92 -13.10 88.08
C ARG B 2904 19.33 -13.96 86.97
N SER B 2905 18.95 -15.18 87.32
CA SER B 2905 18.38 -16.12 86.35
C SER B 2905 17.19 -15.55 85.59
N ARG B 2906 16.24 -14.98 86.32
CA ARG B 2906 15.04 -14.42 85.71
C ARG B 2906 15.38 -13.27 84.76
N ILE B 2907 16.15 -12.30 85.25
CA ILE B 2907 16.52 -11.15 84.42
C ILE B 2907 17.24 -11.62 83.16
N TYR B 2908 18.05 -12.66 83.28
CA TYR B 2908 18.78 -13.19 82.13
C TYR B 2908 17.77 -13.74 81.12
N PHE B 2909 16.92 -14.65 81.60
CA PHE B 2909 15.90 -15.27 80.76
C PHE B 2909 15.06 -14.18 80.09
N LEU B 2910 14.54 -13.27 80.89
CA LEU B 2910 13.72 -12.17 80.40
C LEU B 2910 14.41 -11.46 79.24
N LEU B 2911 15.71 -11.22 79.39
CA LEU B 2911 16.49 -10.56 78.34
C LEU B 2911 16.46 -11.42 77.08
N ALA B 2912 16.61 -12.73 77.27
CA ALA B 2912 16.59 -13.67 76.16
C ALA B 2912 15.24 -13.64 75.46
N TRP B 2913 14.19 -13.42 76.24
CA TRP B 2913 12.83 -13.36 75.70
C TRP B 2913 12.65 -12.04 74.95
N PHE B 2914 13.12 -10.97 75.56
CA PHE B 2914 13.04 -9.63 74.96
C PHE B 2914 13.76 -9.64 73.61
N HIS B 2915 14.97 -10.18 73.63
CA HIS B 2915 15.82 -10.25 72.44
C HIS B 2915 15.15 -11.03 71.31
N ALA B 2916 14.41 -12.07 71.67
CA ALA B 2916 13.72 -12.89 70.68
C ALA B 2916 12.53 -12.17 70.07
N ILE B 2917 11.67 -11.60 70.92
CA ILE B 2917 10.49 -10.88 70.47
C ILE B 2917 10.83 -9.75 69.50
N ILE B 2918 11.73 -8.86 69.90
CA ILE B 2918 12.11 -7.74 69.06
C ILE B 2918 12.69 -8.15 67.71
N GLN B 2919 13.40 -9.28 67.68
CA GLN B 2919 14.00 -9.77 66.44
C GLN B 2919 12.96 -10.40 65.51
N GLU B 2920 12.04 -11.15 66.09
CA GLU B 2920 10.99 -11.81 65.31
C GLU B 2920 10.06 -10.82 64.62
N ARG B 2921 9.74 -9.73 65.32
CA ARG B 2921 8.86 -8.72 64.74
C ARG B 2921 9.46 -8.10 63.49
N LEU B 2922 10.74 -8.39 63.25
CA LEU B 2922 11.42 -7.88 62.06
C LEU B 2922 10.91 -8.62 60.83
N ARG B 2923 10.22 -9.74 61.07
CA ARG B 2923 9.67 -10.54 59.99
C ARG B 2923 8.33 -9.97 59.54
N TYR B 2924 7.70 -9.19 60.41
CA TYR B 2924 6.41 -8.58 60.10
C TYR B 2924 6.50 -7.06 59.99
N ILE B 2925 7.32 -6.59 59.06
CA ILE B 2925 7.49 -5.16 58.85
C ILE B 2925 6.41 -4.66 57.90
N PRO B 2926 5.92 -3.41 58.10
CA PRO B 2926 6.32 -2.45 59.13
C PRO B 2926 5.58 -2.60 60.46
N LEU B 2927 4.71 -3.60 60.55
CA LEU B 2927 3.95 -3.83 61.78
C LEU B 2927 4.89 -4.03 62.97
N GLY B 2928 5.88 -4.90 62.79
CA GLY B 2928 6.83 -5.15 63.86
C GLY B 2928 7.69 -3.93 64.08
N TRP B 2929 8.34 -3.47 63.02
CA TRP B 2929 9.19 -2.29 63.08
C TRP B 2929 9.09 -1.52 61.77
N THR B 2930 9.04 -0.19 61.88
CA THR B 2930 8.93 0.67 60.70
C THR B 2930 10.11 0.43 59.75
N LYS B 2931 11.15 -0.20 60.26
CA LYS B 2931 12.34 -0.49 59.47
C LYS B 2931 12.90 -1.87 59.81
N PHE B 2932 14.20 -2.04 59.58
CA PHE B 2932 14.87 -3.30 59.87
C PHE B 2932 16.14 -3.02 60.66
N PHE B 2933 16.02 -3.02 61.98
CA PHE B 2933 17.15 -2.76 62.86
C PHE B 2933 17.95 -4.03 63.13
N GLU B 2934 19.12 -4.13 62.51
CA GLU B 2934 19.99 -5.29 62.66
C GLU B 2934 20.35 -5.53 64.12
N PHE B 2935 19.53 -6.32 64.81
CA PHE B 2935 19.76 -6.63 66.22
C PHE B 2935 20.76 -7.76 66.39
N ASN B 2936 22.04 -7.44 66.28
CA ASN B 2936 23.10 -8.44 66.42
C ASN B 2936 23.18 -8.91 67.86
N ASP B 2937 23.93 -10.00 68.10
CA ASP B 2937 24.07 -10.53 69.45
C ASP B 2937 24.93 -9.63 70.32
N ALA B 2938 25.79 -8.84 69.69
CA ALA B 2938 26.66 -7.92 70.43
C ALA B 2938 25.79 -7.07 71.34
N ASP B 2939 24.53 -6.92 70.97
CA ASP B 2939 23.58 -6.14 71.75
C ASP B 2939 23.12 -6.96 72.95
N LEU B 2940 22.92 -8.25 72.73
CA LEU B 2940 22.48 -9.17 73.77
C LEU B 2940 23.60 -9.35 74.79
N ARG B 2941 24.76 -9.78 74.31
CA ARG B 2941 25.91 -9.99 75.17
C ARG B 2941 26.22 -8.73 75.97
N GLY B 2942 26.09 -7.58 75.32
CA GLY B 2942 26.34 -6.32 75.99
C GLY B 2942 25.28 -6.04 77.05
N ALA B 2943 24.04 -6.37 76.71
CA ALA B 2943 22.92 -6.16 77.63
C ALA B 2943 23.12 -6.97 78.90
N LEU B 2944 23.67 -8.18 78.74
CA LEU B 2944 23.93 -9.06 79.87
C LEU B 2944 24.93 -8.43 80.83
N ASP B 2945 26.09 -8.04 80.31
CA ASP B 2945 27.12 -7.42 81.13
C ASP B 2945 26.58 -6.24 81.91
N SER B 2946 25.64 -5.51 81.31
CA SER B 2946 25.03 -4.36 81.96
C SER B 2946 24.13 -4.82 83.09
N ILE B 2947 23.36 -5.87 82.85
CA ILE B 2947 22.46 -6.41 83.87
C ILE B 2947 23.23 -6.83 85.12
N ASP B 2948 24.40 -7.43 84.92
CA ASP B 2948 25.21 -7.86 86.04
C ASP B 2948 25.78 -6.70 86.84
N TYR B 2949 26.30 -5.70 86.13
CA TYR B 2949 26.86 -4.52 86.80
C TYR B 2949 25.87 -3.90 87.76
N TRP B 2950 24.72 -3.51 87.23
CA TRP B 2950 23.68 -2.88 88.04
C TRP B 2950 23.07 -3.81 89.08
N VAL B 2951 23.13 -5.11 88.84
CA VAL B 2951 22.60 -6.08 89.78
C VAL B 2951 23.62 -6.38 90.88
N ASP B 2952 24.90 -6.34 90.52
CA ASP B 2952 25.97 -6.60 91.47
C ASP B 2952 26.35 -5.34 92.24
N LEU B 2953 25.70 -4.24 91.90
CA LEU B 2953 25.98 -2.97 92.58
C LEU B 2953 25.19 -2.92 93.88
N TYR B 2954 23.88 -3.08 93.77
CA TYR B 2954 23.01 -3.07 94.94
C TYR B 2954 23.02 -4.43 95.61
N SER B 2955 23.84 -5.34 95.08
CA SER B 2955 23.95 -6.68 95.64
C SER B 2955 25.42 -7.09 95.72
N LYS B 2956 25.81 -7.63 96.87
CA LYS B 2956 27.18 -8.07 97.08
C LYS B 2956 27.20 -9.18 98.12
N GLY B 2957 27.13 -10.42 97.64
CA GLY B 2957 27.14 -11.56 98.54
C GLY B 2957 25.72 -11.98 98.90
N ARG B 2958 24.77 -11.08 98.74
CA ARG B 2958 23.38 -11.37 99.05
C ARG B 2958 22.88 -12.58 98.27
N SER B 2959 21.95 -13.32 98.87
CA SER B 2959 21.39 -14.51 98.24
C SER B 2959 20.44 -14.15 97.11
N ASN B 2960 19.62 -13.13 97.32
CA ASN B 2960 18.65 -12.69 96.33
C ASN B 2960 17.94 -11.40 96.72
N ILE B 2961 18.26 -10.31 96.01
CA ILE B 2961 17.66 -9.01 96.27
C ILE B 2961 16.15 -9.06 96.03
N ASP B 2962 15.47 -7.96 96.35
CA ASP B 2962 14.04 -7.87 96.14
C ASP B 2962 13.80 -7.25 94.77
N PRO B 2963 12.72 -7.66 94.08
CA PRO B 2963 12.38 -7.14 92.75
C PRO B 2963 12.46 -5.62 92.67
N ASP B 2964 11.75 -4.94 93.55
CA ASP B 2964 11.73 -3.49 93.58
C ASP B 2964 12.99 -2.89 94.21
N LYS B 2965 14.10 -3.60 94.09
CA LYS B 2965 15.38 -3.14 94.63
C LYS B 2965 16.38 -3.00 93.48
N ILE B 2966 16.18 -3.80 92.45
CA ILE B 2966 17.05 -3.77 91.28
C ILE B 2966 16.93 -2.42 90.59
N PRO B 2967 18.07 -1.83 90.19
CA PRO B 2967 18.06 -0.52 89.52
C PRO B 2967 17.46 -0.58 88.12
N TRP B 2968 16.21 -1.04 88.04
CA TRP B 2968 15.51 -1.17 86.77
C TRP B 2968 15.65 0.06 85.88
N ILE B 2969 15.27 1.22 86.42
CA ILE B 2969 15.36 2.46 85.67
C ILE B 2969 16.76 2.65 85.10
N ALA B 2970 17.75 2.05 85.76
CA ALA B 2970 19.13 2.16 85.32
C ALA B 2970 19.44 1.23 84.15
N VAL B 2971 19.08 -0.04 84.30
CA VAL B 2971 19.32 -1.04 83.26
C VAL B 2971 18.49 -0.85 81.99
N ARG B 2972 17.27 -0.31 82.11
CA ARG B 2972 16.42 -0.10 80.94
C ARG B 2972 16.95 0.93 79.96
N THR B 2973 17.24 2.14 80.45
CA THR B 2973 17.74 3.21 79.60
C THR B 2973 19.04 2.81 78.91
N ILE B 2974 19.78 1.89 79.52
CA ILE B 2974 21.04 1.43 78.97
C ILE B 2974 20.90 0.43 77.83
N LEU B 2975 19.95 -0.49 77.96
CA LEU B 2975 19.73 -1.49 76.93
C LEU B 2975 18.98 -0.97 75.71
N GLY B 2976 18.01 -0.10 75.92
CA GLY B 2976 17.24 0.44 74.82
C GLY B 2976 17.46 1.92 74.54
N SER B 2977 18.72 2.33 74.50
CA SER B 2977 19.06 3.73 74.23
C SER B 2977 20.56 3.89 74.09
N THR B 2978 21.29 2.81 74.38
CA THR B 2978 22.75 2.81 74.28
C THR B 2978 23.23 1.56 73.56
N ILE B 2979 22.45 0.48 73.67
CA ILE B 2979 22.79 -0.78 73.04
C ILE B 2979 21.83 -1.12 71.91
N TYR B 2980 20.61 -1.51 72.28
CA TYR B 2980 19.59 -1.88 71.29
C TYR B 2980 19.05 -0.66 70.55
N GLY B 2981 18.34 0.20 71.27
CA GLY B 2981 17.77 1.39 70.66
C GLY B 2981 18.78 2.41 70.17
N GLY B 2982 20.02 1.98 70.01
CA GLY B 2982 21.05 2.89 69.55
C GLY B 2982 20.92 3.20 68.07
N ARG B 2983 20.49 2.21 67.30
CA ARG B 2983 20.31 2.38 65.86
C ARG B 2983 18.93 2.91 65.49
N ILE B 2984 18.02 2.92 66.47
CA ILE B 2984 16.67 3.41 66.24
C ILE B 2984 16.64 4.93 66.12
N ASP B 2985 15.98 5.43 65.08
CA ASP B 2985 15.88 6.87 64.85
C ASP B 2985 14.44 7.36 64.91
N ASN B 2986 13.50 6.48 64.60
CA ASN B 2986 12.08 6.82 64.61
C ASN B 2986 11.58 6.98 66.04
N GLU B 2987 11.01 8.15 66.34
CA GLU B 2987 10.50 8.45 67.67
C GLU B 2987 9.51 7.40 68.19
N PHE B 2988 8.85 6.70 67.28
CA PHE B 2988 7.88 5.70 67.68
C PHE B 2988 8.49 4.32 67.88
N ASP B 2989 9.42 3.93 67.02
CA ASP B 2989 10.07 2.64 67.17
C ASP B 2989 10.66 2.54 68.56
N MET B 2990 11.17 3.67 69.06
CA MET B 2990 11.75 3.72 70.40
C MET B 2990 10.66 3.38 71.40
N ARG B 2991 9.47 3.93 71.16
CA ARG B 2991 8.32 3.69 72.02
C ARG B 2991 8.08 2.19 72.13
N LEU B 2992 8.20 1.50 71.00
CA LEU B 2992 7.99 0.06 70.95
C LEU B 2992 9.14 -0.68 71.64
N LEU B 2993 10.37 -0.29 71.32
CA LEU B 2993 11.54 -0.93 71.93
C LEU B 2993 11.37 -0.88 73.44
N TYR B 2994 11.22 0.33 73.98
CA TYR B 2994 11.03 0.53 75.40
C TYR B 2994 9.78 -0.19 75.89
N SER B 2995 8.68 -0.03 75.16
CA SER B 2995 7.42 -0.68 75.50
C SER B 2995 7.67 -2.09 76.02
N PHE B 2996 8.60 -2.79 75.39
CA PHE B 2996 8.94 -4.15 75.79
C PHE B 2996 9.82 -4.13 77.04
N LEU B 2997 10.84 -3.28 77.03
CA LEU B 2997 11.76 -3.17 78.16
C LEU B 2997 10.99 -2.92 79.46
N GLU B 2998 10.17 -1.87 79.45
CA GLU B 2998 9.37 -1.52 80.62
C GLU B 2998 8.31 -2.57 80.91
N GLN B 2999 8.43 -3.73 80.27
CA GLN B 2999 7.49 -4.82 80.47
C GLN B 2999 8.19 -6.04 81.07
N LEU B 3000 9.35 -6.37 80.52
CA LEU B 3000 10.12 -7.52 80.98
C LEU B 3000 11.21 -7.10 81.96
N PHE B 3001 11.48 -5.80 82.02
CA PHE B 3001 12.51 -5.27 82.91
C PHE B 3001 11.94 -4.36 84.00
N THR B 3002 11.01 -4.91 84.77
CA THR B 3002 10.37 -4.16 85.86
C THR B 3002 10.03 -5.10 87.01
N PRO B 3003 9.74 -4.54 88.20
CA PRO B 3003 9.40 -5.36 89.38
C PRO B 3003 8.26 -6.34 89.09
N SER B 3004 7.18 -5.83 88.53
CA SER B 3004 6.01 -6.64 88.21
C SER B 3004 6.37 -7.83 87.32
N ALA B 3005 7.60 -7.86 86.83
CA ALA B 3005 8.04 -8.96 85.97
C ALA B 3005 8.33 -10.19 86.83
N PHE B 3006 8.63 -9.94 88.10
CA PHE B 3006 8.94 -11.02 89.04
C PHE B 3006 7.68 -11.55 89.74
N ASN B 3007 6.51 -11.10 89.31
CA ASN B 3007 5.27 -11.56 89.90
C ASN B 3007 5.10 -13.05 89.65
N PRO B 3008 4.42 -13.77 90.56
CA PRO B 3008 4.22 -15.20 90.40
C PRO B 3008 3.45 -15.52 89.12
N ASP B 3009 4.10 -16.23 88.20
CA ASP B 3009 3.50 -16.59 86.93
C ASP B 3009 3.24 -15.36 86.06
N PHE B 3010 4.30 -14.58 85.82
CA PHE B 3010 4.19 -13.39 85.00
C PHE B 3010 3.89 -13.78 83.55
N PRO B 3011 2.68 -13.43 83.07
CA PRO B 3011 2.24 -13.75 81.71
C PRO B 3011 3.18 -13.25 80.60
N LEU B 3012 3.51 -14.15 79.68
CA LEU B 3012 4.36 -13.81 78.55
C LEU B 3012 3.51 -13.78 77.28
N VAL B 3013 2.71 -14.83 77.11
CA VAL B 3013 1.82 -14.94 75.95
C VAL B 3013 0.55 -15.67 76.39
N PRO B 3014 -0.33 -14.98 77.13
CA PRO B 3014 -1.60 -15.55 77.62
C PRO B 3014 -2.38 -16.35 76.58
N SER B 3015 -2.45 -15.84 75.36
CA SER B 3015 -3.17 -16.51 74.28
C SER B 3015 -3.00 -18.02 74.35
N ILE B 3016 -1.78 -18.48 74.06
CA ILE B 3016 -1.46 -19.90 74.09
C ILE B 3016 -1.36 -20.38 75.53
N GLY B 3017 -1.17 -19.44 76.45
CA GLY B 3017 -1.06 -19.78 77.85
C GLY B 3017 0.36 -19.97 78.31
N LEU B 3018 1.22 -19.00 77.97
CA LEU B 3018 2.63 -19.07 78.36
C LEU B 3018 2.98 -17.99 79.37
N SER B 3019 3.70 -18.39 80.41
CA SER B 3019 4.13 -17.48 81.46
C SER B 3019 5.50 -17.89 82.00
N VAL B 3020 6.30 -16.90 82.36
CA VAL B 3020 7.64 -17.15 82.88
C VAL B 3020 7.63 -18.22 83.97
N PRO B 3021 8.41 -19.29 83.79
CA PRO B 3021 8.48 -20.38 84.78
C PRO B 3021 9.15 -19.94 86.07
N GLU B 3022 8.79 -20.58 87.17
CA GLU B 3022 9.36 -20.25 88.47
C GLU B 3022 10.67 -20.99 88.72
N GLY B 3023 11.69 -20.64 87.95
CA GLY B 3023 12.99 -21.29 88.10
C GLY B 3023 14.01 -20.34 88.70
N THR B 3024 15.23 -20.84 88.89
CA THR B 3024 16.30 -20.01 89.46
C THR B 3024 17.68 -20.42 88.95
N THR B 3025 17.71 -21.25 87.92
CA THR B 3025 18.97 -21.70 87.33
C THR B 3025 18.83 -21.90 85.84
N ARG B 3026 19.92 -21.74 85.10
CA ARG B 3026 19.92 -21.91 83.66
C ARG B 3026 19.23 -23.21 83.26
N ALA B 3027 19.53 -24.28 83.99
CA ALA B 3027 18.94 -25.58 83.73
C ALA B 3027 17.43 -25.55 83.93
N HIS B 3028 16.98 -24.70 84.84
CA HIS B 3028 15.54 -24.58 85.13
C HIS B 3028 14.77 -24.11 83.90
N PHE B 3029 15.10 -22.91 83.42
CA PHE B 3029 14.42 -22.33 82.26
C PHE B 3029 14.51 -23.21 81.02
N MET B 3030 15.60 -23.96 80.90
CA MET B 3030 15.79 -24.85 79.74
C MET B 3030 14.64 -25.82 79.59
N LYS B 3031 14.15 -26.35 80.71
CA LYS B 3031 13.04 -27.30 80.69
C LYS B 3031 11.77 -26.65 80.16
N TRP B 3032 11.61 -25.35 80.43
CA TRP B 3032 10.44 -24.61 79.98
C TRP B 3032 10.54 -24.25 78.51
N ILE B 3033 11.74 -23.87 78.07
CA ILE B 3033 11.98 -23.48 76.69
C ILE B 3033 11.92 -24.65 75.72
N GLU B 3034 12.74 -25.67 75.98
CA GLU B 3034 12.77 -26.86 75.12
C GLU B 3034 11.40 -27.50 75.01
N ALA B 3035 10.45 -27.01 75.80
CA ALA B 3035 9.09 -27.54 75.80
C ALA B 3035 8.14 -26.60 75.06
N LEU B 3036 8.67 -25.52 74.52
CA LEU B 3036 7.86 -24.55 73.78
C LEU B 3036 7.55 -25.04 72.37
N PRO B 3037 6.38 -24.67 71.83
CA PRO B 3037 5.99 -25.09 70.48
C PRO B 3037 6.93 -24.50 69.43
N GLU B 3038 7.37 -25.34 68.50
CA GLU B 3038 8.29 -24.93 67.45
C GLU B 3038 7.85 -23.65 66.73
N ILE B 3039 6.60 -23.61 66.27
CA ILE B 3039 6.09 -22.45 65.56
C ILE B 3039 5.46 -21.46 66.53
N SER B 3040 5.84 -20.20 66.42
CA SER B 3040 5.31 -19.15 67.29
C SER B 3040 4.54 -18.10 66.50
N THR B 3041 3.26 -17.97 66.79
CA THR B 3041 2.41 -17.00 66.11
C THR B 3041 2.86 -15.58 66.44
N PRO B 3042 2.47 -14.60 65.61
CA PRO B 3042 2.86 -13.21 65.84
C PRO B 3042 2.25 -12.64 67.11
N ILE B 3043 1.47 -13.47 67.81
CA ILE B 3043 0.83 -13.06 69.05
C ILE B 3043 1.91 -12.88 70.12
N TRP B 3044 2.80 -13.86 70.22
CA TRP B 3044 3.89 -13.83 71.19
C TRP B 3044 4.61 -12.49 71.07
N LEU B 3045 4.75 -12.03 69.84
CA LEU B 3045 5.43 -10.77 69.56
C LEU B 3045 4.56 -9.57 69.89
N GLY B 3046 3.46 -9.81 70.61
CA GLY B 3046 2.58 -8.72 70.98
C GLY B 3046 1.85 -8.13 69.79
N LEU B 3047 1.97 -8.79 68.64
CA LEU B 3047 1.32 -8.32 67.42
C LEU B 3047 -0.05 -8.94 67.23
N PRO B 3048 -0.97 -8.23 66.56
CA PRO B 3048 -2.32 -8.75 66.33
C PRO B 3048 -2.27 -9.99 65.44
N GLU B 3049 -2.90 -11.07 65.92
CA GLU B 3049 -2.93 -12.34 65.19
C GLU B 3049 -2.93 -12.21 63.68
N ASN B 3050 -3.66 -11.24 63.16
CA ASN B 3050 -3.74 -11.03 61.71
C ASN B 3050 -2.39 -10.69 61.09
N ALA B 3051 -1.41 -10.36 61.94
CA ALA B 3051 -0.08 -10.02 61.47
C ALA B 3051 0.39 -11.02 60.43
N GLU B 3052 0.24 -12.30 60.74
CA GLU B 3052 0.64 -13.38 59.84
C GLU B 3052 -0.04 -13.26 58.48
N SER B 3053 -1.28 -12.76 58.48
CA SER B 3053 -2.03 -12.60 57.25
C SER B 3053 -1.25 -11.78 56.23
N LEU B 3054 -0.73 -10.63 56.66
CA LEU B 3054 0.04 -9.75 55.78
C LEU B 3054 1.29 -10.47 55.26
N LEU B 3055 2.03 -11.09 56.18
CA LEU B 3055 3.25 -11.80 55.82
C LEU B 3055 2.95 -12.91 54.82
N LEU B 3056 2.01 -13.79 55.18
CA LEU B 3056 1.61 -14.90 54.32
C LEU B 3056 1.20 -14.42 52.94
N SER B 3057 0.55 -13.27 52.89
CA SER B 3057 0.09 -12.71 51.63
C SER B 3057 1.25 -12.29 50.72
N ASN B 3058 2.15 -11.46 51.26
CA ASN B 3058 3.29 -10.99 50.49
C ASN B 3058 4.09 -12.15 49.91
N LYS B 3059 4.23 -13.22 50.68
CA LYS B 3059 4.97 -14.39 50.23
C LYS B 3059 4.20 -15.09 49.12
N ALA B 3060 2.88 -14.97 49.15
CA ALA B 3060 2.02 -15.58 48.15
C ALA B 3060 2.12 -14.81 46.83
N ARG B 3061 2.29 -13.49 46.95
CA ARG B 3061 2.41 -12.62 45.79
C ARG B 3061 3.80 -12.73 45.17
N LYS B 3062 4.80 -12.94 46.02
CA LYS B 3062 6.17 -13.07 45.55
C LYS B 3062 6.32 -14.39 44.79
N MET B 3063 5.58 -15.40 45.26
CA MET B 3063 5.61 -16.72 44.63
C MET B 3063 4.96 -16.65 43.26
N ILE B 3064 3.90 -15.86 43.16
CA ILE B 3064 3.17 -15.69 41.90
C ILE B 3064 4.07 -15.03 40.85
N ASN B 3065 4.67 -13.91 41.22
CA ASN B 3065 5.56 -13.18 40.32
C ASN B 3065 6.75 -14.02 39.85
N ASP B 3066 7.32 -14.80 40.76
CA ASP B 3066 8.46 -15.64 40.41
C ASP B 3066 8.07 -16.74 39.43
N LEU B 3067 6.80 -17.15 39.47
CA LEU B 3067 6.30 -18.18 38.57
C LEU B 3067 5.92 -17.55 37.24
N GLN B 3068 5.34 -16.35 37.29
CA GLN B 3068 4.93 -15.64 36.10
C GLN B 3068 6.15 -15.18 35.30
N LYS B 3069 7.33 -15.29 35.92
CA LYS B 3069 8.57 -14.88 35.26
C LYS B 3069 9.31 -16.07 34.66
N MET B 3070 9.36 -17.16 35.39
CA MET B 3070 10.03 -18.37 34.92
C MET B 3070 9.15 -19.08 33.89
N GLN B 3071 8.12 -18.38 33.44
CA GLN B 3071 7.19 -18.91 32.46
C GLN B 3071 7.15 -18.01 31.23
N SER B 3072 7.55 -16.77 31.41
CA SER B 3072 7.56 -15.80 30.31
C SER B 3072 8.68 -16.09 29.33
N SER B 3073 9.76 -16.68 29.82
CA SER B 3073 10.91 -17.00 28.99
C SER B 3073 10.81 -18.44 28.47
N GLU B 3074 9.68 -19.09 28.73
CA GLU B 3074 9.46 -20.46 28.29
C GLU B 3074 8.63 -20.49 27.01
N SER B 3093 -0.11 -1.87 22.68
CA SER B 3093 -1.56 -2.01 22.64
C SER B 3093 -2.18 -1.55 23.95
N SER B 3094 -1.47 -1.74 25.05
CA SER B 3094 -1.96 -1.35 26.36
C SER B 3094 -1.95 0.17 26.53
N SER B 3095 -1.16 0.85 25.70
CA SER B 3095 -1.06 2.30 25.77
C SER B 3095 -2.39 2.97 25.47
N GLU B 3096 -3.27 2.25 24.77
CA GLU B 3096 -4.59 2.78 24.42
C GLU B 3096 -5.34 3.31 25.64
N ASP B 3097 -5.82 2.39 26.47
CA ASP B 3097 -6.58 2.74 27.67
C ASP B 3097 -5.99 3.90 28.44
N LYS B 3098 -4.81 3.68 29.03
CA LYS B 3098 -4.12 4.72 29.80
C LYS B 3098 -4.30 6.12 29.24
N GLY B 3099 -4.10 6.26 27.93
CA GLY B 3099 -4.25 7.56 27.28
C GLY B 3099 -5.56 8.23 27.62
N LYS B 3100 -6.66 7.50 27.44
CA LYS B 3100 -7.99 8.03 27.73
C LYS B 3100 -8.25 8.06 29.24
N ALA B 3101 -7.59 8.99 29.93
CA ALA B 3101 -7.75 9.13 31.37
C ALA B 3101 -7.03 10.38 31.87
N LYS B 3102 -5.86 10.64 31.31
CA LYS B 3102 -5.05 11.80 31.70
C LYS B 3102 -5.88 13.09 31.61
N LYS B 3129 -0.58 35.55 47.82
CA LYS B 3129 0.10 35.65 49.10
C LYS B 3129 -0.64 34.88 50.18
N ASP B 3130 -0.75 33.56 49.99
CA ASP B 3130 -1.43 32.70 50.94
C ASP B 3130 -0.84 31.29 50.94
N PRO B 3131 -0.60 30.72 52.13
CA PRO B 3131 -0.05 29.37 52.26
C PRO B 3131 -0.81 28.36 51.42
N LEU B 3132 -2.12 28.25 51.67
CA LEU B 3132 -2.97 27.33 50.94
C LEU B 3132 -2.77 27.51 49.43
N PHE B 3133 -2.94 28.74 48.98
CA PHE B 3133 -2.79 29.07 47.56
C PHE B 3133 -1.44 28.62 47.00
N ARG B 3134 -0.37 29.28 47.44
CA ARG B 3134 0.98 28.96 46.97
C ARG B 3134 1.21 27.47 46.88
N CYS B 3135 0.78 26.72 47.91
CA CYS B 3135 0.94 25.28 47.92
C CYS B 3135 0.22 24.66 46.73
N PHE B 3136 -1.05 25.03 46.57
CA PHE B 3136 -1.87 24.52 45.47
C PHE B 3136 -1.36 25.02 44.13
N GLU B 3137 -0.56 26.08 44.15
CA GLU B 3137 0.00 26.66 42.94
C GLU B 3137 1.00 25.69 42.32
N ARG B 3138 1.93 25.22 43.14
CA ARG B 3138 2.95 24.27 42.67
C ARG B 3138 2.33 22.89 42.60
N GLU B 3139 1.47 22.58 43.57
CA GLU B 3139 0.79 21.28 43.63
C GLU B 3139 -0.04 21.07 42.37
N ILE B 3140 -0.40 22.17 41.72
CA ILE B 3140 -1.21 22.11 40.50
C ILE B 3140 -0.31 22.27 39.28
N SER B 3141 0.77 23.03 39.44
CA SER B 3141 1.71 23.26 38.35
C SER B 3141 2.37 21.93 37.98
N THR B 3142 2.85 21.22 39.00
CA THR B 3142 3.50 19.93 38.80
C THR B 3142 2.52 18.96 38.15
N GLY B 3143 1.33 18.86 38.73
CA GLY B 3143 0.32 17.96 38.20
C GLY B 3143 0.17 18.08 36.69
N GLY B 3144 0.02 19.31 36.22
CA GLY B 3144 -0.14 19.54 34.79
C GLY B 3144 1.13 19.27 34.00
N LYS B 3145 2.25 19.77 34.49
CA LYS B 3145 3.54 19.57 33.83
C LYS B 3145 3.81 18.09 33.55
N LEU B 3146 3.48 17.24 34.51
CA LEU B 3146 3.69 15.80 34.38
C LEU B 3146 2.82 15.20 33.30
N VAL B 3147 1.53 15.54 33.31
CA VAL B 3147 0.58 15.02 32.34
C VAL B 3147 1.12 15.21 30.92
N LYS B 3148 1.61 16.41 30.65
CA LYS B 3148 2.16 16.73 29.33
C LYS B 3148 3.25 15.75 28.94
N LYS B 3149 4.11 15.40 29.89
CA LYS B 3149 5.20 14.47 29.64
C LYS B 3149 4.66 13.07 29.39
N ILE B 3150 3.73 12.64 30.23
CA ILE B 3150 3.14 11.30 30.10
C ILE B 3150 2.32 11.20 28.82
N THR B 3151 1.63 12.28 28.48
CA THR B 3151 0.80 12.32 27.28
C THR B 3151 1.67 12.22 26.03
N ASN B 3152 2.85 12.85 26.09
CA ASN B 3152 3.78 12.84 24.97
C ASN B 3152 4.60 11.55 24.93
N ASP B 3153 5.05 11.09 26.09
CA ASP B 3153 5.84 9.87 26.17
C ASP B 3153 5.04 8.64 25.76
N LEU B 3154 3.71 8.73 25.88
CA LEU B 3154 2.84 7.61 25.51
C LEU B 3154 2.35 7.74 24.07
N ALA B 3155 1.69 8.85 23.76
CA ALA B 3155 1.16 9.08 22.43
C ALA B 3155 2.24 8.98 21.36
N ASN B 3156 3.35 9.67 21.58
CA ASN B 3156 4.45 9.66 20.63
C ASN B 3156 5.08 8.28 20.51
N LEU B 3157 4.89 7.45 21.54
CA LEU B 3157 5.45 6.11 21.53
C LEU B 3157 4.66 5.20 20.60
N LEU B 3158 3.34 5.44 20.52
CA LEU B 3158 2.47 4.64 19.66
C LEU B 3158 2.98 4.58 18.24
N GLU B 3159 3.33 5.72 17.67
CA GLU B 3159 3.84 5.81 16.31
C GLU B 3159 4.88 4.73 16.02
N LEU B 3160 5.61 4.33 17.07
CA LEU B 3160 6.63 3.31 16.93
C LEU B 3160 6.01 1.92 16.76
N LYS B 3166 11.79 5.64 15.54
CA LYS B 3166 13.11 5.81 16.14
C LYS B 3166 13.24 5.00 17.42
N SER B 3167 14.20 5.38 18.26
CA SER B 3167 14.43 4.69 19.53
C SER B 3167 15.31 5.54 20.44
N THR B 3168 14.90 6.78 20.66
CA THR B 3168 15.64 7.70 21.51
C THR B 3168 15.76 7.16 22.92
N ASN B 3169 16.47 7.89 23.77
CA ASN B 3169 16.67 7.48 25.17
C ASN B 3169 15.35 7.34 25.92
N TYR B 3170 14.65 8.45 26.10
CA TYR B 3170 13.37 8.46 26.81
C TYR B 3170 12.41 7.40 26.31
N LEU B 3171 12.54 7.03 25.04
CA LEU B 3171 11.65 6.03 24.44
C LEU B 3171 12.13 4.59 24.65
N ARG B 3172 13.41 4.42 24.97
CA ARG B 3172 13.96 3.09 25.18
C ARG B 3172 13.64 2.54 26.57
N SER B 3173 13.75 3.40 27.58
CA SER B 3173 13.47 2.99 28.95
C SER B 3173 11.98 2.71 29.13
N LEU B 3174 11.15 3.52 28.47
CA LEU B 3174 9.71 3.35 28.55
C LEU B 3174 9.31 1.95 28.10
N THR B 3175 9.60 1.64 26.84
CA THR B 3175 9.28 0.33 26.27
C THR B 3175 9.67 -0.81 27.20
N THR B 3176 10.81 -0.68 27.85
CA THR B 3176 11.30 -1.72 28.77
C THR B 3176 10.40 -1.85 30.00
N SER B 3177 10.34 -0.80 30.81
CA SER B 3177 9.53 -0.81 32.02
C SER B 3177 8.04 -0.95 31.75
N ILE B 3178 7.52 -0.15 30.82
CA ILE B 3178 6.11 -0.20 30.47
C ILE B 3178 5.62 -1.61 30.22
N SER B 3179 6.51 -2.48 29.74
CA SER B 3179 6.15 -3.87 29.47
C SER B 3179 6.56 -4.80 30.59
N LYS B 3180 7.52 -4.37 31.40
CA LYS B 3180 8.01 -5.19 32.51
C LYS B 3180 7.17 -4.96 33.76
N GLY B 3181 6.18 -4.08 33.66
CA GLY B 3181 5.33 -3.78 34.80
C GLY B 3181 5.97 -2.74 35.72
N ILE B 3182 7.23 -2.44 35.46
CA ILE B 3182 7.98 -1.47 36.25
C ILE B 3182 7.56 -0.04 35.90
N VAL B 3183 7.30 0.76 36.93
CA VAL B 3183 6.89 2.14 36.74
C VAL B 3183 8.00 2.98 36.12
N PRO B 3184 7.76 3.56 34.94
CA PRO B 3184 8.74 4.40 34.24
C PRO B 3184 9.33 5.47 35.16
N LYS B 3185 10.58 5.27 35.56
CA LYS B 3185 11.28 6.19 36.44
C LYS B 3185 11.00 7.68 36.19
N GLU B 3186 11.06 8.08 34.93
CA GLU B 3186 10.84 9.47 34.54
C GLU B 3186 9.49 10.02 35.02
N TRP B 3187 8.52 9.14 35.23
CA TRP B 3187 7.20 9.56 35.67
C TRP B 3187 7.06 9.57 37.19
N LYS B 3188 7.87 8.77 37.88
CA LYS B 3188 7.83 8.70 39.34
C LYS B 3188 8.19 10.04 39.97
N TRP B 3189 7.38 11.06 39.69
CA TRP B 3189 7.60 12.39 40.23
C TRP B 3189 7.17 12.46 41.69
N TYR B 3190 6.02 11.89 41.99
CA TYR B 3190 5.50 11.87 43.35
C TYR B 3190 5.82 10.54 44.04
N SER B 3191 6.13 10.61 45.32
CA SER B 3191 6.47 9.44 46.11
C SER B 3191 5.33 8.41 46.18
N VAL B 3192 5.66 7.18 45.80
CA VAL B 3192 4.70 6.08 45.81
C VAL B 3192 5.41 4.77 46.13
N PRO B 3193 4.74 3.87 46.88
CA PRO B 3193 5.29 2.56 47.26
C PRO B 3193 6.04 1.87 46.12
N GLU B 3194 6.92 0.94 46.50
CA GLU B 3194 7.71 0.19 45.53
C GLU B 3194 6.87 -0.90 44.87
N THR B 3195 6.30 -1.76 45.70
CA THR B 3195 5.50 -2.89 45.24
C THR B 3195 4.43 -2.52 44.22
N ILE B 3196 3.87 -1.32 44.33
CA ILE B 3196 2.83 -0.87 43.41
C ILE B 3196 3.14 -1.26 41.97
N SER B 3197 2.10 -1.63 41.24
CA SER B 3197 2.24 -2.06 39.84
C SER B 3197 1.93 -0.92 38.87
N LEU B 3198 2.30 -1.12 37.60
CA LEU B 3198 2.05 -0.12 36.57
C LEU B 3198 0.55 0.17 36.42
N SER B 3199 -0.26 -0.87 36.51
CA SER B 3199 -1.70 -0.72 36.39
C SER B 3199 -2.27 0.17 37.49
N VAL B 3200 -1.94 -0.16 38.74
CA VAL B 3200 -2.41 0.61 39.88
C VAL B 3200 -1.87 2.03 39.85
N TRP B 3201 -0.61 2.17 39.44
CA TRP B 3201 0.02 3.49 39.38
C TRP B 3201 -0.76 4.40 38.44
N ILE B 3202 -0.97 3.94 37.21
CA ILE B 3202 -1.70 4.72 36.22
C ILE B 3202 -3.11 5.07 36.70
N SER B 3203 -3.89 4.05 37.05
CA SER B 3203 -5.25 4.26 37.53
C SER B 3203 -5.23 5.22 38.72
N ASP B 3204 -4.12 5.21 39.46
CA ASP B 3204 -3.95 6.09 40.62
C ASP B 3204 -3.70 7.52 40.16
N PHE B 3205 -2.68 7.69 39.34
CA PHE B 3205 -2.32 9.01 38.82
C PHE B 3205 -3.56 9.72 38.27
N SER B 3206 -4.47 8.96 37.70
CA SER B 3206 -5.70 9.51 37.14
C SER B 3206 -6.52 10.13 38.27
N LYS B 3207 -6.63 9.42 39.38
CA LYS B 3207 -7.37 9.90 40.54
C LYS B 3207 -6.63 11.10 41.13
N ARG B 3208 -5.33 10.94 41.29
CA ARG B 3208 -4.47 11.99 41.83
C ARG B 3208 -4.70 13.29 41.09
N MET B 3209 -4.75 13.19 39.76
CA MET B 3209 -4.95 14.37 38.90
C MET B 3209 -6.36 14.94 39.02
N GLN B 3210 -7.35 14.06 39.10
CA GLN B 3210 -8.74 14.48 39.22
C GLN B 3210 -8.90 15.55 40.30
N GLN B 3211 -8.33 15.29 41.46
CA GLN B 3211 -8.40 16.20 42.59
C GLN B 3211 -7.76 17.56 42.30
N LEU B 3212 -6.57 17.55 41.70
CA LEU B 3212 -5.86 18.78 41.38
C LEU B 3212 -6.74 19.80 40.63
N SER B 3213 -7.27 19.40 39.48
CA SER B 3213 -8.11 20.29 38.69
C SER B 3213 -9.35 20.69 39.49
N GLU B 3214 -9.88 19.74 40.26
CA GLU B 3214 -11.05 20.01 41.08
C GLU B 3214 -10.77 21.05 42.15
N ILE B 3215 -9.48 21.27 42.41
CA ILE B 3215 -9.06 22.25 43.40
C ILE B 3215 -8.91 23.63 42.74
N SER B 3216 -8.38 23.64 41.53
CA SER B 3216 -8.18 24.89 40.80
C SER B 3216 -9.50 25.65 40.64
N GLU B 3217 -10.62 24.93 40.78
CA GLU B 3217 -11.93 25.56 40.66
C GLU B 3217 -12.34 26.22 41.98
N SER B 3218 -12.45 25.43 43.03
CA SER B 3218 -12.83 25.94 44.34
C SER B 3218 -11.92 27.09 44.76
N GLN B 3225 -12.81 19.90 51.73
CA GLN B 3225 -12.20 18.60 52.01
C GLN B 3225 -11.02 18.36 51.07
N VAL B 3226 -10.02 17.62 51.56
CA VAL B 3226 -8.84 17.34 50.76
C VAL B 3226 -8.32 15.91 50.97
N TRP B 3227 -7.66 15.38 49.95
CA TRP B 3227 -7.09 14.04 49.99
C TRP B 3227 -5.57 14.16 50.09
N LEU B 3228 -5.08 14.18 51.33
CA LEU B 3228 -3.65 14.32 51.61
C LEU B 3228 -2.79 13.35 50.81
N GLY B 3229 -2.97 12.06 51.03
CA GLY B 3229 -2.19 11.06 50.33
C GLY B 3229 -2.09 11.32 48.84
N GLY B 3230 -3.16 11.85 48.26
CA GLY B 3230 -3.18 12.14 46.84
C GLY B 3230 -2.24 13.27 46.44
N LEU B 3231 -2.20 14.32 47.25
CA LEU B 3231 -1.33 15.46 46.97
C LEU B 3231 0.08 14.99 46.63
N LEU B 3232 0.57 15.41 45.47
CA LEU B 3232 1.90 15.04 45.01
C LEU B 3232 2.96 15.24 46.09
N ASN B 3233 2.77 16.25 46.93
CA ASN B 3233 3.70 16.55 48.01
C ASN B 3233 2.97 16.94 49.29
N PRO B 3234 2.53 15.94 50.07
CA PRO B 3234 1.81 16.18 51.33
C PRO B 3234 2.60 17.06 52.31
N GLU B 3235 3.86 16.71 52.52
CA GLU B 3235 4.72 17.44 53.43
C GLU B 3235 4.55 18.95 53.26
N ALA B 3236 4.61 19.41 52.01
CA ALA B 3236 4.46 20.83 51.71
C ALA B 3236 3.10 21.31 52.22
N TYR B 3237 2.04 20.66 51.74
CA TYR B 3237 0.67 21.01 52.13
C TYR B 3237 0.59 21.17 53.65
N ILE B 3238 0.94 20.11 54.37
CA ILE B 3238 0.90 20.11 55.83
C ILE B 3238 1.62 21.32 56.43
N THR B 3239 2.67 21.77 55.75
CA THR B 3239 3.43 22.93 56.23
C THR B 3239 2.64 24.22 56.04
N ALA B 3240 1.99 24.35 54.89
CA ALA B 3240 1.21 25.53 54.58
C ALA B 3240 -0.09 25.57 55.38
N THR B 3241 -0.60 24.40 55.75
CA THR B 3241 -1.84 24.33 56.52
C THR B 3241 -1.58 24.87 57.92
N ARG B 3242 -0.31 24.99 58.26
CA ARG B 3242 0.10 25.50 59.56
C ARG B 3242 0.28 27.01 59.48
N GLN B 3243 0.91 27.46 58.41
CA GLN B 3243 1.15 28.89 58.19
C GLN B 3243 -0.16 29.63 57.99
N SER B 3244 -1.17 28.92 57.49
CA SER B 3244 -2.48 29.52 57.26
C SER B 3244 -3.24 29.66 58.57
N ALA B 3245 -3.22 28.58 59.37
CA ALA B 3245 -3.91 28.58 60.65
C ALA B 3245 -3.20 29.48 61.65
N SER B 3246 -1.99 29.92 61.29
CA SER B 3246 -1.20 30.79 62.16
C SER B 3246 -1.44 32.25 61.80
N GLN B 3247 -1.50 32.52 60.50
CA GLN B 3247 -1.73 33.88 60.01
C GLN B 3247 -3.14 34.35 60.37
N LEU B 3248 -4.13 33.50 60.10
CA LEU B 3248 -5.51 33.81 60.39
C LEU B 3248 -5.74 33.91 61.89
N ASN B 3249 -5.35 32.86 62.61
CA ASN B 3249 -5.51 32.81 64.06
C ASN B 3249 -4.59 33.83 64.73
N GLY B 3250 -3.58 34.28 63.99
CA GLY B 3250 -2.65 35.26 64.53
C GLY B 3250 -1.57 34.66 65.42
N TRP B 3251 -1.89 33.54 66.05
CA TRP B 3251 -0.93 32.87 66.93
C TRP B 3251 0.23 32.27 66.12
N GLU B 3254 4.38 29.86 65.15
CA GLU B 3254 5.20 28.74 64.70
C GLU B 3254 5.13 27.59 65.71
N ASN B 3255 5.00 27.95 66.99
CA ASN B 3255 4.93 26.96 68.06
C ASN B 3255 3.51 26.42 68.25
N LEU B 3256 2.90 25.96 67.17
CA LEU B 3256 1.56 25.41 67.21
C LEU B 3256 1.62 23.90 67.12
N ARG B 3257 0.57 23.23 67.61
CA ARG B 3257 0.53 21.78 67.58
C ARG B 3257 -0.80 21.31 67.01
N LEU B 3258 -0.73 20.41 66.03
CA LEU B 3258 -1.92 19.88 65.36
C LEU B 3258 -2.87 19.22 66.36
N HIS B 3259 -3.99 18.71 65.85
CA HIS B 3259 -5.00 18.07 66.70
C HIS B 3259 -5.98 17.24 65.86
N ALA B 3260 -6.62 16.27 66.50
CA ALA B 3260 -7.59 15.42 65.83
C ALA B 3260 -8.93 15.42 66.54
N SER B 3261 -10.01 15.52 65.77
CA SER B 3261 -11.36 15.54 66.33
C SER B 3261 -12.10 14.25 66.00
N SER B 3273 -7.27 25.01 60.44
CA SER B 3273 -8.38 24.07 60.50
C SER B 3273 -8.68 23.50 59.12
N PHE B 3274 -8.44 22.21 58.95
CA PHE B 3274 -8.65 21.54 57.66
C PHE B 3274 -9.17 20.12 57.85
N ASN B 3275 -9.77 19.57 56.80
CA ASN B 3275 -10.29 18.21 56.83
C ASN B 3275 -9.62 17.34 55.78
N VAL B 3276 -9.10 16.20 56.23
CA VAL B 3276 -8.41 15.26 55.34
C VAL B 3276 -9.22 13.98 55.12
N LYS B 3277 -9.33 13.57 53.87
CA LYS B 3277 -10.08 12.36 53.52
C LYS B 3277 -9.18 11.39 52.75
N GLY B 3278 -9.45 10.10 52.89
CA GLY B 3278 -8.68 9.10 52.18
C GLY B 3278 -7.74 8.30 53.07
N MET B 3279 -7.49 8.78 54.27
CA MET B 3279 -6.61 8.09 55.21
C MET B 3279 -7.19 6.74 55.63
N ALA B 3280 -6.33 5.89 56.18
CA ALA B 3280 -6.74 4.57 56.63
C ALA B 3280 -6.10 4.23 57.97
N LEU B 3281 -6.80 3.46 58.79
CA LEU B 3281 -6.29 3.07 60.10
C LEU B 3281 -5.53 1.75 60.04
N GLU B 3282 -4.52 1.62 60.89
CA GLU B 3282 -3.72 0.41 60.95
C GLU B 3282 -3.82 -0.23 62.34
N GLY B 3283 -4.38 -1.43 62.38
CA GLY B 3283 -4.51 -2.14 63.65
C GLY B 3283 -5.43 -1.45 64.64
N ALA B 3284 -6.57 -0.96 64.17
CA ALA B 3284 -7.54 -0.28 65.02
C ALA B 3284 -8.71 0.23 64.17
N VAL B 3285 -9.81 0.57 64.85
CA VAL B 3285 -11.01 1.08 64.18
C VAL B 3285 -11.64 2.17 65.02
N TRP B 3286 -12.18 3.19 64.35
CA TRP B 3286 -12.82 4.30 65.04
C TRP B 3286 -14.21 3.88 65.50
N ASN B 3287 -14.33 3.58 66.80
CA ASN B 3287 -15.61 3.16 67.36
C ASN B 3287 -15.86 3.89 68.67
N ASN B 3288 -16.96 4.64 68.72
CA ASN B 3288 -17.32 5.41 69.92
C ASN B 3288 -16.30 6.50 70.22
N ASP B 3289 -15.85 7.18 69.17
CA ASP B 3289 -14.88 8.26 69.30
C ASP B 3289 -13.64 7.82 70.06
N GLN B 3290 -13.19 6.60 69.80
CA GLN B 3290 -12.00 6.06 70.45
C GLN B 3290 -11.44 4.85 69.72
N LEU B 3291 -10.12 4.76 69.64
CA LEU B 3291 -9.46 3.64 68.98
C LEU B 3291 -9.86 2.34 69.66
N THR B 3292 -10.35 1.39 68.87
CA THR B 3292 -10.78 0.10 69.39
C THR B 3292 -10.12 -1.06 68.67
N PRO B 3293 -9.67 -2.09 69.42
CA PRO B 3293 -9.03 -3.27 68.85
C PRO B 3293 -9.85 -3.94 67.76
N THR B 3294 -9.17 -4.56 66.80
CA THR B 3294 -9.84 -5.26 65.71
C THR B 3294 -8.90 -6.29 65.09
N ASP B 3295 -9.47 -7.29 64.43
CA ASP B 3295 -8.69 -8.35 63.80
C ASP B 3295 -8.47 -8.05 62.32
N ILE B 3296 -8.94 -6.90 61.87
CA ILE B 3296 -8.80 -6.49 60.47
C ILE B 3296 -7.49 -5.74 60.24
N LEU B 3297 -6.84 -6.02 59.11
CA LEU B 3297 -5.59 -5.38 58.76
C LEU B 3297 -5.62 -3.86 58.93
N SER B 3298 -6.54 -3.22 58.22
CA SER B 3298 -6.67 -1.76 58.30
C SER B 3298 -8.04 -1.27 57.88
N THR B 3299 -8.65 -0.44 58.73
CA THR B 3299 -9.97 0.12 58.44
C THR B 3299 -9.82 1.53 57.88
N PRO B 3300 -10.70 1.92 56.94
CA PRO B 3300 -10.66 3.24 56.31
C PRO B 3300 -11.15 4.37 57.21
N ILE B 3301 -10.68 5.58 56.92
CA ILE B 3301 -11.08 6.76 57.69
C ILE B 3301 -11.87 7.70 56.78
N SER B 3302 -13.18 7.76 57.01
CA SER B 3302 -14.06 8.61 56.21
C SER B 3302 -13.53 10.02 56.06
N ILE B 3303 -13.28 10.69 57.19
CA ILE B 3303 -12.77 12.05 57.16
C ILE B 3303 -12.28 12.45 58.55
N ALA B 3304 -11.31 13.35 58.60
CA ALA B 3304 -10.75 13.81 59.87
C ALA B 3304 -10.82 15.33 59.96
N THR B 3305 -11.00 15.83 61.18
CA THR B 3305 -11.09 17.27 61.41
C THR B 3305 -9.85 17.79 62.12
N LEU B 3306 -8.76 17.92 61.37
CA LEU B 3306 -7.50 18.41 61.93
C LEU B 3306 -7.50 19.93 62.04
N THR B 3307 -7.01 20.43 63.18
CA THR B 3307 -6.96 21.86 63.43
C THR B 3307 -5.75 22.19 64.30
N TRP B 3308 -5.06 23.27 63.96
CA TRP B 3308 -3.88 23.69 64.73
C TRP B 3308 -4.32 24.37 66.02
N LYS B 3309 -3.38 24.47 66.96
CA LYS B 3309 -3.65 25.10 68.25
C LYS B 3309 -2.33 25.55 68.86
N ASP B 3310 -2.40 26.43 69.85
CA ASP B 3310 -1.20 26.90 70.53
C ASP B 3310 -0.75 25.73 71.41
N LYS B 3311 0.47 25.80 71.95
CA LYS B 3311 0.98 24.73 72.79
C LYS B 3311 0.27 24.68 74.13
N ASP B 3312 -0.96 25.19 74.17
CA ASP B 3312 -1.75 25.19 75.39
C ASP B 3312 -3.23 24.96 75.09
N LYS B 3322 -4.20 9.26 76.88
CA LYS B 3322 -4.34 9.07 75.43
C LYS B 3322 -3.17 8.32 74.82
N LEU B 3323 -3.24 8.14 73.51
CA LEU B 3323 -2.19 7.45 72.75
C LEU B 3323 -1.85 8.25 71.50
N SER B 3324 -0.56 8.32 71.19
CA SER B 3324 -0.10 9.05 70.01
C SER B 3324 -0.09 8.12 68.80
N VAL B 3325 -0.76 8.53 67.73
CA VAL B 3325 -0.83 7.72 66.51
C VAL B 3325 -0.09 8.39 65.35
N PRO B 3326 0.91 7.69 64.78
CA PRO B 3326 1.69 8.20 63.65
C PRO B 3326 0.83 8.39 62.40
N VAL B 3327 1.28 9.25 61.50
CA VAL B 3327 0.55 9.50 60.26
C VAL B 3327 1.54 9.59 59.11
N TYR B 3328 2.02 8.44 58.68
CA TYR B 3328 2.98 8.35 57.58
C TYR B 3328 2.28 8.57 56.25
N LEU B 3329 3.05 8.97 55.23
CA LEU B 3329 2.49 9.20 53.91
C LEU B 3329 1.76 7.95 53.43
N ASN B 3330 2.54 6.97 52.98
CA ASN B 3330 1.99 5.71 52.49
C ASN B 3330 1.91 4.68 53.62
N GLU B 3331 1.75 3.41 53.25
CA GLU B 3331 1.66 2.34 54.23
C GLU B 3331 3.03 1.82 54.62
N THR B 3332 4.03 2.13 53.81
CA THR B 3332 5.39 1.68 54.07
C THR B 3332 6.00 2.39 55.28
N ARG B 3333 5.22 3.28 55.88
CA ARG B 3333 5.66 4.02 57.05
C ARG B 3333 7.10 4.49 56.86
N SER B 3334 7.36 5.14 55.73
CA SER B 3334 8.70 5.63 55.42
C SER B 3334 8.82 7.14 55.59
N GLU B 3335 7.68 7.83 55.66
CA GLU B 3335 7.69 9.28 55.80
C GLU B 3335 6.60 9.74 56.76
N LEU B 3336 7.02 10.38 57.86
CA LEU B 3336 6.08 10.86 58.87
C LEU B 3336 5.64 12.30 58.57
N LEU B 3337 4.40 12.46 58.13
CA LEU B 3337 3.87 13.77 57.82
C LEU B 3337 3.57 14.53 59.11
N PHE B 3338 2.93 13.85 60.05
CA PHE B 3338 2.59 14.45 61.34
C PHE B 3338 2.10 13.38 62.30
N SER B 3339 1.82 13.78 63.55
CA SER B 3339 1.36 12.84 64.56
C SER B 3339 0.18 13.40 65.35
N ILE B 3340 -0.82 12.57 65.58
CA ILE B 3340 -2.01 12.98 66.30
C ILE B 3340 -2.34 12.02 67.44
N ASP B 3341 -2.74 12.57 68.58
CA ASP B 3341 -3.10 11.77 69.75
C ASP B 3341 -4.61 11.54 69.77
N LEU B 3342 -5.01 10.28 69.94
CA LEU B 3342 -6.43 9.94 69.94
C LEU B 3342 -6.78 9.06 71.15
N PRO B 3343 -8.04 9.13 71.61
CA PRO B 3343 -8.48 8.34 72.76
C PRO B 3343 -8.58 6.86 72.36
N TYR B 3344 -8.22 5.97 73.29
CA TYR B 3344 -8.27 4.55 73.01
C TYR B 3344 -9.13 3.78 74.01
N ASP B 3345 -9.72 2.68 73.53
CA ASP B 3345 -10.58 1.85 74.37
C ASP B 3345 -9.82 1.38 75.59
N GLN B 3346 -10.30 1.75 76.77
CA GLN B 3346 -9.66 1.37 78.03
C GLN B 3346 -9.70 -0.15 78.23
N SER B 3347 -10.41 -0.84 77.34
CA SER B 3347 -10.55 -2.30 77.42
C SER B 3347 -9.19 -2.99 77.35
N THR B 3348 -8.19 -2.28 76.84
CA THR B 3348 -6.85 -2.83 76.71
C THR B 3348 -5.82 -1.90 77.32
N SER B 3349 -4.80 -2.48 77.95
CA SER B 3349 -3.73 -1.70 78.58
C SER B 3349 -2.98 -0.85 77.57
N LYS B 3350 -2.43 0.27 78.04
CA LYS B 3350 -1.68 1.17 77.18
C LYS B 3350 -0.49 0.46 76.56
N GLN B 3351 0.07 -0.50 77.29
CA GLN B 3351 1.20 -1.27 76.82
C GLN B 3351 0.80 -2.10 75.62
N ASN B 3352 -0.45 -2.57 75.62
CA ASN B 3352 -0.96 -3.39 74.53
C ASN B 3352 -1.04 -2.57 73.24
N TRP B 3353 -1.53 -1.33 73.35
CA TRP B 3353 -1.64 -0.46 72.18
C TRP B 3353 -0.28 -0.12 71.60
N TYR B 3354 0.68 0.14 72.47
CA TYR B 3354 2.03 0.47 72.03
C TYR B 3354 2.66 -0.64 71.19
N GLN B 3355 2.31 -1.88 71.51
CA GLN B 3355 2.86 -3.02 70.77
C GLN B 3355 2.16 -3.27 69.44
N ARG B 3356 0.87 -2.92 69.37
CA ARG B 3356 0.13 -3.09 68.13
C ARG B 3356 0.68 -2.16 67.05
N SER B 3357 1.39 -1.12 67.50
CA SER B 3357 1.99 -0.15 66.60
C SER B 3357 0.94 0.47 65.67
N VAL B 3358 -0.10 1.04 66.27
CA VAL B 3358 -1.17 1.67 65.51
C VAL B 3358 -0.64 2.87 64.72
N SER B 3359 -0.87 2.87 63.41
CA SER B 3359 -0.43 3.96 62.55
C SER B 3359 -1.54 4.38 61.60
N ILE B 3360 -1.33 5.50 60.92
CA ILE B 3360 -2.31 6.02 59.98
C ILE B 3360 -1.68 6.26 58.62
N SER B 3361 -2.23 5.63 57.59
CA SER B 3361 -1.74 5.77 56.23
C SER B 3361 -2.61 6.73 55.44
N SER B 3362 -2.05 7.86 55.04
CA SER B 3362 -2.79 8.85 54.28
C SER B 3362 -2.94 8.40 52.82
N TRP B 3363 -2.41 7.21 52.53
CA TRP B 3363 -2.49 6.67 51.18
C TRP B 3363 -2.64 5.15 51.25
N LYS B 3364 -3.60 4.61 50.50
CA LYS B 3364 -3.84 3.17 50.48
C LYS B 3364 -4.30 2.75 49.10
N SER B 3365 -3.94 1.54 48.69
CA SER B 3365 -4.32 1.01 47.38
C SER B 3365 -5.55 0.12 47.49
N ASP B 3366 -5.90 -0.54 46.39
CA ASP B 3366 -7.04 -1.45 46.35
C ASP B 3366 -6.73 -2.70 45.54
PB ADP C . -37.07 33.20 -45.88
O1B ADP C . -35.89 34.14 -46.01
O2B ADP C . -37.65 32.75 -47.21
O3B ADP C . -36.88 32.09 -44.87
PA ADP C . -38.88 35.37 -46.01
O1A ADP C . -40.38 35.26 -45.90
O2A ADP C . -38.24 35.50 -47.37
O3A ADP C . -38.23 34.12 -45.22
O5' ADP C . -38.41 36.63 -45.10
C5' ADP C . -37.61 37.69 -45.63
C4' ADP C . -38.15 39.04 -45.16
O4' ADP C . -37.34 40.11 -45.69
C3' ADP C . -39.57 39.28 -45.63
O3' ADP C . -40.47 39.38 -44.51
C2' ADP C . -39.55 40.56 -46.46
O2' ADP C . -40.43 41.56 -45.94
C1' ADP C . -38.11 41.04 -46.46
N9 ADP C . -37.58 41.15 -47.87
C8 ADP C . -36.70 40.30 -48.46
N7 ADP C . -36.44 40.68 -49.74
C5 ADP C . -37.16 41.79 -49.99
C6 ADP C . -37.36 42.72 -51.15
N6 ADP C . -36.71 42.52 -52.32
N1 ADP C . -38.22 43.77 -50.98
C2 ADP C . -38.89 44.00 -49.81
N3 ADP C . -38.75 43.19 -48.74
C4 ADP C . -37.92 42.09 -48.76
PB ADP D . -42.85 40.96 -12.62
O1B ADP D . -43.63 39.66 -12.59
O2B ADP D . -41.53 40.91 -11.88
O3B ADP D . -42.79 41.61 -13.98
PA ADP D . -43.41 43.53 -11.61
O1A ADP D . -44.66 44.32 -11.87
O2A ADP D . -42.16 43.83 -12.40
O3A ADP D . -43.76 41.96 -11.74
O5' ADP D . -43.04 43.67 -10.04
C5' ADP D . -42.59 44.92 -9.53
C4' ADP D . -42.98 45.08 -8.05
O4' ADP D . -42.50 46.34 -7.57
C3' ADP D . -44.49 45.04 -7.85
O3' ADP D . -44.86 43.92 -7.04
C2' ADP D . -44.86 46.37 -7.22
O2' ADP D . -45.51 46.20 -5.94
C1' ADP D . -43.57 47.16 -7.07
N9 ADP D . -43.61 48.45 -7.83
C8 ADP D . -44.12 48.63 -9.09
N7 ADP D . -44.00 49.93 -9.48
C5 ADP D . -43.42 50.61 -8.48
C6 ADP D . -43.00 52.02 -8.23
N6 ADP D . -43.20 52.98 -9.16
N1 ADP D . -42.42 52.31 -7.02
C2 ADP D . -42.22 51.38 -6.05
N3 ADP D . -42.57 50.08 -6.23
C4 ADP D . -43.16 49.64 -7.39
PB ADP E . -37.54 16.03 6.89
O1B ADP E . -36.85 15.28 5.77
O2B ADP E . -36.58 16.63 7.89
O3B ADP E . -38.62 16.97 6.42
PA ADP E . -38.95 15.12 9.17
O1A ADP E . -40.38 14.62 9.16
O2A ADP E . -38.67 16.54 9.60
O3A ADP E . -38.33 14.88 7.69
O5' ADP E . -38.09 14.10 10.07
C5' ADP E . -37.22 14.54 11.13
C4' ADP E . -37.19 13.51 12.25
O4' ADP E . -36.32 13.91 13.32
C3' ADP E . -38.58 13.29 12.86
O3' ADP E . -39.05 11.95 12.61
C2' ADP E . -38.46 13.60 14.34
O2' ADP E . -38.84 12.48 15.16
C1' ADP E . -37.00 13.99 14.58
N9 ADP E . -36.89 15.37 15.18
C8 ADP E . -36.12 16.38 14.70
N7 ADP E . -36.24 17.49 15.47
C5 ADP E . -37.11 17.21 16.46
C6 ADP E . -37.69 17.94 17.62
N6 ADP E . -37.36 19.23 17.88
N1 ADP E . -38.58 17.27 18.43
C2 ADP E . -38.94 15.98 18.20
N3 ADP E . -38.44 15.27 17.16
C4 ADP E . -37.54 15.82 16.27
PB ADP F . -31.45 -12.19 -6.85
O1B ADP F . -30.62 -11.60 -7.96
O2B ADP F . -30.63 -12.81 -5.74
O3B ADP F . -32.58 -11.31 -6.38
PA ADP F . -32.89 -14.63 -6.71
O1A ADP F . -34.29 -14.83 -7.24
O2A ADP F . -32.69 -14.39 -5.23
O3A ADP F . -32.21 -13.44 -7.56
O5' ADP F . -32.04 -15.93 -7.16
C5' ADP F . -30.86 -16.35 -6.47
C4' ADP F . -30.58 -17.84 -6.77
O4' ADP F . -29.40 -18.27 -6.10
C3' ADP F . -31.73 -18.72 -6.29
O3' ADP F . -32.37 -19.36 -7.41
C2' ADP F . -31.13 -19.72 -5.31
O2' ADP F . -31.34 -21.07 -5.73
C1' ADP F . -29.65 -19.39 -5.23
N9 ADP F . -29.25 -19.07 -3.83
C8 ADP F . -29.36 -17.88 -3.19
N7 ADP F . -28.89 -17.96 -1.92
C5 ADP F . -28.46 -19.22 -1.71
C6 ADP F . -27.85 -19.98 -0.59
N6 ADP F . -27.60 -19.39 0.61
N1 ADP F . -27.55 -21.31 -0.80
C2 ADP F . -27.80 -21.93 -1.98
N3 ADP F . -28.35 -21.28 -3.04
C4 ADP F . -28.70 -19.95 -2.97
PB ADP G . 28.99 16.02 59.85
O1B ADP G . 27.57 15.94 60.35
O2B ADP G . 29.92 14.97 60.43
O3B ADP G . 29.11 16.19 58.35
PA ADP G . 29.30 17.93 61.95
O1A ADP G . 30.62 18.37 62.53
O2A ADP G . 28.46 16.91 62.67
O3A ADP G . 29.57 17.42 60.43
O5' ADP G . 28.41 19.27 61.69
C5' ADP G . 27.37 19.67 62.58
C4' ADP G . 27.42 21.20 62.76
O4' ADP G . 26.38 21.63 63.65
C3' ADP G . 28.74 21.66 63.37
O3' ADP G . 29.46 22.49 62.44
C2' ADP G . 28.40 22.39 64.66
O2' ADP G . 28.88 23.74 64.65
C1' ADP G . 26.89 22.34 64.78
N9 ADP G . 26.48 21.68 66.07
C8 ADP G . 26.03 20.41 66.22
N7 ADP G . 25.74 20.15 67.52
C5 ADP G . 26.00 21.26 68.24
C6 ADP G . 25.92 21.68 69.67
N6 ADP G . 25.49 20.81 70.63
N1 ADP G . 26.29 22.95 70.00
C2 ADP G . 26.74 23.85 69.06
N3 ADP G . 26.83 23.52 67.75
C4 ADP G . 26.49 22.27 67.28
PB ADP H . 30.88 38.26 31.92
O1B ADP H . 29.81 38.08 30.87
O2B ADP H . 30.50 37.71 33.28
O3B ADP H . 32.27 37.89 31.47
PA ADP H . 29.70 40.69 32.75
O1A ADP H . 30.25 41.59 33.84
O2A ADP H . 28.57 39.75 33.06
O3A ADP H . 30.95 39.86 32.14
O5' ADP H . 29.26 41.64 31.52
C5' ADP H . 28.22 42.60 31.69
C4' ADP H . 28.18 43.57 30.51
O4' ADP H . 27.13 44.53 30.70
C3' ADP H . 29.50 44.34 30.37
O3' ADP H . 30.12 44.02 29.11
C2' ADP H . 29.13 45.82 30.47
O2' ADP H . 29.51 46.56 29.30
C1' ADP H . 27.62 45.88 30.69
N9 ADP H . 27.30 46.58 31.98
C8 ADP H . 27.62 46.16 33.23
N7 ADP H . 27.17 47.03 34.17
C5 ADP H . 26.54 48.03 33.53
C6 ADP H . 25.84 49.30 33.92
N6 ADP H . 25.70 49.65 35.21
N1 ADP H . 25.32 50.07 32.92
C2 ADP H . 25.43 49.75 31.59
N3 ADP H . 26.06 48.61 31.18
C4 ADP H . 26.63 47.73 32.08
PB ADP I . 28.70 25.29 3.49
O1B ADP I . 28.82 24.02 4.29
O2B ADP I . 27.29 25.61 3.05
O3B ADP I . 29.46 26.46 4.06
PA ADP I . 29.44 25.91 0.82
O1A ADP I . 30.85 26.12 0.34
O2A ADP I . 28.57 27.11 1.12
O3A ADP I . 29.48 24.95 2.11
O5' ADP I . 28.68 24.97 -0.27
C5' ADP I . 27.55 25.42 -1.02
C4' ADP I . 27.71 25.01 -2.49
O4' ADP I . 26.57 25.43 -3.25
C3' ADP I . 28.95 25.64 -3.11
O3' ADP I . 29.89 24.63 -3.49
C2' ADP I . 28.46 26.46 -4.30
O2' ADP I . 29.06 26.02 -5.53
C1' ADP I . 26.95 26.29 -4.35
N9 ADP I . 26.25 27.62 -4.26
C8 ADP I . 25.37 28.00 -3.31
N7 ADP I . 24.92 29.27 -3.52
C5 ADP I . 25.52 29.74 -4.62
C6 ADP I . 25.53 31.00 -5.41
N6 ADP I . 24.75 32.06 -5.04
N1 ADP I . 26.33 31.08 -6.53
C2 ADP I . 27.11 30.05 -6.92
N3 ADP I . 27.16 28.87 -6.25
C4 ADP I . 26.41 28.66 -5.11
PB ADP J . 34.52 -6.33 1.72
O1B ADP J . 34.06 -6.62 3.13
O2B ADP J . 33.50 -6.66 0.66
O3B ADP J . 35.18 -4.98 1.55
PA ADP J . 36.30 -7.75 0.01
O1A ADP J . 37.80 -7.63 0.06
O2A ADP J . 35.54 -6.97 -1.03
O3A ADP J . 35.73 -7.38 1.49
O5' ADP J . 35.95 -9.32 -0.11
C5' ADP J . 34.82 -9.81 -0.86
C4' ADP J . 35.04 -11.27 -1.21
O4' ADP J . 33.93 -11.79 -1.95
C3' ADP J . 36.29 -11.48 -2.06
O3' ADP J . 37.27 -12.26 -1.36
C2' ADP J . 35.82 -12.16 -3.36
O2' ADP J . 36.48 -13.43 -3.55
C1' ADP J . 34.32 -12.34 -3.22
N9 ADP J . 33.61 -11.66 -4.35
C8 ADP J . 33.27 -10.35 -4.42
N7 ADP J . 32.62 -10.07 -5.59
C5 ADP J . 32.54 -11.22 -6.29
C6 ADP J . 31.98 -11.65 -7.61
N6 ADP J . 31.37 -10.76 -8.43
N1 ADP J . 32.10 -12.97 -7.96
C2 ADP J . 32.72 -13.89 -7.17
N3 ADP J . 33.24 -13.55 -5.95
C4 ADP J . 33.19 -12.27 -5.46
#